data_6TXE
#
_entry.id   6TXE
#
_cell.length_a   97.482
_cell.length_b   172.232
_cell.length_c   275.271
_cell.angle_alpha   90.000
_cell.angle_beta   95.310
_cell.angle_gamma   90.000
#
_symmetry.space_group_name_H-M   'P 1 21 1'
#
loop_
_entity.id
_entity.type
_entity.pdbx_description
1 polymer 'Deoxynucleoside triphosphate triphosphohydrolase SAMHD1'
2 non-polymer 'FE (III) ION'
3 non-polymer 'MAGNESIUM ION'
4 non-polymer "5'-O-[(R)-hydroxy{[(R)-hydroxy(phosphonooxy)phosphoryl]amino}phosphoryl]thymidine"
5 non-polymer "GUANOSINE-5'-TRIPHOSPHATE"
6 non-polymer "2'-DEOXYADENOSINE 5'-TRIPHOSPHATE"
7 non-polymer 'SULFATE ION'
#
_entity_poly.entity_id   1
_entity_poly.type   'polypeptide(L)'
_entity_poly.pdbx_seq_one_letter_code
;GSQIHVDTMKVINDPIHGHIELHPLLVRIIDTPQFQRLRYIKQLGGGYYVFPGASHNRFEHSLGVGYLAGCLVHALGEKQ
PELQISERDVLCVQIAGLCHDLGHGPFSHMFDGRFIPLARPEVKWTHEQGSVMMFEHLINSNGIKPVMEQYGLIPEEDIC
FIKEQIVGPLESPVEDSLWPYKGRPENKSFLYEIVSNKRNGIDVDKWDYFARDCHHLGIQNNFDYKRFIKFARVCEVDNE
LRICARDKEVGNLYDMFHTRNSLHRRAYQHKVGNIIDTMITDAFLKADDYIEITGAGGKKYRISTAIDDMEAYTKLTDNI
FLEILYSTDPKLKDAREILKQIEYRNLFKYVGETQPTGQIKIKREDYESLPKEVASAKPKVLLDVKLKAEDFIVDVINMD
YGMQEKNPIDHVSFYCKTAPNRAIRITKNQVSQLLPEKFAEQLIRVYCKKVDRKSLYAARQYFVQWCADRNFTKPQDGDV
IAPLITPQKKEWNDSTSVQNPTRLREASKSRVQLFKDDPM
;
_entity_poly.pdbx_strand_id   A,B,C,D,E,F,G,H,I,J,K,L,M,N,O,P
#
loop_
_chem_comp.id
_chem_comp.type
_chem_comp.name
_chem_comp.formula
1FZ non-polymer 5'-O-[(R)-hydroxy{[(R)-hydroxy(phosphonooxy)phosphoryl]amino}phosphoryl]thymidine 'C10 H18 N3 O13 P3'
DTP non-polymer '2'-DEOXYADENOSINE 5'-TRIPHOSPHATE' 'C10 H16 N5 O12 P3'
FE non-polymer 'FE (III) ION' 'Fe 3'
GTP non-polymer GUANOSINE-5'-TRIPHOSPHATE 'C10 H16 N5 O14 P3'
MG non-polymer 'MAGNESIUM ION' 'Mg 2'
SO4 non-polymer 'SULFATE ION' 'O4 S -2'
#
# COMPACT_ATOMS: atom_id res chain seq x y z
N THR A 8 -42.71 45.72 -32.00
CA THR A 8 -41.30 45.40 -32.34
C THR A 8 -40.49 45.08 -31.06
N MET A 9 -39.49 44.19 -31.20
CA MET A 9 -38.61 43.77 -30.08
C MET A 9 -37.80 44.95 -29.63
N LYS A 10 -37.31 44.86 -28.40
CA LYS A 10 -36.42 45.87 -27.89
C LYS A 10 -35.10 45.23 -27.52
N VAL A 11 -34.01 45.90 -27.90
CA VAL A 11 -32.67 45.39 -27.65
C VAL A 11 -32.05 46.18 -26.50
N ILE A 12 -31.37 45.47 -25.60
CA ILE A 12 -30.79 46.04 -24.40
C ILE A 12 -29.40 45.45 -24.20
N ASN A 13 -28.43 46.29 -23.84
CA ASN A 13 -27.01 45.88 -23.73
C ASN A 13 -26.55 45.64 -22.27
N ASP A 14 -26.62 44.37 -21.89
CA ASP A 14 -26.11 43.87 -20.62
C ASP A 14 -24.62 43.57 -20.80
N PRO A 15 -23.76 44.01 -19.85
CA PRO A 15 -22.33 43.73 -20.00
C PRO A 15 -21.95 42.28 -19.88
N ILE A 16 -22.81 41.47 -19.27
CA ILE A 16 -22.52 40.05 -19.12
C ILE A 16 -22.92 39.30 -20.37
N HIS A 17 -24.20 39.40 -20.74
CA HIS A 17 -24.75 38.57 -21.81
C HIS A 17 -24.76 39.24 -23.18
N GLY A 18 -24.39 40.51 -23.26
CA GLY A 18 -24.30 41.23 -24.53
C GLY A 18 -25.64 41.87 -24.88
N HIS A 19 -26.04 41.75 -26.14
CA HIS A 19 -27.29 42.34 -26.60
C HIS A 19 -28.45 41.36 -26.54
N ILE A 20 -29.27 41.55 -25.52
CA ILE A 20 -30.45 40.74 -25.30
C ILE A 20 -31.60 41.34 -26.10
N GLU A 21 -32.43 40.49 -26.69
CA GLU A 21 -33.72 40.95 -27.22
C GLU A 21 -34.81 40.73 -26.17
N LEU A 22 -35.74 41.67 -26.08
CA LEU A 22 -36.82 41.61 -25.11
C LEU A 22 -38.16 41.67 -25.85
N HIS A 23 -38.97 40.65 -25.64
CA HIS A 23 -40.30 40.58 -26.20
C HIS A 23 -41.21 41.67 -25.61
N PRO A 24 -42.07 42.30 -26.46
CA PRO A 24 -42.87 43.43 -25.95
C PRO A 24 -43.62 43.19 -24.63
N LEU A 25 -44.12 41.97 -24.44
CA LEU A 25 -44.72 41.54 -23.18
C LEU A 25 -43.78 41.70 -22.00
N LEU A 26 -42.52 41.32 -22.20
CA LEU A 26 -41.50 41.44 -21.15
C LEU A 26 -41.23 42.91 -20.83
N VAL A 27 -41.05 43.71 -21.88
CA VAL A 27 -40.83 45.15 -21.73
C VAL A 27 -41.95 45.79 -20.91
N ARG A 28 -43.17 45.36 -21.20
CA ARG A 28 -44.36 45.86 -20.51
C ARG A 28 -44.36 45.50 -19.03
N ILE A 29 -43.84 44.31 -18.71
CA ILE A 29 -43.63 43.88 -17.32
C ILE A 29 -42.48 44.64 -16.65
N ILE A 30 -41.39 44.81 -17.38
CA ILE A 30 -40.21 45.53 -16.89
C ILE A 30 -40.52 46.97 -16.51
N ASP A 31 -41.27 47.66 -17.35
CA ASP A 31 -41.58 49.08 -17.11
C ASP A 31 -42.77 49.26 -16.18
N THR A 32 -42.59 48.80 -14.94
CA THR A 32 -43.57 48.92 -13.87
C THR A 32 -42.83 49.28 -12.58
N PRO A 33 -43.48 50.01 -11.65
CA PRO A 33 -42.80 50.34 -10.38
C PRO A 33 -42.35 49.11 -9.58
N GLN A 34 -43.04 47.99 -9.71
CA GLN A 34 -42.75 46.78 -8.96
C GLN A 34 -41.41 46.14 -9.39
N PHE A 35 -41.14 46.22 -10.70
CA PHE A 35 -39.91 45.70 -11.30
C PHE A 35 -38.76 46.69 -11.25
N GLN A 36 -39.01 47.94 -11.68
CA GLN A 36 -37.96 48.98 -11.66
C GLN A 36 -37.46 49.23 -10.22
N ARG A 37 -38.29 48.93 -9.22
CA ARG A 37 -37.87 48.81 -7.82
C ARG A 37 -36.53 48.09 -7.62
N LEU A 38 -36.30 47.02 -8.38
CA LEU A 38 -35.07 46.24 -8.26
C LEU A 38 -33.80 47.00 -8.65
N ARG A 39 -33.93 48.13 -9.34
CA ARG A 39 -32.78 49.04 -9.58
C ARG A 39 -32.18 49.58 -8.28
N TYR A 40 -32.96 49.61 -7.21
CA TYR A 40 -32.54 50.25 -5.98
C TYR A 40 -32.29 49.23 -4.85
N ILE A 41 -31.90 48.01 -5.23
CA ILE A 41 -31.54 46.95 -4.27
C ILE A 41 -30.28 46.25 -4.79
N LYS A 42 -29.18 46.34 -4.04
CA LYS A 42 -27.90 45.77 -4.47
C LYS A 42 -27.88 44.25 -4.38
N GLN A 43 -27.19 43.62 -5.32
CA GLN A 43 -27.13 42.16 -5.40
C GLN A 43 -26.53 41.59 -4.13
N LEU A 44 -25.37 42.14 -3.77
CA LEU A 44 -24.55 41.59 -2.70
C LEU A 44 -24.64 42.35 -1.40
N GLY A 45 -25.73 43.11 -1.25
CA GLY A 45 -26.01 43.79 -0.01
C GLY A 45 -24.78 44.56 0.49
N GLY A 46 -24.37 44.21 1.69
CA GLY A 46 -23.23 44.82 2.36
C GLY A 46 -21.88 44.48 1.77
N GLY A 47 -21.85 43.51 0.84
CA GLY A 47 -20.63 43.20 0.09
C GLY A 47 -20.00 44.37 -0.65
N TYR A 48 -20.83 45.32 -1.11
CA TYR A 48 -20.32 46.55 -1.74
C TYR A 48 -19.33 47.30 -0.85
N TYR A 49 -19.55 47.24 0.46
CA TYR A 49 -18.66 47.89 1.43
C TYR A 49 -17.33 47.13 1.67
N VAL A 50 -17.15 45.97 1.03
CA VAL A 50 -15.86 45.25 0.99
C VAL A 50 -15.29 45.14 -0.43
N PHE A 51 -16.14 44.81 -1.41
CA PHE A 51 -15.72 44.72 -2.82
C PHE A 51 -16.25 45.93 -3.55
N PRO A 52 -15.41 46.94 -3.77
CA PRO A 52 -15.94 48.19 -4.31
C PRO A 52 -16.44 48.11 -5.75
N GLY A 53 -16.20 47.00 -6.44
CA GLY A 53 -16.83 46.80 -7.74
C GLY A 53 -18.33 46.49 -7.70
N ALA A 54 -18.79 45.88 -6.59
CA ALA A 54 -20.13 45.23 -6.44
C ALA A 54 -21.36 46.16 -6.24
N SER A 55 -21.37 47.21 -7.03
CA SER A 55 -22.44 48.21 -7.08
C SER A 55 -23.71 47.66 -7.73
N HIS A 56 -23.54 46.62 -8.54
CA HIS A 56 -24.65 46.00 -9.27
C HIS A 56 -25.87 45.61 -8.42
N ASN A 57 -27.03 45.72 -9.07
CA ASN A 57 -28.34 45.62 -8.48
C ASN A 57 -29.12 44.44 -9.05
N ARG A 58 -30.20 44.08 -8.38
CA ARG A 58 -31.06 42.98 -8.82
C ARG A 58 -31.63 43.17 -10.23
N PHE A 59 -32.00 44.40 -10.54
CA PHE A 59 -32.57 44.73 -11.84
C PHE A 59 -31.87 43.98 -12.99
N GLU A 60 -30.57 44.22 -13.13
CA GLU A 60 -29.80 43.65 -14.24
C GLU A 60 -29.60 42.13 -14.12
N HIS A 61 -29.51 41.62 -12.88
CA HIS A 61 -29.52 40.17 -12.61
C HIS A 61 -30.84 39.58 -13.11
N SER A 62 -31.95 40.17 -12.69
CA SER A 62 -33.27 39.73 -13.12
C SER A 62 -33.37 39.68 -14.67
N LEU A 63 -32.87 40.70 -15.34
CA LEU A 63 -32.81 40.69 -16.81
C LEU A 63 -32.04 39.47 -17.35
N GLY A 64 -30.86 39.25 -16.80
CA GLY A 64 -30.00 38.15 -17.24
C GLY A 64 -30.60 36.78 -17.01
N VAL A 65 -31.27 36.60 -15.89
CA VAL A 65 -31.91 35.32 -15.60
C VAL A 65 -33.05 35.06 -16.58
N GLY A 66 -33.83 36.11 -16.87
CA GLY A 66 -34.84 36.03 -17.91
C GLY A 66 -34.24 35.62 -19.25
N TYR A 67 -33.11 36.23 -19.60
CA TYR A 67 -32.43 35.95 -20.87
C TYR A 67 -31.99 34.51 -20.98
N LEU A 68 -31.29 34.03 -19.95
CA LEU A 68 -30.75 32.66 -19.94
C LEU A 68 -31.84 31.61 -19.87
N ALA A 69 -32.91 31.92 -19.15
CA ALA A 69 -34.09 31.08 -19.18
C ALA A 69 -34.54 30.88 -20.64
N GLY A 70 -34.65 31.99 -21.37
CA GLY A 70 -34.97 31.98 -22.80
C GLY A 70 -34.01 31.16 -23.63
N CYS A 71 -32.73 31.32 -23.36
CA CYS A 71 -31.69 30.57 -24.07
C CYS A 71 -31.85 29.07 -23.92
N LEU A 72 -32.00 28.62 -22.69
CA LEU A 72 -32.03 27.20 -22.42
C LEU A 72 -33.27 26.54 -22.99
N VAL A 73 -34.43 27.12 -22.69
CA VAL A 73 -35.69 26.57 -23.19
C VAL A 73 -35.75 26.58 -24.72
N HIS A 74 -35.29 27.68 -25.33
CA HIS A 74 -35.28 27.82 -26.79
C HIS A 74 -34.31 26.82 -27.41
N ALA A 75 -33.19 26.55 -26.73
CA ALA A 75 -32.21 25.58 -27.20
C ALA A 75 -32.72 24.15 -27.16
N LEU A 76 -33.42 23.80 -26.09
CA LEU A 76 -34.00 22.46 -25.97
C LEU A 76 -34.99 22.23 -27.09
N GLY A 77 -35.79 23.25 -27.38
CA GLY A 77 -36.78 23.23 -28.46
C GLY A 77 -36.21 23.01 -29.85
N GLU A 78 -35.09 23.67 -30.14
CA GLU A 78 -34.39 23.48 -31.42
C GLU A 78 -33.82 22.07 -31.48
N LYS A 79 -33.12 21.66 -30.42
CA LYS A 79 -32.52 20.33 -30.32
C LYS A 79 -33.56 19.19 -30.37
N GLN A 80 -34.73 19.40 -29.79
CA GLN A 80 -35.76 18.33 -29.66
C GLN A 80 -37.18 18.85 -29.96
N PRO A 81 -37.57 18.89 -31.24
CA PRO A 81 -38.93 19.31 -31.61
C PRO A 81 -40.02 18.43 -31.00
N GLU A 82 -39.73 17.13 -30.83
CA GLU A 82 -40.65 16.19 -30.18
C GLU A 82 -41.25 16.67 -28.86
N LEU A 83 -40.56 17.57 -28.16
CA LEU A 83 -41.04 18.11 -26.88
C LEU A 83 -42.24 19.07 -27.02
N GLN A 84 -42.39 19.65 -28.22
CA GLN A 84 -43.43 20.62 -28.53
C GLN A 84 -43.50 21.72 -27.50
N ILE A 85 -42.38 22.44 -27.47
CA ILE A 85 -42.23 23.62 -26.66
C ILE A 85 -42.78 24.77 -27.49
N SER A 86 -43.88 25.37 -27.05
CA SER A 86 -44.51 26.49 -27.75
C SER A 86 -43.85 27.81 -27.39
N GLU A 87 -43.97 28.82 -28.26
CA GLU A 87 -43.48 30.17 -27.92
C GLU A 87 -44.26 30.75 -26.75
N ARG A 88 -45.42 30.17 -26.44
CA ARG A 88 -46.12 30.43 -25.21
C ARG A 88 -45.34 29.93 -24.00
N ASP A 89 -44.87 28.68 -24.07
CA ASP A 89 -44.00 28.13 -23.01
C ASP A 89 -42.76 28.97 -22.81
N VAL A 90 -42.10 29.31 -23.92
CA VAL A 90 -40.85 30.12 -23.90
C VAL A 90 -41.09 31.43 -23.16
N LEU A 91 -42.12 32.16 -23.56
CA LEU A 91 -42.44 33.43 -22.91
C LEU A 91 -42.68 33.27 -21.44
N CYS A 92 -43.43 32.24 -21.06
CA CYS A 92 -43.71 31.99 -19.64
C CYS A 92 -42.46 31.72 -18.81
N VAL A 93 -41.52 30.99 -19.40
CA VAL A 93 -40.25 30.70 -18.75
C VAL A 93 -39.41 31.97 -18.61
N GLN A 94 -39.33 32.75 -19.69
CA GLN A 94 -38.66 34.05 -19.66
C GLN A 94 -39.24 34.94 -18.56
N ILE A 95 -40.57 35.05 -18.52
CA ILE A 95 -41.26 35.89 -17.53
C ILE A 95 -40.91 35.42 -16.11
N ALA A 96 -40.88 34.11 -15.90
CA ALA A 96 -40.53 33.57 -14.59
C ALA A 96 -39.13 33.99 -14.19
N GLY A 97 -38.18 33.74 -15.09
CA GLY A 97 -36.80 34.13 -14.90
C GLY A 97 -36.64 35.62 -14.61
N LEU A 98 -37.34 36.42 -15.38
CA LEU A 98 -37.32 37.87 -15.24
C LEU A 98 -37.79 38.31 -13.83
N CYS A 99 -38.89 37.72 -13.39
CA CYS A 99 -39.53 38.10 -12.14
C CYS A 99 -39.11 37.28 -10.92
N HIS A 100 -38.11 36.40 -11.07
CA HIS A 100 -37.87 35.38 -10.05
C HIS A 100 -37.39 35.96 -8.71
N ASP A 101 -36.68 37.09 -8.76
CA ASP A 101 -36.20 37.77 -7.56
C ASP A 101 -36.86 39.12 -7.39
N LEU A 102 -38.13 39.22 -7.78
CA LEU A 102 -38.93 40.42 -7.53
C LEU A 102 -39.15 40.76 -6.05
N GLY A 103 -39.09 39.74 -5.20
CA GLY A 103 -39.39 39.86 -3.79
C GLY A 103 -38.22 39.98 -2.83
N HIS A 104 -37.02 40.29 -3.29
CA HIS A 104 -35.93 40.55 -2.35
C HIS A 104 -36.16 41.83 -1.61
N GLY A 105 -35.73 41.85 -0.36
CA GLY A 105 -35.79 43.07 0.44
C GLY A 105 -34.58 43.96 0.27
N PRO A 106 -34.51 45.07 1.04
CA PRO A 106 -33.32 45.90 1.12
C PRO A 106 -32.09 45.07 1.46
N PHE A 107 -31.03 45.29 0.71
CA PHE A 107 -29.78 44.53 0.83
C PHE A 107 -29.96 43.01 0.63
N SER A 108 -30.87 42.67 -0.29
CA SER A 108 -31.06 41.31 -0.80
C SER A 108 -31.23 40.26 0.29
N HIS A 109 -30.16 39.49 0.55
CA HIS A 109 -30.25 38.30 1.38
C HIS A 109 -30.13 38.64 2.87
N MET A 110 -29.54 39.79 3.17
CA MET A 110 -29.60 40.37 4.52
C MET A 110 -31.03 40.43 5.02
N PHE A 111 -31.98 40.80 4.16
CA PHE A 111 -33.37 41.00 4.58
C PHE A 111 -34.08 39.71 4.97
N ASP A 112 -34.16 38.77 4.03
CA ASP A 112 -34.84 37.49 4.27
C ASP A 112 -34.01 36.53 5.15
N GLY A 113 -32.69 36.77 5.21
CA GLY A 113 -31.75 35.90 5.92
C GLY A 113 -31.37 36.28 7.33
N ARG A 114 -31.34 37.58 7.63
CA ARG A 114 -30.97 38.09 8.98
C ARG A 114 -32.11 38.86 9.64
N PHE A 115 -32.58 39.90 8.98
CA PHE A 115 -33.53 40.87 9.56
C PHE A 115 -34.90 40.30 9.92
N ILE A 116 -35.62 39.78 8.93
CA ILE A 116 -36.98 39.25 9.15
C ILE A 116 -37.02 38.14 10.20
N PRO A 117 -36.07 37.17 10.15
CA PRO A 117 -35.96 36.18 11.23
C PRO A 117 -35.81 36.75 12.64
N LEU A 118 -35.12 37.89 12.79
CA LEU A 118 -34.96 38.54 14.09
C LEU A 118 -36.16 39.41 14.45
N ALA A 119 -36.60 40.24 13.51
CA ALA A 119 -37.71 41.16 13.73
C ALA A 119 -39.04 40.44 13.98
N ARG A 120 -39.31 39.36 13.25
CA ARG A 120 -40.58 38.62 13.33
C ARG A 120 -40.34 37.12 13.30
N PRO A 121 -39.85 36.56 14.44
CA PRO A 121 -39.53 35.13 14.56
C PRO A 121 -40.70 34.18 14.30
N GLU A 122 -41.93 34.65 14.51
CA GLU A 122 -43.14 33.87 14.22
C GLU A 122 -43.32 33.48 12.74
N VAL A 123 -42.88 34.33 11.81
CA VAL A 123 -43.16 34.13 10.37
C VAL A 123 -42.10 33.25 9.72
N LYS A 124 -42.51 32.39 8.79
CA LYS A 124 -41.60 31.73 7.85
C LYS A 124 -41.79 32.45 6.52
N TRP A 125 -40.85 33.35 6.19
CA TRP A 125 -40.91 34.18 4.98
C TRP A 125 -39.59 34.12 4.22
N THR A 126 -39.68 34.02 2.88
CA THR A 126 -38.53 33.95 1.97
C THR A 126 -38.67 34.96 0.83
N HIS A 127 -37.55 35.29 0.21
CA HIS A 127 -37.56 36.22 -0.92
C HIS A 127 -38.45 35.69 -2.07
N GLU A 128 -38.51 34.37 -2.23
CA GLU A 128 -39.33 33.72 -3.25
C GLU A 128 -40.82 33.95 -3.02
N GLN A 129 -41.28 33.70 -1.80
CA GLN A 129 -42.68 33.95 -1.46
C GLN A 129 -43.05 35.38 -1.78
N GLY A 130 -42.15 36.30 -1.45
CA GLY A 130 -42.29 37.69 -1.79
C GLY A 130 -42.44 37.92 -3.29
N SER A 131 -41.60 37.25 -4.08
CA SER A 131 -41.65 37.38 -5.52
C SER A 131 -43.02 36.99 -6.11
N VAL A 132 -43.60 35.91 -5.60
CA VAL A 132 -44.93 35.47 -6.03
C VAL A 132 -45.97 36.54 -5.78
N MET A 133 -46.00 37.03 -4.54
CA MET A 133 -46.93 38.09 -4.16
C MET A 133 -46.72 39.36 -4.94
N MET A 134 -45.45 39.76 -5.07
CA MET A 134 -45.10 40.96 -5.83
C MET A 134 -45.46 40.80 -7.33
N PHE A 135 -45.32 39.58 -7.86
CA PHE A 135 -45.70 39.31 -9.24
C PHE A 135 -47.21 39.53 -9.44
N GLU A 136 -48.00 38.93 -8.54
CA GLU A 136 -49.45 39.13 -8.51
C GLU A 136 -49.78 40.63 -8.50
N HIS A 137 -49.19 41.38 -7.57
CA HIS A 137 -49.40 42.84 -7.47
C HIS A 137 -49.00 43.57 -8.74
N LEU A 138 -47.90 43.15 -9.36
CA LEU A 138 -47.44 43.75 -10.62
C LEU A 138 -48.46 43.57 -11.73
N ILE A 139 -48.93 42.34 -11.89
CA ILE A 139 -49.88 42.00 -12.94
C ILE A 139 -51.18 42.80 -12.79
N ASN A 140 -51.71 42.83 -11.57
CA ASN A 140 -53.01 43.42 -11.30
C ASN A 140 -52.98 44.94 -11.37
N SER A 141 -51.99 45.56 -10.72
CA SER A 141 -51.89 47.01 -10.71
C SER A 141 -51.50 47.63 -12.07
N ASN A 142 -50.97 46.84 -13.01
CA ASN A 142 -50.56 47.36 -14.33
C ASN A 142 -51.33 46.82 -15.54
N GLY A 143 -52.39 46.05 -15.31
CA GLY A 143 -53.26 45.55 -16.38
C GLY A 143 -52.53 44.70 -17.41
N ILE A 144 -51.74 43.75 -16.93
CA ILE A 144 -50.90 42.93 -17.79
C ILE A 144 -51.67 41.76 -18.38
N LYS A 145 -52.64 41.24 -17.63
CA LYS A 145 -53.50 40.15 -18.11
C LYS A 145 -54.01 40.30 -19.56
N PRO A 146 -54.58 41.47 -19.92
CA PRO A 146 -54.95 41.74 -21.32
C PRO A 146 -53.81 41.60 -22.34
N VAL A 147 -52.62 42.04 -21.94
CA VAL A 147 -51.44 42.02 -22.80
C VAL A 147 -50.94 40.59 -22.95
N MET A 148 -51.02 39.80 -21.89
CA MET A 148 -50.64 38.39 -21.97
C MET A 148 -51.52 37.67 -22.99
N GLU A 149 -52.83 37.89 -22.89
CA GLU A 149 -53.80 37.36 -23.85
C GLU A 149 -53.47 37.79 -25.28
N GLN A 150 -53.18 39.07 -25.46
CA GLN A 150 -52.79 39.62 -26.77
C GLN A 150 -51.64 38.84 -27.43
N TYR A 151 -50.70 38.34 -26.64
CA TYR A 151 -49.56 37.54 -27.15
C TYR A 151 -49.72 36.03 -26.94
N GLY A 152 -50.95 35.56 -26.92
CA GLY A 152 -51.23 34.12 -26.94
C GLY A 152 -51.10 33.36 -25.64
N LEU A 153 -51.01 34.06 -24.51
CA LEU A 153 -50.98 33.38 -23.21
C LEU A 153 -52.39 33.19 -22.67
N ILE A 154 -52.50 32.31 -21.69
CA ILE A 154 -53.75 32.05 -20.96
C ILE A 154 -53.50 32.33 -19.49
N PRO A 155 -53.82 33.56 -19.02
CA PRO A 155 -53.53 33.96 -17.65
C PRO A 155 -53.89 32.97 -16.54
N GLU A 156 -55.07 32.34 -16.63
CA GLU A 156 -55.46 31.30 -15.65
C GLU A 156 -54.36 30.27 -15.47
N GLU A 157 -54.06 29.56 -16.54
CA GLU A 157 -53.02 28.51 -16.53
C GLU A 157 -51.63 29.05 -16.32
N ASP A 158 -51.28 30.10 -17.07
CA ASP A 158 -49.89 30.54 -17.19
C ASP A 158 -49.36 31.33 -15.99
N ILE A 159 -50.19 32.16 -15.37
CA ILE A 159 -49.77 32.88 -14.18
C ILE A 159 -49.49 31.91 -13.03
N CYS A 160 -50.21 30.80 -12.99
CA CYS A 160 -49.89 29.70 -12.06
C CYS A 160 -48.54 29.09 -12.40
N PHE A 161 -48.34 28.76 -13.67
CA PHE A 161 -47.10 28.18 -14.17
C PHE A 161 -45.88 29.04 -13.83
N ILE A 162 -46.02 30.35 -13.99
CA ILE A 162 -44.94 31.29 -13.67
C ILE A 162 -44.65 31.27 -12.16
N LYS A 163 -45.69 31.41 -11.34
CA LYS A 163 -45.55 31.36 -9.88
C LYS A 163 -44.91 30.05 -9.45
N GLU A 164 -45.39 28.95 -10.02
CA GLU A 164 -44.87 27.63 -9.70
C GLU A 164 -43.39 27.48 -10.04
N GLN A 165 -42.93 28.06 -11.15
CA GLN A 165 -41.50 28.06 -11.49
C GLN A 165 -40.67 28.68 -10.36
N ILE A 166 -41.19 29.75 -9.77
CA ILE A 166 -40.47 30.55 -8.78
C ILE A 166 -40.38 29.87 -7.43
N VAL A 167 -41.53 29.50 -6.87
CA VAL A 167 -41.62 28.93 -5.49
C VAL A 167 -41.82 27.42 -5.40
N GLY A 168 -42.05 26.76 -6.53
CA GLY A 168 -42.44 25.35 -6.52
C GLY A 168 -43.95 25.24 -6.40
N PRO A 169 -44.46 24.06 -6.01
CA PRO A 169 -45.91 23.84 -6.10
C PRO A 169 -46.75 24.62 -5.11
N LEU A 170 -47.87 25.18 -5.58
CA LEU A 170 -48.76 25.95 -4.72
C LEU A 170 -49.67 25.09 -3.82
N GLU A 171 -49.47 23.76 -3.73
CA GLU A 171 -50.30 22.93 -2.81
C GLU A 171 -49.44 21.78 -2.27
N LEU A 178 -47.82 11.49 -6.82
CA LEU A 178 -48.59 12.08 -7.95
C LEU A 178 -48.02 13.47 -8.34
N TRP A 179 -48.39 13.93 -9.53
CA TRP A 179 -47.84 15.15 -10.14
C TRP A 179 -48.34 16.43 -9.43
N PRO A 180 -47.46 17.16 -8.72
CA PRO A 180 -47.90 18.28 -7.89
C PRO A 180 -48.25 19.61 -8.60
N TYR A 181 -47.94 19.76 -9.88
CA TYR A 181 -48.11 21.06 -10.55
C TYR A 181 -49.46 21.14 -11.28
N LYS A 182 -50.13 22.28 -11.14
CA LYS A 182 -51.35 22.59 -11.87
C LYS A 182 -51.07 23.43 -13.13
N GLY A 183 -49.88 24.03 -13.23
CA GLY A 183 -49.54 24.94 -14.32
C GLY A 183 -49.26 24.26 -15.65
N ARG A 184 -48.51 23.16 -15.60
CA ARG A 184 -48.21 22.35 -16.79
C ARG A 184 -48.30 20.86 -16.47
N PRO A 185 -48.56 20.03 -17.50
CA PRO A 185 -48.58 18.56 -17.31
C PRO A 185 -47.19 17.93 -17.14
N GLU A 186 -47.16 16.63 -16.86
CA GLU A 186 -45.90 15.88 -16.63
C GLU A 186 -44.96 15.81 -17.81
N ASN A 187 -45.53 15.85 -19.02
CA ASN A 187 -44.74 15.84 -20.26
C ASN A 187 -43.98 17.15 -20.54
N LYS A 188 -44.14 18.15 -19.68
CA LYS A 188 -43.34 19.35 -19.71
C LYS A 188 -42.76 19.71 -18.33
N SER A 189 -42.39 18.69 -17.55
CA SER A 189 -41.77 18.92 -16.23
C SER A 189 -40.39 19.58 -16.31
N PHE A 190 -39.68 19.31 -17.40
CA PHE A 190 -38.38 19.92 -17.66
C PHE A 190 -38.39 21.44 -17.57
N LEU A 191 -39.51 22.07 -17.94
CA LEU A 191 -39.64 23.53 -17.84
C LEU A 191 -39.46 24.05 -16.41
N TYR A 192 -39.89 23.27 -15.42
CA TYR A 192 -39.75 23.66 -14.01
C TYR A 192 -38.31 23.62 -13.49
N GLU A 193 -37.43 22.91 -14.21
CA GLU A 193 -36.00 22.83 -13.88
C GLU A 193 -35.13 23.98 -14.44
N ILE A 194 -35.71 24.97 -15.12
CA ILE A 194 -34.91 26.02 -15.76
C ILE A 194 -34.58 27.19 -14.82
N VAL A 195 -35.61 27.80 -14.26
CA VAL A 195 -35.44 29.05 -13.50
C VAL A 195 -34.98 28.77 -12.07
N SER A 196 -35.62 27.80 -11.43
CA SER A 196 -35.32 27.43 -10.06
C SER A 196 -35.52 25.91 -9.90
N ASN A 197 -34.39 25.20 -9.91
CA ASN A 197 -34.33 23.73 -10.00
C ASN A 197 -34.41 23.16 -8.59
N LYS A 198 -35.58 22.64 -8.24
CA LYS A 198 -35.82 22.05 -6.93
C LYS A 198 -35.12 20.70 -6.77
N ARG A 199 -34.86 20.01 -7.88
CA ARG A 199 -34.31 18.64 -7.87
C ARG A 199 -32.85 18.60 -7.42
N ASN A 200 -32.03 19.40 -8.09
CA ASN A 200 -30.57 19.41 -7.86
C ASN A 200 -29.94 20.80 -7.66
N GLY A 201 -30.65 21.87 -8.02
CA GLY A 201 -30.14 23.22 -7.86
C GLY A 201 -29.43 23.80 -9.07
N ILE A 202 -29.24 23.01 -10.12
CA ILE A 202 -28.62 23.52 -11.35
C ILE A 202 -29.69 24.31 -12.12
N ASP A 203 -29.63 25.64 -12.01
CA ASP A 203 -30.57 26.56 -12.68
C ASP A 203 -29.86 27.76 -13.30
N VAL A 204 -30.56 28.51 -14.14
CA VAL A 204 -29.96 29.69 -14.79
C VAL A 204 -29.80 30.88 -13.84
N ASP A 205 -30.52 30.88 -12.72
CA ASP A 205 -30.31 31.85 -11.63
C ASP A 205 -28.83 31.83 -11.25
N LYS A 206 -28.31 30.64 -10.96
CA LYS A 206 -26.89 30.46 -10.63
C LYS A 206 -25.97 30.92 -11.74
N TRP A 207 -26.29 30.55 -12.97
CA TRP A 207 -25.41 30.81 -14.10
C TRP A 207 -25.19 32.30 -14.33
N ASP A 208 -26.26 33.09 -14.17
CA ASP A 208 -26.15 34.53 -14.31
C ASP A 208 -25.28 35.11 -13.21
N TYR A 209 -25.64 34.84 -11.95
CA TYR A 209 -24.96 35.51 -10.82
C TYR A 209 -23.50 35.10 -10.67
N PHE A 210 -23.15 33.89 -11.10
CA PHE A 210 -21.72 33.52 -11.20
C PHE A 210 -21.01 34.50 -12.10
N ALA A 211 -21.48 34.61 -13.33
CA ALA A 211 -20.89 35.50 -14.33
C ALA A 211 -20.95 36.95 -13.88
N ARG A 212 -22.10 37.38 -13.36
CA ARG A 212 -22.33 38.75 -12.99
C ARG A 212 -21.54 39.16 -11.77
N ASP A 213 -21.67 38.39 -10.70
CA ASP A 213 -20.98 38.73 -9.45
C ASP A 213 -19.47 38.76 -9.71
N CYS A 214 -18.94 37.74 -10.38
CA CYS A 214 -17.51 37.72 -10.73
C CYS A 214 -17.04 38.98 -11.49
N HIS A 215 -17.79 39.37 -12.53
CA HIS A 215 -17.47 40.55 -13.35
C HIS A 215 -17.28 41.78 -12.48
N HIS A 216 -18.25 42.01 -11.59
CA HIS A 216 -18.29 43.19 -10.72
C HIS A 216 -17.37 43.03 -9.47
N LEU A 217 -17.22 41.82 -8.93
CA LEU A 217 -16.38 41.61 -7.72
C LEU A 217 -14.90 41.86 -7.95
N GLY A 218 -14.40 41.29 -9.04
CA GLY A 218 -12.96 41.18 -9.31
C GLY A 218 -12.46 39.78 -9.01
N ILE A 219 -13.20 38.78 -9.47
CA ILE A 219 -12.84 37.38 -9.38
C ILE A 219 -13.20 36.78 -10.75
N GLN A 220 -12.43 35.81 -11.22
CA GLN A 220 -12.75 35.13 -12.49
C GLN A 220 -13.61 33.91 -12.22
N ASN A 221 -14.57 33.69 -13.11
CA ASN A 221 -15.58 32.65 -12.97
C ASN A 221 -15.07 31.42 -13.69
N ASN A 222 -15.19 30.25 -13.05
CA ASN A 222 -14.68 28.99 -13.60
C ASN A 222 -15.75 28.03 -14.15
N PHE A 223 -16.90 28.57 -14.57
CA PHE A 223 -18.01 27.73 -15.05
C PHE A 223 -18.60 28.25 -16.36
N ASP A 224 -18.71 27.34 -17.35
CA ASP A 224 -19.18 27.69 -18.69
C ASP A 224 -20.61 27.22 -18.87
N TYR A 225 -21.54 28.15 -18.70
CA TYR A 225 -22.97 27.85 -18.82
C TYR A 225 -23.35 27.54 -20.27
N LYS A 226 -22.73 28.24 -21.20
CA LYS A 226 -22.99 28.04 -22.62
C LYS A 226 -22.71 26.62 -23.06
N ARG A 227 -21.62 26.05 -22.55
CA ARG A 227 -21.23 24.69 -22.85
C ARG A 227 -22.24 23.70 -22.30
N PHE A 228 -22.67 23.90 -21.07
CA PHE A 228 -23.62 22.99 -20.47
C PHE A 228 -24.93 22.92 -21.26
N ILE A 229 -25.35 24.09 -21.78
CA ILE A 229 -26.51 24.20 -22.67
C ILE A 229 -26.33 23.38 -23.94
N LYS A 230 -25.15 23.42 -24.56
CA LYS A 230 -24.90 22.62 -25.77
C LYS A 230 -25.01 21.11 -25.48
N PHE A 231 -24.70 20.69 -24.26
CA PHE A 231 -24.81 19.26 -23.85
C PHE A 231 -25.94 18.99 -22.87
N ALA A 232 -27.02 19.75 -22.99
CA ALA A 232 -28.23 19.51 -22.25
C ALA A 232 -29.24 18.84 -23.16
N ARG A 233 -30.16 18.09 -22.57
CA ARG A 233 -31.08 17.25 -23.31
C ARG A 233 -32.16 16.69 -22.39
N VAL A 234 -33.38 16.58 -22.90
CA VAL A 234 -34.50 16.04 -22.13
C VAL A 234 -34.61 14.55 -22.41
N CYS A 235 -34.73 13.77 -21.33
CA CYS A 235 -34.96 12.33 -21.40
C CYS A 235 -36.04 11.95 -20.41
N GLU A 236 -36.60 10.75 -20.59
CA GLU A 236 -37.57 10.22 -19.64
C GLU A 236 -36.85 9.67 -18.42
N VAL A 237 -37.30 10.07 -17.24
CA VAL A 237 -36.80 9.55 -15.96
C VAL A 237 -38.00 9.35 -15.03
N ASP A 238 -38.31 8.08 -14.72
CA ASP A 238 -39.44 7.77 -13.81
C ASP A 238 -40.73 8.42 -14.25
N ASN A 239 -41.16 8.11 -15.47
CA ASN A 239 -42.48 8.51 -16.01
C ASN A 239 -42.65 10.04 -16.11
N GLU A 240 -41.57 10.73 -16.44
CA GLU A 240 -41.51 12.18 -16.35
C GLU A 240 -40.34 12.66 -17.20
N LEU A 241 -40.54 13.70 -17.99
CA LEU A 241 -39.50 14.24 -18.88
C LEU A 241 -38.63 15.33 -18.23
N ARG A 242 -37.37 15.02 -17.93
CA ARG A 242 -36.48 15.95 -17.21
C ARG A 242 -35.17 16.19 -17.94
N ILE A 243 -34.57 17.34 -17.64
CA ILE A 243 -33.31 17.74 -18.25
C ILE A 243 -32.20 16.83 -17.74
N CYS A 244 -31.37 16.41 -18.69
CA CYS A 244 -30.20 15.58 -18.42
C CYS A 244 -28.98 16.18 -19.09
N ALA A 245 -27.82 16.04 -18.46
CA ALA A 245 -26.54 16.47 -19.02
C ALA A 245 -25.79 15.26 -19.55
N ARG A 246 -24.82 15.51 -20.41
CA ARG A 246 -24.01 14.43 -20.97
C ARG A 246 -23.10 13.84 -19.89
N ASP A 247 -22.88 12.54 -19.95
CA ASP A 247 -21.99 11.84 -19.02
C ASP A 247 -20.63 12.53 -18.76
N LYS A 248 -19.98 13.04 -19.80
CA LYS A 248 -18.68 13.71 -19.66
C LYS A 248 -18.74 15.00 -18.81
N GLU A 249 -19.87 15.71 -18.84
CA GLU A 249 -20.05 16.94 -18.07
C GLU A 249 -20.08 16.76 -16.55
N VAL A 250 -20.22 15.54 -16.06
CA VAL A 250 -20.28 15.28 -14.62
C VAL A 250 -19.16 16.02 -13.86
N GLY A 251 -17.94 16.02 -14.40
CA GLY A 251 -16.81 16.74 -13.80
C GLY A 251 -17.08 18.23 -13.64
N ASN A 252 -17.56 18.84 -14.72
CA ASN A 252 -17.87 20.27 -14.73
C ASN A 252 -18.98 20.65 -13.76
N LEU A 253 -19.91 19.71 -13.55
CA LEU A 253 -21.01 19.91 -12.62
C LEU A 253 -20.56 19.92 -11.17
N TYR A 254 -19.64 19.02 -10.79
CA TYR A 254 -19.07 19.11 -9.43
C TYR A 254 -18.31 20.44 -9.28
N ASP A 255 -17.63 20.85 -10.36
CA ASP A 255 -16.89 22.12 -10.39
C ASP A 255 -17.81 23.34 -10.34
N MET A 256 -19.04 23.21 -10.83
CA MET A 256 -20.05 24.26 -10.67
C MET A 256 -20.33 24.53 -9.19
N PHE A 257 -20.62 23.48 -8.43
CA PHE A 257 -20.91 23.64 -6.99
C PHE A 257 -19.66 24.00 -6.17
N HIS A 258 -18.47 23.62 -6.65
CA HIS A 258 -17.21 24.08 -6.05
C HIS A 258 -17.05 25.58 -6.24
N THR A 259 -17.26 26.04 -7.47
CA THR A 259 -17.24 27.47 -7.80
C THR A 259 -18.25 28.23 -6.92
N ARG A 260 -19.44 27.67 -6.71
CA ARG A 260 -20.44 28.29 -5.82
C ARG A 260 -19.91 28.46 -4.40
N ASN A 261 -19.43 27.36 -3.83
CA ASN A 261 -18.89 27.35 -2.48
C ASN A 261 -17.71 28.29 -2.35
N SER A 262 -16.86 28.30 -3.37
CA SER A 262 -15.69 29.19 -3.41
C SER A 262 -16.11 30.68 -3.38
N LEU A 263 -17.13 31.05 -4.15
CA LEU A 263 -17.65 32.42 -4.14
C LEU A 263 -18.26 32.86 -2.81
N HIS A 264 -18.91 31.91 -2.13
CA HIS A 264 -19.41 32.15 -0.78
C HIS A 264 -18.25 32.39 0.18
N ARG A 265 -17.21 31.57 0.10
CA ARG A 265 -16.06 31.70 0.97
C ARG A 265 -15.36 33.03 0.76
N ARG A 266 -15.06 33.37 -0.49
CA ARG A 266 -14.28 34.57 -0.79
C ARG A 266 -15.08 35.87 -0.62
N ALA A 267 -16.35 35.83 -1.06
CA ALA A 267 -17.14 37.05 -1.21
C ALA A 267 -18.38 37.13 -0.35
N TYR A 268 -19.36 36.27 -0.62
CA TYR A 268 -20.71 36.45 -0.08
C TYR A 268 -20.75 36.37 1.45
N GLN A 269 -19.96 35.43 1.99
CA GLN A 269 -19.77 35.26 3.43
C GLN A 269 -18.46 35.85 3.94
N HIS A 270 -17.95 36.89 3.28
CA HIS A 270 -16.74 37.57 3.73
C HIS A 270 -16.92 38.12 5.13
N LYS A 271 -15.94 37.86 5.99
CA LYS A 271 -16.04 38.15 7.44
C LYS A 271 -16.53 39.57 7.78
N VAL A 272 -16.05 40.54 7.01
CA VAL A 272 -16.43 41.95 7.16
C VAL A 272 -17.75 42.26 6.45
N GLY A 273 -17.96 41.63 5.29
CA GLY A 273 -19.22 41.79 4.56
C GLY A 273 -20.39 41.37 5.43
N ASN A 274 -20.22 40.24 6.12
CA ASN A 274 -21.19 39.73 7.07
C ASN A 274 -21.35 40.60 8.31
N ILE A 275 -20.28 41.18 8.82
CA ILE A 275 -20.43 42.04 10.00
C ILE A 275 -21.15 43.34 9.64
N ILE A 276 -20.94 43.83 8.42
CA ILE A 276 -21.67 45.00 7.96
C ILE A 276 -23.15 44.68 7.75
N ASP A 277 -23.44 43.53 7.16
CA ASP A 277 -24.82 42.99 7.08
C ASP A 277 -25.47 42.99 8.50
N THR A 278 -24.80 42.40 9.50
CA THR A 278 -25.36 42.32 10.88
C THR A 278 -25.55 43.72 11.49
N MET A 279 -24.64 44.63 11.17
CA MET A 279 -24.71 46.02 11.64
C MET A 279 -25.87 46.78 11.01
N ILE A 280 -26.06 46.60 9.71
CA ILE A 280 -27.21 47.21 9.04
C ILE A 280 -28.52 46.61 9.56
N THR A 281 -28.56 45.29 9.69
CA THR A 281 -29.69 44.57 10.31
C THR A 281 -30.01 45.14 11.70
N ASP A 282 -28.96 45.30 12.51
CA ASP A 282 -29.08 45.87 13.85
C ASP A 282 -29.73 47.24 13.83
N ALA A 283 -29.26 48.10 12.93
CA ALA A 283 -29.81 49.45 12.75
C ALA A 283 -31.26 49.44 12.30
N PHE A 284 -31.62 48.49 11.43
CA PHE A 284 -33.01 48.35 10.99
C PHE A 284 -33.90 47.95 12.14
N LEU A 285 -33.43 47.01 12.97
CA LEU A 285 -34.19 46.58 14.13
C LEU A 285 -34.49 47.74 15.08
N LYS A 286 -33.51 48.60 15.31
CA LYS A 286 -33.68 49.77 16.18
C LYS A 286 -34.55 50.86 15.55
N ALA A 287 -34.51 50.96 14.22
CA ALA A 287 -35.34 51.92 13.49
C ALA A 287 -36.77 51.44 13.20
N ASP A 288 -37.04 50.13 13.36
CA ASP A 288 -38.28 49.53 12.84
C ASP A 288 -39.54 50.17 13.38
N ASP A 289 -39.54 50.43 14.69
CA ASP A 289 -40.70 50.97 15.39
C ASP A 289 -41.10 52.36 14.92
N TYR A 290 -40.14 53.16 14.49
CA TYR A 290 -40.37 54.58 14.20
C TYR A 290 -40.43 54.95 12.71
N ILE A 291 -40.30 53.96 11.82
CA ILE A 291 -40.44 54.21 10.38
C ILE A 291 -41.77 53.68 9.90
N GLU A 292 -42.52 54.58 9.26
CA GLU A 292 -43.80 54.27 8.65
C GLU A 292 -43.63 54.24 7.12
N ILE A 293 -44.33 53.31 6.47
CA ILE A 293 -44.37 53.24 5.01
C ILE A 293 -45.83 53.10 4.58
N THR A 294 -46.24 53.98 3.67
CA THR A 294 -47.62 54.03 3.19
C THR A 294 -47.89 52.82 2.33
N GLY A 295 -48.95 52.11 2.64
CA GLY A 295 -49.36 50.92 1.90
C GLY A 295 -50.66 51.09 1.16
N ALA A 296 -51.39 49.99 1.02
CA ALA A 296 -52.64 49.94 0.28
C ALA A 296 -53.74 50.61 1.09
N GLY A 297 -54.46 51.51 0.42
CA GLY A 297 -55.48 52.34 1.06
C GLY A 297 -54.91 53.28 2.10
N GLY A 298 -53.62 53.57 2.02
CA GLY A 298 -52.94 54.40 3.00
C GLY A 298 -52.56 53.80 4.36
N LYS A 299 -52.81 52.50 4.60
CA LYS A 299 -52.48 51.90 5.89
C LYS A 299 -50.97 52.03 6.18
N LYS A 300 -50.61 52.24 7.44
CA LYS A 300 -49.21 52.42 7.84
C LYS A 300 -48.54 51.07 8.12
N TYR A 301 -47.42 50.81 7.44
CA TYR A 301 -46.62 49.60 7.68
C TYR A 301 -45.21 49.93 8.13
N ARG A 302 -44.64 49.07 8.97
CA ARG A 302 -43.25 49.17 9.43
C ARG A 302 -42.34 48.39 8.48
N ILE A 303 -41.03 48.50 8.69
CA ILE A 303 -40.08 47.82 7.82
C ILE A 303 -40.36 46.34 7.83
N SER A 304 -40.51 45.78 9.03
CA SER A 304 -40.76 44.35 9.21
C SER A 304 -42.12 43.86 8.70
N THR A 305 -43.12 44.73 8.68
CA THR A 305 -44.48 44.38 8.26
C THR A 305 -44.84 44.74 6.81
N ALA A 306 -43.95 45.47 6.13
CA ALA A 306 -44.17 45.83 4.72
C ALA A 306 -44.30 44.61 3.83
N ILE A 307 -43.64 43.51 4.20
CA ILE A 307 -43.77 42.23 3.47
C ILE A 307 -45.20 41.70 3.37
N ASP A 308 -46.08 42.11 4.28
CA ASP A 308 -47.47 41.69 4.25
C ASP A 308 -48.28 42.39 3.16
N ASP A 309 -47.95 43.63 2.86
CA ASP A 309 -48.59 44.38 1.77
C ASP A 309 -47.57 44.73 0.69
N MET A 310 -47.92 44.45 -0.57
CA MET A 310 -47.00 44.68 -1.70
C MET A 310 -46.93 46.12 -2.18
N GLU A 311 -48.00 46.89 -2.00
CA GLU A 311 -47.97 48.29 -2.38
C GLU A 311 -46.98 49.06 -1.50
N ALA A 312 -46.91 48.67 -0.22
CA ALA A 312 -45.93 49.23 0.71
C ALA A 312 -44.52 48.75 0.37
N TYR A 313 -44.37 47.43 0.24
CA TYR A 313 -43.08 46.78 -0.06
C TYR A 313 -42.42 47.28 -1.35
N THR A 314 -43.23 47.71 -2.30
CA THR A 314 -42.77 48.38 -3.52
C THR A 314 -41.85 49.58 -3.21
N LYS A 315 -42.17 50.32 -2.15
CA LYS A 315 -41.38 51.49 -1.75
C LYS A 315 -40.22 51.17 -0.78
N LEU A 316 -40.05 49.90 -0.42
CA LEU A 316 -39.02 49.47 0.54
C LEU A 316 -37.80 48.94 -0.17
N THR A 317 -36.75 49.75 -0.21
CA THR A 317 -35.52 49.44 -0.94
C THR A 317 -34.32 49.81 -0.07
N ASP A 318 -33.11 49.69 -0.64
CA ASP A 318 -31.85 50.16 0.01
C ASP A 318 -31.92 51.61 0.49
N ASN A 319 -32.76 52.43 -0.14
CA ASN A 319 -33.09 53.78 0.34
C ASN A 319 -33.21 53.92 1.84
N ILE A 320 -33.82 52.89 2.44
CA ILE A 320 -34.11 52.91 3.86
C ILE A 320 -32.84 53.10 4.72
N PHE A 321 -31.70 52.62 4.21
CA PHE A 321 -30.37 52.90 4.78
C PHE A 321 -30.10 54.40 4.88
N LEU A 322 -30.14 55.07 3.74
CA LEU A 322 -29.86 56.51 3.68
C LEU A 322 -30.91 57.36 4.36
N GLU A 323 -32.16 56.87 4.35
CA GLU A 323 -33.24 57.54 5.06
C GLU A 323 -32.86 57.60 6.54
N ILE A 324 -32.43 56.46 7.11
CA ILE A 324 -31.98 56.39 8.51
C ILE A 324 -30.75 57.26 8.75
N LEU A 325 -29.78 57.18 7.84
CA LEU A 325 -28.52 57.92 7.99
C LEU A 325 -28.75 59.42 8.02
N TYR A 326 -29.50 59.91 7.04
CA TYR A 326 -29.75 61.34 6.91
C TYR A 326 -30.76 61.94 7.89
N SER A 327 -31.53 61.11 8.60
CA SER A 327 -32.62 61.60 9.46
C SER A 327 -32.12 62.43 10.65
N THR A 328 -33.01 63.26 11.16
CA THR A 328 -32.81 64.03 12.39
C THR A 328 -33.82 63.69 13.50
N ASP A 329 -34.76 62.78 13.24
CA ASP A 329 -35.68 62.30 14.27
C ASP A 329 -34.85 61.69 15.41
N PRO A 330 -35.00 62.22 16.64
CA PRO A 330 -34.26 61.63 17.76
C PRO A 330 -34.67 60.21 18.15
N LYS A 331 -35.87 59.77 17.77
CA LYS A 331 -36.29 58.37 17.96
C LYS A 331 -35.38 57.41 17.20
N LEU A 332 -34.83 57.88 16.08
CA LEU A 332 -33.89 57.11 15.24
C LEU A 332 -32.41 57.26 15.60
N LYS A 333 -32.08 57.94 16.72
CA LYS A 333 -30.67 58.23 17.02
C LYS A 333 -29.84 56.97 17.23
N ASP A 334 -30.41 55.97 17.93
CA ASP A 334 -29.71 54.68 18.08
C ASP A 334 -29.37 54.01 16.76
N ALA A 335 -30.33 53.97 15.86
CA ALA A 335 -30.13 53.36 14.53
C ALA A 335 -29.14 54.16 13.69
N ARG A 336 -29.33 55.46 13.64
CA ARG A 336 -28.43 56.37 12.89
C ARG A 336 -26.98 56.30 13.37
N GLU A 337 -26.76 56.07 14.65
CA GLU A 337 -25.40 55.97 15.19
C GLU A 337 -24.69 54.72 14.71
N ILE A 338 -25.41 53.60 14.59
CA ILE A 338 -24.81 52.38 14.04
C ILE A 338 -24.36 52.61 12.60
N LEU A 339 -25.22 53.23 11.80
CA LEU A 339 -24.91 53.49 10.39
C LEU A 339 -23.77 54.49 10.23
N LYS A 340 -23.71 55.50 11.09
CA LYS A 340 -22.58 56.43 11.08
C LYS A 340 -21.26 55.72 11.41
N GLN A 341 -21.32 54.74 12.33
CA GLN A 341 -20.15 53.91 12.65
C GLN A 341 -19.63 53.09 11.47
N ILE A 342 -20.49 52.78 10.49
CA ILE A 342 -20.09 52.11 9.24
C ILE A 342 -19.34 53.04 8.27
N GLU A 343 -19.78 54.29 8.20
CA GLU A 343 -19.10 55.28 7.39
C GLU A 343 -17.67 55.46 7.90
N TYR A 344 -17.57 55.78 9.20
CA TYR A 344 -16.29 55.96 9.89
C TYR A 344 -15.43 54.69 10.01
N ARG A 345 -16.07 53.53 9.85
CA ARG A 345 -15.39 52.23 9.82
C ARG A 345 -15.01 51.73 11.22
N ASN A 346 -15.81 52.08 12.23
CA ASN A 346 -15.70 51.49 13.58
C ASN A 346 -16.63 50.31 13.65
N LEU A 347 -16.22 49.26 12.96
CA LEU A 347 -17.01 48.05 12.85
C LEU A 347 -16.69 47.20 14.04
N PHE A 348 -17.61 46.29 14.31
CA PHE A 348 -17.40 45.30 15.36
C PHE A 348 -16.24 44.43 14.91
N LYS A 349 -15.30 44.15 15.81
CA LYS A 349 -14.04 43.51 15.41
C LYS A 349 -14.11 41.98 15.33
N TYR A 350 -13.53 41.45 14.26
CA TYR A 350 -13.46 40.01 14.03
C TYR A 350 -12.45 39.42 14.98
N VAL A 351 -12.85 38.36 15.68
CA VAL A 351 -11.96 37.68 16.63
C VAL A 351 -11.31 36.45 16.00
N GLY A 352 -12.12 35.64 15.32
CA GLY A 352 -11.64 34.44 14.65
C GLY A 352 -12.78 33.58 14.14
N GLU A 353 -12.42 32.48 13.50
CA GLU A 353 -13.36 31.55 12.87
C GLU A 353 -13.06 30.15 13.40
N THR A 354 -14.09 29.31 13.45
CA THR A 354 -13.90 27.91 13.85
C THR A 354 -15.02 27.02 13.28
N GLN A 355 -14.80 25.71 13.31
CA GLN A 355 -15.78 24.71 12.89
C GLN A 355 -16.01 23.68 13.98
N PRO A 356 -17.20 23.06 14.03
CA PRO A 356 -17.37 21.88 14.87
C PRO A 356 -16.61 20.66 14.35
N THR A 357 -16.49 19.64 15.19
CA THR A 357 -15.82 18.40 14.84
C THR A 357 -16.76 17.21 15.03
N GLY A 358 -16.34 16.06 14.51
CA GLY A 358 -17.16 14.86 14.54
C GLY A 358 -18.34 15.04 13.60
N GLN A 359 -19.54 14.70 14.08
CA GLN A 359 -20.78 15.04 13.41
C GLN A 359 -21.64 15.82 14.40
N ILE A 360 -21.10 16.91 14.96
CA ILE A 360 -21.81 17.86 15.85
C ILE A 360 -22.44 19.02 15.04
N LYS A 361 -23.68 18.86 14.58
CA LYS A 361 -24.38 19.98 13.87
C LYS A 361 -24.95 20.94 14.91
N ILE A 362 -24.72 22.25 14.74
CA ILE A 362 -25.32 23.29 15.62
C ILE A 362 -26.69 23.67 15.08
N LYS A 363 -27.75 23.32 15.81
CA LYS A 363 -29.13 23.63 15.40
C LYS A 363 -29.41 25.13 15.45
N ARG A 364 -30.34 25.58 14.62
CA ARG A 364 -30.69 27.02 14.48
C ARG A 364 -31.26 27.63 15.75
N GLU A 365 -32.15 26.89 16.39
CA GLU A 365 -32.60 27.12 17.78
C GLU A 365 -31.52 27.67 18.75
N ASP A 366 -30.33 27.06 18.73
CA ASP A 366 -29.25 27.39 19.68
C ASP A 366 -28.46 28.65 19.36
N TYR A 367 -28.68 29.25 18.20
CA TYR A 367 -27.96 30.46 17.76
C TYR A 367 -28.05 31.57 18.79
N GLU A 368 -29.27 31.82 19.29
CA GLU A 368 -29.52 32.80 20.34
C GLU A 368 -28.55 32.67 21.51
N SER A 369 -28.28 31.44 21.93
CA SER A 369 -27.51 31.16 23.17
C SER A 369 -25.98 31.25 23.10
N LEU A 370 -25.40 31.29 21.90
CA LEU A 370 -23.95 31.13 21.73
C LEU A 370 -23.09 32.28 22.28
N PRO A 371 -23.57 33.54 22.18
CA PRO A 371 -22.85 34.65 22.84
C PRO A 371 -22.68 34.44 24.36
N LYS A 372 -23.75 33.99 25.01
CA LYS A 372 -23.73 33.59 26.41
C LYS A 372 -22.61 32.61 26.70
N GLU A 373 -22.50 31.57 25.88
CA GLU A 373 -21.48 30.53 26.06
C GLU A 373 -20.04 31.04 25.97
N VAL A 374 -19.80 32.01 25.08
CA VAL A 374 -18.45 32.56 24.87
C VAL A 374 -18.00 33.36 26.09
N ALA A 375 -18.86 34.25 26.56
CA ALA A 375 -18.61 34.99 27.79
C ALA A 375 -18.45 34.07 29.00
N SER A 376 -19.22 32.99 29.01
CA SER A 376 -19.19 32.00 30.09
C SER A 376 -17.90 31.22 30.24
N ALA A 377 -17.10 31.13 29.18
CA ALA A 377 -15.83 30.43 29.26
C ALA A 377 -14.91 31.09 30.29
N LYS A 378 -14.19 30.25 31.03
CA LYS A 378 -13.30 30.69 32.08
C LYS A 378 -11.89 30.33 31.60
N PRO A 379 -11.25 31.25 30.85
CA PRO A 379 -9.90 31.02 30.39
C PRO A 379 -8.87 31.11 31.46
N LYS A 380 -7.97 30.10 31.57
CA LYS A 380 -7.06 30.02 32.72
C LYS A 380 -5.88 30.98 32.55
N VAL A 381 -6.18 32.25 32.45
CA VAL A 381 -5.25 33.42 32.60
C VAL A 381 -6.25 34.58 33.00
N LEU A 382 -5.82 35.28 34.02
CA LEU A 382 -6.73 36.24 34.71
C LEU A 382 -6.85 37.50 33.83
N LEU A 383 -8.07 37.83 33.44
CA LEU A 383 -8.34 38.94 32.56
C LEU A 383 -8.80 40.24 33.27
N ASP A 384 -8.16 41.34 32.81
CA ASP A 384 -8.27 42.67 33.42
C ASP A 384 -9.58 43.33 33.18
N VAL A 385 -10.18 43.07 31.96
CA VAL A 385 -11.61 43.39 31.77
C VAL A 385 -12.39 42.03 31.50
N LYS A 386 -13.55 41.93 32.21
CA LYS A 386 -14.50 40.92 31.95
C LYS A 386 -15.49 41.44 30.91
N LEU A 387 -15.95 40.53 30.04
CA LEU A 387 -16.90 40.89 28.96
C LEU A 387 -18.24 40.15 29.14
N LYS A 388 -19.35 40.89 28.98
CA LYS A 388 -20.70 40.33 29.07
C LYS A 388 -21.10 39.69 27.73
N ALA A 389 -22.16 38.88 27.73
CA ALA A 389 -22.57 38.14 26.53
C ALA A 389 -23.10 39.00 25.39
N GLU A 390 -23.73 40.12 25.75
CA GLU A 390 -24.17 41.15 24.79
C GLU A 390 -23.03 41.78 23.99
N ASP A 391 -21.81 41.75 24.54
CA ASP A 391 -20.60 42.25 23.84
C ASP A 391 -20.19 41.38 22.65
N PHE A 392 -20.58 40.10 22.65
CA PHE A 392 -20.20 39.16 21.60
C PHE A 392 -21.29 39.01 20.53
N ILE A 393 -20.85 38.80 19.29
CA ILE A 393 -21.70 38.34 18.18
C ILE A 393 -21.11 37.04 17.67
N VAL A 394 -21.97 36.03 17.55
CA VAL A 394 -21.57 34.75 16.97
C VAL A 394 -22.44 34.58 15.73
N ASP A 395 -21.77 34.34 14.61
CA ASP A 395 -22.40 34.26 13.31
C ASP A 395 -22.16 32.85 12.81
N VAL A 396 -23.22 32.06 12.70
CA VAL A 396 -23.09 30.67 12.26
C VAL A 396 -23.53 30.63 10.79
N ILE A 397 -22.72 29.94 9.98
CA ILE A 397 -22.87 29.94 8.53
C ILE A 397 -22.82 28.49 8.03
N ASN A 398 -23.87 28.09 7.28
CA ASN A 398 -23.92 26.79 6.68
C ASN A 398 -23.44 26.86 5.23
N MET A 399 -22.28 26.24 4.98
CA MET A 399 -21.74 26.11 3.63
C MET A 399 -22.11 24.71 3.14
N ASP A 400 -22.80 24.62 2.01
CA ASP A 400 -23.24 23.35 1.47
C ASP A 400 -23.21 23.37 -0.05
N TYR A 401 -23.62 22.23 -0.63
CA TYR A 401 -23.77 22.12 -2.07
C TYR A 401 -25.24 22.28 -2.49
N GLY A 402 -25.97 23.12 -1.75
CA GLY A 402 -27.32 23.51 -2.12
C GLY A 402 -28.43 22.56 -1.75
N MET A 403 -28.09 21.43 -1.13
CA MET A 403 -29.07 20.45 -0.69
C MET A 403 -28.62 19.91 0.65
N GLN A 404 -28.35 20.86 1.57
CA GLN A 404 -27.90 20.53 2.90
C GLN A 404 -26.81 19.46 2.79
N GLU A 405 -26.99 18.31 3.43
CA GLU A 405 -25.96 17.30 3.53
C GLU A 405 -25.81 16.44 2.31
N LYS A 406 -26.73 16.58 1.34
CA LYS A 406 -26.73 15.73 0.15
C LYS A 406 -25.79 16.21 -0.95
N ASN A 407 -25.36 15.25 -1.77
CA ASN A 407 -24.57 15.46 -2.99
C ASN A 407 -25.60 15.72 -4.09
N PRO A 408 -25.63 16.94 -4.65
CA PRO A 408 -26.62 17.23 -5.68
C PRO A 408 -26.42 16.46 -6.99
N ILE A 409 -25.20 16.00 -7.25
CA ILE A 409 -24.90 15.22 -8.45
C ILE A 409 -25.57 13.84 -8.42
N ASP A 410 -25.80 13.31 -7.23
CA ASP A 410 -26.60 12.10 -7.08
C ASP A 410 -28.08 12.32 -7.46
N HIS A 411 -28.51 13.59 -7.52
CA HIS A 411 -29.81 13.96 -8.08
C HIS A 411 -29.73 14.64 -9.48
N VAL A 412 -28.76 14.24 -10.30
CA VAL A 412 -28.69 14.67 -11.71
C VAL A 412 -28.79 13.44 -12.58
N SER A 413 -29.53 13.58 -13.69
CA SER A 413 -29.64 12.52 -14.69
C SER A 413 -28.69 12.80 -15.87
N PHE A 414 -28.10 11.72 -16.38
CA PHE A 414 -27.10 11.81 -17.45
C PHE A 414 -27.47 10.99 -18.69
N TYR A 415 -26.85 11.30 -19.83
CA TYR A 415 -26.99 10.48 -21.06
C TYR A 415 -25.65 10.22 -21.73
N CYS A 416 -25.61 9.19 -22.56
CA CYS A 416 -24.38 8.82 -23.29
C CYS A 416 -24.49 9.11 -24.76
N LYS A 417 -23.34 9.31 -25.40
CA LYS A 417 -23.29 9.57 -26.86
C LYS A 417 -23.96 8.43 -27.62
N THR A 418 -23.64 7.22 -27.20
CA THR A 418 -24.16 5.99 -27.79
C THR A 418 -25.67 5.75 -27.59
N ALA A 419 -26.27 6.33 -26.55
CA ALA A 419 -27.72 6.18 -26.25
C ALA A 419 -28.30 7.46 -25.65
N PRO A 420 -28.56 8.46 -26.50
CA PRO A 420 -28.90 9.78 -26.00
C PRO A 420 -30.31 9.92 -25.43
N ASN A 421 -31.18 8.93 -25.62
CA ASN A 421 -32.48 8.97 -24.95
C ASN A 421 -32.50 8.19 -23.65
N ARG A 422 -31.46 7.41 -23.40
CA ARG A 422 -31.40 6.61 -22.18
C ARG A 422 -30.68 7.33 -21.07
N ALA A 423 -31.47 7.70 -20.04
CA ALA A 423 -30.98 8.39 -18.87
C ALA A 423 -30.33 7.43 -17.91
N ILE A 424 -29.33 7.91 -17.19
CA ILE A 424 -28.56 7.10 -16.24
C ILE A 424 -28.13 7.95 -15.04
N ARG A 425 -27.55 7.28 -14.04
CA ARG A 425 -26.99 7.93 -12.85
C ARG A 425 -25.47 7.71 -12.79
N ILE A 426 -24.76 8.72 -12.28
CA ILE A 426 -23.32 8.60 -12.07
C ILE A 426 -23.07 8.89 -10.57
N THR A 427 -22.51 7.91 -9.86
CA THR A 427 -22.20 8.05 -8.43
C THR A 427 -20.96 8.89 -8.25
N LYS A 428 -20.59 9.16 -7.01
CA LYS A 428 -19.35 9.85 -6.73
C LYS A 428 -18.11 9.01 -7.08
N ASN A 429 -18.16 7.72 -6.77
CA ASN A 429 -17.02 6.82 -7.00
C ASN A 429 -16.65 6.64 -8.45
N GLN A 430 -17.65 6.74 -9.31
CA GLN A 430 -17.46 6.62 -10.75
C GLN A 430 -16.70 7.81 -11.35
N VAL A 431 -16.62 8.93 -10.63
CA VAL A 431 -15.97 10.15 -11.14
C VAL A 431 -14.53 10.32 -10.65
N SER A 432 -14.35 10.47 -9.33
CA SER A 432 -13.04 10.78 -8.77
C SER A 432 -12.92 10.55 -7.27
N GLN A 433 -11.72 10.19 -6.84
CA GLN A 433 -11.34 10.09 -5.43
C GLN A 433 -10.94 11.44 -4.81
N LEU A 434 -10.75 12.47 -5.63
CA LEU A 434 -10.36 13.79 -5.15
C LEU A 434 -11.54 14.73 -4.90
N LEU A 435 -12.76 14.21 -4.97
CA LEU A 435 -13.94 15.01 -4.67
C LEU A 435 -14.11 15.22 -3.17
N PRO A 436 -15.02 16.12 -2.76
CA PRO A 436 -15.29 16.31 -1.34
C PRO A 436 -15.80 15.05 -0.65
N GLU A 437 -15.41 14.89 0.61
CA GLU A 437 -15.87 13.77 1.42
C GLU A 437 -17.29 14.03 1.91
N LYS A 438 -17.50 15.23 2.46
CA LYS A 438 -18.82 15.71 2.87
C LYS A 438 -19.31 16.79 1.90
N PHE A 439 -20.59 17.15 2.00
CA PHE A 439 -21.19 18.20 1.16
C PHE A 439 -21.91 19.29 1.95
N ALA A 440 -21.59 19.37 3.26
CA ALA A 440 -22.05 20.47 4.11
C ALA A 440 -21.15 20.58 5.34
N GLU A 441 -21.02 21.80 5.83
CA GLU A 441 -20.26 22.08 7.05
C GLU A 441 -20.75 23.37 7.65
N GLN A 442 -20.22 23.70 8.82
CA GLN A 442 -20.59 24.94 9.50
C GLN A 442 -19.35 25.77 9.78
N LEU A 443 -19.51 27.09 9.61
CA LEU A 443 -18.50 28.07 9.99
C LEU A 443 -19.04 28.96 11.06
N ILE A 444 -18.25 29.14 12.11
CA ILE A 444 -18.62 29.95 13.25
C ILE A 444 -17.63 31.09 13.34
N ARG A 445 -18.10 32.30 13.04
CA ARG A 445 -17.33 33.52 13.24
C ARG A 445 -17.76 34.18 14.52
N VAL A 446 -16.79 34.67 15.26
CA VAL A 446 -17.04 35.39 16.51
C VAL A 446 -16.48 36.79 16.34
N TYR A 447 -17.30 37.79 16.68
CA TYR A 447 -16.87 39.19 16.68
C TYR A 447 -17.16 39.79 18.05
N CYS A 448 -16.47 40.89 18.37
CA CYS A 448 -16.64 41.61 19.64
C CYS A 448 -17.06 43.06 19.39
N LYS A 449 -18.11 43.49 20.09
CA LYS A 449 -18.65 44.85 19.91
C LYS A 449 -17.73 45.94 20.48
N LYS A 450 -16.94 45.60 21.48
CA LYS A 450 -15.96 46.53 22.05
C LYS A 450 -14.67 46.48 21.24
N VAL A 451 -14.30 47.65 20.70
CA VAL A 451 -13.26 47.79 19.68
C VAL A 451 -11.84 47.91 20.28
N ASP A 452 -11.72 48.49 21.48
CA ASP A 452 -10.43 48.85 22.10
C ASP A 452 -9.40 47.73 22.29
N ARG A 453 -8.13 48.14 22.45
CA ARG A 453 -6.99 47.22 22.55
C ARG A 453 -7.18 46.18 23.67
N LYS A 454 -7.62 46.65 24.84
CA LYS A 454 -7.80 45.80 26.03
C LYS A 454 -8.91 44.74 25.85
N SER A 455 -10.05 45.16 25.31
CA SER A 455 -11.23 44.27 25.15
C SER A 455 -11.07 43.24 24.06
N LEU A 456 -10.34 43.61 23.01
CA LEU A 456 -10.05 42.69 21.92
C LEU A 456 -9.15 41.53 22.39
N TYR A 457 -8.12 41.83 23.17
CA TYR A 457 -7.27 40.78 23.77
C TYR A 457 -8.11 39.81 24.59
N ALA A 458 -8.97 40.36 25.42
CA ALA A 458 -9.88 39.56 26.25
C ALA A 458 -10.74 38.67 25.39
N ALA A 459 -11.43 39.28 24.44
CA ALA A 459 -12.33 38.55 23.53
C ALA A 459 -11.64 37.34 22.90
N ARG A 460 -10.40 37.54 22.46
CA ARG A 460 -9.58 36.46 21.88
C ARG A 460 -9.38 35.30 22.86
N GLN A 461 -9.13 35.62 24.12
CA GLN A 461 -8.94 34.59 25.14
C GLN A 461 -10.25 33.83 25.39
N TYR A 462 -11.36 34.54 25.52
CA TYR A 462 -12.69 33.90 25.64
C TYR A 462 -12.99 32.96 24.46
N PHE A 463 -12.75 33.45 23.26
CA PHE A 463 -13.03 32.71 22.03
C PHE A 463 -12.23 31.42 21.94
N VAL A 464 -10.90 31.52 22.06
CA VAL A 464 -10.01 30.37 21.88
C VAL A 464 -10.26 29.31 22.97
N GLN A 465 -10.69 29.77 24.14
CA GLN A 465 -11.10 28.86 25.22
C GLN A 465 -12.39 28.15 24.85
N TRP A 466 -13.40 28.95 24.50
CA TRP A 466 -14.70 28.44 24.05
C TRP A 466 -14.56 27.34 22.97
N CYS A 467 -13.60 27.52 22.08
CA CYS A 467 -13.26 26.52 21.06
C CYS A 467 -12.76 25.21 21.67
N ALA A 468 -11.80 25.30 22.58
CA ALA A 468 -11.30 24.13 23.32
C ALA A 468 -12.41 23.50 24.18
N ASP A 469 -13.24 24.35 24.80
CA ASP A 469 -14.38 23.92 25.64
C ASP A 469 -15.39 23.05 24.90
N ARG A 470 -15.66 23.34 23.64
CA ARG A 470 -16.66 22.60 22.86
C ARG A 470 -16.09 21.62 21.84
N ASN A 471 -14.78 21.37 21.93
CA ASN A 471 -14.06 20.47 21.02
C ASN A 471 -14.26 20.90 19.55
N PHE A 472 -14.08 22.19 19.31
CA PHE A 472 -14.06 22.78 17.97
C PHE A 472 -12.62 22.83 17.44
N THR A 473 -12.49 23.14 16.16
CA THR A 473 -11.17 23.22 15.52
C THR A 473 -10.40 24.40 16.08
N LYS A 474 -9.08 24.25 16.09
CA LYS A 474 -8.19 25.31 16.55
C LYS A 474 -8.27 26.44 15.53
N PRO A 475 -8.51 27.68 16.00
CA PRO A 475 -8.40 28.80 15.08
C PRO A 475 -7.05 28.82 14.37
N GLN A 476 -7.05 29.17 13.08
CA GLN A 476 -5.84 29.17 12.25
C GLN A 476 -4.74 30.03 12.88
N ASP A 477 -5.15 31.21 13.35
CA ASP A 477 -4.27 32.15 14.07
C ASP A 477 -4.15 31.90 15.59
N GLY A 478 -4.55 30.71 16.03
CA GLY A 478 -4.81 30.45 17.45
C GLY A 478 -3.61 30.56 18.36
N ASP A 479 -2.48 30.04 17.89
CA ASP A 479 -1.23 30.09 18.65
C ASP A 479 -0.72 31.51 18.83
N VAL A 480 -1.05 32.39 17.89
CA VAL A 480 -0.64 33.79 17.97
C VAL A 480 -1.53 34.57 18.95
N ILE A 481 -2.84 34.57 18.68
CA ILE A 481 -3.78 35.41 19.44
C ILE A 481 -3.96 35.03 20.91
N ALA A 482 -3.89 33.74 21.19
CA ALA A 482 -4.09 33.23 22.57
C ALA A 482 -3.04 32.16 22.84
N PRO A 483 -1.77 32.58 22.99
CA PRO A 483 -0.66 31.63 23.09
C PRO A 483 -0.68 30.82 24.38
N LEU A 484 -1.29 31.38 25.41
CA LEU A 484 -1.39 30.78 26.72
C LEU A 484 -2.45 29.68 26.77
N ILE A 485 -3.42 29.71 25.84
CA ILE A 485 -4.58 28.81 25.87
C ILE A 485 -4.45 27.56 24.97
N THR A 486 -3.79 27.68 23.83
CA THR A 486 -3.68 26.58 22.86
C THR A 486 -2.92 25.32 23.32
N PRO A 487 -1.89 25.46 24.19
CA PRO A 487 -1.28 24.24 24.73
C PRO A 487 -2.20 23.42 25.63
N GLN A 488 -3.13 24.08 26.32
CA GLN A 488 -4.16 23.42 27.15
C GLN A 488 -4.82 22.20 26.48
N LYS A 489 -5.21 22.33 25.21
CA LYS A 489 -5.91 21.24 24.50
C LYS A 489 -4.95 20.17 23.99
N LYS A 490 -5.13 18.94 24.47
CA LYS A 490 -4.33 17.77 24.08
C LYS A 490 -4.48 17.45 22.59
N GLU A 491 -5.71 17.57 22.10
CA GLU A 491 -6.05 17.31 20.70
C GLU A 491 -5.41 18.26 19.67
N TRP A 492 -4.91 19.43 20.09
CA TRP A 492 -4.28 20.40 19.16
C TRP A 492 -2.76 20.21 18.98
N ASN A 493 -2.18 19.17 19.59
CA ASN A 493 -0.75 18.92 19.50
C ASN A 493 -0.55 17.58 18.77
N THR B 8 0.42 49.73 8.71
CA THR B 8 0.49 48.77 7.55
C THR B 8 -0.51 49.19 6.46
N MET B 9 -0.16 48.89 5.20
CA MET B 9 -1.01 49.20 4.02
C MET B 9 -2.28 48.41 4.09
N LYS B 10 -3.27 48.89 3.38
CA LYS B 10 -4.52 48.16 3.24
C LYS B 10 -4.74 47.85 1.77
N VAL B 11 -5.12 46.60 1.50
CA VAL B 11 -5.33 46.14 0.13
C VAL B 11 -6.82 46.05 -0.17
N ILE B 12 -7.19 46.50 -1.36
CA ILE B 12 -8.58 46.61 -1.78
C ILE B 12 -8.69 46.12 -3.23
N ASN B 13 -9.71 45.31 -3.54
CA ASN B 13 -9.87 44.69 -4.86
C ASN B 13 -10.90 45.38 -5.77
N ASP B 14 -10.37 46.26 -6.61
CA ASP B 14 -11.12 46.93 -7.67
C ASP B 14 -11.16 46.01 -8.88
N PRO B 15 -12.33 45.83 -9.52
CA PRO B 15 -12.38 44.96 -10.70
C PRO B 15 -11.65 45.51 -11.91
N ILE B 16 -11.40 46.80 -11.96
CA ILE B 16 -10.68 47.38 -13.07
C ILE B 16 -9.18 47.25 -12.88
N HIS B 17 -8.67 47.77 -11.77
CA HIS B 17 -7.23 47.87 -11.55
C HIS B 17 -6.63 46.73 -10.75
N GLY B 18 -7.46 45.84 -10.22
CA GLY B 18 -6.99 44.67 -9.47
C GLY B 18 -6.82 45.01 -8.00
N HIS B 19 -5.71 44.55 -7.41
CA HIS B 19 -5.46 44.78 -5.99
C HIS B 19 -4.60 46.02 -5.77
N ILE B 20 -5.27 47.08 -5.34
CA ILE B 20 -4.67 48.34 -5.04
C ILE B 20 -4.18 48.30 -3.60
N GLU B 21 -3.01 48.86 -3.32
CA GLU B 21 -2.59 49.17 -1.95
C GLU B 21 -2.98 50.61 -1.61
N LEU B 22 -3.42 50.82 -0.37
CA LEU B 22 -3.83 52.13 0.10
C LEU B 22 -3.01 52.50 1.32
N HIS B 23 -2.34 53.64 1.23
CA HIS B 23 -1.54 54.18 2.34
C HIS B 23 -2.45 54.60 3.50
N PRO B 24 -2.03 54.35 4.76
CA PRO B 24 -2.93 54.62 5.89
C PRO B 24 -3.58 56.02 5.91
N LEU B 25 -2.83 57.03 5.47
CA LEU B 25 -3.35 58.38 5.29
C LEU B 25 -4.54 58.43 4.34
N LEU B 26 -4.45 57.68 3.24
CA LEU B 26 -5.54 57.61 2.27
C LEU B 26 -6.77 56.94 2.87
N VAL B 27 -6.53 55.81 3.54
CA VAL B 27 -7.61 55.08 4.21
C VAL B 27 -8.35 55.99 5.19
N ARG B 28 -7.59 56.80 5.91
CA ARG B 28 -8.12 57.74 6.89
C ARG B 28 -9.00 58.81 6.24
N ILE B 29 -8.61 59.23 5.03
CA ILE B 29 -9.41 60.16 4.20
C ILE B 29 -10.65 59.47 3.63
N ILE B 30 -10.48 58.24 3.15
CA ILE B 30 -11.58 57.47 2.58
C ILE B 30 -12.70 57.21 3.58
N ASP B 31 -12.34 56.85 4.81
CA ASP B 31 -13.33 56.53 5.83
C ASP B 31 -13.85 57.78 6.55
N THR B 32 -14.52 58.62 5.77
CA THR B 32 -15.16 59.85 6.26
C THR B 32 -16.50 59.99 5.56
N PRO B 33 -17.50 60.63 6.21
CA PRO B 33 -18.80 60.81 5.54
C PRO B 33 -18.73 61.59 4.21
N GLN B 34 -17.76 62.48 4.08
CA GLN B 34 -17.62 63.32 2.89
C GLN B 34 -17.21 62.51 1.66
N PHE B 35 -16.36 61.50 1.88
CA PHE B 35 -15.88 60.60 0.83
C PHE B 35 -16.82 59.43 0.59
N GLN B 36 -17.23 58.73 1.66
CA GLN B 36 -18.17 57.59 1.53
C GLN B 36 -19.49 58.02 0.89
N ARG B 37 -19.84 59.30 1.03
CA ARG B 37 -20.90 59.96 0.24
C ARG B 37 -20.91 59.57 -1.24
N LEU B 38 -19.74 59.46 -1.84
CA LEU B 38 -19.62 59.12 -3.26
C LEU B 38 -20.12 57.71 -3.61
N ARG B 39 -20.29 56.83 -2.62
CA ARG B 39 -20.97 55.54 -2.83
C ARG B 39 -22.41 55.70 -3.32
N TYR B 40 -23.03 56.83 -3.04
CA TYR B 40 -24.43 57.02 -3.31
C TYR B 40 -24.67 58.03 -4.46
N ILE B 41 -23.72 58.13 -5.38
CA ILE B 41 -23.82 58.99 -6.57
C ILE B 41 -23.31 58.19 -7.77
N LYS B 42 -24.18 57.90 -8.75
CA LYS B 42 -23.81 57.10 -9.92
C LYS B 42 -22.91 57.86 -10.87
N GLN B 43 -21.99 57.14 -11.51
CA GLN B 43 -21.02 57.74 -12.42
C GLN B 43 -21.74 58.39 -13.58
N LEU B 44 -22.64 57.61 -14.19
CA LEU B 44 -23.27 57.99 -15.43
C LEU B 44 -24.68 58.51 -15.28
N GLY B 45 -25.02 58.94 -14.07
CA GLY B 45 -26.30 59.54 -13.81
C GLY B 45 -27.44 58.73 -14.38
N GLY B 46 -28.19 59.37 -15.27
CA GLY B 46 -29.35 58.75 -15.91
C GLY B 46 -29.01 57.68 -16.94
N GLY B 47 -27.72 57.55 -17.29
CA GLY B 47 -27.25 56.47 -18.13
C GLY B 47 -27.60 55.06 -17.68
N TYR B 48 -27.67 54.85 -16.36
CA TYR B 48 -28.10 53.57 -15.81
C TYR B 48 -29.49 53.13 -16.33
N TYR B 49 -30.36 54.10 -16.58
CA TYR B 49 -31.69 53.83 -17.12
C TYR B 49 -31.71 53.48 -18.63
N VAL B 50 -30.54 53.53 -19.29
CA VAL B 50 -30.37 53.04 -20.67
C VAL B 50 -29.39 51.87 -20.75
N PHE B 51 -28.25 51.95 -20.06
CA PHE B 51 -27.26 50.86 -20.01
C PHE B 51 -27.36 50.18 -18.66
N PRO B 52 -28.05 49.03 -18.60
CA PRO B 52 -28.33 48.43 -17.30
C PRO B 52 -27.12 47.92 -16.55
N GLY B 53 -25.95 47.85 -17.20
CA GLY B 53 -24.73 47.55 -16.46
C GLY B 53 -24.21 48.67 -15.56
N ALA B 54 -24.52 49.93 -15.91
CA ALA B 54 -23.86 51.17 -15.38
C ALA B 54 -24.31 51.66 -13.97
N SER B 55 -24.39 50.68 -13.07
CA SER B 55 -24.74 50.87 -11.67
C SER B 55 -23.62 51.54 -10.87
N HIS B 56 -22.39 51.44 -11.40
CA HIS B 56 -21.20 51.99 -10.75
C HIS B 56 -21.29 53.47 -10.34
N ASN B 57 -20.62 53.75 -9.23
CA ASN B 57 -20.67 55.00 -8.50
C ASN B 57 -19.32 55.69 -8.49
N ARG B 58 -19.32 56.96 -8.11
CA ARG B 58 -18.09 57.75 -8.04
C ARG B 58 -17.04 57.18 -7.09
N PHE B 59 -17.51 56.63 -5.97
CA PHE B 59 -16.61 56.06 -4.96
C PHE B 59 -15.47 55.26 -5.60
N GLU B 60 -15.83 54.23 -6.37
CA GLU B 60 -14.83 53.33 -6.95
C GLU B 60 -14.01 53.98 -8.07
N HIS B 61 -14.62 54.91 -8.81
CA HIS B 61 -13.90 55.77 -9.77
C HIS B 61 -12.82 56.59 -9.03
N SER B 62 -13.26 57.27 -7.97
CA SER B 62 -12.34 58.06 -7.15
C SER B 62 -11.15 57.21 -6.65
N LEU B 63 -11.42 56.00 -6.19
CA LEU B 63 -10.34 55.07 -5.82
C LEU B 63 -9.35 54.83 -6.95
N GLY B 64 -9.91 54.51 -8.12
CA GLY B 64 -9.11 54.20 -9.29
C GLY B 64 -8.25 55.36 -9.77
N VAL B 65 -8.79 56.57 -9.71
CA VAL B 65 -8.05 57.76 -10.13
C VAL B 65 -6.89 58.00 -9.16
N GLY B 66 -7.16 57.83 -7.87
CA GLY B 66 -6.10 57.88 -6.87
C GLY B 66 -5.01 56.87 -7.15
N TYR B 67 -5.41 55.65 -7.50
CA TYR B 67 -4.45 54.58 -7.78
C TYR B 67 -3.56 54.90 -8.97
N LEU B 68 -4.17 55.30 -10.08
CA LEU B 68 -3.44 55.60 -11.31
C LEU B 68 -2.57 56.83 -11.19
N ALA B 69 -3.03 57.81 -10.43
CA ALA B 69 -2.20 58.94 -10.08
C ALA B 69 -0.90 58.43 -9.43
N GLY B 70 -1.04 57.53 -8.47
CA GLY B 70 0.09 56.88 -7.80
C GLY B 70 1.00 56.13 -8.76
N CYS B 71 0.39 55.40 -9.69
CA CYS B 71 1.15 54.65 -10.69
C CYS B 71 2.02 55.55 -11.55
N LEU B 72 1.43 56.61 -12.08
CA LEU B 72 2.14 57.46 -13.02
C LEU B 72 3.28 58.20 -12.34
N VAL B 73 2.97 58.86 -11.23
CA VAL B 73 3.98 59.63 -10.51
C VAL B 73 5.12 58.73 -10.00
N HIS B 74 4.76 57.55 -9.48
CA HIS B 74 5.74 56.59 -8.96
C HIS B 74 6.61 56.05 -10.11
N ALA B 75 6.00 55.87 -11.28
CA ALA B 75 6.72 55.39 -12.47
C ALA B 75 7.73 56.41 -12.99
N LEU B 76 7.33 57.68 -13.02
CA LEU B 76 8.23 58.74 -13.46
C LEU B 76 9.43 58.81 -12.56
N GLY B 77 9.20 58.67 -11.25
CA GLY B 77 10.24 58.67 -10.22
C GLY B 77 11.26 57.56 -10.36
N GLU B 78 10.79 56.35 -10.67
CA GLU B 78 11.68 55.21 -10.93
C GLU B 78 12.50 55.47 -12.18
N LYS B 79 11.81 55.84 -13.27
CA LYS B 79 12.44 56.13 -14.56
C LYS B 79 13.45 57.29 -14.49
N GLN B 80 13.16 58.32 -13.69
CA GLN B 80 13.99 59.53 -13.63
C GLN B 80 14.22 60.03 -12.19
N PRO B 81 15.23 59.48 -11.50
CA PRO B 81 15.56 59.95 -10.15
C PRO B 81 15.93 61.43 -10.08
N GLU B 82 16.55 61.95 -11.14
CA GLU B 82 16.90 63.37 -11.26
C GLU B 82 15.76 64.35 -10.92
N LEU B 83 14.51 63.91 -11.07
CA LEU B 83 13.35 64.74 -10.76
C LEU B 83 13.13 64.98 -9.27
N GLN B 84 13.67 64.08 -8.44
CA GLN B 84 13.56 64.15 -6.98
C GLN B 84 12.10 64.28 -6.57
N ILE B 85 11.36 63.25 -6.93
CA ILE B 85 9.98 63.11 -6.56
C ILE B 85 10.00 62.41 -5.20
N SER B 86 9.54 63.12 -4.16
CA SER B 86 9.50 62.58 -2.79
C SER B 86 8.24 61.75 -2.56
N GLU B 87 8.27 60.84 -1.59
CA GLU B 87 7.06 60.10 -1.20
C GLU B 87 6.01 61.04 -0.63
N ARG B 88 6.43 62.24 -0.25
CA ARG B 88 5.50 63.32 0.07
C ARG B 88 4.75 63.78 -1.18
N ASP B 89 5.48 64.01 -2.27
CA ASP B 89 4.85 64.37 -3.55
C ASP B 89 3.88 63.28 -3.99
N VAL B 90 4.32 62.02 -3.93
CA VAL B 90 3.51 60.86 -4.34
C VAL B 90 2.18 60.85 -3.59
N LEU B 91 2.27 60.92 -2.27
CA LEU B 91 1.07 60.93 -1.44
C LEU B 91 0.13 62.04 -1.80
N CYS B 92 0.67 63.23 -2.01
CA CYS B 92 -0.14 64.40 -2.36
C CYS B 92 -0.88 64.23 -3.70
N VAL B 93 -0.21 63.61 -4.65
CA VAL B 93 -0.81 63.33 -5.96
C VAL B 93 -1.92 62.27 -5.82
N GLN B 94 -1.64 61.20 -5.08
CA GLN B 94 -2.65 60.19 -4.78
C GLN B 94 -3.88 60.80 -4.13
N ILE B 95 -3.66 61.62 -3.10
CA ILE B 95 -4.75 62.28 -2.37
C ILE B 95 -5.59 63.15 -3.32
N ALA B 96 -4.93 63.87 -4.22
CA ALA B 96 -5.63 64.70 -5.19
C ALA B 96 -6.52 63.85 -6.09
N GLY B 97 -5.92 62.81 -6.66
CA GLY B 97 -6.65 61.86 -7.50
C GLY B 97 -7.83 61.25 -6.78
N LEU B 98 -7.60 60.84 -5.54
CA LEU B 98 -8.64 60.24 -4.70
C LEU B 98 -9.84 61.18 -4.51
N CYS B 99 -9.53 62.43 -4.20
CA CYS B 99 -10.54 63.43 -3.86
C CYS B 99 -11.01 64.29 -5.02
N HIS B 100 -10.58 63.97 -6.25
CA HIS B 100 -10.75 64.92 -7.36
C HIS B 100 -12.21 65.16 -7.75
N ASP B 101 -13.06 64.15 -7.55
CA ASP B 101 -14.50 64.25 -7.84
C ASP B 101 -15.31 64.12 -6.57
N LEU B 102 -14.79 64.67 -5.47
CA LEU B 102 -15.54 64.77 -4.21
C LEU B 102 -16.80 65.64 -4.30
N GLY B 103 -16.78 66.60 -5.22
CA GLY B 103 -17.82 67.60 -5.33
C GLY B 103 -18.89 67.40 -6.40
N HIS B 104 -19.03 66.20 -6.95
CA HIS B 104 -20.15 65.96 -7.86
C HIS B 104 -21.45 65.95 -7.13
N GLY B 105 -22.49 66.44 -7.79
CA GLY B 105 -23.83 66.39 -7.22
C GLY B 105 -24.55 65.09 -7.53
N PRO B 106 -25.84 65.00 -7.11
CA PRO B 106 -26.72 63.91 -7.49
C PRO B 106 -26.73 63.72 -9.01
N PHE B 107 -26.56 62.47 -9.43
CA PHE B 107 -26.47 62.10 -10.84
C PHE B 107 -25.32 62.81 -11.59
N SER B 108 -24.21 62.99 -10.87
CA SER B 108 -22.93 63.44 -11.41
C SER B 108 -23.04 64.70 -12.26
N HIS B 109 -23.00 64.55 -13.58
CA HIS B 109 -22.84 65.66 -14.50
C HIS B 109 -24.18 66.34 -14.81
N MET B 110 -25.27 65.60 -14.63
CA MET B 110 -26.60 66.18 -14.62
C MET B 110 -26.68 67.39 -13.68
N PHE B 111 -26.06 67.29 -12.51
CA PHE B 111 -26.15 68.34 -11.48
C PHE B 111 -25.45 69.64 -11.87
N ASP B 112 -24.14 69.55 -12.12
CA ASP B 112 -23.35 70.74 -12.49
C ASP B 112 -23.60 71.19 -13.95
N GLY B 113 -24.11 70.28 -14.78
CA GLY B 113 -24.31 70.53 -16.21
C GLY B 113 -25.69 70.95 -16.67
N ARG B 114 -26.74 70.51 -15.97
CA ARG B 114 -28.14 70.87 -16.31
C ARG B 114 -28.84 71.63 -15.20
N PHE B 115 -28.89 71.03 -14.01
CA PHE B 115 -29.70 71.53 -12.89
C PHE B 115 -29.28 72.90 -12.34
N ILE B 116 -28.05 73.00 -11.86
CA ILE B 116 -27.55 74.25 -11.24
C ILE B 116 -27.61 75.44 -12.21
N PRO B 117 -27.19 75.25 -13.48
CA PRO B 117 -27.40 76.31 -14.49
C PRO B 117 -28.84 76.81 -14.65
N LEU B 118 -29.82 75.93 -14.50
CA LEU B 118 -31.24 76.32 -14.59
C LEU B 118 -31.76 76.89 -13.27
N ALA B 119 -31.47 76.19 -12.17
CA ALA B 119 -31.95 76.61 -10.85
C ALA B 119 -31.36 77.95 -10.39
N ARG B 120 -30.07 78.17 -10.65
CA ARG B 120 -29.37 79.38 -10.20
C ARG B 120 -28.46 79.92 -11.29
N PRO B 121 -29.06 80.57 -12.32
CA PRO B 121 -28.31 81.11 -13.47
C PRO B 121 -27.25 82.14 -13.13
N GLU B 122 -27.40 82.83 -12.00
CA GLU B 122 -26.41 83.79 -11.51
C GLU B 122 -25.02 83.19 -11.20
N VAL B 123 -24.98 81.94 -10.72
CA VAL B 123 -23.73 81.34 -10.22
C VAL B 123 -22.94 80.68 -11.36
N LYS B 124 -21.62 80.78 -11.31
CA LYS B 124 -20.72 79.95 -12.11
C LYS B 124 -20.14 78.92 -11.14
N TRP B 125 -20.69 77.70 -11.19
CA TRP B 125 -20.31 76.60 -10.28
C TRP B 125 -20.02 75.32 -11.06
N THR B 126 -18.96 74.61 -10.66
CA THR B 126 -18.54 73.35 -11.28
C THR B 126 -18.29 72.28 -10.24
N HIS B 127 -18.32 71.02 -10.67
CA HIS B 127 -18.07 69.91 -9.75
C HIS B 127 -16.67 70.01 -9.08
N GLU B 128 -15.72 70.57 -9.82
CA GLU B 128 -14.35 70.78 -9.33
C GLU B 128 -14.30 71.76 -8.15
N GLN B 129 -14.93 72.91 -8.33
CA GLN B 129 -15.00 73.90 -7.24
C GLN B 129 -15.59 73.28 -6.00
N GLY B 130 -16.63 72.47 -6.20
CA GLY B 130 -17.23 71.70 -5.13
C GLY B 130 -16.23 70.78 -4.44
N SER B 131 -15.44 70.08 -5.24
CA SER B 131 -14.44 69.15 -4.70
C SER B 131 -13.43 69.85 -3.77
N VAL B 132 -12.98 71.04 -4.17
CA VAL B 132 -12.07 71.83 -3.33
C VAL B 132 -12.69 72.15 -1.97
N MET B 133 -13.91 72.69 -2.01
CA MET B 133 -14.63 73.03 -0.80
C MET B 133 -14.92 71.81 0.06
N MET B 134 -15.37 70.74 -0.58
CA MET B 134 -15.66 69.49 0.12
C MET B 134 -14.38 68.88 0.72
N PHE B 135 -13.25 69.03 0.02
CA PHE B 135 -11.97 68.56 0.54
C PHE B 135 -11.61 69.30 1.84
N GLU B 136 -11.69 70.62 1.79
CA GLU B 136 -11.50 71.48 2.97
C GLU B 136 -12.38 70.99 4.13
N HIS B 137 -13.67 70.83 3.87
CA HIS B 137 -14.63 70.35 4.90
C HIS B 137 -14.26 68.97 5.43
N LEU B 138 -13.80 68.08 4.55
CA LEU B 138 -13.37 66.74 4.95
C LEU B 138 -12.20 66.79 5.92
N ILE B 139 -11.18 67.57 5.54
CA ILE B 139 -9.97 67.70 6.34
C ILE B 139 -10.27 68.25 7.74
N ASN B 140 -11.07 69.32 7.78
CA ASN B 140 -11.34 70.03 9.03
C ASN B 140 -12.25 69.25 9.96
N SER B 141 -13.35 68.73 9.43
CA SER B 141 -14.31 67.99 10.23
C SER B 141 -13.80 66.61 10.72
N ASN B 142 -12.72 66.08 10.14
CA ASN B 142 -12.19 64.78 10.53
C ASN B 142 -10.76 64.78 11.12
N GLY B 143 -10.20 65.97 11.37
CA GLY B 143 -8.88 66.09 12.00
C GLY B 143 -7.76 65.38 11.25
N ILE B 144 -7.71 65.63 9.95
CA ILE B 144 -6.75 64.97 9.08
C ILE B 144 -5.39 65.67 9.11
N LYS B 145 -5.40 66.98 9.27
CA LYS B 145 -4.16 67.77 9.36
C LYS B 145 -3.06 67.13 10.26
N PRO B 146 -3.40 66.73 11.51
CA PRO B 146 -2.45 66.00 12.36
C PRO B 146 -1.87 64.72 11.73
N VAL B 147 -2.73 63.99 11.01
CA VAL B 147 -2.36 62.72 10.39
C VAL B 147 -1.45 62.98 9.19
N MET B 148 -1.71 64.05 8.45
CA MET B 148 -0.86 64.43 7.33
C MET B 148 0.56 64.71 7.82
N GLU B 149 0.65 65.50 8.89
CA GLU B 149 1.92 65.79 9.56
C GLU B 149 2.63 64.52 10.00
N GLN B 150 1.89 63.62 10.63
CA GLN B 150 2.42 62.31 11.07
C GLN B 150 3.12 61.54 9.95
N TYR B 151 2.63 61.66 8.71
CA TYR B 151 3.26 60.99 7.55
C TYR B 151 4.09 61.93 6.67
N GLY B 152 4.67 62.97 7.27
CA GLY B 152 5.65 63.80 6.61
C GLY B 152 5.14 64.86 5.65
N LEU B 153 3.84 65.15 5.68
CA LEU B 153 3.31 66.24 4.86
C LEU B 153 3.36 67.56 5.62
N ILE B 154 3.21 68.65 4.86
CA ILE B 154 3.17 70.01 5.38
C ILE B 154 1.84 70.62 4.95
N PRO B 155 0.81 70.56 5.82
CA PRO B 155 -0.54 71.01 5.45
C PRO B 155 -0.63 72.39 4.77
N GLU B 156 0.12 73.38 5.26
CA GLU B 156 0.16 74.71 4.63
C GLU B 156 0.39 74.58 3.13
N GLU B 157 1.56 74.06 2.77
CA GLU B 157 1.96 73.90 1.38
C GLU B 157 1.13 72.87 0.64
N ASP B 158 0.94 71.71 1.26
CA ASP B 158 0.41 70.55 0.53
C ASP B 158 -1.09 70.58 0.29
N ILE B 159 -1.87 71.10 1.23
CA ILE B 159 -3.32 71.21 1.01
C ILE B 159 -3.61 72.18 -0.13
N CYS B 160 -2.76 73.19 -0.31
CA CYS B 160 -2.83 74.06 -1.49
C CYS B 160 -2.52 73.27 -2.76
N PHE B 161 -1.41 72.53 -2.73
CA PHE B 161 -0.97 71.70 -3.85
C PHE B 161 -2.04 70.71 -4.31
N ILE B 162 -2.72 70.09 -3.35
CA ILE B 162 -3.81 69.15 -3.64
C ILE B 162 -4.98 69.89 -4.31
N LYS B 163 -5.42 71.00 -3.72
CA LYS B 163 -6.50 71.82 -4.29
C LYS B 163 -6.14 72.29 -5.68
N GLU B 164 -4.92 72.75 -5.84
CA GLU B 164 -4.44 73.22 -7.14
C GLU B 164 -4.44 72.14 -8.22
N GLN B 165 -4.10 70.90 -7.85
CA GLN B 165 -4.19 69.79 -8.81
C GLN B 165 -5.61 69.65 -9.36
N ILE B 166 -6.59 69.84 -8.48
CA ILE B 166 -8.00 69.60 -8.81
C ILE B 166 -8.59 70.70 -9.70
N VAL B 167 -8.49 71.95 -9.25
CA VAL B 167 -9.13 73.10 -9.93
C VAL B 167 -8.19 73.98 -10.74
N GLY B 168 -6.90 73.76 -10.66
CA GLY B 168 -5.92 74.68 -11.24
C GLY B 168 -5.58 75.77 -10.25
N PRO B 169 -5.00 76.89 -10.71
CA PRO B 169 -4.44 77.87 -9.77
C PRO B 169 -5.46 78.65 -8.97
N LEU B 170 -5.19 78.83 -7.68
CA LEU B 170 -6.02 79.74 -6.86
C LEU B 170 -5.69 81.24 -7.13
N LEU B 178 4.23 84.69 -15.48
CA LEU B 178 4.94 84.00 -14.45
C LEU B 178 4.27 82.71 -13.97
N TRP B 179 4.95 81.98 -13.08
CA TRP B 179 4.48 80.71 -12.55
C TRP B 179 3.26 80.86 -11.60
N PRO B 180 2.07 80.38 -12.01
CA PRO B 180 0.85 80.64 -11.24
C PRO B 180 0.61 79.81 -9.96
N TYR B 181 1.39 78.77 -9.71
CA TYR B 181 1.11 77.86 -8.59
C TYR B 181 1.91 78.24 -7.34
N LYS B 182 1.24 78.23 -6.19
CA LYS B 182 1.89 78.43 -4.90
C LYS B 182 2.21 77.10 -4.21
N GLY B 183 1.62 75.99 -4.67
CA GLY B 183 1.77 74.69 -4.02
C GLY B 183 3.12 74.02 -4.27
N ARG B 184 3.60 74.09 -5.50
CA ARG B 184 4.91 73.55 -5.87
C ARG B 184 5.64 74.49 -6.82
N PRO B 185 6.98 74.44 -6.85
CA PRO B 185 7.77 75.24 -7.78
C PRO B 185 7.72 74.74 -9.24
N GLU B 186 8.33 75.50 -10.15
CA GLU B 186 8.34 75.18 -11.59
C GLU B 186 9.04 73.88 -11.97
N ASN B 187 10.04 73.51 -11.17
CA ASN B 187 10.78 72.25 -11.38
C ASN B 187 9.98 70.99 -11.05
N LYS B 188 8.75 71.14 -10.58
CA LYS B 188 7.82 70.03 -10.41
C LYS B 188 6.44 70.33 -11.03
N SER B 189 6.43 71.03 -12.17
CA SER B 189 5.16 71.33 -12.86
C SER B 189 4.49 70.09 -13.43
N PHE B 190 5.29 69.09 -13.79
CA PHE B 190 4.78 67.81 -14.28
C PHE B 190 3.75 67.18 -13.35
N LEU B 191 3.90 67.37 -12.05
CA LEU B 191 2.92 66.84 -11.09
C LEU B 191 1.50 67.35 -11.32
N TYR B 192 1.37 68.59 -11.77
CA TYR B 192 0.05 69.18 -12.06
C TYR B 192 -0.65 68.58 -13.28
N GLU B 193 0.12 67.92 -14.14
CA GLU B 193 -0.40 67.24 -15.32
C GLU B 193 -0.93 65.80 -15.08
N ILE B 194 -0.92 65.30 -13.85
CA ILE B 194 -1.32 63.90 -13.60
C ILE B 194 -2.83 63.73 -13.41
N VAL B 195 -3.38 64.44 -12.44
CA VAL B 195 -4.77 64.23 -12.01
C VAL B 195 -5.75 64.94 -12.94
N SER B 196 -5.45 66.19 -13.27
CA SER B 196 -6.30 67.01 -14.12
C SER B 196 -5.40 67.94 -14.96
N ASN B 197 -5.19 67.54 -16.21
CA ASN B 197 -4.19 68.13 -17.11
C ASN B 197 -4.83 69.31 -17.83
N LYS B 198 -4.46 70.51 -17.39
CA LYS B 198 -5.00 71.74 -17.96
C LYS B 198 -4.43 72.03 -19.36
N ARG B 199 -3.24 71.50 -19.66
CA ARG B 199 -2.53 71.78 -20.91
C ARG B 199 -3.20 71.15 -22.12
N ASN B 200 -3.40 69.83 -22.05
CA ASN B 200 -3.93 69.04 -23.17
C ASN B 200 -5.11 68.11 -22.83
N GLY B 201 -5.35 67.86 -21.54
CA GLY B 201 -6.46 67.00 -21.14
C GLY B 201 -6.10 65.53 -20.94
N ILE B 202 -4.87 65.13 -21.25
CA ILE B 202 -4.44 63.75 -21.01
C ILE B 202 -4.13 63.59 -19.52
N ASP B 203 -5.07 63.00 -18.78
CA ASP B 203 -4.95 62.78 -17.33
C ASP B 203 -5.43 61.38 -16.93
N VAL B 204 -5.12 60.96 -15.70
CA VAL B 204 -5.53 59.63 -15.22
C VAL B 204 -7.03 59.55 -14.90
N ASP B 205 -7.68 60.70 -14.70
CA ASP B 205 -9.15 60.78 -14.58
C ASP B 205 -9.76 60.08 -15.79
N LYS B 206 -9.34 60.48 -16.98
CA LYS B 206 -9.82 59.86 -18.24
C LYS B 206 -9.51 58.38 -18.31
N TRP B 207 -8.29 58.00 -17.92
CA TRP B 207 -7.85 56.62 -18.08
C TRP B 207 -8.68 55.66 -17.26
N ASP B 208 -9.04 56.07 -16.04
CA ASP B 208 -9.88 55.22 -15.19
C ASP B 208 -11.27 55.08 -15.79
N TYR B 209 -11.94 56.20 -16.07
CA TYR B 209 -13.36 56.14 -16.48
C TYR B 209 -13.54 55.50 -17.85
N PHE B 210 -12.55 55.58 -18.74
CA PHE B 210 -12.58 54.79 -19.97
C PHE B 210 -12.72 53.33 -19.63
N ALA B 211 -11.77 52.81 -18.85
CA ALA B 211 -11.74 51.41 -18.46
C ALA B 211 -12.99 51.04 -17.66
N ARG B 212 -13.35 51.89 -16.71
CA ARG B 212 -14.44 51.62 -15.80
C ARG B 212 -15.80 51.68 -16.49
N ASP B 213 -16.06 52.78 -17.17
CA ASP B 213 -17.35 52.95 -17.84
C ASP B 213 -17.55 51.81 -18.85
N CYS B 214 -16.54 51.54 -19.67
CA CYS B 214 -16.60 50.42 -20.63
C CYS B 214 -16.95 49.07 -19.99
N HIS B 215 -16.27 48.74 -18.89
CA HIS B 215 -16.48 47.47 -18.17
C HIS B 215 -17.95 47.30 -17.80
N HIS B 216 -18.51 48.35 -17.21
CA HIS B 216 -19.90 48.36 -16.72
C HIS B 216 -20.93 48.61 -17.85
N LEU B 217 -20.60 49.42 -18.86
CA LEU B 217 -21.55 49.73 -19.95
C LEU B 217 -21.90 48.52 -20.83
N GLY B 218 -20.85 47.81 -21.23
CA GLY B 218 -20.92 46.77 -22.25
C GLY B 218 -20.38 47.28 -23.58
N ILE B 219 -19.22 47.93 -23.51
CA ILE B 219 -18.49 48.42 -24.65
C ILE B 219 -17.03 48.11 -24.37
N GLN B 220 -16.25 47.77 -25.40
CA GLN B 220 -14.82 47.51 -25.20
C GLN B 220 -14.03 48.82 -25.39
N ASN B 221 -13.01 48.96 -24.57
CA ASN B 221 -12.20 50.17 -24.51
C ASN B 221 -11.01 50.00 -25.44
N ASN B 222 -10.71 51.02 -26.24
CA ASN B 222 -9.62 50.95 -27.23
C ASN B 222 -8.36 51.74 -26.86
N PHE B 223 -8.13 51.97 -25.56
CA PHE B 223 -6.98 52.76 -25.10
C PHE B 223 -6.21 52.10 -23.97
N ASP B 224 -4.90 51.98 -24.15
CA ASP B 224 -4.02 51.27 -23.19
C ASP B 224 -3.25 52.30 -22.37
N TYR B 225 -3.75 52.57 -21.17
CA TYR B 225 -3.13 53.54 -20.27
C TYR B 225 -1.77 53.04 -19.77
N LYS B 226 -1.68 51.74 -19.51
CA LYS B 226 -0.45 51.13 -19.02
C LYS B 226 0.71 51.35 -19.97
N ARG B 227 0.43 51.23 -21.26
CA ARG B 227 1.43 51.42 -22.29
C ARG B 227 1.90 52.88 -22.34
N PHE B 228 0.96 53.81 -22.26
CA PHE B 228 1.33 55.21 -22.30
C PHE B 228 2.27 55.59 -21.15
N ILE B 229 2.01 55.00 -19.98
CA ILE B 229 2.87 55.14 -18.80
C ILE B 229 4.28 54.62 -19.06
N LYS B 230 4.42 53.47 -19.71
CA LYS B 230 5.75 52.96 -20.04
C LYS B 230 6.53 53.89 -20.97
N PHE B 231 5.82 54.65 -21.83
CA PHE B 231 6.45 55.63 -22.74
C PHE B 231 6.18 57.08 -22.37
N ALA B 232 6.05 57.33 -21.08
CA ALA B 232 5.94 58.69 -20.57
C ALA B 232 7.28 59.08 -19.96
N ARG B 233 7.55 60.38 -19.96
CA ARG B 233 8.85 60.90 -19.59
C ARG B 233 8.79 62.42 -19.41
N VAL B 234 9.54 62.93 -18.43
CA VAL B 234 9.58 64.38 -18.18
C VAL B 234 10.76 64.96 -18.95
N CYS B 235 10.49 66.06 -19.66
CA CYS B 235 11.52 66.83 -20.37
C CYS B 235 11.31 68.30 -20.11
N GLU B 236 12.34 69.10 -20.40
CA GLU B 236 12.21 70.55 -20.31
C GLU B 236 11.48 71.09 -21.53
N VAL B 237 10.47 71.93 -21.28
CA VAL B 237 9.76 72.62 -22.35
C VAL B 237 9.51 74.06 -21.87
N ASP B 238 10.15 75.03 -22.52
CA ASP B 238 9.99 76.45 -22.17
C ASP B 238 10.22 76.71 -20.69
N ASN B 239 11.42 76.36 -20.21
CA ASN B 239 11.87 76.68 -18.83
C ASN B 239 11.01 76.06 -17.73
N GLU B 240 10.53 74.84 -18.00
CA GLU B 240 9.53 74.20 -17.16
C GLU B 240 9.54 72.71 -17.48
N LEU B 241 9.50 71.87 -16.43
CA LEU B 241 9.56 70.40 -16.62
C LEU B 241 8.19 69.74 -16.78
N ARG B 242 7.86 69.28 -17.98
CA ARG B 242 6.52 68.71 -18.27
C ARG B 242 6.58 67.31 -18.85
N ILE B 243 5.49 66.57 -18.66
CA ILE B 243 5.38 65.21 -19.14
C ILE B 243 5.32 65.22 -20.66
N CYS B 244 6.06 64.31 -21.26
CA CYS B 244 6.11 64.09 -22.71
C CYS B 244 5.93 62.62 -23.03
N ALA B 245 5.28 62.34 -24.14
CA ALA B 245 5.10 60.97 -24.64
C ALA B 245 6.06 60.72 -25.78
N ARG B 246 6.30 59.45 -26.08
CA ARG B 246 7.19 59.09 -27.16
C ARG B 246 6.56 59.42 -28.51
N ASP B 247 7.38 59.85 -29.46
CA ASP B 247 6.94 60.16 -30.83
C ASP B 247 5.97 59.13 -31.46
N LYS B 248 6.25 57.83 -31.29
CA LYS B 248 5.38 56.78 -31.86
C LYS B 248 3.96 56.75 -31.27
N GLU B 249 3.81 57.14 -30.00
CA GLU B 249 2.50 57.17 -29.34
C GLU B 249 1.52 58.20 -29.88
N VAL B 250 1.98 59.15 -30.69
CA VAL B 250 1.09 60.19 -31.22
C VAL B 250 -0.20 59.61 -31.81
N GLY B 251 -0.10 58.49 -32.53
CA GLY B 251 -1.27 57.81 -33.08
C GLY B 251 -2.27 57.40 -32.03
N ASN B 252 -1.75 56.77 -30.96
CA ASN B 252 -2.59 56.30 -29.86
C ASN B 252 -3.26 57.44 -29.11
N LEU B 253 -2.59 58.59 -29.07
CA LEU B 253 -3.13 59.77 -28.42
C LEU B 253 -4.30 60.37 -29.18
N TYR B 254 -4.24 60.43 -30.51
CA TYR B 254 -5.42 60.85 -31.27
C TYR B 254 -6.56 59.85 -31.06
N ASP B 255 -6.21 58.57 -30.98
CA ASP B 255 -7.17 57.48 -30.72
C ASP B 255 -7.75 57.55 -29.30
N MET B 256 -7.02 58.10 -28.35
CA MET B 256 -7.55 58.36 -27.00
C MET B 256 -8.73 59.33 -27.08
N PHE B 257 -8.56 60.47 -27.73
CA PHE B 257 -9.63 61.46 -27.84
C PHE B 257 -10.77 61.00 -28.77
N HIS B 258 -10.46 60.12 -29.74
CA HIS B 258 -11.51 59.47 -30.54
C HIS B 258 -12.36 58.56 -29.66
N THR B 259 -11.71 57.73 -28.87
CA THR B 259 -12.38 56.86 -27.90
C THR B 259 -13.27 57.69 -26.97
N ARG B 260 -12.76 58.84 -26.50
CA ARG B 260 -13.56 59.73 -25.65
C ARG B 260 -14.85 60.18 -26.35
N ASN B 261 -14.67 60.75 -27.54
CA ASN B 261 -15.79 61.25 -28.34
C ASN B 261 -16.77 60.13 -28.68
N SER B 262 -16.24 58.96 -28.99
CA SER B 262 -17.06 57.78 -29.28
C SER B 262 -17.93 57.38 -28.09
N LEU B 263 -17.36 57.37 -26.88
CA LEU B 263 -18.12 57.06 -25.65
C LEU B 263 -19.21 58.07 -25.34
N HIS B 264 -18.95 59.34 -25.64
CA HIS B 264 -19.97 60.37 -25.53
C HIS B 264 -21.11 60.13 -26.50
N ARG B 265 -20.76 59.80 -27.75
CA ARG B 265 -21.77 59.55 -28.78
C ARG B 265 -22.64 58.35 -28.42
N ARG B 266 -22.00 57.23 -28.08
CA ARG B 266 -22.75 55.99 -27.83
C ARG B 266 -23.49 55.99 -26.49
N ALA B 267 -22.84 56.52 -25.45
CA ALA B 267 -23.31 56.36 -24.08
C ALA B 267 -23.71 57.65 -23.38
N TYR B 268 -22.73 58.50 -23.10
CA TYR B 268 -22.93 59.60 -22.14
C TYR B 268 -23.99 60.61 -22.62
N GLN B 269 -23.98 60.87 -23.93
CA GLN B 269 -24.96 61.72 -24.59
C GLN B 269 -26.03 60.92 -25.36
N HIS B 270 -26.33 59.71 -24.90
CA HIS B 270 -27.36 58.90 -25.54
C HIS B 270 -28.71 59.61 -25.48
N LYS B 271 -29.41 59.64 -26.60
CA LYS B 271 -30.63 60.46 -26.78
C LYS B 271 -31.68 60.28 -25.66
N VAL B 272 -31.84 59.05 -25.20
CA VAL B 272 -32.76 58.71 -24.10
C VAL B 272 -32.11 58.98 -22.74
N GLY B 273 -30.82 58.70 -22.63
CA GLY B 273 -30.08 58.99 -21.39
C GLY B 273 -30.18 60.46 -21.04
N ASN B 274 -30.01 61.29 -22.06
CA ASN B 274 -30.16 62.74 -21.93
C ASN B 274 -31.58 63.20 -21.64
N ILE B 275 -32.59 62.54 -22.22
CA ILE B 275 -33.97 62.94 -21.94
C ILE B 275 -34.35 62.57 -20.50
N ILE B 276 -33.81 61.46 -20.00
CA ILE B 276 -34.01 61.08 -18.62
C ILE B 276 -33.31 62.06 -17.65
N ASP B 277 -32.08 62.44 -17.99
CA ASP B 277 -31.36 63.50 -17.28
C ASP B 277 -32.24 64.78 -17.21
N THR B 278 -32.76 65.26 -18.35
CA THR B 278 -33.60 66.48 -18.38
C THR B 278 -34.87 66.32 -17.55
N MET B 279 -35.44 65.11 -17.56
CA MET B 279 -36.65 64.79 -16.79
C MET B 279 -36.38 64.77 -15.30
N ILE B 280 -35.27 64.19 -14.89
CA ILE B 280 -34.86 64.21 -13.48
C ILE B 280 -34.56 65.64 -13.04
N THR B 281 -33.82 66.38 -13.86
CA THR B 281 -33.56 67.81 -13.64
C THR B 281 -34.86 68.60 -13.46
N ASP B 282 -35.81 68.35 -14.36
CA ASP B 282 -37.14 68.98 -14.33
C ASP B 282 -37.81 68.72 -12.97
N ALA B 283 -37.80 67.47 -12.53
CA ALA B 283 -38.39 67.06 -11.26
C ALA B 283 -37.70 67.73 -10.06
N PHE B 284 -36.38 67.87 -10.13
CA PHE B 284 -35.62 68.55 -9.08
C PHE B 284 -36.01 70.00 -9.00
N LEU B 285 -36.13 70.65 -10.16
CA LEU B 285 -36.54 72.05 -10.19
C LEU B 285 -37.91 72.26 -9.51
N LYS B 286 -38.85 71.36 -9.77
CA LYS B 286 -40.18 71.45 -9.17
C LYS B 286 -40.18 71.09 -7.69
N ALA B 287 -39.28 70.22 -7.28
CA ALA B 287 -39.15 69.84 -5.87
C ALA B 287 -38.28 70.80 -5.03
N ASP B 288 -37.51 71.67 -5.68
CA ASP B 288 -36.46 72.45 -4.99
C ASP B 288 -36.96 73.27 -3.83
N ASP B 289 -38.08 73.94 -4.04
CA ASP B 289 -38.69 74.83 -3.05
C ASP B 289 -39.11 74.14 -1.77
N TYR B 290 -39.52 72.88 -1.86
CA TYR B 290 -40.13 72.18 -0.72
C TYR B 290 -39.24 71.13 -0.05
N ILE B 291 -37.99 70.99 -0.50
CA ILE B 291 -37.05 70.08 0.17
C ILE B 291 -36.04 70.90 0.96
N GLU B 292 -35.95 70.57 2.23
CA GLU B 292 -35.00 71.18 3.16
C GLU B 292 -33.89 70.17 3.46
N ILE B 293 -32.66 70.66 3.59
CA ILE B 293 -31.52 69.86 4.03
C ILE B 293 -30.80 70.62 5.13
N THR B 294 -30.59 69.93 6.26
CA THR B 294 -29.95 70.52 7.42
C THR B 294 -28.47 70.74 7.12
N GLY B 295 -28.01 71.97 7.35
CA GLY B 295 -26.62 72.31 7.12
C GLY B 295 -25.89 72.65 8.40
N ALA B 296 -24.89 73.54 8.27
CA ALA B 296 -24.02 73.92 9.37
C ALA B 296 -24.78 74.84 10.31
N GLY B 297 -24.68 74.51 11.60
CA GLY B 297 -25.43 75.21 12.64
C GLY B 297 -26.93 75.04 12.51
N GLY B 298 -27.37 73.99 11.81
CA GLY B 298 -28.77 73.76 11.56
C GLY B 298 -29.48 74.60 10.50
N LYS B 299 -28.79 75.49 9.78
CA LYS B 299 -29.45 76.34 8.78
C LYS B 299 -30.10 75.45 7.69
N LYS B 300 -31.27 75.87 7.18
CA LYS B 300 -31.99 75.10 6.17
C LYS B 300 -31.50 75.45 4.77
N TYR B 301 -31.10 74.44 3.99
CA TYR B 301 -30.69 74.63 2.61
C TYR B 301 -31.57 73.84 1.65
N ARG B 302 -31.78 74.39 0.45
CA ARG B 302 -32.53 73.72 -0.62
C ARG B 302 -31.55 72.94 -1.49
N ILE B 303 -32.08 72.18 -2.44
CA ILE B 303 -31.23 71.36 -3.31
C ILE B 303 -30.24 72.26 -4.03
N SER B 304 -30.75 73.34 -4.61
CA SER B 304 -29.93 74.29 -5.36
C SER B 304 -28.91 75.08 -4.51
N THR B 305 -29.21 75.29 -3.24
CA THR B 305 -28.33 76.08 -2.34
C THR B 305 -27.42 75.25 -1.44
N ALA B 306 -27.58 73.93 -1.44
CA ALA B 306 -26.72 73.05 -0.65
C ALA B 306 -25.27 73.17 -1.05
N ILE B 307 -24.99 73.49 -2.32
CA ILE B 307 -23.62 73.72 -2.80
C ILE B 307 -22.87 74.83 -2.05
N ASP B 308 -23.60 75.75 -1.42
CA ASP B 308 -22.97 76.82 -0.65
C ASP B 308 -22.39 76.34 0.68
N ASP B 309 -23.05 75.36 1.29
CA ASP B 309 -22.57 74.76 2.54
C ASP B 309 -22.25 73.28 2.34
N MET B 310 -21.07 72.86 2.79
CA MET B 310 -20.60 71.49 2.59
C MET B 310 -21.18 70.48 3.57
N GLU B 311 -21.54 70.91 4.77
CA GLU B 311 -22.15 70.01 5.72
C GLU B 311 -23.52 69.55 5.22
N ALA B 312 -24.24 70.47 4.55
CA ALA B 312 -25.51 70.15 3.92
C ALA B 312 -25.29 69.25 2.68
N TYR B 313 -24.41 69.69 1.80
CA TYR B 313 -24.07 69.00 0.54
C TYR B 313 -23.60 67.56 0.73
N THR B 314 -22.97 67.30 1.88
CA THR B 314 -22.62 65.94 2.32
C THR B 314 -23.82 64.98 2.28
N LYS B 315 -24.99 65.48 2.68
CA LYS B 315 -26.21 64.67 2.68
C LYS B 315 -27.00 64.68 1.36
N LEU B 316 -26.49 65.38 0.34
CA LEU B 316 -27.17 65.51 -0.95
C LEU B 316 -26.60 64.54 -1.97
N THR B 317 -27.34 63.47 -2.23
CA THR B 317 -26.90 62.38 -3.10
C THR B 317 -28.06 61.97 -4.02
N ASP B 318 -27.86 60.91 -4.81
CA ASP B 318 -28.93 60.29 -5.63
C ASP B 318 -30.18 59.91 -4.82
N ASN B 319 -30.02 59.67 -3.52
CA ASN B 319 -31.15 59.53 -2.58
C ASN B 319 -32.31 60.46 -2.84
N ILE B 320 -31.98 61.69 -3.19
CA ILE B 320 -32.97 62.73 -3.38
C ILE B 320 -34.02 62.36 -4.45
N PHE B 321 -33.61 61.55 -5.42
CA PHE B 321 -34.51 60.92 -6.40
C PHE B 321 -35.60 60.09 -5.72
N LEU B 322 -35.17 59.10 -4.93
CA LEU B 322 -36.09 58.20 -4.24
C LEU B 322 -36.88 58.88 -3.15
N GLU B 323 -36.28 59.89 -2.52
CA GLU B 323 -36.96 60.69 -1.52
C GLU B 323 -38.19 61.32 -2.18
N ILE B 324 -38.00 61.94 -3.36
CA ILE B 324 -39.10 62.53 -4.13
C ILE B 324 -40.11 61.49 -4.58
N LEU B 325 -39.62 60.36 -5.08
CA LEU B 325 -40.48 59.30 -5.61
C LEU B 325 -41.39 58.73 -4.54
N TYR B 326 -40.80 58.39 -3.39
CA TYR B 326 -41.55 57.77 -2.31
C TYR B 326 -42.41 58.72 -1.48
N SER B 327 -42.23 60.04 -1.61
CA SER B 327 -42.93 61.01 -0.75
C SER B 327 -44.45 61.01 -0.97
N THR B 328 -45.14 61.49 0.07
CA THR B 328 -46.59 61.73 0.03
C THR B 328 -46.96 63.21 0.25
N ASP B 329 -45.97 64.08 0.48
CA ASP B 329 -46.21 65.51 0.57
C ASP B 329 -46.86 65.99 -0.73
N PRO B 330 -48.06 66.58 -0.66
CA PRO B 330 -48.69 67.09 -1.88
C PRO B 330 -47.98 68.27 -2.56
N LYS B 331 -47.13 69.00 -1.82
CA LYS B 331 -46.28 70.05 -2.41
C LYS B 331 -45.33 69.48 -3.46
N LEU B 332 -44.94 68.21 -3.27
CA LEU B 332 -44.06 67.49 -4.20
C LEU B 332 -44.78 66.69 -5.31
N LYS B 333 -46.10 66.84 -5.44
CA LYS B 333 -46.85 66.02 -6.40
C LYS B 333 -46.42 66.24 -7.84
N ASP B 334 -46.16 67.48 -8.22
CA ASP B 334 -45.65 67.80 -9.57
C ASP B 334 -44.32 67.07 -9.86
N ALA B 335 -43.38 67.15 -8.92
CA ALA B 335 -42.08 66.50 -9.07
C ALA B 335 -42.20 64.98 -9.09
N ARG B 336 -42.93 64.43 -8.14
CA ARG B 336 -43.18 62.98 -8.04
C ARG B 336 -43.82 62.39 -9.29
N GLU B 337 -44.69 63.16 -9.95
CA GLU B 337 -45.34 62.68 -11.17
C GLU B 337 -44.36 62.54 -12.33
N ILE B 338 -43.41 63.45 -12.44
CA ILE B 338 -42.38 63.33 -13.49
C ILE B 338 -41.57 62.05 -13.27
N LEU B 339 -41.15 61.81 -12.03
CA LEU B 339 -40.35 60.63 -11.71
C LEU B 339 -41.12 59.33 -11.89
N LYS B 340 -42.41 59.33 -11.56
CA LYS B 340 -43.27 58.16 -11.82
C LYS B 340 -43.37 57.89 -13.33
N GLN B 341 -43.42 58.94 -14.14
CA GLN B 341 -43.41 58.80 -15.61
C GLN B 341 -42.13 58.15 -16.16
N ILE B 342 -41.02 58.25 -15.43
CA ILE B 342 -39.77 57.55 -15.80
C ILE B 342 -39.80 56.05 -15.50
N GLU B 343 -40.43 55.69 -14.39
CA GLU B 343 -40.61 54.28 -14.05
C GLU B 343 -41.44 53.60 -15.12
N TYR B 344 -42.62 54.17 -15.37
CA TYR B 344 -43.58 53.68 -16.40
C TYR B 344 -43.07 53.84 -17.83
N ARG B 345 -42.08 54.69 -18.04
CA ARG B 345 -41.39 54.86 -19.32
C ARG B 345 -42.20 55.70 -20.32
N ASN B 346 -42.98 56.66 -19.81
CA ASN B 346 -43.64 57.70 -20.64
C ASN B 346 -42.74 58.89 -20.72
N LEU B 347 -41.67 58.71 -21.48
CA LEU B 347 -40.64 59.72 -21.61
C LEU B 347 -41.07 60.62 -22.74
N PHE B 348 -40.51 61.81 -22.73
CA PHE B 348 -40.71 62.77 -23.82
C PHE B 348 -40.09 62.15 -25.06
N LYS B 349 -40.79 62.23 -26.18
CA LYS B 349 -40.37 61.47 -27.39
C LYS B 349 -39.34 62.20 -28.24
N TYR B 350 -38.32 61.45 -28.66
CA TYR B 350 -37.25 61.93 -29.52
C TYR B 350 -37.81 62.16 -30.91
N VAL B 351 -37.56 63.33 -31.48
CA VAL B 351 -38.01 63.68 -32.81
C VAL B 351 -36.90 63.46 -33.85
N GLY B 352 -35.71 63.97 -33.53
CA GLY B 352 -34.56 63.83 -34.42
C GLY B 352 -33.38 64.67 -33.95
N GLU B 353 -32.28 64.55 -34.68
CA GLU B 353 -31.02 65.21 -34.37
C GLU B 353 -30.57 66.01 -35.60
N THR B 354 -29.84 67.10 -35.37
CA THR B 354 -29.27 67.89 -36.46
C THR B 354 -28.04 68.68 -36.00
N GLN B 355 -27.28 69.19 -36.96
CA GLN B 355 -26.11 70.03 -36.71
C GLN B 355 -26.20 71.33 -37.49
N PRO B 356 -25.57 72.42 -36.98
CA PRO B 356 -25.40 73.59 -37.82
C PRO B 356 -24.41 73.38 -38.96
N THR B 357 -24.39 74.30 -39.91
CA THR B 357 -23.48 74.25 -41.05
C THR B 357 -22.64 75.51 -41.14
N GLY B 358 -21.61 75.45 -41.98
CA GLY B 358 -20.61 76.51 -42.06
C GLY B 358 -19.80 76.52 -40.78
N GLN B 359 -19.62 77.70 -40.21
CA GLN B 359 -19.09 77.86 -38.85
C GLN B 359 -20.11 78.69 -38.05
N ILE B 360 -21.37 78.22 -38.02
CA ILE B 360 -22.47 78.85 -37.22
C ILE B 360 -22.54 78.24 -35.80
N LYS B 361 -21.83 78.80 -34.83
CA LYS B 361 -21.89 78.30 -33.44
C LYS B 361 -23.13 78.84 -32.74
N ILE B 362 -23.92 77.98 -32.09
CA ILE B 362 -25.09 78.40 -31.29
C ILE B 362 -24.66 78.76 -29.87
N LYS B 363 -24.74 80.03 -29.52
CA LYS B 363 -24.33 80.51 -28.20
C LYS B 363 -25.29 80.02 -27.10
N ARG B 364 -24.77 79.89 -25.88
CA ARG B 364 -25.52 79.34 -24.74
C ARG B 364 -26.73 80.18 -24.34
N GLU B 365 -26.52 81.50 -24.31
CA GLU B 365 -27.60 82.50 -24.26
C GLU B 365 -28.89 82.14 -25.03
N ASP B 366 -28.75 81.66 -26.27
CA ASP B 366 -29.89 81.41 -27.16
C ASP B 366 -30.66 80.10 -26.90
N TYR B 367 -30.12 79.25 -26.03
CA TYR B 367 -30.73 77.95 -25.71
C TYR B 367 -32.19 78.09 -25.27
N GLU B 368 -32.45 79.05 -24.37
CA GLU B 368 -33.80 79.38 -23.92
C GLU B 368 -34.79 79.54 -25.07
N SER B 369 -34.38 80.23 -26.13
CA SER B 369 -35.28 80.62 -27.23
C SER B 369 -35.62 79.57 -28.30
N LEU B 370 -34.88 78.46 -28.35
CA LEU B 370 -34.98 77.53 -29.47
C LEU B 370 -36.30 76.76 -29.60
N PRO B 371 -36.95 76.40 -28.46
CA PRO B 371 -38.30 75.82 -28.54
C PRO B 371 -39.32 76.73 -29.24
N LYS B 372 -39.27 78.02 -28.92
CA LYS B 372 -40.06 79.05 -29.61
C LYS B 372 -39.87 78.97 -31.12
N GLU B 373 -38.62 78.89 -31.57
CA GLU B 373 -38.30 78.84 -32.99
C GLU B 373 -38.87 77.63 -33.73
N VAL B 374 -38.89 76.47 -33.06
CA VAL B 374 -39.38 75.23 -33.67
C VAL B 374 -40.89 75.30 -33.89
N ALA B 375 -41.62 75.71 -32.86
CA ALA B 375 -43.06 75.93 -32.99
C ALA B 375 -43.38 77.00 -34.05
N SER B 376 -42.52 78.02 -34.12
CA SER B 376 -42.70 79.14 -35.06
C SER B 376 -42.58 78.77 -36.54
N ALA B 377 -41.90 77.66 -36.85
CA ALA B 377 -41.79 77.22 -38.24
C ALA B 377 -43.17 76.96 -38.84
N LYS B 378 -43.33 77.34 -40.10
CA LYS B 378 -44.59 77.18 -40.81
C LYS B 378 -44.32 76.16 -41.91
N PRO B 379 -44.50 74.87 -41.60
CA PRO B 379 -44.31 73.83 -42.62
C PRO B 379 -45.46 73.79 -43.59
N LYS B 380 -45.17 73.76 -44.89
CA LYS B 380 -46.21 73.74 -45.94
C LYS B 380 -46.85 72.33 -46.05
N VAL B 381 -47.45 71.88 -44.95
CA VAL B 381 -48.08 70.54 -44.83
C VAL B 381 -49.27 70.63 -43.92
N LEU B 382 -50.35 69.96 -44.27
CA LEU B 382 -51.60 70.02 -43.45
C LEU B 382 -51.41 69.22 -42.18
N LEU B 383 -51.53 69.90 -41.03
CA LEU B 383 -51.36 69.32 -39.72
C LEU B 383 -52.70 69.10 -39.04
N ASP B 384 -52.81 68.01 -38.26
CA ASP B 384 -53.97 67.74 -37.40
C ASP B 384 -53.99 68.64 -36.19
N VAL B 385 -52.80 68.89 -35.63
CA VAL B 385 -52.62 69.60 -34.36
C VAL B 385 -51.61 70.74 -34.55
N LYS B 386 -51.85 71.89 -33.94
CA LYS B 386 -50.82 72.93 -33.79
C LYS B 386 -50.17 72.72 -32.43
N LEU B 387 -48.86 72.93 -32.34
CA LEU B 387 -48.10 72.71 -31.09
C LEU B 387 -47.46 74.00 -30.60
N LYS B 388 -47.57 74.26 -29.29
CA LYS B 388 -46.99 75.46 -28.65
C LYS B 388 -45.51 75.21 -28.34
N ALA B 389 -44.78 76.28 -28.03
CA ALA B 389 -43.32 76.19 -27.80
C ALA B 389 -42.93 75.43 -26.53
N GLU B 390 -43.78 75.52 -25.50
CA GLU B 390 -43.64 74.74 -24.28
C GLU B 390 -43.68 73.21 -24.50
N ASP B 391 -44.32 72.77 -25.58
CA ASP B 391 -44.37 71.35 -25.94
C ASP B 391 -43.03 70.78 -26.40
N PHE B 392 -42.12 71.64 -26.87
CA PHE B 392 -40.82 71.21 -27.40
C PHE B 392 -39.69 71.35 -26.36
N ILE B 393 -38.73 70.42 -26.43
CA ILE B 393 -37.45 70.52 -25.74
C ILE B 393 -36.36 70.44 -26.78
N VAL B 394 -35.43 71.39 -26.73
CA VAL B 394 -34.26 71.38 -27.60
C VAL B 394 -33.05 71.27 -26.71
N ASP B 395 -32.21 70.28 -27.01
CA ASP B 395 -31.08 69.91 -26.17
C ASP B 395 -29.84 70.12 -27.04
N VAL B 396 -29.02 71.11 -26.70
CA VAL B 396 -27.82 71.39 -27.48
C VAL B 396 -26.62 70.82 -26.77
N ILE B 397 -25.77 70.13 -27.54
CA ILE B 397 -24.64 69.36 -27.01
C ILE B 397 -23.37 69.69 -27.77
N ASN B 398 -22.33 70.07 -27.02
CA ASN B 398 -21.03 70.38 -27.60
C ASN B 398 -20.11 69.16 -27.49
N MET B 399 -19.81 68.55 -28.64
CA MET B 399 -18.85 67.46 -28.73
C MET B 399 -17.52 68.04 -29.16
N ASP B 400 -16.47 67.80 -28.38
CA ASP B 400 -15.13 68.31 -28.72
C ASP B 400 -14.05 67.33 -28.31
N TYR B 401 -12.80 67.73 -28.55
CA TYR B 401 -11.62 67.00 -28.09
C TYR B 401 -11.05 67.60 -26.80
N GLY B 402 -11.93 68.13 -25.97
CA GLY B 402 -11.55 68.59 -24.63
C GLY B 402 -10.99 69.99 -24.56
N MET B 403 -10.78 70.65 -25.70
CA MET B 403 -10.24 72.02 -25.71
C MET B 403 -10.98 72.82 -26.74
N GLN B 404 -12.30 72.79 -26.62
CA GLN B 404 -13.20 73.46 -27.54
C GLN B 404 -12.71 73.22 -28.96
N GLU B 405 -12.40 74.26 -29.72
CA GLU B 405 -12.10 74.11 -31.14
C GLU B 405 -10.68 73.64 -31.43
N LYS B 406 -9.84 73.56 -30.40
CA LYS B 406 -8.43 73.21 -30.56
C LYS B 406 -8.17 71.71 -30.63
N ASN B 407 -7.06 71.38 -31.32
CA ASN B 407 -6.51 70.03 -31.40
C ASN B 407 -5.61 69.89 -30.17
N PRO B 408 -5.96 69.00 -29.23
CA PRO B 408 -5.14 68.88 -28.03
C PRO B 408 -3.75 68.29 -28.27
N ILE B 409 -3.57 67.55 -29.36
CA ILE B 409 -2.27 66.99 -29.72
C ILE B 409 -1.25 68.06 -30.09
N ASP B 410 -1.73 69.19 -30.61
CA ASP B 410 -0.87 70.36 -30.82
C ASP B 410 -0.37 70.96 -29.49
N HIS B 411 -1.02 70.62 -28.38
CA HIS B 411 -0.52 70.94 -27.04
C HIS B 411 0.06 69.73 -26.27
N VAL B 412 0.67 68.77 -26.98
CA VAL B 412 1.41 67.66 -26.36
C VAL B 412 2.86 67.76 -26.78
N SER B 413 3.77 67.48 -25.84
CA SER B 413 5.19 67.43 -26.12
C SER B 413 5.64 65.97 -26.29
N PHE B 414 6.57 65.76 -27.23
CA PHE B 414 7.04 64.44 -27.59
C PHE B 414 8.57 64.28 -27.47
N TYR B 415 9.05 63.04 -27.40
CA TYR B 415 10.49 62.76 -27.43
C TYR B 415 10.83 61.61 -28.37
N CYS B 416 12.09 61.52 -28.80
CA CYS B 416 12.55 60.46 -29.69
C CYS B 416 13.47 59.48 -29.00
N LYS B 417 13.55 58.27 -29.53
CA LYS B 417 14.42 57.23 -28.97
C LYS B 417 15.88 57.70 -28.96
N THR B 418 16.26 58.32 -30.07
CA THR B 418 17.61 58.84 -30.25
C THR B 418 17.98 60.03 -29.36
N ALA B 419 17.00 60.80 -28.88
CA ALA B 419 17.23 61.98 -28.01
C ALA B 419 16.11 62.14 -26.99
N PRO B 420 16.14 61.32 -25.92
CA PRO B 420 15.03 61.25 -25.01
C PRO B 420 14.86 62.44 -24.07
N ASN B 421 15.83 63.34 -24.01
CA ASN B 421 15.67 64.57 -23.25
C ASN B 421 15.22 65.74 -24.08
N ARG B 422 15.26 65.59 -25.40
CA ARG B 422 14.86 66.66 -26.31
C ARG B 422 13.40 66.55 -26.69
N ALA B 423 12.61 67.50 -26.19
CA ALA B 423 11.20 67.62 -26.47
C ALA B 423 10.95 68.23 -27.83
N ILE B 424 9.87 67.81 -28.47
CA ILE B 424 9.49 68.27 -29.81
C ILE B 424 7.98 68.35 -29.96
N ARG B 425 7.52 68.88 -31.08
CA ARG B 425 6.09 68.95 -31.44
C ARG B 425 5.81 68.13 -32.68
N ILE B 426 4.63 67.52 -32.74
CA ILE B 426 4.20 66.77 -33.92
C ILE B 426 2.86 67.39 -34.37
N THR B 427 2.82 67.93 -35.58
CA THR B 427 1.60 68.55 -36.13
C THR B 427 0.63 67.48 -36.58
N LYS B 428 -0.54 67.89 -37.04
CA LYS B 428 -1.50 66.95 -37.59
C LYS B 428 -1.01 66.32 -38.89
N ASN B 429 -0.40 67.14 -39.76
CA ASN B 429 0.05 66.69 -41.09
C ASN B 429 1.13 65.65 -41.05
N GLN B 430 1.95 65.70 -40.01
CA GLN B 430 3.03 64.75 -39.80
C GLN B 430 2.53 63.34 -39.44
N VAL B 431 1.28 63.22 -39.01
CA VAL B 431 0.72 61.94 -38.56
C VAL B 431 -0.11 61.23 -39.64
N SER B 432 -1.21 61.86 -40.07
CA SER B 432 -2.15 61.22 -40.99
C SER B 432 -3.12 62.19 -41.68
N GLN B 433 -3.50 61.83 -42.90
CA GLN B 433 -4.54 62.54 -43.66
C GLN B 433 -5.97 62.07 -43.30
N LEU B 434 -6.09 60.95 -42.55
CA LEU B 434 -7.38 60.42 -42.16
C LEU B 434 -7.87 60.89 -40.80
N LEU B 435 -7.18 61.86 -40.20
CA LEU B 435 -7.61 62.42 -38.93
C LEU B 435 -8.77 63.39 -39.12
N PRO B 436 -9.41 63.81 -38.01
CA PRO B 436 -10.51 64.76 -38.12
C PRO B 436 -10.11 66.10 -38.72
N GLU B 437 -11.03 66.70 -39.46
CA GLU B 437 -10.82 68.02 -40.06
C GLU B 437 -11.02 69.08 -38.99
N LYS B 438 -12.13 68.98 -38.26
CA LYS B 438 -12.42 69.84 -37.12
C LYS B 438 -12.26 69.05 -35.81
N PHE B 439 -12.25 69.76 -34.68
CA PHE B 439 -12.16 69.14 -33.35
C PHE B 439 -13.25 69.59 -32.38
N ALA B 440 -14.34 70.10 -32.93
CA ALA B 440 -15.52 70.49 -32.15
C ALA B 440 -16.72 70.66 -33.07
N GLU B 441 -17.90 70.34 -32.54
CA GLU B 441 -19.15 70.49 -33.28
C GLU B 441 -20.28 70.59 -32.28
N GLN B 442 -21.48 70.83 -32.81
CA GLN B 442 -22.68 70.89 -31.99
C GLN B 442 -23.71 69.88 -32.49
N LEU B 443 -24.39 69.25 -31.53
CA LEU B 443 -25.51 68.37 -31.81
C LEU B 443 -26.76 68.95 -31.19
N ILE B 444 -27.82 69.00 -31.98
CA ILE B 444 -29.09 69.55 -31.55
C ILE B 444 -30.11 68.43 -31.63
N ARG B 445 -30.56 67.97 -30.47
CA ARG B 445 -31.65 67.01 -30.36
C ARG B 445 -32.93 67.75 -30.03
N VAL B 446 -34.01 67.35 -30.67
CA VAL B 446 -35.33 67.91 -30.43
C VAL B 446 -36.23 66.78 -29.93
N TYR B 447 -36.93 67.04 -28.83
CA TYR B 447 -37.92 66.11 -28.30
C TYR B 447 -39.26 66.83 -28.14
N CYS B 448 -40.34 66.05 -28.07
CA CYS B 448 -41.71 66.59 -27.92
C CYS B 448 -42.36 66.01 -26.67
N LYS B 449 -42.95 66.90 -25.86
CA LYS B 449 -43.60 66.51 -24.59
C LYS B 449 -44.89 65.72 -24.81
N LYS B 450 -45.57 65.98 -25.92
CA LYS B 450 -46.79 65.26 -26.26
C LYS B 450 -46.45 63.97 -27.01
N VAL B 451 -46.88 62.85 -26.40
CA VAL B 451 -46.46 61.50 -26.80
C VAL B 451 -47.27 60.91 -27.96
N ASP B 452 -48.55 61.28 -28.07
CA ASP B 452 -49.54 60.65 -29.01
C ASP B 452 -49.18 60.65 -30.49
N ARG B 453 -49.84 59.74 -31.23
CA ARG B 453 -49.57 59.52 -32.67
C ARG B 453 -49.69 60.80 -33.48
N LYS B 454 -50.75 61.58 -33.23
CA LYS B 454 -51.03 62.83 -33.97
C LYS B 454 -49.98 63.92 -33.72
N SER B 455 -49.61 64.12 -32.47
CA SER B 455 -48.67 65.20 -32.07
C SER B 455 -47.23 64.91 -32.47
N LEU B 456 -46.86 63.65 -32.48
CA LEU B 456 -45.53 63.24 -32.92
C LEU B 456 -45.31 63.51 -34.41
N TYR B 457 -46.32 63.19 -35.23
CA TYR B 457 -46.25 63.51 -36.68
C TYR B 457 -46.05 65.00 -36.88
N ALA B 458 -46.82 65.80 -36.16
CA ALA B 458 -46.74 67.26 -36.23
C ALA B 458 -45.35 67.72 -35.85
N ALA B 459 -44.88 67.28 -34.70
CA ALA B 459 -43.55 67.65 -34.18
C ALA B 459 -42.47 67.42 -35.23
N ARG B 460 -42.53 66.26 -35.89
CA ARG B 460 -41.60 65.91 -36.97
C ARG B 460 -41.61 66.92 -38.11
N GLN B 461 -42.80 67.38 -38.49
CA GLN B 461 -42.93 68.36 -39.56
C GLN B 461 -42.34 69.72 -39.13
N TYR B 462 -42.65 70.16 -37.92
CA TYR B 462 -42.05 71.38 -37.34
C TYR B 462 -40.51 71.31 -37.34
N PHE B 463 -39.99 70.19 -36.85
CA PHE B 463 -38.55 70.00 -36.71
C PHE B 463 -37.82 70.04 -38.06
N VAL B 464 -38.28 69.22 -39.01
CA VAL B 464 -37.59 69.10 -40.31
C VAL B 464 -37.66 70.41 -41.09
N GLN B 465 -38.72 71.18 -40.85
CA GLN B 465 -38.85 72.52 -41.43
C GLN B 465 -37.84 73.46 -40.78
N TRP B 466 -37.88 73.51 -39.45
CA TRP B 466 -36.94 74.32 -38.66
C TRP B 466 -35.48 74.10 -39.09
N CYS B 467 -35.14 72.85 -39.43
CA CYS B 467 -33.81 72.51 -39.96
C CYS B 467 -33.54 73.19 -41.30
N ALA B 468 -34.48 73.09 -42.23
CA ALA B 468 -34.37 73.78 -43.54
C ALA B 468 -34.36 75.31 -43.35
N ASP B 469 -35.18 75.80 -42.41
CA ASP B 469 -35.28 77.24 -42.08
C ASP B 469 -33.96 77.85 -41.63
N ARG B 470 -33.15 77.11 -40.86
CA ARG B 470 -31.89 77.64 -40.34
C ARG B 470 -30.63 77.14 -41.04
N ASN B 471 -30.82 76.48 -42.18
CA ASN B 471 -29.74 75.90 -42.97
C ASN B 471 -28.89 74.93 -42.13
N PHE B 472 -29.58 74.05 -41.41
CA PHE B 472 -28.97 72.94 -40.68
C PHE B 472 -28.93 71.68 -41.55
N THR B 473 -28.22 70.67 -41.08
CA THR B 473 -28.09 69.41 -41.81
C THR B 473 -29.42 68.69 -41.85
N LYS B 474 -29.64 67.94 -42.92
CA LYS B 474 -30.84 67.14 -43.07
C LYS B 474 -30.80 66.03 -42.03
N PRO B 475 -31.88 65.87 -41.24
CA PRO B 475 -31.95 64.71 -40.36
C PRO B 475 -31.73 63.41 -41.13
N GLN B 476 -31.01 62.47 -40.53
CA GLN B 476 -30.65 61.20 -41.17
C GLN B 476 -31.91 60.46 -41.64
N ASP B 477 -32.92 60.44 -40.78
CA ASP B 477 -34.24 59.87 -41.08
C ASP B 477 -35.22 60.82 -41.78
N GLY B 478 -34.70 61.92 -42.35
CA GLY B 478 -35.53 63.06 -42.73
C GLY B 478 -36.52 62.79 -43.83
N ASP B 479 -36.08 62.05 -44.84
CA ASP B 479 -36.95 61.68 -45.97
C ASP B 479 -38.11 60.79 -45.55
N VAL B 480 -37.90 60.01 -44.49
CA VAL B 480 -38.95 59.12 -43.97
C VAL B 480 -39.97 59.91 -43.15
N ILE B 481 -39.50 60.59 -42.10
CA ILE B 481 -40.38 61.24 -41.12
C ILE B 481 -41.18 62.42 -41.67
N ALA B 482 -40.58 63.17 -42.59
CA ALA B 482 -41.22 64.37 -43.16
C ALA B 482 -40.97 64.39 -44.67
N PRO B 483 -41.63 63.48 -45.40
CA PRO B 483 -41.34 63.27 -46.81
C PRO B 483 -41.77 64.44 -47.68
N LEU B 484 -42.76 65.20 -47.20
CA LEU B 484 -43.29 66.33 -47.91
C LEU B 484 -42.38 67.56 -47.81
N ILE B 485 -41.52 67.61 -46.78
CA ILE B 485 -40.70 68.80 -46.48
C ILE B 485 -39.27 68.76 -47.05
N THR B 486 -38.66 67.59 -47.11
CA THR B 486 -37.26 67.46 -47.56
C THR B 486 -36.97 67.85 -49.03
N PRO B 487 -37.92 67.64 -49.97
CA PRO B 487 -37.66 68.16 -51.32
C PRO B 487 -37.61 69.69 -51.41
N GLN B 488 -38.33 70.38 -50.53
CA GLN B 488 -38.29 71.85 -50.43
C GLN B 488 -36.87 72.45 -50.48
N LYS B 489 -35.94 71.87 -49.72
CA LYS B 489 -34.58 72.43 -49.64
C LYS B 489 -33.71 72.01 -50.83
N LYS B 490 -33.23 73.01 -51.59
CA LYS B 490 -32.38 72.80 -52.75
C LYS B 490 -31.05 72.16 -52.38
N GLU B 491 -30.49 72.59 -51.25
CA GLU B 491 -29.22 72.08 -50.74
C GLU B 491 -29.21 70.58 -50.33
N TRP B 492 -30.38 69.97 -50.12
CA TRP B 492 -30.46 68.55 -49.71
C TRP B 492 -30.54 67.56 -50.88
N ASN B 493 -30.45 68.05 -52.12
CA ASN B 493 -30.53 67.19 -53.30
C ASN B 493 -29.22 67.14 -54.06
N MET C 9 -24.32 16.63 -34.92
CA MET C 9 -23.45 17.82 -34.93
C MET C 9 -22.20 17.58 -34.11
N LYS C 10 -21.21 18.38 -34.37
CA LYS C 10 -19.99 18.35 -33.57
C LYS C 10 -19.78 19.71 -32.94
N VAL C 11 -19.42 19.72 -31.68
CA VAL C 11 -19.20 20.97 -30.94
C VAL C 11 -17.70 21.19 -30.75
N ILE C 12 -17.28 22.44 -30.94
CA ILE C 12 -15.87 22.81 -30.88
C ILE C 12 -15.74 24.12 -30.12
N ASN C 13 -14.74 24.23 -29.23
CA ASN C 13 -14.57 25.41 -28.35
C ASN C 13 -13.49 26.39 -28.83
N ASP C 14 -13.95 27.40 -29.55
CA ASP C 14 -13.13 28.52 -29.99
C ASP C 14 -13.11 29.55 -28.86
N PRO C 15 -11.91 30.09 -28.52
CA PRO C 15 -11.86 31.08 -27.43
C PRO C 15 -12.54 32.40 -27.75
N ILE C 16 -12.74 32.71 -29.03
CA ILE C 16 -13.39 33.95 -29.40
C ILE C 16 -14.90 33.78 -29.35
N HIS C 17 -15.42 32.82 -30.10
CA HIS C 17 -16.87 32.69 -30.29
C HIS C 17 -17.54 31.70 -29.35
N GLY C 18 -16.76 30.97 -28.55
CA GLY C 18 -17.31 30.04 -27.56
C GLY C 18 -17.51 28.67 -28.18
N HIS C 19 -18.64 28.04 -27.90
CA HIS C 19 -18.94 26.71 -28.42
C HIS C 19 -19.74 26.76 -29.71
N ILE C 20 -19.02 26.53 -30.80
CA ILE C 20 -19.60 26.50 -32.11
C ILE C 20 -20.14 25.08 -32.38
N GLU C 21 -21.29 24.99 -33.04
CA GLU C 21 -21.74 23.72 -33.59
C GLU C 21 -21.30 23.64 -35.06
N LEU C 22 -20.90 22.45 -35.48
CA LEU C 22 -20.43 22.22 -36.84
C LEU C 22 -21.28 21.13 -37.49
N HIS C 23 -21.90 21.51 -38.62
CA HIS C 23 -22.71 20.56 -39.38
C HIS C 23 -21.84 19.46 -40.00
N PRO C 24 -22.33 18.20 -40.02
CA PRO C 24 -21.48 17.10 -40.48
C PRO C 24 -20.77 17.32 -41.83
N LEU C 25 -21.46 17.98 -42.75
CA LEU C 25 -20.87 18.42 -44.03
C LEU C 25 -19.64 19.28 -43.84
N LEU C 26 -19.71 20.21 -42.91
CA LEU C 26 -18.59 21.10 -42.61
C LEU C 26 -17.42 20.30 -42.02
N VAL C 27 -17.72 19.44 -41.06
CA VAL C 27 -16.72 18.57 -40.43
C VAL C 27 -15.97 17.76 -41.50
N ARG C 28 -16.73 17.27 -42.47
CA ARG C 28 -16.20 16.46 -43.57
C ARG C 28 -15.27 17.28 -44.46
N ILE C 29 -15.57 18.56 -44.64
CA ILE C 29 -14.71 19.51 -45.35
C ILE C 29 -13.48 19.87 -44.53
N ILE C 30 -13.68 20.11 -43.23
CA ILE C 30 -12.60 20.46 -42.32
C ILE C 30 -11.52 19.37 -42.24
N ASP C 31 -11.94 18.12 -42.14
CA ASP C 31 -11.00 17.01 -42.00
C ASP C 31 -10.46 16.54 -43.35
N THR C 32 -9.73 17.43 -44.00
CA THR C 32 -9.07 17.18 -45.28
C THR C 32 -7.68 17.83 -45.25
N PRO C 33 -6.69 17.27 -45.97
CA PRO C 33 -5.37 17.91 -45.99
C PRO C 33 -5.35 19.35 -46.47
N GLN C 34 -6.29 19.71 -47.36
CA GLN C 34 -6.35 21.05 -47.95
C GLN C 34 -6.75 22.12 -46.91
N PHE C 35 -7.65 21.73 -46.00
CA PHE C 35 -8.11 22.59 -44.92
C PHE C 35 -7.22 22.56 -43.69
N GLN C 36 -6.87 21.36 -43.22
CA GLN C 36 -5.98 21.21 -42.03
C GLN C 36 -4.63 21.87 -42.29
N ARG C 37 -4.23 21.98 -43.56
CA ARG C 37 -3.12 22.85 -44.01
C ARG C 37 -3.07 24.22 -43.32
N LEU C 38 -4.23 24.82 -43.13
CA LEU C 38 -4.32 26.15 -42.51
C LEU C 38 -3.87 26.20 -41.05
N ARG C 39 -3.77 25.05 -40.39
CA ARG C 39 -3.14 24.96 -39.05
C ARG C 39 -1.67 25.42 -39.06
N TYR C 40 -1.02 25.34 -40.21
CA TYR C 40 0.41 25.59 -40.30
C TYR C 40 0.73 26.89 -41.05
N ILE C 41 -0.18 27.85 -40.99
CA ILE C 41 0.00 29.19 -41.60
C ILE C 41 -0.49 30.22 -40.59
N LYS C 42 0.40 31.08 -40.09
CA LYS C 42 0.02 32.09 -39.07
C LYS C 42 -0.79 33.22 -39.66
N GLN C 43 -1.73 33.73 -38.86
CA GLN C 43 -2.64 34.79 -39.31
C GLN C 43 -1.85 36.02 -39.70
N LEU C 44 -0.97 36.42 -38.78
CA LEU C 44 -0.28 37.69 -38.88
C LEU C 44 1.15 37.58 -39.38
N GLY C 45 1.45 36.47 -40.02
CA GLY C 45 2.74 36.25 -40.64
C GLY C 45 3.87 36.61 -39.68
N GLY C 46 4.68 37.58 -40.13
CA GLY C 46 5.82 38.06 -39.37
C GLY C 46 5.48 38.87 -38.12
N GLY C 47 4.21 39.23 -37.96
CA GLY C 47 3.71 39.87 -36.75
C GLY C 47 3.96 39.14 -35.45
N TYR C 48 3.99 37.80 -35.50
CA TYR C 48 4.34 36.99 -34.33
C TYR C 48 5.72 37.36 -33.75
N TYR C 49 6.64 37.76 -34.62
CA TYR C 49 7.99 38.15 -34.20
C TYR C 49 8.04 39.58 -33.57
N VAL C 50 6.90 40.29 -33.54
CA VAL C 50 6.76 41.55 -32.80
C VAL C 50 5.73 41.46 -31.66
N PHE C 51 4.58 40.84 -31.92
CA PHE C 51 3.54 40.63 -30.89
C PHE C 51 3.57 39.17 -30.47
N PRO C 52 4.19 38.86 -29.33
CA PRO C 52 4.41 37.46 -28.99
C PRO C 52 3.13 36.68 -28.67
N GLY C 53 2.00 37.35 -28.53
CA GLY C 53 0.73 36.63 -28.41
C GLY C 53 0.23 35.99 -29.70
N ALA C 54 0.60 36.57 -30.86
CA ALA C 54 0.00 36.30 -32.21
C ALA C 54 0.41 35.00 -32.94
N SER C 55 0.43 33.92 -32.15
CA SER C 55 0.73 32.57 -32.59
C SER C 55 -0.38 31.97 -33.44
N HIS C 56 -1.59 32.51 -33.28
CA HIS C 56 -2.78 32.04 -33.99
C HIS C 56 -2.64 31.92 -35.51
N ASN C 57 -3.33 30.93 -36.04
CA ASN C 57 -3.25 30.44 -37.40
C ASN C 57 -4.58 30.62 -38.14
N ARG C 58 -4.53 30.51 -39.45
CA ARG C 58 -5.73 30.64 -40.28
C ARG C 58 -6.83 29.64 -39.93
N PHE C 59 -6.43 28.42 -39.60
CA PHE C 59 -7.38 27.37 -39.25
C PHE C 59 -8.54 27.89 -38.40
N GLU C 60 -8.20 28.42 -37.22
CA GLU C 60 -9.22 28.87 -36.26
C GLU C 60 -9.97 30.14 -36.71
N HIS C 61 -9.29 31.01 -37.46
CA HIS C 61 -9.94 32.16 -38.15
C HIS C 61 -10.99 31.63 -39.13
N SER C 62 -10.57 30.70 -39.99
CA SER C 62 -11.48 30.09 -40.96
C SER C 62 -12.72 29.49 -40.26
N LEU C 63 -12.53 28.80 -39.14
CA LEU C 63 -13.66 28.30 -38.35
C LEU C 63 -14.61 29.43 -37.93
N GLY C 64 -14.04 30.48 -37.37
CA GLY C 64 -14.81 31.61 -36.87
C GLY C 64 -15.59 32.34 -37.94
N VAL C 65 -14.99 32.49 -39.12
CA VAL C 65 -15.66 33.16 -40.23
C VAL C 65 -16.85 32.30 -40.70
N GLY C 66 -16.65 31.00 -40.78
CA GLY C 66 -17.73 30.07 -41.06
C GLY C 66 -18.87 30.20 -40.06
N TYR C 67 -18.51 30.29 -38.78
CA TYR C 67 -19.48 30.42 -37.71
C TYR C 67 -20.33 31.67 -37.83
N LEU C 68 -19.66 32.81 -37.98
CA LEU C 68 -20.33 34.11 -38.05
C LEU C 68 -21.15 34.26 -39.33
N ALA C 69 -20.66 33.69 -40.42
CA ALA C 69 -21.46 33.61 -41.62
C ALA C 69 -22.80 32.94 -41.29
N GLY C 70 -22.75 31.80 -40.59
CA GLY C 70 -23.93 31.08 -40.13
C GLY C 70 -24.82 31.92 -39.25
N CYS C 71 -24.23 32.66 -38.33
CA CYS C 71 -24.97 33.54 -37.43
C CYS C 71 -25.78 34.59 -38.17
N LEU C 72 -25.12 35.29 -39.08
CA LEU C 72 -25.75 36.41 -39.75
C LEU C 72 -26.87 35.94 -40.67
N VAL C 73 -26.58 34.95 -41.51
CA VAL C 73 -27.58 34.44 -42.45
C VAL C 73 -28.78 33.82 -41.71
N HIS C 74 -28.50 33.07 -40.64
CA HIS C 74 -29.53 32.42 -39.84
C HIS C 74 -30.38 33.50 -39.12
N ALA C 75 -29.75 34.58 -38.69
CA ALA C 75 -30.45 35.69 -38.04
C ALA C 75 -31.38 36.43 -38.98
N LEU C 76 -30.92 36.69 -40.21
CA LEU C 76 -31.76 37.36 -41.20
C LEU C 76 -32.99 36.52 -41.49
N GLY C 77 -32.79 35.21 -41.59
CA GLY C 77 -33.88 34.26 -41.82
C GLY C 77 -34.94 34.22 -40.75
N GLU C 78 -34.52 34.28 -39.49
CA GLU C 78 -35.45 34.35 -38.35
C GLU C 78 -36.22 35.66 -38.40
N LYS C 79 -35.47 36.77 -38.54
CA LYS C 79 -36.04 38.12 -38.60
C LYS C 79 -37.00 38.31 -39.79
N GLN C 80 -36.69 37.69 -40.94
CA GLN C 80 -37.46 37.90 -42.18
C GLN C 80 -37.71 36.59 -42.94
N PRO C 81 -38.77 35.85 -42.58
CA PRO C 81 -39.12 34.62 -43.30
C PRO C 81 -39.44 34.84 -44.78
N GLU C 82 -40.01 36.01 -45.11
CA GLU C 82 -40.29 36.42 -46.48
C GLU C 82 -39.12 36.23 -47.47
N LEU C 83 -37.89 36.24 -46.97
CA LEU C 83 -36.70 36.06 -47.81
C LEU C 83 -36.52 34.63 -48.33
N GLN C 84 -37.13 33.67 -47.62
CA GLN C 84 -37.03 32.25 -47.95
C GLN C 84 -35.60 31.82 -48.13
N ILE C 85 -34.89 31.94 -47.02
CA ILE C 85 -33.53 31.49 -46.90
C ILE C 85 -33.64 30.03 -46.49
N SER C 86 -33.19 29.13 -47.35
CA SER C 86 -33.23 27.69 -47.09
C SER C 86 -32.02 27.23 -46.29
N GLU C 87 -32.13 26.11 -45.59
CA GLU C 87 -30.96 25.54 -44.88
C GLU C 87 -29.90 25.11 -45.87
N ARG C 88 -30.27 24.99 -47.15
CA ARG C 88 -29.30 24.85 -48.23
C ARG C 88 -28.49 26.13 -48.40
N ASP C 89 -29.17 27.28 -48.44
CA ASP C 89 -28.47 28.58 -48.52
C ASP C 89 -27.54 28.76 -47.33
N VAL C 90 -28.04 28.47 -46.12
CA VAL C 90 -27.28 28.62 -44.87
C VAL C 90 -25.98 27.82 -44.95
N LEU C 91 -26.10 26.54 -45.29
CA LEU C 91 -24.93 25.67 -45.40
C LEU C 91 -23.94 26.21 -46.39
N CYS C 92 -24.42 26.67 -47.54
CA CYS C 92 -23.54 27.21 -48.58
C CYS C 92 -22.76 28.45 -48.11
N VAL C 93 -23.42 29.29 -47.34
CA VAL C 93 -22.80 30.48 -46.79
C VAL C 93 -21.75 30.09 -45.74
N GLN C 94 -22.11 29.18 -44.84
CA GLN C 94 -21.16 28.64 -43.86
C GLN C 94 -19.92 28.06 -44.55
N ILE C 95 -20.14 27.22 -45.57
CA ILE C 95 -19.04 26.60 -46.31
C ILE C 95 -18.13 27.65 -46.94
N ALA C 96 -18.72 28.70 -47.49
CA ALA C 96 -17.96 29.79 -48.08
C ALA C 96 -17.08 30.44 -47.05
N GLY C 97 -17.70 30.84 -45.93
CA GLY C 97 -16.99 31.43 -44.81
C GLY C 97 -15.85 30.55 -44.32
N LEU C 98 -16.15 29.26 -44.16
CA LEU C 98 -15.17 28.29 -43.70
C LEU C 98 -13.94 28.22 -44.62
N CYS C 99 -14.20 28.17 -45.92
CA CYS C 99 -13.16 28.00 -46.92
C CYS C 99 -12.62 29.28 -47.53
N HIS C 100 -13.00 30.44 -46.99
CA HIS C 100 -12.76 31.70 -47.69
C HIS C 100 -11.29 32.06 -47.79
N ASP C 101 -10.49 31.63 -46.81
CA ASP C 101 -9.03 31.87 -46.81
C ASP C 101 -8.27 30.56 -46.92
N LEU C 102 -8.82 29.62 -47.67
CA LEU C 102 -8.10 28.37 -48.00
C LEU C 102 -6.82 28.56 -48.79
N GLY C 103 -6.76 29.66 -49.56
CA GLY C 103 -5.67 29.92 -50.48
C GLY C 103 -4.58 30.87 -50.04
N HIS C 104 -4.48 31.18 -48.75
CA HIS C 104 -3.33 31.98 -48.30
C HIS C 104 -2.07 31.19 -48.40
N GLY C 105 -0.98 31.89 -48.71
CA GLY C 105 0.33 31.28 -48.74
C GLY C 105 1.01 31.28 -47.38
N PRO C 106 2.28 30.79 -47.34
CA PRO C 106 3.12 30.90 -46.15
C PRO C 106 3.19 32.34 -45.67
N PHE C 107 2.99 32.52 -44.36
CA PHE C 107 2.93 33.85 -43.73
C PHE C 107 1.84 34.76 -44.32
N SER C 108 0.71 34.14 -44.67
CA SER C 108 -0.53 34.83 -45.04
C SER C 108 -0.35 35.91 -46.10
N HIS C 109 -0.33 37.17 -45.68
CA HIS C 109 -0.43 38.29 -46.62
C HIS C 109 0.95 38.66 -47.18
N MET C 110 2.01 38.29 -46.46
CA MET C 110 3.36 38.34 -46.99
C MET C 110 3.44 37.65 -48.37
N PHE C 111 2.77 36.51 -48.52
CA PHE C 111 2.87 35.71 -49.74
C PHE C 111 2.23 36.38 -50.96
N ASP C 112 0.94 36.66 -50.87
CA ASP C 112 0.21 37.30 -51.97
C ASP C 112 0.52 38.80 -52.12
N GLY C 113 1.02 39.41 -51.05
CA GLY C 113 1.27 40.87 -51.00
C GLY C 113 2.68 41.33 -51.29
N ARG C 114 3.69 40.52 -50.97
CA ARG C 114 5.11 40.86 -51.22
C ARG C 114 5.81 39.89 -52.16
N PHE C 115 5.79 38.61 -51.81
CA PHE C 115 6.58 37.58 -52.51
C PHE C 115 6.19 37.33 -53.96
N ILE C 116 4.95 36.93 -54.18
CA ILE C 116 4.48 36.60 -55.55
C ILE C 116 4.62 37.78 -56.52
N PRO C 117 4.23 39.01 -56.10
CA PRO C 117 4.51 40.19 -56.93
C PRO C 117 5.98 40.40 -57.33
N LEU C 118 6.92 40.04 -56.47
CA LEU C 118 8.35 40.14 -56.79
C LEU C 118 8.84 38.95 -57.59
N ALA C 119 8.51 37.74 -57.15
CA ALA C 119 8.95 36.52 -57.82
C ALA C 119 8.40 36.36 -59.24
N ARG C 120 7.13 36.71 -59.44
CA ARG C 120 6.46 36.54 -60.73
C ARG C 120 5.61 37.77 -61.07
N PRO C 121 6.27 38.88 -61.48
CA PRO C 121 5.59 40.14 -61.79
C PRO C 121 4.55 40.07 -62.91
N GLU C 122 4.69 39.09 -63.80
CA GLU C 122 3.72 38.85 -64.87
C GLU C 122 2.31 38.48 -64.39
N VAL C 123 2.19 37.76 -63.27
CA VAL C 123 0.90 37.21 -62.81
C VAL C 123 0.13 38.22 -61.96
N LYS C 124 -1.19 38.25 -62.10
CA LYS C 124 -2.08 38.91 -61.13
C LYS C 124 -2.72 37.77 -60.35
N TRP C 125 -2.22 37.54 -59.13
CA TRP C 125 -2.66 36.44 -58.25
C TRP C 125 -2.97 36.97 -56.84
N THR C 126 -4.08 36.48 -56.27
CA THR C 126 -4.52 36.86 -54.91
C THR C 126 -4.83 35.63 -54.07
N HIS C 127 -4.86 35.80 -52.76
CA HIS C 127 -5.18 34.69 -51.85
C HIS C 127 -6.59 34.14 -52.14
N GLU C 128 -7.50 34.99 -52.57
CA GLU C 128 -8.88 34.61 -52.93
C GLU C 128 -8.92 33.65 -54.10
N GLN C 129 -8.23 34.02 -55.19
CA GLN C 129 -8.14 33.15 -56.38
C GLN C 129 -7.64 31.79 -55.99
N GLY C 130 -6.63 31.78 -55.12
CA GLY C 130 -6.10 30.55 -54.56
C GLY C 130 -7.15 29.74 -53.82
N SER C 131 -7.95 30.42 -53.00
CA SER C 131 -9.01 29.75 -52.24
C SER C 131 -10.02 29.03 -53.15
N VAL C 132 -10.40 29.67 -54.25
CA VAL C 132 -11.31 29.04 -55.22
C VAL C 132 -10.72 27.76 -55.78
N MET C 133 -9.48 27.85 -56.26
CA MET C 133 -8.80 26.69 -56.80
C MET C 133 -8.60 25.60 -55.77
N MET C 134 -8.17 26.00 -54.58
CA MET C 134 -7.96 25.06 -53.48
C MET C 134 -9.28 24.40 -53.05
N PHE C 135 -10.37 25.16 -53.10
CA PHE C 135 -11.69 24.63 -52.79
C PHE C 135 -12.07 23.52 -53.77
N GLU C 136 -11.93 23.83 -55.07
CA GLU C 136 -12.14 22.85 -56.14
C GLU C 136 -11.32 21.58 -55.87
N HIS C 137 -10.01 21.73 -55.61
CA HIS C 137 -9.13 20.59 -55.32
C HIS C 137 -9.58 19.81 -54.08
N LEU C 138 -10.04 20.53 -53.05
CA LEU C 138 -10.53 19.89 -51.83
C LEU C 138 -11.74 19.01 -52.11
N ILE C 139 -12.70 19.57 -52.83
CA ILE C 139 -13.95 18.87 -53.15
C ILE C 139 -13.66 17.59 -53.96
N ASN C 140 -12.84 17.72 -54.99
CA ASN C 140 -12.59 16.62 -55.92
C ASN C 140 -11.75 15.52 -55.32
N SER C 141 -10.65 15.90 -54.66
CA SER C 141 -9.76 14.92 -54.07
C SER C 141 -10.34 14.19 -52.83
N ASN C 142 -11.41 14.71 -52.23
CA ASN C 142 -12.01 14.09 -51.04
C ASN C 142 -13.45 13.59 -51.20
N GLY C 143 -13.99 13.61 -52.42
CA GLY C 143 -15.33 13.08 -52.70
C GLY C 143 -16.44 13.72 -51.90
N ILE C 144 -16.43 15.04 -51.89
CA ILE C 144 -17.37 15.83 -51.10
C ILE C 144 -18.70 15.99 -51.81
N LYS C 145 -18.66 16.08 -53.14
CA LYS C 145 -19.87 16.19 -53.97
C LYS C 145 -21.02 15.25 -53.54
N PRO C 146 -20.75 13.93 -53.37
CA PRO C 146 -21.77 13.00 -52.84
C PRO C 146 -22.37 13.42 -51.49
N VAL C 147 -21.52 13.94 -50.61
CA VAL C 147 -21.92 14.34 -49.26
C VAL C 147 -22.76 15.61 -49.32
N MET C 148 -22.42 16.52 -50.23
CA MET C 148 -23.21 17.74 -50.42
C MET C 148 -24.63 17.36 -50.83
N GLU C 149 -24.73 16.47 -51.82
CA GLU C 149 -26.02 15.93 -52.29
C GLU C 149 -26.80 15.30 -51.14
N GLN C 150 -26.13 14.47 -50.34
CA GLN C 150 -26.74 13.84 -49.16
C GLN C 150 -27.43 14.83 -48.22
N TYR C 151 -26.89 16.03 -48.09
CA TYR C 151 -27.48 17.09 -47.24
C TYR C 151 -28.23 18.17 -48.04
N GLY C 152 -28.78 17.79 -49.18
CA GLY C 152 -29.70 18.66 -49.92
C GLY C 152 -29.10 19.75 -50.78
N LEU C 153 -27.80 19.71 -51.02
CA LEU C 153 -27.17 20.68 -51.93
C LEU C 153 -27.20 20.19 -53.37
N ILE C 154 -26.98 21.12 -54.28
CA ILE C 154 -26.90 20.85 -55.72
C ILE C 154 -25.52 21.35 -56.19
N PRO C 155 -24.53 20.43 -56.26
CA PRO C 155 -23.15 20.81 -56.56
C PRO C 155 -22.95 21.74 -57.77
N GLU C 156 -23.67 21.49 -58.88
CA GLU C 156 -23.61 22.38 -60.06
C GLU C 156 -23.79 23.83 -59.66
N GLU C 157 -24.97 24.14 -59.12
CA GLU C 157 -25.33 25.49 -58.72
C GLU C 157 -24.52 25.98 -57.53
N ASP C 158 -24.41 25.14 -56.50
CA ASP C 158 -23.92 25.60 -55.22
C ASP C 158 -22.41 25.78 -55.12
N ILE C 159 -21.65 24.91 -55.78
CA ILE C 159 -20.18 25.08 -55.80
C ILE C 159 -19.79 26.37 -56.50
N CYS C 160 -20.58 26.78 -57.50
CA CYS C 160 -20.42 28.11 -58.10
C CYS C 160 -20.73 29.20 -57.10
N PHE C 161 -21.87 29.09 -56.42
CA PHE C 161 -22.30 30.05 -55.41
C PHE C 161 -21.26 30.25 -54.31
N ILE C 162 -20.65 29.16 -53.87
CA ILE C 162 -19.61 29.22 -52.84
C ILE C 162 -18.37 29.96 -53.37
N LYS C 163 -17.91 29.57 -54.55
CA LYS C 163 -16.77 30.23 -55.19
C LYS C 163 -17.04 31.71 -55.39
N GLU C 164 -18.24 32.02 -55.88
CA GLU C 164 -18.64 33.40 -56.11
C GLU C 164 -18.66 34.24 -54.83
N GLN C 165 -19.07 33.66 -53.71
CA GLN C 165 -19.01 34.37 -52.41
C GLN C 165 -17.58 34.82 -52.11
N ILE C 166 -16.62 33.96 -52.43
CA ILE C 166 -15.21 34.17 -52.07
C ILE C 166 -14.54 35.23 -52.94
N VAL C 167 -14.60 35.04 -54.26
CA VAL C 167 -13.87 35.90 -55.24
C VAL C 167 -14.73 36.94 -55.98
N GLY C 168 -16.06 36.87 -55.81
CA GLY C 168 -16.94 37.67 -56.61
C GLY C 168 -17.26 36.91 -57.92
N PRO C 169 -17.74 37.66 -58.95
CA PRO C 169 -18.26 36.98 -60.13
C PRO C 169 -17.15 36.33 -61.00
N LEU C 170 -17.44 35.12 -61.49
CA LEU C 170 -16.52 34.39 -62.30
C LEU C 170 -16.47 34.87 -63.79
N GLU C 171 -17.05 36.02 -64.15
CA GLU C 171 -16.85 36.63 -65.48
C GLU C 171 -16.74 38.16 -65.35
N SER C 177 -23.52 45.91 -65.88
CA SER C 177 -24.60 46.43 -64.99
C SER C 177 -25.76 45.47 -64.67
N LEU C 178 -26.09 44.55 -65.58
CA LEU C 178 -26.96 43.43 -65.27
C LEU C 178 -26.43 42.48 -64.24
N TRP C 179 -27.22 41.50 -63.79
CA TRP C 179 -26.86 40.63 -62.66
C TRP C 179 -25.70 39.68 -62.97
N PRO C 180 -24.50 39.92 -62.34
CA PRO C 180 -23.30 39.16 -62.73
C PRO C 180 -23.17 37.73 -62.19
N TYR C 181 -24.02 37.30 -61.25
CA TYR C 181 -23.84 36.01 -60.59
C TYR C 181 -24.67 34.91 -61.25
N LYS C 182 -24.06 33.75 -61.44
CA LYS C 182 -24.75 32.55 -61.92
C LYS C 182 -25.19 31.63 -60.76
N GLY C 183 -24.63 31.84 -59.56
CA GLY C 183 -24.88 30.94 -58.43
C GLY C 183 -26.23 31.11 -57.77
N ARG C 184 -26.66 32.35 -57.60
CA ARG C 184 -27.98 32.68 -57.06
C ARG C 184 -28.62 33.83 -57.84
N PRO C 185 -29.95 33.90 -57.83
CA PRO C 185 -30.66 35.02 -58.47
C PRO C 185 -30.58 36.34 -57.69
N GLU C 186 -31.12 37.41 -58.28
CA GLU C 186 -31.09 38.77 -57.66
C GLU C 186 -31.86 38.89 -56.36
N ASN C 187 -32.90 38.08 -56.21
CA ASN C 187 -33.71 38.07 -54.97
C ASN C 187 -33.00 37.45 -53.76
N LYS C 188 -31.77 36.96 -53.94
CA LYS C 188 -30.92 36.53 -52.85
C LYS C 188 -29.50 37.13 -52.96
N SER C 189 -29.41 38.38 -53.43
CA SER C 189 -28.11 39.07 -53.52
C SER C 189 -27.47 39.36 -52.17
N PHE C 190 -28.32 39.55 -51.15
CA PHE C 190 -27.86 39.75 -49.78
C PHE C 190 -26.91 38.67 -49.29
N LEU C 191 -27.08 37.43 -49.75
CA LEU C 191 -26.17 36.35 -49.37
C LEU C 191 -24.72 36.61 -49.77
N TYR C 192 -24.51 37.29 -50.90
CA TYR C 192 -23.15 37.62 -51.36
C TYR C 192 -22.43 38.67 -50.50
N GLU C 193 -23.21 39.43 -49.72
CA GLU C 193 -22.69 40.43 -48.80
C GLU C 193 -22.24 39.91 -47.41
N ILE C 194 -22.31 38.59 -47.16
CA ILE C 194 -21.98 38.06 -45.83
C ILE C 194 -20.49 37.76 -45.64
N VAL C 195 -19.95 36.93 -46.52
CA VAL C 195 -18.59 36.40 -46.33
C VAL C 195 -17.55 37.42 -46.80
N SER C 196 -17.77 37.98 -47.98
CA SER C 196 -16.84 38.94 -48.59
C SER C 196 -17.65 39.97 -49.39
N ASN C 197 -17.85 41.13 -48.75
CA ASN C 197 -18.78 42.17 -49.19
C ASN C 197 -18.07 43.08 -50.20
N LYS C 198 -18.39 42.89 -51.48
CA LYS C 198 -17.80 43.66 -52.57
C LYS C 198 -18.31 45.10 -52.60
N ARG C 199 -19.51 45.33 -52.06
CA ARG C 199 -20.18 46.65 -52.13
C ARG C 199 -19.49 47.69 -51.26
N ASN C 200 -19.33 47.37 -49.98
CA ASN C 200 -18.79 48.28 -48.97
C ASN C 200 -17.67 47.73 -48.10
N GLY C 201 -17.47 46.42 -48.07
CA GLY C 201 -16.43 45.80 -47.25
C GLY C 201 -16.85 45.35 -45.87
N ILE C 202 -18.09 45.65 -45.45
CA ILE C 202 -18.58 45.18 -44.15
C ILE C 202 -18.95 43.69 -44.30
N ASP C 203 -18.07 42.82 -43.82
CA ASP C 203 -18.27 41.35 -43.88
C ASP C 203 -17.87 40.66 -42.56
N VAL C 204 -18.24 39.40 -42.40
CA VAL C 204 -17.92 38.64 -41.18
C VAL C 204 -16.44 38.23 -41.11
N ASP C 205 -15.75 38.24 -42.25
CA ASP C 205 -14.27 38.06 -42.30
C ASP C 205 -13.65 39.08 -41.35
N LYS C 206 -14.01 40.36 -41.54
CA LYS C 206 -13.52 41.45 -40.67
C LYS C 206 -13.88 41.23 -39.21
N TRP C 207 -15.13 40.84 -38.96
CA TRP C 207 -15.64 40.75 -37.60
C TRP C 207 -14.88 39.72 -36.78
N ASP C 208 -14.54 38.59 -37.40
CA ASP C 208 -13.78 37.56 -36.72
C ASP C 208 -12.37 38.06 -36.40
N TYR C 209 -11.65 38.51 -37.42
CA TYR C 209 -10.22 38.84 -37.24
C TYR C 209 -10.00 40.06 -36.34
N PHE C 210 -10.97 40.98 -36.28
CA PHE C 210 -10.93 42.05 -35.27
C PHE C 210 -10.86 41.42 -33.90
N ALA C 211 -11.87 40.61 -33.58
CA ALA C 211 -11.97 39.95 -32.29
C ALA C 211 -10.78 39.04 -32.02
N ARG C 212 -10.41 38.26 -33.03
CA ARG C 212 -9.36 37.26 -32.89
C ARG C 212 -7.99 37.88 -32.77
N ASP C 213 -7.65 38.75 -33.71
CA ASP C 213 -6.33 39.37 -33.70
C ASP C 213 -6.15 40.14 -32.39
N CYS C 214 -7.14 40.95 -32.00
CA CYS C 214 -7.09 41.67 -30.71
C CYS C 214 -6.81 40.77 -29.50
N HIS C 215 -7.56 39.67 -29.41
CA HIS C 215 -7.43 38.70 -28.30
C HIS C 215 -5.99 38.23 -28.15
N HIS C 216 -5.40 37.83 -29.28
CA HIS C 216 -4.05 37.28 -29.32
C HIS C 216 -2.96 38.39 -29.31
N LEU C 217 -3.20 39.55 -29.92
CA LEU C 217 -2.20 40.63 -29.99
C LEU C 217 -1.87 41.24 -28.63
N GLY C 218 -2.93 41.54 -27.88
CA GLY C 218 -2.87 42.37 -26.68
C GLY C 218 -3.33 43.80 -26.96
N ILE C 219 -4.46 43.90 -27.65
CA ILE C 219 -5.13 45.16 -27.92
C ILE C 219 -6.63 44.87 -27.70
N GLN C 220 -7.39 45.83 -27.18
CA GLN C 220 -8.83 45.67 -27.02
C GLN C 220 -9.55 46.14 -28.28
N ASN C 221 -10.60 45.40 -28.64
CA ASN C 221 -11.35 45.61 -29.86
C ASN C 221 -12.51 46.54 -29.57
N ASN C 222 -12.72 47.54 -30.45
CA ASN C 222 -13.75 48.56 -30.23
C ASN C 222 -15.00 48.40 -31.14
N PHE C 223 -15.27 47.19 -31.61
CA PHE C 223 -16.41 46.95 -32.53
C PHE C 223 -17.25 45.76 -32.11
N ASP C 224 -18.57 45.97 -32.01
CA ASP C 224 -19.50 44.94 -31.55
C ASP C 224 -20.27 44.37 -32.73
N TYR C 225 -19.80 43.22 -33.21
CA TYR C 225 -20.42 42.56 -34.34
C TYR C 225 -21.82 42.03 -34.01
N LYS C 226 -21.97 41.54 -32.79
CA LYS C 226 -23.24 41.00 -32.32
C LYS C 226 -24.36 42.03 -32.41
N ARG C 227 -24.03 43.25 -32.04
CA ARG C 227 -24.98 44.35 -32.06
C ARG C 227 -25.39 44.68 -33.49
N PHE C 228 -24.42 44.74 -34.39
CA PHE C 228 -24.73 45.06 -35.78
C PHE C 228 -25.70 44.05 -36.40
N ILE C 229 -25.50 42.78 -36.04
CA ILE C 229 -26.39 41.68 -36.43
C ILE C 229 -27.82 41.91 -35.93
N LYS C 230 -27.98 42.33 -34.68
CA LYS C 230 -29.32 42.61 -34.15
C LYS C 230 -30.03 43.73 -34.93
N PHE C 231 -29.26 44.69 -35.47
CA PHE C 231 -29.83 45.79 -36.28
C PHE C 231 -29.50 45.69 -37.77
N ALA C 232 -29.41 44.46 -38.27
CA ALA C 232 -29.26 44.22 -39.69
C ALA C 232 -30.60 43.76 -40.24
N ARG C 233 -30.80 44.00 -41.53
CA ARG C 233 -32.10 43.79 -42.17
C ARG C 233 -31.97 43.91 -43.68
N VAL C 234 -32.73 43.09 -44.41
CA VAL C 234 -32.72 43.11 -45.87
C VAL C 234 -33.83 44.02 -46.36
N CYS C 235 -33.50 44.91 -47.29
CA CYS C 235 -34.46 45.80 -47.96
C CYS C 235 -34.19 45.82 -49.44
N GLU C 236 -35.16 46.29 -50.21
CA GLU C 236 -34.97 46.47 -51.64
C GLU C 236 -34.18 47.74 -51.91
N VAL C 237 -33.15 47.63 -52.73
CA VAL C 237 -32.35 48.78 -53.19
C VAL C 237 -32.06 48.57 -54.67
N ASP C 238 -32.64 49.41 -55.53
CA ASP C 238 -32.42 49.34 -56.99
C ASP C 238 -32.66 47.94 -57.54
N ASN C 239 -33.88 47.45 -57.35
CA ASN C 239 -34.34 46.15 -57.95
C ASN C 239 -33.54 44.93 -57.49
N GLU C 240 -33.14 44.96 -56.23
CA GLU C 240 -32.17 43.98 -55.70
C GLU C 240 -32.27 44.01 -54.18
N LEU C 241 -32.31 42.84 -53.55
CA LEU C 241 -32.45 42.73 -52.09
C LEU C 241 -31.10 42.70 -51.34
N ARG C 242 -30.76 43.78 -50.63
CA ARG C 242 -29.44 43.89 -49.97
C ARG C 242 -29.55 44.19 -48.49
N ILE C 243 -28.50 43.82 -47.77
CA ILE C 243 -28.44 44.02 -46.33
C ILE C 243 -28.33 45.52 -46.06
N CYS C 244 -29.10 45.97 -45.08
CA CYS C 244 -29.11 47.35 -44.60
C CYS C 244 -28.98 47.37 -43.09
N ALA C 245 -28.30 48.40 -42.58
CA ALA C 245 -28.17 48.61 -41.13
C ALA C 245 -29.11 49.72 -40.72
N ARG C 246 -29.40 49.78 -39.42
CA ARG C 246 -30.26 50.82 -38.90
C ARG C 246 -29.56 52.17 -38.94
N ASP C 247 -30.34 53.23 -39.21
CA ASP C 247 -29.84 54.60 -39.24
C ASP C 247 -28.90 54.99 -38.08
N LYS C 248 -29.24 54.61 -36.86
CA LYS C 248 -28.40 54.94 -35.68
C LYS C 248 -27.00 54.29 -35.70
N GLU C 249 -26.88 53.11 -36.32
CA GLU C 249 -25.60 52.41 -36.41
C GLU C 249 -24.54 53.09 -37.28
N VAL C 250 -24.93 54.07 -38.10
CA VAL C 250 -23.99 54.75 -38.98
C VAL C 250 -22.69 55.16 -38.25
N GLY C 251 -22.82 55.66 -37.02
CA GLY C 251 -21.66 56.03 -36.21
C GLY C 251 -20.72 54.87 -35.96
N ASN C 252 -21.29 53.74 -35.56
CA ASN C 252 -20.53 52.53 -35.28
C ASN C 252 -19.84 51.97 -36.50
N LEU C 253 -20.46 52.18 -37.66
CA LEU C 253 -19.89 51.73 -38.93
C LEU C 253 -18.66 52.54 -39.33
N TYR C 254 -18.66 53.86 -39.15
CA TYR C 254 -17.44 54.64 -39.38
C TYR C 254 -16.36 54.17 -38.39
N ASP C 255 -16.77 53.87 -37.16
CA ASP C 255 -15.87 53.39 -36.10
C ASP C 255 -15.33 51.98 -36.39
N MET C 256 -16.08 51.17 -37.15
CA MET C 256 -15.58 49.89 -37.64
C MET C 256 -14.34 50.08 -38.52
N PHE C 257 -14.45 50.94 -39.53
CA PHE C 257 -13.32 51.19 -40.44
C PHE C 257 -12.17 51.96 -39.76
N HIS C 258 -12.49 52.76 -38.74
CA HIS C 258 -11.44 53.39 -37.89
C HIS C 258 -10.67 52.32 -37.14
N THR C 259 -11.39 51.41 -36.49
CA THR C 259 -10.81 50.26 -35.79
C THR C 259 -9.92 49.46 -36.76
N ARG C 260 -10.37 49.25 -37.98
CA ARG C 260 -9.56 48.55 -39.00
C ARG C 260 -8.24 49.26 -39.25
N ASN C 261 -8.33 50.54 -39.59
CA ASN C 261 -7.16 51.37 -39.88
C ASN C 261 -6.23 51.43 -38.68
N SER C 262 -6.80 51.55 -37.49
CA SER C 262 -6.04 51.57 -36.24
C SER C 262 -5.23 50.27 -36.05
N LEU C 263 -5.85 49.11 -36.31
CA LEU C 263 -5.14 47.82 -36.21
C LEU C 263 -4.02 47.65 -37.22
N HIS C 264 -4.22 48.19 -38.42
CA HIS C 264 -3.15 48.24 -39.42
C HIS C 264 -1.99 49.10 -38.94
N ARG C 265 -2.30 50.27 -38.39
CA ARG C 265 -1.26 51.18 -37.89
C ARG C 265 -0.47 50.56 -36.76
N ARG C 266 -1.16 50.02 -35.76
CA ARG C 266 -0.49 49.49 -34.58
C ARG C 266 0.19 48.15 -34.80
N ALA C 267 -0.46 47.27 -35.56
CA ALA C 267 -0.06 45.87 -35.65
C ALA C 267 0.37 45.42 -37.04
N TYR C 268 -0.59 45.36 -37.96
CA TYR C 268 -0.38 44.64 -39.23
C TYR C 268 0.74 45.25 -40.09
N GLN C 269 0.79 46.58 -40.10
CA GLN C 269 1.83 47.35 -40.76
C GLN C 269 2.90 47.89 -39.79
N HIS C 270 3.11 47.20 -38.67
CA HIS C 270 4.14 47.60 -37.72
C HIS C 270 5.51 47.60 -38.39
N LYS C 271 6.26 48.68 -38.16
CA LYS C 271 7.51 48.95 -38.88
C LYS C 271 8.51 47.76 -38.91
N VAL C 272 8.60 47.06 -37.78
CA VAL C 272 9.46 45.88 -37.64
C VAL C 272 8.77 44.63 -38.18
N GLY C 273 7.46 44.52 -37.99
CA GLY C 273 6.69 43.41 -38.53
C GLY C 273 6.82 43.33 -40.04
N ASN C 274 6.74 44.51 -40.66
CA ASN C 274 6.95 44.66 -42.10
C ASN C 274 8.38 44.39 -42.55
N ILE C 275 9.37 44.79 -41.76
CA ILE C 275 10.76 44.51 -42.16
C ILE C 275 11.07 43.03 -42.06
N ILE C 276 10.47 42.35 -41.10
CA ILE C 276 10.61 40.90 -40.99
C ILE C 276 9.92 40.18 -42.15
N ASP C 277 8.72 40.63 -42.50
CA ASP C 277 8.02 40.18 -43.71
C ASP C 277 8.95 40.33 -44.95
N THR C 278 9.53 41.52 -45.17
CA THR C 278 10.43 41.75 -46.34
C THR C 278 11.67 40.85 -46.30
N MET C 279 12.19 40.61 -45.09
CA MET C 279 13.34 39.74 -44.90
C MET C 279 13.04 38.27 -45.19
N ILE C 280 11.88 37.81 -44.73
CA ILE C 280 11.44 36.45 -45.05
C ILE C 280 11.18 36.31 -46.56
N THR C 281 10.49 37.30 -47.13
CA THR C 281 10.28 37.38 -48.59
C THR C 281 11.61 37.32 -49.35
N ASP C 282 12.58 38.10 -48.90
CA ASP C 282 13.93 38.14 -49.47
C ASP C 282 14.55 36.75 -49.48
N ALA C 283 14.48 36.07 -48.34
CA ALA C 283 15.01 34.71 -48.20
C ALA C 283 14.31 33.70 -49.11
N PHE C 284 12.99 33.85 -49.27
CA PHE C 284 12.23 32.99 -50.17
C PHE C 284 12.67 33.20 -51.60
N LEU C 285 12.86 34.46 -52.00
CA LEU C 285 13.32 34.77 -53.36
C LEU C 285 14.66 34.09 -53.66
N LYS C 286 15.58 34.13 -52.69
CA LYS C 286 16.90 33.50 -52.87
C LYS C 286 16.85 31.98 -52.82
N ALA C 287 15.90 31.44 -52.08
CA ALA C 287 15.70 29.99 -52.01
C ALA C 287 14.85 29.40 -53.14
N ASP C 288 14.13 30.24 -53.88
CA ASP C 288 13.07 29.78 -54.81
C ASP C 288 13.57 28.79 -55.85
N ASP C 289 14.72 29.10 -56.43
CA ASP C 289 15.32 28.32 -57.51
C ASP C 289 15.68 26.89 -57.09
N TYR C 290 16.06 26.69 -55.83
CA TYR C 290 16.61 25.42 -55.37
C TYR C 290 15.66 24.57 -54.51
N ILE C 291 14.42 25.02 -54.29
CA ILE C 291 13.44 24.20 -53.58
C ILE C 291 12.42 23.67 -54.55
N GLU C 292 12.28 22.33 -54.50
CA GLU C 292 11.32 21.60 -55.30
C GLU C 292 10.17 21.14 -54.39
N ILE C 293 8.95 21.17 -54.93
CA ILE C 293 7.77 20.64 -54.24
C ILE C 293 7.02 19.75 -55.22
N THR C 294 6.75 18.51 -54.77
CA THR C 294 6.08 17.52 -55.60
C THR C 294 4.64 17.91 -55.77
N GLY C 295 4.19 17.94 -57.03
CA GLY C 295 2.82 18.30 -57.34
C GLY C 295 2.04 17.13 -57.94
N ALA C 296 1.08 17.46 -58.80
CA ALA C 296 0.18 16.51 -59.40
C ALA C 296 0.92 15.71 -60.47
N GLY C 297 0.76 14.38 -60.40
CA GLY C 297 1.50 13.46 -61.25
C GLY C 297 3.00 13.50 -61.03
N GLY C 298 3.43 13.98 -59.87
CA GLY C 298 4.85 14.14 -59.56
C GLY C 298 5.60 15.31 -60.16
N LYS C 299 4.95 16.21 -60.93
CA LYS C 299 5.67 17.34 -61.55
C LYS C 299 6.34 18.21 -60.48
N LYS C 300 7.53 18.74 -60.78
CA LYS C 300 8.29 19.54 -59.80
C LYS C 300 7.90 21.00 -59.87
N TYR C 301 7.49 21.58 -58.73
CA TYR C 301 7.12 23.01 -58.66
C TYR C 301 8.03 23.75 -57.67
N ARG C 302 8.30 25.02 -57.96
CA ARG C 302 9.04 25.91 -57.07
C ARG C 302 8.08 26.63 -56.14
N ILE C 303 8.62 27.39 -55.20
CA ILE C 303 7.77 28.10 -54.23
C ILE C 303 6.84 29.04 -54.98
N SER C 304 7.40 29.81 -55.92
CA SER C 304 6.64 30.76 -56.71
C SER C 304 5.63 30.15 -57.68
N THR C 305 5.88 28.91 -58.14
CA THR C 305 5.00 28.23 -59.11
C THR C 305 4.02 27.21 -58.50
N ALA C 306 4.15 26.95 -57.21
CA ALA C 306 3.24 26.03 -56.52
C ALA C 306 1.79 26.51 -56.58
N ILE C 307 1.59 27.82 -56.64
CA ILE C 307 0.24 28.40 -56.81
C ILE C 307 -0.51 27.92 -58.06
N ASP C 308 0.23 27.46 -59.07
CA ASP C 308 -0.40 26.95 -60.28
C ASP C 308 -1.02 25.58 -60.10
N ASP C 309 -0.43 24.74 -59.25
CA ASP C 309 -0.96 23.43 -58.92
C ASP C 309 -1.33 23.35 -57.45
N MET C 310 -2.54 22.87 -57.16
CA MET C 310 -3.05 22.81 -55.77
C MET C 310 -2.54 21.62 -54.97
N GLU C 311 -2.22 20.52 -55.62
CA GLU C 311 -1.66 19.37 -54.90
C GLU C 311 -0.31 19.73 -54.32
N ALA C 312 0.47 20.54 -55.07
CA ALA C 312 1.75 21.03 -54.59
C ALA C 312 1.54 22.08 -53.47
N TYR C 313 0.71 23.07 -53.76
CA TYR C 313 0.41 24.18 -52.84
C TYR C 313 -0.14 23.72 -51.48
N THR C 314 -0.82 22.58 -51.46
CA THR C 314 -1.24 21.90 -50.23
C THR C 314 -0.08 21.69 -49.24
N LYS C 315 1.09 21.35 -49.78
CA LYS C 315 2.27 21.11 -48.94
C LYS C 315 3.11 22.37 -48.66
N LEU C 316 2.68 23.54 -49.16
CA LEU C 316 3.40 24.80 -49.01
C LEU C 316 2.84 25.63 -47.87
N THR C 317 3.54 25.64 -46.75
CA THR C 317 3.10 26.30 -45.52
C THR C 317 4.27 27.06 -44.90
N ASP C 318 4.06 27.63 -43.70
CA ASP C 318 5.13 28.26 -42.90
C ASP C 318 6.34 27.34 -42.68
N ASN C 319 6.13 26.02 -42.72
CA ASN C 319 7.21 25.03 -42.74
C ASN C 319 8.42 25.42 -43.57
N ILE C 320 8.13 26.02 -44.72
CA ILE C 320 9.16 26.38 -45.69
C ILE C 320 10.23 27.30 -45.07
N PHE C 321 9.84 28.11 -44.09
CA PHE C 321 10.77 28.89 -43.25
C PHE C 321 11.81 28.00 -42.56
N LEU C 322 11.32 27.05 -41.76
CA LEU C 322 12.20 26.16 -41.01
C LEU C 322 12.96 25.18 -41.90
N GLU C 323 12.35 24.81 -43.02
CA GLU C 323 13.02 23.98 -44.00
C GLU C 323 14.29 24.71 -44.46
N ILE C 324 14.15 25.98 -44.82
CA ILE C 324 15.31 26.82 -45.23
C ILE C 324 16.30 26.99 -44.09
N LEU C 325 15.80 27.27 -42.89
CA LEU C 325 16.66 27.52 -41.73
C LEU C 325 17.51 26.30 -41.39
N TYR C 326 16.88 25.15 -41.30
CA TYR C 326 17.56 23.92 -40.92
C TYR C 326 18.42 23.27 -42.02
N SER C 327 18.28 23.70 -43.28
CA SER C 327 18.98 23.04 -44.40
C SER C 327 20.49 23.17 -44.34
N THR C 328 21.17 22.24 -45.00
CA THR C 328 22.62 22.26 -45.19
C THR C 328 23.05 22.34 -46.67
N ASP C 329 22.09 22.36 -47.60
CA ASP C 329 22.39 22.56 -49.01
C ASP C 329 23.10 23.91 -49.17
N PRO C 330 24.33 23.91 -49.71
CA PRO C 330 25.01 25.19 -49.92
C PRO C 330 24.38 26.13 -50.96
N LYS C 331 23.53 25.59 -51.85
CA LYS C 331 22.74 26.43 -52.78
C LYS C 331 21.80 27.37 -52.02
N LEU C 332 21.36 26.94 -50.85
CA LEU C 332 20.47 27.73 -49.97
C LEU C 332 21.20 28.60 -48.93
N LYS C 333 22.52 28.72 -49.00
CA LYS C 333 23.27 29.45 -47.98
C LYS C 333 22.88 30.92 -47.88
N ASP C 334 22.70 31.57 -49.02
CA ASP C 334 22.23 32.96 -49.05
C ASP C 334 20.89 33.15 -48.33
N ALA C 335 19.92 32.27 -48.62
CA ALA C 335 18.61 32.34 -48.00
C ALA C 335 18.67 32.03 -46.51
N ARG C 336 19.36 30.95 -46.15
CA ARG C 336 19.53 30.55 -44.75
C ARG C 336 20.20 31.62 -43.89
N GLU C 337 21.11 32.40 -44.48
CA GLU C 337 21.78 33.45 -43.72
C GLU C 337 20.84 34.60 -43.37
N ILE C 338 19.92 34.94 -44.27
CA ILE C 338 18.92 35.98 -43.96
C ILE C 338 18.06 35.53 -42.78
N LEU C 339 17.59 34.27 -42.82
CA LEU C 339 16.74 33.75 -41.76
C LEU C 339 17.47 33.62 -40.44
N LYS C 340 18.75 33.26 -40.47
CA LYS C 340 19.55 33.23 -39.24
C LYS C 340 19.69 34.64 -38.64
N GLN C 341 19.82 35.66 -39.51
CA GLN C 341 19.85 37.05 -39.05
C GLN C 341 18.56 37.51 -38.35
N ILE C 342 17.43 36.86 -38.63
CA ILE C 342 16.16 37.13 -37.93
C ILE C 342 16.12 36.53 -36.52
N GLU C 343 16.70 35.34 -36.37
CA GLU C 343 16.81 34.72 -35.05
C GLU C 343 17.64 35.60 -34.14
N TYR C 344 18.85 35.90 -34.60
CA TYR C 344 19.81 36.77 -33.88
C TYR C 344 19.37 38.23 -33.75
N ARG C 345 18.42 38.64 -34.58
CA ARG C 345 17.79 39.97 -34.49
C ARG C 345 18.67 41.08 -35.10
N ASN C 346 19.47 40.74 -36.11
CA ASN C 346 20.19 41.73 -36.93
C ASN C 346 19.31 42.10 -38.12
N LEU C 347 18.28 42.84 -37.81
CA LEU C 347 17.30 43.21 -38.80
C LEU C 347 17.78 44.47 -39.46
N PHE C 348 17.25 44.71 -40.65
CA PHE C 348 17.52 45.93 -41.37
C PHE C 348 16.91 47.07 -40.55
N LYS C 349 17.66 48.17 -40.39
CA LYS C 349 17.26 49.21 -39.44
C LYS C 349 16.28 50.23 -40.02
N TYR C 350 15.27 50.56 -39.21
CA TYR C 350 14.26 51.56 -39.56
C TYR C 350 14.89 52.93 -39.48
N VAL C 351 14.72 53.72 -40.53
CA VAL C 351 15.26 55.08 -40.57
C VAL C 351 14.18 56.12 -40.19
N GLY C 352 13.00 55.98 -40.79
CA GLY C 352 11.89 56.88 -40.53
C GLY C 352 10.74 56.65 -41.48
N GLU C 353 9.67 57.41 -41.26
CA GLU C 353 8.42 57.31 -42.01
C GLU C 353 8.06 58.69 -42.56
N THR C 354 7.38 58.73 -43.69
CA THR C 354 6.89 60.00 -44.24
C THR C 354 5.69 59.77 -45.16
N GLN C 355 4.99 60.87 -45.47
CA GLN C 355 3.84 60.85 -46.39
C GLN C 355 4.02 61.87 -47.51
N PRO C 356 3.42 61.62 -48.70
CA PRO C 356 3.34 62.71 -49.68
C PRO C 356 2.40 63.83 -49.27
N THR C 357 2.47 64.95 -49.99
CA THR C 357 1.62 66.11 -49.71
C THR C 357 0.84 66.50 -50.96
N GLY C 358 -0.17 67.36 -50.75
CA GLY C 358 -1.13 67.69 -51.79
C GLY C 358 -2.01 66.48 -52.06
N GLN C 359 -2.19 66.16 -53.33
CA GLN C 359 -2.78 64.90 -53.75
C GLN C 359 -1.79 64.22 -54.71
N ILE C 360 -0.54 64.04 -54.26
CA ILE C 360 0.54 63.36 -55.03
C ILE C 360 0.56 61.83 -54.72
N LYS C 361 -0.18 61.02 -55.49
CA LYS C 361 -0.20 59.56 -55.28
C LYS C 361 1.03 58.92 -55.92
N ILE C 362 1.75 58.07 -55.18
CA ILE C 362 2.90 57.31 -55.72
C ILE C 362 2.41 56.03 -56.37
N LYS C 363 2.53 55.93 -57.69
CA LYS C 363 2.06 54.76 -58.44
C LYS C 363 2.96 53.53 -58.15
N ARG C 364 2.38 52.34 -58.29
CA ARG C 364 3.05 51.07 -57.99
C ARG C 364 4.29 50.80 -58.87
N GLU C 365 4.13 51.07 -60.16
CA GLU C 365 5.24 51.20 -61.12
C GLU C 365 6.56 51.79 -60.55
N ASP C 366 6.44 52.90 -59.82
CA ASP C 366 7.62 53.65 -59.33
C ASP C 366 8.31 53.07 -58.11
N TYR C 367 7.70 52.06 -57.47
CA TYR C 367 8.24 51.45 -56.25
C TYR C 367 9.68 50.96 -56.44
N GLU C 368 9.92 50.27 -57.56
CA GLU C 368 11.26 49.80 -57.92
C GLU C 368 12.32 50.89 -57.79
N SER C 369 12.00 52.10 -58.26
CA SER C 369 12.97 53.20 -58.40
C SER C 369 13.32 54.01 -57.14
N LEU C 370 12.54 53.87 -56.07
CA LEU C 370 12.65 54.78 -54.92
C LEU C 370 13.95 54.66 -54.10
N PRO C 371 14.52 53.45 -53.96
CA PRO C 371 15.84 53.31 -53.34
C PRO C 371 16.94 54.13 -54.05
N LYS C 372 16.93 54.08 -55.38
CA LYS C 372 17.79 54.91 -56.23
C LYS C 372 17.68 56.39 -55.85
N GLU C 373 16.45 56.87 -55.72
CA GLU C 373 16.20 58.29 -55.39
C GLU C 373 16.75 58.73 -54.03
N VAL C 374 16.69 57.84 -53.04
CA VAL C 374 17.16 58.16 -51.69
C VAL C 374 18.67 58.30 -51.65
N ALA C 375 19.38 57.34 -52.24
CA ALA C 375 20.83 57.42 -52.39
C ALA C 375 21.25 58.64 -53.23
N SER C 376 20.44 58.97 -54.23
CA SER C 376 20.71 60.11 -55.11
C SER C 376 20.65 61.48 -54.45
N ALA C 377 19.95 61.61 -53.32
CA ALA C 377 19.89 62.87 -52.60
C ALA C 377 21.28 63.32 -52.17
N LYS C 378 21.53 64.62 -52.27
CA LYS C 378 22.81 65.21 -51.94
C LYS C 378 22.59 66.08 -50.70
N PRO C 379 22.67 65.49 -49.50
CA PRO C 379 22.47 66.26 -48.28
C PRO C 379 23.65 67.15 -47.96
N LYS C 380 23.39 68.43 -47.65
CA LYS C 380 24.43 69.39 -47.31
C LYS C 380 25.01 69.15 -45.92
N VAL C 381 25.58 67.97 -45.70
CA VAL C 381 26.15 67.52 -44.41
C VAL C 381 27.32 66.60 -44.66
N LEU C 382 28.39 66.74 -43.89
CA LEU C 382 29.58 65.89 -44.04
C LEU C 382 29.30 64.47 -43.56
N LEU C 383 29.41 63.51 -44.48
CA LEU C 383 29.15 62.10 -44.22
C LEU C 383 30.45 61.33 -44.11
N ASP C 384 30.51 60.34 -43.20
CA ASP C 384 31.61 59.37 -43.12
C ASP C 384 31.58 58.38 -44.25
N VAL C 385 30.38 57.95 -44.62
CA VAL C 385 30.16 56.85 -45.58
C VAL C 385 29.21 57.33 -46.68
N LYS C 386 29.47 56.96 -47.93
CA LYS C 386 28.49 57.10 -49.02
C LYS C 386 27.76 55.77 -49.10
N LEU C 387 26.45 55.81 -49.37
CA LEU C 387 25.61 54.59 -49.45
C LEU C 387 25.02 54.42 -50.85
N LYS C 388 25.06 53.20 -51.37
CA LYS C 388 24.50 52.87 -52.69
C LYS C 388 23.00 52.57 -52.56
N ALA C 389 22.30 52.53 -53.68
CA ALA C 389 20.83 52.37 -53.68
C ALA C 389 20.34 51.00 -53.21
N GLU C 390 21.15 49.97 -53.48
CA GLU C 390 20.92 48.61 -52.96
C GLU C 390 20.91 48.52 -51.43
N ASP C 391 21.58 49.45 -50.76
CA ASP C 391 21.60 49.52 -49.28
C ASP C 391 20.26 49.93 -48.67
N PHE C 392 19.42 50.62 -49.46
CA PHE C 392 18.12 51.12 -48.98
C PHE C 392 16.96 50.19 -49.34
N ILE C 393 15.97 50.13 -48.45
CA ILE C 393 14.64 49.55 -48.74
C ILE C 393 13.61 50.63 -48.48
N VAL C 394 12.73 50.83 -49.46
CA VAL C 394 11.61 51.74 -49.31
C VAL C 394 10.34 50.91 -49.42
N ASP C 395 9.49 51.04 -48.41
CA ASP C 395 8.30 50.22 -48.25
C ASP C 395 7.13 51.20 -48.33
N VAL C 396 6.32 51.09 -49.39
CA VAL C 396 5.19 51.99 -49.57
C VAL C 396 3.93 51.24 -49.17
N ILE C 397 3.09 51.90 -48.36
CA ILE C 397 1.92 51.28 -47.75
C ILE C 397 0.70 52.15 -47.99
N ASN C 398 -0.36 51.55 -48.57
CA ASN C 398 -1.61 52.24 -48.76
C ASN C 398 -2.57 51.92 -47.64
N MET C 399 -2.86 52.93 -46.82
CA MET C 399 -3.84 52.84 -45.75
C MET C 399 -5.14 53.44 -46.26
N ASP C 400 -6.23 52.67 -46.24
CA ASP C 400 -7.51 53.14 -46.74
C ASP C 400 -8.66 52.59 -45.92
N TYR C 401 -9.88 52.95 -46.33
CA TYR C 401 -11.10 52.41 -45.74
C TYR C 401 -11.67 51.29 -46.61
N GLY C 402 -10.79 50.52 -47.25
CA GLY C 402 -11.18 49.33 -47.98
C GLY C 402 -11.67 49.54 -49.39
N MET C 403 -11.81 50.78 -49.83
CA MET C 403 -12.29 51.09 -51.18
C MET C 403 -11.46 52.22 -51.75
N GLN C 404 -10.13 52.05 -51.67
CA GLN C 404 -9.19 53.05 -52.11
C GLN C 404 -9.65 54.42 -51.58
N GLU C 405 -9.87 55.38 -52.47
CA GLU C 405 -10.15 56.74 -52.08
C GLU C 405 -11.59 56.99 -51.63
N LYS C 406 -12.46 56.00 -51.80
CA LYS C 406 -13.88 56.14 -51.49
C LYS C 406 -14.23 55.93 -50.02
N ASN C 407 -15.32 56.58 -49.61
CA ASN C 407 -15.95 56.42 -48.32
C ASN C 407 -16.89 55.24 -48.44
N PRO C 408 -16.60 54.14 -47.72
CA PRO C 408 -17.47 52.96 -47.86
C PRO C 408 -18.88 53.15 -47.29
N ILE C 409 -19.06 54.10 -46.37
CA ILE C 409 -20.37 54.40 -45.79
C ILE C 409 -21.32 55.00 -46.83
N ASP C 410 -20.78 55.71 -47.81
CA ASP C 410 -21.57 56.16 -48.95
C ASP C 410 -22.07 54.99 -49.82
N HIS C 411 -21.48 53.81 -49.67
CA HIS C 411 -22.01 52.57 -50.25
C HIS C 411 -22.67 51.61 -49.23
N VAL C 412 -23.30 52.16 -48.18
CA VAL C 412 -24.11 51.37 -47.24
C VAL C 412 -25.54 51.88 -47.31
N SER C 413 -26.49 50.94 -47.26
CA SER C 413 -27.90 51.27 -47.19
C SER C 413 -28.42 51.18 -45.76
N PHE C 414 -29.32 52.11 -45.42
CA PHE C 414 -29.85 52.23 -44.07
C PHE C 414 -31.38 52.15 -43.99
N TYR C 415 -31.93 51.86 -42.81
CA TYR C 415 -33.38 51.91 -42.59
C TYR C 415 -33.74 52.62 -41.29
N CYS C 416 -34.99 53.07 -41.19
CA CYS C 416 -35.47 53.77 -39.97
C CYS C 416 -36.46 52.93 -39.21
N LYS C 417 -36.58 53.20 -37.91
CA LYS C 417 -37.53 52.48 -37.05
C LYS C 417 -38.95 52.64 -37.57
N THR C 418 -39.26 53.87 -37.96
CA THR C 418 -40.56 54.24 -38.50
C THR C 418 -40.91 53.63 -39.87
N ALA C 419 -39.91 53.26 -40.68
CA ALA C 419 -40.12 52.65 -42.00
C ALA C 419 -39.04 51.61 -42.32
N PRO C 420 -39.16 50.43 -41.72
CA PRO C 420 -38.08 49.45 -41.77
C PRO C 420 -37.89 48.75 -43.12
N ASN C 421 -38.82 48.90 -44.05
CA ASN C 421 -38.62 48.37 -45.39
C ASN C 421 -38.09 49.40 -46.36
N ARG C 422 -38.09 50.67 -45.96
CA ARG C 422 -37.60 51.73 -46.82
C ARG C 422 -36.14 52.03 -46.59
N ALA C 423 -35.33 51.70 -47.59
CA ALA C 423 -33.90 51.91 -47.56
C ALA C 423 -33.58 53.34 -47.91
N ILE C 424 -32.49 53.85 -47.32
CA ILE C 424 -32.05 55.23 -47.51
C ILE C 424 -30.53 55.32 -47.50
N ARG C 425 -30.02 56.52 -47.80
CA ARG C 425 -28.58 56.82 -47.75
C ARG C 425 -28.31 57.87 -46.67
N ILE C 426 -27.15 57.75 -46.03
CA ILE C 426 -26.71 58.75 -45.05
C ILE C 426 -25.33 59.25 -45.53
N THR C 427 -25.22 60.54 -45.84
CA THR C 427 -23.96 61.14 -46.29
C THR C 427 -23.03 61.35 -45.12
N LYS C 428 -21.83 61.82 -45.40
CA LYS C 428 -20.90 62.14 -44.32
C LYS C 428 -21.37 63.34 -43.48
N ASN C 429 -21.90 64.37 -44.15
CA ASN C 429 -22.33 65.60 -43.47
C ASN C 429 -23.46 65.41 -42.50
N GLN C 430 -24.31 64.44 -42.79
CA GLN C 430 -25.44 64.09 -41.93
C GLN C 430 -25.03 63.46 -40.60
N VAL C 431 -23.79 62.96 -40.51
CA VAL C 431 -23.31 62.26 -39.31
C VAL C 431 -22.48 63.17 -38.38
N SER C 432 -21.34 63.66 -38.87
CA SER C 432 -20.40 64.42 -38.04
C SER C 432 -19.36 65.20 -38.82
N GLN C 433 -18.95 66.33 -38.25
CA GLN C 433 -17.84 67.15 -38.74
C GLN C 433 -16.45 66.66 -38.27
N LEU C 434 -16.44 65.73 -37.32
CA LEU C 434 -15.18 65.19 -36.79
C LEU C 434 -14.72 63.90 -37.49
N LEU C 435 -15.38 63.52 -38.58
CA LEU C 435 -14.97 62.36 -39.36
C LEU C 435 -13.74 62.67 -40.20
N PRO C 436 -13.11 61.64 -40.80
CA PRO C 436 -11.97 61.88 -41.67
C PRO C 436 -12.31 62.74 -42.90
N GLU C 437 -11.34 63.55 -43.31
CA GLU C 437 -11.48 64.38 -44.50
C GLU C 437 -11.29 63.52 -45.74
N LYS C 438 -10.20 62.75 -45.75
CA LYS C 438 -9.91 61.77 -46.79
C LYS C 438 -10.13 60.35 -46.26
N PHE C 439 -10.14 59.37 -47.17
CA PHE C 439 -10.30 57.95 -46.80
C PHE C 439 -9.22 57.03 -47.37
N ALA C 440 -8.09 57.64 -47.74
CA ALA C 440 -6.91 56.91 -48.18
C ALA C 440 -5.68 57.82 -48.08
N GLU C 441 -4.54 57.19 -47.81
CA GLU C 441 -3.26 57.89 -47.75
C GLU C 441 -2.15 56.90 -48.02
N GLN C 442 -0.93 57.42 -48.10
CA GLN C 442 0.24 56.58 -48.30
C GLN C 442 1.25 56.80 -47.18
N LEU C 443 1.85 55.70 -46.73
CA LEU C 443 2.96 55.74 -45.78
C LEU C 443 4.19 55.19 -46.44
N ILE C 444 5.29 55.92 -46.30
CA ILE C 444 6.56 55.54 -46.89
C ILE C 444 7.54 55.33 -45.74
N ARG C 445 7.91 54.08 -45.52
CA ARG C 445 8.95 53.72 -44.56
C ARG C 445 10.24 53.47 -45.32
N VAL C 446 11.33 53.97 -44.75
CA VAL C 446 12.66 53.76 -45.31
C VAL C 446 13.49 53.00 -44.28
N TYR C 447 14.15 51.94 -44.73
CA TYR C 447 15.06 51.17 -43.88
C TYR C 447 16.42 51.09 -44.58
N CYS C 448 17.47 50.79 -43.79
CA CYS C 448 18.84 50.67 -44.31
C CYS C 448 19.39 49.28 -43.98
N LYS C 449 19.97 48.63 -44.98
CA LYS C 449 20.52 47.27 -44.83
C LYS C 449 21.79 47.22 -43.98
N LYS C 450 22.55 48.32 -43.98
CA LYS C 450 23.74 48.43 -43.15
C LYS C 450 23.36 48.91 -41.75
N VAL C 451 23.71 48.09 -40.76
CA VAL C 451 23.23 48.19 -39.38
C VAL C 451 24.06 49.18 -38.52
N ASP C 452 25.37 49.28 -38.81
CA ASP C 452 26.36 50.02 -37.99
C ASP C 452 26.07 51.49 -37.69
N ARG C 453 26.71 52.00 -36.63
CA ARG C 453 26.47 53.37 -36.14
C ARG C 453 26.71 54.42 -37.23
N LYS C 454 27.80 54.27 -37.98
CA LYS C 454 28.18 55.23 -39.04
C LYS C 454 27.19 55.26 -40.21
N SER C 455 26.76 54.10 -40.68
CA SER C 455 25.87 53.98 -41.85
C SER C 455 24.44 54.41 -41.57
N LEU C 456 24.00 54.17 -40.33
CA LEU C 456 22.67 54.60 -39.91
C LEU C 456 22.56 56.13 -39.86
N TYR C 457 23.57 56.81 -39.34
CA TYR C 457 23.60 58.28 -39.36
C TYR C 457 23.50 58.80 -40.79
N ALA C 458 24.27 58.20 -41.68
CA ALA C 458 24.26 58.57 -43.09
C ALA C 458 22.88 58.39 -43.68
N ALA C 459 22.33 57.20 -43.51
CA ALA C 459 21.00 56.86 -44.02
C ALA C 459 19.96 57.89 -43.63
N ARG C 460 20.00 58.30 -42.36
CA ARG C 460 19.11 59.34 -41.83
C ARG C 460 19.22 60.66 -42.58
N GLN C 461 20.45 61.05 -42.90
CA GLN C 461 20.69 62.29 -43.65
C GLN C 461 20.13 62.18 -45.08
N TYR C 462 20.42 61.06 -45.76
CA TYR C 462 19.84 60.79 -47.09
C TYR C 462 18.31 60.87 -47.08
N PHE C 463 17.70 60.19 -46.10
CA PHE C 463 16.25 60.11 -45.98
C PHE C 463 15.59 61.48 -45.77
N VAL C 464 16.05 62.21 -44.76
CA VAL C 464 15.43 63.49 -44.40
C VAL C 464 15.61 64.52 -45.52
N GLN C 465 16.69 64.39 -46.28
CA GLN C 465 16.91 65.21 -47.48
C GLN C 465 15.91 64.83 -48.56
N TRP C 466 15.87 63.54 -48.88
CA TRP C 466 14.94 62.99 -49.87
C TRP C 466 13.49 63.46 -49.61
N CYS C 467 13.11 63.55 -48.34
CA CYS C 467 11.81 64.08 -47.93
C CYS C 467 11.63 65.55 -48.33
N ALA C 468 12.61 66.39 -48.00
CA ALA C 468 12.61 67.80 -48.43
C ALA C 468 12.65 67.93 -49.96
N ASP C 469 13.45 67.06 -50.61
CA ASP C 469 13.59 67.02 -52.07
C ASP C 469 12.27 66.80 -52.81
N ARG C 470 11.40 65.95 -52.27
CA ARG C 470 10.14 65.61 -52.93
C ARG C 470 8.89 66.27 -52.34
N ASN C 471 9.11 67.24 -51.45
CA ASN C 471 8.04 67.96 -50.77
C ASN C 471 7.10 66.99 -50.01
N PHE C 472 7.72 66.07 -49.27
CA PHE C 472 7.03 65.16 -48.36
C PHE C 472 6.97 65.76 -46.96
N THR C 473 6.19 65.14 -46.09
CA THR C 473 6.05 65.62 -44.72
C THR C 473 7.35 65.44 -43.96
N LYS C 474 7.58 66.34 -43.01
CA LYS C 474 8.75 66.25 -42.15
C LYS C 474 8.62 65.02 -41.28
N PRO C 475 9.65 64.16 -41.25
CA PRO C 475 9.61 63.05 -40.31
C PRO C 475 9.38 63.56 -38.87
N GLN C 476 8.57 62.83 -38.11
CA GLN C 476 8.20 63.23 -36.74
C GLN C 476 9.43 63.47 -35.87
N ASP C 477 10.39 62.55 -36.00
CA ASP C 477 11.71 62.63 -35.32
C ASP C 477 12.76 63.46 -36.09
N GLY C 478 12.34 64.25 -37.06
CA GLY C 478 13.23 64.81 -38.07
C GLY C 478 14.28 65.76 -37.55
N ASP C 479 13.87 66.63 -36.64
CA ASP C 479 14.78 67.61 -36.03
C ASP C 479 15.86 66.93 -35.19
N VAL C 480 15.57 65.76 -34.64
CA VAL C 480 16.53 65.01 -33.85
C VAL C 480 17.54 64.28 -34.75
N ILE C 481 17.04 63.43 -35.64
CA ILE C 481 17.90 62.54 -36.44
C ILE C 481 18.78 63.27 -37.46
N ALA C 482 18.28 64.36 -38.04
CA ALA C 482 18.98 65.12 -39.06
C ALA C 482 18.84 66.61 -38.79
N PRO C 483 19.50 67.09 -37.72
CA PRO C 483 19.28 68.45 -37.24
C PRO C 483 19.79 69.51 -38.21
N LEU C 484 20.80 69.13 -39.00
CA LEU C 484 21.42 70.02 -39.94
C LEU C 484 20.58 70.20 -41.21
N ILE C 485 19.67 69.28 -41.49
CA ILE C 485 18.89 69.28 -42.74
C ILE C 485 17.50 69.93 -42.65
N THR C 486 16.83 69.79 -41.50
CA THR C 486 15.46 70.30 -41.34
C THR C 486 15.26 71.84 -41.45
N PRO C 487 16.26 72.64 -41.02
CA PRO C 487 16.12 74.08 -41.28
C PRO C 487 16.16 74.48 -42.76
N GLN C 488 16.86 73.70 -43.58
CA GLN C 488 16.90 73.89 -45.05
C GLN C 488 15.51 74.14 -45.68
N LYS C 489 14.51 73.36 -45.29
CA LYS C 489 13.16 73.49 -45.89
C LYS C 489 12.37 74.65 -45.28
N LYS C 490 11.99 75.60 -46.12
CA LYS C 490 11.20 76.78 -45.73
C LYS C 490 9.82 76.37 -45.22
N GLU C 491 9.21 75.40 -45.88
CA GLU C 491 7.89 74.89 -45.53
C GLU C 491 7.79 74.19 -44.15
N TRP C 492 8.90 73.77 -43.56
CA TRP C 492 8.89 73.10 -42.24
C TRP C 492 9.03 74.05 -41.04
N ASN C 493 9.02 75.36 -41.27
CA ASN C 493 9.14 76.35 -40.20
C ASN C 493 7.84 77.17 -40.12
N THR D 8 19.23 50.79 -22.80
CA THR D 8 17.79 51.06 -22.50
C THR D 8 16.97 49.74 -22.54
N MET D 9 15.92 49.69 -21.72
CA MET D 9 15.00 48.52 -21.61
C MET D 9 14.28 48.36 -22.92
N LYS D 10 13.77 47.16 -23.14
CA LYS D 10 12.94 46.90 -24.29
C LYS D 10 11.57 46.44 -23.81
N VAL D 11 10.53 46.99 -24.43
CA VAL D 11 9.15 46.72 -24.04
C VAL D 11 8.52 45.77 -25.05
N ILE D 12 7.77 44.80 -24.54
CA ILE D 12 7.15 43.75 -25.34
C ILE D 12 5.74 43.53 -24.85
N ASN D 13 4.76 43.40 -25.78
CA ASN D 13 3.33 43.29 -25.42
C ASN D 13 2.79 41.85 -25.47
N ASP D 14 2.80 41.23 -24.30
CA ASP D 14 2.21 39.91 -24.07
C ASP D 14 0.72 40.10 -23.78
N PRO D 15 -0.16 39.30 -24.43
CA PRO D 15 -1.58 39.45 -24.15
C PRO D 15 -2.02 39.07 -22.75
N ILE D 16 -1.21 38.28 -22.05
CA ILE D 16 -1.56 37.88 -20.69
C ILE D 16 -1.12 38.94 -19.71
N HIS D 17 0.17 39.27 -19.71
CA HIS D 17 0.75 40.13 -18.68
C HIS D 17 0.84 41.60 -19.07
N GLY D 18 0.52 41.93 -20.31
CA GLY D 18 0.51 43.33 -20.78
C GLY D 18 1.86 43.73 -21.30
N HIS D 19 2.33 44.92 -20.94
CA HIS D 19 3.63 45.43 -21.40
C HIS D 19 4.73 45.12 -20.41
N ILE D 20 5.51 44.11 -20.77
CA ILE D 20 6.64 43.67 -19.98
C ILE D 20 7.84 44.51 -20.40
N GLU D 21 8.67 44.89 -19.42
CA GLU D 21 10.00 45.42 -19.71
C GLU D 21 11.03 44.28 -19.66
N LEU D 22 11.99 44.32 -20.58
CA LEU D 22 13.02 43.31 -20.66
C LEU D 22 14.38 43.96 -20.53
N HIS D 23 15.15 43.51 -19.53
CA HIS D 23 16.49 44.03 -19.31
C HIS D 23 17.44 43.60 -20.46
N PRO D 24 18.35 44.49 -20.88
CA PRO D 24 19.17 44.19 -22.06
C PRO D 24 19.85 42.81 -22.07
N LEU D 25 20.30 42.36 -20.88
CA LEU D 25 20.83 41.01 -20.69
C LEU D 25 19.84 39.94 -21.10
N LEU D 26 18.59 40.12 -20.74
CA LEU D 26 17.53 39.15 -21.09
C LEU D 26 17.30 39.14 -22.59
N VAL D 27 17.20 40.34 -23.18
CA VAL D 27 17.02 40.48 -24.63
C VAL D 27 18.14 39.74 -25.38
N ARG D 28 19.36 39.87 -24.86
CA ARG D 28 20.53 39.23 -25.44
C ARG D 28 20.46 37.71 -25.37
N ILE D 29 19.86 37.20 -24.30
CA ILE D 29 19.59 35.77 -24.13
C ILE D 29 18.44 35.31 -25.05
N ILE D 30 17.39 36.12 -25.11
CA ILE D 30 16.23 35.81 -25.95
C ILE D 30 16.58 35.70 -27.43
N ASP D 31 17.40 36.62 -27.92
CA ASP D 31 17.75 36.65 -29.35
C ASP D 31 18.91 35.69 -29.66
N THR D 32 18.66 34.41 -29.45
CA THR D 32 19.60 33.33 -29.75
C THR D 32 18.81 32.17 -30.36
N PRO D 33 19.46 31.36 -31.23
CA PRO D 33 18.74 30.21 -31.80
C PRO D 33 18.20 29.21 -30.78
N GLN D 34 18.85 29.10 -29.63
CA GLN D 34 18.47 28.14 -28.58
C GLN D 34 17.13 28.52 -27.93
N PHE D 35 16.92 29.83 -27.76
CA PHE D 35 15.70 30.38 -27.18
C PHE D 35 14.59 30.58 -28.21
N GLN D 36 14.90 31.22 -29.34
CA GLN D 36 13.90 31.44 -30.41
C GLN D 36 13.34 30.11 -30.93
N ARG D 37 14.11 29.03 -30.80
CA ARG D 37 13.64 27.65 -30.95
C ARG D 37 12.26 27.39 -30.33
N LEU D 38 12.03 27.95 -29.15
CA LEU D 38 10.76 27.75 -28.44
C LEU D 38 9.54 28.33 -29.16
N ARG D 39 9.74 29.21 -30.13
CA ARG D 39 8.65 29.68 -31.02
C ARG D 39 7.99 28.53 -31.81
N TYR D 40 8.74 27.45 -32.00
CA TYR D 40 8.30 26.36 -32.87
C TYR D 40 7.96 25.09 -32.09
N ILE D 41 7.55 25.25 -30.83
CA ILE D 41 7.11 24.14 -29.98
C ILE D 41 5.84 24.57 -29.24
N LYS D 42 4.71 23.90 -29.50
CA LYS D 42 3.42 24.28 -28.88
C LYS D 42 3.35 23.92 -27.41
N GLN D 43 2.68 24.76 -26.64
CA GLN D 43 2.56 24.57 -25.19
C GLN D 43 1.88 23.25 -24.89
N LEU D 44 0.74 23.06 -25.54
CA LEU D 44 -0.14 21.95 -25.22
C LEU D 44 -0.06 20.80 -26.19
N GLY D 45 1.04 20.74 -26.94
CA GLY D 45 1.28 19.65 -27.85
C GLY D 45 0.08 19.32 -28.69
N GLY D 46 -0.39 18.08 -28.55
CA GLY D 46 -1.55 17.59 -29.31
C GLY D 46 -2.88 18.20 -28.91
N GLY D 47 -2.91 18.94 -27.80
CA GLY D 47 -4.08 19.70 -27.38
C GLY D 47 -4.64 20.67 -28.41
N TYR D 48 -3.78 21.24 -29.24
CA TYR D 48 -4.22 22.12 -30.34
C TYR D 48 -5.21 21.41 -31.28
N TYR D 49 -5.05 20.11 -31.45
CA TYR D 49 -5.94 19.31 -32.29
C TYR D 49 -7.31 18.99 -31.63
N VAL D 50 -7.50 19.42 -30.38
CA VAL D 50 -8.80 19.38 -29.69
C VAL D 50 -9.33 20.78 -29.34
N PHE D 51 -8.47 21.65 -28.81
CA PHE D 51 -8.83 23.04 -28.49
C PHE D 51 -8.23 23.94 -29.52
N PRO D 52 -9.03 24.39 -30.51
CA PRO D 52 -8.43 25.12 -31.63
C PRO D 52 -7.89 26.49 -31.27
N GLY D 53 -8.15 26.99 -30.06
CA GLY D 53 -7.47 28.21 -29.62
C GLY D 53 -5.99 28.05 -29.29
N ALA D 54 -5.59 26.83 -28.86
CA ALA D 54 -4.29 26.52 -28.19
C ALA D 54 -3.03 26.42 -29.11
N SER D 55 -2.93 27.40 -30.01
CA SER D 55 -1.83 27.57 -30.94
C SER D 55 -0.56 28.04 -30.25
N HIS D 56 -0.72 28.65 -29.08
CA HIS D 56 0.40 29.20 -28.31
C HIS D 56 1.56 28.23 -28.05
N ASN D 57 2.75 28.82 -28.02
CA ASN D 57 4.04 28.17 -27.99
C ASN D 57 4.79 28.48 -26.71
N ARG D 58 5.83 27.70 -26.44
CA ARG D 58 6.65 27.89 -25.25
C ARG D 58 7.30 29.28 -25.15
N PHE D 59 7.72 29.80 -26.29
CA PHE D 59 8.37 31.11 -26.36
C PHE D 59 7.69 32.13 -25.44
N GLU D 60 6.40 32.38 -25.68
CA GLU D 60 5.66 33.39 -24.94
C GLU D 60 5.40 33.01 -23.47
N HIS D 61 5.23 31.71 -23.21
CA HIS D 61 5.18 31.16 -21.83
C HIS D 61 6.48 31.48 -21.12
N SER D 62 7.60 31.13 -21.75
CA SER D 62 8.93 31.40 -21.19
C SER D 62 9.08 32.89 -20.85
N LEU D 63 8.65 33.78 -21.74
CA LEU D 63 8.66 35.23 -21.44
C LEU D 63 7.88 35.56 -20.18
N GLY D 64 6.65 35.04 -20.10
CA GLY D 64 5.78 35.31 -18.98
C GLY D 64 6.30 34.80 -17.64
N VAL D 65 6.92 33.63 -17.66
CA VAL D 65 7.49 33.07 -16.44
C VAL D 65 8.66 33.94 -15.97
N GLY D 66 9.49 34.38 -16.90
CA GLY D 66 10.55 35.33 -16.60
C GLY D 66 9.99 36.60 -15.98
N TYR D 67 8.91 37.11 -16.55
CA TYR D 67 8.28 38.33 -16.06
C TYR D 67 7.78 38.21 -14.63
N LEU D 68 7.02 37.16 -14.38
CA LEU D 68 6.42 36.92 -13.06
C LEU D 68 7.47 36.60 -12.00
N ALA D 69 8.50 35.89 -12.40
CA ALA D 69 9.65 35.71 -11.54
C ALA D 69 10.16 37.07 -11.05
N GLY D 70 10.34 38.00 -12.00
CA GLY D 70 10.73 39.38 -11.72
C GLY D 70 9.78 40.09 -10.79
N CYS D 71 8.49 39.92 -11.04
CA CYS D 71 7.46 40.54 -10.20
C CYS D 71 7.54 40.12 -8.75
N LEU D 72 7.62 38.81 -8.54
CA LEU D 72 7.57 38.27 -7.18
C LEU D 72 8.81 38.65 -6.40
N VAL D 73 9.99 38.41 -6.98
CA VAL D 73 11.24 38.74 -6.31
C VAL D 73 11.37 40.24 -6.04
N HIS D 74 10.99 41.05 -7.01
CA HIS D 74 11.06 42.51 -6.89
C HIS D 74 10.06 42.99 -5.82
N ALA D 75 8.90 42.34 -5.73
CA ALA D 75 7.90 42.67 -4.71
C ALA D 75 8.36 42.35 -3.30
N LEU D 76 8.98 41.18 -3.12
CA LEU D 76 9.51 40.81 -1.82
C LEU D 76 10.53 41.80 -1.34
N GLY D 77 11.40 42.22 -2.28
CA GLY D 77 12.43 43.23 -2.02
C GLY D 77 11.93 44.58 -1.57
N GLU D 78 10.85 45.05 -2.20
CA GLU D 78 10.20 46.31 -1.81
C GLU D 78 9.59 46.15 -0.42
N LYS D 79 8.82 45.08 -0.24
CA LYS D 79 8.14 44.77 1.03
C LYS D 79 9.14 44.57 2.19
N GLN D 80 10.30 43.95 1.92
CA GLN D 80 11.26 43.59 2.97
C GLN D 80 12.72 43.88 2.56
N PRO D 81 13.17 45.14 2.77
CA PRO D 81 14.57 45.49 2.46
C PRO D 81 15.60 44.67 3.26
N GLU D 82 15.23 44.30 4.49
CA GLU D 82 16.06 43.43 5.34
C GLU D 82 16.62 42.19 4.66
N LEU D 83 15.94 41.69 3.63
CA LEU D 83 16.38 40.50 2.88
C LEU D 83 17.63 40.73 2.03
N GLN D 84 17.87 42.00 1.67
CA GLN D 84 19.00 42.41 0.83
C GLN D 84 19.04 41.58 -0.45
N ILE D 85 17.97 41.75 -1.21
CA ILE D 85 17.84 41.17 -2.51
C ILE D 85 18.48 42.18 -3.46
N SER D 86 19.58 41.78 -4.10
CA SER D 86 20.30 42.66 -5.05
C SER D 86 19.68 42.58 -6.44
N GLU D 87 19.90 43.62 -7.26
CA GLU D 87 19.45 43.58 -8.67
C GLU D 87 20.19 42.47 -9.43
N ARG D 88 21.30 42.00 -8.87
CA ARG D 88 21.95 40.80 -9.35
C ARG D 88 21.06 39.57 -9.11
N ASP D 89 20.55 39.43 -7.89
CA ASP D 89 19.62 38.33 -7.57
C ASP D 89 18.39 38.38 -8.47
N VAL D 90 17.81 39.57 -8.63
CA VAL D 90 16.60 39.78 -9.45
C VAL D 90 16.84 39.28 -10.87
N LEU D 91 17.93 39.75 -11.48
CA LEU D 91 18.27 39.35 -12.84
C LEU D 91 18.42 37.86 -12.96
N CYS D 92 19.09 37.24 -11.99
CA CYS D 92 19.31 35.79 -12.00
C CYS D 92 18.00 35.00 -11.94
N VAL D 93 17.07 35.49 -11.14
CA VAL D 93 15.75 34.87 -11.02
C VAL D 93 14.96 35.02 -12.32
N GLN D 94 14.98 36.22 -12.89
CA GLN D 94 14.35 36.47 -14.19
C GLN D 94 14.92 35.54 -15.26
N ILE D 95 16.25 35.46 -15.33
CA ILE D 95 16.93 34.58 -16.31
C ILE D 95 16.50 33.13 -16.14
N ALA D 96 16.40 32.68 -14.90
CA ALA D 96 15.97 31.31 -14.61
C ALA D 96 14.57 31.08 -15.15
N GLY D 97 13.65 31.96 -14.76
CA GLY D 97 12.28 31.92 -15.23
C GLY D 97 12.18 31.91 -16.75
N LEU D 98 12.95 32.80 -17.37
CA LEU D 98 12.98 32.92 -18.82
C LEU D 98 13.40 31.61 -19.51
N CYS D 99 14.45 31.00 -18.97
CA CYS D 99 15.06 29.81 -19.56
C CYS D 99 14.56 28.49 -18.98
N HIS D 100 13.53 28.52 -18.14
CA HIS D 100 13.19 27.35 -17.34
C HIS D 100 12.68 26.16 -18.16
N ASP D 101 12.02 26.46 -19.29
CA ASP D 101 11.52 25.43 -20.20
C ASP D 101 12.22 25.51 -21.54
N LEU D 102 13.50 25.82 -21.52
CA LEU D 102 14.35 25.77 -22.73
C LEU D 102 14.50 24.37 -23.32
N GLY D 103 14.37 23.35 -22.48
CA GLY D 103 14.62 21.98 -22.85
C GLY D 103 13.42 21.09 -23.19
N HIS D 104 12.26 21.66 -23.44
CA HIS D 104 11.14 20.84 -23.90
C HIS D 104 11.38 20.35 -25.29
N GLY D 105 10.91 19.14 -25.56
CA GLY D 105 10.99 18.58 -26.89
C GLY D 105 9.81 18.96 -27.78
N PRO D 106 9.77 18.42 -29.02
CA PRO D 106 8.62 18.55 -29.90
C PRO D 106 7.33 18.13 -29.18
N PHE D 107 6.31 18.98 -29.29
CA PHE D 107 5.04 18.78 -28.61
C PHE D 107 5.16 18.68 -27.06
N SER D 108 6.08 19.48 -26.54
CA SER D 108 6.24 19.72 -25.10
C SER D 108 6.31 18.45 -24.26
N HIS D 109 5.20 18.11 -23.59
CA HIS D 109 5.22 17.07 -22.57
C HIS D 109 5.04 15.68 -23.18
N MET D 110 4.47 15.62 -24.39
CA MET D 110 4.50 14.41 -25.19
C MET D 110 5.92 13.84 -25.30
N PHE D 111 6.91 14.70 -25.49
CA PHE D 111 8.29 14.26 -25.71
C PHE D 111 8.94 13.61 -24.48
N ASP D 112 9.02 14.35 -23.38
CA ASP D 112 9.63 13.84 -22.15
C ASP D 112 8.71 12.85 -21.40
N GLY D 113 7.41 12.91 -21.68
CA GLY D 113 6.40 12.10 -20.98
C GLY D 113 5.97 10.80 -21.63
N ARG D 114 5.99 10.73 -22.97
CA ARG D 114 5.59 9.52 -23.71
C ARG D 114 6.72 8.96 -24.57
N PHE D 115 7.28 9.79 -25.45
CA PHE D 115 8.24 9.34 -26.48
C PHE D 115 9.57 8.82 -25.95
N ILE D 116 10.30 9.66 -25.22
CA ILE D 116 11.62 9.28 -24.70
C ILE D 116 11.57 8.04 -23.80
N PRO D 117 10.59 7.96 -22.87
CA PRO D 117 10.39 6.73 -22.11
C PRO D 117 10.20 5.45 -22.93
N LEU D 118 9.56 5.55 -24.10
CA LEU D 118 9.37 4.39 -24.99
C LEU D 118 10.60 4.15 -25.87
N ALA D 119 11.10 5.21 -26.49
CA ALA D 119 12.25 5.10 -27.40
C ALA D 119 13.54 4.67 -26.70
N ARG D 120 13.78 5.19 -25.49
CA ARG D 120 15.01 4.90 -24.74
C ARG D 120 14.72 4.65 -23.27
N PRO D 121 14.17 3.46 -22.95
CA PRO D 121 13.77 3.10 -21.57
C PRO D 121 14.91 3.11 -20.55
N GLU D 122 16.15 2.93 -21.03
CA GLU D 122 17.34 3.00 -20.17
C GLU D 122 17.57 4.37 -19.50
N VAL D 123 17.21 5.47 -20.17
CA VAL D 123 17.55 6.83 -19.69
C VAL D 123 16.48 7.36 -18.74
N LYS D 124 16.91 8.10 -17.72
CA LYS D 124 16.02 8.95 -16.92
C LYS D 124 16.30 10.38 -17.38
N TRP D 125 15.41 10.90 -18.23
CA TRP D 125 15.55 12.24 -18.83
C TRP D 125 14.25 13.04 -18.66
N THR D 126 14.40 14.33 -18.32
CA THR D 126 13.27 15.26 -18.14
C THR D 126 13.50 16.55 -18.91
N HIS D 127 12.42 17.29 -19.16
CA HIS D 127 12.53 18.56 -19.87
C HIS D 127 13.44 19.56 -19.11
N GLU D 128 13.45 19.46 -17.78
CA GLU D 128 14.28 20.31 -16.92
C GLU D 128 15.77 20.06 -17.14
N GLN D 129 16.17 18.79 -17.11
CA GLN D 129 17.57 18.43 -17.37
C GLN D 129 18.01 18.99 -18.70
N GLY D 130 17.13 18.87 -19.69
CA GLY D 130 17.34 19.46 -21.01
C GLY D 130 17.57 20.95 -20.94
N SER D 131 16.74 21.64 -20.17
CA SER D 131 16.85 23.09 -20.02
C SER D 131 18.23 23.52 -19.48
N VAL D 132 18.74 22.80 -18.49
CA VAL D 132 20.08 23.07 -17.95
C VAL D 132 21.15 22.96 -19.01
N MET D 133 21.14 21.84 -19.74
CA MET D 133 22.10 21.61 -20.80
C MET D 133 21.96 22.63 -21.91
N MET D 134 20.73 22.90 -22.32
CA MET D 134 20.45 23.88 -23.37
C MET D 134 20.88 25.29 -22.92
N PHE D 135 20.71 25.59 -21.64
CA PHE D 135 21.14 26.89 -21.09
C PHE D 135 22.65 27.05 -21.23
N GLU D 136 23.39 26.02 -20.78
CA GLU D 136 24.84 25.96 -20.94
C GLU D 136 25.24 26.21 -22.40
N HIS D 137 24.63 25.46 -23.32
CA HIS D 137 24.90 25.62 -24.77
C HIS D 137 24.59 27.03 -25.26
N LEU D 138 23.48 27.61 -24.77
CA LEU D 138 23.10 28.98 -25.15
C LEU D 138 24.17 29.98 -24.73
N ILE D 139 24.58 29.90 -23.47
CA ILE D 139 25.57 30.82 -22.91
C ILE D 139 26.88 30.76 -23.69
N ASN D 140 27.36 29.53 -23.92
CA ASN D 140 28.68 29.32 -24.53
C ASN D 140 28.71 29.68 -26.00
N SER D 141 27.73 29.20 -26.75
CA SER D 141 27.68 29.47 -28.19
C SER D 141 27.36 30.94 -28.55
N ASN D 142 26.86 31.73 -27.61
CA ASN D 142 26.52 33.14 -27.88
C ASN D 142 27.32 34.19 -27.10
N GLY D 143 28.33 33.77 -26.36
CA GLY D 143 29.22 34.68 -25.62
C GLY D 143 28.50 35.59 -24.63
N ILE D 144 27.66 34.96 -23.81
CA ILE D 144 26.82 35.68 -22.86
C ILE D 144 27.57 36.01 -21.59
N LYS D 145 28.48 35.12 -21.19
CA LYS D 145 29.31 35.35 -20.00
C LYS D 145 29.89 36.77 -19.86
N PRO D 146 30.53 37.32 -20.91
CA PRO D 146 30.96 38.73 -20.89
C PRO D 146 29.87 39.75 -20.59
N VAL D 147 28.67 39.50 -21.14
CA VAL D 147 27.53 40.40 -20.99
C VAL D 147 26.98 40.31 -19.56
N MET D 148 26.99 39.10 -18.99
CA MET D 148 26.56 38.93 -17.61
C MET D 148 27.45 39.75 -16.68
N GLU D 149 28.76 39.61 -16.87
CA GLU D 149 29.76 40.41 -16.14
C GLU D 149 29.50 41.90 -16.28
N GLN D 150 29.27 42.35 -17.51
CA GLN D 150 28.97 43.76 -17.80
C GLN D 150 27.81 44.31 -16.95
N TYR D 151 26.82 43.49 -16.65
CA TYR D 151 25.68 43.89 -15.79
C TYR D 151 25.76 43.38 -14.35
N GLY D 152 26.98 43.19 -13.85
CA GLY D 152 27.21 42.92 -12.43
C GLY D 152 26.99 41.50 -11.95
N LEU D 153 26.88 40.55 -12.86
CA LEU D 153 26.78 39.13 -12.46
C LEU D 153 28.16 38.50 -12.34
N ILE D 154 28.19 37.36 -11.64
CA ILE D 154 29.40 36.56 -11.47
C ILE D 154 29.10 35.16 -12.04
N PRO D 155 29.47 34.92 -13.31
CA PRO D 155 29.11 33.67 -13.99
C PRO D 155 29.39 32.38 -13.21
N GLU D 156 30.53 32.28 -12.54
CA GLU D 156 30.86 31.10 -11.70
C GLU D 156 29.68 30.77 -10.77
N GLU D 157 29.39 31.70 -9.87
CA GLU D 157 28.33 31.54 -8.88
C GLU D 157 26.95 31.53 -9.50
N ASP D 158 26.68 32.47 -10.39
CA ASP D 158 25.32 32.73 -10.84
C ASP D 158 24.77 31.74 -11.85
N ILE D 159 25.61 31.25 -12.76
CA ILE D 159 25.16 30.23 -13.72
C ILE D 159 24.78 28.95 -12.99
N CYS D 160 25.44 28.65 -11.87
CA CYS D 160 25.02 27.55 -11.00
C CYS D 160 23.65 27.85 -10.38
N PHE D 161 23.52 29.04 -9.82
CA PHE D 161 22.27 29.50 -9.19
C PHE D 161 21.08 29.40 -10.13
N ILE D 162 21.29 29.80 -11.38
CA ILE D 162 20.24 29.73 -12.41
C ILE D 162 19.86 28.27 -12.69
N LYS D 163 20.87 27.43 -12.94
CA LYS D 163 20.65 25.99 -13.18
C LYS D 163 19.93 25.36 -11.99
N GLU D 164 20.38 25.69 -10.80
CA GLU D 164 19.77 25.16 -9.59
C GLU D 164 18.31 25.55 -9.42
N GLN D 165 17.95 26.78 -9.79
CA GLN D 165 16.54 27.20 -9.77
C GLN D 165 15.68 26.26 -10.62
N ILE D 166 16.22 25.85 -11.76
CA ILE D 166 15.49 25.08 -12.77
C ILE D 166 15.29 23.62 -12.35
N VAL D 167 16.39 22.93 -12.05
CA VAL D 167 16.38 21.48 -11.78
C VAL D 167 16.50 21.09 -10.30
N GLY D 168 16.76 22.06 -9.42
CA GLY D 168 17.07 21.76 -8.04
C GLY D 168 18.58 21.52 -7.91
N PRO D 169 19.00 20.87 -6.81
CA PRO D 169 20.44 20.81 -6.52
C PRO D 169 21.23 19.91 -7.48
N LEU D 170 22.40 20.35 -7.88
CA LEU D 170 23.25 19.65 -8.82
C LEU D 170 24.06 18.50 -8.14
N GLU D 171 23.38 17.66 -7.41
CA GLU D 171 23.92 16.35 -6.88
C GLU D 171 22.82 15.27 -6.99
N SER D 177 21.06 16.98 7.82
CA SER D 177 20.82 17.23 6.39
C SER D 177 21.28 18.67 6.06
N LEU D 178 22.39 18.77 5.30
CA LEU D 178 23.02 20.05 5.05
C LEU D 178 22.15 20.91 4.11
N TRP D 179 22.55 22.18 3.93
CA TRP D 179 22.11 23.03 2.82
C TRP D 179 22.64 22.54 1.45
N PRO D 180 21.74 22.04 0.57
CA PRO D 180 22.20 21.41 -0.67
C PRO D 180 22.66 22.33 -1.82
N TYR D 181 22.44 23.64 -1.74
CA TYR D 181 22.71 24.53 -2.87
C TYR D 181 24.10 25.17 -2.76
N LYS D 182 24.82 25.21 -3.88
CA LYS D 182 26.10 25.92 -3.98
C LYS D 182 25.91 27.33 -4.56
N GLY D 183 24.78 27.61 -5.19
CA GLY D 183 24.56 28.89 -5.90
C GLY D 183 24.30 30.06 -4.99
N ARG D 184 23.50 29.87 -3.95
CA ARG D 184 23.22 30.88 -2.95
C ARG D 184 23.23 30.28 -1.55
N PRO D 185 23.52 31.10 -0.52
CA PRO D 185 23.45 30.65 0.88
C PRO D 185 22.03 30.46 1.42
N GLU D 186 21.92 29.94 2.65
CA GLU D 186 20.61 29.67 3.29
C GLU D 186 19.75 30.90 3.55
N ASN D 187 20.41 32.04 3.75
CA ASN D 187 19.70 33.31 3.98
C ASN D 187 19.03 33.88 2.72
N LYS D 188 19.17 33.21 1.58
CA LYS D 188 18.41 33.54 0.38
C LYS D 188 17.77 32.28 -0.24
N SER D 189 17.30 31.36 0.61
CA SER D 189 16.63 30.14 0.11
C SER D 189 15.29 30.43 -0.55
N PHE D 190 14.63 31.50 -0.11
CA PHE D 190 13.37 31.94 -0.71
C PHE D 190 13.46 32.14 -2.22
N LEU D 191 14.61 32.54 -2.73
CA LEU D 191 14.79 32.70 -4.17
C LEU D 191 14.57 31.40 -4.96
N TYR D 192 14.92 30.26 -4.36
CA TYR D 192 14.71 28.96 -5.01
C TYR D 192 13.24 28.53 -5.12
N GLU D 193 12.39 29.15 -4.32
CA GLU D 193 10.94 28.91 -4.34
C GLU D 193 10.14 29.72 -5.39
N ILE D 194 10.80 30.53 -6.22
CA ILE D 194 10.07 31.40 -7.17
C ILE D 194 9.77 30.69 -8.50
N VAL D 195 10.81 30.20 -9.16
CA VAL D 195 10.67 29.69 -10.53
C VAL D 195 10.12 28.26 -10.54
N SER D 196 10.68 27.42 -9.68
CA SER D 196 10.30 26.01 -9.59
C SER D 196 10.43 25.56 -8.13
N ASN D 197 9.29 25.52 -7.45
CA ASN D 197 9.19 25.37 -6.00
C ASN D 197 9.18 23.87 -5.68
N LYS D 198 10.32 23.39 -5.18
CA LYS D 198 10.49 21.98 -4.84
C LYS D 198 9.73 21.61 -3.56
N ARG D 199 9.47 22.59 -2.69
CA ARG D 199 8.86 22.35 -1.37
C ARG D 199 7.39 21.96 -1.47
N ASN D 200 6.62 22.80 -2.16
CA ASN D 200 5.15 22.65 -2.28
C ASN D 200 4.58 22.73 -3.69
N GLY D 201 5.35 23.24 -4.64
CA GLY D 201 4.89 23.35 -6.02
C GLY D 201 4.26 24.69 -6.39
N ILE D 202 4.07 25.59 -5.43
CA ILE D 202 3.53 26.92 -5.74
C ILE D 202 4.66 27.77 -6.33
N ASP D 203 4.65 27.91 -7.66
CA ASP D 203 5.66 28.67 -8.42
C ASP D 203 5.02 29.54 -9.51
N VAL D 204 5.80 30.46 -10.07
CA VAL D 204 5.28 31.36 -11.12
C VAL D 204 5.13 30.65 -12.47
N ASP D 205 5.79 29.51 -12.66
CA ASP D 205 5.58 28.62 -13.81
C ASP D 205 4.09 28.32 -13.91
N LYS D 206 3.51 27.84 -12.81
CA LYS D 206 2.07 27.55 -12.74
C LYS D 206 1.22 28.78 -13.02
N TRP D 207 1.58 29.90 -12.42
CA TRP D 207 0.75 31.09 -12.50
C TRP D 207 0.61 31.61 -13.92
N ASP D 208 1.70 31.55 -14.70
CA ASP D 208 1.66 31.95 -16.10
C ASP D 208 0.77 31.01 -16.89
N TYR D 209 1.06 29.71 -16.86
CA TYR D 209 0.36 28.77 -17.74
C TYR D 209 -1.12 28.60 -17.40
N PHE D 210 -1.51 28.83 -16.15
CA PHE D 210 -2.93 28.93 -15.80
C PHE D 210 -3.57 30.03 -16.63
N ALA D 211 -3.04 31.23 -16.49
CA ALA D 211 -3.55 32.40 -17.19
C ALA D 211 -3.47 32.23 -18.70
N ARG D 212 -2.31 31.74 -19.17
CA ARG D 212 -2.05 31.62 -20.60
C ARG D 212 -2.87 30.54 -21.24
N ASP D 213 -2.81 29.33 -20.68
CA ASP D 213 -3.55 28.20 -21.26
C ASP D 213 -5.04 28.54 -21.29
N CYS D 214 -5.58 29.03 -20.19
CA CYS D 214 -7.00 29.45 -20.14
C CYS D 214 -7.38 30.45 -21.24
N HIS D 215 -6.58 31.49 -21.42
CA HIS D 215 -6.81 32.54 -22.43
C HIS D 215 -7.00 31.93 -23.81
N HIS D 216 -6.05 31.05 -24.16
CA HIS D 216 -6.01 30.40 -25.48
C HIS D 216 -6.99 29.19 -25.59
N LEU D 217 -7.20 28.44 -24.51
CA LEU D 217 -8.11 27.26 -24.54
C LEU D 217 -9.57 27.60 -24.79
N GLY D 218 -10.04 28.60 -24.04
CA GLY D 218 -11.46 28.94 -23.94
C GLY D 218 -12.05 28.42 -22.64
N ILE D 219 -11.32 28.65 -21.55
CA ILE D 219 -11.75 28.31 -20.20
C ILE D 219 -11.35 29.52 -19.35
N GLN D 220 -12.14 29.86 -18.33
CA GLN D 220 -11.78 30.96 -17.43
C GLN D 220 -10.98 30.40 -16.24
N ASN D 221 -10.00 31.19 -15.84
CA ASN D 221 -9.04 30.82 -14.81
C ASN D 221 -9.57 31.32 -13.47
N ASN D 222 -9.50 30.46 -12.45
CA ASN D 222 -10.05 30.80 -11.12
C ASN D 222 -8.98 31.12 -10.05
N PHE D 223 -7.80 31.56 -10.47
CA PHE D 223 -6.70 31.84 -9.53
C PHE D 223 -6.04 33.19 -9.77
N ASP D 224 -5.92 33.98 -8.71
CA ASP D 224 -5.39 35.34 -8.79
C ASP D 224 -3.96 35.37 -8.25
N TYR D 225 -3.00 35.32 -9.17
CA TYR D 225 -1.58 35.33 -8.81
C TYR D 225 -1.17 36.67 -8.22
N LYS D 226 -1.71 37.74 -8.77
CA LYS D 226 -1.40 39.09 -8.31
C LYS D 226 -1.71 39.28 -6.84
N ARG D 227 -2.84 38.72 -6.41
CA ARG D 227 -3.27 38.80 -5.03
C ARG D 227 -2.34 38.03 -4.11
N PHE D 228 -1.95 36.83 -4.53
CA PHE D 228 -1.06 36.04 -3.70
C PHE D 228 0.28 36.75 -3.45
N ILE D 229 0.76 37.43 -4.49
CA ILE D 229 1.97 38.27 -4.41
C ILE D 229 1.80 39.39 -3.38
N LYS D 230 0.65 40.07 -3.35
CA LYS D 230 0.42 41.11 -2.34
C LYS D 230 0.45 40.57 -0.92
N PHE D 231 0.08 39.30 -0.72
CA PHE D 231 0.12 38.64 0.60
C PHE D 231 1.19 37.58 0.73
N ALA D 232 2.30 37.79 0.04
CA ALA D 232 3.46 36.93 0.19
C ALA D 232 4.48 37.66 1.04
N ARG D 233 5.32 36.88 1.72
CA ARG D 233 6.23 37.41 2.72
C ARG D 233 7.25 36.36 3.13
N VAL D 234 8.48 36.78 3.37
CA VAL D 234 9.55 35.86 3.80
C VAL D 234 9.61 35.85 5.31
N CYS D 235 9.63 34.65 5.89
CA CYS D 235 9.81 34.44 7.33
C CYS D 235 10.82 33.34 7.57
N GLU D 236 11.34 33.28 8.79
CA GLU D 236 12.25 32.21 9.17
C GLU D 236 11.44 30.95 9.47
N VAL D 237 11.86 29.84 8.88
CA VAL D 237 11.29 28.51 9.14
C VAL D 237 12.43 27.50 9.22
N ASP D 238 12.68 26.95 10.41
CA ASP D 238 13.75 25.97 10.63
C ASP D 238 15.09 26.45 10.11
N ASN D 239 15.56 27.58 10.64
CA ASN D 239 16.93 28.10 10.35
C ASN D 239 17.17 28.44 8.87
N GLU D 240 16.12 28.94 8.22
CA GLU D 240 16.12 29.11 6.77
C GLU D 240 15.01 30.09 6.41
N LEU D 241 15.29 31.04 5.53
CA LEU D 241 14.30 32.06 5.14
C LEU D 241 13.45 31.67 3.92
N ARG D 242 12.16 31.39 4.14
CA ARG D 242 11.28 30.90 3.07
C ARG D 242 10.03 31.72 2.91
N ILE D 243 9.46 31.68 1.70
CA ILE D 243 8.25 32.42 1.38
C ILE D 243 7.08 31.81 2.14
N CYS D 244 6.27 32.70 2.70
CA CYS D 244 5.06 32.35 3.43
C CYS D 244 3.90 33.19 2.92
N ALA D 245 2.71 32.60 2.90
CA ALA D 245 1.47 33.29 2.52
C ALA D 245 0.70 33.62 3.78
N ARG D 246 -0.21 34.57 3.66
CA ARG D 246 -1.05 34.97 4.79
C ARG D 246 -2.04 33.86 5.13
N ASP D 247 -2.31 33.69 6.42
CA ASP D 247 -3.29 32.71 6.90
C ASP D 247 -4.62 32.63 6.13
N LYS D 248 -5.19 33.79 5.79
CA LYS D 248 -6.46 33.83 5.03
C LYS D 248 -6.37 33.23 3.62
N GLU D 249 -5.20 33.32 2.98
CA GLU D 249 -4.99 32.77 1.63
C GLU D 249 -5.05 31.24 1.54
N VAL D 250 -4.99 30.53 2.67
CA VAL D 250 -5.00 29.07 2.65
C VAL D 250 -6.12 28.51 1.76
N GLY D 251 -7.30 29.11 1.82
CA GLY D 251 -8.43 28.69 0.96
C GLY D 251 -8.10 28.79 -0.52
N ASN D 252 -7.54 29.93 -0.91
CA ASN D 252 -7.18 30.18 -2.31
C ASN D 252 -6.09 29.23 -2.81
N LEU D 253 -5.21 28.82 -1.89
CA LEU D 253 -4.15 27.89 -2.23
C LEU D 253 -4.66 26.49 -2.50
N TYR D 254 -5.63 26.00 -1.72
CA TYR D 254 -6.26 24.71 -2.07
C TYR D 254 -6.96 24.84 -3.43
N ASP D 255 -7.58 25.99 -3.67
CA ASP D 255 -8.27 26.29 -4.93
C ASP D 255 -7.30 26.42 -6.11
N MET D 256 -6.05 26.81 -5.85
CA MET D 256 -5.00 26.80 -6.88
C MET D 256 -4.78 25.38 -7.39
N PHE D 257 -4.56 24.42 -6.49
CA PHE D 257 -4.33 23.04 -6.91
C PHE D 257 -5.58 22.36 -7.46
N HIS D 258 -6.77 22.80 -7.03
CA HIS D 258 -8.03 22.37 -7.64
C HIS D 258 -8.12 22.83 -9.09
N THR D 259 -7.84 24.12 -9.30
CA THR D 259 -7.79 24.70 -10.65
C THR D 259 -6.78 23.92 -11.52
N ARG D 260 -5.63 23.56 -10.97
CA ARG D 260 -4.63 22.75 -11.71
C ARG D 260 -5.22 21.42 -12.15
N ASN D 261 -5.77 20.68 -11.19
CA ASN D 261 -6.36 19.36 -11.44
C ASN D 261 -7.52 19.47 -12.42
N SER D 262 -8.32 20.51 -12.28
CA SER D 262 -9.44 20.78 -13.18
C SER D 262 -8.97 20.98 -14.63
N LEU D 263 -7.90 21.76 -14.83
CA LEU D 263 -7.32 21.97 -16.17
C LEU D 263 -6.75 20.70 -16.80
N HIS D 264 -6.17 19.85 -15.97
CA HIS D 264 -5.73 18.53 -16.43
C HIS D 264 -6.91 17.69 -16.88
N ARG D 265 -7.97 17.67 -16.09
CA ARG D 265 -9.17 16.90 -16.42
C ARG D 265 -9.81 17.38 -17.72
N ARG D 266 -10.04 18.68 -17.83
CA ARG D 266 -10.75 19.23 -18.98
C ARG D 266 -9.90 19.28 -20.24
N ALA D 267 -8.62 19.64 -20.11
CA ALA D 267 -7.77 19.97 -21.24
C ALA D 267 -6.56 19.05 -21.43
N TYR D 268 -5.62 19.12 -20.51
CA TYR D 268 -4.28 18.54 -20.73
C TYR D 268 -4.32 17.01 -20.92
N GLN D 269 -5.18 16.36 -20.13
CA GLN D 269 -5.43 14.93 -20.23
C GLN D 269 -6.74 14.59 -20.94
N HIS D 270 -7.18 15.46 -21.86
CA HIS D 270 -8.40 15.20 -22.62
C HIS D 270 -8.25 13.92 -23.43
N LYS D 271 -9.28 13.08 -23.38
CA LYS D 271 -9.23 11.71 -23.92
C LYS D 271 -8.72 11.62 -25.37
N VAL D 272 -9.12 12.58 -26.20
CA VAL D 272 -8.71 12.69 -27.59
C VAL D 272 -7.34 13.38 -27.72
N GLY D 273 -7.10 14.38 -26.88
CA GLY D 273 -5.80 15.05 -26.85
C GLY D 273 -4.69 14.07 -26.57
N ASN D 274 -4.94 13.19 -25.60
CA ASN D 274 -4.02 12.10 -25.26
C ASN D 274 -3.87 11.05 -26.34
N ILE D 275 -4.96 10.72 -27.04
CA ILE D 275 -4.84 9.71 -28.12
C ILE D 275 -4.05 10.29 -29.29
N ILE D 276 -4.19 11.59 -29.55
CA ILE D 276 -3.39 12.23 -30.57
C ILE D 276 -1.91 12.31 -30.19
N ASP D 277 -1.64 12.64 -28.92
CA ASP D 277 -0.28 12.55 -28.36
C ASP D 277 0.30 11.14 -28.61
N THR D 278 -0.42 10.06 -28.23
CA THR D 278 0.08 8.67 -28.40
C THR D 278 0.29 8.35 -29.88
N MET D 279 -0.57 8.87 -30.75
CA MET D 279 -0.46 8.66 -32.19
C MET D 279 0.74 9.36 -32.80
N ILE D 280 0.99 10.60 -32.38
CA ILE D 280 2.18 11.32 -32.81
C ILE D 280 3.45 10.64 -32.28
N THR D 281 3.43 10.26 -31.00
CA THR D 281 4.51 9.47 -30.38
C THR D 281 4.79 8.19 -31.19
N ASP D 282 3.72 7.49 -31.53
CA ASP D 282 3.80 6.25 -32.33
C ASP D 282 4.50 6.51 -33.66
N ALA D 283 4.09 7.57 -34.35
CA ALA D 283 4.71 7.97 -35.62
C ALA D 283 6.18 8.35 -35.48
N PHE D 284 6.54 9.00 -34.39
CA PHE D 284 7.94 9.35 -34.11
C PHE D 284 8.76 8.10 -33.91
N LEU D 285 8.22 7.15 -33.15
CA LEU D 285 8.92 5.88 -32.92
C LEU D 285 9.23 5.16 -34.23
N LYS D 286 8.27 5.15 -35.15
CA LYS D 286 8.45 4.50 -36.45
C LYS D 286 9.38 5.28 -37.37
N ALA D 287 9.41 6.60 -37.23
CA ALA D 287 10.30 7.45 -38.00
C ALA D 287 11.72 7.58 -37.44
N ASP D 288 11.93 7.19 -36.18
CA ASP D 288 13.17 7.52 -35.44
C ASP D 288 14.43 7.05 -36.14
N ASP D 289 14.39 5.83 -36.63
CA ASP D 289 15.53 5.16 -37.25
C ASP D 289 16.01 5.86 -38.52
N TYR D 290 15.10 6.47 -39.27
CA TYR D 290 15.41 7.00 -40.60
C TYR D 290 15.54 8.52 -40.68
N ILE D 291 15.41 9.23 -39.56
CA ILE D 291 15.61 10.67 -39.53
C ILE D 291 16.94 10.99 -38.86
N GLU D 292 17.76 11.74 -39.61
CA GLU D 292 19.05 12.22 -39.15
C GLU D 292 18.95 13.72 -38.85
N ILE D 293 19.64 14.15 -37.80
CA ILE D 293 19.74 15.57 -37.45
C ILE D 293 21.21 15.89 -37.20
N THR D 294 21.71 16.92 -37.88
CA THR D 294 23.10 17.33 -37.80
C THR D 294 23.36 17.94 -36.45
N GLY D 295 24.39 17.44 -35.77
CA GLY D 295 24.79 17.92 -34.46
C GLY D 295 26.13 18.60 -34.46
N ALA D 296 26.81 18.51 -33.32
CA ALA D 296 28.09 19.16 -33.10
C ALA D 296 29.18 18.43 -33.87
N GLY D 297 29.98 19.21 -34.61
CA GLY D 297 30.99 18.68 -35.51
C GLY D 297 30.41 17.84 -36.64
N GLY D 298 29.13 18.06 -36.95
CA GLY D 298 28.44 17.28 -37.98
C GLY D 298 27.98 15.86 -37.64
N LYS D 299 28.16 15.39 -36.40
CA LYS D 299 27.74 14.01 -36.05
C LYS D 299 26.24 13.82 -36.28
N LYS D 300 25.82 12.65 -36.73
CA LYS D 300 24.41 12.37 -37.02
C LYS D 300 23.68 11.89 -35.77
N TYR D 301 22.58 12.57 -35.43
CA TYR D 301 21.73 12.15 -34.30
C TYR D 301 20.31 11.84 -34.76
N ARG D 302 19.67 10.90 -34.08
CA ARG D 302 18.27 10.54 -34.31
C ARG D 302 17.38 11.37 -33.41
N ILE D 303 16.07 11.24 -33.58
CA ILE D 303 15.12 12.04 -32.77
C ILE D 303 15.34 11.73 -31.31
N SER D 304 15.42 10.44 -30.99
CA SER D 304 15.60 9.97 -29.61
C SER D 304 16.97 10.32 -29.00
N THR D 305 18.00 10.45 -29.82
CA THR D 305 19.37 10.74 -29.34
C THR D 305 19.80 12.21 -29.43
N ALA D 306 18.98 13.05 -30.04
CA ALA D 306 19.27 14.48 -30.13
C ALA D 306 19.40 15.12 -28.76
N ILE D 307 18.68 14.60 -27.77
CA ILE D 307 18.79 15.07 -26.37
C ILE D 307 20.21 15.01 -25.79
N ASP D 308 21.05 14.13 -26.33
CA ASP D 308 22.43 14.02 -25.87
C ASP D 308 23.31 15.18 -26.32
N ASP D 309 23.04 15.72 -27.51
CA ASP D 309 23.76 16.88 -28.03
C ASP D 309 22.81 18.07 -28.20
N MET D 310 23.19 19.23 -27.69
CA MET D 310 22.33 20.42 -27.74
C MET D 310 22.35 21.16 -29.07
N GLU D 311 23.44 21.08 -29.81
CA GLU D 311 23.48 21.71 -31.12
C GLU D 311 22.48 21.04 -32.06
N ALA D 312 22.34 19.72 -31.92
CA ALA D 312 21.33 18.96 -32.67
C ALA D 312 19.93 19.27 -32.19
N TYR D 313 19.73 19.17 -30.88
CA TYR D 313 18.43 19.40 -30.22
C TYR D 313 17.85 20.79 -30.49
N THR D 314 18.72 21.77 -30.71
CA THR D 314 18.33 23.11 -31.16
C THR D 314 17.45 23.07 -32.42
N LYS D 315 17.76 22.16 -33.34
CA LYS D 315 17.00 22.02 -34.58
C LYS D 315 15.79 21.07 -34.48
N LEU D 316 15.54 20.49 -33.31
CA LEU D 316 14.47 19.51 -33.10
C LEU D 316 13.24 20.17 -32.48
N THR D 317 12.23 20.40 -33.32
CA THR D 317 11.03 21.13 -32.93
C THR D 317 9.80 20.40 -33.48
N ASP D 318 8.61 20.99 -33.31
CA ASP D 318 7.36 20.52 -33.92
C ASP D 318 7.45 20.32 -35.45
N ASN D 319 8.37 21.03 -36.11
CA ASN D 319 8.74 20.81 -37.52
C ASN D 319 8.80 19.35 -37.93
N ILE D 320 9.33 18.54 -37.02
CA ILE D 320 9.55 17.13 -37.28
C ILE D 320 8.25 16.40 -37.67
N PHE D 321 7.12 16.87 -37.15
CA PHE D 321 5.77 16.44 -37.56
C PHE D 321 5.55 16.62 -39.06
N LEU D 322 5.69 17.87 -39.52
CA LEU D 322 5.47 18.19 -40.93
C LEU D 322 6.52 17.61 -41.86
N GLU D 323 7.75 17.48 -41.33
CA GLU D 323 8.82 16.84 -42.07
C GLU D 323 8.36 15.41 -42.42
N ILE D 324 7.86 14.68 -41.42
CA ILE D 324 7.35 13.31 -41.62
C ILE D 324 6.14 13.29 -42.56
N LEU D 325 5.21 14.23 -42.34
CA LEU D 325 3.98 14.28 -43.12
C LEU D 325 4.25 14.52 -44.60
N TYR D 326 5.07 15.52 -44.89
CA TYR D 326 5.38 15.88 -46.26
C TYR D 326 6.37 14.96 -47.00
N SER D 327 7.06 14.07 -46.29
CA SER D 327 8.12 13.25 -46.91
C SER D 327 7.58 12.26 -47.94
N THR D 328 8.47 11.84 -48.83
CA THR D 328 8.22 10.78 -49.81
C THR D 328 9.19 9.59 -49.65
N ASP D 329 10.11 9.65 -48.69
CA ASP D 329 10.97 8.51 -48.38
C ASP D 329 10.08 7.31 -47.99
N PRO D 330 10.19 6.20 -48.73
CA PRO D 330 9.39 5.02 -48.36
C PRO D 330 9.75 4.37 -47.01
N LYS D 331 10.95 4.62 -46.50
CA LYS D 331 11.32 4.18 -45.14
C LYS D 331 10.40 4.79 -44.08
N LEU D 332 9.91 6.00 -44.36
CA LEU D 332 8.98 6.72 -43.47
C LEU D 332 7.49 6.46 -43.74
N LYS D 333 7.14 5.51 -44.61
CA LYS D 333 5.73 5.32 -45.00
C LYS D 333 4.85 4.93 -43.82
N ASP D 334 5.33 4.04 -42.95
CA ASP D 334 4.60 3.68 -41.73
C ASP D 334 4.29 4.89 -40.84
N ALA D 335 5.29 5.73 -40.60
CA ALA D 335 5.12 6.92 -39.78
C ALA D 335 4.19 7.93 -40.43
N ARG D 336 4.43 8.23 -41.70
CA ARG D 336 3.60 9.16 -42.49
C ARG D 336 2.14 8.76 -42.54
N GLU D 337 1.85 7.46 -42.56
CA GLU D 337 0.47 6.99 -42.59
C GLU D 337 -0.27 7.27 -41.30
N ILE D 338 0.41 7.14 -40.16
CA ILE D 338 -0.21 7.49 -38.87
C ILE D 338 -0.60 8.97 -38.85
N LEU D 339 0.33 9.82 -39.27
CA LEU D 339 0.10 11.27 -39.29
C LEU D 339 -0.99 11.67 -40.28
N LYS D 340 -1.05 11.01 -41.43
CA LYS D 340 -2.14 11.25 -42.38
C LYS D 340 -3.49 10.86 -41.78
N GLN D 341 -3.53 9.79 -40.99
CA GLN D 341 -4.74 9.39 -40.27
C GLN D 341 -5.23 10.43 -39.25
N ILE D 342 -4.34 11.28 -38.75
CA ILE D 342 -4.72 12.40 -37.87
C ILE D 342 -5.37 13.57 -38.63
N GLU D 343 -4.88 13.85 -39.83
CA GLU D 343 -5.47 14.86 -40.68
C GLU D 343 -6.92 14.48 -40.99
N TYR D 344 -7.06 13.27 -41.56
CA TYR D 344 -8.37 12.70 -41.93
C TYR D 344 -9.27 12.37 -40.72
N ARG D 345 -8.69 12.29 -39.53
CA ARG D 345 -9.42 12.13 -38.28
C ARG D 345 -9.89 10.68 -38.04
N ASN D 346 -9.14 9.70 -38.54
CA ASN D 346 -9.33 8.28 -38.21
C ASN D 346 -8.47 7.95 -37.03
N LEU D 347 -8.91 8.44 -35.89
CA LEU D 347 -8.16 8.28 -34.66
C LEU D 347 -8.59 6.98 -34.05
N PHE D 348 -7.73 6.47 -33.17
CA PHE D 348 -8.04 5.27 -32.41
C PHE D 348 -9.20 5.62 -31.50
N LYS D 349 -10.20 4.74 -31.42
CA LYS D 349 -11.46 5.10 -30.75
C LYS D 349 -11.42 4.86 -29.23
N TYR D 350 -11.96 5.84 -28.50
CA TYR D 350 -12.07 5.80 -27.05
C TYR D 350 -13.16 4.81 -26.68
N VAL D 351 -12.84 3.89 -25.78
CA VAL D 351 -13.80 2.89 -25.31
C VAL D 351 -14.46 3.30 -24.00
N GLY D 352 -13.64 3.76 -23.06
CA GLY D 352 -14.12 4.21 -21.75
C GLY D 352 -12.99 4.48 -20.79
N GLU D 353 -13.36 4.93 -19.59
CA GLU D 353 -12.41 5.30 -18.54
C GLU D 353 -12.79 4.54 -17.27
N THR D 354 -11.79 4.26 -16.42
CA THR D 354 -12.05 3.62 -15.13
C THR D 354 -10.93 3.94 -14.13
N GLN D 355 -11.20 3.68 -12.85
CA GLN D 355 -10.22 3.87 -11.77
C GLN D 355 -10.09 2.58 -10.96
N PRO D 356 -8.90 2.35 -10.34
CA PRO D 356 -8.83 1.27 -9.35
C PRO D 356 -9.59 1.60 -8.06
N THR D 357 -9.77 0.59 -7.22
CA THR D 357 -10.46 0.75 -5.95
C THR D 357 -9.58 0.28 -4.80
N GLY D 358 -10.02 0.57 -3.57
CA GLY D 358 -9.25 0.27 -2.38
C GLY D 358 -8.04 1.20 -2.34
N GLN D 359 -6.87 0.62 -2.08
CA GLN D 359 -5.61 1.32 -2.25
C GLN D 359 -4.72 0.49 -3.19
N ILE D 360 -5.27 0.15 -4.37
CA ILE D 360 -4.54 -0.60 -5.44
C ILE D 360 -3.86 0.37 -6.42
N LYS D 361 -2.60 0.75 -6.17
CA LYS D 361 -1.83 1.57 -7.13
C LYS D 361 -1.28 0.68 -8.25
N ILE D 362 -1.48 1.08 -9.51
CA ILE D 362 -0.90 0.36 -10.67
C ILE D 362 0.51 0.86 -10.95
N LYS D 363 1.51 -0.01 -10.73
CA LYS D 363 2.91 0.35 -10.92
C LYS D 363 3.25 0.53 -12.41
N ARG D 364 4.24 1.37 -12.68
CA ARG D 364 4.64 1.74 -14.06
C ARG D 364 5.14 0.55 -14.88
N GLU D 365 5.97 -0.27 -14.25
CA GLU D 365 6.33 -1.61 -14.71
C GLU D 365 5.21 -2.37 -15.47
N ASP D 366 4.00 -2.38 -14.90
CA ASP D 366 2.89 -3.19 -15.43
C ASP D 366 2.16 -2.59 -16.65
N TYR D 367 2.47 -1.34 -16.99
CA TYR D 367 1.82 -0.64 -18.11
C TYR D 367 1.91 -1.45 -19.40
N GLU D 368 3.10 -1.96 -19.71
CA GLU D 368 3.33 -2.82 -20.87
C GLU D 368 2.28 -3.93 -20.99
N SER D 369 1.95 -4.57 -19.88
CA SER D 369 1.10 -5.78 -19.88
C SER D 369 -0.42 -5.60 -19.97
N LEU D 370 -0.92 -4.39 -19.78
CA LEU D 370 -2.36 -4.16 -19.62
C LEU D 370 -3.22 -4.42 -20.87
N PRO D 371 -2.70 -4.12 -22.08
CA PRO D 371 -3.42 -4.52 -23.31
C PRO D 371 -3.68 -6.03 -23.40
N LYS D 372 -2.67 -6.83 -23.06
CA LYS D 372 -2.79 -8.29 -22.93
C LYS D 372 -3.97 -8.67 -22.04
N GLU D 373 -4.06 -8.03 -20.87
CA GLU D 373 -5.12 -8.33 -19.90
C GLU D 373 -6.53 -8.07 -20.41
N VAL D 374 -6.70 -7.00 -21.19
CA VAL D 374 -8.02 -6.60 -21.71
C VAL D 374 -8.51 -7.61 -22.74
N ALA D 375 -7.65 -7.96 -23.69
CA ALA D 375 -7.96 -9.01 -24.66
C ALA D 375 -8.23 -10.37 -23.97
N SER D 376 -7.49 -10.63 -22.89
CA SER D 376 -7.61 -11.88 -22.14
C SER D 376 -8.94 -12.08 -21.42
N ALA D 377 -9.67 -11.00 -21.15
CA ALA D 377 -10.97 -11.11 -20.50
C ALA D 377 -11.93 -11.94 -21.35
N LYS D 378 -12.73 -12.78 -20.68
CA LYS D 378 -13.67 -13.65 -21.33
C LYS D 378 -15.07 -13.17 -20.97
N PRO D 379 -15.61 -12.21 -21.73
CA PRO D 379 -16.96 -11.71 -21.44
C PRO D 379 -18.03 -12.70 -21.85
N LYS D 380 -18.99 -12.97 -20.96
CA LYS D 380 -20.06 -13.94 -21.23
C LYS D 380 -21.12 -13.36 -22.19
N VAL D 381 -20.68 -12.98 -23.40
CA VAL D 381 -21.53 -12.38 -24.43
C VAL D 381 -21.04 -12.82 -25.81
N LEU D 382 -21.96 -13.14 -26.72
CA LEU D 382 -21.57 -13.60 -28.07
C LEU D 382 -21.01 -12.45 -28.89
N LEU D 383 -19.76 -12.59 -29.31
CA LEU D 383 -19.03 -11.59 -30.09
C LEU D 383 -18.93 -12.09 -31.54
N ASP D 384 -19.00 -11.16 -32.50
CA ASP D 384 -18.72 -11.46 -33.92
C ASP D 384 -17.23 -11.62 -34.17
N VAL D 385 -16.43 -10.80 -33.48
CA VAL D 385 -15.00 -10.67 -33.71
C VAL D 385 -14.24 -10.87 -32.39
N LYS D 386 -13.12 -11.63 -32.45
CA LYS D 386 -12.17 -11.68 -31.36
C LYS D 386 -11.10 -10.64 -31.64
N LEU D 387 -10.61 -9.98 -30.59
CA LEU D 387 -9.58 -8.92 -30.73
C LEU D 387 -8.30 -9.30 -30.00
N LYS D 388 -7.15 -9.08 -30.66
CA LYS D 388 -5.83 -9.37 -30.10
C LYS D 388 -5.37 -8.21 -29.21
N ALA D 389 -4.33 -8.43 -28.42
CA ALA D 389 -3.85 -7.44 -27.44
C ALA D 389 -3.22 -6.19 -28.07
N GLU D 390 -2.59 -6.38 -29.22
CA GLU D 390 -2.06 -5.29 -30.05
C GLU D 390 -3.13 -4.28 -30.53
N ASP D 391 -4.39 -4.74 -30.61
CA ASP D 391 -5.51 -3.87 -31.00
C ASP D 391 -5.88 -2.85 -29.92
N PHE D 392 -5.52 -3.12 -28.66
CA PHE D 392 -5.86 -2.24 -27.53
C PHE D 392 -4.71 -1.30 -27.15
N ILE D 393 -5.08 -0.09 -26.71
CA ILE D 393 -4.17 0.84 -26.03
C ILE D 393 -4.77 1.14 -24.66
N VAL D 394 -3.94 1.03 -23.63
CA VAL D 394 -4.33 1.39 -22.29
C VAL D 394 -3.42 2.51 -21.85
N ASP D 395 -4.02 3.62 -21.43
CA ASP D 395 -3.33 4.85 -21.11
C ASP D 395 -3.58 5.10 -19.63
N VAL D 396 -2.53 5.00 -18.81
CA VAL D 396 -2.68 5.19 -17.36
C VAL D 396 -2.18 6.58 -17.03
N ILE D 397 -2.97 7.29 -16.22
CA ILE D 397 -2.75 8.70 -15.93
C ILE D 397 -2.82 8.94 -14.43
N ASN D 398 -1.76 9.54 -13.88
CA ASN D 398 -1.71 9.89 -12.46
C ASN D 398 -2.12 11.35 -12.28
N MET D 399 -3.28 11.57 -11.67
CA MET D 399 -3.74 12.90 -11.31
C MET D 399 -3.41 13.12 -9.84
N ASP D 400 -2.68 14.20 -9.54
CA ASP D 400 -2.30 14.50 -8.16
C ASP D 400 -2.30 16.00 -7.89
N TYR D 401 -1.92 16.36 -6.66
CA TYR D 401 -1.73 17.75 -6.27
C TYR D 401 -0.24 18.14 -6.30
N GLY D 402 0.50 17.53 -7.22
CA GLY D 402 1.88 17.91 -7.48
C GLY D 402 2.93 17.30 -6.56
N MET D 403 2.50 16.52 -5.57
CA MET D 403 3.42 15.85 -4.65
C MET D 403 2.93 14.46 -4.40
N GLN D 404 2.65 13.76 -5.49
CA GLN D 404 2.14 12.40 -5.43
C GLN D 404 1.01 12.35 -4.41
N GLU D 405 1.12 11.50 -3.39
CA GLU D 405 0.01 11.28 -2.47
C GLU D 405 -0.14 12.35 -1.40
N LYS D 406 0.82 13.28 -1.32
CA LYS D 406 0.85 14.29 -0.27
C LYS D 406 -0.02 15.51 -0.58
N ASN D 407 -0.47 16.15 0.51
CA ASN D 407 -1.17 17.43 0.49
C ASN D 407 -0.10 18.51 0.48
N PRO D 408 -0.01 19.28 -0.62
CA PRO D 408 1.05 20.30 -0.67
C PRO D 408 0.85 21.45 0.32
N ILE D 409 -0.38 21.69 0.77
CA ILE D 409 -0.67 22.74 1.76
C ILE D 409 -0.05 22.44 3.11
N ASP D 410 0.10 21.15 3.43
CA ASP D 410 0.84 20.74 4.62
C ASP D 410 2.34 21.08 4.52
N HIS D 411 2.83 21.35 3.32
CA HIS D 411 4.17 21.91 3.10
C HIS D 411 4.18 23.41 2.70
N VAL D 412 3.22 24.20 3.19
CA VAL D 412 3.23 25.66 3.03
C VAL D 412 3.31 26.30 4.41
N SER D 413 4.09 27.37 4.50
CA SER D 413 4.21 28.15 5.73
C SER D 413 3.32 29.41 5.64
N PHE D 414 2.71 29.76 6.76
CA PHE D 414 1.77 30.87 6.84
C PHE D 414 2.15 31.93 7.88
N TYR D 415 1.57 33.13 7.77
CA TYR D 415 1.74 34.17 8.79
C TYR D 415 0.42 34.86 9.14
N CYS D 416 0.36 35.48 10.30
CA CYS D 416 -0.84 36.17 10.76
C CYS D 416 -0.68 37.67 10.76
N LYS D 417 -1.82 38.38 10.67
CA LYS D 417 -1.80 39.84 10.69
C LYS D 417 -1.18 40.36 11.96
N THR D 418 -1.53 39.71 13.07
CA THR D 418 -1.03 40.09 14.39
C THR D 418 0.46 39.81 14.62
N ALA D 419 1.06 38.87 13.88
CA ALA D 419 2.48 38.50 14.03
C ALA D 419 3.08 38.10 12.68
N PRO D 420 3.41 39.10 11.85
CA PRO D 420 3.80 38.82 10.48
C PRO D 420 5.19 38.22 10.29
N ASN D 421 6.00 38.18 11.34
CA ASN D 421 7.27 37.49 11.26
C ASN D 421 7.23 36.07 11.76
N ARG D 422 6.14 35.71 12.45
CA ARG D 422 6.00 34.38 12.99
C ARG D 422 5.27 33.43 12.04
N ALA D 423 6.04 32.47 11.53
CA ALA D 423 5.53 31.46 10.61
C ALA D 423 4.79 30.38 11.36
N ILE D 424 3.79 29.81 10.71
CA ILE D 424 2.95 28.76 11.29
C ILE D 424 2.50 27.75 10.24
N ARG D 425 1.83 26.69 10.67
CA ARG D 425 1.24 25.67 9.80
C ARG D 425 -0.27 25.67 9.94
N ILE D 426 -0.98 25.38 8.84
CA ILE D 426 -2.42 25.22 8.86
C ILE D 426 -2.72 23.82 8.30
N THR D 427 -3.35 22.97 9.12
CA THR D 427 -3.68 21.59 8.70
C THR D 427 -4.92 21.63 7.81
N LYS D 428 -5.30 20.47 7.30
CA LYS D 428 -6.52 20.36 6.52
C LYS D 428 -7.78 20.61 7.37
N ASN D 429 -7.80 20.08 8.59
CA ASN D 429 -8.97 20.17 9.47
C ASN D 429 -9.30 21.58 9.88
N GLN D 430 -8.26 22.42 9.98
CA GLN D 430 -8.42 23.82 10.35
C GLN D 430 -9.10 24.66 9.26
N VAL D 431 -9.15 24.16 8.03
CA VAL D 431 -9.72 24.90 6.90
C VAL D 431 -11.16 24.50 6.58
N SER D 432 -11.39 23.23 6.20
CA SER D 432 -12.70 22.79 5.73
C SER D 432 -12.88 21.28 5.67
N GLN D 433 -14.12 20.85 5.90
CA GLN D 433 -14.55 19.46 5.70
C GLN D 433 -14.90 19.12 4.25
N LEU D 434 -15.01 20.11 3.39
CA LEU D 434 -15.33 19.89 1.97
C LEU D 434 -14.11 19.75 1.06
N LEU D 435 -12.91 19.67 1.65
CA LEU D 435 -11.69 19.47 0.88
C LEU D 435 -11.56 18.03 0.44
N PRO D 436 -10.62 17.76 -0.49
CA PRO D 436 -10.41 16.37 -0.93
C PRO D 436 -9.99 15.43 0.18
N GLU D 437 -10.44 14.18 0.09
CA GLU D 437 -10.06 13.15 1.06
C GLU D 437 -8.66 12.65 0.73
N LYS D 438 -8.43 12.32 -0.54
CA LYS D 438 -7.11 11.95 -1.05
C LYS D 438 -6.54 13.07 -1.92
N PHE D 439 -5.25 13.00 -2.23
CA PHE D 439 -4.59 13.98 -3.12
C PHE D 439 -3.86 13.37 -4.31
N ALA D 440 -4.21 12.12 -4.63
CA ALA D 440 -3.74 11.45 -5.84
C ALA D 440 -4.67 10.30 -6.21
N GLU D 441 -4.76 10.03 -7.50
CA GLU D 441 -5.56 8.92 -8.02
C GLU D 441 -5.04 8.52 -9.37
N GLN D 442 -5.60 7.45 -9.91
CA GLN D 442 -5.22 6.98 -11.24
C GLN D 442 -6.45 6.90 -12.15
N LEU D 443 -6.23 7.30 -13.41
CA LEU D 443 -7.25 7.17 -14.45
C LEU D 443 -6.73 6.25 -15.52
N ILE D 444 -7.57 5.30 -15.92
CA ILE D 444 -7.22 4.31 -16.92
C ILE D 444 -8.19 4.50 -18.08
N ARG D 445 -7.66 4.99 -19.20
CA ARG D 445 -8.40 5.08 -20.44
C ARG D 445 -8.02 3.92 -21.33
N VAL D 446 -9.02 3.34 -21.98
CA VAL D 446 -8.82 2.25 -22.92
C VAL D 446 -9.31 2.72 -24.29
N TYR D 447 -8.48 2.52 -25.31
CA TYR D 447 -8.85 2.82 -26.69
C TYR D 447 -8.63 1.57 -27.54
N CYS D 448 -9.30 1.53 -28.70
CA CYS D 448 -9.20 0.40 -29.64
C CYS D 448 -8.71 0.91 -31.00
N LYS D 449 -7.70 0.22 -31.55
CA LYS D 449 -7.10 0.61 -32.83
C LYS D 449 -8.02 0.35 -34.03
N LYS D 450 -8.89 -0.66 -33.91
CA LYS D 450 -9.87 -0.96 -34.94
C LYS D 450 -11.11 -0.09 -34.76
N VAL D 451 -11.40 0.68 -35.81
CA VAL D 451 -12.38 1.78 -35.78
C VAL D 451 -13.83 1.31 -36.02
N ASP D 452 -14.01 0.25 -36.83
CA ASP D 452 -15.33 -0.21 -37.33
C ASP D 452 -16.40 -0.55 -36.29
N ARG D 453 -17.66 -0.53 -36.73
CA ARG D 453 -18.83 -0.75 -35.87
C ARG D 453 -18.74 -2.05 -35.08
N LYS D 454 -18.36 -3.14 -35.76
CA LYS D 454 -18.27 -4.48 -35.16
C LYS D 454 -17.19 -4.58 -34.07
N SER D 455 -16.00 -4.05 -34.35
CA SER D 455 -14.85 -4.15 -33.44
C SER D 455 -14.96 -3.26 -32.21
N LEU D 456 -15.62 -2.12 -32.37
CA LEU D 456 -15.87 -1.22 -31.26
C LEU D 456 -16.83 -1.84 -30.24
N TYR D 457 -17.90 -2.48 -30.70
CA TYR D 457 -18.83 -3.21 -29.80
C TYR D 457 -18.06 -4.26 -29.00
N ALA D 458 -17.22 -5.01 -29.69
CA ALA D 458 -16.42 -6.05 -29.05
C ALA D 458 -15.52 -5.43 -27.98
N ALA D 459 -14.77 -4.42 -28.38
CA ALA D 459 -13.84 -3.74 -27.48
C ALA D 459 -14.52 -3.30 -26.18
N ARG D 460 -15.72 -2.75 -26.32
CA ARG D 460 -16.55 -2.34 -25.16
C ARG D 460 -16.84 -3.50 -24.21
N GLN D 461 -17.16 -4.67 -24.78
CA GLN D 461 -17.44 -5.85 -23.96
C GLN D 461 -16.18 -6.32 -23.23
N TYR D 462 -15.05 -6.38 -23.94
CA TYR D 462 -13.75 -6.71 -23.31
C TYR D 462 -13.42 -5.75 -22.15
N PHE D 463 -13.57 -4.46 -22.41
CA PHE D 463 -13.23 -3.42 -21.42
C PHE D 463 -14.08 -3.52 -20.15
N VAL D 464 -15.40 -3.54 -20.32
CA VAL D 464 -16.31 -3.52 -19.16
C VAL D 464 -16.17 -4.80 -18.33
N GLN D 465 -15.79 -5.89 -18.99
CA GLN D 465 -15.48 -7.15 -18.30
C GLN D 465 -14.19 -7.00 -17.52
N TRP D 466 -13.13 -6.57 -18.21
CA TRP D 466 -11.83 -6.33 -17.59
C TRP D 466 -11.94 -5.48 -16.31
N CYS D 467 -12.84 -4.49 -16.34
CA CYS D 467 -13.15 -3.65 -15.17
C CYS D 467 -13.72 -4.48 -14.01
N ALA D 468 -14.74 -5.29 -14.30
CA ALA D 468 -15.31 -6.20 -13.29
C ALA D 468 -14.28 -7.23 -12.81
N ASP D 469 -13.45 -7.73 -13.74
CA ASP D 469 -12.38 -8.71 -13.47
C ASP D 469 -11.36 -8.22 -12.45
N ARG D 470 -11.01 -6.95 -12.49
CA ARG D 470 -9.98 -6.39 -11.59
C ARG D 470 -10.52 -5.54 -10.44
N ASN D 471 -11.84 -5.59 -10.24
CA ASN D 471 -12.53 -4.82 -9.21
C ASN D 471 -12.23 -3.31 -9.34
N PHE D 472 -12.35 -2.82 -10.58
CA PHE D 472 -12.27 -1.39 -10.88
C PHE D 472 -13.68 -0.78 -10.86
N THR D 473 -13.74 0.55 -10.92
CA THR D 473 -15.00 1.26 -10.90
C THR D 473 -15.78 0.99 -12.17
N LYS D 474 -17.11 1.01 -12.05
CA LYS D 474 -17.98 0.84 -13.20
C LYS D 474 -17.82 2.04 -14.12
N PRO D 475 -17.57 1.79 -15.42
CA PRO D 475 -17.58 2.91 -16.36
C PRO D 475 -18.90 3.68 -16.27
N GLN D 476 -18.81 5.01 -16.35
CA GLN D 476 -19.98 5.89 -16.21
C GLN D 476 -21.07 5.52 -17.21
N ASP D 477 -20.65 5.26 -18.45
CA ASP D 477 -21.53 4.79 -19.53
C ASP D 477 -21.74 3.27 -19.58
N GLY D 478 -21.41 2.57 -18.49
CA GLY D 478 -21.22 1.13 -18.52
C GLY D 478 -22.48 0.33 -18.83
N ASP D 479 -23.59 0.75 -18.25
CA ASP D 479 -24.88 0.09 -18.47
C ASP D 479 -25.36 0.23 -19.90
N VAL D 480 -24.96 1.30 -20.58
CA VAL D 480 -25.31 1.53 -21.98
C VAL D 480 -24.45 0.66 -22.91
N ILE D 481 -23.14 0.84 -22.83
CA ILE D 481 -22.21 0.21 -23.80
C ILE D 481 -22.14 -1.32 -23.70
N ALA D 482 -22.27 -1.85 -22.49
CA ALA D 482 -22.17 -3.29 -22.25
C ALA D 482 -23.27 -3.72 -21.28
N PRO D 483 -24.52 -3.70 -21.74
CA PRO D 483 -25.68 -3.90 -20.87
C PRO D 483 -25.76 -5.32 -20.31
N LEU D 484 -25.20 -6.26 -21.05
CA LEU D 484 -25.22 -7.66 -20.69
C LEU D 484 -24.19 -7.99 -19.61
N ILE D 485 -23.16 -7.15 -19.46
CA ILE D 485 -22.03 -7.43 -18.54
C ILE D 485 -22.15 -6.78 -17.16
N THR D 486 -22.73 -5.59 -17.07
CA THR D 486 -22.80 -4.86 -15.79
C THR D 486 -23.64 -5.51 -14.66
N PRO D 487 -24.72 -6.25 -14.99
CA PRO D 487 -25.39 -6.99 -13.91
C PRO D 487 -24.56 -8.10 -13.29
N GLN D 488 -23.64 -8.70 -14.06
CA GLN D 488 -22.68 -9.72 -13.56
C GLN D 488 -22.03 -9.34 -12.22
N LYS D 489 -21.55 -8.10 -12.08
CA LYS D 489 -20.85 -7.68 -10.87
C LYS D 489 -21.81 -7.33 -9.73
N LYS D 490 -21.67 -8.06 -8.61
CA LYS D 490 -22.49 -7.87 -7.41
C LYS D 490 -22.27 -6.49 -6.80
N GLU D 491 -21.01 -6.06 -6.79
CA GLU D 491 -20.61 -4.75 -6.24
C GLU D 491 -21.18 -3.52 -6.97
N TRP D 492 -21.65 -3.67 -8.21
CA TRP D 492 -22.21 -2.52 -8.99
C TRP D 492 -23.72 -2.32 -8.80
N ASN D 493 -24.35 -3.08 -7.92
CA ASN D 493 -25.80 -2.95 -7.66
C ASN D 493 -26.03 -2.46 -6.24
N THR E 8 -20.70 -43.07 -22.19
CA THR E 8 -20.87 -42.66 -23.62
C THR E 8 -22.39 -42.53 -23.97
N MET E 9 -22.70 -41.62 -24.90
CA MET E 9 -24.07 -41.37 -25.37
C MET E 9 -24.61 -42.58 -26.07
N LYS E 10 -25.92 -42.64 -26.14
CA LYS E 10 -26.57 -43.65 -26.95
C LYS E 10 -27.38 -42.97 -28.04
N VAL E 11 -27.27 -43.51 -29.26
CA VAL E 11 -27.93 -42.94 -30.42
C VAL E 11 -29.14 -43.79 -30.78
N ILE E 12 -30.24 -43.13 -31.12
CA ILE E 12 -31.51 -43.78 -31.40
C ILE E 12 -32.14 -43.11 -32.62
N ASN E 13 -32.69 -43.90 -33.55
CA ASN E 13 -33.22 -43.39 -34.83
C ASN E 13 -34.76 -43.27 -34.87
N ASP E 14 -35.21 -42.06 -34.56
CA ASP E 14 -36.61 -41.67 -34.66
C ASP E 14 -36.88 -41.24 -36.11
N PRO E 15 -37.99 -41.71 -36.72
CA PRO E 15 -38.27 -41.31 -38.09
C PRO E 15 -38.62 -39.84 -38.26
N ILE E 16 -39.03 -39.17 -37.19
CA ILE E 16 -39.37 -37.76 -37.27
C ILE E 16 -38.11 -36.91 -37.13
N HIS E 17 -37.39 -37.08 -36.04
CA HIS E 17 -36.27 -36.20 -35.72
C HIS E 17 -34.90 -36.70 -36.16
N GLY E 18 -34.83 -37.92 -36.67
CA GLY E 18 -33.58 -38.50 -37.17
C GLY E 18 -32.83 -39.19 -36.06
N HIS E 19 -31.51 -38.97 -35.99
CA HIS E 19 -30.67 -39.61 -34.97
C HIS E 19 -30.50 -38.72 -33.75
N ILE E 20 -31.23 -39.09 -32.70
CA ILE E 20 -31.17 -38.40 -31.44
C ILE E 20 -30.03 -39.01 -30.62
N GLU E 21 -29.29 -38.18 -29.90
CA GLU E 21 -28.39 -38.66 -28.85
C GLU E 21 -29.11 -38.63 -27.50
N LEU E 22 -28.86 -39.64 -26.68
CA LEU E 22 -29.48 -39.76 -25.38
C LEU E 22 -28.40 -39.84 -24.30
N HIS E 23 -28.48 -38.92 -23.36
CA HIS E 23 -27.58 -38.90 -22.22
C HIS E 23 -27.78 -40.09 -21.31
N PRO E 24 -26.69 -40.69 -20.78
CA PRO E 24 -26.86 -41.94 -20.00
C PRO E 24 -27.93 -41.90 -18.90
N LEU E 25 -28.07 -40.74 -18.24
CA LEU E 25 -29.15 -40.49 -17.27
C LEU E 25 -30.53 -40.69 -17.88
N LEU E 26 -30.72 -40.20 -19.09
CA LEU E 26 -32.00 -40.35 -19.80
C LEU E 26 -32.26 -41.81 -20.12
N VAL E 27 -31.25 -42.49 -20.66
CA VAL E 27 -31.33 -43.91 -20.99
C VAL E 27 -31.76 -44.72 -19.75
N ARG E 28 -31.18 -44.36 -18.61
CA ARG E 28 -31.47 -45.01 -17.35
C ARG E 28 -32.91 -44.81 -16.90
N ILE E 29 -33.46 -43.63 -17.19
CA ILE E 29 -34.88 -43.32 -16.96
C ILE E 29 -35.79 -44.05 -17.96
N ILE E 30 -35.37 -44.07 -19.23
CA ILE E 30 -36.13 -44.73 -20.28
C ILE E 30 -36.30 -46.23 -20.03
N ASP E 31 -35.22 -46.89 -19.61
CA ASP E 31 -35.25 -48.34 -19.40
C ASP E 31 -35.79 -48.70 -18.01
N THR E 32 -37.07 -48.36 -17.80
CA THR E 32 -37.80 -48.66 -16.58
C THR E 32 -39.22 -49.10 -16.98
N PRO E 33 -39.87 -49.97 -16.17
CA PRO E 33 -41.25 -50.37 -16.51
C PRO E 33 -42.25 -49.20 -16.61
N GLN E 34 -42.00 -48.13 -15.86
CA GLN E 34 -42.90 -46.98 -15.81
C GLN E 34 -42.92 -46.20 -17.15
N PHE E 35 -41.73 -46.12 -17.78
CA PHE E 35 -41.55 -45.45 -19.06
C PHE E 35 -41.84 -46.36 -20.25
N GLN E 36 -41.27 -47.58 -20.25
CA GLN E 36 -41.50 -48.53 -21.35
C GLN E 36 -42.99 -48.88 -21.48
N ARG E 37 -43.75 -48.75 -20.37
CA ARG E 37 -45.21 -48.75 -20.37
C ARG E 37 -45.85 -47.95 -21.53
N LEU E 38 -45.26 -46.80 -21.85
CA LEU E 38 -45.78 -45.95 -22.92
C LEU E 38 -45.72 -46.57 -24.31
N ARG E 39 -44.92 -47.63 -24.50
CA ARG E 39 -44.95 -48.43 -25.74
C ARG E 39 -46.33 -49.04 -26.02
N TYR E 40 -47.13 -49.24 -24.98
CA TYR E 40 -48.38 -49.96 -25.10
C TYR E 40 -49.60 -49.05 -24.93
N ILE E 41 -49.45 -47.77 -25.28
CA ILE E 41 -50.55 -46.79 -25.25
C ILE E 41 -50.46 -45.95 -26.54
N LYS E 42 -51.48 -46.03 -27.40
CA LYS E 42 -51.46 -45.31 -28.68
C LYS E 42 -51.66 -43.81 -28.51
N GLN E 43 -51.00 -43.04 -29.37
CA GLN E 43 -51.06 -41.58 -29.29
C GLN E 43 -52.47 -41.10 -29.48
N LEU E 44 -53.10 -41.61 -30.54
CA LEU E 44 -54.39 -41.11 -30.99
C LEU E 44 -55.56 -41.97 -30.60
N GLY E 45 -55.36 -42.82 -29.60
CA GLY E 45 -56.41 -43.65 -29.06
C GLY E 45 -57.19 -44.34 -30.15
N GLY E 46 -58.49 -44.05 -30.18
CA GLY E 46 -59.41 -44.63 -31.16
C GLY E 46 -59.23 -44.14 -32.58
N GLY E 47 -58.42 -43.10 -32.77
CA GLY E 47 -58.05 -42.63 -34.10
C GLY E 47 -57.44 -43.66 -35.04
N TYR E 48 -56.70 -44.63 -34.47
CA TYR E 48 -56.16 -45.74 -35.26
C TYR E 48 -57.24 -46.51 -36.03
N TYR E 49 -58.44 -46.59 -35.44
CA TYR E 49 -59.56 -47.27 -36.08
C TYR E 49 -60.22 -46.45 -37.22
N VAL E 50 -59.75 -45.21 -37.45
CA VAL E 50 -60.14 -44.40 -38.62
C VAL E 50 -58.95 -44.11 -39.54
N PHE E 51 -57.80 -43.74 -38.99
CA PHE E 51 -56.57 -43.48 -39.77
C PHE E 51 -55.64 -44.65 -39.57
N PRO E 52 -55.58 -45.57 -40.54
CA PRO E 52 -54.84 -46.80 -40.32
C PRO E 52 -53.32 -46.62 -40.23
N GLY E 53 -52.80 -45.44 -40.54
CA GLY E 53 -51.40 -45.16 -40.28
C GLY E 53 -51.03 -44.98 -38.80
N ALA E 54 -52.01 -44.51 -38.00
CA ALA E 54 -51.81 -43.99 -36.60
C ALA E 54 -51.59 -45.01 -35.47
N SER E 55 -50.75 -45.99 -35.78
CA SER E 55 -50.34 -47.06 -34.87
C SER E 55 -49.39 -46.55 -33.78
N HIS E 56 -48.74 -45.42 -34.04
CA HIS E 56 -47.77 -44.82 -33.12
C HIS E 56 -48.27 -44.61 -31.69
N ASN E 57 -47.31 -44.75 -30.77
CA ASN E 57 -47.52 -44.82 -29.34
C ASN E 57 -46.84 -43.65 -28.63
N ARG E 58 -47.21 -43.43 -27.38
CA ARG E 58 -46.62 -42.35 -26.58
C ARG E 58 -45.10 -42.45 -26.43
N PHE E 59 -44.60 -43.66 -26.29
CA PHE E 59 -43.16 -43.91 -26.13
C PHE E 59 -42.33 -43.00 -27.03
N GLU E 60 -42.55 -43.12 -28.34
CA GLU E 60 -41.73 -42.39 -29.32
C GLU E 60 -42.02 -40.88 -29.33
N HIS E 61 -43.26 -40.49 -29.03
CA HIS E 61 -43.62 -39.08 -28.79
C HIS E 61 -42.83 -38.53 -27.61
N SER E 62 -42.87 -39.26 -26.49
CA SER E 62 -42.12 -38.87 -25.30
C SER E 62 -40.63 -38.68 -25.61
N LEU E 63 -40.04 -39.59 -26.39
CA LEU E 63 -38.65 -39.41 -26.84
C LEU E 63 -38.44 -38.10 -27.58
N GLY E 64 -39.31 -37.85 -28.56
CA GLY E 64 -39.21 -36.66 -29.39
C GLY E 64 -39.36 -35.35 -28.62
N VAL E 65 -40.27 -35.34 -27.64
CA VAL E 65 -40.47 -34.14 -26.83
C VAL E 65 -39.23 -33.87 -25.99
N GLY E 66 -38.65 -34.93 -25.42
CA GLY E 66 -37.37 -34.83 -24.72
C GLY E 66 -36.30 -34.25 -25.61
N TYR E 67 -36.23 -34.75 -26.86
CA TYR E 67 -35.23 -34.30 -27.81
C TYR E 67 -35.34 -32.82 -28.12
N LEU E 68 -36.56 -32.39 -28.47
CA LEU E 68 -36.82 -31.00 -28.85
C LEU E 68 -36.66 -30.04 -27.68
N ALA E 69 -37.03 -30.49 -26.50
CA ALA E 69 -36.74 -29.75 -25.30
C ALA E 69 -35.23 -29.43 -25.23
N GLY E 70 -34.41 -30.47 -25.45
CA GLY E 70 -32.95 -30.35 -25.52
C GLY E 70 -32.48 -29.38 -26.59
N CYS E 71 -33.10 -29.46 -27.76
CA CYS E 71 -32.76 -28.58 -28.87
C CYS E 71 -32.98 -27.12 -28.53
N LEU E 72 -34.15 -26.80 -28.02
CA LEU E 72 -34.52 -25.42 -27.77
C LEU E 72 -33.67 -24.81 -26.67
N VAL E 73 -33.57 -25.50 -25.54
CA VAL E 73 -32.79 -24.99 -24.42
C VAL E 73 -31.30 -24.84 -24.78
N HIS E 74 -30.77 -25.84 -25.49
CA HIS E 74 -29.37 -25.84 -25.91
C HIS E 74 -29.12 -24.71 -26.92
N ALA E 75 -30.10 -24.45 -27.78
CA ALA E 75 -30.00 -23.36 -28.77
C ALA E 75 -30.00 -21.98 -28.13
N LEU E 76 -30.86 -21.79 -27.13
CA LEU E 76 -30.91 -20.51 -26.42
C LEU E 76 -29.57 -20.25 -25.75
N GLY E 77 -29.00 -21.29 -25.15
CA GLY E 77 -27.69 -21.22 -24.50
C GLY E 77 -26.53 -20.83 -25.41
N GLU E 78 -26.52 -21.38 -26.63
CA GLU E 78 -25.51 -21.02 -27.64
C GLU E 78 -25.71 -19.56 -28.05
N LYS E 79 -26.95 -19.22 -28.39
CA LYS E 79 -27.31 -17.86 -28.81
C LYS E 79 -27.05 -16.80 -27.73
N GLN E 80 -27.27 -17.15 -26.46
CA GLN E 80 -27.18 -16.19 -25.35
C GLN E 80 -26.47 -16.77 -24.11
N PRO E 81 -25.12 -16.71 -24.09
CA PRO E 81 -24.37 -17.19 -22.93
C PRO E 81 -24.71 -16.45 -21.63
N GLU E 82 -25.05 -15.16 -21.74
CA GLU E 82 -25.50 -14.34 -20.61
C GLU E 82 -26.57 -14.99 -19.71
N LEU E 83 -27.35 -15.91 -20.26
CA LEU E 83 -28.41 -16.60 -19.52
C LEU E 83 -27.88 -17.62 -18.50
N GLN E 84 -26.65 -18.09 -18.73
CA GLN E 84 -25.97 -19.08 -17.87
C GLN E 84 -26.88 -20.28 -17.66
N ILE E 85 -27.15 -20.94 -18.78
CA ILE E 85 -27.88 -22.17 -18.80
C ILE E 85 -26.85 -23.26 -18.61
N SER E 86 -26.94 -23.99 -17.49
CA SER E 86 -25.99 -25.08 -17.18
C SER E 86 -26.43 -26.38 -17.84
N GLU E 87 -25.49 -27.29 -18.05
CA GLU E 87 -25.84 -28.64 -18.54
C GLU E 87 -26.70 -29.38 -17.55
N ARG E 88 -26.71 -28.92 -16.31
CA ARG E 88 -27.70 -29.36 -15.32
C ARG E 88 -29.10 -28.92 -15.71
N ASP E 89 -29.26 -27.64 -16.07
CA ASP E 89 -30.56 -27.14 -16.54
C ASP E 89 -31.02 -27.91 -17.77
N VAL E 90 -30.12 -28.10 -18.72
CA VAL E 90 -30.41 -28.80 -19.99
C VAL E 90 -30.96 -30.19 -19.70
N LEU E 91 -30.24 -30.95 -18.88
CA LEU E 91 -30.66 -32.29 -18.53
C LEU E 91 -32.03 -32.31 -17.89
N CYS E 92 -32.26 -31.38 -16.98
CA CYS E 92 -33.56 -31.29 -16.29
C CYS E 92 -34.72 -31.03 -17.25
N VAL E 93 -34.47 -30.17 -18.23
CA VAL E 93 -35.48 -29.85 -19.24
C VAL E 93 -35.74 -31.07 -20.14
N GLN E 94 -34.67 -31.72 -20.58
CA GLN E 94 -34.79 -32.98 -21.34
C GLN E 94 -35.61 -34.01 -20.58
N ILE E 95 -35.27 -34.23 -19.31
CA ILE E 95 -35.97 -35.20 -18.46
C ILE E 95 -37.46 -34.86 -18.36
N ALA E 96 -37.77 -33.58 -18.20
CA ALA E 96 -39.16 -33.14 -18.13
C ALA E 96 -39.90 -33.49 -19.40
N GLY E 97 -39.31 -33.08 -20.53
CA GLY E 97 -39.86 -33.40 -21.85
C GLY E 97 -40.07 -34.88 -22.06
N LEU E 98 -39.06 -35.66 -21.68
CA LEU E 98 -39.11 -37.10 -21.81
C LEU E 98 -40.28 -37.73 -21.02
N CYS E 99 -40.45 -37.26 -19.79
CA CYS E 99 -41.44 -37.81 -18.88
C CYS E 99 -42.77 -37.08 -18.86
N HIS E 100 -42.98 -36.12 -19.77
CA HIS E 100 -44.10 -35.19 -19.63
C HIS E 100 -45.47 -35.86 -19.78
N ASP E 101 -45.54 -36.92 -20.59
CA ASP E 101 -46.78 -37.69 -20.78
C ASP E 101 -46.64 -39.09 -20.25
N LEU E 102 -45.91 -39.24 -19.14
CA LEU E 102 -45.83 -40.53 -18.43
C LEU E 102 -47.16 -41.02 -17.87
N GLY E 103 -48.07 -40.09 -17.59
CA GLY E 103 -49.32 -40.39 -16.92
C GLY E 103 -50.58 -40.51 -17.78
N HIS E 104 -50.44 -40.68 -19.09
CA HIS E 104 -51.63 -40.95 -19.89
C HIS E 104 -52.18 -42.31 -19.61
N GLY E 105 -53.50 -42.42 -19.67
CA GLY E 105 -54.15 -43.72 -19.51
C GLY E 105 -54.26 -44.50 -20.83
N PRO E 106 -54.92 -45.67 -20.77
CA PRO E 106 -55.28 -46.41 -21.98
C PRO E 106 -56.01 -45.53 -22.98
N PHE E 107 -55.58 -45.59 -24.23
CA PHE E 107 -56.09 -44.76 -25.31
C PHE E 107 -55.98 -43.24 -25.03
N SER E 108 -54.86 -42.88 -24.39
CA SER E 108 -54.42 -41.49 -24.21
C SER E 108 -55.51 -40.57 -23.64
N HIS E 109 -56.12 -39.77 -24.52
CA HIS E 109 -56.98 -38.67 -24.07
C HIS E 109 -58.41 -39.15 -23.81
N MET E 110 -58.78 -40.28 -24.42
CA MET E 110 -60.00 -40.99 -24.05
C MET E 110 -60.08 -41.21 -22.54
N PHE E 111 -58.96 -41.56 -21.92
CA PHE E 111 -58.94 -41.91 -20.48
C PHE E 111 -59.21 -40.72 -19.57
N ASP E 112 -58.36 -39.70 -19.65
CA ASP E 112 -58.51 -38.51 -18.81
C ASP E 112 -59.65 -37.59 -19.27
N GLY E 113 -60.07 -37.72 -20.53
CA GLY E 113 -61.08 -36.85 -21.14
C GLY E 113 -62.51 -37.36 -21.17
N ARG E 114 -62.71 -38.68 -21.24
CA ARG E 114 -64.07 -39.28 -21.27
C ARG E 114 -64.32 -40.20 -20.08
N PHE E 115 -63.46 -41.21 -19.92
CA PHE E 115 -63.68 -42.30 -18.95
C PHE E 115 -63.68 -41.88 -17.47
N ILE E 116 -62.56 -41.31 -17.02
CA ILE E 116 -62.44 -40.92 -15.60
C ILE E 116 -63.51 -39.92 -15.16
N PRO E 117 -63.80 -38.88 -15.98
CA PRO E 117 -64.94 -38.01 -15.68
C PRO E 117 -66.30 -38.71 -15.50
N LEU E 118 -66.54 -39.79 -16.23
CA LEU E 118 -67.79 -40.56 -16.09
C LEU E 118 -67.71 -41.55 -14.94
N ALA E 119 -66.62 -42.31 -14.86
CA ALA E 119 -66.45 -43.33 -13.82
C ALA E 119 -66.36 -42.75 -12.41
N ARG E 120 -65.67 -41.62 -12.25
CA ARG E 120 -65.44 -41.01 -10.94
C ARG E 120 -65.61 -39.49 -11.02
N PRO E 121 -66.87 -39.01 -11.11
CA PRO E 121 -67.18 -37.57 -11.23
C PRO E 121 -66.67 -36.70 -10.08
N GLU E 122 -66.49 -37.29 -8.91
CA GLU E 122 -65.94 -36.59 -7.75
C GLU E 122 -64.50 -36.06 -7.94
N VAL E 123 -63.66 -36.78 -8.70
CA VAL E 123 -62.22 -36.47 -8.79
C VAL E 123 -61.97 -35.43 -9.90
N LYS E 124 -61.02 -34.53 -9.66
CA LYS E 124 -60.43 -33.70 -10.71
C LYS E 124 -59.04 -34.29 -10.98
N TRP E 125 -58.93 -35.06 -12.06
CA TRP E 125 -57.70 -35.77 -12.44
C TRP E 125 -57.35 -35.53 -13.91
N THR E 126 -56.07 -35.30 -14.18
CA THR E 126 -55.54 -35.05 -15.54
C THR E 126 -54.34 -35.95 -15.83
N HIS E 127 -54.02 -36.12 -17.11
CA HIS E 127 -52.88 -36.93 -17.50
C HIS E 127 -51.56 -36.36 -16.91
N GLU E 128 -51.50 -35.03 -16.77
CA GLU E 128 -50.34 -34.34 -16.20
C GLU E 128 -50.11 -34.71 -14.74
N GLN E 129 -51.16 -34.62 -13.93
CA GLN E 129 -51.07 -35.01 -12.52
C GLN E 129 -50.55 -36.41 -12.40
N GLY E 130 -51.06 -37.29 -13.27
CA GLY E 130 -50.59 -38.66 -13.37
C GLY E 130 -49.10 -38.74 -13.65
N SER E 131 -48.63 -37.93 -14.61
CA SER E 131 -47.21 -37.91 -14.98
C SER E 131 -46.30 -37.57 -13.79
N VAL E 132 -46.71 -36.59 -12.98
CA VAL E 132 -45.95 -36.22 -11.78
C VAL E 132 -45.83 -37.38 -10.82
N MET E 133 -46.97 -38.01 -10.51
CA MET E 133 -46.99 -39.15 -9.61
C MET E 133 -46.20 -40.33 -10.17
N MET E 134 -46.40 -40.61 -11.45
CA MET E 134 -45.68 -41.70 -12.12
C MET E 134 -44.16 -41.42 -12.16
N PHE E 135 -43.79 -40.14 -12.33
CA PHE E 135 -42.38 -39.75 -12.31
C PHE E 135 -41.76 -40.07 -10.95
N GLU E 136 -42.43 -39.63 -9.88
CA GLU E 136 -42.03 -39.93 -8.50
C GLU E 136 -41.84 -41.45 -8.34
N HIS E 137 -42.84 -42.24 -8.73
CA HIS E 137 -42.76 -43.72 -8.64
C HIS E 137 -41.60 -44.28 -9.45
N LEU E 138 -41.35 -43.72 -10.63
CA LEU E 138 -40.23 -44.16 -11.47
C LEU E 138 -38.89 -43.94 -10.78
N ILE E 139 -38.70 -42.74 -10.25
CA ILE E 139 -37.45 -42.37 -9.60
C ILE E 139 -37.17 -43.27 -8.39
N ASN E 140 -38.19 -43.46 -7.56
CA ASN E 140 -38.03 -44.19 -6.30
C ASN E 140 -37.86 -45.68 -6.50
N SER E 141 -38.70 -46.28 -7.33
CA SER E 141 -38.63 -47.71 -7.58
C SER E 141 -37.39 -48.16 -8.39
N ASN E 142 -36.70 -47.24 -9.06
CA ASN E 142 -35.52 -47.59 -9.87
C ASN E 142 -34.19 -46.98 -9.40
N GLY E 143 -34.18 -46.32 -8.24
CA GLY E 143 -32.94 -45.77 -7.66
C GLY E 143 -32.22 -44.78 -8.56
N ILE E 144 -32.98 -43.82 -9.08
CA ILE E 144 -32.47 -42.85 -10.04
C ILE E 144 -31.78 -41.69 -9.34
N LYS E 145 -32.26 -41.32 -8.16
CA LYS E 145 -31.66 -40.26 -7.35
C LYS E 145 -30.11 -40.30 -7.28
N PRO E 146 -29.52 -41.46 -6.94
CA PRO E 146 -28.04 -41.61 -6.99
C PRO E 146 -27.41 -41.27 -8.34
N VAL E 147 -28.09 -41.67 -9.42
CA VAL E 147 -27.60 -41.47 -10.79
C VAL E 147 -27.69 -39.99 -11.16
N MET E 148 -28.76 -39.32 -10.71
CA MET E 148 -28.91 -37.89 -10.95
C MET E 148 -27.74 -37.14 -10.32
N GLU E 149 -27.45 -37.47 -9.06
CA GLU E 149 -26.30 -36.92 -8.34
C GLU E 149 -24.99 -37.16 -9.08
N GLN E 150 -24.80 -38.39 -9.54
CA GLN E 150 -23.60 -38.77 -10.31
C GLN E 150 -23.35 -37.85 -11.52
N TYR E 151 -24.42 -37.36 -12.16
CA TYR E 151 -24.30 -36.42 -13.30
C TYR E 151 -24.59 -34.97 -12.94
N GLY E 152 -24.30 -34.58 -11.70
CA GLY E 152 -24.32 -33.19 -11.30
C GLY E 152 -25.66 -32.56 -10.99
N LEU E 153 -26.71 -33.37 -10.84
CA LEU E 153 -28.02 -32.84 -10.44
C LEU E 153 -28.15 -32.80 -8.92
N ILE E 154 -29.14 -32.04 -8.46
CA ILE E 154 -29.49 -31.94 -7.05
C ILE E 154 -30.95 -32.36 -6.91
N PRO E 155 -31.21 -33.63 -6.57
CA PRO E 155 -32.58 -34.17 -6.52
C PRO E 155 -33.61 -33.31 -5.77
N GLU E 156 -33.24 -32.75 -4.62
CA GLU E 156 -34.14 -31.86 -3.86
C GLU E 156 -34.72 -30.79 -4.78
N GLU E 157 -33.83 -29.95 -5.31
CA GLU E 157 -34.21 -28.83 -6.18
C GLU E 157 -34.76 -29.30 -7.51
N ASP E 158 -34.07 -30.23 -8.14
CA ASP E 158 -34.32 -30.55 -9.55
C ASP E 158 -35.55 -31.41 -9.80
N ILE E 159 -35.85 -32.36 -8.92
CA ILE E 159 -37.06 -33.17 -9.05
C ILE E 159 -38.31 -32.29 -8.94
N CYS E 160 -38.23 -31.24 -8.12
CA CYS E 160 -39.30 -30.23 -8.08
C CYS E 160 -39.39 -29.50 -9.42
N PHE E 161 -38.25 -29.02 -9.91
CA PHE E 161 -38.16 -28.30 -11.19
C PHE E 161 -38.75 -29.10 -12.34
N ILE E 162 -38.46 -30.40 -12.38
CA ILE E 162 -38.99 -31.29 -13.41
C ILE E 162 -40.51 -31.41 -13.29
N LYS E 163 -41.00 -31.69 -12.09
CA LYS E 163 -42.44 -31.79 -11.83
C LYS E 163 -43.13 -30.48 -12.20
N GLU E 164 -42.54 -29.37 -11.79
CA GLU E 164 -43.10 -28.06 -12.08
C GLU E 164 -43.19 -27.75 -13.58
N GLN E 165 -42.20 -28.20 -14.37
CA GLN E 165 -42.28 -28.05 -15.83
C GLN E 165 -43.54 -28.72 -16.39
N ILE E 166 -43.87 -29.88 -15.83
CA ILE E 166 -44.96 -30.73 -16.33
C ILE E 166 -46.34 -30.18 -15.98
N VAL E 167 -46.58 -29.95 -14.69
CA VAL E 167 -47.91 -29.54 -14.19
C VAL E 167 -48.06 -28.06 -13.83
N GLY E 168 -46.97 -27.31 -13.86
CA GLY E 168 -46.98 -25.94 -13.35
C GLY E 168 -46.70 -25.94 -11.86
N PRO E 169 -47.04 -24.85 -11.17
CA PRO E 169 -46.57 -24.71 -9.77
C PRO E 169 -47.24 -25.64 -8.77
N LEU E 170 -46.45 -26.19 -7.87
CA LEU E 170 -46.96 -27.09 -6.84
C LEU E 170 -47.59 -26.28 -5.66
N LEU E 178 -46.38 -12.69 -6.76
CA LEU E 178 -45.00 -13.17 -6.46
C LEU E 178 -44.65 -14.36 -7.39
N TRP E 179 -43.36 -14.71 -7.40
CA TRP E 179 -42.84 -15.84 -8.20
C TRP E 179 -43.28 -17.20 -7.65
N PRO E 180 -44.15 -17.93 -8.38
CA PRO E 180 -44.73 -19.16 -7.85
C PRO E 180 -43.87 -20.43 -7.81
N TYR E 181 -42.70 -20.44 -8.45
CA TYR E 181 -41.91 -21.67 -8.60
C TYR E 181 -40.84 -21.77 -7.51
N LYS E 182 -40.70 -22.96 -6.92
CA LYS E 182 -39.64 -23.27 -5.98
C LYS E 182 -38.44 -23.95 -6.66
N GLY E 183 -38.63 -24.46 -7.88
CA GLY E 183 -37.60 -25.25 -8.58
C GLY E 183 -36.45 -24.42 -9.15
N ARG E 184 -36.79 -23.28 -9.74
CA ARG E 184 -35.80 -22.34 -10.27
C ARG E 184 -36.20 -20.90 -9.96
N PRO E 185 -35.21 -19.99 -9.91
CA PRO E 185 -35.49 -18.56 -9.71
C PRO E 185 -36.08 -17.86 -10.94
N GLU E 186 -36.46 -16.59 -10.77
CA GLU E 186 -37.07 -15.78 -11.84
C GLU E 186 -36.18 -15.53 -13.05
N ASN E 187 -34.87 -15.49 -12.82
CA ASN E 187 -33.90 -15.30 -13.90
C ASN E 187 -33.74 -16.50 -14.84
N LYS E 188 -34.45 -17.59 -14.55
CA LYS E 188 -34.55 -18.72 -15.46
C LYS E 188 -36.01 -19.17 -15.68
N SER E 189 -36.93 -18.22 -15.74
CA SER E 189 -38.35 -18.53 -15.99
C SER E 189 -38.60 -19.07 -17.40
N PHE E 190 -37.77 -18.64 -18.34
CA PHE E 190 -37.83 -19.14 -19.71
C PHE E 190 -37.79 -20.66 -19.82
N LEU E 191 -37.09 -21.32 -18.91
CA LEU E 191 -37.05 -22.79 -18.90
C LEU E 191 -38.43 -23.43 -18.73
N TYR E 192 -39.31 -22.78 -17.98
CA TYR E 192 -40.68 -23.30 -17.77
C TYR E 192 -41.58 -23.21 -19.02
N GLU E 193 -41.17 -22.38 -19.97
CA GLU E 193 -41.89 -22.21 -21.25
C GLU E 193 -41.51 -23.25 -22.35
N ILE E 194 -40.63 -24.21 -22.07
CA ILE E 194 -40.16 -25.13 -23.12
C ILE E 194 -41.07 -26.36 -23.29
N VAL E 195 -41.27 -27.09 -22.19
CA VAL E 195 -41.95 -28.39 -22.27
C VAL E 195 -43.46 -28.22 -22.30
N SER E 196 -43.98 -27.36 -21.42
CA SER E 196 -45.42 -27.11 -21.30
C SER E 196 -45.62 -25.65 -20.91
N ASN E 197 -45.97 -24.85 -21.93
CA ASN E 197 -46.00 -23.39 -21.87
C ASN E 197 -47.36 -22.94 -21.35
N LYS E 198 -47.41 -22.56 -20.09
CA LYS E 198 -48.64 -22.12 -19.44
C LYS E 198 -49.09 -20.73 -19.92
N ARG E 199 -48.14 -19.92 -20.43
CA ARG E 199 -48.43 -18.54 -20.82
C ARG E 199 -49.28 -18.44 -22.08
N ASN E 200 -48.80 -19.10 -23.14
CA ASN E 200 -49.42 -19.04 -24.47
C ASN E 200 -49.69 -20.39 -25.14
N GLY E 201 -49.06 -21.46 -24.67
CA GLY E 201 -49.26 -22.79 -25.25
C GLY E 201 -48.25 -23.19 -26.31
N ILE E 202 -47.36 -22.29 -26.71
CA ILE E 202 -46.32 -22.63 -27.68
C ILE E 202 -45.22 -23.41 -26.95
N ASP E 203 -45.24 -24.73 -27.10
CA ASP E 203 -44.28 -25.65 -26.46
C ASP E 203 -43.79 -26.73 -27.43
N VAL E 204 -42.74 -27.45 -27.06
CA VAL E 204 -42.18 -28.51 -27.92
C VAL E 204 -43.05 -29.78 -27.94
N ASP E 205 -43.92 -29.93 -26.94
CA ASP E 205 -44.96 -30.98 -26.95
C ASP E 205 -45.74 -30.89 -28.26
N LYS E 206 -46.25 -29.70 -28.55
CA LYS E 206 -46.98 -29.45 -29.81
C LYS E 206 -46.13 -29.73 -31.04
N TRP E 207 -44.90 -29.26 -31.02
CA TRP E 207 -44.04 -29.35 -32.20
C TRP E 207 -43.78 -30.78 -32.62
N ASP E 208 -43.57 -31.66 -31.64
CA ASP E 208 -43.36 -33.07 -31.92
C ASP E 208 -44.62 -33.69 -32.51
N TYR E 209 -45.75 -33.57 -31.80
CA TYR E 209 -46.96 -34.30 -32.21
C TYR E 209 -47.55 -33.79 -33.51
N PHE E 210 -47.33 -32.53 -33.86
CA PHE E 210 -47.66 -32.04 -35.20
C PHE E 210 -46.93 -32.88 -36.23
N ALA E 211 -45.61 -32.90 -36.12
CA ALA E 211 -44.76 -33.63 -37.05
C ALA E 211 -45.07 -35.12 -37.03
N ARG E 212 -45.20 -35.67 -35.83
CA ARG E 212 -45.40 -37.11 -35.65
C ARG E 212 -46.75 -37.56 -36.10
N ASP E 213 -47.80 -36.92 -35.61
CA ASP E 213 -49.16 -37.32 -35.96
C ASP E 213 -49.34 -37.22 -37.47
N CYS E 214 -48.93 -36.09 -38.06
CA CYS E 214 -48.99 -35.93 -39.53
C CYS E 214 -48.31 -37.06 -40.31
N HIS E 215 -47.08 -37.41 -39.91
CA HIS E 215 -46.30 -38.47 -40.56
C HIS E 215 -47.09 -39.77 -40.64
N HIS E 216 -47.65 -40.15 -39.49
CA HIS E 216 -48.38 -41.41 -39.33
C HIS E 216 -49.84 -41.31 -39.85
N LEU E 217 -50.49 -40.15 -39.72
CA LEU E 217 -51.91 -39.99 -40.17
C LEU E 217 -52.08 -40.10 -41.68
N GLY E 218 -51.22 -39.40 -42.40
CA GLY E 218 -51.36 -39.15 -43.83
C GLY E 218 -51.89 -37.76 -44.11
N ILE E 219 -51.30 -36.78 -43.43
CA ILE E 219 -51.59 -35.36 -43.60
C ILE E 219 -50.22 -34.68 -43.58
N GLN E 220 -50.05 -33.62 -44.36
CA GLN E 220 -48.78 -32.86 -44.33
C GLN E 220 -48.89 -31.73 -43.31
N ASN E 221 -47.79 -31.51 -42.61
CA ASN E 221 -47.71 -30.55 -41.52
C ASN E 221 -47.26 -29.21 -42.07
N ASN E 222 -47.94 -28.14 -41.65
CA ASN E 222 -47.66 -26.79 -42.17
C ASN E 222 -46.91 -25.86 -41.18
N PHE E 223 -46.15 -26.45 -40.25
CA PHE E 223 -45.43 -25.65 -39.24
C PHE E 223 -43.98 -26.09 -39.09
N ASP E 224 -43.07 -25.12 -39.15
CA ASP E 224 -41.63 -25.37 -39.12
C ASP E 224 -41.08 -24.99 -37.74
N TYR E 225 -40.92 -26.00 -36.90
CA TYR E 225 -40.42 -25.78 -35.54
C TYR E 225 -38.95 -25.35 -35.55
N LYS E 226 -38.17 -25.93 -36.47
CA LYS E 226 -36.76 -25.59 -36.59
C LYS E 226 -36.53 -24.12 -36.84
N ARG E 227 -37.37 -23.54 -37.69
CA ARG E 227 -37.28 -22.14 -38.02
C ARG E 227 -37.60 -21.26 -36.80
N PHE E 228 -38.65 -21.61 -36.07
CA PHE E 228 -39.02 -20.84 -34.91
C PHE E 228 -37.89 -20.79 -33.87
N ILE E 229 -37.20 -21.92 -33.72
CA ILE E 229 -36.01 -22.03 -32.87
C ILE E 229 -34.90 -21.08 -33.32
N LYS E 230 -34.64 -20.98 -34.61
CA LYS E 230 -33.62 -20.04 -35.10
C LYS E 230 -33.96 -18.59 -34.78
N PHE E 231 -35.26 -18.26 -34.69
CA PHE E 231 -35.72 -16.90 -34.34
C PHE E 231 -36.36 -16.80 -32.96
N ALA E 232 -35.89 -17.63 -32.04
CA ALA E 232 -36.29 -17.55 -30.65
C ALA E 232 -35.18 -16.87 -29.86
N ARG E 233 -35.56 -16.24 -28.76
CA ARG E 233 -34.65 -15.40 -28.00
C ARG E 233 -35.27 -15.02 -26.66
N VAL E 234 -34.45 -14.96 -25.62
CA VAL E 234 -34.91 -14.58 -24.29
C VAL E 234 -34.73 -13.08 -24.11
N CYS E 235 -35.79 -12.41 -23.63
CA CYS E 235 -35.77 -10.99 -23.31
C CYS E 235 -36.43 -10.78 -21.95
N GLU E 236 -36.19 -9.61 -21.37
CA GLU E 236 -36.87 -9.24 -20.13
C GLU E 236 -38.27 -8.77 -20.43
N VAL E 237 -39.25 -9.31 -19.69
CA VAL E 237 -40.65 -8.89 -19.78
C VAL E 237 -41.20 -8.86 -18.35
N ASP E 238 -41.49 -7.66 -17.85
CA ASP E 238 -42.04 -7.46 -16.49
C ASP E 238 -41.18 -8.15 -15.43
N ASN E 239 -39.90 -7.76 -15.36
CA ASN E 239 -38.97 -8.21 -14.31
C ASN E 239 -38.74 -9.73 -14.27
N GLU E 240 -38.72 -10.33 -15.46
CA GLU E 240 -38.72 -11.78 -15.62
C GLU E 240 -38.24 -12.11 -17.03
N LEU E 241 -37.34 -13.09 -17.15
CA LEU E 241 -36.75 -13.45 -18.45
C LEU E 241 -37.54 -14.54 -19.20
N ARG E 242 -38.21 -14.16 -20.30
CA ARG E 242 -39.08 -15.08 -21.04
C ARG E 242 -38.73 -15.18 -22.52
N ILE E 243 -39.09 -16.30 -23.12
CA ILE E 243 -38.83 -16.56 -24.53
C ILE E 243 -39.70 -15.63 -25.36
N CYS E 244 -39.06 -15.06 -26.39
CA CYS E 244 -39.71 -14.18 -27.36
C CYS E 244 -39.35 -14.62 -28.77
N ALA E 245 -40.30 -14.46 -29.69
CA ALA E 245 -40.08 -14.73 -31.11
C ALA E 245 -39.88 -13.43 -31.85
N ARG E 246 -39.31 -13.52 -33.04
CA ARG E 246 -39.08 -12.34 -33.85
C ARG E 246 -40.41 -11.81 -34.39
N ASP E 247 -40.51 -10.48 -34.49
CA ASP E 247 -41.70 -9.81 -35.04
C ASP E 247 -42.27 -10.43 -36.32
N LYS E 248 -41.42 -10.80 -37.28
CA LYS E 248 -41.88 -11.40 -38.54
C LYS E 248 -42.58 -12.77 -38.37
N GLU E 249 -42.18 -13.53 -37.37
CA GLU E 249 -42.77 -14.85 -37.09
C GLU E 249 -44.23 -14.83 -36.63
N VAL E 250 -44.75 -13.66 -36.25
CA VAL E 250 -46.13 -13.56 -35.77
C VAL E 250 -47.12 -14.29 -36.69
N GLY E 251 -46.94 -14.15 -38.02
CA GLY E 251 -47.78 -14.84 -38.99
C GLY E 251 -47.75 -16.35 -38.83
N ASN E 252 -46.55 -16.89 -38.72
CA ASN E 252 -46.35 -18.33 -38.57
C ASN E 252 -46.93 -18.88 -37.28
N LEU E 253 -46.93 -18.03 -36.24
CA LEU E 253 -47.49 -18.40 -34.95
C LEU E 253 -49.01 -18.51 -34.98
N TYR E 254 -49.70 -17.60 -35.67
CA TYR E 254 -51.15 -17.78 -35.86
C TYR E 254 -51.42 -19.05 -36.66
N ASP E 255 -50.56 -19.31 -37.65
CA ASP E 255 -50.65 -20.51 -38.49
C ASP E 255 -50.34 -21.80 -37.71
N MET E 256 -49.53 -21.71 -36.65
CA MET E 256 -49.32 -22.84 -35.75
C MET E 256 -50.64 -23.27 -35.11
N PHE E 257 -51.37 -22.32 -34.50
CA PHE E 257 -52.64 -22.64 -33.85
C PHE E 257 -53.76 -22.99 -34.86
N HIS E 258 -53.66 -22.48 -36.08
CA HIS E 258 -54.56 -22.91 -37.17
C HIS E 258 -54.32 -24.37 -37.51
N THR E 259 -53.04 -24.73 -37.70
CA THR E 259 -52.63 -26.11 -37.95
C THR E 259 -53.14 -27.02 -36.82
N ARG E 260 -53.03 -26.57 -35.56
CA ARG E 260 -53.56 -27.34 -34.42
C ARG E 260 -55.06 -27.60 -34.55
N ASN E 261 -55.82 -26.53 -34.75
CA ASN E 261 -57.27 -26.61 -34.88
C ASN E 261 -57.67 -27.47 -36.07
N SER E 262 -56.93 -27.32 -37.16
CA SER E 262 -57.15 -28.12 -38.38
C SER E 262 -56.97 -29.62 -38.10
N LEU E 263 -55.92 -29.99 -37.39
CA LEU E 263 -55.67 -31.40 -37.02
C LEU E 263 -56.75 -31.99 -36.11
N HIS E 264 -57.27 -31.17 -35.21
CA HIS E 264 -58.41 -31.58 -34.38
C HIS E 264 -59.64 -31.83 -35.25
N ARG E 265 -59.91 -30.91 -36.18
CA ARG E 265 -61.07 -31.04 -37.05
C ARG E 265 -60.97 -32.29 -37.92
N ARG E 266 -59.84 -32.48 -38.58
CA ARG E 266 -59.69 -33.59 -39.52
C ARG E 266 -59.52 -34.94 -38.84
N ALA E 267 -58.74 -34.97 -37.75
CA ALA E 267 -58.28 -36.22 -37.16
C ALA E 267 -58.77 -36.47 -35.74
N TYR E 268 -58.28 -35.67 -34.80
CA TYR E 268 -58.41 -36.01 -33.37
C TYR E 268 -59.88 -36.07 -32.89
N GLN E 269 -60.67 -35.13 -33.42
CA GLN E 269 -62.12 -35.08 -33.17
C GLN E 269 -62.95 -35.61 -34.36
N HIS E 270 -62.38 -36.55 -35.13
CA HIS E 270 -63.11 -37.14 -36.24
C HIS E 270 -64.36 -37.85 -35.74
N LYS E 271 -65.47 -37.59 -36.42
CA LYS E 271 -66.81 -38.03 -35.96
C LYS E 271 -66.90 -39.52 -35.56
N VAL E 272 -66.23 -40.37 -36.33
CA VAL E 272 -66.16 -41.81 -36.08
C VAL E 272 -65.09 -42.15 -35.04
N GLY E 273 -63.97 -41.44 -35.08
CA GLY E 273 -62.91 -41.61 -34.09
C GLY E 273 -63.43 -41.37 -32.69
N ASN E 274 -64.23 -40.31 -32.55
CA ASN E 274 -64.91 -39.97 -31.30
C ASN E 274 -65.99 -40.97 -30.90
N ILE E 275 -66.74 -41.52 -31.85
CA ILE E 275 -67.76 -42.51 -31.49
C ILE E 275 -67.11 -43.80 -31.03
N ILE E 276 -65.96 -44.16 -31.61
CA ILE E 276 -65.22 -45.31 -31.15
C ILE E 276 -64.63 -45.10 -29.76
N ASP E 277 -64.08 -43.91 -29.52
CA ASP E 277 -63.65 -43.48 -28.18
C ASP E 277 -64.82 -43.68 -27.17
N THR E 278 -66.02 -43.13 -27.47
CA THR E 278 -67.18 -43.25 -26.54
C THR E 278 -67.59 -44.71 -26.33
N MET E 279 -67.48 -45.52 -27.40
CA MET E 279 -67.81 -46.95 -27.33
C MET E 279 -66.82 -47.72 -26.48
N ILE E 280 -65.52 -47.44 -26.63
CA ILE E 280 -64.51 -48.06 -25.79
C ILE E 280 -64.68 -47.62 -24.33
N THR E 281 -64.89 -46.32 -24.12
CA THR E 281 -65.21 -45.77 -22.80
C THR E 281 -66.42 -46.49 -22.16
N ASP E 282 -67.47 -46.65 -22.97
CA ASP E 282 -68.68 -47.34 -22.54
C ASP E 282 -68.37 -48.77 -22.06
N ALA E 283 -67.58 -49.49 -22.84
CA ALA E 283 -67.15 -50.85 -22.51
C ALA E 283 -66.31 -50.91 -21.23
N PHE E 284 -65.45 -49.91 -21.03
CA PHE E 284 -64.64 -49.83 -19.82
C PHE E 284 -65.52 -49.62 -18.61
N LEU E 285 -66.50 -48.72 -18.74
CA LEU E 285 -67.44 -48.48 -17.64
C LEU E 285 -68.16 -49.75 -17.20
N LYS E 286 -68.59 -50.55 -18.17
CA LYS E 286 -69.29 -51.81 -17.88
C LYS E 286 -68.37 -52.89 -17.34
N ALA E 287 -67.11 -52.85 -17.76
CA ALA E 287 -66.10 -53.80 -17.26
C ALA E 287 -65.45 -53.42 -15.92
N ASP E 288 -65.62 -52.16 -15.50
CA ASP E 288 -64.82 -51.60 -14.39
C ASP E 288 -64.94 -52.39 -13.09
N ASP E 289 -66.18 -52.77 -12.77
CA ASP E 289 -66.48 -53.48 -11.52
C ASP E 289 -65.81 -54.85 -11.40
N TYR E 290 -65.61 -55.53 -12.53
CA TYR E 290 -65.16 -56.92 -12.53
C TYR E 290 -63.69 -57.13 -12.93
N ILE E 291 -62.95 -56.05 -13.19
CA ILE E 291 -61.52 -56.17 -13.48
C ILE E 291 -60.71 -55.69 -12.29
N GLU E 292 -59.82 -56.57 -11.83
CA GLU E 292 -58.89 -56.30 -10.76
C GLU E 292 -57.48 -56.12 -11.34
N ILE E 293 -56.72 -55.18 -10.77
CA ILE E 293 -55.32 -54.96 -11.13
C ILE E 293 -54.51 -54.88 -9.85
N THR E 294 -53.45 -55.70 -9.80
CA THR E 294 -52.60 -55.80 -8.61
C THR E 294 -51.79 -54.53 -8.47
N GLY E 295 -51.84 -53.95 -7.29
CA GLY E 295 -51.11 -52.73 -6.98
C GLY E 295 -50.01 -52.93 -5.96
N ALA E 296 -49.76 -51.87 -5.18
CA ALA E 296 -48.70 -51.86 -4.19
C ALA E 296 -49.11 -52.71 -3.00
N GLY E 297 -48.19 -53.59 -2.58
CA GLY E 297 -48.45 -54.56 -1.54
C GLY E 297 -49.54 -55.55 -1.89
N GLY E 298 -49.81 -55.73 -3.18
CA GLY E 298 -50.89 -56.58 -3.64
C GLY E 298 -52.33 -56.10 -3.56
N LYS E 299 -52.58 -54.86 -3.12
CA LYS E 299 -53.97 -54.36 -2.99
C LYS E 299 -54.66 -54.40 -4.38
N LYS E 300 -55.95 -54.70 -4.40
CA LYS E 300 -56.72 -54.83 -5.65
C LYS E 300 -57.27 -53.45 -6.07
N TYR E 301 -56.96 -53.03 -7.30
CA TYR E 301 -57.51 -51.79 -7.86
C TYR E 301 -58.32 -52.06 -9.12
N ARG E 302 -59.35 -51.24 -9.34
CA ARG E 302 -60.17 -51.29 -10.55
C ARG E 302 -59.59 -50.35 -11.59
N ILE E 303 -60.15 -50.37 -12.80
CA ILE E 303 -59.64 -49.54 -13.89
C ILE E 303 -59.70 -48.08 -13.46
N SER E 304 -60.84 -47.66 -12.93
CA SER E 304 -61.05 -46.29 -12.50
C SER E 304 -60.21 -45.85 -11.28
N THR E 305 -59.83 -46.80 -10.42
CA THR E 305 -59.06 -46.50 -9.20
C THR E 305 -57.55 -46.74 -9.30
N ALA E 306 -57.10 -47.33 -10.41
CA ALA E 306 -55.67 -47.55 -10.63
C ALA E 306 -54.86 -46.27 -10.61
N ILE E 307 -55.48 -45.16 -11.03
CA ILE E 307 -54.85 -43.83 -10.97
C ILE E 307 -54.38 -43.40 -9.57
N ASP E 308 -54.99 -43.97 -8.54
CA ASP E 308 -54.59 -43.66 -7.17
C ASP E 308 -53.27 -44.29 -6.76
N ASP E 309 -52.98 -45.48 -7.30
CA ASP E 309 -51.71 -46.16 -7.04
C ASP E 309 -50.92 -46.31 -8.35
N MET E 310 -49.64 -45.93 -8.34
CA MET E 310 -48.81 -45.97 -9.54
C MET E 310 -48.25 -47.34 -9.89
N GLU E 311 -48.06 -48.19 -8.89
CA GLU E 311 -47.59 -49.55 -9.17
C GLU E 311 -48.66 -50.32 -9.96
N ALA E 312 -49.92 -50.06 -9.65
CA ALA E 312 -51.05 -50.64 -10.40
C ALA E 312 -51.16 -50.02 -11.78
N TYR E 313 -51.18 -48.69 -11.82
CA TYR E 313 -51.32 -47.91 -13.06
C TYR E 313 -50.23 -48.22 -14.10
N THR E 314 -49.05 -48.61 -13.63
CA THR E 314 -47.97 -49.12 -14.47
C THR E 314 -48.42 -50.26 -15.39
N LYS E 315 -49.28 -51.14 -14.87
CA LYS E 315 -49.80 -52.27 -15.64
C LYS E 315 -51.08 -51.96 -16.44
N LEU E 316 -51.58 -50.73 -16.38
CA LEU E 316 -52.83 -50.33 -17.04
C LEU E 316 -52.54 -49.63 -18.36
N THR E 317 -52.74 -50.36 -19.45
CA THR E 317 -52.42 -49.90 -20.80
C THR E 317 -53.56 -50.25 -21.75
N ASP E 318 -53.38 -49.99 -23.05
CA ASP E 318 -54.31 -50.41 -24.10
C ASP E 318 -54.65 -51.91 -24.07
N ASN E 319 -53.75 -52.73 -23.51
CA ASN E 319 -54.02 -54.14 -23.20
C ASN E 319 -55.41 -54.44 -22.68
N ILE E 320 -55.88 -53.53 -21.82
CA ILE E 320 -57.16 -53.70 -21.16
C ILE E 320 -58.32 -53.87 -22.16
N PHE E 321 -58.20 -53.26 -23.34
CA PHE E 321 -59.09 -53.50 -24.48
C PHE E 321 -59.16 -54.97 -24.87
N LEU E 322 -58.00 -55.54 -25.19
CA LEU E 322 -57.91 -56.93 -25.63
C LEU E 322 -58.21 -57.92 -24.52
N GLU E 323 -57.87 -57.53 -23.29
CA GLU E 323 -58.21 -58.33 -22.12
C GLU E 323 -59.74 -58.52 -22.08
N ILE E 324 -60.48 -57.41 -22.23
CA ILE E 324 -61.95 -57.46 -22.27
C ILE E 324 -62.46 -58.25 -23.47
N LEU E 325 -61.86 -58.01 -24.64
CA LEU E 325 -62.30 -58.66 -25.87
C LEU E 325 -62.15 -60.17 -25.80
N TYR E 326 -60.98 -60.62 -25.38
CA TYR E 326 -60.67 -62.05 -25.33
C TYR E 326 -61.29 -62.81 -24.14
N SER E 327 -61.81 -62.11 -23.14
CA SER E 327 -62.30 -62.77 -21.91
C SER E 327 -63.51 -63.67 -22.14
N THR E 328 -63.69 -64.62 -21.22
CA THR E 328 -64.85 -65.49 -21.19
C THR E 328 -65.68 -65.35 -19.90
N ASP E 329 -65.24 -64.51 -18.97
CA ASP E 329 -66.04 -64.24 -17.76
C ASP E 329 -67.39 -63.66 -18.19
N PRO E 330 -68.50 -64.31 -17.80
CA PRO E 330 -69.81 -63.78 -18.15
C PRO E 330 -70.18 -62.44 -17.49
N LYS E 331 -69.50 -62.08 -16.39
CA LYS E 331 -69.67 -60.74 -15.79
C LYS E 331 -69.26 -59.63 -16.75
N LEU E 332 -68.31 -59.93 -17.64
CA LEU E 332 -67.83 -59.01 -18.67
C LEU E 332 -68.57 -59.09 -20.01
N LYS E 333 -69.67 -59.84 -20.10
CA LYS E 333 -70.35 -60.05 -21.39
C LYS E 333 -70.88 -58.76 -21.99
N ASP E 334 -71.45 -57.89 -21.18
CA ASP E 334 -71.91 -56.57 -21.63
C ASP E 334 -70.78 -55.74 -22.26
N ALA E 335 -69.63 -55.69 -21.59
CA ALA E 335 -68.48 -54.93 -22.08
C ALA E 335 -67.89 -55.55 -23.34
N ARG E 336 -67.70 -56.87 -23.31
CA ARG E 336 -67.17 -57.61 -24.47
C ARG E 336 -68.04 -57.47 -25.72
N GLU E 337 -69.34 -57.36 -25.55
CA GLU E 337 -70.25 -57.21 -26.70
C GLU E 337 -70.09 -55.86 -27.38
N ILE E 338 -69.85 -54.80 -26.61
CA ILE E 338 -69.59 -53.47 -27.20
C ILE E 338 -68.32 -53.53 -28.05
N LEU E 339 -67.26 -54.13 -27.51
CA LEU E 339 -66.00 -54.22 -28.23
C LEU E 339 -66.08 -55.12 -29.46
N LYS E 340 -66.85 -56.19 -29.38
CA LYS E 340 -67.10 -57.02 -30.57
C LYS E 340 -67.84 -56.24 -31.66
N GLN E 341 -68.77 -55.37 -31.26
CA GLN E 341 -69.46 -54.48 -32.20
C GLN E 341 -68.53 -53.51 -32.93
N ILE E 342 -67.39 -53.17 -32.34
CA ILE E 342 -66.36 -52.35 -32.99
C ILE E 342 -65.56 -53.11 -34.06
N GLU E 343 -65.28 -54.38 -33.80
CA GLU E 343 -64.61 -55.24 -34.77
C GLU E 343 -65.49 -55.36 -36.02
N TYR E 344 -66.73 -55.79 -35.80
CA TYR E 344 -67.74 -55.95 -36.86
C TYR E 344 -68.18 -54.64 -37.51
N ARG E 345 -67.95 -53.52 -36.83
CA ARG E 345 -68.19 -52.18 -37.36
C ARG E 345 -69.68 -51.79 -37.30
N ASN E 346 -70.40 -52.30 -36.30
CA ASN E 346 -71.76 -51.84 -35.99
C ASN E 346 -71.67 -50.74 -34.96
N LEU E 347 -71.20 -49.59 -35.45
CA LEU E 347 -70.97 -48.45 -34.60
C LEU E 347 -72.27 -47.69 -34.54
N PHE E 348 -72.37 -46.87 -33.50
CA PHE E 348 -73.52 -45.99 -33.33
C PHE E 348 -73.45 -45.00 -34.49
N LYS E 349 -74.58 -44.73 -35.13
CA LYS E 349 -74.58 -43.97 -36.38
C LYS E 349 -74.61 -42.45 -36.18
N TYR E 350 -73.76 -41.76 -36.95
CA TYR E 350 -73.66 -40.32 -36.93
C TYR E 350 -74.91 -39.72 -37.60
N VAL E 351 -75.55 -38.78 -36.93
CA VAL E 351 -76.74 -38.14 -37.45
C VAL E 351 -76.40 -36.79 -38.10
N GLY E 352 -75.60 -35.99 -37.41
CA GLY E 352 -75.18 -34.68 -37.91
C GLY E 352 -74.45 -33.88 -36.85
N GLU E 353 -73.99 -32.70 -37.25
CA GLU E 353 -73.21 -31.80 -36.41
C GLU E 353 -73.90 -30.43 -36.40
N THR E 354 -73.74 -29.69 -35.32
CA THR E 354 -74.26 -28.31 -35.24
C THR E 354 -73.48 -27.49 -34.22
N GLN E 355 -73.66 -26.17 -34.29
CA GLN E 355 -73.06 -25.22 -33.34
C GLN E 355 -74.12 -24.32 -32.72
N PRO E 356 -73.89 -23.83 -31.48
CA PRO E 356 -74.74 -22.74 -30.98
C PRO E 356 -74.51 -21.42 -31.71
N THR E 357 -75.42 -20.48 -31.49
CA THR E 357 -75.33 -19.14 -32.09
C THR E 357 -75.34 -18.07 -31.02
N GLY E 358 -75.03 -16.85 -31.44
CA GLY E 358 -74.88 -15.73 -30.51
C GLY E 358 -73.61 -15.94 -29.69
N GLN E 359 -73.73 -15.75 -28.38
CA GLN E 359 -72.71 -16.15 -27.43
C GLN E 359 -73.37 -17.07 -26.40
N ILE E 360 -74.03 -18.15 -26.88
CA ILE E 360 -74.65 -19.20 -26.02
C ILE E 360 -73.65 -20.35 -25.78
N LYS E 361 -72.86 -20.27 -24.70
CA LYS E 361 -71.94 -21.37 -24.34
C LYS E 361 -72.72 -22.48 -23.60
N ILE E 362 -72.56 -23.73 -24.02
CA ILE E 362 -73.18 -24.89 -23.34
C ILE E 362 -72.29 -25.37 -22.20
N LYS E 363 -72.74 -25.18 -20.96
CA LYS E 363 -71.95 -25.54 -19.77
C LYS E 363 -71.85 -27.08 -19.64
N ARG E 364 -70.77 -27.54 -19.00
CA ARG E 364 -70.48 -28.97 -18.86
C ARG E 364 -71.53 -29.73 -18.05
N GLU E 365 -71.96 -29.13 -16.94
CA GLU E 365 -73.16 -29.52 -16.20
C GLU E 365 -74.34 -30.07 -17.06
N ASP E 366 -74.66 -29.38 -18.15
CA ASP E 366 -75.84 -29.69 -18.97
C ASP E 366 -75.67 -30.87 -19.94
N TYR E 367 -74.43 -31.36 -20.09
CA TYR E 367 -74.11 -32.45 -21.02
C TYR E 367 -75.00 -33.68 -20.77
N GLU E 368 -75.14 -34.07 -19.50
CA GLU E 368 -76.01 -35.19 -19.10
C GLU E 368 -77.40 -35.09 -19.72
N SER E 369 -77.97 -33.88 -19.73
CA SER E 369 -79.39 -33.69 -20.12
C SER E 369 -79.73 -33.63 -21.62
N LEU E 370 -78.72 -33.48 -22.48
CA LEU E 370 -78.96 -33.18 -23.90
C LEU E 370 -79.64 -34.30 -24.72
N PRO E 371 -79.33 -35.58 -24.43
CA PRO E 371 -80.09 -36.67 -25.07
C PRO E 371 -81.60 -36.60 -24.82
N LYS E 372 -81.98 -36.31 -23.57
CA LYS E 372 -83.38 -36.05 -23.19
C LYS E 372 -84.01 -34.99 -24.09
N GLU E 373 -83.31 -33.89 -24.30
CA GLU E 373 -83.82 -32.78 -25.12
C GLU E 373 -84.07 -33.14 -26.58
N VAL E 374 -83.22 -33.99 -27.15
CA VAL E 374 -83.33 -34.39 -28.56
C VAL E 374 -84.56 -35.26 -28.78
N ALA E 375 -84.73 -36.27 -27.92
CA ALA E 375 -85.93 -37.10 -27.95
C ALA E 375 -87.20 -36.28 -27.68
N SER E 376 -87.09 -35.27 -26.82
CA SER E 376 -88.21 -34.39 -26.46
C SER E 376 -88.74 -33.52 -27.58
N ALA E 377 -87.93 -33.26 -28.61
CA ALA E 377 -88.39 -32.47 -29.76
C ALA E 377 -89.59 -33.14 -30.43
N LYS E 378 -90.54 -32.33 -30.85
CA LYS E 378 -91.75 -32.80 -31.49
C LYS E 378 -91.70 -32.30 -32.94
N PRO E 379 -91.06 -33.07 -33.84
CA PRO E 379 -91.00 -32.67 -35.24
C PRO E 379 -92.33 -32.87 -35.94
N LYS E 380 -92.79 -31.86 -36.68
CA LYS E 380 -94.07 -31.92 -37.39
C LYS E 380 -93.99 -32.80 -38.65
N VAL E 381 -93.63 -34.08 -38.47
CA VAL E 381 -93.40 -35.05 -39.55
C VAL E 381 -93.81 -36.43 -39.07
N LEU E 382 -94.45 -37.21 -39.93
CA LEU E 382 -94.92 -38.55 -39.57
C LEU E 382 -93.73 -39.51 -39.44
N LEU E 383 -93.58 -40.06 -38.23
CA LEU E 383 -92.50 -40.99 -37.91
C LEU E 383 -93.01 -42.41 -37.83
N ASP E 384 -92.20 -43.37 -38.28
CA ASP E 384 -92.47 -44.81 -38.12
C ASP E 384 -92.25 -45.26 -36.68
N VAL E 385 -91.21 -44.71 -36.07
CA VAL E 385 -90.72 -45.13 -34.75
C VAL E 385 -90.59 -43.91 -33.84
N LYS E 386 -90.96 -44.04 -32.57
CA LYS E 386 -90.60 -43.04 -31.55
C LYS E 386 -89.31 -43.53 -30.90
N LEU E 387 -88.41 -42.60 -30.57
CA LEU E 387 -87.10 -42.93 -29.97
C LEU E 387 -86.97 -42.33 -28.56
N LYS E 388 -86.47 -43.14 -27.62
CA LYS E 388 -86.25 -42.71 -26.23
C LYS E 388 -84.90 -41.98 -26.12
N ALA E 389 -84.69 -41.29 -25.01
CA ALA E 389 -83.48 -40.47 -24.81
C ALA E 389 -82.18 -41.27 -24.68
N GLU E 390 -82.30 -42.48 -24.12
CA GLU E 390 -81.20 -43.44 -24.05
C GLU E 390 -80.65 -43.87 -25.43
N ASP E 391 -81.49 -43.79 -26.46
CA ASP E 391 -81.10 -44.11 -27.84
C ASP E 391 -80.12 -43.09 -28.45
N PHE E 392 -80.11 -41.86 -27.92
CA PHE E 392 -79.26 -40.78 -28.45
C PHE E 392 -77.96 -40.62 -27.65
N ILE E 393 -76.89 -40.24 -28.36
CA ILE E 393 -75.63 -39.76 -27.77
C ILE E 393 -75.38 -38.37 -28.32
N VAL E 394 -75.11 -37.43 -27.43
CA VAL E 394 -74.73 -36.09 -27.82
C VAL E 394 -73.33 -35.85 -27.29
N ASP E 395 -72.43 -35.46 -28.20
CA ASP E 395 -71.02 -35.34 -27.93
C ASP E 395 -70.69 -33.86 -28.12
N VAL E 396 -70.35 -33.16 -27.04
CA VAL E 396 -70.02 -31.74 -27.13
C VAL E 396 -68.51 -31.58 -27.10
N ILE E 397 -68.01 -30.75 -28.03
CA ILE E 397 -66.57 -30.60 -28.25
C ILE E 397 -66.20 -29.13 -28.28
N ASN E 398 -65.23 -28.74 -27.45
CA ASN E 398 -64.73 -27.38 -27.41
C ASN E 398 -63.46 -27.27 -28.26
N MET E 399 -63.58 -26.56 -29.38
CA MET E 399 -62.44 -26.26 -30.25
C MET E 399 -61.96 -24.86 -29.90
N ASP E 400 -60.68 -24.72 -29.56
CA ASP E 400 -60.12 -23.41 -29.20
C ASP E 400 -58.68 -23.28 -29.67
N TYR E 401 -58.07 -22.13 -29.35
CA TYR E 401 -56.66 -21.88 -29.61
C TYR E 401 -55.83 -22.10 -28.33
N GLY E 402 -56.25 -23.06 -27.51
CA GLY E 402 -55.49 -23.48 -26.35
C GLY E 402 -55.67 -22.66 -25.11
N MET E 403 -56.43 -21.56 -25.17
CA MET E 403 -56.64 -20.68 -24.02
C MET E 403 -58.08 -20.25 -23.99
N GLN E 404 -58.96 -21.24 -24.07
CA GLN E 404 -60.39 -21.02 -24.13
C GLN E 404 -60.67 -19.88 -25.08
N GLU E 405 -61.32 -18.81 -24.63
CA GLU E 405 -61.78 -17.75 -25.51
C GLU E 405 -60.70 -16.77 -25.93
N LYS E 406 -59.51 -16.88 -25.33
CA LYS E 406 -58.43 -15.93 -25.57
C LYS E 406 -57.60 -16.24 -26.82
N ASN E 407 -57.02 -15.17 -27.36
CA ASN E 407 -56.06 -15.19 -28.46
C ASN E 407 -54.71 -15.42 -27.82
N PRO E 408 -54.06 -16.57 -28.06
CA PRO E 408 -52.77 -16.81 -27.42
C PRO E 408 -51.64 -15.91 -27.90
N ILE E 409 -51.77 -15.35 -29.10
CA ILE E 409 -50.77 -14.43 -29.65
C ILE E 409 -50.71 -13.12 -28.87
N ASP E 410 -51.83 -12.71 -28.29
CA ASP E 410 -51.84 -11.59 -27.36
C ASP E 410 -51.05 -11.87 -26.07
N HIS E 411 -50.77 -13.15 -25.79
CA HIS E 411 -49.84 -13.55 -24.73
C HIS E 411 -48.47 -14.07 -25.25
N VAL E 412 -47.99 -13.54 -26.37
CA VAL E 412 -46.63 -13.83 -26.86
C VAL E 412 -45.85 -12.52 -26.89
N SER E 413 -44.58 -12.60 -26.50
CA SER E 413 -43.67 -11.47 -26.58
C SER E 413 -42.79 -11.56 -27.83
N PHE E 414 -42.54 -10.40 -28.43
CA PHE E 414 -41.79 -10.32 -29.68
C PHE E 414 -40.56 -9.40 -29.60
N TYR E 415 -39.63 -9.55 -30.53
CA TYR E 415 -38.47 -8.62 -30.65
C TYR E 415 -38.22 -8.20 -32.09
N CYS E 416 -37.51 -7.08 -32.25
CA CYS E 416 -37.20 -6.55 -33.59
C CYS E 416 -35.73 -6.69 -33.91
N LYS E 417 -35.42 -6.73 -35.21
CA LYS E 417 -34.03 -6.82 -35.66
C LYS E 417 -33.21 -5.66 -35.14
N THR E 418 -33.81 -4.48 -35.19
CA THR E 418 -33.18 -3.25 -34.73
C THR E 418 -32.95 -3.15 -33.21
N ALA E 419 -33.73 -3.88 -32.41
CA ALA E 419 -33.60 -3.88 -30.93
C ALA E 419 -33.94 -5.25 -30.34
N PRO E 420 -32.97 -6.18 -30.43
CA PRO E 420 -33.26 -7.57 -30.11
C PRO E 420 -33.39 -7.87 -28.62
N ASN E 421 -33.06 -6.94 -27.74
CA ASN E 421 -33.32 -7.13 -26.31
C ASN E 421 -34.61 -6.50 -25.85
N ARG E 422 -35.21 -5.68 -26.70
CA ARG E 422 -36.45 -5.00 -26.35
C ARG E 422 -37.67 -5.79 -26.80
N ALA E 423 -38.40 -6.30 -25.80
CA ALA E 423 -39.61 -7.06 -26.03
C ALA E 423 -40.78 -6.15 -26.30
N ILE E 424 -41.71 -6.63 -27.11
CA ILE E 424 -42.90 -5.87 -27.51
C ILE E 424 -44.11 -6.79 -27.68
N ARG E 425 -45.27 -6.20 -27.92
CA ARG E 425 -46.52 -6.92 -28.20
C ARG E 425 -47.01 -6.61 -29.61
N ILE E 426 -47.63 -7.59 -30.24
CA ILE E 426 -48.24 -7.40 -31.56
C ILE E 426 -49.72 -7.81 -31.42
N THR E 427 -50.63 -6.87 -31.66
CA THR E 427 -52.08 -7.13 -31.57
C THR E 427 -52.54 -7.90 -32.80
N LYS E 428 -53.82 -8.26 -32.82
CA LYS E 428 -54.38 -8.90 -34.00
C LYS E 428 -54.46 -7.95 -35.20
N ASN E 429 -54.84 -6.69 -34.94
CA ASN E 429 -55.02 -5.71 -36.03
C ASN E 429 -53.74 -5.36 -36.76
N GLN E 430 -52.63 -5.44 -36.05
CA GLN E 430 -51.32 -5.17 -36.63
C GLN E 430 -50.87 -6.25 -37.63
N VAL E 431 -51.49 -7.42 -37.60
CA VAL E 431 -51.10 -8.54 -38.47
C VAL E 431 -51.96 -8.67 -39.72
N SER E 432 -53.25 -8.93 -39.55
CA SER E 432 -54.14 -9.24 -40.68
C SER E 432 -55.63 -9.16 -40.36
N GLN E 433 -56.41 -8.76 -41.36
CA GLN E 433 -57.87 -8.81 -41.34
C GLN E 433 -58.45 -10.17 -41.69
N LEU E 434 -57.64 -11.09 -42.18
CA LEU E 434 -58.10 -12.44 -42.53
C LEU E 434 -57.94 -13.46 -41.41
N LEU E 435 -57.58 -13.01 -40.22
CA LEU E 435 -57.47 -13.89 -39.06
C LEU E 435 -58.84 -14.24 -38.51
N PRO E 436 -58.90 -15.24 -37.61
CA PRO E 436 -60.19 -15.59 -36.98
C PRO E 436 -60.79 -14.44 -36.19
N GLU E 437 -62.12 -14.38 -36.20
CA GLU E 437 -62.86 -13.39 -35.42
C GLU E 437 -62.89 -13.81 -33.96
N LYS E 438 -63.28 -15.07 -33.73
CA LYS E 438 -63.26 -15.69 -32.41
C LYS E 438 -62.11 -16.71 -32.32
N PHE E 439 -61.81 -17.14 -31.11
CA PHE E 439 -60.77 -18.16 -30.85
C PHE E 439 -61.24 -19.35 -30.02
N ALA E 440 -62.55 -19.56 -30.00
CA ALA E 440 -63.18 -20.72 -29.38
C ALA E 440 -64.61 -20.89 -29.89
N GLU E 441 -65.04 -22.14 -29.97
CA GLU E 441 -66.39 -22.47 -30.39
C GLU E 441 -66.75 -23.83 -29.84
N GLN E 442 -68.00 -24.23 -30.06
CA GLN E 442 -68.47 -25.54 -29.65
C GLN E 442 -69.02 -26.30 -30.84
N LEU E 443 -68.73 -27.60 -30.88
CA LEU E 443 -69.30 -28.52 -31.86
C LEU E 443 -70.13 -29.54 -31.15
N ILE E 444 -71.34 -29.75 -31.66
CA ILE E 444 -72.27 -30.70 -31.08
C ILE E 444 -72.55 -31.75 -32.13
N ARG E 445 -72.05 -32.96 -31.89
CA ARG E 445 -72.36 -34.12 -32.72
C ARG E 445 -73.44 -34.94 -32.05
N VAL E 446 -74.38 -35.42 -32.85
CA VAL E 446 -75.45 -36.28 -32.36
C VAL E 446 -75.33 -37.61 -33.09
N TYR E 447 -75.36 -38.70 -32.33
CA TYR E 447 -75.38 -40.05 -32.88
C TYR E 447 -76.59 -40.80 -32.32
N CYS E 448 -76.98 -41.87 -33.02
CA CYS E 448 -78.12 -42.72 -32.63
C CYS E 448 -77.66 -44.16 -32.45
N LYS E 449 -78.04 -44.76 -31.32
CA LYS E 449 -77.65 -46.14 -30.99
C LYS E 449 -78.33 -47.19 -31.88
N LYS E 450 -79.54 -46.88 -32.35
CA LYS E 450 -80.25 -47.75 -33.27
C LYS E 450 -79.81 -47.50 -34.71
N VAL E 451 -79.31 -48.56 -35.33
CA VAL E 451 -78.61 -48.52 -36.63
C VAL E 451 -79.55 -48.56 -37.83
N ASP E 452 -80.70 -49.24 -37.70
CA ASP E 452 -81.62 -49.56 -38.83
C ASP E 452 -82.16 -48.37 -39.64
N ARG E 453 -82.63 -48.69 -40.86
CA ARG E 453 -83.11 -47.69 -41.83
C ARG E 453 -84.20 -46.78 -41.23
N LYS E 454 -85.18 -47.41 -40.56
CA LYS E 454 -86.32 -46.69 -39.98
C LYS E 454 -85.92 -45.72 -38.85
N SER E 455 -85.07 -46.19 -37.93
CA SER E 455 -84.68 -45.41 -36.76
C SER E 455 -83.74 -44.25 -37.07
N LEU E 456 -82.90 -44.45 -38.09
CA LEU E 456 -82.00 -43.41 -38.53
C LEU E 456 -82.76 -42.22 -39.14
N TYR E 457 -83.77 -42.50 -39.96
CA TYR E 457 -84.64 -41.44 -40.51
C TYR E 457 -85.27 -40.64 -39.39
N ALA E 458 -85.80 -41.34 -38.39
CA ALA E 458 -86.43 -40.72 -37.23
C ALA E 458 -85.43 -39.82 -36.51
N ALA E 459 -84.29 -40.40 -36.17
CA ALA E 459 -83.24 -39.67 -35.46
C ALA E 459 -82.90 -38.35 -36.14
N ARG E 460 -82.78 -38.38 -37.46
CA ARG E 460 -82.53 -37.18 -38.27
C ARG E 460 -83.59 -36.11 -38.10
N GLN E 461 -84.86 -36.53 -38.05
CA GLN E 461 -85.95 -35.59 -37.86
C GLN E 461 -85.91 -34.98 -36.45
N TYR E 462 -85.69 -35.79 -35.43
CA TYR E 462 -85.49 -35.30 -34.05
C TYR E 462 -84.36 -34.27 -33.96
N PHE E 463 -83.22 -34.62 -34.55
CA PHE E 463 -82.02 -33.78 -34.51
C PHE E 463 -82.24 -32.42 -35.17
N VAL E 464 -82.70 -32.41 -36.42
CA VAL E 464 -82.85 -31.17 -37.19
C VAL E 464 -83.90 -30.26 -36.56
N GLN E 465 -84.88 -30.86 -35.89
CA GLN E 465 -85.88 -30.10 -35.13
C GLN E 465 -85.23 -29.48 -33.90
N TRP E 466 -84.56 -30.33 -33.11
CA TRP E 466 -83.83 -29.89 -31.92
C TRP E 466 -82.92 -28.69 -32.21
N CYS E 467 -82.28 -28.69 -33.39
CA CYS E 467 -81.47 -27.58 -33.86
C CYS E 467 -82.28 -26.29 -34.04
N ALA E 468 -83.40 -26.39 -34.73
CA ALA E 468 -84.33 -25.24 -34.89
C ALA E 468 -84.90 -24.80 -33.53
N ASP E 469 -85.22 -25.78 -32.67
CA ASP E 469 -85.75 -25.53 -31.32
C ASP E 469 -84.83 -24.68 -30.45
N ARG E 470 -83.53 -24.88 -30.54
CA ARG E 470 -82.57 -24.17 -29.69
C ARG E 470 -81.80 -23.04 -30.39
N ASN E 471 -82.24 -22.68 -31.60
CA ASN E 471 -81.61 -21.65 -32.41
C ASN E 471 -80.13 -21.95 -32.65
N PHE E 472 -79.86 -23.20 -33.03
CA PHE E 472 -78.53 -23.64 -33.46
C PHE E 472 -78.41 -23.52 -34.98
N THR E 473 -77.19 -23.69 -35.48
CA THR E 473 -76.92 -23.59 -36.91
C THR E 473 -77.58 -24.74 -37.65
N LYS E 474 -77.97 -24.47 -38.89
CA LYS E 474 -78.56 -25.49 -39.74
C LYS E 474 -77.48 -26.52 -40.06
N PRO E 475 -77.78 -27.82 -39.84
CA PRO E 475 -76.85 -28.83 -40.30
C PRO E 475 -76.53 -28.66 -41.79
N GLN E 476 -75.27 -28.88 -42.14
CA GLN E 476 -74.79 -28.69 -43.53
C GLN E 476 -75.63 -29.51 -44.52
N ASP E 477 -75.89 -30.76 -44.14
CA ASP E 477 -76.75 -31.69 -44.90
C ASP E 477 -78.24 -31.57 -44.59
N GLY E 478 -78.66 -30.48 -43.96
CA GLY E 478 -79.97 -30.38 -43.32
C GLY E 478 -81.16 -30.47 -44.26
N ASP E 479 -81.05 -29.81 -45.40
CA ASP E 479 -82.10 -29.82 -46.41
C ASP E 479 -82.31 -31.20 -47.01
N VAL E 480 -81.26 -32.01 -47.04
CA VAL E 480 -81.34 -33.36 -47.57
C VAL E 480 -81.99 -34.31 -46.55
N ILE E 481 -81.39 -34.41 -45.36
CA ILE E 481 -81.79 -35.40 -44.35
C ILE E 481 -83.20 -35.19 -43.77
N ALA E 482 -83.59 -33.92 -43.61
CA ALA E 482 -84.88 -33.56 -43.02
C ALA E 482 -85.52 -32.44 -43.82
N PRO E 483 -85.97 -32.77 -45.05
CA PRO E 483 -86.42 -31.75 -45.99
C PRO E 483 -87.72 -31.07 -45.54
N LEU E 484 -88.51 -31.79 -44.75
CA LEU E 484 -89.78 -31.29 -44.26
C LEU E 484 -89.61 -30.30 -43.11
N ILE E 485 -88.47 -30.33 -42.42
CA ILE E 485 -88.25 -29.53 -41.20
C ILE E 485 -87.51 -28.20 -41.42
N THR E 486 -86.58 -28.17 -42.37
CA THR E 486 -85.75 -26.96 -42.60
C THR E 486 -86.49 -25.69 -43.08
N PRO E 487 -87.58 -25.83 -43.86
CA PRO E 487 -88.35 -24.61 -44.17
C PRO E 487 -89.04 -23.98 -42.97
N GLN E 488 -89.40 -24.77 -41.97
CA GLN E 488 -89.97 -24.28 -40.70
C GLN E 488 -89.23 -23.06 -40.12
N LYS E 489 -87.90 -23.11 -40.07
CA LYS E 489 -87.10 -22.01 -39.47
C LYS E 489 -86.94 -20.82 -40.41
N LYS E 490 -87.44 -19.66 -39.99
CA LYS E 490 -87.36 -18.41 -40.74
C LYS E 490 -85.91 -17.96 -40.93
N GLU E 491 -85.11 -18.13 -39.89
CA GLU E 491 -83.70 -17.77 -39.90
C GLU E 491 -82.80 -18.56 -40.90
N TRP E 492 -83.25 -19.72 -41.38
CA TRP E 492 -82.46 -20.54 -42.32
C TRP E 492 -82.70 -20.22 -43.80
N ASN E 493 -83.52 -19.21 -44.10
CA ASN E 493 -83.82 -18.85 -45.48
C ASN E 493 -83.24 -17.50 -45.88
N THR F 8 -71.86 -48.55 -52.20
CA THR F 8 -70.86 -47.48 -52.56
C THR F 8 -69.47 -47.82 -51.97
N MET F 9 -68.42 -47.38 -52.67
CA MET F 9 -67.01 -47.60 -52.28
C MET F 9 -66.73 -46.89 -50.99
N LYS F 10 -65.70 -47.33 -50.30
CA LYS F 10 -65.25 -46.66 -49.11
C LYS F 10 -63.81 -46.22 -49.30
N VAL F 11 -63.53 -44.99 -48.88
CA VAL F 11 -62.20 -44.41 -49.02
C VAL F 11 -61.51 -44.39 -47.67
N ILE F 12 -60.22 -44.74 -47.70
CA ILE F 12 -59.43 -44.89 -46.48
C ILE F 12 -58.04 -44.27 -46.74
N ASN F 13 -57.52 -43.51 -45.77
CA ASN F 13 -56.25 -42.78 -45.91
C ASN F 13 -55.05 -43.47 -45.24
N ASP F 14 -54.33 -44.22 -46.06
CA ASP F 14 -53.06 -44.85 -45.70
C ASP F 14 -51.95 -43.82 -45.91
N PRO F 15 -51.03 -43.66 -44.95
CA PRO F 15 -49.94 -42.69 -45.14
C PRO F 15 -48.95 -43.05 -46.23
N ILE F 16 -48.89 -44.31 -46.61
CA ILE F 16 -47.98 -44.74 -47.66
C ILE F 16 -48.61 -44.51 -49.03
N HIS F 17 -49.77 -45.11 -49.25
CA HIS F 17 -50.38 -45.11 -50.59
C HIS F 17 -51.40 -44.02 -50.85
N GLY F 18 -51.73 -43.24 -49.80
CA GLY F 18 -52.66 -42.11 -49.94
C GLY F 18 -54.09 -42.59 -49.72
N HIS F 19 -55.01 -42.13 -50.57
CA HIS F 19 -56.42 -42.48 -50.46
C HIS F 19 -56.78 -43.66 -51.33
N ILE F 20 -56.92 -44.81 -50.66
CA ILE F 20 -57.28 -46.04 -51.29
C ILE F 20 -58.80 -46.11 -51.35
N GLU F 21 -59.35 -46.63 -52.45
CA GLU F 21 -60.75 -47.03 -52.49
C GLU F 21 -60.87 -48.51 -52.16
N LEU F 22 -61.92 -48.87 -51.42
CA LEU F 22 -62.16 -50.24 -51.00
C LEU F 22 -63.53 -50.68 -51.49
N HIS F 23 -63.55 -51.76 -52.27
CA HIS F 23 -64.78 -52.34 -52.76
C HIS F 23 -65.61 -52.94 -51.61
N PRO F 24 -66.95 -52.77 -51.64
CA PRO F 24 -67.77 -53.22 -50.50
C PRO F 24 -67.49 -54.65 -50.01
N LEU F 25 -67.22 -55.56 -50.94
CA LEU F 25 -66.78 -56.93 -50.62
C LEU F 25 -65.55 -56.96 -49.74
N LEU F 26 -64.57 -56.12 -50.05
CA LEU F 26 -63.34 -56.03 -49.27
C LEU F 26 -63.62 -55.49 -47.88
N VAL F 27 -64.42 -54.43 -47.80
CA VAL F 27 -64.81 -53.83 -46.52
C VAL F 27 -65.46 -54.89 -45.63
N ARG F 28 -66.31 -55.71 -46.24
CA ARG F 28 -67.02 -56.78 -45.55
C ARG F 28 -66.07 -57.83 -45.00
N ILE F 29 -65.00 -58.10 -45.74
CA ILE F 29 -63.92 -59.00 -45.29
C ILE F 29 -63.07 -58.35 -44.19
N ILE F 30 -62.75 -57.07 -44.38
CA ILE F 30 -61.95 -56.32 -43.41
C ILE F 30 -62.61 -56.24 -42.04
N ASP F 31 -63.91 -55.97 -42.00
CA ASP F 31 -64.63 -55.83 -40.74
C ASP F 31 -65.08 -57.17 -40.16
N THR F 32 -64.08 -57.98 -39.83
CA THR F 32 -64.28 -59.29 -39.20
C THR F 32 -63.22 -59.46 -38.11
N PRO F 33 -63.52 -60.23 -37.03
CA PRO F 33 -62.49 -60.44 -36.00
C PRO F 33 -61.18 -61.07 -36.51
N GLN F 34 -61.27 -61.87 -37.56
CA GLN F 34 -60.11 -62.60 -38.10
C GLN F 34 -59.09 -61.64 -38.76
N PHE F 35 -59.63 -60.59 -39.42
CA PHE F 35 -58.83 -59.56 -40.07
C PHE F 35 -58.42 -58.44 -39.13
N GLN F 36 -59.37 -57.89 -38.38
CA GLN F 36 -59.06 -56.81 -37.42
C GLN F 36 -58.04 -57.26 -36.36
N ARG F 37 -57.98 -58.57 -36.11
CA ARG F 37 -56.88 -59.21 -35.38
C ARG F 37 -55.49 -58.69 -35.74
N LEU F 38 -55.26 -58.44 -37.03
CA LEU F 38 -53.96 -57.95 -37.50
C LEU F 38 -53.58 -56.57 -36.99
N ARG F 39 -54.54 -55.80 -36.46
CA ARG F 39 -54.24 -54.54 -35.75
C ARG F 39 -53.35 -54.74 -34.53
N TYR F 40 -53.37 -55.94 -33.96
CA TYR F 40 -52.69 -56.20 -32.70
C TYR F 40 -51.47 -57.11 -32.88
N ILE F 41 -50.84 -57.06 -34.07
CA ILE F 41 -49.61 -57.80 -34.37
C ILE F 41 -48.67 -56.86 -35.13
N LYS F 42 -47.50 -56.55 -34.54
CA LYS F 42 -46.55 -55.60 -35.14
C LYS F 42 -45.83 -56.20 -36.34
N GLN F 43 -45.54 -55.37 -37.33
CA GLN F 43 -44.91 -55.81 -38.57
C GLN F 43 -43.54 -56.40 -38.27
N LEU F 44 -42.76 -55.65 -37.51
CA LEU F 44 -41.35 -55.96 -37.30
C LEU F 44 -41.07 -56.58 -35.96
N GLY F 45 -42.10 -57.14 -35.33
CA GLY F 45 -41.96 -57.86 -34.10
C GLY F 45 -41.14 -57.08 -33.10
N GLY F 46 -40.03 -57.69 -32.68
CA GLY F 46 -39.11 -57.11 -31.71
C GLY F 46 -38.30 -55.93 -32.21
N GLY F 47 -38.35 -55.67 -33.51
CA GLY F 47 -37.75 -54.48 -34.11
C GLY F 47 -38.19 -53.15 -33.51
N TYR F 48 -39.44 -53.08 -33.06
CA TYR F 48 -39.94 -51.88 -32.36
C TYR F 48 -39.07 -51.49 -31.15
N TYR F 49 -38.52 -52.50 -30.49
CA TYR F 49 -37.65 -52.28 -29.33
C TYR F 49 -36.23 -51.79 -29.70
N VAL F 50 -35.93 -51.69 -31.00
CA VAL F 50 -34.69 -51.05 -31.51
C VAL F 50 -34.98 -49.80 -32.36
N PHE F 51 -35.97 -49.87 -33.26
CA PHE F 51 -36.38 -48.72 -34.08
C PHE F 51 -37.68 -48.19 -33.54
N PRO F 52 -37.63 -47.10 -32.76
CA PRO F 52 -38.84 -46.66 -32.07
C PRO F 52 -39.93 -46.12 -32.97
N GLY F 53 -39.65 -45.91 -34.25
CA GLY F 53 -40.71 -45.58 -35.21
C GLY F 53 -41.64 -46.73 -35.56
N ALA F 54 -41.12 -47.98 -35.49
CA ALA F 54 -41.74 -49.21 -36.07
C ALA F 54 -42.91 -49.86 -35.29
N SER F 55 -43.82 -48.98 -34.87
CA SER F 55 -45.05 -49.32 -34.16
C SER F 55 -46.07 -49.98 -35.08
N HIS F 56 -45.94 -49.74 -36.38
CA HIS F 56 -46.85 -50.26 -37.39
C HIS F 56 -47.11 -51.78 -37.33
N ASN F 57 -48.34 -52.13 -37.70
CA ASN F 57 -48.93 -53.44 -37.56
C ASN F 57 -49.28 -54.03 -38.91
N ARG F 58 -49.55 -55.33 -38.92
CA ARG F 58 -49.91 -56.03 -40.15
C ARG F 58 -51.16 -55.48 -40.84
N PHE F 59 -52.14 -55.08 -40.03
CA PHE F 59 -53.40 -54.54 -40.56
C PHE F 59 -53.17 -53.61 -41.75
N GLU F 60 -52.42 -52.54 -41.52
CA GLU F 60 -52.20 -51.51 -42.55
C GLU F 60 -51.32 -52.01 -43.72
N HIS F 61 -50.37 -52.90 -43.43
CA HIS F 61 -49.60 -53.61 -44.47
C HIS F 61 -50.55 -54.42 -45.35
N SER F 62 -51.40 -55.23 -44.72
CA SER F 62 -52.38 -56.03 -45.43
C SER F 62 -53.26 -55.15 -46.35
N LEU F 63 -53.71 -54.00 -45.86
CA LEU F 63 -54.45 -53.05 -46.70
C LEU F 63 -53.65 -52.64 -47.93
N GLY F 64 -52.40 -52.23 -47.70
CA GLY F 64 -51.54 -51.77 -48.77
C GLY F 64 -51.23 -52.81 -49.82
N VAL F 65 -51.04 -54.05 -49.40
CA VAL F 65 -50.77 -55.14 -50.34
C VAL F 65 -52.01 -55.40 -51.20
N GLY F 66 -53.19 -55.37 -50.57
CA GLY F 66 -54.44 -55.44 -51.30
C GLY F 66 -54.56 -54.34 -52.34
N TYR F 67 -54.19 -53.12 -51.94
CA TYR F 67 -54.27 -51.96 -52.83
C TYR F 67 -53.38 -52.11 -54.05
N LEU F 68 -52.11 -52.44 -53.81
CA LEU F 68 -51.12 -52.57 -54.87
C LEU F 68 -51.40 -53.74 -55.79
N ALA F 69 -51.91 -54.82 -55.22
CA ALA F 69 -52.40 -55.91 -56.03
C ALA F 69 -53.42 -55.38 -57.05
N GLY F 70 -54.38 -54.59 -56.55
CA GLY F 70 -55.39 -53.93 -57.40
C GLY F 70 -54.79 -53.04 -58.45
N CYS F 71 -53.78 -52.27 -58.07
CA CYS F 71 -53.09 -51.37 -59.00
C CYS F 71 -52.46 -52.11 -60.15
N LEU F 72 -51.70 -53.15 -59.85
CA LEU F 72 -50.94 -53.85 -60.86
C LEU F 72 -51.87 -54.59 -61.83
N VAL F 73 -52.80 -55.36 -61.28
CA VAL F 73 -53.73 -56.13 -62.12
C VAL F 73 -54.61 -55.20 -62.99
N HIS F 74 -55.08 -54.11 -62.38
CA HIS F 74 -55.92 -53.14 -63.08
C HIS F 74 -55.12 -52.43 -64.18
N ALA F 75 -53.84 -52.17 -63.91
CA ALA F 75 -52.94 -51.55 -64.89
C ALA F 75 -52.66 -52.44 -66.10
N LEU F 76 -52.44 -53.72 -65.84
CA LEU F 76 -52.20 -54.67 -66.93
C LEU F 76 -53.42 -54.74 -67.82
N GLY F 77 -54.60 -54.75 -67.21
CA GLY F 77 -55.89 -54.76 -67.92
C GLY F 77 -56.12 -53.57 -68.82
N GLU F 78 -55.77 -52.37 -68.35
CA GLU F 78 -55.87 -51.15 -69.16
C GLU F 78 -54.89 -51.23 -70.32
N LYS F 79 -53.63 -51.56 -70.01
CA LYS F 79 -52.55 -51.68 -71.00
C LYS F 79 -52.84 -52.76 -72.06
N GLN F 80 -53.47 -53.88 -71.65
CA GLN F 80 -53.67 -55.03 -72.54
C GLN F 80 -55.08 -55.65 -72.39
N PRO F 81 -56.08 -55.10 -73.11
CA PRO F 81 -57.43 -55.66 -73.07
C PRO F 81 -57.50 -57.11 -73.56
N GLU F 82 -56.63 -57.46 -74.51
CA GLU F 82 -56.51 -58.84 -75.02
C GLU F 82 -56.44 -59.92 -73.94
N LEU F 83 -55.95 -59.58 -72.74
CA LEU F 83 -55.84 -60.53 -71.64
C LEU F 83 -57.19 -60.94 -71.03
N GLN F 84 -58.21 -60.09 -71.22
CA GLN F 84 -59.55 -60.29 -70.70
C GLN F 84 -59.50 -60.58 -69.21
N ILE F 85 -59.01 -59.58 -68.51
CA ILE F 85 -58.97 -59.57 -67.07
C ILE F 85 -60.33 -59.00 -66.64
N SER F 86 -61.14 -59.83 -65.98
CA SER F 86 -62.47 -59.43 -65.50
C SER F 86 -62.38 -58.72 -64.15
N GLU F 87 -63.39 -57.90 -63.84
CA GLU F 87 -63.46 -57.28 -62.51
C GLU F 87 -63.63 -58.35 -61.43
N ARG F 88 -64.03 -59.56 -61.83
CA ARG F 88 -63.99 -60.72 -60.96
C ARG F 88 -62.55 -61.11 -60.64
N ASP F 89 -61.69 -61.18 -61.65
CA ASP F 89 -60.26 -61.45 -61.45
C ASP F 89 -59.64 -60.40 -60.54
N VAL F 90 -59.92 -59.12 -60.83
CA VAL F 90 -59.38 -58.00 -60.06
C VAL F 90 -59.71 -58.15 -58.58
N LEU F 91 -60.99 -58.34 -58.29
CA LEU F 91 -61.44 -58.50 -56.92
C LEU F 91 -60.75 -59.65 -56.23
N CYS F 92 -60.61 -60.77 -56.92
CA CYS F 92 -59.95 -61.95 -56.36
C CYS F 92 -58.49 -61.70 -56.01
N VAL F 93 -57.80 -60.95 -56.86
CA VAL F 93 -56.41 -60.59 -56.62
C VAL F 93 -56.30 -59.63 -55.43
N GLN F 94 -57.17 -58.61 -55.39
CA GLN F 94 -57.24 -57.70 -54.25
C GLN F 94 -57.47 -58.46 -52.95
N ILE F 95 -58.46 -59.37 -52.95
CA ILE F 95 -58.78 -60.16 -51.76
C ILE F 95 -57.57 -60.98 -51.30
N ALA F 96 -56.85 -61.57 -52.25
CA ALA F 96 -55.66 -62.35 -51.93
C ALA F 96 -54.62 -61.48 -51.25
N GLY F 97 -54.32 -60.35 -51.89
CA GLY F 97 -53.38 -59.37 -51.32
C GLY F 97 -53.78 -58.91 -49.94
N LEU F 98 -55.06 -58.61 -49.78
CA LEU F 98 -55.60 -58.17 -48.51
C LEU F 98 -55.39 -59.21 -47.39
N CYS F 99 -55.67 -60.46 -47.71
CA CYS F 99 -55.64 -61.55 -46.75
C CYS F 99 -54.33 -62.33 -46.71
N HIS F 100 -53.30 -61.86 -47.42
CA HIS F 100 -52.13 -62.70 -47.66
C HIS F 100 -51.33 -63.01 -46.39
N ASP F 101 -51.34 -62.08 -45.43
CA ASP F 101 -50.65 -62.25 -44.15
C ASP F 101 -51.65 -62.31 -43.00
N LEU F 102 -52.80 -62.91 -43.25
CA LEU F 102 -53.79 -63.18 -42.19
C LEU F 102 -53.30 -64.12 -41.09
N GLY F 103 -52.37 -64.99 -41.45
CA GLY F 103 -51.89 -66.06 -40.56
C GLY F 103 -50.59 -65.84 -39.82
N HIS F 104 -50.10 -64.61 -39.73
CA HIS F 104 -48.93 -64.36 -38.89
C HIS F 104 -49.28 -64.51 -37.45
N GLY F 105 -48.32 -65.00 -36.68
CA GLY F 105 -48.47 -65.10 -35.24
C GLY F 105 -48.08 -63.83 -34.50
N PRO F 106 -48.12 -63.87 -33.15
CA PRO F 106 -47.58 -62.81 -32.32
C PRO F 106 -46.15 -62.49 -32.71
N PHE F 107 -45.87 -61.19 -32.87
CA PHE F 107 -44.56 -60.70 -33.32
C PHE F 107 -44.14 -61.25 -34.70
N SER F 108 -45.13 -61.40 -35.57
CA SER F 108 -44.93 -61.71 -36.99
C SER F 108 -44.00 -62.90 -37.24
N HIS F 109 -42.76 -62.62 -37.62
CA HIS F 109 -41.86 -63.64 -38.13
C HIS F 109 -41.15 -64.39 -37.01
N MET F 110 -41.05 -63.75 -35.84
CA MET F 110 -40.65 -64.43 -34.62
C MET F 110 -41.45 -65.71 -34.41
N PHE F 111 -42.76 -65.67 -34.66
CA PHE F 111 -43.63 -66.81 -34.39
C PHE F 111 -43.38 -68.01 -35.29
N ASP F 112 -43.52 -67.82 -36.60
CA ASP F 112 -43.31 -68.90 -37.57
C ASP F 112 -41.83 -69.24 -37.77
N GLY F 113 -40.93 -68.30 -37.44
CA GLY F 113 -39.49 -68.43 -37.69
C GLY F 113 -38.64 -68.92 -36.53
N ARG F 114 -39.03 -68.61 -35.29
CA ARG F 114 -38.28 -69.05 -34.08
C ARG F 114 -39.09 -69.96 -33.17
N PHE F 115 -40.25 -69.47 -32.74
CA PHE F 115 -41.05 -70.14 -31.69
C PHE F 115 -41.61 -71.50 -32.07
N ILE F 116 -42.42 -71.56 -33.12
CA ILE F 116 -43.06 -72.83 -33.54
C ILE F 116 -42.04 -73.92 -33.86
N PRO F 117 -40.96 -73.59 -34.62
CA PRO F 117 -39.87 -74.56 -34.80
C PRO F 117 -39.27 -75.14 -33.51
N LEU F 118 -39.18 -74.35 -32.45
CA LEU F 118 -38.66 -74.83 -31.16
C LEU F 118 -39.73 -75.55 -30.35
N ALA F 119 -40.91 -74.95 -30.24
CA ALA F 119 -42.00 -75.52 -29.45
C ALA F 119 -42.52 -76.84 -30.01
N ARG F 120 -42.62 -76.95 -31.33
CA ARG F 120 -43.18 -78.14 -31.99
C ARG F 120 -42.35 -78.53 -33.23
N PRO F 121 -41.16 -79.11 -33.00
CA PRO F 121 -40.23 -79.49 -34.08
C PRO F 121 -40.79 -80.48 -35.11
N GLU F 122 -41.79 -81.28 -34.69
CA GLU F 122 -42.47 -82.21 -35.59
C GLU F 122 -43.21 -81.55 -36.77
N VAL F 123 -43.76 -80.35 -36.57
CA VAL F 123 -44.65 -79.71 -37.57
C VAL F 123 -43.83 -78.90 -38.57
N LYS F 124 -44.27 -78.90 -39.84
CA LYS F 124 -43.81 -77.93 -40.83
C LYS F 124 -44.96 -76.95 -41.01
N TRP F 125 -44.83 -75.77 -40.38
CA TRP F 125 -45.87 -74.73 -40.39
C TRP F 125 -45.29 -73.37 -40.75
N THR F 126 -46.01 -72.62 -41.60
CA THR F 126 -45.60 -71.27 -42.05
C THR F 126 -46.76 -70.28 -41.89
N HIS F 127 -46.43 -68.99 -41.89
CA HIS F 127 -47.44 -67.95 -41.76
C HIS F 127 -48.46 -68.02 -42.93
N GLU F 128 -47.99 -68.44 -44.10
CA GLU F 128 -48.83 -68.59 -45.29
C GLU F 128 -49.90 -69.67 -45.10
N GLN F 129 -49.48 -70.85 -44.65
CA GLN F 129 -50.42 -71.93 -44.39
C GLN F 129 -51.50 -71.47 -43.43
N GLY F 130 -51.07 -70.73 -42.41
CA GLY F 130 -51.97 -70.10 -41.47
C GLY F 130 -52.97 -69.18 -42.14
N SER F 131 -52.48 -68.35 -43.06
CA SER F 131 -53.35 -67.42 -43.78
C SER F 131 -54.47 -68.13 -44.54
N VAL F 132 -54.14 -69.25 -45.19
CA VAL F 132 -55.15 -70.05 -45.90
C VAL F 132 -56.22 -70.54 -44.97
N MET F 133 -55.81 -71.15 -43.86
CA MET F 133 -56.74 -71.66 -42.87
C MET F 133 -57.57 -70.55 -42.24
N MET F 134 -56.91 -69.45 -41.89
CA MET F 134 -57.58 -68.30 -41.30
C MET F 134 -58.56 -67.67 -42.30
N PHE F 135 -58.21 -67.67 -43.59
CA PHE F 135 -59.10 -67.17 -44.64
C PHE F 135 -60.38 -67.99 -44.69
N GLU F 136 -60.22 -69.32 -44.74
CA GLU F 136 -61.35 -70.26 -44.68
C GLU F 136 -62.24 -69.96 -43.47
N HIS F 137 -61.63 -69.86 -42.29
CA HIS F 137 -62.39 -69.54 -41.05
C HIS F 137 -63.10 -68.20 -41.14
N LEU F 138 -62.44 -67.20 -41.74
CA LEU F 138 -63.05 -65.87 -41.92
C LEU F 138 -64.30 -65.95 -42.78
N ILE F 139 -64.18 -66.61 -43.91
CA ILE F 139 -65.27 -66.74 -44.87
C ILE F 139 -66.49 -67.43 -44.24
N ASN F 140 -66.23 -68.55 -43.57
CA ASN F 140 -67.29 -69.39 -43.04
C ASN F 140 -67.98 -68.76 -41.83
N SER F 141 -67.19 -68.27 -40.88
CA SER F 141 -67.75 -67.69 -39.66
C SER F 141 -68.46 -66.33 -39.89
N ASN F 142 -68.24 -65.67 -41.04
CA ASN F 142 -68.86 -64.37 -41.32
C ASN F 142 -69.82 -64.33 -42.51
N GLY F 143 -70.13 -65.49 -43.11
CA GLY F 143 -71.10 -65.58 -44.20
C GLY F 143 -70.75 -64.74 -45.41
N ILE F 144 -69.50 -64.86 -45.85
CA ILE F 144 -68.98 -64.05 -46.94
C ILE F 144 -69.34 -64.64 -48.30
N LYS F 145 -69.40 -65.97 -48.37
CA LYS F 145 -69.79 -66.66 -49.60
C LYS F 145 -71.00 -66.05 -50.35
N PRO F 146 -72.12 -65.78 -49.64
CA PRO F 146 -73.26 -65.06 -50.25
C PRO F 146 -72.90 -63.70 -50.85
N VAL F 147 -72.03 -62.96 -50.16
CA VAL F 147 -71.62 -61.62 -50.58
C VAL F 147 -70.71 -61.71 -51.80
N MET F 148 -69.86 -62.73 -51.84
CA MET F 148 -69.00 -62.94 -53.02
C MET F 148 -69.85 -63.16 -54.25
N GLU F 149 -70.85 -64.04 -54.12
CA GLU F 149 -71.82 -64.31 -55.18
C GLU F 149 -72.53 -63.03 -55.62
N GLN F 150 -72.99 -62.24 -54.65
CA GLN F 150 -73.65 -60.96 -54.92
C GLN F 150 -72.84 -60.04 -55.83
N TYR F 151 -71.50 -60.07 -55.72
CA TYR F 151 -70.61 -59.25 -56.57
C TYR F 151 -69.94 -60.06 -57.70
N GLY F 152 -70.61 -61.10 -58.18
CA GLY F 152 -70.19 -61.80 -59.38
C GLY F 152 -69.06 -62.81 -59.24
N LEU F 153 -68.70 -63.19 -58.02
CA LEU F 153 -67.69 -64.24 -57.83
C LEU F 153 -68.34 -65.61 -57.80
N ILE F 154 -67.50 -66.64 -57.98
CA ILE F 154 -67.89 -68.04 -57.89
C ILE F 154 -67.04 -68.69 -56.80
N PRO F 155 -67.56 -68.76 -55.55
CA PRO F 155 -66.80 -69.26 -54.41
C PRO F 155 -66.03 -70.57 -54.64
N GLU F 156 -66.63 -71.55 -55.29
CA GLU F 156 -65.92 -72.81 -55.63
C GLU F 156 -64.59 -72.53 -56.26
N GLU F 157 -64.64 -71.93 -57.43
CA GLU F 157 -63.41 -71.59 -58.21
C GLU F 157 -62.54 -70.56 -57.52
N ASP F 158 -63.17 -69.48 -57.06
CA ASP F 158 -62.41 -68.29 -56.66
C ASP F 158 -61.74 -68.40 -55.29
N ILE F 159 -62.38 -69.05 -54.33
CA ILE F 159 -61.75 -69.24 -53.01
C ILE F 159 -60.50 -70.12 -53.14
N CYS F 160 -60.50 -71.05 -54.09
CA CYS F 160 -59.29 -71.79 -54.43
C CYS F 160 -58.22 -70.87 -55.01
N PHE F 161 -58.63 -70.05 -55.99
CA PHE F 161 -57.74 -69.09 -56.65
C PHE F 161 -57.07 -68.16 -55.65
N ILE F 162 -57.84 -67.68 -54.68
CA ILE F 162 -57.31 -66.79 -53.64
C ILE F 162 -56.29 -67.53 -52.77
N LYS F 163 -56.65 -68.72 -52.29
CA LYS F 163 -55.74 -69.54 -51.49
C LYS F 163 -54.47 -69.85 -52.27
N GLU F 164 -54.63 -70.22 -53.53
CA GLU F 164 -53.49 -70.53 -54.38
C GLU F 164 -52.55 -69.35 -54.58
N GLN F 165 -53.08 -68.13 -54.70
CA GLN F 165 -52.23 -66.93 -54.78
C GLN F 165 -51.31 -66.83 -53.57
N ILE F 166 -51.84 -67.18 -52.39
CA ILE F 166 -51.15 -66.99 -51.12
C ILE F 166 -50.05 -68.03 -50.90
N VAL F 167 -50.41 -69.31 -50.98
CA VAL F 167 -49.49 -70.42 -50.66
C VAL F 167 -48.91 -71.16 -51.87
N GLY F 168 -49.38 -70.84 -53.07
CA GLY F 168 -49.02 -71.63 -54.25
C GLY F 168 -49.97 -72.81 -54.40
N PRO F 169 -49.57 -73.83 -55.19
CA PRO F 169 -50.56 -74.86 -55.55
C PRO F 169 -50.96 -75.79 -54.42
N LEU F 170 -52.25 -76.09 -54.36
CA LEU F 170 -52.79 -77.00 -53.33
C LEU F 170 -52.55 -78.48 -53.75
N LEU F 178 -47.03 -80.44 -66.00
CA LEU F 178 -48.38 -79.91 -66.29
C LEU F 178 -48.69 -78.66 -65.46
N TRP F 179 -49.78 -77.98 -65.81
CA TRP F 179 -50.27 -76.78 -65.09
C TRP F 179 -50.82 -77.13 -63.69
N PRO F 180 -50.12 -76.69 -62.62
CA PRO F 180 -50.50 -77.10 -61.26
C PRO F 180 -51.72 -76.45 -60.60
N TYR F 181 -52.26 -75.37 -61.17
CA TYR F 181 -53.32 -74.60 -60.51
C TYR F 181 -54.72 -75.06 -60.97
N LYS F 182 -55.63 -75.21 -60.01
CA LYS F 182 -57.03 -75.49 -60.28
C LYS F 182 -57.88 -74.21 -60.29
N GLY F 183 -57.36 -73.10 -59.75
CA GLY F 183 -58.13 -71.87 -59.59
C GLY F 183 -58.33 -71.08 -60.86
N ARG F 184 -57.28 -70.99 -61.68
CA ARG F 184 -57.34 -70.33 -62.98
C ARG F 184 -56.57 -71.13 -64.03
N PRO F 185 -56.93 -71.00 -65.31
CA PRO F 185 -56.21 -71.64 -66.42
C PRO F 185 -54.85 -71.00 -66.73
N GLU F 186 -54.09 -71.62 -67.64
CA GLU F 186 -52.74 -71.15 -68.02
C GLU F 186 -52.71 -69.78 -68.68
N ASN F 187 -53.80 -69.43 -69.38
CA ASN F 187 -53.93 -68.12 -70.03
C ASN F 187 -54.12 -66.95 -69.06
N LYS F 188 -54.20 -67.22 -67.76
CA LYS F 188 -54.16 -66.20 -66.73
C LYS F 188 -53.15 -66.52 -65.62
N SER F 189 -52.00 -67.10 -65.99
CA SER F 189 -50.94 -67.42 -65.02
C SER F 189 -50.29 -66.17 -64.41
N PHE F 190 -50.25 -65.11 -65.19
CA PHE F 190 -49.74 -63.81 -64.72
C PHE F 190 -50.38 -63.34 -63.42
N LEU F 191 -51.65 -63.66 -63.21
CA LEU F 191 -52.33 -63.30 -61.96
C LEU F 191 -51.65 -63.89 -60.71
N TYR F 192 -51.08 -65.09 -60.83
CA TYR F 192 -50.38 -65.72 -59.71
C TYR F 192 -49.06 -65.05 -59.33
N GLU F 193 -48.51 -64.26 -60.25
CA GLU F 193 -47.28 -63.49 -60.03
C GLU F 193 -47.47 -62.12 -59.31
N ILE F 194 -48.69 -61.75 -58.92
CA ILE F 194 -48.92 -60.42 -58.34
C ILE F 194 -48.70 -60.37 -56.82
N VAL F 195 -49.40 -61.22 -56.09
CA VAL F 195 -49.43 -61.15 -54.64
C VAL F 195 -48.20 -61.82 -54.02
N SER F 196 -47.88 -63.01 -54.53
CA SER F 196 -46.75 -63.80 -54.02
C SER F 196 -46.14 -64.57 -55.19
N ASN F 197 -45.03 -64.03 -55.70
CA ASN F 197 -44.42 -64.45 -56.97
C ASN F 197 -43.45 -65.59 -56.68
N LYS F 198 -43.88 -66.81 -57.02
CA LYS F 198 -43.09 -68.01 -56.79
C LYS F 198 -41.90 -68.11 -57.78
N ARG F 199 -42.01 -67.46 -58.93
CA ARG F 199 -40.99 -67.56 -59.99
C ARG F 199 -39.70 -66.87 -59.65
N ASN F 200 -39.81 -65.59 -59.30
CA ASN F 200 -38.65 -64.72 -59.03
C ASN F 200 -38.70 -63.92 -57.73
N GLY F 201 -39.86 -63.82 -57.11
CA GLY F 201 -40.01 -63.09 -55.85
C GLY F 201 -40.41 -61.62 -55.99
N ILE F 202 -40.49 -61.10 -57.21
CA ILE F 202 -40.94 -59.72 -57.42
C ILE F 202 -42.48 -59.70 -57.28
N ASP F 203 -42.96 -59.26 -56.12
CA ASP F 203 -44.40 -59.17 -55.81
C ASP F 203 -44.75 -57.86 -55.10
N VAL F 204 -46.04 -57.55 -55.01
CA VAL F 204 -46.48 -56.31 -54.37
C VAL F 204 -46.38 -56.36 -52.83
N ASP F 205 -46.28 -57.57 -52.27
CA ASP F 205 -45.98 -57.77 -50.84
C ASP F 205 -44.71 -57.00 -50.51
N LYS F 206 -43.65 -57.25 -51.29
CA LYS F 206 -42.37 -56.54 -51.13
C LYS F 206 -42.52 -55.05 -51.30
N TRP F 207 -43.25 -54.62 -52.32
CA TRP F 207 -43.33 -53.20 -52.66
C TRP F 207 -43.95 -52.38 -51.55
N ASP F 208 -44.98 -52.93 -50.90
CA ASP F 208 -45.61 -52.25 -49.78
C ASP F 208 -44.65 -52.15 -48.60
N TYR F 209 -44.11 -53.29 -48.15
CA TYR F 209 -43.31 -53.28 -46.91
C TYR F 209 -41.99 -52.52 -47.04
N PHE F 210 -41.44 -52.44 -48.25
CA PHE F 210 -40.31 -51.54 -48.50
C PHE F 210 -40.70 -50.13 -48.12
N ALA F 211 -41.75 -49.63 -48.77
CA ALA F 211 -42.24 -48.28 -48.55
C ALA F 211 -42.68 -48.07 -47.10
N ARG F 212 -43.42 -49.04 -46.56
CA ARG F 212 -44.00 -48.92 -45.23
C ARG F 212 -42.95 -49.02 -44.15
N ASP F 213 -42.14 -50.06 -44.19
CA ASP F 213 -41.13 -50.26 -43.16
C ASP F 213 -40.18 -49.05 -43.14
N CYS F 214 -39.70 -48.63 -44.31
CA CYS F 214 -38.85 -47.45 -44.41
C CYS F 214 -39.46 -46.19 -43.76
N HIS F 215 -40.72 -45.90 -44.09
CA HIS F 215 -41.44 -44.74 -43.56
C HIS F 215 -41.39 -44.70 -42.03
N HIS F 216 -41.72 -45.84 -41.43
CA HIS F 216 -41.80 -46.00 -39.98
C HIS F 216 -40.40 -46.21 -39.32
N LEU F 217 -39.47 -46.90 -39.99
CA LEU F 217 -38.14 -47.18 -39.42
C LEU F 217 -37.28 -45.93 -39.20
N GLY F 218 -37.24 -45.12 -40.26
CA GLY F 218 -36.25 -44.04 -40.39
C GLY F 218 -35.12 -44.43 -41.32
N ILE F 219 -35.50 -44.98 -42.46
CA ILE F 219 -34.57 -45.27 -43.57
C ILE F 219 -35.32 -44.83 -44.83
N GLN F 220 -34.60 -44.31 -45.83
CA GLN F 220 -35.24 -43.98 -47.11
C GLN F 220 -35.18 -45.18 -48.06
N ASN F 221 -36.26 -45.33 -48.80
CA ASN F 221 -36.47 -46.47 -49.69
C ASN F 221 -35.95 -46.09 -51.07
N ASN F 222 -35.19 -47.01 -51.69
CA ASN F 222 -34.56 -46.74 -52.98
C ASN F 222 -35.21 -47.47 -54.17
N PHE F 223 -36.50 -47.82 -54.06
CA PHE F 223 -37.19 -48.58 -55.12
C PHE F 223 -38.54 -47.98 -55.47
N ASP F 224 -38.77 -47.76 -56.77
CA ASP F 224 -39.98 -47.11 -57.28
C ASP F 224 -40.89 -48.15 -57.88
N TYR F 225 -41.87 -48.58 -57.10
CA TYR F 225 -42.84 -49.60 -57.55
C TYR F 225 -43.74 -49.05 -58.65
N LYS F 226 -44.12 -47.78 -58.53
CA LYS F 226 -44.99 -47.13 -59.50
C LYS F 226 -44.39 -47.17 -60.90
N ARG F 227 -43.10 -46.95 -60.98
CA ARG F 227 -42.37 -46.95 -62.24
C ARG F 227 -42.36 -48.35 -62.85
N PHE F 228 -42.09 -49.36 -62.04
CA PHE F 228 -42.06 -50.72 -62.55
C PHE F 228 -43.40 -51.13 -63.15
N ILE F 229 -44.49 -50.69 -62.53
CA ILE F 229 -45.85 -50.89 -63.01
C ILE F 229 -46.05 -50.24 -64.38
N LYS F 230 -45.55 -49.02 -64.58
CA LYS F 230 -45.67 -48.39 -65.89
C LYS F 230 -44.95 -49.16 -67.00
N PHE F 231 -43.87 -49.88 -66.64
CA PHE F 231 -43.10 -50.72 -67.60
C PHE F 231 -43.28 -52.21 -67.37
N ALA F 232 -44.46 -52.61 -66.91
CA ALA F 232 -44.80 -54.01 -66.79
C ALA F 232 -45.74 -54.37 -67.94
N ARG F 233 -45.72 -55.65 -68.30
CA ARG F 233 -46.41 -56.12 -69.49
C ARG F 233 -46.45 -57.65 -69.51
N VAL F 234 -47.56 -58.22 -70.00
CA VAL F 234 -47.69 -59.67 -70.11
C VAL F 234 -47.26 -60.11 -71.49
N CYS F 235 -46.42 -61.14 -71.55
CA CYS F 235 -45.96 -61.75 -72.80
C CYS F 235 -46.04 -63.26 -72.66
N GLU F 236 -46.01 -63.95 -73.79
CA GLU F 236 -45.96 -65.41 -73.80
C GLU F 236 -44.55 -65.87 -73.51
N VAL F 237 -44.42 -66.80 -72.56
CA VAL F 237 -43.13 -67.43 -72.24
C VAL F 237 -43.41 -68.92 -72.01
N ASP F 238 -42.91 -69.78 -72.91
CA ASP F 238 -43.10 -71.23 -72.81
C ASP F 238 -44.56 -71.62 -72.64
N ASN F 239 -45.39 -71.23 -73.61
CA ASN F 239 -46.81 -71.62 -73.69
C ASN F 239 -47.66 -71.18 -72.50
N GLU F 240 -47.35 -70.01 -71.96
CA GLU F 240 -47.90 -69.53 -70.70
C GLU F 240 -47.71 -68.01 -70.65
N LEU F 241 -48.76 -67.29 -70.23
CA LEU F 241 -48.70 -65.81 -70.20
C LEU F 241 -48.21 -65.24 -68.87
N ARG F 242 -47.00 -64.67 -68.85
CA ARG F 242 -46.38 -64.18 -67.60
C ARG F 242 -45.94 -62.73 -67.69
N ILE F 243 -45.87 -62.09 -66.53
CA ILE F 243 -45.48 -60.68 -66.43
C ILE F 243 -44.01 -60.55 -66.81
N CYS F 244 -43.74 -59.53 -67.61
CA CYS F 244 -42.40 -59.16 -68.06
C CYS F 244 -42.16 -57.68 -67.84
N ALA F 245 -40.92 -57.33 -67.51
CA ALA F 245 -40.50 -55.94 -67.36
C ALA F 245 -39.72 -55.51 -68.58
N ARG F 246 -39.60 -54.21 -68.77
CA ARG F 246 -38.87 -53.66 -69.90
C ARG F 246 -37.37 -53.90 -69.70
N ASP F 247 -36.66 -54.17 -70.80
CA ASP F 247 -35.21 -54.37 -70.79
C ASP F 247 -34.41 -53.36 -69.95
N LYS F 248 -34.75 -52.07 -70.05
CA LYS F 248 -34.02 -51.03 -69.29
C LYS F 248 -34.18 -51.15 -67.76
N GLU F 249 -35.31 -51.67 -67.30
CA GLU F 249 -35.55 -51.85 -65.86
C GLU F 249 -34.68 -52.88 -65.16
N VAL F 250 -33.97 -53.72 -65.92
CA VAL F 250 -33.12 -54.75 -65.32
C VAL F 250 -32.23 -54.20 -64.20
N GLY F 251 -31.66 -53.02 -64.39
CA GLY F 251 -30.84 -52.36 -63.36
C GLY F 251 -31.59 -52.14 -62.07
N ASN F 252 -32.79 -51.58 -62.19
CA ASN F 252 -33.64 -51.28 -61.04
C ASN F 252 -34.08 -52.53 -60.30
N LEU F 253 -34.23 -53.63 -61.04
CA LEU F 253 -34.61 -54.91 -60.46
C LEU F 253 -33.50 -55.52 -59.61
N TYR F 254 -32.24 -55.44 -60.05
CA TYR F 254 -31.13 -55.86 -59.18
C TYR F 254 -31.08 -54.97 -57.93
N ASP F 255 -31.36 -53.68 -58.12
CA ASP F 255 -31.39 -52.70 -57.02
C ASP F 255 -32.58 -52.95 -56.06
N MET F 256 -33.67 -53.53 -56.56
CA MET F 256 -34.77 -53.97 -55.68
C MET F 256 -34.28 -55.00 -54.67
N PHE F 257 -33.62 -56.06 -55.14
CA PHE F 257 -33.14 -57.10 -54.24
C PHE F 257 -31.95 -56.64 -53.37
N HIS F 258 -31.19 -55.66 -53.85
CA HIS F 258 -30.17 -55.01 -53.01
C HIS F 258 -30.81 -54.26 -51.85
N THR F 259 -31.83 -53.45 -52.17
CA THR F 259 -32.63 -52.74 -51.17
C THR F 259 -33.20 -53.72 -50.14
N ARG F 260 -33.71 -54.87 -50.60
CA ARG F 260 -34.22 -55.90 -49.70
C ARG F 260 -33.16 -56.39 -48.72
N ASN F 261 -32.03 -56.81 -49.27
CA ASN F 261 -30.91 -57.32 -48.47
C ASN F 261 -30.41 -56.25 -47.50
N SER F 262 -30.34 -55.01 -47.99
CA SER F 262 -29.91 -53.88 -47.17
C SER F 262 -30.85 -53.67 -45.95
N LEU F 263 -32.15 -53.74 -46.17
CA LEU F 263 -33.13 -53.62 -45.07
C LEU F 263 -33.05 -54.74 -44.04
N HIS F 264 -32.75 -55.95 -44.51
CA HIS F 264 -32.50 -57.08 -43.61
C HIS F 264 -31.26 -56.82 -42.75
N ARG F 265 -30.19 -56.34 -43.40
CA ARG F 265 -28.94 -56.07 -42.69
C ARG F 265 -29.13 -54.99 -41.63
N ARG F 266 -29.72 -53.87 -42.02
CA ARG F 266 -29.84 -52.72 -41.13
C ARG F 266 -30.91 -52.90 -40.05
N ALA F 267 -32.05 -53.49 -40.43
CA ALA F 267 -33.23 -53.49 -39.59
C ALA F 267 -33.70 -54.88 -39.16
N TYR F 268 -34.18 -55.67 -40.10
CA TYR F 268 -34.96 -56.89 -39.76
C TYR F 268 -34.14 -57.92 -38.99
N GLN F 269 -32.87 -58.06 -39.39
CA GLN F 269 -31.90 -58.91 -38.70
C GLN F 269 -30.93 -58.13 -37.81
N HIS F 270 -31.37 -56.99 -37.27
CA HIS F 270 -30.53 -56.20 -36.38
C HIS F 270 -30.17 -57.02 -35.15
N LYS F 271 -28.89 -56.99 -34.79
CA LYS F 271 -28.31 -57.87 -33.76
C LYS F 271 -29.11 -57.89 -32.43
N VAL F 272 -29.58 -56.73 -32.02
CA VAL F 272 -30.39 -56.56 -30.81
C VAL F 272 -31.87 -56.90 -31.07
N GLY F 273 -32.36 -56.55 -32.25
CA GLY F 273 -33.73 -56.88 -32.62
C GLY F 273 -33.95 -58.39 -32.58
N ASN F 274 -32.96 -59.11 -33.11
CA ASN F 274 -32.95 -60.56 -33.09
C ASN F 274 -32.79 -61.16 -31.67
N ILE F 275 -31.99 -60.53 -30.82
CA ILE F 275 -31.84 -61.05 -29.46
C ILE F 275 -33.11 -60.84 -28.65
N ILE F 276 -33.82 -59.75 -28.91
CA ILE F 276 -35.11 -59.51 -28.27
C ILE F 276 -36.16 -60.51 -28.76
N ASP F 277 -36.18 -60.77 -30.07
CA ASP F 277 -37.00 -61.85 -30.65
C ASP F 277 -36.71 -63.18 -29.90
N THR F 278 -35.44 -63.59 -29.77
CA THR F 278 -35.08 -64.87 -29.10
C THR F 278 -35.51 -64.86 -27.62
N MET F 279 -35.41 -63.70 -26.98
CA MET F 279 -35.82 -63.55 -25.58
C MET F 279 -37.33 -63.65 -25.39
N ILE F 280 -38.08 -63.02 -26.29
CA ILE F 280 -39.54 -63.15 -26.26
C ILE F 280 -39.96 -64.60 -26.57
N THR F 281 -39.33 -65.20 -27.59
CA THR F 281 -39.52 -66.62 -27.90
C THR F 281 -39.26 -67.51 -26.68
N ASP F 282 -38.14 -67.24 -26.00
CA ASP F 282 -37.75 -67.97 -24.80
C ASP F 282 -38.86 -67.89 -23.74
N ALA F 283 -39.36 -66.68 -23.49
CA ALA F 283 -40.45 -66.45 -22.55
C ALA F 283 -41.74 -67.17 -22.92
N PHE F 284 -42.04 -67.21 -24.21
CA PHE F 284 -43.22 -67.93 -24.70
C PHE F 284 -43.08 -69.41 -24.44
N LEU F 285 -41.89 -69.96 -24.71
CA LEU F 285 -41.64 -71.38 -24.46
C LEU F 285 -41.88 -71.75 -23.00
N LYS F 286 -41.42 -70.89 -22.08
CA LYS F 286 -41.60 -71.13 -20.64
C LYS F 286 -43.03 -70.92 -20.18
N ALA F 287 -43.76 -70.02 -20.85
CA ALA F 287 -45.17 -69.78 -20.54
C ALA F 287 -46.15 -70.76 -21.22
N ASP F 288 -45.69 -71.51 -22.21
CA ASP F 288 -46.59 -72.27 -23.11
C ASP F 288 -47.51 -73.23 -22.36
N ASP F 289 -46.93 -73.96 -21.41
CA ASP F 289 -47.65 -74.98 -20.65
C ASP F 289 -48.80 -74.44 -19.81
N TYR F 290 -48.68 -73.21 -19.33
CA TYR F 290 -49.63 -72.66 -18.35
C TYR F 290 -50.60 -71.62 -18.91
N ILE F 291 -50.55 -71.35 -20.21
CA ILE F 291 -51.52 -70.44 -20.83
C ILE F 291 -52.49 -71.25 -21.66
N GLU F 292 -53.78 -71.05 -21.35
CA GLU F 292 -54.89 -71.65 -22.07
C GLU F 292 -55.57 -70.58 -22.93
N ILE F 293 -56.00 -70.98 -24.13
CA ILE F 293 -56.77 -70.12 -25.03
C ILE F 293 -58.00 -70.89 -25.51
N THR F 294 -59.16 -70.28 -25.33
CA THR F 294 -60.43 -70.89 -25.67
C THR F 294 -60.55 -70.98 -27.17
N GLY F 295 -60.85 -72.17 -27.66
CA GLY F 295 -61.00 -72.42 -29.09
C GLY F 295 -62.42 -72.79 -29.48
N ALA F 296 -62.53 -73.60 -30.53
CA ALA F 296 -63.81 -73.99 -31.08
C ALA F 296 -64.48 -75.01 -30.16
N GLY F 297 -65.75 -74.75 -29.87
CA GLY F 297 -66.51 -75.53 -28.91
C GLY F 297 -65.97 -75.46 -27.51
N GLY F 298 -65.19 -74.42 -27.21
CA GLY F 298 -64.54 -74.27 -25.91
C GLY F 298 -63.30 -75.11 -25.59
N LYS F 299 -62.79 -75.90 -26.54
CA LYS F 299 -61.59 -76.72 -26.29
C LYS F 299 -60.40 -75.82 -25.90
N LYS F 300 -59.56 -76.29 -24.97
CA LYS F 300 -58.42 -75.51 -24.48
C LYS F 300 -57.19 -75.72 -25.38
N TYR F 301 -56.62 -74.62 -25.89
CA TYR F 301 -55.38 -74.69 -26.67
C TYR F 301 -54.26 -73.88 -26.03
N ARG F 302 -53.03 -74.34 -26.22
CA ARG F 302 -51.83 -73.64 -25.74
C ARG F 302 -51.33 -72.71 -26.84
N ILE F 303 -50.30 -71.92 -26.53
CA ILE F 303 -49.77 -70.96 -27.50
C ILE F 303 -49.31 -71.71 -28.74
N SER F 304 -48.54 -72.77 -28.51
CA SER F 304 -47.99 -73.58 -29.61
C SER F 304 -49.04 -74.36 -30.41
N THR F 305 -50.17 -74.72 -29.79
CA THR F 305 -51.22 -75.51 -30.45
C THR F 305 -52.41 -74.70 -31.00
N ALA F 306 -52.44 -73.40 -30.72
CA ALA F 306 -53.49 -72.54 -31.24
C ALA F 306 -53.52 -72.50 -32.76
N ILE F 307 -52.36 -72.69 -33.40
CA ILE F 307 -52.28 -72.79 -34.86
C ILE F 307 -53.14 -73.90 -35.48
N ASP F 308 -53.47 -74.91 -34.70
CA ASP F 308 -54.31 -76.00 -35.19
C ASP F 308 -55.79 -75.61 -35.31
N ASP F 309 -56.25 -74.74 -34.42
CA ASP F 309 -57.63 -74.22 -34.46
C ASP F 309 -57.61 -72.71 -34.71
N MET F 310 -58.40 -72.25 -35.68
CA MET F 310 -58.43 -70.84 -36.06
C MET F 310 -59.27 -69.96 -35.14
N GLU F 311 -60.29 -70.52 -34.51
CA GLU F 311 -61.10 -69.74 -33.57
C GLU F 311 -60.25 -69.34 -32.36
N ALA F 312 -59.35 -70.23 -31.95
CA ALA F 312 -58.39 -69.94 -30.88
C ALA F 312 -57.34 -68.94 -31.34
N TYR F 313 -56.72 -69.25 -32.48
CA TYR F 313 -55.65 -68.42 -33.08
C TYR F 313 -56.07 -66.97 -33.36
N THR F 314 -57.36 -66.77 -33.61
CA THR F 314 -57.97 -65.43 -33.71
C THR F 314 -57.66 -64.56 -32.48
N LYS F 315 -57.68 -65.17 -31.30
CA LYS F 315 -57.41 -64.46 -30.04
C LYS F 315 -55.91 -64.39 -29.66
N LEU F 316 -55.03 -64.97 -30.49
CA LEU F 316 -53.59 -65.04 -30.20
C LEU F 316 -52.84 -63.94 -30.94
N THR F 317 -52.46 -62.90 -30.20
CA THR F 317 -51.83 -61.71 -30.77
C THR F 317 -50.64 -61.30 -29.88
N ASP F 318 -50.02 -60.16 -30.19
CA ASP F 318 -48.98 -59.55 -29.35
C ASP F 318 -49.41 -59.35 -27.88
N ASN F 319 -50.72 -59.22 -27.64
CA ASN F 319 -51.29 -59.24 -26.29
C ASN F 319 -50.66 -60.23 -25.34
N ILE F 320 -50.35 -61.40 -25.88
CA ILE F 320 -49.81 -62.50 -25.08
C ILE F 320 -48.52 -62.11 -24.34
N PHE F 321 -47.75 -61.20 -24.93
CA PHE F 321 -46.60 -60.54 -24.27
C PHE F 321 -47.00 -59.86 -22.96
N LEU F 322 -47.94 -58.92 -23.05
CA LEU F 322 -48.39 -58.15 -21.90
C LEU F 322 -49.17 -58.98 -20.90
N GLU F 323 -49.87 -60.00 -21.40
CA GLU F 323 -50.58 -60.94 -20.55
C GLU F 323 -49.54 -61.60 -19.62
N ILE F 324 -48.44 -62.09 -20.20
CA ILE F 324 -47.35 -62.69 -19.42
C ILE F 324 -46.71 -61.68 -18.48
N LEU F 325 -46.44 -60.48 -18.98
CA LEU F 325 -45.76 -59.45 -18.19
C LEU F 325 -46.56 -59.06 -16.96
N TYR F 326 -47.84 -58.77 -17.16
CA TYR F 326 -48.72 -58.32 -16.10
C TYR F 326 -49.20 -59.42 -15.13
N SER F 327 -49.02 -60.70 -15.47
CA SER F 327 -49.57 -61.79 -14.66
C SER F 327 -48.95 -61.90 -13.28
N THR F 328 -49.71 -62.53 -12.38
CA THR F 328 -49.25 -62.87 -11.04
C THR F 328 -49.24 -64.38 -10.76
N ASP F 329 -49.66 -65.20 -11.72
CA ASP F 329 -49.58 -66.65 -11.59
C ASP F 329 -48.10 -67.04 -11.38
N PRO F 330 -47.77 -67.69 -10.26
CA PRO F 330 -46.39 -68.11 -10.05
C PRO F 330 -45.86 -69.18 -11.03
N LYS F 331 -46.75 -69.92 -11.69
CA LYS F 331 -46.36 -70.85 -12.76
C LYS F 331 -45.68 -70.12 -13.91
N LEU F 332 -46.07 -68.85 -14.12
CA LEU F 332 -45.49 -67.98 -15.16
C LEU F 332 -44.29 -67.13 -14.71
N LYS F 333 -43.76 -67.36 -13.50
CA LYS F 333 -42.70 -66.50 -12.98
C LYS F 333 -41.43 -66.55 -13.83
N ASP F 334 -41.04 -67.73 -14.29
CA ASP F 334 -39.90 -67.87 -15.20
C ASP F 334 -40.04 -67.04 -16.48
N ALA F 335 -41.21 -67.12 -17.11
CA ALA F 335 -41.49 -66.38 -18.34
C ALA F 335 -41.54 -64.87 -18.08
N ARG F 336 -42.29 -64.47 -17.06
CA ARG F 336 -42.41 -63.06 -16.66
C ARG F 336 -41.07 -62.40 -16.35
N GLU F 337 -40.13 -63.16 -15.78
CA GLU F 337 -38.82 -62.61 -15.44
C GLU F 337 -38.00 -62.29 -16.70
N ILE F 338 -38.10 -63.12 -17.74
CA ILE F 338 -37.41 -62.82 -19.00
C ILE F 338 -37.94 -61.52 -19.59
N LEU F 339 -39.26 -61.37 -19.62
CA LEU F 339 -39.89 -60.16 -20.17
C LEU F 339 -39.59 -58.92 -19.36
N LYS F 340 -39.52 -59.05 -18.03
CA LYS F 340 -39.10 -57.92 -17.18
C LYS F 340 -37.66 -57.51 -17.49
N GLN F 341 -36.79 -58.49 -17.77
CA GLN F 341 -35.41 -58.20 -18.18
C GLN F 341 -35.31 -57.41 -19.49
N ILE F 342 -36.31 -57.50 -20.35
CA ILE F 342 -36.37 -56.69 -21.58
C ILE F 342 -36.75 -55.22 -21.31
N GLU F 343 -37.65 -55.01 -20.36
CA GLU F 343 -38.03 -53.66 -19.95
C GLU F 343 -36.80 -52.95 -19.41
N TYR F 344 -36.18 -53.57 -18.40
CA TYR F 344 -34.96 -53.07 -17.74
C TYR F 344 -33.72 -53.04 -18.63
N ARG F 345 -33.76 -53.80 -19.73
CA ARG F 345 -32.71 -53.78 -20.77
C ARG F 345 -31.47 -54.60 -20.37
N ASN F 346 -31.67 -55.66 -19.57
CA ASN F 346 -30.62 -56.65 -19.28
C ASN F 346 -30.73 -57.76 -20.29
N LEU F 347 -30.33 -57.43 -21.51
CA LEU F 347 -30.44 -58.35 -22.61
C LEU F 347 -29.20 -59.20 -22.63
N PHE F 348 -29.31 -60.34 -23.29
CA PHE F 348 -28.19 -61.21 -23.51
C PHE F 348 -27.21 -60.45 -24.40
N LYS F 349 -25.92 -60.50 -24.07
CA LYS F 349 -24.94 -59.62 -24.72
C LYS F 349 -24.39 -60.18 -26.03
N TYR F 350 -24.31 -59.31 -27.02
CA TYR F 350 -23.75 -59.61 -28.33
C TYR F 350 -22.24 -59.74 -28.20
N VAL F 351 -21.70 -60.84 -28.72
CA VAL F 351 -20.26 -61.08 -28.67
C VAL F 351 -19.59 -60.68 -29.99
N GLY F 352 -20.18 -61.10 -31.10
CA GLY F 352 -19.66 -60.79 -32.43
C GLY F 352 -20.38 -61.56 -33.52
N GLU F 353 -19.98 -61.29 -34.75
CA GLU F 353 -20.59 -61.87 -35.95
C GLU F 353 -19.48 -62.50 -36.79
N THR F 354 -19.83 -63.55 -37.54
CA THR F 354 -18.87 -64.16 -38.47
C THR F 354 -19.59 -64.90 -39.60
N GLN F 355 -18.84 -65.23 -40.64
CA GLN F 355 -19.35 -65.99 -41.80
C GLN F 355 -18.49 -67.22 -42.06
N PRO F 356 -19.07 -68.29 -42.64
CA PRO F 356 -18.22 -69.36 -43.17
C PRO F 356 -17.42 -68.94 -44.40
N THR F 357 -16.46 -69.77 -44.77
CA THR F 357 -15.62 -69.54 -45.96
C THR F 357 -15.68 -70.72 -46.90
N GLY F 358 -15.14 -70.54 -48.10
CA GLY F 358 -15.19 -71.56 -49.14
C GLY F 358 -16.61 -71.69 -49.64
N GLN F 359 -17.09 -72.92 -49.74
CA GLN F 359 -18.51 -73.18 -49.97
C GLN F 359 -19.00 -74.11 -48.84
N ILE F 360 -18.76 -73.71 -47.58
CA ILE F 360 -19.23 -74.44 -46.36
C ILE F 360 -20.61 -73.94 -45.90
N LYS F 361 -21.69 -74.54 -46.39
CA LYS F 361 -23.05 -74.16 -45.91
C LYS F 361 -23.35 -74.87 -44.60
N ILE F 362 -23.82 -74.14 -43.58
CA ILE F 362 -24.24 -74.74 -42.29
C ILE F 362 -25.69 -75.19 -42.37
N LYS F 363 -25.92 -76.50 -42.35
CA LYS F 363 -27.28 -77.05 -42.45
C LYS F 363 -28.09 -76.77 -41.18
N ARG F 364 -29.41 -76.69 -41.34
CA ARG F 364 -30.35 -76.33 -40.26
C ARG F 364 -30.35 -77.31 -39.09
N GLU F 365 -30.36 -78.59 -39.43
CA GLU F 365 -30.04 -79.69 -38.50
C GLU F 365 -28.98 -79.38 -37.42
N ASP F 366 -27.86 -78.78 -37.83
CA ASP F 366 -26.72 -78.55 -36.93
C ASP F 366 -26.84 -77.35 -35.99
N TYR F 367 -27.89 -76.53 -36.17
CA TYR F 367 -28.11 -75.33 -35.36
C TYR F 367 -28.12 -75.64 -33.86
N GLU F 368 -28.85 -76.69 -33.49
CA GLU F 368 -28.90 -77.19 -32.11
C GLU F 368 -27.51 -77.32 -31.48
N SER F 369 -26.56 -77.86 -32.23
CA SER F 369 -25.23 -78.22 -31.69
C SER F 369 -24.18 -77.11 -31.53
N LEU F 370 -24.42 -75.93 -32.13
CA LEU F 370 -23.38 -74.91 -32.22
C LEU F 370 -22.97 -74.24 -30.90
N PRO F 371 -23.90 -74.06 -29.94
CA PRO F 371 -23.51 -73.59 -28.61
C PRO F 371 -22.50 -74.51 -27.91
N LYS F 372 -22.72 -75.83 -28.01
CA LYS F 372 -21.77 -76.85 -27.55
C LYS F 372 -20.37 -76.60 -28.12
N GLU F 373 -20.30 -76.37 -29.42
CA GLU F 373 -19.01 -76.17 -30.10
C GLU F 373 -18.24 -74.94 -29.61
N VAL F 374 -18.95 -73.85 -29.29
CA VAL F 374 -18.33 -72.60 -28.85
C VAL F 374 -17.69 -72.77 -27.47
N ALA F 375 -18.45 -73.34 -26.54
CA ALA F 375 -17.92 -73.68 -25.22
C ALA F 375 -16.76 -74.67 -25.31
N SER F 376 -16.85 -75.61 -26.25
CA SER F 376 -15.81 -76.62 -26.46
C SER F 376 -14.45 -76.11 -26.93
N ALA F 377 -14.41 -74.92 -27.53
CA ALA F 377 -13.14 -74.34 -27.95
C ALA F 377 -12.21 -74.14 -26.76
N LYS F 378 -10.93 -74.40 -26.97
CA LYS F 378 -9.92 -74.28 -25.93
C LYS F 378 -9.01 -73.15 -26.35
N PRO F 379 -9.36 -71.90 -25.97
CA PRO F 379 -8.50 -70.76 -26.30
C PRO F 379 -7.25 -70.73 -25.41
N LYS F 380 -6.09 -70.55 -26.02
CA LYS F 380 -4.81 -70.63 -25.29
C LYS F 380 -4.55 -69.34 -24.48
N VAL F 381 -5.47 -68.99 -23.57
CA VAL F 381 -5.42 -67.79 -22.75
C VAL F 381 -6.05 -68.05 -21.41
N LEU F 382 -5.46 -67.57 -20.32
CA LEU F 382 -6.00 -67.79 -18.97
C LEU F 382 -7.29 -67.01 -18.76
N LEU F 383 -8.36 -67.73 -18.48
CA LEU F 383 -9.70 -67.20 -18.25
C LEU F 383 -10.01 -67.24 -16.75
N ASP F 384 -10.76 -66.24 -16.28
CA ASP F 384 -11.28 -66.21 -14.91
C ASP F 384 -12.41 -67.19 -14.69
N VAL F 385 -13.26 -67.33 -15.71
CA VAL F 385 -14.49 -68.13 -15.65
C VAL F 385 -14.51 -69.11 -16.82
N LYS F 386 -14.96 -70.35 -16.57
CA LYS F 386 -15.28 -71.30 -17.64
C LYS F 386 -16.79 -71.15 -17.89
N LEU F 387 -17.20 -71.25 -19.15
CA LEU F 387 -18.62 -71.09 -19.54
C LEU F 387 -19.17 -72.38 -20.16
N LYS F 388 -20.38 -72.78 -19.73
CA LYS F 388 -21.06 -73.97 -20.26
C LYS F 388 -21.79 -73.63 -21.58
N ALA F 389 -22.21 -74.65 -22.31
CA ALA F 389 -22.83 -74.46 -23.63
C ALA F 389 -24.21 -73.78 -23.59
N GLU F 390 -24.94 -74.04 -22.53
CA GLU F 390 -26.22 -73.37 -22.25
C GLU F 390 -26.10 -71.84 -22.09
N ASP F 391 -24.92 -71.36 -21.72
CA ASP F 391 -24.64 -69.92 -21.60
C ASP F 391 -24.61 -69.18 -22.94
N PHE F 392 -24.33 -69.92 -24.03
CA PHE F 392 -24.21 -69.34 -25.37
C PHE F 392 -25.50 -69.46 -26.19
N ILE F 393 -25.75 -68.45 -27.02
CA ILE F 393 -26.76 -68.50 -28.08
C ILE F 393 -26.05 -68.24 -29.40
N VAL F 394 -26.29 -69.11 -30.37
CA VAL F 394 -25.77 -68.93 -31.71
C VAL F 394 -26.98 -68.79 -32.63
N ASP F 395 -26.99 -67.71 -33.39
CA ASP F 395 -28.10 -67.33 -34.23
C ASP F 395 -27.59 -67.35 -35.66
N VAL F 396 -28.07 -68.30 -36.47
CA VAL F 396 -27.61 -68.42 -37.85
C VAL F 396 -28.68 -67.81 -38.75
N ILE F 397 -28.22 -66.99 -39.70
CA ILE F 397 -29.10 -66.16 -40.53
C ILE F 397 -28.69 -66.32 -42.00
N ASN F 398 -29.66 -66.68 -42.84
CA ASN F 398 -29.44 -66.80 -44.27
C ASN F 398 -29.88 -65.54 -44.98
N MET F 399 -28.91 -64.80 -45.51
CA MET F 399 -29.16 -63.61 -46.32
C MET F 399 -29.06 -64.02 -47.78
N ASP F 400 -30.13 -63.79 -48.55
CA ASP F 400 -30.16 -64.19 -49.95
C ASP F 400 -30.96 -63.20 -50.77
N TYR F 401 -31.06 -63.49 -52.07
CA TYR F 401 -31.90 -62.72 -52.99
C TYR F 401 -33.24 -63.41 -53.22
N GLY F 402 -33.75 -64.09 -52.19
CA GLY F 402 -35.08 -64.66 -52.22
C GLY F 402 -35.21 -66.02 -52.87
N MET F 403 -34.12 -66.55 -53.45
CA MET F 403 -34.14 -67.85 -54.10
C MET F 403 -32.89 -68.62 -53.76
N GLN F 404 -32.61 -68.66 -52.45
CA GLN F 404 -31.42 -69.30 -51.93
C GLN F 404 -30.23 -68.85 -52.78
N GLU F 405 -29.50 -69.79 -53.38
CA GLU F 405 -28.26 -69.47 -54.06
C GLU F 405 -28.43 -68.87 -55.45
N LYS F 406 -29.66 -68.86 -55.96
CA LYS F 406 -29.96 -68.40 -57.32
C LYS F 406 -30.10 -66.89 -57.44
N ASN F 407 -29.80 -66.40 -58.65
CA ASN F 407 -29.99 -65.02 -59.07
C ASN F 407 -31.43 -64.95 -59.57
N PRO F 408 -32.29 -64.18 -58.88
CA PRO F 408 -33.69 -64.13 -59.31
C PRO F 408 -33.92 -63.42 -60.65
N ILE F 409 -32.98 -62.57 -61.06
CA ILE F 409 -33.06 -61.88 -62.36
C ILE F 409 -32.93 -62.85 -63.53
N ASP F 410 -32.21 -63.94 -63.33
CA ASP F 410 -32.16 -65.02 -64.31
C ASP F 410 -33.53 -65.73 -64.46
N HIS F 411 -34.42 -65.55 -63.50
CA HIS F 411 -35.82 -65.96 -63.61
C HIS F 411 -36.83 -64.80 -63.84
N VAL F 412 -36.40 -63.74 -64.52
CA VAL F 412 -37.31 -62.64 -64.94
C VAL F 412 -37.29 -62.61 -66.47
N SER F 413 -38.47 -62.37 -67.04
CA SER F 413 -38.62 -62.19 -68.47
C SER F 413 -38.71 -60.69 -68.81
N PHE F 414 -38.08 -60.34 -69.94
CA PHE F 414 -37.99 -58.94 -70.37
C PHE F 414 -38.57 -58.70 -71.78
N TYR F 415 -38.87 -57.44 -72.10
CA TYR F 415 -39.29 -57.07 -73.46
C TYR F 415 -38.58 -55.80 -73.94
N CYS F 416 -38.56 -55.62 -75.27
CA CYS F 416 -37.90 -54.43 -75.86
C CYS F 416 -38.92 -53.48 -76.46
N LYS F 417 -38.53 -52.22 -76.57
CA LYS F 417 -39.40 -51.19 -77.16
C LYS F 417 -39.78 -51.56 -78.57
N THR F 418 -38.78 -52.04 -79.31
CA THR F 418 -38.94 -52.46 -80.70
C THR F 418 -39.82 -53.71 -80.92
N ALA F 419 -39.93 -54.58 -79.91
CA ALA F 419 -40.74 -55.82 -79.99
C ALA F 419 -41.39 -56.16 -78.66
N PRO F 420 -42.47 -55.45 -78.32
CA PRO F 420 -43.03 -55.54 -76.99
C PRO F 420 -43.79 -56.83 -76.68
N ASN F 421 -44.06 -57.67 -77.67
CA ASN F 421 -44.65 -58.97 -77.39
C ASN F 421 -43.62 -60.07 -77.31
N ARG F 422 -42.38 -59.79 -77.73
CA ARG F 422 -41.33 -60.79 -77.69
C ARG F 422 -40.54 -60.73 -76.39
N ALA F 423 -40.70 -61.80 -75.61
CA ALA F 423 -40.02 -61.94 -74.33
C ALA F 423 -38.60 -62.43 -74.54
N ILE F 424 -37.72 -62.01 -73.65
CA ILE F 424 -36.29 -62.36 -73.71
C ILE F 424 -35.71 -62.53 -72.31
N ARG F 425 -34.45 -62.97 -72.25
CA ARG F 425 -33.68 -63.10 -71.01
C ARG F 425 -32.50 -62.16 -71.03
N ILE F 426 -32.14 -61.62 -69.86
CA ILE F 426 -30.95 -60.79 -69.71
C ILE F 426 -30.09 -61.45 -68.61
N THR F 427 -28.87 -61.87 -68.97
CA THR F 427 -27.95 -62.51 -68.03
C THR F 427 -27.32 -61.46 -67.13
N LYS F 428 -26.52 -61.91 -66.18
CA LYS F 428 -25.78 -60.97 -65.34
C LYS F 428 -24.72 -60.19 -66.12
N ASN F 429 -24.01 -60.88 -67.02
CA ASN F 429 -22.92 -60.25 -67.78
C ASN F 429 -23.35 -59.15 -68.70
N GLN F 430 -24.57 -59.26 -69.19
CA GLN F 430 -25.17 -58.26 -70.07
C GLN F 430 -25.48 -56.94 -69.36
N VAL F 431 -25.54 -56.94 -68.03
CA VAL F 431 -25.89 -55.76 -67.25
C VAL F 431 -24.67 -55.01 -66.70
N SER F 432 -23.89 -55.66 -65.83
CA SER F 432 -22.80 -54.98 -65.13
C SER F 432 -21.80 -55.93 -64.47
N GLN F 433 -20.55 -55.48 -64.42
CA GLN F 433 -19.46 -56.13 -63.68
C GLN F 433 -19.45 -55.79 -62.18
N LEU F 434 -20.22 -54.80 -61.77
CA LEU F 434 -20.28 -54.38 -60.36
C LEU F 434 -21.39 -55.06 -59.56
N LEU F 435 -22.06 -56.03 -60.15
CA LEU F 435 -23.10 -56.77 -59.45
C LEU F 435 -22.50 -57.79 -58.48
N PRO F 436 -23.33 -58.37 -57.60
CA PRO F 436 -22.83 -59.38 -56.68
C PRO F 436 -22.26 -60.61 -57.36
N GLU F 437 -21.24 -61.20 -56.75
CA GLU F 437 -20.64 -62.42 -57.25
C GLU F 437 -21.53 -63.61 -56.86
N LYS F 438 -21.89 -63.66 -55.58
CA LYS F 438 -22.84 -64.64 -55.05
C LYS F 438 -24.18 -63.97 -54.75
N PHE F 439 -25.21 -64.79 -54.52
CA PHE F 439 -26.56 -64.31 -54.16
C PHE F 439 -27.12 -64.95 -52.89
N ALA F 440 -26.23 -65.50 -52.07
CA ALA F 440 -26.60 -66.03 -50.75
C ALA F 440 -25.35 -66.17 -49.88
N GLU F 441 -25.55 -66.00 -48.57
CA GLU F 441 -24.50 -66.20 -47.59
C GLU F 441 -25.13 -66.50 -46.26
N GLN F 442 -24.28 -66.77 -45.28
CA GLN F 442 -24.73 -67.01 -43.92
C GLN F 442 -24.06 -66.05 -42.95
N LEU F 443 -24.84 -65.57 -41.98
CA LEU F 443 -24.32 -64.78 -40.87
C LEU F 443 -24.54 -65.52 -39.59
N ILE F 444 -23.49 -65.58 -38.78
CA ILE F 444 -23.51 -66.29 -37.50
C ILE F 444 -23.23 -65.25 -36.43
N ARG F 445 -24.26 -64.95 -35.64
CA ARG F 445 -24.13 -64.10 -34.46
C ARG F 445 -24.05 -64.98 -33.23
N VAL F 446 -23.16 -64.61 -32.32
CA VAL F 446 -22.99 -65.30 -31.06
C VAL F 446 -23.30 -64.31 -29.95
N TYR F 447 -24.14 -64.73 -29.01
CA TYR F 447 -24.45 -63.93 -27.82
C TYR F 447 -24.18 -64.78 -26.57
N CYS F 448 -24.00 -64.12 -25.44
CA CYS F 448 -23.76 -64.78 -24.14
C CYS F 448 -24.82 -64.37 -23.13
N LYS F 449 -25.39 -65.37 -22.45
CA LYS F 449 -26.47 -65.16 -21.47
C LYS F 449 -25.97 -64.47 -20.19
N LYS F 450 -24.69 -64.69 -19.84
CA LYS F 450 -24.08 -64.04 -18.70
C LYS F 450 -23.56 -62.65 -19.09
N VAL F 451 -24.09 -61.66 -18.39
CA VAL F 451 -23.94 -60.23 -18.74
C VAL F 451 -22.63 -59.61 -18.21
N ASP F 452 -22.16 -60.07 -17.05
CA ASP F 452 -21.04 -59.46 -16.29
C ASP F 452 -19.70 -59.27 -17.03
N ARG F 453 -18.88 -58.37 -16.49
CA ARG F 453 -17.60 -57.99 -17.10
C ARG F 453 -16.69 -59.19 -17.34
N LYS F 454 -16.59 -60.07 -16.34
CA LYS F 454 -15.72 -61.27 -16.40
C LYS F 454 -16.16 -62.28 -17.47
N SER F 455 -17.46 -62.57 -17.51
CA SER F 455 -18.01 -63.59 -18.43
C SER F 455 -18.04 -63.15 -19.89
N LEU F 456 -18.22 -61.86 -20.11
CA LEU F 456 -18.18 -61.30 -21.45
C LEU F 456 -16.79 -61.41 -22.07
N TYR F 457 -15.74 -61.10 -21.30
CA TYR F 457 -14.36 -61.27 -21.77
C TYR F 457 -14.12 -62.72 -22.18
N ALA F 458 -14.56 -63.64 -21.33
CA ALA F 458 -14.40 -65.06 -21.59
C ALA F 458 -15.11 -65.45 -22.88
N ALA F 459 -16.38 -65.08 -22.97
CA ALA F 459 -17.20 -65.38 -24.15
C ALA F 459 -16.51 -64.96 -25.44
N ARG F 460 -15.93 -63.76 -25.43
CA ARG F 460 -15.17 -63.23 -26.57
C ARG F 460 -14.01 -64.12 -26.97
N GLN F 461 -13.30 -64.64 -25.98
CA GLN F 461 -12.17 -65.53 -26.24
C GLN F 461 -12.65 -66.87 -26.84
N TYR F 462 -13.70 -67.45 -26.26
CA TYR F 462 -14.33 -68.66 -26.83
C TYR F 462 -14.76 -68.46 -28.30
N PHE F 463 -15.44 -67.35 -28.55
CA PHE F 463 -15.98 -67.04 -29.87
C PHE F 463 -14.87 -66.89 -30.92
N VAL F 464 -13.90 -66.03 -30.65
CA VAL F 464 -12.84 -65.72 -31.64
C VAL F 464 -11.98 -66.96 -31.92
N GLN F 465 -11.87 -67.84 -30.92
CA GLN F 465 -11.19 -69.12 -31.10
C GLN F 465 -12.03 -70.02 -31.99
N TRP F 466 -13.29 -70.21 -31.62
CA TRP F 466 -14.24 -71.00 -32.40
C TRP F 466 -14.24 -70.62 -33.89
N CYS F 467 -14.10 -69.32 -34.16
CA CYS F 467 -13.96 -68.81 -35.53
C CYS F 467 -12.70 -69.33 -36.24
N ALA F 468 -11.56 -69.22 -35.56
CA ALA F 468 -10.29 -69.77 -36.09
C ALA F 468 -10.36 -71.30 -36.21
N ASP F 469 -11.01 -71.95 -35.23
CA ASP F 469 -11.20 -73.42 -35.21
C ASP F 469 -11.94 -73.95 -36.43
N ARG F 470 -12.93 -73.22 -36.92
CA ARG F 470 -13.76 -73.70 -38.05
C ARG F 470 -13.46 -73.01 -39.38
N ASN F 471 -12.36 -72.26 -39.43
CA ASN F 471 -11.94 -71.52 -40.62
C ASN F 471 -13.05 -70.57 -41.10
N PHE F 472 -13.61 -69.82 -40.15
CA PHE F 472 -14.56 -68.74 -40.42
C PHE F 472 -13.82 -67.42 -40.54
N THR F 473 -14.54 -66.39 -41.00
CA THR F 473 -13.95 -65.06 -41.18
C THR F 473 -13.60 -64.46 -39.84
N LYS F 474 -12.57 -63.63 -39.83
CA LYS F 474 -12.16 -62.93 -38.64
C LYS F 474 -13.23 -61.92 -38.28
N PRO F 475 -13.70 -61.93 -37.02
CA PRO F 475 -14.61 -60.87 -36.60
C PRO F 475 -14.01 -59.49 -36.86
N GLN F 476 -14.85 -58.56 -37.29
CA GLN F 476 -14.40 -57.20 -37.66
C GLN F 476 -13.66 -56.53 -36.51
N ASP F 477 -14.22 -56.68 -35.30
CA ASP F 477 -13.62 -56.20 -34.06
C ASP F 477 -12.61 -57.16 -33.41
N GLY F 478 -12.14 -58.16 -34.16
CA GLY F 478 -11.46 -59.33 -33.61
C GLY F 478 -10.16 -59.04 -32.90
N ASP F 479 -9.36 -58.17 -33.50
CA ASP F 479 -8.06 -57.79 -32.92
C ASP F 479 -8.22 -57.03 -31.62
N VAL F 480 -9.35 -56.34 -31.44
CA VAL F 480 -9.61 -55.60 -30.22
C VAL F 480 -10.08 -56.56 -29.11
N ILE F 481 -11.17 -57.28 -29.36
CA ILE F 481 -11.83 -58.09 -28.33
C ILE F 481 -11.01 -59.29 -27.82
N ALA F 482 -10.23 -59.89 -28.72
CA ALA F 482 -9.43 -61.08 -28.40
C ALA F 482 -8.04 -60.93 -29.03
N PRO F 483 -7.23 -60.01 -28.49
CA PRO F 483 -5.96 -59.65 -29.11
C PRO F 483 -4.94 -60.78 -29.07
N LEU F 484 -5.08 -61.64 -28.07
CA LEU F 484 -4.17 -62.75 -27.87
C LEU F 484 -4.45 -63.91 -28.84
N ILE F 485 -5.66 -63.98 -29.41
CA ILE F 485 -6.09 -65.11 -30.24
C ILE F 485 -5.93 -64.90 -31.75
N THR F 486 -6.12 -63.68 -32.23
CA THR F 486 -6.07 -63.39 -33.67
C THR F 486 -4.72 -63.62 -34.40
N PRO F 487 -3.57 -63.42 -33.71
CA PRO F 487 -2.31 -63.78 -34.37
C PRO F 487 -2.14 -65.29 -34.60
N GLN F 488 -2.74 -66.12 -33.75
CA GLN F 488 -2.75 -67.58 -33.91
C GLN F 488 -3.05 -68.05 -35.35
N LYS F 489 -4.08 -67.48 -35.97
CA LYS F 489 -4.51 -67.91 -37.31
C LYS F 489 -3.62 -67.33 -38.42
N LYS F 490 -2.99 -68.23 -39.19
CA LYS F 490 -2.11 -67.87 -40.30
C LYS F 490 -2.87 -67.15 -41.40
N GLU F 491 -4.10 -67.62 -41.68
CA GLU F 491 -4.94 -67.03 -42.72
C GLU F 491 -5.40 -65.59 -42.47
N TRP F 492 -5.34 -65.10 -41.22
CA TRP F 492 -5.76 -63.71 -40.88
C TRP F 492 -4.54 -62.78 -40.92
N THR G 8 -23.74 -9.23 -39.46
CA THR G 8 -24.67 -10.06 -38.64
C THR G 8 -24.92 -11.42 -39.30
N MET G 9 -25.15 -12.45 -38.48
CA MET G 9 -25.42 -13.84 -39.00
C MET G 9 -26.74 -13.86 -39.79
N LYS G 10 -26.80 -14.76 -40.74
CA LYS G 10 -27.88 -14.66 -41.70
C LYS G 10 -28.45 -16.03 -41.83
N VAL G 11 -29.78 -16.17 -41.84
CA VAL G 11 -30.43 -17.47 -41.97
C VAL G 11 -31.02 -17.59 -43.36
N ILE G 12 -30.88 -18.77 -43.96
CA ILE G 12 -31.31 -19.03 -45.33
C ILE G 12 -31.98 -20.40 -45.37
N ASN G 13 -33.11 -20.52 -46.07
CA ASN G 13 -33.91 -21.77 -46.10
C ASN G 13 -33.71 -22.60 -47.38
N ASP G 14 -32.81 -23.57 -47.25
CA ASP G 14 -32.55 -24.58 -48.27
C ASP G 14 -33.56 -25.71 -48.08
N PRO G 15 -34.19 -26.18 -49.17
CA PRO G 15 -35.17 -27.28 -49.02
C PRO G 15 -34.54 -28.60 -48.62
N ILE G 16 -33.25 -28.79 -48.84
CA ILE G 16 -32.60 -30.02 -48.45
C ILE G 16 -32.21 -29.99 -46.98
N HIS G 17 -31.43 -28.99 -46.60
CA HIS G 17 -30.84 -28.95 -45.25
C HIS G 17 -31.61 -28.14 -44.23
N GLY G 18 -32.66 -27.45 -44.67
CA GLY G 18 -33.50 -26.65 -43.77
C GLY G 18 -32.96 -25.26 -43.61
N HIS G 19 -32.95 -24.75 -42.38
CA HIS G 19 -32.47 -23.39 -42.10
C HIS G 19 -31.00 -23.38 -41.71
N ILE G 20 -30.19 -22.97 -42.69
CA ILE G 20 -28.76 -22.87 -42.52
C ILE G 20 -28.48 -21.48 -41.93
N GLU G 21 -27.50 -21.41 -41.00
CA GLU G 21 -26.94 -20.13 -40.60
C GLU G 21 -25.68 -19.85 -41.42
N LEU G 22 -25.49 -18.59 -41.81
CA LEU G 22 -24.34 -18.19 -42.61
C LEU G 22 -23.56 -17.11 -41.87
N HIS G 23 -22.30 -17.38 -41.61
CA HIS G 23 -21.39 -16.44 -40.99
C HIS G 23 -21.15 -15.21 -41.85
N PRO G 24 -21.09 -14.00 -41.25
CA PRO G 24 -20.98 -12.78 -42.08
C PRO G 24 -19.86 -12.81 -43.14
N LEU G 25 -18.74 -13.43 -42.83
CA LEU G 25 -17.65 -13.68 -43.78
C LEU G 25 -18.12 -14.45 -45.00
N LEU G 26 -18.92 -15.48 -44.77
CA LEU G 26 -19.47 -16.31 -45.86
C LEU G 26 -20.42 -15.49 -46.71
N VAL G 27 -21.31 -14.76 -46.07
CA VAL G 27 -22.27 -13.87 -46.76
C VAL G 27 -21.53 -12.91 -47.67
N ARG G 28 -20.43 -12.38 -47.16
CA ARG G 28 -19.59 -11.43 -47.91
C ARG G 28 -18.96 -12.06 -49.14
N ILE G 29 -18.60 -13.34 -49.02
CA ILE G 29 -18.10 -14.14 -50.16
C ILE G 29 -19.24 -14.49 -51.13
N ILE G 30 -20.38 -14.87 -50.59
CA ILE G 30 -21.54 -15.22 -51.40
C ILE G 30 -22.03 -14.08 -52.27
N ASP G 31 -22.09 -12.88 -51.71
CA ASP G 31 -22.60 -11.71 -52.46
C ASP G 31 -21.51 -11.05 -53.31
N THR G 32 -21.02 -11.82 -54.28
CA THR G 32 -20.03 -11.37 -55.25
C THR G 32 -20.43 -11.91 -56.62
N PRO G 33 -20.07 -11.21 -57.72
CA PRO G 33 -20.40 -11.73 -59.05
C PRO G 33 -19.81 -13.12 -59.36
N GLN G 34 -18.68 -13.44 -58.76
CA GLN G 34 -17.98 -14.71 -58.99
C GLN G 34 -18.76 -15.91 -58.45
N PHE G 35 -19.41 -15.70 -57.30
CA PHE G 35 -20.22 -16.71 -56.63
C PHE G 35 -21.67 -16.73 -57.13
N GLN G 36 -22.31 -15.57 -57.20
CA GLN G 36 -23.70 -15.50 -57.69
C GLN G 36 -23.81 -16.01 -59.14
N ARG G 37 -22.70 -15.94 -59.89
CA ARG G 37 -22.54 -16.66 -61.16
C ARG G 37 -23.08 -18.09 -61.17
N LEU G 38 -22.88 -18.81 -60.07
CA LEU G 38 -23.34 -20.19 -59.96
C LEU G 38 -24.85 -20.37 -60.00
N ARG G 39 -25.61 -19.29 -59.78
CA ARG G 39 -27.08 -19.30 -60.00
C ARG G 39 -27.47 -19.64 -61.44
N TYR G 40 -26.55 -19.38 -62.38
CA TYR G 40 -26.87 -19.50 -63.80
C TYR G 40 -26.14 -20.69 -64.45
N ILE G 41 -25.85 -21.72 -63.67
CA ILE G 41 -25.22 -22.96 -64.15
C ILE G 41 -25.95 -24.14 -63.51
N LYS G 42 -26.60 -24.98 -64.31
CA LYS G 42 -27.37 -26.12 -63.78
C LYS G 42 -26.49 -27.24 -63.28
N GLN G 43 -26.94 -27.91 -62.22
CA GLN G 43 -26.17 -28.98 -61.59
C GLN G 43 -25.93 -30.10 -62.59
N LEU G 44 -27.01 -30.53 -63.22
CA LEU G 44 -27.00 -31.74 -64.04
C LEU G 44 -26.95 -31.46 -65.52
N GLY G 45 -26.52 -30.24 -65.88
CA GLY G 45 -26.35 -29.86 -67.26
C GLY G 45 -27.54 -30.24 -68.10
N GLY G 46 -27.28 -31.08 -69.10
CA GLY G 46 -28.30 -31.55 -70.04
C GLY G 46 -29.32 -32.52 -69.44
N GLY G 47 -29.06 -33.00 -68.23
CA GLY G 47 -30.03 -33.80 -67.48
C GLY G 47 -31.40 -33.18 -67.30
N TYR G 48 -31.47 -31.86 -67.18
CA TYR G 48 -32.76 -31.14 -67.11
C TYR G 48 -33.67 -31.46 -68.30
N TYR G 49 -33.07 -31.69 -69.46
CA TYR G 49 -33.83 -32.02 -70.67
C TYR G 49 -34.33 -33.49 -70.69
N VAL G 50 -33.99 -34.29 -69.68
CA VAL G 50 -34.56 -35.64 -69.46
C VAL G 50 -35.34 -35.74 -68.15
N PHE G 51 -34.81 -35.19 -67.05
CA PHE G 51 -35.51 -35.16 -65.76
C PHE G 51 -36.02 -33.77 -65.52
N PRO G 52 -37.32 -33.53 -65.76
CA PRO G 52 -37.81 -32.16 -65.72
C PRO G 52 -37.82 -31.52 -64.35
N GLY G 53 -37.57 -32.29 -63.29
CA GLY G 53 -37.38 -31.69 -61.97
C GLY G 53 -36.05 -30.96 -61.78
N ALA G 54 -35.02 -31.38 -62.52
CA ALA G 54 -33.57 -31.02 -62.30
C ALA G 54 -33.11 -29.62 -62.76
N SER G 55 -33.95 -28.64 -62.43
CA SER G 55 -33.73 -27.22 -62.70
C SER G 55 -32.64 -26.64 -61.81
N HIS G 56 -32.40 -27.28 -60.67
CA HIS G 56 -31.42 -26.83 -59.68
C HIS G 56 -30.01 -26.54 -60.24
N ASN G 57 -29.40 -25.54 -59.60
CA ASN G 57 -28.16 -24.91 -60.02
C ASN G 57 -27.07 -25.12 -58.98
N ARG G 58 -25.83 -24.86 -59.38
CA ARG G 58 -24.68 -25.00 -58.48
C ARG G 58 -24.77 -24.14 -57.23
N PHE G 59 -25.30 -22.93 -57.38
CA PHE G 59 -25.43 -22.00 -56.26
C PHE G 59 -25.88 -22.70 -54.98
N GLU G 60 -27.05 -23.33 -55.03
CA GLU G 60 -27.64 -23.96 -53.85
C GLU G 60 -26.89 -25.22 -53.38
N HIS G 61 -26.30 -25.95 -54.34
CA HIS G 61 -25.37 -27.06 -54.03
C HIS G 61 -24.18 -26.52 -53.24
N SER G 62 -23.54 -25.48 -53.79
CA SER G 62 -22.40 -24.84 -53.13
C SER G 62 -22.75 -24.42 -51.69
N LEU G 63 -23.94 -23.83 -51.49
CA LEU G 63 -24.40 -23.51 -50.13
C LEU G 63 -24.44 -24.73 -49.23
N GLY G 64 -25.06 -25.79 -49.72
CA GLY G 64 -25.23 -27.02 -48.96
C GLY G 64 -23.92 -27.70 -48.60
N VAL G 65 -22.95 -27.68 -49.52
CA VAL G 65 -21.65 -28.27 -49.24
C VAL G 65 -20.93 -27.49 -48.16
N GLY G 66 -21.01 -26.16 -48.25
CA GLY G 66 -20.50 -25.29 -47.19
C GLY G 66 -21.12 -25.62 -45.85
N TYR G 67 -22.44 -25.81 -45.84
CA TYR G 67 -23.18 -26.12 -44.61
C TYR G 67 -22.71 -27.42 -43.97
N LEU G 68 -22.68 -28.48 -44.78
CA LEU G 68 -22.31 -29.81 -44.30
C LEU G 68 -20.86 -29.88 -43.88
N ALA G 69 -20.00 -29.17 -44.59
CA ALA G 69 -18.63 -29.03 -44.16
C ALA G 69 -18.59 -28.50 -42.72
N GLY G 70 -19.37 -27.44 -42.46
CA GLY G 70 -19.52 -26.86 -41.12
C GLY G 70 -20.04 -27.85 -40.11
N CYS G 71 -21.04 -28.64 -40.50
CA CYS G 71 -21.61 -29.65 -39.62
C CYS G 71 -20.60 -30.68 -39.17
N LEU G 72 -19.86 -31.23 -40.13
CA LEU G 72 -18.94 -32.32 -39.82
C LEU G 72 -17.79 -31.85 -38.96
N VAL G 73 -17.14 -30.76 -39.38
CA VAL G 73 -16.00 -30.24 -38.63
C VAL G 73 -16.42 -29.79 -37.22
N HIS G 74 -17.57 -29.13 -37.11
CA HIS G 74 -18.07 -28.65 -35.83
C HIS G 74 -18.45 -29.84 -34.93
N ALA G 75 -18.96 -30.90 -35.52
CA ALA G 75 -19.31 -32.13 -34.79
C ALA G 75 -18.08 -32.85 -34.23
N LEU G 76 -17.04 -32.94 -35.03
CA LEU G 76 -15.79 -33.57 -34.58
C LEU G 76 -15.23 -32.82 -33.40
N GLY G 77 -15.28 -31.49 -33.48
CA GLY G 77 -14.83 -30.59 -32.41
C GLY G 77 -15.55 -30.75 -31.09
N GLU G 78 -16.87 -30.90 -31.16
CA GLU G 78 -17.69 -31.16 -29.96
C GLU G 78 -17.33 -32.52 -29.37
N LYS G 79 -17.32 -33.54 -30.24
CA LYS G 79 -17.00 -34.91 -29.84
C LYS G 79 -15.57 -35.05 -29.28
N GLN G 80 -14.62 -34.31 -29.83
CA GLN G 80 -13.20 -34.45 -29.45
C GLN G 80 -12.48 -33.09 -29.30
N PRO G 81 -12.59 -32.48 -28.11
CA PRO G 81 -11.88 -31.21 -27.86
C PRO G 81 -10.36 -31.31 -27.99
N GLU G 82 -9.80 -32.48 -27.66
CA GLU G 82 -8.37 -32.76 -27.82
C GLU G 82 -7.78 -32.40 -29.18
N LEU G 83 -8.61 -32.36 -30.22
CA LEU G 83 -8.17 -32.00 -31.58
C LEU G 83 -7.82 -30.52 -31.74
N GLN G 84 -8.38 -29.68 -30.87
CA GLN G 84 -8.19 -28.23 -30.89
C GLN G 84 -8.50 -27.68 -32.27
N ILE G 85 -9.76 -27.86 -32.64
CA ILE G 85 -10.30 -27.32 -33.85
C ILE G 85 -10.78 -25.92 -33.49
N SER G 86 -10.15 -24.91 -34.08
CA SER G 86 -10.52 -23.50 -33.82
C SER G 86 -11.67 -23.06 -34.70
N GLU G 87 -12.40 -22.02 -34.29
CA GLU G 87 -13.45 -21.43 -35.13
C GLU G 87 -12.84 -20.83 -36.41
N ARG G 88 -11.53 -20.61 -36.39
CA ARG G 88 -10.78 -20.28 -37.59
C ARG G 88 -10.75 -21.46 -38.55
N ASP G 89 -10.42 -22.65 -38.04
CA ASP G 89 -10.45 -23.87 -38.85
C ASP G 89 -11.84 -24.10 -39.43
N VAL G 90 -12.87 -23.99 -38.59
CA VAL G 90 -14.26 -24.20 -39.00
C VAL G 90 -14.62 -23.29 -40.17
N LEU G 91 -14.36 -22.00 -40.01
CA LEU G 91 -14.65 -21.04 -41.06
C LEU G 91 -13.95 -21.38 -42.35
N CYS G 92 -12.68 -21.76 -42.26
CA CYS G 92 -11.89 -22.12 -43.45
C CYS G 92 -12.47 -23.33 -44.19
N VAL G 93 -12.94 -24.31 -43.44
CA VAL G 93 -13.56 -25.50 -44.01
C VAL G 93 -14.88 -25.14 -44.68
N GLN G 94 -15.70 -24.35 -43.99
CA GLN G 94 -16.95 -23.85 -44.56
C GLN G 94 -16.70 -23.11 -45.88
N ILE G 95 -15.74 -22.18 -45.87
CA ILE G 95 -15.38 -21.40 -47.05
C ILE G 95 -14.97 -22.31 -48.21
N ALA G 96 -14.18 -23.34 -47.91
CA ALA G 96 -13.76 -24.28 -48.92
C ALA G 96 -14.95 -24.98 -49.54
N GLY G 97 -15.80 -25.54 -48.67
CA GLY G 97 -17.03 -26.19 -49.11
C GLY G 97 -17.91 -25.29 -49.95
N LEU G 98 -18.06 -24.05 -49.49
CA LEU G 98 -18.86 -23.06 -50.19
C LEU G 98 -18.35 -22.79 -51.62
N CYS G 99 -17.03 -22.64 -51.73
CA CYS G 99 -16.38 -22.27 -52.98
C CYS G 99 -15.87 -23.44 -53.80
N HIS G 100 -16.18 -24.67 -53.41
CA HIS G 100 -15.48 -25.83 -53.97
C HIS G 100 -15.78 -26.06 -55.45
N ASP G 101 -16.99 -25.67 -55.89
CA ASP G 101 -17.39 -25.80 -57.30
C ASP G 101 -17.62 -24.43 -57.90
N LEU G 102 -16.81 -23.45 -57.50
CA LEU G 102 -16.82 -22.12 -58.14
C LEU G 102 -16.42 -22.12 -59.61
N GLY G 103 -15.62 -23.12 -60.00
CA GLY G 103 -15.05 -23.18 -61.34
C GLY G 103 -15.69 -24.08 -62.36
N HIS G 104 -16.93 -24.51 -62.12
CA HIS G 104 -17.64 -25.26 -63.17
C HIS G 104 -17.98 -24.36 -64.32
N GLY G 105 -17.94 -24.94 -65.52
CA GLY G 105 -18.35 -24.22 -66.71
C GLY G 105 -19.84 -24.31 -66.98
N PRO G 106 -20.30 -23.73 -68.11
CA PRO G 106 -21.66 -23.92 -68.60
C PRO G 106 -22.02 -25.39 -68.68
N PHE G 107 -23.19 -25.73 -68.14
CA PHE G 107 -23.67 -27.10 -68.05
C PHE G 107 -22.71 -28.04 -67.28
N SER G 108 -22.11 -27.49 -66.23
CA SER G 108 -21.33 -28.22 -65.24
C SER G 108 -20.27 -29.16 -65.84
N HIS G 109 -20.58 -30.46 -65.87
CA HIS G 109 -19.57 -31.46 -66.18
C HIS G 109 -19.42 -31.66 -67.69
N MET G 110 -20.45 -31.28 -68.45
CA MET G 110 -20.33 -31.16 -69.89
C MET G 110 -19.10 -30.32 -70.28
N PHE G 111 -18.86 -29.22 -69.56
CA PHE G 111 -17.79 -28.29 -69.91
C PHE G 111 -16.39 -28.87 -69.73
N ASP G 112 -16.06 -29.27 -68.51
CA ASP G 112 -14.75 -29.83 -68.20
C ASP G 112 -14.58 -31.27 -68.71
N GLY G 113 -15.69 -31.96 -68.95
CA GLY G 113 -15.69 -33.38 -69.34
C GLY G 113 -15.79 -33.70 -70.82
N ARG G 114 -16.47 -32.84 -71.60
CA ARG G 114 -16.61 -33.03 -73.05
C ARG G 114 -16.01 -31.91 -73.88
N PHE G 115 -16.45 -30.68 -73.61
CA PHE G 115 -16.11 -29.51 -74.46
C PHE G 115 -14.64 -29.13 -74.47
N ILE G 116 -14.08 -28.81 -73.31
CA ILE G 116 -12.67 -28.37 -73.22
C ILE G 116 -11.69 -29.42 -73.77
N PRO G 117 -11.87 -30.71 -73.41
CA PRO G 117 -11.08 -31.76 -74.05
C PRO G 117 -11.10 -31.79 -75.59
N LEU G 118 -12.23 -31.45 -76.19
CA LEU G 118 -12.35 -31.41 -77.66
C LEU G 118 -11.83 -30.10 -78.23
N ALA G 119 -12.25 -28.98 -77.64
CA ALA G 119 -11.86 -27.65 -78.11
C ALA G 119 -10.36 -27.37 -77.98
N ARG G 120 -9.76 -27.82 -76.87
CA ARG G 120 -8.35 -27.55 -76.59
C ARG G 120 -7.66 -28.79 -76.01
N PRO G 121 -7.37 -29.78 -76.89
CA PRO G 121 -6.76 -31.06 -76.48
C PRO G 121 -5.41 -30.93 -75.79
N GLU G 122 -4.68 -29.86 -76.08
CA GLU G 122 -3.39 -29.57 -75.42
C GLU G 122 -3.47 -29.38 -73.90
N VAL G 123 -4.56 -28.81 -73.39
CA VAL G 123 -4.66 -28.41 -71.97
C VAL G 123 -5.17 -29.57 -71.11
N LYS G 124 -4.63 -29.68 -69.90
CA LYS G 124 -5.21 -30.51 -68.85
C LYS G 124 -5.89 -29.54 -67.88
N TRP G 125 -7.22 -29.43 -67.99
CA TRP G 125 -8.01 -28.49 -67.17
C TRP G 125 -9.21 -29.19 -66.53
N THR G 126 -9.47 -28.87 -65.25
CA THR G 126 -10.59 -29.45 -64.49
C THR G 126 -11.40 -28.35 -63.80
N HIS G 127 -12.63 -28.67 -63.42
CA HIS G 127 -13.49 -27.71 -62.74
C HIS G 127 -12.85 -27.23 -61.41
N GLU G 128 -12.09 -28.13 -60.76
CA GLU G 128 -11.40 -27.83 -59.51
C GLU G 128 -10.33 -26.75 -59.70
N GLN G 129 -9.47 -26.93 -60.69
CA GLN G 129 -8.44 -25.95 -60.99
C GLN G 129 -9.06 -24.58 -61.21
N GLY G 130 -10.19 -24.58 -61.94
CA GLY G 130 -10.98 -23.39 -62.15
C GLY G 130 -11.44 -22.76 -60.85
N SER G 131 -11.93 -23.59 -59.92
CA SER G 131 -12.40 -23.09 -58.64
C SER G 131 -11.31 -22.36 -57.85
N VAL G 132 -10.09 -22.91 -57.86
CA VAL G 132 -8.96 -22.25 -57.21
C VAL G 132 -8.70 -20.86 -57.78
N MET G 133 -8.61 -20.80 -59.10
CA MET G 133 -8.37 -19.54 -59.79
C MET G 133 -9.50 -18.55 -59.57
N MET G 134 -10.73 -19.04 -59.70
CA MET G 134 -11.92 -18.21 -59.49
C MET G 134 -11.99 -17.71 -58.03
N PHE G 135 -11.57 -18.56 -57.08
CA PHE G 135 -11.51 -18.16 -55.67
C PHE G 135 -10.56 -16.99 -55.47
N GLU G 136 -9.35 -17.13 -56.01
CA GLU G 136 -8.34 -16.07 -56.01
C GLU G 136 -8.94 -14.76 -56.57
N HIS G 137 -9.55 -14.85 -57.76
CA HIS G 137 -10.18 -13.68 -58.40
C HIS G 137 -11.29 -13.08 -57.53
N LEU G 138 -12.08 -13.94 -56.88
CA LEU G 138 -13.14 -13.47 -55.99
C LEU G 138 -12.59 -12.66 -54.83
N ILE G 139 -11.58 -13.22 -54.17
CA ILE G 139 -10.96 -12.59 -53.01
C ILE G 139 -10.38 -11.22 -53.36
N ASN G 140 -9.64 -11.17 -54.46
CA ASN G 140 -8.91 -9.96 -54.84
C ASN G 140 -9.82 -8.86 -55.35
N SER G 141 -10.73 -9.22 -56.26
CA SER G 141 -11.65 -8.23 -56.84
C SER G 141 -12.71 -7.70 -55.85
N ASN G 142 -12.92 -8.36 -54.71
CA ASN G 142 -13.94 -7.92 -53.74
C ASN G 142 -13.38 -7.53 -52.36
N GLY G 143 -12.06 -7.46 -52.20
CA GLY G 143 -11.45 -7.00 -50.95
C GLY G 143 -11.82 -7.81 -49.73
N ILE G 144 -11.72 -9.12 -49.87
CA ILE G 144 -12.14 -10.05 -48.82
C ILE G 144 -11.05 -10.24 -47.78
N LYS G 145 -9.79 -10.19 -48.21
CA LYS G 145 -8.65 -10.31 -47.31
C LYS G 145 -8.78 -9.50 -45.98
N PRO G 146 -9.13 -8.19 -46.05
CA PRO G 146 -9.41 -7.42 -44.83
C PRO G 146 -10.49 -8.01 -43.92
N VAL G 147 -11.54 -8.56 -44.55
CA VAL G 147 -12.69 -9.12 -43.84
C VAL G 147 -12.29 -10.44 -43.18
N MET G 148 -11.45 -11.22 -43.85
CA MET G 148 -10.95 -12.47 -43.28
C MET G 148 -10.17 -12.18 -42.00
N GLU G 149 -9.28 -11.20 -42.08
CA GLU G 149 -8.52 -10.72 -40.92
C GLU G 149 -9.44 -10.27 -39.79
N GLN G 150 -10.45 -9.48 -40.13
CA GLN G 150 -11.46 -9.02 -39.16
C GLN G 150 -12.08 -10.15 -38.34
N TYR G 151 -12.28 -11.32 -38.96
CA TYR G 151 -12.84 -12.50 -38.27
C TYR G 151 -11.79 -13.55 -37.88
N GLY G 152 -10.57 -13.11 -37.62
CA GLY G 152 -9.53 -13.96 -37.04
C GLY G 152 -8.81 -14.91 -37.95
N LEU G 153 -8.95 -14.75 -39.27
CA LEU G 153 -8.18 -15.56 -40.22
C LEU G 153 -6.84 -14.94 -40.54
N ILE G 154 -5.96 -15.75 -41.11
CA ILE G 154 -4.64 -15.33 -41.57
C ILE G 154 -4.56 -15.66 -43.06
N PRO G 155 -4.86 -14.67 -43.93
CA PRO G 155 -4.91 -14.91 -45.38
C PRO G 155 -3.73 -15.68 -45.99
N GLU G 156 -2.50 -15.37 -45.58
CA GLU G 156 -1.31 -16.10 -46.05
C GLU G 156 -1.53 -17.61 -45.92
N GLU G 157 -1.68 -18.06 -44.68
CA GLU G 157 -1.85 -19.47 -44.37
C GLU G 157 -3.18 -20.02 -44.86
N ASP G 158 -4.26 -19.30 -44.60
CA ASP G 158 -5.60 -19.85 -44.77
C ASP G 158 -6.09 -19.92 -46.20
N ILE G 159 -5.75 -18.94 -47.02
CA ILE G 159 -6.14 -18.98 -48.44
C ILE G 159 -5.47 -20.17 -49.14
N CYS G 160 -4.25 -20.53 -48.70
CA CYS G 160 -3.62 -21.77 -49.16
C CYS G 160 -4.41 -22.99 -48.70
N PHE G 161 -4.74 -23.02 -47.41
CA PHE G 161 -5.51 -24.11 -46.81
C PHE G 161 -6.84 -24.35 -47.53
N ILE G 162 -7.52 -23.27 -47.88
CA ILE G 162 -8.80 -23.35 -48.60
C ILE G 162 -8.57 -23.94 -50.00
N LYS G 163 -7.60 -23.40 -50.73
CA LYS G 163 -7.26 -23.90 -52.08
C LYS G 163 -6.88 -25.36 -52.02
N GLU G 164 -6.06 -25.71 -51.03
CA GLU G 164 -5.62 -27.09 -50.85
C GLU G 164 -6.76 -28.06 -50.58
N GLN G 165 -7.77 -27.63 -49.81
CA GLN G 165 -8.96 -28.47 -49.59
C GLN G 165 -9.62 -28.84 -50.92
N ILE G 166 -9.66 -27.87 -51.85
CA ILE G 166 -10.39 -28.00 -53.10
C ILE G 166 -9.67 -28.91 -54.10
N VAL G 167 -8.40 -28.58 -54.40
CA VAL G 167 -7.63 -29.29 -55.44
C VAL G 167 -6.58 -30.28 -54.93
N GLY G 168 -6.37 -30.33 -53.63
CA GLY G 168 -5.25 -31.11 -53.07
C GLY G 168 -4.00 -30.26 -53.04
N PRO G 169 -2.82 -30.90 -52.93
CA PRO G 169 -1.61 -30.12 -52.65
C PRO G 169 -1.10 -29.24 -53.76
N LEU G 170 -0.70 -28.02 -53.42
CA LEU G 170 -0.14 -27.09 -54.40
C LEU G 170 1.35 -27.41 -54.74
N GLU G 171 1.91 -28.56 -54.32
CA GLU G 171 3.29 -28.94 -54.63
C GLU G 171 3.39 -30.46 -54.81
N LEU G 178 6.83 -37.52 -47.25
CA LEU G 178 6.65 -36.42 -46.31
C LEU G 178 5.28 -35.73 -46.48
N TRP G 179 4.93 -34.88 -45.52
CA TRP G 179 3.64 -34.17 -45.49
C TRP G 179 3.50 -33.11 -46.60
N PRO G 180 2.62 -33.33 -47.59
CA PRO G 180 2.56 -32.44 -48.76
C PRO G 180 1.87 -31.07 -48.60
N TYR G 181 1.16 -30.82 -47.48
CA TYR G 181 0.37 -29.61 -47.35
C TYR G 181 1.14 -28.50 -46.62
N LYS G 182 1.05 -27.28 -47.14
CA LYS G 182 1.60 -26.10 -46.50
C LYS G 182 0.55 -25.33 -45.68
N GLY G 183 -0.74 -25.63 -45.90
CA GLY G 183 -1.83 -24.88 -45.27
C GLY G 183 -2.05 -25.22 -43.80
N ARG G 184 -1.99 -26.51 -43.47
CA ARG G 184 -2.10 -26.98 -42.09
C ARG G 184 -1.09 -28.09 -41.81
N PRO G 185 -0.71 -28.27 -40.54
CA PRO G 185 0.19 -29.36 -40.14
C PRO G 185 -0.47 -30.75 -40.14
N GLU G 186 0.33 -31.79 -39.90
CA GLU G 186 -0.14 -33.20 -39.91
C GLU G 186 -1.17 -33.52 -38.82
N ASN G 187 -1.10 -32.81 -37.70
CA ASN G 187 -2.04 -32.99 -36.59
C ASN G 187 -3.46 -32.46 -36.88
N LYS G 188 -3.66 -31.86 -38.05
CA LYS G 188 -4.99 -31.50 -38.54
C LYS G 188 -5.23 -31.97 -39.97
N SER G 189 -4.72 -33.15 -40.31
CA SER G 189 -4.93 -33.72 -41.66
C SER G 189 -6.39 -34.10 -41.92
N PHE G 190 -7.11 -34.46 -40.85
CA PHE G 190 -8.53 -34.77 -40.94
C PHE G 190 -9.35 -33.67 -41.60
N LEU G 191 -8.95 -32.42 -41.44
CA LEU G 191 -9.66 -31.31 -42.10
C LEU G 191 -9.67 -31.41 -43.63
N TYR G 192 -8.59 -31.96 -44.20
CA TYR G 192 -8.52 -32.14 -45.67
C TYR G 192 -9.46 -33.22 -46.22
N GLU G 193 -9.93 -34.10 -45.34
CA GLU G 193 -10.89 -35.16 -45.69
C GLU G 193 -12.38 -34.73 -45.68
N ILE G 194 -12.70 -33.46 -45.41
CA ILE G 194 -14.11 -33.04 -45.29
C ILE G 194 -14.74 -32.65 -46.63
N VAL G 195 -14.12 -31.69 -47.30
CA VAL G 195 -14.73 -31.09 -48.51
C VAL G 195 -14.50 -31.97 -49.73
N SER G 196 -13.26 -32.42 -49.91
CA SER G 196 -12.88 -33.25 -51.05
C SER G 196 -11.82 -34.24 -50.60
N ASN G 197 -12.27 -35.48 -50.36
CA ASN G 197 -11.51 -36.53 -49.69
C ASN G 197 -10.69 -37.29 -50.74
N LYS G 198 -9.39 -37.00 -50.78
CA LYS G 198 -8.49 -37.61 -51.74
C LYS G 198 -8.20 -39.09 -51.41
N ARG G 199 -8.35 -39.47 -50.15
CA ARG G 199 -8.02 -40.82 -49.68
C ARG G 199 -8.96 -41.89 -50.18
N ASN G 200 -10.25 -41.68 -49.92
CA ASN G 200 -11.31 -42.65 -50.23
C ASN G 200 -12.51 -42.09 -51.01
N GLY G 201 -12.68 -40.78 -51.05
CA GLY G 201 -13.79 -40.16 -51.77
C GLY G 201 -15.02 -39.88 -50.92
N ILE G 202 -15.04 -40.30 -49.66
CA ILE G 202 -16.17 -40.01 -48.77
C ILE G 202 -16.03 -38.54 -48.30
N ASP G 203 -16.80 -37.65 -48.92
CA ASP G 203 -16.80 -36.21 -48.61
C ASP G 203 -18.22 -35.64 -48.57
N VAL G 204 -18.35 -34.42 -48.04
CA VAL G 204 -19.68 -33.78 -47.93
C VAL G 204 -20.21 -33.27 -49.28
N ASP G 205 -19.31 -33.11 -50.26
CA ASP G 205 -19.70 -32.81 -51.66
C ASP G 205 -20.71 -33.87 -52.10
N LYS G 206 -20.34 -35.15 -51.94
CA LYS G 206 -21.22 -36.28 -52.27
C LYS G 206 -22.53 -36.24 -51.50
N TRP G 207 -22.43 -35.98 -50.19
CA TRP G 207 -23.60 -36.07 -49.32
C TRP G 207 -24.68 -35.08 -49.71
N ASP G 208 -24.27 -33.86 -50.08
CA ASP G 208 -25.23 -32.85 -50.52
C ASP G 208 -25.89 -33.28 -51.82
N TYR G 209 -25.08 -33.56 -52.85
CA TYR G 209 -25.65 -33.81 -54.19
C TYR G 209 -26.47 -35.09 -54.27
N PHE G 210 -26.19 -36.08 -53.43
CA PHE G 210 -27.08 -37.23 -53.29
C PHE G 210 -28.46 -36.75 -52.90
N ALA G 211 -28.53 -36.05 -51.77
CA ALA G 211 -29.80 -35.55 -51.25
C ALA G 211 -30.46 -34.58 -52.22
N ARG G 212 -29.66 -33.66 -52.77
CA ARG G 212 -30.17 -32.61 -53.63
C ARG G 212 -30.63 -33.14 -54.97
N ASP G 213 -29.76 -33.88 -55.64
CA ASP G 213 -30.11 -34.39 -56.97
C ASP G 213 -31.36 -35.29 -56.86
N CYS G 214 -31.38 -36.19 -55.89
CA CYS G 214 -32.56 -37.04 -55.64
C CYS G 214 -33.86 -36.24 -55.47
N HIS G 215 -33.83 -35.21 -54.63
CA HIS G 215 -35.00 -34.36 -54.34
C HIS G 215 -35.59 -33.80 -55.63
N HIS G 216 -34.72 -33.25 -56.47
CA HIS G 216 -35.09 -32.60 -57.72
C HIS G 216 -35.33 -33.62 -58.87
N LEU G 217 -34.59 -34.73 -58.92
CA LEU G 217 -34.73 -35.72 -60.01
C LEU G 217 -36.08 -36.43 -60.01
N GLY G 218 -36.47 -36.89 -58.82
CA GLY G 218 -37.57 -37.83 -58.63
C GLY G 218 -37.06 -39.24 -58.41
N ILE G 219 -36.05 -39.36 -57.55
CA ILE G 219 -35.47 -40.63 -57.11
C ILE G 219 -35.29 -40.49 -55.60
N GLN G 220 -35.48 -41.59 -54.86
CA GLN G 220 -35.25 -41.55 -53.40
C GLN G 220 -33.80 -41.93 -53.11
N ASN G 221 -33.23 -41.24 -52.13
CA ASN G 221 -31.83 -41.37 -51.76
C ASN G 221 -31.73 -42.42 -50.65
N ASN G 222 -30.76 -43.32 -50.79
CA ASN G 222 -30.58 -44.43 -49.82
C ASN G 222 -29.40 -44.27 -48.84
N PHE G 223 -28.97 -43.04 -48.61
CA PHE G 223 -27.79 -42.78 -47.75
C PHE G 223 -28.03 -41.68 -46.72
N ASP G 224 -27.73 -41.99 -45.46
CA ASP G 224 -27.98 -41.11 -44.32
C ASP G 224 -26.66 -40.49 -43.88
N TYR G 225 -26.43 -39.25 -44.34
CA TYR G 225 -25.21 -38.53 -44.00
C TYR G 225 -25.16 -38.16 -42.52
N LYS G 226 -26.33 -37.79 -41.99
CA LYS G 226 -26.46 -37.40 -40.59
C LYS G 226 -25.98 -38.50 -39.65
N ARG G 227 -26.34 -39.73 -39.98
CA ARG G 227 -25.96 -40.88 -39.18
C ARG G 227 -24.45 -41.11 -39.22
N PHE G 228 -23.87 -41.01 -40.41
CA PHE G 228 -22.43 -41.21 -40.53
C PHE G 228 -21.64 -40.22 -39.68
N ILE G 229 -22.14 -38.97 -39.63
CA ILE G 229 -21.59 -37.91 -38.77
C ILE G 229 -21.65 -38.29 -37.30
N LYS G 230 -22.76 -38.85 -36.85
CA LYS G 230 -22.86 -39.28 -35.43
C LYS G 230 -21.83 -40.37 -35.09
N PHE G 231 -21.44 -41.20 -36.07
CA PHE G 231 -20.44 -42.26 -35.88
C PHE G 231 -19.12 -41.98 -36.59
N ALA G 232 -18.76 -40.71 -36.70
CA ALA G 232 -17.47 -40.33 -37.21
C ALA G 232 -16.58 -39.92 -36.05
N ARG G 233 -15.29 -40.05 -36.24
CA ARG G 233 -14.32 -39.88 -35.17
C ARG G 233 -12.89 -39.83 -35.74
N VAL G 234 -12.05 -38.99 -35.14
CA VAL G 234 -10.65 -38.88 -35.56
C VAL G 234 -9.80 -39.82 -34.73
N CYS G 235 -8.95 -40.59 -35.40
CA CYS G 235 -7.98 -41.48 -34.75
C CYS G 235 -6.63 -41.33 -35.43
N GLU G 236 -5.59 -41.80 -34.76
CA GLU G 236 -4.25 -41.81 -35.35
C GLU G 236 -4.14 -42.99 -36.31
N VAL G 237 -3.66 -42.71 -37.52
CA VAL G 237 -3.36 -43.73 -38.52
C VAL G 237 -2.05 -43.36 -39.20
N ASP G 238 -1.00 -44.16 -38.98
CA ASP G 238 0.32 -43.94 -39.57
C ASP G 238 0.83 -42.51 -39.32
N ASN G 239 0.95 -42.15 -38.04
CA ASN G 239 1.54 -40.88 -37.60
C ASN G 239 0.81 -39.63 -38.11
N GLU G 240 -0.51 -39.73 -38.19
CA GLU G 240 -1.33 -38.73 -38.85
C GLU G 240 -2.77 -38.91 -38.36
N LEU G 241 -3.45 -37.80 -38.04
CA LEU G 241 -4.82 -37.86 -37.50
C LEU G 241 -5.91 -37.80 -38.58
N ARG G 242 -6.61 -38.91 -38.83
CA ARG G 242 -7.60 -38.99 -39.91
C ARG G 242 -8.96 -39.45 -39.43
N ILE G 243 -9.99 -39.08 -40.19
CA ILE G 243 -11.37 -39.42 -39.87
C ILE G 243 -11.55 -40.92 -40.05
N CYS G 244 -12.24 -41.52 -39.07
CA CYS G 244 -12.60 -42.93 -39.07
C CYS G 244 -14.07 -43.10 -38.77
N ALA G 245 -14.69 -44.10 -39.38
CA ALA G 245 -16.08 -44.46 -39.11
C ALA G 245 -16.13 -45.67 -38.21
N ARG G 246 -17.28 -45.88 -37.58
CA ARG G 246 -17.46 -47.02 -36.70
C ARG G 246 -17.53 -48.31 -37.52
N ASP G 247 -16.96 -49.38 -36.97
CA ASP G 247 -17.00 -50.70 -37.60
C ASP G 247 -18.35 -51.13 -38.21
N LYS G 248 -19.45 -50.89 -37.50
CA LYS G 248 -20.79 -51.25 -38.00
C LYS G 248 -21.21 -50.50 -39.29
N GLU G 249 -20.74 -49.27 -39.46
CA GLU G 249 -21.07 -48.45 -40.64
C GLU G 249 -20.48 -48.97 -41.95
N VAL G 250 -19.53 -49.90 -41.91
CA VAL G 250 -18.91 -50.41 -43.13
C VAL G 250 -19.96 -50.80 -44.20
N GLY G 251 -21.06 -51.42 -43.78
CA GLY G 251 -22.15 -51.78 -44.69
C GLY G 251 -22.73 -50.58 -45.41
N ASN G 252 -23.03 -49.54 -44.63
CA ASN G 252 -23.61 -48.30 -45.18
C ASN G 252 -22.67 -47.58 -46.13
N LEU G 253 -21.38 -47.72 -45.88
CA LEU G 253 -20.36 -47.12 -46.73
C LEU G 253 -20.27 -47.80 -48.10
N TYR G 254 -20.36 -49.11 -48.17
CA TYR G 254 -20.44 -49.79 -49.48
C TYR G 254 -21.73 -49.35 -50.20
N ASP G 255 -22.81 -49.19 -49.43
CA ASP G 255 -24.10 -48.75 -49.95
C ASP G 255 -24.07 -47.28 -50.42
N MET G 256 -23.19 -46.46 -49.82
CA MET G 256 -22.97 -45.09 -50.31
C MET G 256 -22.46 -45.12 -51.76
N PHE G 257 -21.41 -45.89 -52.02
CA PHE G 257 -20.84 -45.96 -53.37
C PHE G 257 -21.75 -46.71 -54.36
N HIS G 258 -22.58 -47.63 -53.86
CA HIS G 258 -23.64 -48.25 -54.69
C HIS G 258 -24.65 -47.20 -55.13
N THR G 259 -25.14 -46.41 -54.16
CA THR G 259 -26.05 -45.30 -54.43
C THR G 259 -25.44 -44.34 -55.46
N ARG G 260 -24.15 -44.04 -55.33
CA ARG G 260 -23.46 -43.18 -56.31
C ARG G 260 -23.52 -43.76 -57.72
N ASN G 261 -23.09 -45.01 -57.84
CA ASN G 261 -23.07 -45.71 -59.13
C ASN G 261 -24.47 -45.82 -59.71
N SER G 262 -25.45 -46.10 -58.84
CA SER G 262 -26.84 -46.18 -59.24
C SER G 262 -27.35 -44.85 -59.84
N LEU G 263 -27.03 -43.72 -59.20
CA LEU G 263 -27.41 -42.39 -59.70
C LEU G 263 -26.77 -42.04 -61.04
N HIS G 264 -25.53 -42.48 -61.24
CA HIS G 264 -24.88 -42.33 -62.53
C HIS G 264 -25.60 -43.13 -63.60
N ARG G 265 -25.94 -44.39 -63.28
CA ARG G 265 -26.64 -45.25 -64.23
C ARG G 265 -27.99 -44.68 -64.61
N ARG G 266 -28.79 -44.31 -63.63
CA ARG G 266 -30.16 -43.86 -63.89
C ARG G 266 -30.24 -42.46 -64.46
N ALA G 267 -29.40 -41.55 -63.95
CA ALA G 267 -29.54 -40.13 -64.22
C ALA G 267 -28.37 -39.50 -64.96
N TYR G 268 -27.22 -39.42 -64.30
CA TYR G 268 -26.12 -38.56 -64.77
C TYR G 268 -25.57 -38.98 -66.14
N GLN G 269 -25.49 -40.30 -66.33
CA GLN G 269 -25.09 -40.90 -67.61
C GLN G 269 -26.27 -41.45 -68.41
N HIS G 270 -27.45 -40.86 -68.24
CA HIS G 270 -28.63 -41.29 -68.98
C HIS G 270 -28.39 -41.12 -70.48
N LYS G 271 -28.73 -42.16 -71.24
CA LYS G 271 -28.39 -42.25 -72.68
C LYS G 271 -28.74 -41.00 -73.51
N VAL G 272 -29.91 -40.43 -73.21
CA VAL G 272 -30.39 -39.21 -73.86
C VAL G 272 -29.78 -37.95 -73.23
N GLY G 273 -29.59 -37.97 -71.92
CA GLY G 273 -28.94 -36.86 -71.22
C GLY G 273 -27.56 -36.62 -71.77
N ASN G 274 -26.83 -37.71 -71.99
CA ASN G 274 -25.51 -37.70 -72.59
C ASN G 274 -25.52 -37.25 -74.07
N ILE G 275 -26.52 -37.67 -74.83
CA ILE G 275 -26.57 -37.25 -76.23
C ILE G 275 -26.89 -35.75 -76.35
N ILE G 276 -27.69 -35.24 -75.43
CA ILE G 276 -27.96 -33.81 -75.39
C ILE G 276 -26.71 -33.01 -74.98
N ASP G 277 -25.99 -33.52 -73.98
CA ASP G 277 -24.67 -32.98 -73.60
C ASP G 277 -23.76 -32.90 -74.87
N THR G 278 -23.61 -34.02 -75.61
CA THR G 278 -22.73 -34.05 -76.81
C THR G 278 -23.23 -33.07 -77.88
N MET G 279 -24.54 -32.92 -78.01
CA MET G 279 -25.14 -31.99 -78.96
C MET G 279 -24.91 -30.53 -78.60
N ILE G 280 -25.04 -30.22 -77.32
CA ILE G 280 -24.73 -28.86 -76.84
C ILE G 280 -23.23 -28.58 -77.00
N THR G 281 -22.39 -29.53 -76.62
CA THR G 281 -20.93 -29.47 -76.84
C THR G 281 -20.61 -29.21 -78.32
N ASP G 282 -21.26 -29.96 -79.20
CA ASP G 282 -21.10 -29.83 -80.66
C ASP G 282 -21.40 -28.39 -81.09
N ALA G 283 -22.53 -27.86 -80.62
CA ALA G 283 -22.94 -26.49 -80.93
C ALA G 283 -21.96 -25.44 -80.41
N PHE G 284 -21.39 -25.68 -79.23
CA PHE G 284 -20.39 -24.78 -78.66
C PHE G 284 -19.14 -24.78 -79.52
N LEU G 285 -18.71 -25.97 -79.95
CA LEU G 285 -17.54 -26.08 -80.81
C LEU G 285 -17.70 -25.28 -82.10
N LYS G 286 -18.88 -25.34 -82.70
CA LYS G 286 -19.16 -24.59 -83.93
C LYS G 286 -19.32 -23.10 -83.70
N ALA G 287 -19.79 -22.72 -82.53
CA ALA G 287 -19.93 -21.31 -82.16
C ALA G 287 -18.65 -20.67 -81.60
N ASP G 288 -17.65 -21.47 -81.23
CA ASP G 288 -16.50 -20.99 -80.43
C ASP G 288 -15.75 -19.84 -81.09
N ASP G 289 -15.51 -19.98 -82.39
CA ASP G 289 -14.74 -19.01 -83.18
C ASP G 289 -15.37 -17.64 -83.25
N TYR G 290 -16.70 -17.57 -83.22
CA TYR G 290 -17.42 -16.31 -83.47
C TYR G 290 -18.03 -15.65 -82.22
N ILE G 291 -17.82 -16.22 -81.04
CA ILE G 291 -18.29 -15.60 -79.80
C ILE G 291 -17.11 -15.01 -79.05
N GLU G 292 -17.24 -13.72 -78.75
CA GLU G 292 -16.27 -12.97 -77.98
C GLU G 292 -16.84 -12.73 -76.57
N ILE G 293 -15.95 -12.79 -75.57
CA ILE G 293 -16.31 -12.46 -74.19
C ILE G 293 -15.24 -11.51 -73.65
N THR G 294 -15.69 -10.38 -73.12
CA THR G 294 -14.80 -9.34 -72.61
C THR G 294 -14.17 -9.82 -71.34
N GLY G 295 -12.84 -9.73 -71.28
CA GLY G 295 -12.08 -10.16 -70.11
C GLY G 295 -11.40 -9.01 -69.40
N ALA G 296 -10.26 -9.32 -68.79
CA ALA G 296 -9.51 -8.35 -68.01
C ALA G 296 -8.81 -7.35 -68.93
N GLY G 297 -8.97 -6.07 -68.61
CA GLY G 297 -8.51 -4.98 -69.44
C GLY G 297 -9.15 -4.93 -70.81
N GLY G 298 -10.34 -5.53 -70.94
CA GLY G 298 -11.03 -5.62 -72.22
C GLY G 298 -10.54 -6.63 -73.25
N LYS G 299 -9.54 -7.47 -72.95
CA LYS G 299 -9.05 -8.46 -73.94
C LYS G 299 -10.19 -9.41 -74.36
N LYS G 300 -10.21 -9.80 -75.63
CA LYS G 300 -11.30 -10.65 -76.16
C LYS G 300 -10.96 -12.13 -75.97
N TYR G 301 -11.87 -12.86 -75.32
CA TYR G 301 -11.69 -14.31 -75.11
C TYR G 301 -12.85 -15.09 -75.76
N ARG G 302 -12.54 -16.29 -76.24
CA ARG G 302 -13.52 -17.22 -76.81
C ARG G 302 -14.04 -18.13 -75.70
N ILE G 303 -15.05 -18.95 -76.03
CA ILE G 303 -15.64 -19.82 -75.02
C ILE G 303 -14.57 -20.74 -74.45
N SER G 304 -13.78 -21.34 -75.35
CA SER G 304 -12.72 -22.26 -74.95
C SER G 304 -11.55 -21.61 -74.20
N THR G 305 -11.29 -20.33 -74.44
CA THR G 305 -10.16 -19.61 -73.80
C THR G 305 -10.53 -18.76 -72.59
N ALA G 306 -11.83 -18.62 -72.31
CA ALA G 306 -12.28 -17.88 -71.14
C ALA G 306 -11.75 -18.47 -69.83
N ILE G 307 -11.52 -19.78 -69.80
CA ILE G 307 -10.90 -20.44 -68.63
C ILE G 307 -9.53 -19.88 -68.23
N ASP G 308 -8.82 -19.26 -69.17
CA ASP G 308 -7.53 -18.65 -68.88
C ASP G 308 -7.63 -17.37 -68.07
N ASP G 309 -8.70 -16.59 -68.30
CA ASP G 309 -8.95 -15.36 -67.55
C ASP G 309 -10.25 -15.48 -66.75
N MET G 310 -10.20 -15.17 -65.46
CA MET G 310 -11.37 -15.30 -64.58
C MET G 310 -12.39 -14.18 -64.69
N GLU G 311 -11.96 -12.99 -65.06
CA GLU G 311 -12.90 -11.89 -65.25
C GLU G 311 -13.83 -12.19 -66.43
N ALA G 312 -13.29 -12.84 -67.45
CA ALA G 312 -14.09 -13.29 -68.60
C ALA G 312 -14.98 -14.47 -68.21
N TYR G 313 -14.38 -15.48 -67.59
CA TYR G 313 -15.07 -16.71 -67.16
C TYR G 313 -16.25 -16.45 -66.21
N THR G 314 -16.16 -15.37 -65.44
CA THR G 314 -17.25 -14.88 -64.60
C THR G 314 -18.55 -14.69 -65.41
N LYS G 315 -18.43 -14.20 -66.64
CA LYS G 315 -19.57 -13.96 -67.51
C LYS G 315 -19.99 -15.18 -68.36
N LEU G 316 -19.28 -16.31 -68.22
CA LEU G 316 -19.53 -17.51 -69.02
C LEU G 316 -20.37 -18.52 -68.25
N THR G 317 -21.65 -18.60 -68.60
CA THR G 317 -22.63 -19.42 -67.89
C THR G 317 -23.50 -20.15 -68.92
N ASP G 318 -24.53 -20.87 -68.44
CA ASP G 318 -25.55 -21.49 -69.30
C ASP G 318 -26.19 -20.51 -70.29
N ASN G 319 -26.20 -19.22 -69.96
CA ASN G 319 -26.59 -18.14 -70.89
C ASN G 319 -26.12 -18.34 -72.31
N ILE G 320 -24.89 -18.84 -72.44
CA ILE G 320 -24.26 -18.99 -73.73
C ILE G 320 -25.09 -19.89 -74.68
N PHE G 321 -25.83 -20.83 -74.12
CA PHE G 321 -26.84 -21.63 -74.83
C PHE G 321 -27.88 -20.74 -75.51
N LEU G 322 -28.57 -19.94 -74.72
CA LEU G 322 -29.63 -19.07 -75.22
C LEU G 322 -29.11 -17.94 -76.10
N GLU G 323 -27.89 -17.49 -75.81
CA GLU G 323 -27.23 -16.49 -76.65
C GLU G 323 -27.14 -17.06 -78.06
N ILE G 324 -26.62 -18.30 -78.19
CA ILE G 324 -26.51 -18.99 -79.48
C ILE G 324 -27.89 -19.21 -80.12
N LEU G 325 -28.85 -19.66 -79.32
CA LEU G 325 -30.18 -19.98 -79.83
C LEU G 325 -30.87 -18.76 -80.41
N TYR G 326 -30.87 -17.68 -79.64
CA TYR G 326 -31.55 -16.45 -80.03
C TYR G 326 -30.83 -15.60 -81.09
N SER G 327 -29.55 -15.88 -81.38
CA SER G 327 -28.76 -15.03 -82.29
C SER G 327 -29.27 -15.05 -83.72
N THR G 328 -28.91 -13.99 -84.44
CA THR G 328 -29.18 -13.86 -85.87
C THR G 328 -27.89 -13.73 -86.71
N ASP G 329 -26.71 -13.71 -86.06
CA ASP G 329 -25.44 -13.72 -86.77
C ASP G 329 -25.38 -14.98 -87.65
N PRO G 330 -25.23 -14.80 -88.98
CA PRO G 330 -25.12 -15.98 -89.84
C PRO G 330 -23.86 -16.85 -89.64
N LYS G 331 -22.81 -16.29 -89.03
CA LYS G 331 -21.63 -17.08 -88.65
C LYS G 331 -21.98 -18.17 -87.65
N LEU G 332 -23.00 -17.92 -86.84
CA LEU G 332 -23.51 -18.89 -85.85
C LEU G 332 -24.63 -19.81 -86.34
N LYS G 333 -24.95 -19.81 -87.65
CA LYS G 333 -26.08 -20.58 -88.14
C LYS G 333 -25.90 -22.09 -87.92
N ASP G 334 -24.72 -22.60 -88.14
CA ASP G 334 -24.40 -24.01 -87.88
C ASP G 334 -24.68 -24.41 -86.41
N ALA G 335 -24.21 -23.59 -85.47
CA ALA G 335 -24.39 -23.85 -84.05
C ALA G 335 -25.85 -23.71 -83.65
N ARG G 336 -26.49 -22.63 -84.07
CA ARG G 336 -27.92 -22.39 -83.79
C ARG G 336 -28.84 -23.51 -84.30
N GLU G 337 -28.48 -24.12 -85.42
CA GLU G 337 -29.29 -25.21 -85.98
C GLU G 337 -29.24 -26.46 -85.12
N ILE G 338 -28.07 -26.77 -84.53
CA ILE G 338 -27.98 -27.91 -83.61
C ILE G 338 -28.88 -27.68 -82.40
N LEU G 339 -28.83 -26.48 -81.82
CA LEU G 339 -29.63 -26.16 -80.65
C LEU G 339 -31.13 -26.14 -80.96
N LYS G 340 -31.50 -25.66 -82.14
CA LYS G 340 -32.91 -25.74 -82.56
C LYS G 340 -33.38 -27.19 -82.69
N GLN G 341 -32.50 -28.07 -83.16
CA GLN G 341 -32.80 -29.51 -83.23
C GLN G 341 -33.06 -30.16 -81.86
N ILE G 342 -32.52 -29.57 -80.78
CA ILE G 342 -32.80 -30.03 -79.41
C ILE G 342 -34.18 -29.62 -78.91
N GLU G 343 -34.61 -28.41 -79.28
CA GLU G 343 -35.95 -27.94 -78.95
C GLU G 343 -36.98 -28.86 -79.59
N TYR G 344 -36.86 -29.00 -80.91
CA TYR G 344 -37.75 -29.86 -81.72
C TYR G 344 -37.61 -31.36 -81.43
N ARG G 345 -36.50 -31.75 -80.80
CA ARG G 345 -36.27 -33.11 -80.32
C ARG G 345 -35.86 -34.07 -81.45
N ASN G 346 -35.15 -33.55 -82.46
CA ASN G 346 -34.49 -34.38 -83.49
C ASN G 346 -33.08 -34.66 -83.04
N LEU G 347 -32.99 -35.52 -82.04
CA LEU G 347 -31.74 -35.85 -81.43
C LEU G 347 -31.13 -36.98 -82.23
N PHE G 348 -29.83 -37.13 -82.07
CA PHE G 348 -29.12 -38.25 -82.65
C PHE G 348 -29.64 -39.51 -81.97
N LYS G 349 -29.92 -40.55 -82.75
CA LYS G 349 -30.64 -41.72 -82.21
C LYS G 349 -29.72 -42.75 -81.54
N TYR G 350 -30.16 -43.23 -80.39
CA TYR G 350 -29.47 -44.25 -79.61
C TYR G 350 -29.62 -45.58 -80.33
N VAL G 351 -28.51 -46.27 -80.54
CA VAL G 351 -28.51 -47.57 -81.21
C VAL G 351 -28.48 -48.72 -80.19
N GLY G 352 -27.59 -48.60 -79.20
CA GLY G 352 -27.47 -49.60 -78.15
C GLY G 352 -26.25 -49.36 -77.28
N GLU G 353 -26.09 -50.22 -76.28
CA GLU G 353 -25.03 -50.13 -75.30
C GLU G 353 -24.29 -51.47 -75.25
N THR G 354 -23.01 -51.43 -74.91
CA THR G 354 -22.23 -52.66 -74.73
C THR G 354 -21.04 -52.43 -73.81
N GLN G 355 -20.45 -53.53 -73.34
CA GLN G 355 -19.25 -53.50 -72.49
C GLN G 355 -18.15 -54.39 -73.08
N PRO G 356 -16.86 -54.07 -72.81
CA PRO G 356 -15.81 -55.03 -73.12
C PRO G 356 -15.85 -56.26 -72.21
N THR G 357 -15.10 -57.28 -72.60
CA THR G 357 -15.02 -58.53 -71.82
C THR G 357 -13.58 -58.86 -71.47
N GLY G 358 -13.42 -59.82 -70.56
CA GLY G 358 -12.11 -60.13 -69.98
C GLY G 358 -11.68 -58.97 -69.10
N GLN G 359 -10.43 -58.54 -69.27
CA GLN G 359 -9.94 -57.29 -68.67
C GLN G 359 -9.39 -56.43 -69.82
N ILE G 360 -10.22 -56.18 -70.84
CA ILE G 360 -9.87 -55.31 -72.01
C ILE G 360 -10.28 -53.84 -71.74
N LYS G 361 -9.41 -53.03 -71.18
CA LYS G 361 -9.71 -51.60 -70.94
C LYS G 361 -9.49 -50.78 -72.22
N ILE G 362 -10.46 -49.97 -72.62
CA ILE G 362 -10.35 -49.09 -73.80
C ILE G 362 -9.71 -47.77 -73.40
N LYS G 363 -8.48 -47.54 -73.89
CA LYS G 363 -7.72 -46.33 -73.56
C LYS G 363 -8.35 -45.08 -74.20
N ARG G 364 -8.15 -43.93 -73.55
CA ARG G 364 -8.75 -42.64 -73.98
C ARG G 364 -8.29 -42.19 -75.37
N GLU G 365 -7.00 -42.32 -75.60
CA GLU G 365 -6.39 -42.22 -76.95
C GLU G 365 -7.25 -42.79 -78.10
N ASP G 366 -7.81 -43.99 -77.92
CA ASP G 366 -8.53 -44.71 -78.98
C ASP G 366 -9.96 -44.22 -79.24
N TYR G 367 -10.48 -43.34 -78.39
CA TYR G 367 -11.86 -42.83 -78.49
C TYR G 367 -12.12 -42.23 -79.88
N GLU G 368 -11.19 -41.40 -80.35
CA GLU G 368 -11.25 -40.79 -81.69
C GLU G 368 -11.57 -41.82 -82.78
N SER G 369 -10.94 -42.99 -82.71
CA SER G 369 -11.01 -44.00 -83.79
C SER G 369 -12.24 -44.91 -83.86
N LEU G 370 -13.05 -44.94 -82.80
CA LEU G 370 -14.10 -45.95 -82.69
C LEU G 370 -15.27 -45.82 -83.69
N PRO G 371 -15.66 -44.58 -84.07
CA PRO G 371 -16.63 -44.42 -85.15
C PRO G 371 -16.21 -45.07 -86.47
N LYS G 372 -14.93 -44.89 -86.84
CA LYS G 372 -14.32 -45.56 -87.98
C LYS G 372 -14.53 -47.07 -87.91
N GLU G 373 -14.26 -47.66 -86.75
CA GLU G 373 -14.40 -49.11 -86.57
C GLU G 373 -15.82 -49.65 -86.77
N VAL G 374 -16.82 -48.88 -86.34
CA VAL G 374 -18.22 -49.29 -86.44
C VAL G 374 -18.68 -49.33 -87.90
N ALA G 375 -18.40 -48.26 -88.62
CA ALA G 375 -18.66 -48.21 -90.06
C ALA G 375 -17.89 -49.31 -90.82
N SER G 376 -16.67 -49.59 -90.37
CA SER G 376 -15.82 -50.60 -90.98
C SER G 376 -16.32 -52.04 -90.89
N ALA G 377 -17.19 -52.34 -89.92
CA ALA G 377 -17.75 -53.68 -89.79
C ALA G 377 -18.51 -54.06 -91.05
N LYS G 378 -18.38 -55.32 -91.44
CA LYS G 378 -19.03 -55.85 -92.62
C LYS G 378 -20.06 -56.87 -92.14
N PRO G 379 -21.28 -56.41 -91.82
CA PRO G 379 -22.33 -57.33 -91.39
C PRO G 379 -22.88 -58.15 -92.55
N LYS G 380 -23.00 -59.46 -92.37
CA LYS G 380 -23.49 -60.36 -93.42
C LYS G 380 -25.02 -60.25 -93.57
N VAL G 381 -25.50 -59.05 -93.89
CA VAL G 381 -26.94 -58.73 -94.01
C VAL G 381 -27.12 -57.67 -95.09
N LEU G 382 -28.16 -57.82 -95.90
CA LEU G 382 -28.43 -56.87 -96.99
C LEU G 382 -28.93 -55.55 -96.45
N LEU G 383 -28.17 -54.48 -96.71
CA LEU G 383 -28.47 -53.13 -96.25
C LEU G 383 -29.01 -52.29 -97.41
N ASP G 384 -29.93 -51.39 -97.12
CA ASP G 384 -30.42 -50.38 -98.09
C ASP G 384 -29.38 -49.28 -98.30
N VAL G 385 -28.72 -48.90 -97.21
CA VAL G 385 -27.83 -47.74 -97.16
C VAL G 385 -26.49 -48.15 -96.54
N LYS G 386 -25.38 -47.63 -97.08
CA LYS G 386 -24.08 -47.71 -96.42
C LYS G 386 -23.91 -46.43 -95.61
N LEU G 387 -23.29 -46.54 -94.44
CA LEU G 387 -23.06 -45.39 -93.53
C LEU G 387 -21.59 -45.11 -93.32
N LYS G 388 -21.20 -43.83 -93.39
CA LYS G 388 -19.80 -43.40 -93.19
C LYS G 388 -19.51 -43.24 -91.70
N ALA G 389 -18.24 -43.13 -91.34
CA ALA G 389 -17.82 -43.08 -89.91
C ALA G 389 -18.25 -41.81 -89.18
N GLU G 390 -18.30 -40.71 -89.91
CA GLU G 390 -18.83 -39.43 -89.40
C GLU G 390 -20.30 -39.50 -88.96
N ASP G 391 -21.06 -40.45 -89.51
CA ASP G 391 -22.47 -40.66 -89.12
C ASP G 391 -22.62 -41.24 -87.70
N PHE G 392 -21.59 -41.90 -87.20
CA PHE G 392 -21.64 -42.54 -85.86
C PHE G 392 -21.02 -41.68 -84.77
N ILE G 393 -21.58 -41.79 -83.56
CA ILE G 393 -20.97 -41.27 -82.33
C ILE G 393 -20.84 -42.43 -81.37
N VAL G 394 -19.64 -42.60 -80.81
CA VAL G 394 -19.40 -43.60 -79.79
C VAL G 394 -19.00 -42.86 -78.52
N ASP G 395 -19.70 -43.15 -77.45
CA ASP G 395 -19.58 -42.45 -76.17
C ASP G 395 -19.10 -43.48 -75.18
N VAL G 396 -17.87 -43.34 -74.69
CA VAL G 396 -17.31 -44.30 -73.74
C VAL G 396 -17.38 -43.70 -72.35
N ILE G 397 -17.84 -44.51 -71.40
CA ILE G 397 -18.15 -44.05 -70.04
C ILE G 397 -17.52 -44.99 -69.01
N ASN G 398 -16.73 -44.42 -68.10
CA ASN G 398 -16.10 -45.18 -67.03
C ASN G 398 -16.93 -45.06 -65.76
N MET G 399 -17.55 -46.17 -65.36
CA MET G 399 -18.29 -46.27 -64.11
C MET G 399 -17.39 -46.92 -63.08
N ASP G 400 -17.17 -46.25 -61.95
CA ASP G 400 -16.28 -46.79 -60.90
C ASP G 400 -16.80 -46.42 -59.52
N TYR G 401 -16.04 -46.83 -58.51
CA TYR G 401 -16.31 -46.47 -57.12
C TYR G 401 -15.39 -45.31 -56.68
N GLY G 402 -15.08 -44.43 -57.62
CA GLY G 402 -14.37 -43.19 -57.30
C GLY G 402 -12.86 -43.29 -57.23
N MET G 403 -12.30 -44.49 -57.37
CA MET G 403 -10.86 -44.70 -57.32
C MET G 403 -10.47 -45.70 -58.38
N GLN G 404 -10.93 -45.42 -59.59
CA GLN G 404 -10.69 -46.30 -60.73
C GLN G 404 -10.97 -47.73 -60.29
N GLU G 405 -9.98 -48.62 -60.43
CA GLU G 405 -10.19 -50.04 -60.19
C GLU G 405 -10.19 -50.45 -58.74
N LYS G 406 -9.86 -49.52 -57.84
CA LYS G 406 -9.74 -49.82 -56.41
C LYS G 406 -11.08 -49.78 -55.66
N ASN G 407 -11.12 -50.55 -54.57
CA ASN G 407 -12.20 -50.57 -53.59
C ASN G 407 -11.89 -49.46 -52.61
N PRO G 408 -12.73 -48.40 -52.56
CA PRO G 408 -12.43 -47.30 -51.66
C PRO G 408 -12.56 -47.65 -50.17
N ILE G 409 -13.32 -48.69 -49.85
CA ILE G 409 -13.47 -49.15 -48.46
C ILE G 409 -12.17 -49.72 -47.91
N ASP G 410 -11.34 -50.28 -48.77
CA ASP G 410 -9.98 -50.69 -48.38
C ASP G 410 -9.09 -49.48 -48.01
N HIS G 411 -9.49 -48.27 -48.42
CA HIS G 411 -8.87 -47.03 -47.96
C HIS G 411 -9.73 -46.23 -46.94
N VAL G 412 -10.51 -46.92 -46.10
CA VAL G 412 -11.23 -46.28 -44.98
C VAL G 412 -10.73 -46.89 -43.69
N SER G 413 -10.57 -46.04 -42.67
CA SER G 413 -10.19 -46.48 -41.34
C SER G 413 -11.43 -46.57 -40.44
N PHE G 414 -11.42 -47.59 -39.58
CA PHE G 414 -12.55 -47.89 -38.70
C PHE G 414 -12.18 -47.93 -37.22
N TYR G 415 -13.18 -47.81 -36.34
CA TYR G 415 -12.96 -47.99 -34.88
C TYR G 415 -14.04 -48.86 -34.25
N CYS G 416 -13.74 -49.42 -33.08
CA CYS G 416 -14.69 -50.28 -32.37
C CYS G 416 -15.21 -49.61 -31.10
N LYS G 417 -16.39 -50.03 -30.66
CA LYS G 417 -16.99 -49.49 -29.43
C LYS G 417 -16.07 -49.71 -28.25
N THR G 418 -15.50 -50.90 -28.19
CA THR G 418 -14.58 -51.29 -27.13
C THR G 418 -13.23 -50.56 -27.11
N ALA G 419 -12.78 -50.03 -28.26
CA ALA G 419 -11.50 -49.29 -28.37
C ALA G 419 -11.60 -48.15 -29.39
N PRO G 420 -12.22 -47.05 -28.99
CA PRO G 420 -12.56 -46.00 -29.93
C PRO G 420 -11.38 -45.15 -30.42
N ASN G 421 -10.22 -45.28 -29.81
CA ASN G 421 -9.03 -44.60 -30.33
C ASN G 421 -8.19 -45.48 -31.21
N ARG G 422 -8.47 -46.78 -31.22
CA ARG G 422 -7.70 -47.71 -32.03
C ARG G 422 -8.34 -47.93 -33.41
N ALA G 423 -7.65 -47.42 -34.43
CA ALA G 423 -8.07 -47.53 -35.80
C ALA G 423 -7.72 -48.90 -36.35
N ILE G 424 -8.56 -49.38 -37.28
CA ILE G 424 -8.41 -50.70 -37.89
C ILE G 424 -8.86 -50.66 -39.35
N ARG G 425 -8.63 -51.79 -40.04
CA ARG G 425 -9.09 -51.99 -41.43
C ARG G 425 -10.11 -53.11 -41.49
N ILE G 426 -11.08 -52.97 -42.38
CA ILE G 426 -12.07 -54.02 -42.64
C ILE G 426 -11.98 -54.36 -44.14
N THR G 427 -11.63 -55.62 -44.45
CA THR G 427 -11.50 -56.07 -45.85
C THR G 427 -12.88 -56.31 -46.42
N LYS G 428 -12.93 -56.66 -47.70
CA LYS G 428 -14.20 -57.03 -48.32
C LYS G 428 -14.78 -58.33 -47.76
N ASN G 429 -13.92 -59.31 -47.52
CA ASN G 429 -14.36 -60.64 -47.07
C ASN G 429 -14.99 -60.63 -45.68
N GLN G 430 -14.53 -59.68 -44.85
CA GLN G 430 -15.05 -59.53 -43.50
C GLN G 430 -16.48 -58.98 -43.47
N VAL G 431 -16.96 -58.40 -44.57
CA VAL G 431 -18.29 -57.78 -44.63
C VAL G 431 -19.36 -58.70 -45.26
N SER G 432 -19.18 -59.06 -46.53
CA SER G 432 -20.20 -59.80 -47.28
C SER G 432 -19.69 -60.43 -48.56
N GLN G 433 -20.29 -61.58 -48.90
CA GLN G 433 -20.09 -62.27 -50.18
C GLN G 433 -20.95 -61.70 -51.32
N LEU G 434 -21.92 -60.85 -50.99
CA LEU G 434 -22.82 -60.27 -51.99
C LEU G 434 -22.34 -58.90 -52.52
N LEU G 435 -21.14 -58.49 -52.15
CA LEU G 435 -20.57 -57.24 -52.64
C LEU G 435 -20.09 -57.38 -54.08
N PRO G 436 -19.76 -56.25 -54.73
CA PRO G 436 -19.24 -56.31 -56.10
C PRO G 436 -17.93 -57.07 -56.22
N GLU G 437 -17.75 -57.76 -57.34
CA GLU G 437 -16.51 -58.48 -57.61
C GLU G 437 -15.45 -57.48 -58.08
N LYS G 438 -15.82 -56.64 -59.04
CA LYS G 438 -14.98 -55.54 -59.52
C LYS G 438 -15.53 -54.20 -59.01
N PHE G 439 -14.72 -53.14 -59.14
CA PHE G 439 -15.12 -51.79 -58.75
C PHE G 439 -14.93 -50.73 -59.85
N ALA G 440 -14.89 -51.20 -61.09
CA ALA G 440 -14.83 -50.34 -62.27
C ALA G 440 -15.18 -51.12 -63.53
N GLU G 441 -15.79 -50.43 -64.48
CA GLU G 441 -16.15 -51.02 -65.77
C GLU G 441 -16.28 -49.92 -66.79
N GLN G 442 -16.51 -50.30 -68.03
CA GLN G 442 -16.73 -49.37 -69.12
C GLN G 442 -18.06 -49.63 -69.80
N LEU G 443 -18.75 -48.54 -70.16
CA LEU G 443 -19.97 -48.59 -70.95
C LEU G 443 -19.74 -47.88 -72.25
N ILE G 444 -20.13 -48.52 -73.35
CA ILE G 444 -19.97 -47.98 -74.68
C ILE G 444 -21.35 -47.83 -75.28
N ARG G 445 -21.78 -46.58 -75.43
CA ARG G 445 -23.02 -46.25 -76.13
C ARG G 445 -22.69 -45.83 -77.55
N VAL G 446 -23.50 -46.29 -78.49
CA VAL G 446 -23.36 -45.93 -79.89
C VAL G 446 -24.65 -45.22 -80.31
N TYR G 447 -24.49 -44.08 -80.96
CA TYR G 447 -25.61 -43.34 -81.53
C TYR G 447 -25.34 -43.08 -83.01
N CYS G 448 -26.41 -42.80 -83.76
CA CYS G 448 -26.33 -42.52 -85.20
C CYS G 448 -26.91 -41.15 -85.51
N LYS G 449 -26.17 -40.35 -86.28
CA LYS G 449 -26.58 -38.98 -86.63
C LYS G 449 -27.76 -38.94 -87.60
N LYS G 450 -27.88 -39.97 -88.45
CA LYS G 450 -28.99 -40.08 -89.37
C LYS G 450 -30.20 -40.73 -88.68
N VAL G 451 -31.31 -39.99 -88.66
CA VAL G 451 -32.48 -40.29 -87.85
C VAL G 451 -33.45 -41.29 -88.53
N ASP G 452 -33.52 -41.26 -89.86
CA ASP G 452 -34.55 -42.00 -90.66
C ASP G 452 -34.64 -43.51 -90.47
N ARG G 453 -35.80 -44.07 -90.85
CA ARG G 453 -36.11 -45.49 -90.67
C ARG G 453 -35.04 -46.41 -91.28
N LYS G 454 -34.63 -46.09 -92.51
CA LYS G 454 -33.65 -46.90 -93.26
C LYS G 454 -32.25 -46.89 -92.60
N SER G 455 -31.78 -45.72 -92.20
CA SER G 455 -30.41 -45.56 -91.65
C SER G 455 -30.27 -46.12 -90.24
N LEU G 456 -31.35 -46.05 -89.46
CA LEU G 456 -31.36 -46.62 -88.13
C LEU G 456 -31.23 -48.15 -88.15
N TYR G 457 -31.96 -48.80 -89.06
CA TYR G 457 -31.84 -50.26 -89.24
C TYR G 457 -30.39 -50.63 -89.57
N ALA G 458 -29.80 -49.90 -90.50
CA ALA G 458 -28.42 -50.11 -90.90
C ALA G 458 -27.49 -49.97 -89.72
N ALA G 459 -27.60 -48.85 -89.03
CA ALA G 459 -26.76 -48.54 -87.86
C ALA G 459 -26.77 -49.69 -86.86
N ARG G 460 -27.95 -50.23 -86.59
CA ARG G 460 -28.12 -51.38 -85.70
C ARG G 460 -27.32 -52.60 -86.15
N GLN G 461 -27.33 -52.87 -87.45
CA GLN G 461 -26.59 -54.01 -88.01
C GLN G 461 -25.07 -53.77 -87.86
N TYR G 462 -24.60 -52.58 -88.19
CA TYR G 462 -23.18 -52.21 -87.99
C TYR G 462 -22.75 -52.38 -86.52
N PHE G 463 -23.56 -51.87 -85.61
CA PHE G 463 -23.27 -51.90 -84.18
C PHE G 463 -23.17 -53.33 -83.64
N VAL G 464 -24.21 -54.13 -83.87
CA VAL G 464 -24.27 -55.49 -83.30
C VAL G 464 -23.16 -56.37 -83.88
N GLN G 465 -22.75 -56.08 -85.12
CA GLN G 465 -21.60 -56.75 -85.73
C GLN G 465 -20.32 -56.33 -85.05
N TRP G 466 -20.11 -55.02 -84.98
CA TRP G 466 -18.95 -54.44 -84.29
C TRP G 466 -18.73 -55.03 -82.89
N CYS G 467 -19.84 -55.28 -82.18
CA CYS G 467 -19.81 -55.94 -80.86
C CYS G 467 -19.26 -57.38 -80.95
N ALA G 468 -19.79 -58.17 -81.89
CA ALA G 468 -19.27 -59.53 -82.14
C ALA G 468 -17.81 -59.49 -82.62
N ASP G 469 -17.49 -58.51 -83.46
CA ASP G 469 -16.13 -58.31 -84.01
C ASP G 469 -15.06 -58.09 -82.93
N ARG G 470 -15.40 -57.37 -81.87
CA ARG G 470 -14.43 -57.06 -80.81
C ARG G 470 -14.59 -57.86 -79.52
N ASN G 471 -15.42 -58.91 -79.58
CA ASN G 471 -15.72 -59.77 -78.44
C ASN G 471 -16.25 -58.96 -77.24
N PHE G 472 -17.21 -58.08 -77.54
CA PHE G 472 -17.95 -57.33 -76.52
C PHE G 472 -19.22 -58.07 -76.15
N THR G 473 -19.89 -57.60 -75.09
CA THR G 473 -21.12 -58.23 -74.62
C THR G 473 -22.22 -58.03 -75.63
N LYS G 474 -23.14 -59.00 -75.67
CA LYS G 474 -24.30 -58.92 -76.55
C LYS G 474 -25.19 -57.79 -76.05
N PRO G 475 -25.58 -56.86 -76.96
CA PRO G 475 -26.58 -55.88 -76.56
C PRO G 475 -27.83 -56.54 -75.99
N GLN G 476 -28.40 -55.94 -74.96
CA GLN G 476 -29.57 -56.50 -74.25
C GLN G 476 -30.73 -56.74 -75.23
N ASP G 477 -30.95 -55.76 -76.10
CA ASP G 477 -31.96 -55.85 -77.18
C ASP G 477 -31.45 -56.51 -78.47
N GLY G 478 -30.33 -57.23 -78.41
CA GLY G 478 -29.56 -57.62 -79.59
C GLY G 478 -30.27 -58.56 -80.53
N ASP G 479 -30.96 -59.54 -79.96
CA ASP G 479 -31.72 -60.52 -80.75
C ASP G 479 -32.88 -59.89 -81.49
N VAL G 480 -33.42 -58.80 -80.95
CA VAL G 480 -34.52 -58.09 -81.59
C VAL G 480 -34.01 -57.21 -82.74
N ILE G 481 -33.10 -56.30 -82.44
CA ILE G 481 -32.66 -55.27 -83.41
C ILE G 481 -31.88 -55.83 -84.61
N ALA G 482 -31.09 -56.87 -84.38
CA ALA G 482 -30.24 -57.47 -85.41
C ALA G 482 -30.32 -58.99 -85.32
N PRO G 483 -31.49 -59.55 -85.68
CA PRO G 483 -31.75 -60.97 -85.45
C PRO G 483 -30.88 -61.89 -86.32
N LEU G 484 -30.45 -61.36 -87.45
CA LEU G 484 -29.64 -62.10 -88.40
C LEU G 484 -28.17 -62.20 -87.95
N ILE G 485 -27.73 -61.29 -87.08
CA ILE G 485 -26.31 -61.18 -86.70
C ILE G 485 -25.94 -61.92 -85.39
N THR G 486 -26.86 -61.94 -84.42
CA THR G 486 -26.57 -62.52 -83.11
C THR G 486 -26.25 -64.03 -83.04
N PRO G 487 -26.86 -64.86 -83.93
CA PRO G 487 -26.47 -66.28 -83.90
C PRO G 487 -25.02 -66.51 -84.37
N GLN G 488 -24.50 -65.63 -85.26
CA GLN G 488 -23.15 -65.75 -85.76
C GLN G 488 -22.09 -65.89 -84.62
N LYS G 489 -22.21 -65.11 -83.55
CA LYS G 489 -21.22 -65.00 -82.53
C LYS G 489 -21.34 -66.24 -81.53
N LYS G 490 -20.21 -67.00 -81.46
CA LYS G 490 -19.87 -67.67 -80.19
C LYS G 490 -20.23 -67.08 -78.76
N GLU G 491 -20.90 -68.02 -78.13
CA GLU G 491 -21.31 -67.89 -76.69
C GLU G 491 -22.43 -66.79 -76.48
N TRP G 492 -23.11 -66.30 -77.57
CA TRP G 492 -24.31 -65.53 -77.40
C TRP G 492 -25.59 -66.41 -77.42
N THR H 8 -47.03 -44.62 -79.68
CA THR H 8 -46.88 -45.09 -78.27
C THR H 8 -46.68 -43.88 -77.32
N MET H 9 -47.16 -44.02 -76.08
CA MET H 9 -47.05 -43.01 -75.03
C MET H 9 -45.61 -42.76 -74.68
N LYS H 10 -45.36 -41.61 -74.10
CA LYS H 10 -44.06 -41.32 -73.55
C LYS H 10 -44.20 -41.09 -72.05
N VAL H 11 -43.29 -41.66 -71.29
CA VAL H 11 -43.29 -41.53 -69.84
C VAL H 11 -42.20 -40.55 -69.40
N ILE H 12 -42.55 -39.69 -68.45
CA ILE H 12 -41.66 -38.62 -67.99
C ILE H 12 -41.75 -38.54 -66.46
N ASN H 13 -40.61 -38.41 -65.78
CA ASN H 13 -40.55 -38.43 -64.30
C ASN H 13 -40.43 -37.04 -63.66
N ASP H 14 -41.59 -36.51 -63.28
CA ASP H 14 -41.72 -35.28 -62.52
C ASP H 14 -41.56 -35.62 -61.04
N PRO H 15 -40.74 -34.83 -60.29
CA PRO H 15 -40.57 -35.12 -58.87
C PRO H 15 -41.81 -34.90 -58.02
N ILE H 16 -42.76 -34.11 -58.51
CA ILE H 16 -43.98 -33.87 -57.76
C ILE H 16 -44.98 -34.98 -58.01
N HIS H 17 -45.33 -35.20 -59.27
CA HIS H 17 -46.42 -36.12 -59.62
C HIS H 17 -45.99 -37.54 -59.94
N GLY H 18 -44.68 -37.78 -60.02
CA GLY H 18 -44.15 -39.12 -60.30
C GLY H 18 -44.04 -39.34 -61.80
N HIS H 19 -44.44 -40.53 -62.26
CA HIS H 19 -44.33 -40.88 -63.67
C HIS H 19 -45.61 -40.58 -64.44
N ILE H 20 -45.56 -39.49 -65.19
CA ILE H 20 -46.66 -39.04 -66.01
C ILE H 20 -46.55 -39.75 -67.36
N GLU H 21 -47.69 -40.16 -67.91
CA GLU H 21 -47.74 -40.55 -69.33
C GLU H 21 -48.16 -39.35 -70.17
N LEU H 22 -47.55 -39.22 -71.36
CA LEU H 22 -47.82 -38.13 -72.26
C LEU H 22 -48.29 -38.70 -73.61
N HIS H 23 -49.48 -38.27 -74.01
CA HIS H 23 -50.03 -38.65 -75.31
C HIS H 23 -49.22 -38.05 -76.46
N PRO H 24 -49.01 -38.81 -77.55
CA PRO H 24 -48.13 -38.31 -78.62
C PRO H 24 -48.43 -36.89 -79.12
N LEU H 25 -49.71 -36.53 -79.17
CA LEU H 25 -50.16 -35.16 -79.48
C LEU H 25 -49.56 -34.14 -78.53
N LEU H 26 -49.54 -34.46 -77.25
CA LEU H 26 -48.97 -33.57 -76.23
C LEU H 26 -47.47 -33.42 -76.43
N VAL H 27 -46.80 -34.55 -76.63
CA VAL H 27 -45.36 -34.57 -76.87
C VAL H 27 -45.01 -33.67 -78.06
N ARG H 28 -45.83 -33.75 -79.09
CA ARG H 28 -45.65 -32.96 -80.31
C ARG H 28 -45.81 -31.47 -80.07
N ILE H 29 -46.71 -31.11 -79.15
CA ILE H 29 -46.89 -29.73 -78.69
C ILE H 29 -45.73 -29.28 -77.80
N ILE H 30 -45.32 -30.16 -76.90
CA ILE H 30 -44.21 -29.87 -75.99
C ILE H 30 -42.90 -29.58 -76.71
N ASP H 31 -42.58 -30.38 -77.73
CA ASP H 31 -41.32 -30.24 -78.47
C ASP H 31 -41.43 -29.17 -79.57
N THR H 32 -41.65 -27.94 -79.14
CA THR H 32 -41.71 -26.76 -80.00
C THR H 32 -40.98 -25.61 -79.31
N PRO H 33 -40.39 -24.67 -80.08
CA PRO H 33 -39.71 -23.54 -79.42
C PRO H 33 -40.61 -22.69 -78.52
N GLN H 34 -41.90 -22.64 -78.82
CA GLN H 34 -42.86 -21.82 -78.07
C GLN H 34 -43.10 -22.37 -76.64
N PHE H 35 -43.10 -23.70 -76.53
CA PHE H 35 -43.26 -24.40 -75.26
C PHE H 35 -41.95 -24.58 -74.51
N GLN H 36 -40.91 -25.08 -75.19
CA GLN H 36 -39.59 -25.28 -74.55
C GLN H 36 -39.02 -23.96 -74.02
N ARG H 37 -39.45 -22.83 -74.61
CA ARG H 37 -39.26 -21.48 -74.05
C ARG H 37 -39.48 -21.39 -72.55
N LEU H 38 -40.50 -22.08 -72.05
CA LEU H 38 -40.83 -22.05 -70.62
C LEU H 38 -39.76 -22.66 -69.71
N ARG H 39 -38.82 -23.43 -70.27
CA ARG H 39 -37.64 -23.88 -69.52
C ARG H 39 -36.78 -22.72 -69.01
N TYR H 40 -36.87 -21.56 -69.66
CA TYR H 40 -35.98 -20.45 -69.37
C TYR H 40 -36.73 -19.28 -68.69
N ILE H 41 -37.80 -19.60 -67.97
CA ILE H 41 -38.57 -18.61 -67.19
C ILE H 41 -38.88 -19.22 -65.82
N LYS H 42 -38.36 -18.62 -64.74
CA LYS H 42 -38.55 -19.16 -63.39
C LYS H 42 -39.96 -18.95 -62.87
N GLN H 43 -40.44 -19.92 -62.09
CA GLN H 43 -41.81 -19.87 -61.57
C GLN H 43 -41.99 -18.65 -60.70
N LEU H 44 -41.06 -18.49 -59.77
CA LEU H 44 -41.18 -17.50 -58.70
C LEU H 44 -40.36 -16.26 -58.94
N GLY H 45 -39.97 -16.03 -60.18
CA GLY H 45 -39.26 -14.83 -60.59
C GLY H 45 -38.11 -14.55 -59.64
N GLY H 46 -38.18 -13.38 -59.01
CA GLY H 46 -37.16 -12.91 -58.08
C GLY H 46 -37.10 -13.66 -56.75
N GLY H 47 -38.10 -14.50 -56.50
CA GLY H 47 -38.10 -15.39 -55.34
C GLY H 47 -36.90 -16.30 -55.19
N TYR H 48 -36.32 -16.72 -56.31
CA TYR H 48 -35.09 -17.52 -56.29
C TYR H 48 -33.95 -16.82 -55.54
N TYR H 49 -33.92 -15.48 -55.61
CA TYR H 49 -32.91 -14.70 -54.91
C TYR H 49 -33.16 -14.56 -53.38
N VAL H 50 -34.28 -15.11 -52.89
CA VAL H 50 -34.55 -15.23 -51.45
C VAL H 50 -34.65 -16.70 -50.99
N PHE H 51 -35.35 -17.54 -51.76
CA PHE H 51 -35.46 -18.99 -51.46
C PHE H 51 -34.58 -19.74 -52.42
N PRO H 52 -33.38 -20.14 -51.98
CA PRO H 52 -32.43 -20.72 -52.94
C PRO H 52 -32.83 -22.07 -53.51
N GLY H 53 -33.89 -22.70 -52.97
CA GLY H 53 -34.44 -23.89 -53.62
C GLY H 53 -35.19 -23.64 -54.92
N ALA H 54 -35.78 -22.44 -55.06
CA ALA H 54 -36.82 -22.08 -56.09
C ALA H 54 -36.31 -21.80 -57.53
N SER H 55 -35.41 -22.68 -57.96
CA SER H 55 -34.83 -22.67 -59.30
C SER H 55 -35.82 -23.10 -60.38
N HIS H 56 -36.86 -23.83 -59.95
CA HIS H 56 -37.89 -24.35 -60.86
C HIS H 56 -38.53 -23.32 -61.79
N ASN H 57 -38.87 -23.81 -62.98
CA ASN H 57 -39.30 -23.05 -64.13
C ASN H 57 -40.72 -23.42 -64.51
N ARG H 58 -41.33 -22.60 -65.35
CA ARG H 58 -42.69 -22.83 -65.82
C ARG H 58 -42.87 -24.16 -66.56
N PHE H 59 -41.87 -24.54 -67.35
CA PHE H 59 -41.90 -25.79 -68.10
C PHE H 59 -42.52 -26.94 -67.31
N GLU H 60 -41.90 -27.26 -66.17
CA GLU H 60 -42.32 -28.41 -65.37
C GLU H 60 -43.67 -28.19 -64.66
N HIS H 61 -43.97 -26.93 -64.29
CA HIS H 61 -45.30 -26.55 -63.80
C HIS H 61 -46.35 -26.82 -64.88
N SER H 62 -46.09 -26.31 -66.09
CA SER H 62 -46.98 -26.53 -67.23
C SER H 62 -47.24 -28.03 -67.44
N LEU H 63 -46.20 -28.86 -67.37
CA LEU H 63 -46.38 -30.33 -67.45
C LEU H 63 -47.35 -30.84 -66.39
N GLY H 64 -47.10 -30.44 -65.14
CA GLY H 64 -47.91 -30.89 -64.02
C GLY H 64 -49.37 -30.47 -64.09
N VAL H 65 -49.62 -29.26 -64.57
CA VAL H 65 -50.99 -28.78 -64.71
C VAL H 65 -51.71 -29.59 -65.79
N GLY H 66 -51.02 -29.87 -66.89
CA GLY H 66 -51.54 -30.76 -67.92
C GLY H 66 -51.89 -32.12 -67.35
N TYR H 67 -50.99 -32.66 -66.52
CA TYR H 67 -51.18 -33.98 -65.93
C TYR H 67 -52.42 -34.04 -65.03
N LEU H 68 -52.52 -33.07 -64.12
CA LEU H 68 -53.63 -33.01 -63.17
C LEU H 68 -54.96 -32.73 -63.83
N ALA H 69 -54.93 -31.90 -64.87
CA ALA H 69 -56.10 -31.71 -65.70
C ALA H 69 -56.61 -33.08 -66.19
N GLY H 70 -55.68 -33.88 -66.72
CA GLY H 70 -55.96 -35.24 -67.17
C GLY H 70 -56.52 -36.13 -66.07
N CYS H 71 -55.94 -36.04 -64.89
CA CYS H 71 -56.39 -36.81 -63.74
C CYS H 71 -57.84 -36.52 -63.37
N LEU H 72 -58.16 -35.24 -63.24
CA LEU H 72 -59.47 -34.84 -62.77
C LEU H 72 -60.55 -35.22 -63.78
N VAL H 73 -60.34 -34.82 -65.03
CA VAL H 73 -61.32 -35.11 -66.07
C VAL H 73 -61.52 -36.62 -66.28
N HIS H 74 -60.41 -37.37 -66.27
CA HIS H 74 -60.44 -38.83 -66.44
C HIS H 74 -61.15 -39.48 -65.24
N ALA H 75 -60.96 -38.93 -64.05
CA ALA H 75 -61.60 -39.43 -62.83
C ALA H 75 -63.12 -39.22 -62.85
N LEU H 76 -63.54 -38.03 -63.29
CA LEU H 76 -64.97 -37.75 -63.38
C LEU H 76 -65.64 -38.71 -64.34
N GLY H 77 -64.96 -38.98 -65.46
CA GLY H 77 -65.43 -39.92 -66.48
C GLY H 77 -65.60 -41.34 -66.01
N GLU H 78 -64.66 -41.83 -65.20
CA GLU H 78 -64.76 -43.17 -64.59
C GLU H 78 -65.93 -43.19 -63.62
N LYS H 79 -65.97 -42.21 -62.73
CA LYS H 79 -67.02 -42.09 -61.71
C LYS H 79 -68.43 -41.93 -62.32
N GLN H 80 -68.53 -41.20 -63.44
CA GLN H 80 -69.83 -40.87 -64.04
C GLN H 80 -69.83 -41.01 -65.58
N PRO H 81 -70.07 -42.24 -66.09
CA PRO H 81 -70.15 -42.44 -67.53
C PRO H 81 -71.26 -41.64 -68.21
N GLU H 82 -72.36 -41.42 -67.50
CA GLU H 82 -73.48 -40.58 -67.97
C GLU H 82 -73.07 -39.23 -68.55
N LEU H 83 -71.93 -38.69 -68.14
CA LEU H 83 -71.43 -37.41 -68.64
C LEU H 83 -70.94 -37.44 -70.09
N GLN H 84 -70.58 -38.65 -70.55
CA GLN H 84 -70.05 -38.88 -71.89
C GLN H 84 -68.91 -37.94 -72.20
N ILE H 85 -67.88 -38.11 -71.41
CA ILE H 85 -66.62 -37.41 -71.58
C ILE H 85 -65.83 -38.26 -72.56
N SER H 86 -65.56 -37.72 -73.75
CA SER H 86 -64.78 -38.43 -74.79
C SER H 86 -63.29 -38.26 -74.57
N GLU H 87 -62.50 -39.18 -75.11
CA GLU H 87 -61.03 -39.03 -75.07
C GLU H 87 -60.59 -37.81 -75.88
N ARG H 88 -61.47 -37.31 -76.72
CA ARG H 88 -61.29 -36.01 -77.36
C ARG H 88 -61.37 -34.89 -76.32
N ASP H 89 -62.40 -34.92 -75.48
CA ASP H 89 -62.51 -33.93 -74.38
C ASP H 89 -61.30 -33.99 -73.47
N VAL H 90 -60.90 -35.19 -73.08
CA VAL H 90 -59.75 -35.41 -72.19
C VAL H 90 -58.50 -34.75 -72.76
N LEU H 91 -58.20 -35.07 -74.01
CA LEU H 91 -57.03 -34.51 -74.67
C LEU H 91 -57.06 -33.00 -74.69
N CYS H 92 -58.23 -32.44 -75.02
CA CYS H 92 -58.39 -30.99 -75.07
C CYS H 92 -58.14 -30.31 -73.73
N VAL H 93 -58.59 -30.94 -72.65
CA VAL H 93 -58.39 -30.44 -71.31
C VAL H 93 -56.90 -30.53 -70.93
N GLN H 94 -56.28 -31.67 -71.21
CA GLN H 94 -54.83 -31.83 -71.02
C GLN H 94 -54.04 -30.75 -71.75
N ILE H 95 -54.36 -30.55 -73.04
CA ILE H 95 -53.68 -29.54 -73.86
C ILE H 95 -53.82 -28.15 -73.25
N ALA H 96 -55.01 -27.83 -72.77
CA ALA H 96 -55.27 -26.53 -72.14
C ALA H 96 -54.38 -26.36 -70.91
N GLY H 97 -54.42 -27.35 -70.03
CA GLY H 97 -53.58 -27.37 -68.84
C GLY H 97 -52.10 -27.22 -69.16
N LEU H 98 -51.66 -27.98 -70.16
CA LEU H 98 -50.28 -27.95 -70.60
C LEU H 98 -49.84 -26.54 -71.06
N CYS H 99 -50.69 -25.91 -71.85
CA CYS H 99 -50.39 -24.62 -72.47
C CYS H 99 -50.89 -23.41 -71.69
N HIS H 100 -51.40 -23.61 -70.48
CA HIS H 100 -52.16 -22.54 -69.82
C HIS H 100 -51.31 -21.33 -69.43
N ASP H 101 -50.03 -21.57 -69.15
CA ASP H 101 -49.09 -20.49 -68.81
C ASP H 101 -48.00 -20.37 -69.87
N LEU H 102 -48.36 -20.59 -71.12
CA LEU H 102 -47.45 -20.35 -72.25
C LEU H 102 -47.01 -18.90 -72.42
N GLY H 103 -47.86 -17.98 -71.96
CA GLY H 103 -47.67 -16.56 -72.16
C GLY H 103 -47.06 -15.74 -71.04
N HIS H 104 -46.46 -16.38 -70.04
CA HIS H 104 -45.75 -15.61 -69.02
C HIS H 104 -44.52 -14.97 -69.59
N GLY H 105 -44.22 -13.78 -69.10
CA GLY H 105 -42.99 -13.09 -69.49
C GLY H 105 -41.78 -13.49 -68.65
N PRO H 106 -40.64 -12.83 -68.90
CA PRO H 106 -39.46 -12.95 -68.04
C PRO H 106 -39.81 -12.71 -66.59
N PHE H 107 -39.36 -13.61 -65.72
CA PHE H 107 -39.66 -13.58 -64.28
C PHE H 107 -41.17 -13.62 -63.97
N SER H 108 -41.89 -14.40 -64.79
CA SER H 108 -43.29 -14.75 -64.56
C SER H 108 -44.19 -13.56 -64.27
N HIS H 109 -44.54 -13.35 -63.00
CA HIS H 109 -45.59 -12.41 -62.62
C HIS H 109 -45.04 -10.99 -62.50
N MET H 110 -43.74 -10.87 -62.29
CA MET H 110 -43.05 -9.58 -62.43
C MET H 110 -43.40 -8.91 -63.76
N PHE H 111 -43.45 -9.68 -64.85
CA PHE H 111 -43.66 -9.12 -66.18
C PHE H 111 -45.05 -8.54 -66.39
N ASP H 112 -46.08 -9.37 -66.24
CA ASP H 112 -47.46 -8.93 -66.42
C ASP H 112 -47.97 -8.07 -65.25
N GLY H 113 -47.34 -8.19 -64.09
CA GLY H 113 -47.77 -7.54 -62.85
C GLY H 113 -47.11 -6.21 -62.48
N ARG H 114 -45.84 -6.04 -62.87
CA ARG H 114 -45.09 -4.79 -62.59
C ARG H 114 -44.64 -4.06 -63.86
N PHE H 115 -43.89 -4.77 -64.71
CA PHE H 115 -43.21 -4.15 -65.86
C PHE H 115 -44.13 -3.59 -66.94
N ILE H 116 -44.97 -4.43 -67.52
CA ILE H 116 -45.86 -3.99 -68.61
C ILE H 116 -46.80 -2.85 -68.18
N PRO H 117 -47.42 -2.94 -66.98
CA PRO H 117 -48.17 -1.79 -66.46
C PRO H 117 -47.41 -0.46 -66.38
N LEU H 118 -46.11 -0.51 -66.10
CA LEU H 118 -45.29 0.71 -66.03
C LEU H 118 -44.80 1.12 -67.42
N ALA H 119 -44.28 0.17 -68.19
CA ALA H 119 -43.74 0.46 -69.52
C ALA H 119 -44.81 0.93 -70.51
N ARG H 120 -46.00 0.32 -70.47
CA ARG H 120 -47.08 0.63 -71.41
C ARG H 120 -48.43 0.70 -70.70
N PRO H 121 -48.66 1.82 -69.96
CA PRO H 121 -49.89 2.02 -69.19
C PRO H 121 -51.19 1.99 -70.00
N GLU H 122 -51.10 2.31 -71.29
CA GLU H 122 -52.24 2.25 -72.21
C GLU H 122 -52.85 0.85 -72.39
N VAL H 123 -52.03 -0.21 -72.34
CA VAL H 123 -52.48 -1.56 -72.67
C VAL H 123 -53.06 -2.28 -71.44
N LYS H 124 -54.12 -3.07 -71.65
CA LYS H 124 -54.57 -4.04 -70.66
C LYS H 124 -54.12 -5.41 -71.18
N TRP H 125 -53.02 -5.92 -70.60
CA TRP H 125 -52.41 -7.18 -71.01
C TRP H 125 -52.14 -8.09 -69.81
N THR H 126 -52.43 -9.39 -69.97
CA THR H 126 -52.22 -10.42 -68.92
C THR H 126 -51.47 -11.62 -69.48
N HIS H 127 -50.88 -12.42 -68.59
CA HIS H 127 -50.15 -13.61 -69.01
C HIS H 127 -51.07 -14.59 -69.76
N GLU H 128 -52.36 -14.61 -69.38
CA GLU H 128 -53.35 -15.47 -70.02
C GLU H 128 -53.59 -15.09 -71.48
N GLN H 129 -53.81 -13.81 -71.73
CA GLN H 129 -54.00 -13.34 -73.10
C GLN H 129 -52.81 -13.72 -73.95
N GLY H 130 -51.62 -13.58 -73.38
CA GLY H 130 -50.39 -14.03 -74.00
C GLY H 130 -50.40 -15.50 -74.35
N SER H 131 -50.87 -16.32 -73.41
CA SER H 131 -50.94 -17.77 -73.63
C SER H 131 -51.81 -18.13 -74.83
N VAL H 132 -52.95 -17.47 -74.96
CA VAL H 132 -53.84 -17.69 -76.12
C VAL H 132 -53.13 -17.39 -77.44
N MET H 133 -52.52 -16.22 -77.51
CA MET H 133 -51.79 -15.80 -78.70
C MET H 133 -50.61 -16.71 -78.98
N MET H 134 -49.85 -17.05 -77.94
CA MET H 134 -48.70 -17.94 -78.07
C MET H 134 -49.15 -19.34 -78.49
N PHE H 135 -50.30 -19.79 -78.01
CA PHE H 135 -50.86 -21.08 -78.40
C PHE H 135 -51.16 -21.11 -79.90
N GLU H 136 -51.86 -20.08 -80.36
CA GLU H 136 -52.14 -19.88 -81.79
C GLU H 136 -50.83 -19.95 -82.60
N HIS H 137 -49.83 -19.17 -82.21
CA HIS H 137 -48.51 -19.16 -82.88
C HIS H 137 -47.85 -20.54 -82.86
N LEU H 138 -47.96 -21.26 -81.74
CA LEU H 138 -47.40 -22.61 -81.62
C LEU H 138 -48.03 -23.55 -82.63
N ILE H 139 -49.36 -23.55 -82.68
CA ILE H 139 -50.11 -24.43 -83.56
C ILE H 139 -49.76 -24.18 -85.03
N ASN H 140 -49.75 -22.92 -85.41
CA ASN H 140 -49.56 -22.54 -86.82
C ASN H 140 -48.14 -22.74 -87.29
N SER H 141 -47.17 -22.28 -86.50
CA SER H 141 -45.77 -22.40 -86.89
C SER H 141 -45.22 -23.86 -86.84
N ASN H 142 -45.93 -24.78 -86.19
CA ASN H 142 -45.47 -26.18 -86.09
C ASN H 142 -46.37 -27.23 -86.75
N GLY H 143 -47.41 -26.79 -87.46
CA GLY H 143 -48.29 -27.70 -88.20
C GLY H 143 -48.97 -28.74 -87.34
N ILE H 144 -49.56 -28.28 -86.24
CA ILE H 144 -50.17 -29.16 -85.25
C ILE H 144 -51.58 -29.53 -85.66
N LYS H 145 -52.29 -28.62 -86.32
CA LYS H 145 -53.64 -28.87 -86.81
C LYS H 145 -53.85 -30.26 -87.47
N PRO H 146 -52.97 -30.65 -88.43
CA PRO H 146 -53.01 -32.00 -89.00
C PRO H 146 -52.90 -33.15 -87.98
N VAL H 147 -52.05 -32.93 -86.97
CA VAL H 147 -51.81 -33.93 -85.93
C VAL H 147 -53.01 -34.04 -85.00
N MET H 148 -53.65 -32.91 -84.72
CA MET H 148 -54.87 -32.91 -83.91
C MET H 148 -55.95 -33.75 -84.58
N GLU H 149 -56.14 -33.50 -85.88
CA GLU H 149 -57.07 -34.28 -86.71
C GLU H 149 -56.73 -35.77 -86.67
N GLN H 150 -55.46 -36.10 -86.84
CA GLN H 150 -54.98 -37.49 -86.78
C GLN H 150 -55.42 -38.22 -85.51
N TYR H 151 -55.50 -37.51 -84.37
CA TYR H 151 -55.94 -38.10 -83.10
C TYR H 151 -57.38 -37.73 -82.72
N GLY H 152 -58.23 -37.51 -83.72
CA GLY H 152 -59.67 -37.38 -83.51
C GLY H 152 -60.18 -36.05 -83.02
N LEU H 153 -59.35 -35.01 -83.06
CA LEU H 153 -59.82 -33.66 -82.69
C LEU H 153 -60.39 -32.93 -83.91
N ILE H 154 -61.14 -31.87 -83.64
CA ILE H 154 -61.71 -30.99 -84.64
C ILE H 154 -61.18 -29.58 -84.37
N PRO H 155 -60.10 -29.17 -85.05
CA PRO H 155 -59.45 -27.88 -84.78
C PRO H 155 -60.37 -26.66 -84.68
N GLU H 156 -61.36 -26.55 -85.57
CA GLU H 156 -62.35 -25.46 -85.55
C GLU H 156 -62.93 -25.32 -84.12
N GLU H 157 -63.62 -26.38 -83.65
CA GLU H 157 -64.26 -26.39 -82.37
C GLU H 157 -63.27 -26.42 -81.22
N ASP H 158 -62.27 -27.28 -81.31
CA ASP H 158 -61.43 -27.60 -80.16
C ASP H 158 -60.38 -26.56 -79.83
N ILE H 159 -59.79 -25.90 -80.83
CA ILE H 159 -58.83 -24.84 -80.57
C ILE H 159 -59.51 -23.67 -79.85
N CYS H 160 -60.78 -23.44 -80.16
CA CYS H 160 -61.58 -22.47 -79.40
C CYS H 160 -61.76 -22.93 -77.95
N PHE H 161 -62.17 -24.19 -77.79
CA PHE H 161 -62.38 -24.80 -76.47
C PHE H 161 -61.14 -24.71 -75.58
N ILE H 162 -59.97 -24.95 -76.17
CA ILE H 162 -58.70 -24.86 -75.44
C ILE H 162 -58.43 -23.42 -75.01
N LYS H 163 -58.55 -22.48 -75.95
CA LYS H 163 -58.36 -21.05 -75.65
C LYS H 163 -59.34 -20.59 -74.58
N GLU H 164 -60.59 -21.01 -74.71
CA GLU H 164 -61.62 -20.65 -73.76
C GLU H 164 -61.34 -21.17 -72.35
N GLN H 165 -60.78 -22.37 -72.22
CA GLN H 165 -60.38 -22.89 -70.91
C GLN H 165 -59.38 -21.94 -70.23
N ILE H 166 -58.47 -21.38 -71.03
CA ILE H 166 -57.37 -20.58 -70.52
C ILE H 166 -57.81 -19.18 -70.07
N VAL H 167 -58.46 -18.45 -70.99
CA VAL H 167 -58.84 -17.03 -70.74
C VAL H 167 -60.31 -16.79 -70.41
N GLY H 168 -61.14 -17.82 -70.51
CA GLY H 168 -62.58 -17.63 -70.40
C GLY H 168 -63.16 -17.30 -71.77
N PRO H 169 -64.37 -16.75 -71.81
CA PRO H 169 -65.08 -16.62 -73.09
C PRO H 169 -64.49 -15.59 -74.06
N LEU H 170 -64.42 -15.96 -75.33
CA LEU H 170 -63.89 -15.08 -76.36
C LEU H 170 -64.91 -14.00 -76.81
N GLU H 171 -66.03 -13.76 -76.12
CA GLU H 171 -66.85 -12.54 -76.34
C GLU H 171 -67.35 -11.90 -75.07
N LEU H 178 -77.18 -15.74 -71.25
CA LEU H 178 -77.01 -16.89 -72.18
C LEU H 178 -75.74 -17.67 -71.81
N TRP H 179 -75.58 -18.86 -72.41
CA TRP H 179 -74.32 -19.64 -72.37
C TRP H 179 -73.20 -18.97 -73.19
N PRO H 180 -72.15 -18.46 -72.54
CA PRO H 180 -71.13 -17.67 -73.26
C PRO H 180 -70.09 -18.42 -74.10
N TYR H 181 -70.01 -19.75 -73.99
CA TYR H 181 -68.93 -20.50 -74.65
C TYR H 181 -69.38 -21.05 -76.01
N LYS H 182 -68.51 -20.92 -77.02
CA LYS H 182 -68.72 -21.51 -78.33
C LYS H 182 -68.00 -22.85 -78.47
N GLY H 183 -67.06 -23.16 -77.57
CA GLY H 183 -66.23 -24.36 -77.68
C GLY H 183 -66.94 -25.64 -77.31
N ARG H 184 -67.73 -25.61 -76.24
CA ARG H 184 -68.52 -26.75 -75.80
C ARG H 184 -69.91 -26.30 -75.35
N PRO H 185 -70.91 -27.20 -75.42
CA PRO H 185 -72.26 -26.91 -74.93
C PRO H 185 -72.39 -26.86 -73.40
N GLU H 186 -73.57 -26.48 -72.91
CA GLU H 186 -73.84 -26.37 -71.45
C GLU H 186 -73.75 -27.68 -70.68
N ASN H 187 -74.04 -28.79 -71.36
CA ASN H 187 -73.95 -30.12 -70.75
C ASN H 187 -72.53 -30.61 -70.49
N LYS H 188 -71.53 -29.81 -70.88
CA LYS H 188 -70.14 -30.07 -70.53
C LYS H 188 -69.45 -28.82 -69.96
N SER H 189 -70.20 -28.01 -69.18
CA SER H 189 -69.62 -26.81 -68.55
C SER H 189 -68.57 -27.13 -67.49
N PHE H 190 -68.73 -28.28 -66.84
CA PHE H 190 -67.76 -28.76 -65.86
C PHE H 190 -66.34 -28.80 -66.39
N LEU H 191 -66.15 -29.06 -67.67
CA LEU H 191 -64.81 -29.06 -68.26
C LEU H 191 -64.09 -27.71 -68.13
N TYR H 192 -64.85 -26.61 -68.18
CA TYR H 192 -64.26 -25.26 -68.04
C TYR H 192 -63.77 -24.94 -66.61
N GLU H 193 -64.24 -25.71 -65.64
CA GLU H 193 -63.84 -25.58 -64.24
C GLU H 193 -62.54 -26.33 -63.85
N ILE H 194 -61.87 -27.01 -64.79
CA ILE H 194 -60.70 -27.83 -64.45
C ILE H 194 -59.40 -27.03 -64.45
N VAL H 195 -59.09 -26.39 -65.58
CA VAL H 195 -57.79 -25.76 -65.77
C VAL H 195 -57.73 -24.38 -65.09
N SER H 196 -58.76 -23.59 -65.31
CA SER H 196 -58.84 -22.23 -64.76
C SER H 196 -60.31 -21.92 -64.43
N ASN H 197 -60.62 -22.03 -63.14
CA ASN H 197 -62.00 -22.03 -62.63
C ASN H 197 -62.42 -20.59 -62.36
N LYS H 198 -63.22 -20.05 -63.25
CA LYS H 198 -63.70 -18.67 -63.15
C LYS H 198 -64.74 -18.50 -62.03
N ARG H 199 -65.43 -19.59 -61.68
CA ARG H 199 -66.54 -19.53 -60.70
C ARG H 199 -66.05 -19.27 -59.28
N ASN H 200 -65.12 -20.11 -58.81
CA ASN H 200 -64.60 -20.07 -57.44
C ASN H 200 -63.08 -20.06 -57.29
N GLY H 201 -62.35 -20.39 -58.35
CA GLY H 201 -60.89 -20.41 -58.30
C GLY H 201 -60.26 -21.75 -57.95
N ILE H 202 -61.07 -22.75 -57.61
CA ILE H 202 -60.53 -24.08 -57.31
C ILE H 202 -60.22 -24.76 -58.65
N ASP H 203 -58.93 -24.77 -59.02
CA ASP H 203 -58.45 -25.37 -60.29
C ASP H 203 -57.15 -26.17 -60.07
N VAL H 204 -56.77 -26.97 -61.07
CA VAL H 204 -55.56 -27.80 -60.96
C VAL H 204 -54.28 -26.97 -61.11
N ASP H 205 -54.38 -25.77 -61.68
CA ASP H 205 -53.26 -24.79 -61.70
C ASP H 205 -52.77 -24.61 -60.27
N LYS H 206 -53.69 -24.29 -59.37
CA LYS H 206 -53.37 -24.12 -57.93
C LYS H 206 -52.76 -25.38 -57.33
N TRP H 207 -53.37 -26.53 -57.63
CA TRP H 207 -52.97 -27.78 -57.00
C TRP H 207 -51.52 -28.15 -57.30
N ASP H 208 -51.11 -27.92 -58.54
CA ASP H 208 -49.73 -28.19 -58.94
C ASP H 208 -48.78 -27.26 -58.21
N TYR H 209 -48.99 -25.95 -58.34
CA TYR H 209 -48.01 -24.98 -57.82
C TYR H 209 -47.92 -24.97 -56.30
N PHE H 210 -48.99 -25.35 -55.60
CA PHE H 210 -48.90 -25.60 -54.15
C PHE H 210 -47.84 -26.65 -53.89
N ALA H 211 -48.04 -27.82 -54.49
CA ALA H 211 -47.14 -28.95 -54.32
C ALA H 211 -45.73 -28.62 -54.80
N ARG H 212 -45.65 -28.00 -55.98
CA ARG H 212 -44.38 -27.71 -56.62
C ARG H 212 -43.60 -26.64 -55.90
N ASP H 213 -44.24 -25.50 -55.67
CA ASP H 213 -43.55 -24.38 -55.03
C ASP H 213 -43.06 -24.83 -53.64
N CYS H 214 -43.94 -25.48 -52.86
CA CYS H 214 -43.54 -26.02 -51.55
C CYS H 214 -42.29 -26.93 -51.59
N HIS H 215 -42.29 -27.88 -52.53
CA HIS H 215 -41.18 -28.84 -52.70
C HIS H 215 -39.85 -28.11 -52.85
N HIS H 216 -39.84 -27.12 -53.75
CA HIS H 216 -38.65 -26.35 -54.09
C HIS H 216 -38.35 -25.22 -53.05
N LEU H 217 -39.37 -24.60 -52.46
CA LEU H 217 -39.18 -23.50 -51.48
C LEU H 217 -38.50 -23.95 -50.19
N GLY H 218 -39.00 -25.05 -49.65
CA GLY H 218 -38.63 -25.56 -48.33
C GLY H 218 -39.72 -25.27 -47.31
N ILE H 219 -40.96 -25.54 -47.70
CA ILE H 219 -42.14 -25.42 -46.86
C ILE H 219 -43.00 -26.63 -47.18
N GLN H 220 -43.71 -27.18 -46.19
CA GLN H 220 -44.62 -28.31 -46.42
C GLN H 220 -46.01 -27.78 -46.77
N ASN H 221 -46.63 -28.50 -47.70
CA ASN H 221 -47.93 -28.13 -48.26
C ASN H 221 -49.02 -28.80 -47.46
N ASN H 222 -50.06 -28.03 -47.12
CA ASN H 222 -51.15 -28.53 -46.26
C ASN H 222 -52.47 -28.85 -47.00
N PHE H 223 -52.40 -29.15 -48.30
CA PHE H 223 -53.60 -29.42 -49.11
C PHE H 223 -53.46 -30.68 -49.95
N ASP H 224 -54.45 -31.56 -49.86
CA ASP H 224 -54.43 -32.87 -50.53
C ASP H 224 -55.35 -32.82 -51.74
N TYR H 225 -54.76 -32.60 -52.90
CA TYR H 225 -55.51 -32.53 -54.15
C TYR H 225 -56.11 -33.88 -54.54
N LYS H 226 -55.34 -34.94 -54.28
CA LYS H 226 -55.78 -36.30 -54.58
C LYS H 226 -57.08 -36.65 -53.89
N ARG H 227 -57.19 -36.24 -52.63
CA ARG H 227 -58.38 -36.49 -51.85
C ARG H 227 -59.59 -35.75 -52.40
N PHE H 228 -59.40 -34.48 -52.76
CA PHE H 228 -60.50 -33.70 -53.30
C PHE H 228 -61.06 -34.32 -54.58
N ILE H 229 -60.17 -34.87 -55.40
CA ILE H 229 -60.52 -35.62 -56.62
C ILE H 229 -61.37 -36.84 -56.29
N LYS H 230 -61.02 -37.59 -55.25
CA LYS H 230 -61.84 -38.75 -54.86
C LYS H 230 -63.26 -38.36 -54.44
N PHE H 231 -63.43 -37.15 -53.90
CA PHE H 231 -64.76 -36.63 -53.49
C PHE H 231 -65.26 -35.49 -54.38
N ALA H 232 -64.90 -35.54 -55.66
CA ALA H 232 -65.44 -34.63 -56.64
C ALA H 232 -66.49 -35.35 -57.45
N ARG H 233 -67.43 -34.58 -58.00
CA ARG H 233 -68.60 -35.13 -58.67
C ARG H 233 -69.36 -34.04 -59.42
N VAL H 234 -69.91 -34.37 -60.58
CA VAL H 234 -70.69 -33.42 -61.37
C VAL H 234 -72.16 -33.56 -61.01
N CYS H 235 -72.80 -32.42 -60.75
CA CYS H 235 -74.25 -32.34 -60.50
C CYS H 235 -74.84 -31.19 -61.28
N GLU H 236 -76.16 -31.21 -61.42
CA GLU H 236 -76.87 -30.11 -62.06
C GLU H 236 -77.01 -28.96 -61.08
N VAL H 237 -76.64 -27.76 -61.53
CA VAL H 237 -76.82 -26.52 -60.75
C VAL H 237 -77.30 -25.44 -61.73
N ASP H 238 -78.55 -24.99 -61.56
CA ASP H 238 -79.13 -23.94 -62.41
C ASP H 238 -78.98 -24.27 -63.91
N ASN H 239 -79.55 -25.40 -64.31
CA ASN H 239 -79.65 -25.82 -65.72
C ASN H 239 -78.29 -25.98 -66.43
N GLU H 240 -77.31 -26.48 -65.68
CA GLU H 240 -75.92 -26.50 -66.11
C GLU H 240 -75.18 -27.51 -65.24
N LEU H 241 -74.34 -28.35 -65.86
CA LEU H 241 -73.62 -29.41 -65.14
C LEU H 241 -72.24 -28.96 -64.62
N ARG H 242 -72.10 -28.80 -63.29
CA ARG H 242 -70.86 -28.27 -62.70
C ARG H 242 -70.29 -29.18 -61.63
N ILE H 243 -68.98 -29.06 -61.43
CA ILE H 243 -68.27 -29.86 -60.45
C ILE H 243 -68.70 -29.44 -59.05
N CYS H 244 -68.95 -30.45 -58.21
CA CYS H 244 -69.32 -30.28 -56.81
C CYS H 244 -68.44 -31.16 -55.93
N ALA H 245 -68.13 -30.65 -54.73
CA ALA H 245 -67.38 -31.41 -53.73
C ALA H 245 -68.33 -31.93 -52.68
N ARG H 246 -67.89 -32.93 -51.93
CA ARG H 246 -68.70 -33.51 -50.88
C ARG H 246 -68.82 -32.52 -49.71
N ASP H 247 -69.98 -32.50 -49.07
CA ASP H 247 -70.25 -31.65 -47.91
C ASP H 247 -69.13 -31.61 -46.85
N LYS H 248 -68.55 -32.77 -46.51
CA LYS H 248 -67.47 -32.83 -45.50
C LYS H 248 -66.18 -32.08 -45.92
N GLU H 249 -65.90 -32.02 -47.22
CA GLU H 249 -64.71 -31.32 -47.72
C GLU H 249 -64.72 -29.80 -47.54
N VAL H 250 -65.86 -29.21 -47.22
CA VAL H 250 -65.95 -27.75 -47.05
C VAL H 250 -64.81 -27.20 -46.18
N GLY H 251 -64.48 -27.90 -45.09
CA GLY H 251 -63.37 -27.50 -44.21
C GLY H 251 -62.04 -27.41 -44.95
N ASN H 252 -61.74 -28.45 -45.70
CA ASN H 252 -60.50 -28.54 -46.47
C ASN H 252 -60.40 -27.47 -47.54
N LEU H 253 -61.55 -27.08 -48.09
CA LEU H 253 -61.60 -26.03 -49.10
C LEU H 253 -61.30 -24.66 -48.53
N TYR H 254 -61.78 -24.32 -47.34
CA TYR H 254 -61.37 -23.06 -46.70
C TYR H 254 -59.86 -23.11 -46.42
N ASP H 255 -59.37 -24.30 -46.02
CA ASP H 255 -57.95 -24.52 -45.74
C ASP H 255 -57.08 -24.45 -47.02
N MET H 256 -57.67 -24.76 -48.18
CA MET H 256 -56.98 -24.55 -49.46
C MET H 256 -56.65 -23.08 -49.66
N PHE H 257 -57.65 -22.20 -49.52
CA PHE H 257 -57.42 -20.76 -49.71
C PHE H 257 -56.58 -20.14 -48.58
N HIS H 258 -56.61 -20.73 -47.39
CA HIS H 258 -55.70 -20.33 -46.30
C HIS H 258 -54.25 -20.66 -46.68
N THR H 259 -54.03 -21.89 -47.15
CA THR H 259 -52.73 -22.32 -47.64
C THR H 259 -52.23 -21.39 -48.76
N ARG H 260 -53.12 -20.98 -49.67
CA ARG H 260 -52.77 -20.03 -50.73
C ARG H 260 -52.27 -18.71 -50.16
N ASN H 261 -53.09 -18.11 -49.29
CA ASN H 261 -52.77 -16.83 -48.66
C ASN H 261 -51.47 -16.93 -47.85
N SER H 262 -51.30 -18.05 -47.15
CA SER H 262 -50.10 -18.31 -46.37
C SER H 262 -48.82 -18.32 -47.26
N LEU H 263 -48.90 -19.00 -48.42
CA LEU H 263 -47.78 -19.02 -49.36
C LEU H 263 -47.43 -17.66 -49.96
N HIS H 264 -48.45 -16.85 -50.19
CA HIS H 264 -48.22 -15.47 -50.61
C HIS H 264 -47.51 -14.68 -49.53
N ARG H 265 -47.96 -14.83 -48.28
CA ARG H 265 -47.35 -14.10 -47.16
C ARG H 265 -45.90 -14.50 -46.98
N ARG H 266 -45.63 -15.79 -46.93
CA ARG H 266 -44.28 -16.27 -46.63
C ARG H 266 -43.32 -16.13 -47.79
N ALA H 267 -43.80 -16.40 -49.01
CA ALA H 267 -42.92 -16.57 -50.17
C ALA H 267 -43.17 -15.55 -51.29
N TYR H 268 -44.32 -15.63 -51.93
CA TYR H 268 -44.52 -14.93 -53.22
C TYR H 268 -44.44 -13.41 -53.10
N GLN H 269 -45.00 -12.91 -51.99
CA GLN H 269 -44.92 -11.49 -51.63
C GLN H 269 -43.88 -11.19 -50.55
N HIS H 270 -42.82 -11.99 -50.49
CA HIS H 270 -41.75 -11.76 -49.51
C HIS H 270 -41.12 -10.39 -49.75
N LYS H 271 -40.93 -9.64 -48.66
CA LYS H 271 -40.53 -8.23 -48.71
C LYS H 271 -39.30 -7.96 -49.61
N VAL H 272 -38.32 -8.85 -49.56
CA VAL H 272 -37.11 -8.78 -50.36
C VAL H 272 -37.33 -9.34 -51.77
N GLY H 273 -38.12 -10.40 -51.87
CA GLY H 273 -38.47 -10.96 -53.17
C GLY H 273 -39.14 -9.93 -54.06
N ASN H 274 -40.06 -9.18 -53.45
CA ASN H 274 -40.73 -8.08 -54.11
C ASN H 274 -39.81 -6.90 -54.45
N ILE H 275 -38.85 -6.57 -53.57
CA ILE H 275 -37.94 -5.48 -53.88
C ILE H 275 -36.99 -5.85 -55.02
N ILE H 276 -36.62 -7.12 -55.09
CA ILE H 276 -35.80 -7.59 -56.20
C ILE H 276 -36.58 -7.58 -57.52
N ASP H 277 -37.84 -8.02 -57.47
CA ASP H 277 -38.77 -7.88 -58.59
C ASP H 277 -38.80 -6.40 -59.08
N THR H 278 -39.03 -5.43 -58.17
CA THR H 278 -39.12 -3.99 -58.54
C THR H 278 -37.79 -3.49 -59.13
N MET H 279 -36.67 -4.00 -58.59
CA MET H 279 -35.34 -3.64 -59.08
C MET H 279 -35.05 -4.18 -60.46
N ILE H 280 -35.44 -5.43 -60.71
CA ILE H 280 -35.30 -6.00 -62.04
C ILE H 280 -36.21 -5.27 -63.04
N THR H 281 -37.46 -5.02 -62.64
CA THR H 281 -38.41 -4.21 -63.41
C THR H 281 -37.81 -2.83 -63.77
N ASP H 282 -37.22 -2.19 -62.76
CA ASP H 282 -36.57 -0.88 -62.92
C ASP H 282 -35.48 -0.96 -64.01
N ALA H 283 -34.64 -1.98 -63.92
CA ALA H 283 -33.57 -2.21 -64.89
C ALA H 283 -34.09 -2.47 -66.31
N PHE H 284 -35.19 -3.20 -66.41
CA PHE H 284 -35.82 -3.46 -67.71
C PHE H 284 -36.33 -2.17 -68.31
N LEU H 285 -36.97 -1.34 -67.49
CA LEU H 285 -37.48 -0.05 -67.97
C LEU H 285 -36.36 0.82 -68.56
N LYS H 286 -35.21 0.84 -67.89
CA LYS H 286 -34.05 1.62 -68.36
C LYS H 286 -33.38 1.00 -69.58
N ALA H 287 -33.44 -0.32 -69.69
CA ALA H 287 -32.89 -1.02 -70.86
C ALA H 287 -33.82 -1.10 -72.07
N ASP H 288 -35.11 -0.80 -71.88
CA ASP H 288 -36.14 -1.10 -72.89
C ASP H 288 -35.86 -0.48 -74.25
N ASP H 289 -35.46 0.80 -74.22
CA ASP H 289 -35.20 1.59 -75.42
C ASP H 289 -34.09 1.05 -76.30
N TYR H 290 -33.09 0.43 -75.69
CA TYR H 290 -31.86 0.04 -76.40
C TYR H 290 -31.73 -1.47 -76.70
N ILE H 291 -32.73 -2.27 -76.33
CA ILE H 291 -32.72 -3.69 -76.67
C ILE H 291 -33.71 -3.95 -77.78
N GLU H 292 -33.19 -4.56 -78.85
CA GLU H 292 -33.97 -4.99 -80.00
C GLU H 292 -34.12 -6.51 -79.98
N ILE H 293 -35.30 -6.98 -80.38
CA ILE H 293 -35.58 -8.42 -80.54
C ILE H 293 -36.22 -8.63 -81.90
N THR H 294 -35.64 -9.55 -82.66
CA THR H 294 -36.11 -9.86 -84.02
C THR H 294 -37.43 -10.57 -83.93
N GLY H 295 -38.40 -10.06 -84.67
CA GLY H 295 -39.75 -10.63 -84.71
C GLY H 295 -40.10 -11.21 -86.07
N ALA H 296 -41.39 -11.17 -86.39
CA ALA H 296 -41.92 -11.73 -87.62
C ALA H 296 -41.55 -10.84 -88.79
N GLY H 297 -41.03 -11.48 -89.84
CA GLY H 297 -40.49 -10.80 -91.00
C GLY H 297 -39.30 -9.92 -90.69
N GLY H 298 -38.62 -10.20 -89.58
CA GLY H 298 -37.49 -9.39 -89.14
C GLY H 298 -37.75 -8.04 -88.47
N LYS H 299 -39.02 -7.66 -88.25
CA LYS H 299 -39.33 -6.36 -87.62
C LYS H 299 -38.70 -6.29 -86.21
N LYS H 300 -38.20 -5.10 -85.84
CA LYS H 300 -37.52 -4.92 -84.55
C LYS H 300 -38.52 -4.60 -83.45
N TYR H 301 -38.50 -5.39 -82.37
CA TYR H 301 -39.38 -5.16 -81.21
C TYR H 301 -38.55 -4.93 -79.93
N ARG H 302 -39.08 -4.10 -79.04
CA ARG H 302 -38.48 -3.83 -77.73
C ARG H 302 -39.04 -4.80 -76.71
N ILE H 303 -38.51 -4.77 -75.50
CA ILE H 303 -38.94 -5.69 -74.45
C ILE H 303 -40.43 -5.50 -74.22
N SER H 304 -40.85 -4.24 -74.07
CA SER H 304 -42.25 -3.91 -73.83
C SER H 304 -43.20 -4.21 -74.98
N THR H 305 -42.70 -4.18 -76.22
CA THR H 305 -43.54 -4.40 -77.42
C THR H 305 -43.48 -5.82 -78.00
N ALA H 306 -42.60 -6.67 -77.47
CA ALA H 306 -42.51 -8.05 -77.92
C ALA H 306 -43.82 -8.80 -77.69
N ILE H 307 -44.60 -8.42 -76.67
CA ILE H 307 -45.91 -9.01 -76.44
C ILE H 307 -46.90 -8.89 -77.61
N ASP H 308 -46.68 -7.91 -78.49
CA ASP H 308 -47.53 -7.75 -79.66
C ASP H 308 -47.29 -8.80 -80.75
N ASP H 309 -46.03 -9.24 -80.88
CA ASP H 309 -45.66 -10.29 -81.83
C ASP H 309 -45.13 -11.52 -81.08
N MET H 310 -45.66 -12.69 -81.42
CA MET H 310 -45.30 -13.94 -80.74
C MET H 310 -43.98 -14.54 -81.19
N GLU H 311 -43.58 -14.31 -82.43
CA GLU H 311 -42.29 -14.81 -82.90
C GLU H 311 -41.16 -14.13 -82.16
N ALA H 312 -41.34 -12.84 -81.84
CA ALA H 312 -40.39 -12.10 -81.02
C ALA H 312 -40.42 -12.56 -79.57
N TYR H 313 -41.62 -12.59 -79.00
CA TYR H 313 -41.87 -12.99 -77.60
C TYR H 313 -41.36 -14.38 -77.26
N THR H 314 -41.32 -15.27 -78.26
CA THR H 314 -40.69 -16.59 -78.16
C THR H 314 -39.23 -16.51 -77.65
N LYS H 315 -38.51 -15.49 -78.11
CA LYS H 315 -37.11 -15.29 -77.71
C LYS H 315 -36.92 -14.45 -76.43
N LEU H 316 -38.02 -14.01 -75.82
CA LEU H 316 -37.97 -13.15 -74.63
C LEU H 316 -38.18 -13.95 -73.36
N THR H 317 -37.09 -14.19 -72.64
CA THR H 317 -37.08 -15.03 -71.45
C THR H 317 -36.25 -14.35 -70.36
N ASP H 318 -36.03 -15.05 -69.24
CA ASP H 318 -35.13 -14.61 -68.16
C ASP H 318 -33.72 -14.24 -68.65
N ASN H 319 -33.29 -14.84 -69.77
CA ASN H 319 -32.06 -14.46 -70.48
C ASN H 319 -31.80 -12.97 -70.53
N ILE H 320 -32.87 -12.22 -70.72
CA ILE H 320 -32.77 -10.77 -70.88
C ILE H 320 -32.09 -10.09 -69.67
N PHE H 321 -32.25 -10.68 -68.49
CA PHE H 321 -31.49 -10.31 -67.28
C PHE H 321 -29.98 -10.38 -67.50
N LEU H 322 -29.50 -11.56 -67.87
CA LEU H 322 -28.06 -11.79 -68.08
C LEU H 322 -27.51 -11.07 -69.29
N GLU H 323 -28.37 -10.88 -70.31
CA GLU H 323 -28.00 -10.11 -71.48
C GLU H 323 -27.63 -8.70 -71.01
N ILE H 324 -28.50 -8.08 -70.19
CA ILE H 324 -28.25 -6.74 -69.63
C ILE H 324 -27.01 -6.74 -68.73
N LEU H 325 -26.90 -7.75 -67.87
CA LEU H 325 -25.79 -7.81 -66.91
C LEU H 325 -24.43 -7.90 -67.61
N TYR H 326 -24.33 -8.82 -68.56
CA TYR H 326 -23.08 -9.05 -69.27
C TYR H 326 -22.72 -8.00 -70.34
N SER H 327 -23.66 -7.13 -70.72
CA SER H 327 -23.41 -6.18 -71.83
C SER H 327 -22.33 -5.15 -71.52
N THR H 328 -21.75 -4.60 -72.58
CA THR H 328 -20.80 -3.49 -72.51
C THR H 328 -21.28 -2.22 -73.24
N ASP H 329 -22.45 -2.27 -73.88
CA ASP H 329 -23.05 -1.09 -74.49
C ASP H 329 -23.24 -0.02 -73.40
N PRO H 330 -22.63 1.16 -73.57
CA PRO H 330 -22.84 2.23 -72.58
C PRO H 330 -24.27 2.79 -72.51
N LYS H 331 -25.09 2.59 -73.55
CA LYS H 331 -26.51 2.94 -73.49
C LYS H 331 -27.24 2.17 -72.38
N LEU H 332 -26.77 0.95 -72.10
CA LEU H 332 -27.31 0.09 -71.05
C LEU H 332 -26.65 0.25 -69.67
N LYS H 333 -25.78 1.24 -69.47
CA LYS H 333 -25.03 1.36 -68.22
C LYS H 333 -25.94 1.57 -67.01
N ASP H 334 -26.96 2.41 -67.15
CA ASP H 334 -27.94 2.61 -66.08
C ASP H 334 -28.64 1.30 -65.65
N ALA H 335 -29.10 0.53 -66.63
CA ALA H 335 -29.77 -0.74 -66.35
C ALA H 335 -28.81 -1.76 -65.75
N ARG H 336 -27.64 -1.92 -66.35
CA ARG H 336 -26.61 -2.85 -65.87
C ARG H 336 -26.16 -2.55 -64.43
N GLU H 337 -26.15 -1.28 -64.04
CA GLU H 337 -25.74 -0.92 -62.69
C GLU H 337 -26.77 -1.38 -61.65
N ILE H 338 -28.06 -1.29 -61.97
CA ILE H 338 -29.09 -1.80 -61.06
C ILE H 338 -28.91 -3.31 -60.84
N LEU H 339 -28.71 -4.05 -61.93
CA LEU H 339 -28.54 -5.50 -61.84
C LEU H 339 -27.26 -5.90 -61.11
N LYS H 340 -26.18 -5.14 -61.30
CA LYS H 340 -24.96 -5.39 -60.54
C LYS H 340 -25.18 -5.16 -59.05
N GLN H 341 -25.99 -4.15 -58.69
CA GLN H 341 -26.36 -3.92 -57.30
C GLN H 341 -27.13 -5.08 -56.65
N ILE H 342 -27.81 -5.90 -57.45
CA ILE H 342 -28.48 -7.12 -56.96
C ILE H 342 -27.51 -8.26 -56.64
N GLU H 343 -26.48 -8.39 -57.47
CA GLU H 343 -25.43 -9.39 -57.22
C GLU H 343 -24.75 -9.07 -55.91
N TYR H 344 -24.25 -7.85 -55.80
CA TYR H 344 -23.56 -7.34 -54.59
C TYR H 344 -24.46 -7.19 -53.37
N ARG H 345 -25.78 -7.16 -53.60
CA ARG H 345 -26.78 -7.18 -52.52
C ARG H 345 -26.97 -5.79 -51.88
N ASN H 346 -26.76 -4.72 -52.64
CA ASN H 346 -27.12 -3.35 -52.23
C ASN H 346 -28.52 -3.06 -52.70
N LEU H 347 -29.46 -3.70 -52.03
CA LEU H 347 -30.85 -3.61 -52.38
C LEU H 347 -31.42 -2.40 -51.69
N PHE H 348 -32.53 -1.92 -52.23
CA PHE H 348 -33.27 -0.85 -51.61
C PHE H 348 -33.78 -1.38 -50.27
N LYS H 349 -33.63 -0.58 -49.21
CA LYS H 349 -33.89 -1.09 -47.86
C LYS H 349 -35.35 -1.03 -47.43
N TYR H 350 -35.81 -2.12 -46.81
CA TYR H 350 -37.15 -2.25 -46.28
C TYR H 350 -37.26 -1.38 -45.04
N VAL H 351 -38.29 -0.54 -44.99
CA VAL H 351 -38.52 0.34 -43.84
C VAL H 351 -39.55 -0.27 -42.88
N GLY H 352 -40.66 -0.76 -43.43
CA GLY H 352 -41.72 -1.38 -42.64
C GLY H 352 -42.96 -1.65 -43.46
N GLU H 353 -43.95 -2.25 -42.81
CA GLU H 353 -45.20 -2.67 -43.43
C GLU H 353 -46.35 -2.08 -42.63
N THR H 354 -47.47 -1.83 -43.30
CA THR H 354 -48.68 -1.35 -42.62
C THR H 354 -49.94 -1.68 -43.42
N GLN H 355 -51.09 -1.58 -42.76
CA GLN H 355 -52.40 -1.80 -43.39
C GLN H 355 -53.31 -0.59 -43.17
N PRO H 356 -54.27 -0.34 -44.08
CA PRO H 356 -55.33 0.62 -43.74
C PRO H 356 -56.29 0.09 -42.68
N THR H 357 -57.11 0.98 -42.15
CA THR H 357 -58.11 0.64 -41.12
C THR H 357 -59.50 1.02 -41.57
N GLY H 358 -60.49 0.55 -40.82
CA GLY H 358 -61.90 0.68 -41.21
C GLY H 358 -62.16 -0.18 -42.43
N GLN H 359 -62.83 0.39 -43.42
CA GLN H 359 -62.94 -0.22 -44.75
C GLN H 359 -62.40 0.79 -45.78
N ILE H 360 -61.18 1.29 -45.56
CA ILE H 360 -60.50 2.26 -46.47
C ILE H 360 -59.65 1.53 -47.55
N LYS H 361 -60.24 1.23 -48.72
CA LYS H 361 -59.49 0.59 -49.81
C LYS H 361 -58.66 1.65 -50.56
N ILE H 362 -57.37 1.39 -50.79
CA ILE H 362 -56.51 2.25 -51.61
C ILE H 362 -56.62 1.88 -53.08
N LYS H 363 -57.20 2.77 -53.88
CA LYS H 363 -57.41 2.52 -55.31
C LYS H 363 -56.08 2.51 -56.08
N ARG H 364 -56.05 1.77 -57.19
CA ARG H 364 -54.83 1.58 -58.00
C ARG H 364 -54.30 2.88 -58.61
N GLU H 365 -55.21 3.67 -59.14
CA GLU H 365 -54.98 5.09 -59.49
C GLU H 365 -53.99 5.85 -58.58
N ASP H 366 -54.18 5.72 -57.26
CA ASP H 366 -53.41 6.50 -56.27
C ASP H 366 -51.99 5.98 -55.99
N TYR H 367 -51.64 4.81 -56.51
CA TYR H 367 -50.33 4.18 -56.29
C TYR H 367 -49.19 5.11 -56.67
N GLU H 368 -49.30 5.74 -57.85
CA GLU H 368 -48.31 6.72 -58.31
C GLU H 368 -47.98 7.77 -57.25
N SER H 369 -48.99 8.26 -56.55
CA SER H 369 -48.83 9.42 -55.62
C SER H 369 -48.28 9.13 -54.22
N LEU H 370 -48.21 7.87 -53.81
CA LEU H 370 -47.91 7.54 -52.41
C LEU H 370 -46.48 7.87 -51.94
N PRO H 371 -45.47 7.72 -52.80
CA PRO H 371 -44.12 8.20 -52.43
C PRO H 371 -44.08 9.69 -52.06
N LYS H 372 -44.77 10.51 -52.85
CA LYS H 372 -44.95 11.94 -52.56
C LYS H 372 -45.50 12.15 -51.15
N GLU H 373 -46.53 11.39 -50.78
CA GLU H 373 -47.16 11.52 -49.47
C GLU H 373 -46.23 11.21 -48.29
N VAL H 374 -45.35 10.21 -48.47
CA VAL H 374 -44.43 9.78 -47.40
C VAL H 374 -43.39 10.86 -47.13
N ALA H 375 -42.77 11.37 -48.20
CA ALA H 375 -41.84 12.49 -48.08
C ALA H 375 -42.52 13.75 -47.50
N SER H 376 -43.78 13.94 -47.86
CA SER H 376 -44.58 15.09 -47.40
C SER H 376 -44.88 15.12 -45.91
N ALA H 377 -44.83 13.96 -45.24
CA ALA H 377 -45.06 13.92 -43.80
C ALA H 377 -44.03 14.77 -43.06
N LYS H 378 -44.50 15.46 -42.02
CA LYS H 378 -43.66 16.34 -41.23
C LYS H 378 -43.55 15.73 -39.85
N PRO H 379 -42.59 14.82 -39.65
CA PRO H 379 -42.41 14.21 -38.33
C PRO H 379 -41.79 15.17 -37.33
N LYS H 380 -42.36 15.29 -36.14
CA LYS H 380 -41.83 16.19 -35.10
C LYS H 380 -40.57 15.60 -34.44
N VAL H 381 -39.53 15.39 -35.26
CA VAL H 381 -38.25 14.80 -34.82
C VAL H 381 -37.13 15.43 -35.62
N LEU H 382 -36.00 15.73 -34.97
CA LEU H 382 -34.86 16.36 -35.66
C LEU H 382 -34.17 15.36 -36.56
N LEU H 383 -34.15 15.67 -37.87
CA LEU H 383 -33.56 14.82 -38.89
C LEU H 383 -32.22 15.40 -39.35
N ASP H 384 -31.27 14.52 -39.65
CA ASP H 384 -29.98 14.91 -40.28
C ASP H 384 -30.21 15.25 -41.77
N VAL H 385 -31.06 14.45 -42.41
CA VAL H 385 -31.26 14.47 -43.85
C VAL H 385 -32.74 14.64 -44.17
N LYS H 386 -33.06 15.48 -45.16
CA LYS H 386 -34.41 15.52 -45.74
C LYS H 386 -34.39 14.60 -46.95
N LEU H 387 -35.48 13.88 -47.19
CA LEU H 387 -35.59 12.91 -48.30
C LEU H 387 -36.68 13.32 -49.29
N LYS H 388 -36.38 13.24 -50.58
CA LYS H 388 -37.33 13.56 -51.66
C LYS H 388 -38.22 12.34 -51.95
N ALA H 389 -39.30 12.55 -52.69
CA ALA H 389 -40.29 11.50 -52.96
C ALA H 389 -39.77 10.37 -53.86
N GLU H 390 -38.87 10.73 -54.78
CA GLU H 390 -38.17 9.74 -55.62
C GLU H 390 -37.31 8.74 -54.84
N ASP H 391 -36.90 9.11 -53.63
CA ASP H 391 -36.13 8.22 -52.74
C ASP H 391 -36.97 7.06 -52.18
N PHE H 392 -38.30 7.23 -52.13
CA PHE H 392 -39.19 6.21 -51.57
C PHE H 392 -39.81 5.31 -52.64
N ILE H 393 -40.03 4.05 -52.27
CA ILE H 393 -40.89 3.11 -53.02
C ILE H 393 -41.97 2.63 -52.09
N VAL H 394 -43.20 2.70 -52.55
CA VAL H 394 -44.34 2.18 -51.81
C VAL H 394 -44.94 1.09 -52.68
N ASP H 395 -45.08 -0.10 -52.08
CA ASP H 395 -45.49 -1.30 -52.79
C ASP H 395 -46.80 -1.72 -52.15
N VAL H 396 -47.90 -1.63 -52.89
CA VAL H 396 -49.22 -1.97 -52.33
C VAL H 396 -49.60 -3.35 -52.85
N ILE H 397 -50.08 -4.19 -51.94
CA ILE H 397 -50.31 -5.61 -52.22
C ILE H 397 -51.70 -6.00 -51.73
N ASN H 398 -52.50 -6.57 -52.65
CA ASN H 398 -53.83 -7.06 -52.31
C ASN H 398 -53.79 -8.55 -52.04
N MET H 399 -54.02 -8.91 -50.77
CA MET H 399 -54.12 -10.31 -50.35
C MET H 399 -55.60 -10.65 -50.26
N ASP H 400 -56.03 -11.68 -50.99
CA ASP H 400 -57.44 -12.06 -51.02
C ASP H 400 -57.59 -13.56 -51.14
N TYR H 401 -58.85 -14.01 -51.19
CA TYR H 401 -59.18 -15.41 -51.43
C TYR H 401 -59.55 -15.64 -52.90
N GLY H 402 -58.91 -14.89 -53.79
CA GLY H 402 -59.04 -15.11 -55.23
C GLY H 402 -60.25 -14.51 -55.90
N MET H 403 -61.12 -13.87 -55.15
CA MET H 403 -62.32 -13.21 -55.70
C MET H 403 -62.51 -11.90 -54.98
N GLN H 404 -61.44 -11.11 -54.95
CA GLN H 404 -61.45 -9.83 -54.28
C GLN H 404 -62.11 -10.00 -52.91
N GLU H 405 -63.17 -9.25 -52.64
CA GLU H 405 -63.77 -9.21 -51.31
C GLU H 405 -64.68 -10.39 -51.00
N LYS H 406 -64.95 -11.23 -52.00
CA LYS H 406 -65.88 -12.35 -51.85
C LYS H 406 -65.25 -13.61 -51.24
N ASN H 407 -66.13 -14.39 -50.60
CA ASN H 407 -65.83 -15.71 -50.07
C ASN H 407 -66.04 -16.68 -51.20
N PRO H 408 -64.97 -17.33 -51.68
CA PRO H 408 -65.14 -18.26 -52.82
C PRO H 408 -65.94 -19.51 -52.49
N ILE H 409 -66.00 -19.89 -51.21
CA ILE H 409 -66.78 -21.06 -50.78
C ILE H 409 -68.28 -20.84 -50.96
N ASP H 410 -68.73 -19.59 -50.87
CA ASP H 410 -70.11 -19.24 -51.20
C ASP H 410 -70.42 -19.44 -52.70
N HIS H 411 -69.37 -19.55 -53.54
CA HIS H 411 -69.52 -19.97 -54.93
C HIS H 411 -69.02 -21.41 -55.22
N VAL H 412 -69.16 -22.32 -54.25
CA VAL H 412 -68.89 -23.76 -54.46
C VAL H 412 -70.20 -24.52 -54.22
N SER H 413 -70.44 -25.53 -55.06
CA SER H 413 -71.58 -26.42 -54.90
C SER H 413 -71.14 -27.73 -54.22
N PHE H 414 -72.02 -28.23 -53.36
CA PHE H 414 -71.75 -29.42 -52.56
C PHE H 414 -72.78 -30.54 -52.74
N TYR H 415 -72.42 -31.77 -52.36
CA TYR H 415 -73.38 -32.89 -52.34
C TYR H 415 -73.27 -33.72 -51.06
N CYS H 416 -74.32 -34.47 -50.76
CA CYS H 416 -74.35 -35.30 -49.54
C CYS H 416 -74.29 -36.78 -49.88
N LYS H 417 -73.82 -37.58 -48.92
CA LYS H 417 -73.73 -39.03 -49.11
C LYS H 417 -75.08 -39.62 -49.41
N THR H 418 -76.08 -39.14 -48.68
CA THR H 418 -77.46 -39.59 -48.84
C THR H 418 -78.14 -39.18 -50.15
N ALA H 419 -77.68 -38.12 -50.81
CA ALA H 419 -78.25 -37.63 -52.08
C ALA H 419 -77.17 -37.04 -52.99
N PRO H 420 -76.40 -37.93 -53.65
CA PRO H 420 -75.22 -37.49 -54.36
C PRO H 420 -75.48 -36.76 -55.68
N ASN H 421 -76.72 -36.76 -56.18
CA ASN H 421 -77.03 -35.94 -57.34
C ASN H 421 -77.62 -34.59 -56.99
N ARG H 422 -77.99 -34.40 -55.72
CA ARG H 422 -78.57 -33.15 -55.28
C ARG H 422 -77.53 -32.19 -54.75
N ALA H 423 -77.33 -31.12 -55.51
CA ALA H 423 -76.38 -30.07 -55.17
C ALA H 423 -76.97 -29.13 -54.15
N ILE H 424 -76.10 -28.58 -53.30
CA ILE H 424 -76.49 -27.68 -52.22
C ILE H 424 -75.42 -26.60 -51.99
N ARG H 425 -75.74 -25.65 -51.12
CA ARG H 425 -74.81 -24.60 -50.69
C ARG H 425 -74.51 -24.72 -49.21
N ILE H 426 -73.28 -24.38 -48.82
CA ILE H 426 -72.91 -24.35 -47.41
C ILE H 426 -72.38 -22.94 -47.12
N THR H 427 -73.05 -22.22 -46.21
CA THR H 427 -72.65 -20.85 -45.83
C THR H 427 -71.45 -20.91 -44.92
N LYS H 428 -70.92 -19.74 -44.56
CA LYS H 428 -69.83 -19.67 -43.60
C LYS H 428 -70.27 -20.11 -42.19
N ASN H 429 -71.46 -19.70 -41.78
CA ASN H 429 -71.96 -19.99 -40.42
C ASN H 429 -72.17 -21.46 -40.14
N GLN H 430 -72.50 -22.20 -41.21
CA GLN H 430 -72.71 -23.64 -41.11
C GLN H 430 -71.42 -24.43 -40.86
N VAL H 431 -70.25 -23.81 -41.10
CA VAL H 431 -68.97 -24.48 -40.97
C VAL H 431 -68.27 -24.21 -39.64
N SER H 432 -67.92 -22.94 -39.38
CA SER H 432 -67.12 -22.58 -38.20
C SER H 432 -67.15 -21.10 -37.86
N GLN H 433 -67.03 -20.82 -36.57
CA GLN H 433 -66.87 -19.46 -36.04
C GLN H 433 -65.41 -18.96 -36.09
N LEU H 434 -64.46 -19.86 -36.35
CA LEU H 434 -63.04 -19.51 -36.38
C LEU H 434 -62.53 -19.17 -37.78
N LEU H 435 -63.42 -19.05 -38.75
CA LEU H 435 -63.04 -18.67 -40.10
C LEU H 435 -62.75 -17.18 -40.19
N PRO H 436 -62.15 -16.72 -41.32
CA PRO H 436 -61.92 -15.29 -41.49
C PRO H 436 -63.18 -14.45 -41.49
N GLU H 437 -63.09 -13.24 -40.96
CA GLU H 437 -64.18 -12.29 -40.97
C GLU H 437 -64.32 -11.67 -42.35
N LYS H 438 -63.21 -11.18 -42.86
CA LYS H 438 -63.08 -10.64 -44.22
C LYS H 438 -62.31 -11.63 -45.10
N PHE H 439 -62.36 -11.41 -46.42
CA PHE H 439 -61.63 -12.25 -47.39
C PHE H 439 -60.74 -11.45 -48.36
N ALA H 440 -60.42 -10.21 -47.97
CA ALA H 440 -59.45 -9.39 -48.67
C ALA H 440 -58.90 -8.29 -47.75
N GLU H 441 -57.66 -7.91 -48.00
CA GLU H 441 -57.01 -6.83 -47.26
C GLU H 441 -55.89 -6.26 -48.10
N GLN H 442 -55.26 -5.20 -47.62
CA GLN H 442 -54.15 -4.57 -48.31
C GLN H 442 -52.93 -4.50 -47.41
N LEU H 443 -51.76 -4.76 -48.01
CA LEU H 443 -50.48 -4.59 -47.35
C LEU H 443 -49.69 -3.53 -48.06
N ILE H 444 -49.13 -2.60 -47.27
CA ILE H 444 -48.36 -1.50 -47.81
C ILE H 444 -46.96 -1.62 -47.24
N ARG H 445 -46.02 -1.95 -48.12
CA ARG H 445 -44.59 -1.96 -47.78
C ARG H 445 -43.95 -0.69 -48.29
N VAL H 446 -43.08 -0.11 -47.47
CA VAL H 446 -42.34 1.08 -47.83
C VAL H 446 -40.86 0.72 -47.80
N TYR H 447 -40.14 1.08 -48.86
CA TYR H 447 -38.70 0.91 -48.94
C TYR H 447 -38.05 2.25 -49.28
N CYS H 448 -36.76 2.37 -48.97
CA CYS H 448 -35.99 3.59 -49.24
C CYS H 448 -34.79 3.27 -50.15
N LYS H 449 -34.62 4.07 -51.20
CA LYS H 449 -33.55 3.86 -52.19
C LYS H 449 -32.17 4.18 -51.63
N LYS H 450 -32.09 5.10 -50.67
CA LYS H 450 -30.85 5.43 -50.00
C LYS H 450 -30.57 4.46 -48.85
N VAL H 451 -29.44 3.78 -48.95
CA VAL H 451 -29.09 2.62 -48.13
C VAL H 451 -28.46 3.01 -46.78
N ASP H 452 -27.72 4.13 -46.73
CA ASP H 452 -26.90 4.54 -45.57
C ASP H 452 -27.60 4.69 -44.22
N ARG H 453 -26.79 4.65 -43.15
CA ARG H 453 -27.28 4.69 -41.76
C ARG H 453 -28.17 5.90 -41.49
N LYS H 454 -27.71 7.08 -41.95
CA LYS H 454 -28.43 8.35 -41.73
C LYS H 454 -29.79 8.41 -42.44
N SER H 455 -29.83 7.99 -43.70
CA SER H 455 -31.05 8.08 -44.53
C SER H 455 -32.12 7.06 -44.14
N LEU H 456 -31.67 5.90 -43.68
CA LEU H 456 -32.59 4.88 -43.20
C LEU H 456 -33.32 5.31 -41.93
N TYR H 457 -32.62 5.93 -40.99
CA TYR H 457 -33.26 6.50 -39.78
C TYR H 457 -34.34 7.51 -40.17
N ALA H 458 -33.98 8.39 -41.10
CA ALA H 458 -34.91 9.40 -41.59
C ALA H 458 -36.15 8.75 -42.18
N ALA H 459 -35.91 7.84 -43.12
CA ALA H 459 -36.99 7.13 -43.81
C ALA H 459 -37.99 6.52 -42.83
N ARG H 460 -37.46 5.90 -41.77
CA ARG H 460 -38.28 5.32 -40.70
C ARG H 460 -39.19 6.36 -40.02
N GLN H 461 -38.65 7.54 -39.78
CA GLN H 461 -39.42 8.61 -39.16
C GLN H 461 -40.54 9.09 -40.11
N TYR H 462 -40.21 9.31 -41.38
CA TYR H 462 -41.21 9.65 -42.40
C TYR H 462 -42.34 8.62 -42.47
N PHE H 463 -41.95 7.34 -42.53
CA PHE H 463 -42.91 6.24 -42.66
C PHE H 463 -43.87 6.15 -41.48
N VAL H 464 -43.32 6.09 -40.26
CA VAL H 464 -44.15 5.90 -39.06
C VAL H 464 -45.07 7.09 -38.84
N GLN H 465 -44.64 8.27 -39.28
CA GLN H 465 -45.50 9.47 -39.26
C GLN H 465 -46.62 9.32 -40.28
N TRP H 466 -46.24 9.04 -41.52
CA TRP H 466 -47.19 8.82 -42.60
C TRP H 466 -48.31 7.83 -42.21
N CYS H 467 -47.94 6.79 -41.44
CA CYS H 467 -48.90 5.83 -40.89
C CYS H 467 -49.90 6.48 -39.93
N ALA H 468 -49.38 7.26 -38.97
CA ALA H 468 -50.23 8.02 -38.05
C ALA H 468 -51.08 9.06 -38.80
N ASP H 469 -50.47 9.71 -39.81
CA ASP H 469 -51.15 10.72 -40.64
C ASP H 469 -52.38 10.19 -41.36
N ARG H 470 -52.34 8.95 -41.83
CA ARG H 470 -53.46 8.39 -42.60
C ARG H 470 -54.32 7.38 -41.83
N ASN H 471 -54.13 7.32 -40.52
CA ASN H 471 -54.85 6.40 -39.63
C ASN H 471 -54.69 4.94 -40.10
N PHE H 472 -53.43 4.57 -40.38
CA PHE H 472 -53.06 3.19 -40.68
C PHE H 472 -52.61 2.49 -39.41
N THR H 473 -52.43 1.17 -39.49
CA THR H 473 -52.02 0.39 -38.33
C THR H 473 -50.60 0.74 -37.94
N LYS H 474 -50.32 0.63 -36.65
CA LYS H 474 -48.98 0.86 -36.14
C LYS H 474 -48.07 -0.23 -36.67
N PRO H 475 -46.93 0.15 -37.27
CA PRO H 475 -45.96 -0.88 -37.64
C PRO H 475 -45.59 -1.75 -36.43
N GLN H 476 -45.43 -3.05 -36.66
CA GLN H 476 -45.15 -4.01 -35.60
C GLN H 476 -43.89 -3.62 -34.81
N ASP H 477 -42.86 -3.20 -35.55
CA ASP H 477 -41.60 -2.70 -34.99
C ASP H 477 -41.62 -1.18 -34.66
N GLY H 478 -42.80 -0.59 -34.60
CA GLY H 478 -42.94 0.87 -34.64
C GLY H 478 -42.33 1.61 -33.47
N ASP H 479 -42.51 1.06 -32.28
CA ASP H 479 -41.97 1.63 -31.05
C ASP H 479 -40.45 1.63 -31.04
N VAL H 480 -39.84 0.66 -31.72
CA VAL H 480 -38.40 0.55 -31.80
C VAL H 480 -37.83 1.56 -32.80
N ILE H 481 -38.28 1.47 -34.06
CA ILE H 481 -37.70 2.24 -35.17
C ILE H 481 -37.94 3.75 -35.07
N ALA H 482 -39.09 4.16 -34.54
CA ALA H 482 -39.46 5.57 -34.43
C ALA H 482 -40.07 5.83 -33.06
N PRO H 483 -39.24 5.78 -32.01
CA PRO H 483 -39.75 5.81 -30.64
C PRO H 483 -40.35 7.15 -30.26
N LEU H 484 -39.89 8.21 -30.93
CA LEU H 484 -40.34 9.56 -30.66
C LEU H 484 -41.70 9.84 -31.30
N ILE H 485 -42.10 9.06 -32.30
CA ILE H 485 -43.33 9.32 -33.06
C ILE H 485 -44.57 8.53 -32.59
N THR H 486 -44.38 7.30 -32.13
CA THR H 486 -45.51 6.43 -31.76
C THR H 486 -46.36 6.90 -30.54
N PRO H 487 -45.76 7.58 -29.54
CA PRO H 487 -46.61 8.08 -28.46
C PRO H 487 -47.59 9.19 -28.88
N GLN H 488 -47.18 9.99 -29.93
CA GLN H 488 -48.02 11.04 -30.47
C GLN H 488 -49.47 10.58 -30.76
N LYS H 489 -49.64 9.41 -31.36
CA LYS H 489 -50.96 8.91 -31.75
C LYS H 489 -51.74 8.33 -30.55
N LYS H 490 -52.92 8.91 -30.32
CA LYS H 490 -53.81 8.52 -29.22
C LYS H 490 -54.33 7.11 -29.42
N GLU H 491 -54.66 6.77 -30.67
CA GLU H 491 -55.21 5.45 -31.01
C GLU H 491 -54.24 4.26 -30.81
N TRP H 492 -52.92 4.52 -30.72
CA TRP H 492 -51.93 3.44 -30.55
C TRP H 492 -51.62 3.09 -29.08
N ASN H 493 -52.31 3.70 -28.15
CA ASN H 493 -52.11 3.42 -26.72
C ASN H 493 -53.15 2.53 -25.99
N MET I 9 17.18 29.83 33.40
CA MET I 9 17.73 31.11 33.90
C MET I 9 19.19 31.23 33.55
N LYS I 10 19.66 32.47 33.51
CA LYS I 10 21.06 32.71 33.29
C LYS I 10 21.61 33.48 34.46
N VAL I 11 22.80 33.10 34.91
CA VAL I 11 23.45 33.75 36.04
C VAL I 11 24.59 34.62 35.53
N ILE I 12 24.70 35.82 36.10
CA ILE I 12 25.67 36.82 35.67
C ILE I 12 26.29 37.48 36.91
N ASN I 13 27.62 37.67 36.90
CA ASN I 13 28.35 38.18 38.09
C ASN I 13 28.71 39.68 37.99
N ASP I 14 27.85 40.47 38.59
CA ASP I 14 28.05 41.91 38.78
C ASP I 14 28.88 42.12 40.03
N PRO I 15 29.92 42.97 39.98
CA PRO I 15 30.73 43.20 41.19
C PRO I 15 30.01 43.90 42.31
N ILE I 16 28.93 44.61 42.01
CA ILE I 16 28.17 45.31 43.04
C ILE I 16 27.20 44.37 43.70
N HIS I 17 26.32 43.76 42.92
CA HIS I 17 25.21 42.98 43.46
C HIS I 17 25.47 41.48 43.57
N GLY I 18 26.60 41.02 43.05
CA GLY I 18 26.98 39.60 43.14
C GLY I 18 26.42 38.83 41.97
N HIS I 19 25.88 37.64 42.24
CA HIS I 19 25.33 36.78 41.20
C HIS I 19 23.84 37.00 41.02
N ILE I 20 23.51 37.71 39.95
CA ILE I 20 22.16 38.00 39.57
C ILE I 20 21.64 36.84 38.73
N GLU I 21 20.39 36.46 38.92
CA GLU I 21 19.70 35.59 37.96
C GLU I 21 18.92 36.44 36.96
N LEU I 22 18.92 36.01 35.69
CA LEU I 22 18.24 36.73 34.62
C LEU I 22 17.22 35.81 33.97
N HIS I 23 15.97 36.25 33.98
CA HIS I 23 14.89 35.54 33.33
C HIS I 23 15.07 35.51 31.80
N PRO I 24 14.77 34.36 31.15
CA PRO I 24 15.04 34.27 29.71
C PRO I 24 14.52 35.43 28.84
N LEU I 25 13.36 35.96 29.20
CA LEU I 25 12.81 37.17 28.58
C LEU I 25 13.76 38.36 28.67
N LEU I 26 14.36 38.53 29.85
CA LEU I 26 15.31 39.63 30.06
C LEU I 26 16.56 39.43 29.20
N VAL I 27 17.09 38.21 29.21
CA VAL I 27 18.26 37.85 28.41
C VAL I 27 18.01 38.18 26.94
N ARG I 28 16.80 37.87 26.48
CA ARG I 28 16.39 38.10 25.10
C ARG I 28 16.34 39.59 24.77
N ILE I 29 15.95 40.41 25.75
CA ILE I 29 15.99 41.87 25.63
C ILE I 29 17.43 42.41 25.68
N ILE I 30 18.22 41.86 26.58
CA ILE I 30 19.62 42.28 26.75
C ILE I 30 20.45 42.04 25.49
N ASP I 31 20.28 40.89 24.85
CA ASP I 31 21.05 40.53 23.66
C ASP I 31 20.44 41.11 22.38
N THR I 32 20.43 42.45 22.33
CA THR I 32 19.95 43.22 21.18
C THR I 32 20.90 44.39 20.96
N PRO I 33 21.06 44.87 19.71
CA PRO I 33 21.95 46.03 19.49
C PRO I 33 21.55 47.29 20.27
N GLN I 34 20.25 47.44 20.55
CA GLN I 34 19.73 48.64 21.23
C GLN I 34 20.19 48.70 22.70
N PHE I 35 20.26 47.52 23.33
CA PHE I 35 20.71 47.39 24.72
C PHE I 35 22.22 47.27 24.85
N GLN I 36 22.84 46.38 24.06
CA GLN I 36 24.31 46.21 24.10
C GLN I 36 25.03 47.52 23.75
N ARG I 37 24.37 48.40 23.00
CA ARG I 37 24.77 49.80 22.82
C ARG I 37 25.26 50.48 24.10
N LEU I 38 24.58 50.21 25.21
CA LEU I 38 24.94 50.82 26.50
C LEU I 38 26.32 50.42 27.03
N ARG I 39 26.91 49.35 26.51
CA ARG I 39 28.33 49.00 26.79
C ARG I 39 29.30 50.10 26.37
N TYR I 40 28.90 50.94 25.41
CA TYR I 40 29.81 51.91 24.83
C TYR I 40 29.43 53.35 25.21
N ILE I 41 28.81 53.53 26.38
CA ILE I 41 28.47 54.84 26.93
C ILE I 41 28.81 54.84 28.41
N LYS I 42 29.76 55.70 28.82
CA LYS I 42 30.21 55.74 30.23
C LYS I 42 29.19 56.36 31.15
N GLN I 43 29.12 55.86 32.38
CA GLN I 43 28.15 56.33 33.37
C GLN I 43 28.36 57.79 33.66
N LEU I 44 29.61 58.13 33.95
CA LEU I 44 29.96 59.45 34.45
C LEU I 44 30.59 60.35 33.41
N GLY I 45 30.35 60.03 32.15
CA GLY I 45 30.80 60.84 31.04
C GLY I 45 32.25 61.26 31.19
N GLY I 46 32.45 62.57 31.25
CA GLY I 46 33.77 63.18 31.38
C GLY I 46 34.42 62.98 32.74
N GLY I 47 33.66 62.49 33.72
CA GLY I 47 34.21 62.12 35.02
C GLY I 47 35.35 61.13 35.01
N TYR I 48 35.36 60.22 34.03
CA TYR I 48 36.49 59.29 33.85
C TYR I 48 37.84 60.01 33.71
N TYR I 49 37.81 61.19 33.09
CA TYR I 49 39.02 61.99 32.91
C TYR I 49 39.48 62.73 34.20
N VAL I 50 38.72 62.61 35.30
CA VAL I 50 39.12 63.07 36.63
C VAL I 50 39.27 61.91 37.64
N PHE I 51 38.31 60.98 37.65
CA PHE I 51 38.36 59.80 38.52
C PHE I 51 38.72 58.61 37.68
N PRO I 52 39.99 58.18 37.71
CA PRO I 52 40.42 57.15 36.77
C PRO I 52 39.82 55.77 37.02
N GLY I 53 39.15 55.57 38.14
CA GLY I 53 38.39 54.34 38.33
C GLY I 53 37.12 54.22 37.50
N ALA I 54 36.50 55.36 37.16
CA ALA I 54 35.11 55.49 36.61
C ALA I 54 34.91 55.13 35.11
N SER I 55 35.51 54.02 34.73
CA SER I 55 35.43 53.43 33.40
C SER I 55 34.08 52.81 33.13
N HIS I 56 33.36 52.48 34.20
CA HIS I 56 32.05 51.84 34.10
C HIS I 56 31.03 52.54 33.20
N ASN I 57 30.19 51.70 32.59
CA ASN I 57 29.27 52.04 31.53
C ASN I 57 27.83 51.80 31.96
N ARG I 58 26.90 52.36 31.20
CA ARG I 58 25.47 52.20 31.49
C ARG I 58 25.01 50.74 31.51
N PHE I 59 25.55 49.94 30.61
CA PHE I 59 25.19 48.52 30.50
C PHE I 59 25.02 47.87 31.88
N GLU I 60 26.10 47.89 32.67
CA GLU I 60 26.11 47.21 33.97
C GLU I 60 25.23 47.91 35.02
N HIS I 61 25.10 49.24 34.93
CA HIS I 61 24.13 50.00 35.74
C HIS I 61 22.71 49.53 35.41
N SER I 62 22.39 49.50 34.11
CA SER I 62 21.08 49.04 33.66
C SER I 62 20.77 47.63 34.20
N LEU I 63 21.75 46.72 34.16
CA LEU I 63 21.57 45.38 34.76
C LEU I 63 21.21 45.47 36.25
N GLY I 64 21.98 46.26 36.98
CA GLY I 64 21.78 46.40 38.41
C GLY I 64 20.45 46.99 38.81
N VAL I 65 19.98 47.97 38.03
CA VAL I 65 18.69 48.59 38.30
C VAL I 65 17.57 47.58 38.06
N GLY I 66 17.69 46.81 36.99
CA GLY I 66 16.78 45.69 36.74
C GLY I 66 16.75 44.72 37.91
N TYR I 67 17.93 44.38 38.41
CA TYR I 67 18.05 43.44 39.52
C TYR I 67 17.36 43.92 40.78
N LEU I 68 17.66 45.15 41.18
CA LEU I 68 17.11 45.74 42.40
C LEU I 68 15.62 46.00 42.30
N ALA I 69 15.16 46.36 41.11
CA ALA I 69 13.74 46.43 40.85
C ALA I 69 13.09 45.09 41.22
N GLY I 70 13.68 44.00 40.72
CA GLY I 70 13.25 42.64 41.03
C GLY I 70 13.27 42.33 42.52
N CYS I 71 14.32 42.75 43.19
CA CYS I 71 14.45 42.53 44.63
C CYS I 71 13.34 43.18 45.42
N LEU I 72 13.08 44.45 45.15
CA LEU I 72 12.12 45.21 45.92
C LEU I 72 10.71 44.69 45.70
N VAL I 73 10.32 44.55 44.44
CA VAL I 73 8.97 44.08 44.12
C VAL I 73 8.73 42.66 44.65
N HIS I 74 9.73 41.79 44.50
CA HIS I 74 9.65 40.40 44.95
C HIS I 74 9.58 40.35 46.48
N ALA I 75 10.28 41.26 47.15
CA ALA I 75 10.27 41.35 48.61
C ALA I 75 8.92 41.81 49.16
N LEU I 76 8.31 42.79 48.51
CA LEU I 76 7.00 43.26 48.92
C LEU I 76 5.98 42.14 48.81
N GLY I 77 6.08 41.38 47.72
CA GLY I 77 5.22 40.23 47.48
C GLY I 77 5.30 39.13 48.51
N GLU I 78 6.52 38.82 48.96
CA GLU I 78 6.73 37.84 50.04
C GLU I 78 6.14 38.37 51.34
N LYS I 79 6.50 39.61 51.68
CA LYS I 79 6.03 40.27 52.90
C LYS I 79 4.50 40.43 52.94
N GLN I 80 3.88 40.70 51.78
CA GLN I 80 2.43 41.00 51.72
C GLN I 80 1.74 40.30 50.54
N PRO I 81 1.32 39.03 50.72
CA PRO I 81 0.59 38.32 49.66
C PRO I 81 -0.72 38.99 49.26
N GLU I 82 -1.38 39.64 50.22
CA GLU I 82 -2.60 40.41 49.98
C GLU I 82 -2.54 41.37 48.78
N LEU I 83 -1.35 41.83 48.42
CA LEU I 83 -1.16 42.74 47.27
C LEU I 83 -1.38 42.07 45.91
N GLN I 84 -1.24 40.75 45.87
CA GLN I 84 -1.39 39.95 44.65
C GLN I 84 -0.52 40.52 43.54
N ILE I 85 0.77 40.47 43.81
CA ILE I 85 1.78 40.84 42.87
C ILE I 85 2.06 39.57 42.07
N SER I 86 1.76 39.59 40.78
CA SER I 86 1.97 38.43 39.89
C SER I 86 3.40 38.41 39.36
N GLU I 87 3.88 37.23 38.96
CA GLU I 87 5.19 37.13 38.30
C GLU I 87 5.20 37.88 36.98
N ARG I 88 4.00 38.18 36.46
CA ARG I 88 3.86 39.11 35.35
C ARG I 88 4.24 40.53 35.77
N ASP I 89 3.72 40.99 36.91
CA ASP I 89 4.10 42.30 37.44
C ASP I 89 5.60 42.39 37.69
N VAL I 90 6.16 41.35 38.32
CA VAL I 90 7.59 41.29 38.65
C VAL I 90 8.43 41.46 37.38
N LEU I 91 8.14 40.65 36.37
CA LEU I 91 8.86 40.74 35.12
C LEU I 91 8.79 42.11 34.51
N CYS I 92 7.61 42.70 34.51
CA CYS I 92 7.42 44.05 33.95
C CYS I 92 8.25 45.11 34.66
N VAL I 93 8.34 45.00 35.97
CA VAL I 93 9.14 45.91 36.78
C VAL I 93 10.63 45.72 36.49
N GLN I 94 11.07 44.47 36.45
CA GLN I 94 12.46 44.14 36.07
C GLN I 94 12.79 44.73 34.69
N ILE I 95 11.93 44.49 33.71
CA ILE I 95 12.13 44.99 32.34
C ILE I 95 12.26 46.52 32.33
N ALA I 96 11.41 47.19 33.10
CA ALA I 96 11.46 48.65 33.19
C ALA I 96 12.80 49.10 33.74
N GLY I 97 13.19 48.53 34.87
CA GLY I 97 14.49 48.81 35.48
C GLY I 97 15.64 48.57 34.54
N LEU I 98 15.59 47.43 33.85
CA LEU I 98 16.62 47.05 32.89
C LEU I 98 16.78 48.09 31.77
N CYS I 99 15.65 48.53 31.23
CA CYS I 99 15.62 49.43 30.08
C CYS I 99 15.51 50.91 30.43
N HIS I 100 15.60 51.26 31.70
CA HIS I 100 15.22 52.61 32.12
C HIS I 100 16.13 53.71 31.59
N ASP I 101 17.40 53.38 31.38
CA ASP I 101 18.39 54.32 30.82
C ASP I 101 18.87 53.86 29.46
N LEU I 102 17.97 53.25 28.68
CA LEU I 102 18.27 52.90 27.28
C LEU I 102 18.56 54.10 26.37
N GLY I 103 18.00 55.25 26.73
CA GLY I 103 18.06 56.45 25.90
C GLY I 103 19.09 57.50 26.24
N HIS I 104 20.11 57.18 27.05
CA HIS I 104 21.19 58.14 27.26
C HIS I 104 22.01 58.30 26.02
N GLY I 105 22.48 59.52 25.81
CA GLY I 105 23.38 59.80 24.71
C GLY I 105 24.84 59.54 25.03
N PRO I 106 25.74 59.84 24.08
CA PRO I 106 27.18 59.84 24.33
C PRO I 106 27.53 60.66 25.55
N PHE I 107 28.34 60.08 26.43
CA PHE I 107 28.73 60.69 27.70
C PHE I 107 27.52 61.02 28.61
N SER I 108 26.52 60.14 28.57
CA SER I 108 25.39 60.14 29.49
C SER I 108 24.70 61.49 29.62
N HIS I 109 24.97 62.20 30.71
CA HIS I 109 24.18 63.38 31.09
C HIS I 109 24.70 64.63 30.39
N MET I 110 25.96 64.60 29.97
CA MET I 110 26.49 65.60 29.04
C MET I 110 25.56 65.79 27.83
N PHE I 111 25.04 64.70 27.28
CA PHE I 111 24.23 64.76 26.06
C PHE I 111 22.88 65.45 26.25
N ASP I 112 22.05 64.91 27.15
CA ASP I 112 20.73 65.49 27.40
C ASP I 112 20.78 66.79 28.23
N GLY I 113 21.90 66.99 28.96
CA GLY I 113 22.05 68.12 29.87
C GLY I 113 22.79 69.36 29.35
N ARG I 114 23.74 69.16 28.44
CA ARG I 114 24.52 70.28 27.85
C ARG I 114 24.33 70.40 26.34
N PHE I 115 24.62 69.32 25.61
CA PHE I 115 24.68 69.34 24.14
C PHE I 115 23.36 69.63 23.44
N ILE I 116 22.36 68.79 23.66
CA ILE I 116 21.06 68.94 22.98
C ILE I 116 20.39 70.29 23.26
N PRO I 117 20.40 70.76 24.53
CA PRO I 117 19.95 72.12 24.81
C PRO I 117 20.64 73.25 24.01
N LEU I 118 21.93 73.09 23.72
CA LEU I 118 22.66 74.08 22.92
C LEU I 118 22.46 73.87 21.42
N ALA I 119 22.58 72.63 20.96
CA ALA I 119 22.45 72.31 19.54
C ALA I 119 21.04 72.55 18.99
N ARG I 120 20.01 72.23 19.79
CA ARG I 120 18.62 72.34 19.34
C ARG I 120 17.74 72.91 20.46
N PRO I 121 17.85 74.24 20.70
CA PRO I 121 17.11 74.92 21.77
C PRO I 121 15.59 74.82 21.68
N GLU I 122 15.07 74.62 20.48
CA GLU I 122 13.63 74.42 20.25
C GLU I 122 13.04 73.17 20.95
N VAL I 123 13.82 72.09 21.06
CA VAL I 123 13.29 70.80 21.54
C VAL I 123 13.35 70.71 23.07
N LYS I 124 12.34 70.09 23.69
CA LYS I 124 12.41 69.65 25.07
C LYS I 124 12.60 68.13 25.01
N TRP I 125 13.84 67.67 25.20
CA TRP I 125 14.21 66.26 25.10
C TRP I 125 15.01 65.81 26.33
N THR I 126 14.70 64.62 26.84
CA THR I 126 15.37 64.01 28.00
C THR I 126 15.81 62.59 27.72
N HIS I 127 16.75 62.09 28.51
CA HIS I 127 17.24 60.72 28.34
C HIS I 127 16.09 59.70 28.50
N GLU I 128 15.12 60.03 29.37
CA GLU I 128 13.95 59.18 29.63
C GLU I 128 13.08 59.04 28.38
N GLN I 129 12.74 60.16 27.75
CA GLN I 129 11.93 60.13 26.52
C GLN I 129 12.61 59.26 25.49
N GLY I 130 13.93 59.40 25.40
CA GLY I 130 14.75 58.55 24.54
C GLY I 130 14.60 57.08 24.86
N SER I 131 14.64 56.75 26.16
CA SER I 131 14.51 55.35 26.60
C SER I 131 13.18 54.73 26.14
N VAL I 132 12.09 55.48 26.23
CA VAL I 132 10.78 55.02 25.77
C VAL I 132 10.81 54.69 24.29
N MET I 133 11.30 55.62 23.49
CA MET I 133 11.40 55.43 22.05
C MET I 133 12.33 54.29 21.69
N MET I 134 13.48 54.25 22.35
CA MET I 134 14.47 53.19 22.12
C MET I 134 13.90 51.82 22.53
N PHE I 135 13.10 51.79 23.61
CA PHE I 135 12.44 50.56 24.05
C PHE I 135 11.50 50.04 22.96
N GLU I 136 10.64 50.93 22.46
CA GLU I 136 9.74 50.64 21.33
C GLU I 136 10.54 50.04 20.16
N HIS I 137 11.61 50.73 19.74
CA HIS I 137 12.47 50.26 18.64
C HIS I 137 13.09 48.89 18.94
N LEU I 138 13.50 48.67 20.18
CA LEU I 138 14.08 47.38 20.58
C LEU I 138 13.08 46.26 20.43
N ILE I 139 11.87 46.47 20.95
CA ILE I 139 10.81 45.47 20.92
C ILE I 139 10.45 45.09 19.49
N ASN I 140 10.26 46.11 18.64
CA ASN I 140 9.78 45.90 17.28
C ASN I 140 10.84 45.29 16.37
N SER I 141 12.05 45.83 16.41
CA SER I 141 13.13 45.34 15.56
C SER I 141 13.64 43.94 15.96
N ASN I 142 13.34 43.45 17.17
CA ASN I 142 13.82 42.14 17.62
C ASN I 142 12.74 41.09 17.91
N GLY I 143 11.47 41.40 17.59
CA GLY I 143 10.37 40.43 17.73
C GLY I 143 10.18 39.92 19.15
N ILE I 144 10.15 40.86 20.09
CA ILE I 144 10.07 40.54 21.51
C ILE I 144 8.63 40.28 21.94
N LYS I 145 7.68 41.00 21.32
CA LYS I 145 6.26 40.81 21.62
C LYS I 145 5.80 39.33 21.71
N PRO I 146 6.15 38.48 20.73
CA PRO I 146 5.87 37.03 20.84
C PRO I 146 6.44 36.36 22.11
N VAL I 147 7.65 36.77 22.47
CA VAL I 147 8.36 36.20 23.62
C VAL I 147 7.70 36.66 24.93
N MET I 148 7.25 37.91 24.96
CA MET I 148 6.53 38.43 26.13
C MET I 148 5.28 37.60 26.37
N GLU I 149 4.52 37.38 25.31
CA GLU I 149 3.32 36.53 25.34
C GLU I 149 3.65 35.14 25.84
N GLN I 150 4.72 34.54 25.30
CA GLN I 150 5.18 33.21 25.72
C GLN I 150 5.37 33.09 27.24
N TYR I 151 5.81 34.17 27.90
CA TYR I 151 6.00 34.18 29.36
C TYR I 151 4.88 34.89 30.12
N GLY I 152 3.67 34.89 29.57
CA GLY I 152 2.49 35.34 30.29
C GLY I 152 2.23 36.83 30.35
N LEU I 153 2.95 37.62 29.55
CA LEU I 153 2.68 39.06 29.49
C LEU I 153 1.61 39.37 28.45
N ILE I 154 1.07 40.58 28.56
CA ILE I 154 0.08 41.12 27.62
C ILE I 154 0.66 42.41 27.04
N PRO I 155 1.31 42.33 25.87
CA PRO I 155 2.01 43.50 25.29
C PRO I 155 1.23 44.81 25.25
N GLU I 156 -0.06 44.76 24.90
CA GLU I 156 -0.93 45.96 24.90
C GLU I 156 -0.80 46.70 26.23
N GLU I 157 -1.22 46.03 27.30
CA GLU I 157 -1.20 46.60 28.64
C GLU I 157 0.20 46.82 29.18
N ASP I 158 1.06 45.81 29.03
CA ASP I 158 2.33 45.81 29.74
C ASP I 158 3.41 46.70 29.15
N ILE I 159 3.47 46.82 27.83
CA ILE I 159 4.44 47.73 27.20
C ILE I 159 4.13 49.18 27.58
N CYS I 160 2.86 49.49 27.78
CA CYS I 160 2.48 50.80 28.35
C CYS I 160 2.98 50.93 29.78
N PHE I 161 2.71 49.92 30.60
CA PHE I 161 3.13 49.87 32.00
C PHE I 161 4.64 50.07 32.16
N ILE I 162 5.41 49.43 31.29
CA ILE I 162 6.88 49.56 31.31
C ILE I 162 7.29 51.00 30.95
N LYS I 163 6.74 51.53 29.86
CA LYS I 163 7.01 52.91 29.43
C LYS I 163 6.64 53.89 30.54
N GLU I 164 5.47 53.68 31.12
CA GLU I 164 4.99 54.54 32.20
C GLU I 164 5.90 54.53 33.42
N GLN I 165 6.46 53.37 33.78
CA GLN I 165 7.44 53.31 34.88
C GLN I 165 8.62 54.25 34.62
N ILE I 166 9.05 54.32 33.36
CA ILE I 166 10.26 55.05 32.97
C ILE I 166 10.04 56.56 32.95
N VAL I 167 9.04 57.02 32.20
CA VAL I 167 8.79 58.46 31.98
C VAL I 167 7.64 59.06 32.77
N GLY I 168 6.87 58.23 33.48
CA GLY I 168 5.64 58.69 34.11
C GLY I 168 4.48 58.60 33.13
N PRO I 169 3.38 59.32 33.40
CA PRO I 169 2.17 59.09 32.60
C PRO I 169 2.24 59.60 31.16
N LEU I 170 1.68 58.80 30.23
CA LEU I 170 1.48 59.13 28.82
C LEU I 170 0.02 59.59 28.67
N TRP I 179 -6.83 59.10 38.48
CA TRP I 179 -5.69 58.18 38.28
C TRP I 179 -5.10 58.29 36.87
N PRO I 180 -3.86 58.81 36.75
CA PRO I 180 -3.29 59.09 35.43
C PRO I 180 -2.74 57.92 34.60
N TYR I 181 -2.60 56.72 35.19
CA TYR I 181 -1.93 55.62 34.50
C TYR I 181 -2.95 54.70 33.81
N LYS I 182 -2.63 54.31 32.57
CA LYS I 182 -3.41 53.31 31.83
C LYS I 182 -2.81 51.90 31.96
N GLY I 183 -1.56 51.79 32.42
CA GLY I 183 -0.85 50.51 32.46
C GLY I 183 -1.30 49.58 33.58
N ARG I 184 -1.51 50.15 34.76
CA ARG I 184 -2.01 49.40 35.92
C ARG I 184 -3.05 50.22 36.68
N PRO I 185 -3.96 49.54 37.40
CA PRO I 185 -4.95 50.23 38.25
C PRO I 185 -4.37 50.84 39.53
N GLU I 186 -5.19 51.57 40.28
CA GLU I 186 -4.77 52.25 41.52
C GLU I 186 -4.32 51.32 42.64
N ASN I 187 -4.88 50.11 42.65
CA ASN I 187 -4.51 49.09 43.65
C ASN I 187 -3.11 48.48 43.45
N LYS I 188 -2.41 48.90 42.39
CA LYS I 188 -1.01 48.56 42.20
C LYS I 188 -0.16 49.79 41.86
N SER I 189 -0.47 50.94 42.48
CA SER I 189 0.29 52.17 42.27
C SER I 189 1.72 52.09 42.83
N PHE I 190 1.89 51.29 43.88
CA PHE I 190 3.20 51.05 44.47
C PHE I 190 4.25 50.59 43.46
N LEU I 191 3.83 49.84 42.43
CA LEU I 191 4.76 49.40 41.40
C LEU I 191 5.44 50.56 40.65
N TYR I 192 4.72 51.68 40.48
CA TYR I 192 5.30 52.87 39.82
C TYR I 192 6.37 53.59 40.63
N GLU I 193 6.40 53.32 41.94
CA GLU I 193 7.41 53.88 42.85
C GLU I 193 8.75 53.11 42.91
N ILE I 194 8.93 52.04 42.13
CA ILE I 194 10.15 51.23 42.23
C ILE I 194 11.29 51.73 41.35
N VAL I 195 11.03 51.86 40.06
CA VAL I 195 12.11 52.14 39.10
C VAL I 195 12.45 53.63 39.06
N SER I 196 11.40 54.45 38.99
CA SER I 196 11.55 55.90 38.92
C SER I 196 10.40 56.56 39.68
N ASN I 197 10.70 56.98 40.91
CA ASN I 197 9.71 57.40 41.91
C ASN I 197 9.42 58.89 41.70
N LYS I 198 8.28 59.19 41.11
CA LYS I 198 7.87 60.56 40.82
C LYS I 198 7.45 61.31 42.10
N ARG I 199 7.03 60.57 43.13
CA ARG I 199 6.48 61.17 44.36
C ARG I 199 7.56 61.86 45.20
N ASN I 200 8.61 61.10 45.51
CA ASN I 200 9.69 61.57 46.39
C ASN I 200 11.12 61.38 45.86
N GLY I 201 11.30 60.55 44.84
CA GLY I 201 12.63 60.30 44.27
C GLY I 201 13.38 59.11 44.83
N ILE I 202 12.84 58.45 45.86
CA ILE I 202 13.48 57.25 46.41
C ILE I 202 13.16 56.08 45.47
N ASP I 203 14.13 55.72 44.62
CA ASP I 203 14.00 54.63 43.66
C ASP I 203 15.26 53.75 43.60
N VAL I 204 15.17 52.59 42.97
CA VAL I 204 16.30 51.66 42.87
C VAL I 204 17.38 52.15 41.87
N ASP I 205 17.00 53.05 40.97
CA ASP I 205 17.96 53.74 40.08
C ASP I 205 19.06 54.36 40.95
N LYS I 206 18.64 55.14 41.95
CA LYS I 206 19.57 55.76 42.90
C LYS I 206 20.40 54.74 43.65
N TRP I 207 19.76 53.68 44.13
CA TRP I 207 20.43 52.70 44.98
C TRP I 207 21.57 52.01 44.27
N ASP I 208 21.37 51.68 43.00
CA ASP I 208 22.43 51.06 42.21
C ASP I 208 23.59 52.01 42.02
N TYR I 209 23.32 53.20 41.47
CA TYR I 209 24.41 54.11 41.08
C TYR I 209 25.19 54.66 42.28
N PHE I 210 24.56 54.76 43.45
CA PHE I 210 25.29 55.05 44.68
C PHE I 210 26.37 54.00 44.88
N ALA I 211 25.94 52.76 44.96
CA ALA I 211 26.84 51.63 45.18
C ALA I 211 27.87 51.51 44.05
N ARG I 212 27.39 51.62 42.81
CA ARG I 212 28.23 51.42 41.64
C ARG I 212 29.24 52.54 41.47
N ASP I 213 28.75 53.78 41.46
CA ASP I 213 29.64 54.91 41.24
C ASP I 213 30.71 54.94 42.34
N CYS I 214 30.30 54.80 43.60
CA CYS I 214 31.26 54.73 44.72
C CYS I 214 32.36 53.67 44.53
N HIS I 215 31.96 52.45 44.17
CA HIS I 215 32.88 51.33 43.96
C HIS I 215 33.99 51.72 42.97
N HIS I 216 33.57 52.27 41.84
CA HIS I 216 34.47 52.64 40.74
C HIS I 216 35.17 54.01 40.99
N LEU I 217 34.52 54.97 41.65
CA LEU I 217 35.12 56.30 41.89
C LEU I 217 36.33 56.28 42.82
N GLY I 218 36.14 55.57 43.93
CA GLY I 218 37.04 55.62 45.09
C GLY I 218 36.48 56.50 46.20
N ILE I 219 35.21 56.26 46.50
CA ILE I 219 34.49 56.90 47.61
C ILE I 219 33.68 55.78 48.26
N GLN I 220 33.51 55.80 49.57
CA GLN I 220 32.66 54.81 50.25
C GLN I 220 31.23 55.34 50.34
N ASN I 221 30.28 54.43 50.16
CA ASN I 221 28.87 54.75 50.08
C ASN I 221 28.27 54.62 51.49
N ASN I 222 27.47 55.61 51.88
CA ASN I 222 26.91 55.67 53.23
C ASN I 222 25.40 55.32 53.31
N PHE I 223 24.89 54.55 52.35
CA PHE I 223 23.46 54.20 52.31
C PHE I 223 23.22 52.72 52.09
N ASP I 224 22.39 52.12 52.93
CA ASP I 224 22.13 50.67 52.91
C ASP I 224 20.76 50.42 52.29
N TYR I 225 20.76 50.09 51.01
CA TYR I 225 19.52 49.83 50.28
C TYR I 225 18.83 48.56 50.76
N LYS I 226 19.65 47.55 51.08
CA LYS I 226 19.14 46.27 51.56
C LYS I 226 18.29 46.42 52.81
N ARG I 227 18.76 47.28 53.71
CA ARG I 227 18.07 47.54 54.96
C ARG I 227 16.73 48.22 54.71
N PHE I 228 16.71 49.21 53.83
CA PHE I 228 15.48 49.92 53.54
C PHE I 228 14.40 48.98 52.99
N ILE I 229 14.83 48.03 52.16
CA ILE I 229 13.97 46.96 51.62
C ILE I 229 13.38 46.11 52.75
N LYS I 230 14.18 45.73 53.74
CA LYS I 230 13.64 44.95 54.86
C LYS I 230 12.57 45.71 55.65
N PHE I 231 12.64 47.04 55.67
CA PHE I 231 11.63 47.89 56.36
C PHE I 231 10.76 48.69 55.40
N ALA I 232 10.50 48.12 54.22
CA ALA I 232 9.56 48.68 53.29
C ALA I 232 8.27 47.90 53.38
N ARG I 233 7.17 48.57 53.04
CA ARG I 233 5.84 48.02 53.22
C ARG I 233 4.80 48.87 52.49
N VAL I 234 3.79 48.23 51.91
CA VAL I 234 2.72 48.94 51.22
C VAL I 234 1.58 49.20 52.19
N CYS I 235 1.10 50.44 52.21
CA CYS I 235 -0.06 50.86 53.00
C CYS I 235 -0.97 51.71 52.15
N GLU I 236 -2.22 51.87 52.60
CA GLU I 236 -3.15 52.76 51.93
C GLU I 236 -2.86 54.20 52.31
N VAL I 237 -2.77 55.06 51.31
CA VAL I 237 -2.60 56.51 51.51
C VAL I 237 -3.48 57.22 50.48
N ASP I 238 -4.53 57.90 50.95
CA ASP I 238 -5.45 58.64 50.08
C ASP I 238 -5.99 57.76 48.95
N ASN I 239 -6.66 56.67 49.32
CA ASN I 239 -7.38 55.78 48.37
C ASN I 239 -6.48 55.15 47.30
N GLU I 240 -5.26 54.81 47.70
CA GLU I 240 -4.21 54.40 46.79
C GLU I 240 -3.13 53.67 47.58
N LEU I 241 -2.66 52.54 47.07
CA LEU I 241 -1.67 51.71 47.78
C LEU I 241 -0.21 52.07 47.44
N ARG I 242 0.51 52.69 48.37
CA ARG I 242 1.87 53.18 48.13
C ARG I 242 2.90 52.64 49.12
N ILE I 243 4.15 52.61 48.68
CA ILE I 243 5.24 52.11 49.50
C ILE I 243 5.47 53.10 50.65
N CYS I 244 5.65 52.52 51.84
CA CYS I 244 5.95 53.26 53.05
C CYS I 244 7.16 52.64 53.74
N ALA I 245 7.98 53.48 54.38
CA ALA I 245 9.12 53.03 55.18
C ALA I 245 8.75 53.10 56.65
N ARG I 246 9.50 52.38 57.45
CA ARG I 246 9.27 52.38 58.90
C ARG I 246 9.68 53.73 59.49
N ASP I 247 8.93 54.18 60.49
CA ASP I 247 9.22 55.43 61.20
C ASP I 247 10.70 55.66 61.57
N LYS I 248 11.38 54.63 62.06
CA LYS I 248 12.81 54.75 62.45
C LYS I 248 13.75 55.08 61.26
N GLU I 249 13.40 54.60 60.06
CA GLU I 249 14.21 54.85 58.87
C GLU I 249 14.27 56.30 58.39
N VAL I 250 13.38 57.16 58.90
CA VAL I 250 13.35 58.56 58.47
C VAL I 250 14.76 59.20 58.47
N GLY I 251 15.56 58.90 59.49
CA GLY I 251 16.94 59.41 59.58
C GLY I 251 17.78 58.99 58.40
N ASN I 252 17.72 57.70 58.08
CA ASN I 252 18.49 57.13 56.97
C ASN I 252 18.08 57.70 55.62
N LEU I 253 16.79 58.06 55.51
CA LEU I 253 16.27 58.65 54.28
C LEU I 253 16.78 60.07 54.05
N TYR I 254 16.87 60.90 55.11
CA TYR I 254 17.51 62.21 54.94
C TYR I 254 18.99 62.02 54.54
N ASP I 255 19.62 61.00 55.14
CA ASP I 255 21.02 60.67 54.86
C ASP I 255 21.21 60.11 53.43
N MET I 256 20.17 59.50 52.86
CA MET I 256 20.20 59.11 51.45
C MET I 256 20.38 60.32 50.55
N PHE I 257 19.53 61.34 50.73
CA PHE I 257 19.62 62.55 49.89
C PHE I 257 20.87 63.40 50.21
N HIS I 258 21.39 63.31 51.43
CA HIS I 258 22.69 63.91 51.76
C HIS I 258 23.82 63.23 50.98
N THR I 259 23.83 61.90 51.01
CA THR I 259 24.78 61.10 50.23
C THR I 259 24.70 61.46 48.75
N ARG I 260 23.48 61.64 48.21
CA ARG I 260 23.31 62.06 46.81
C ARG I 260 23.98 63.39 46.53
N ASN I 261 23.64 64.41 47.34
CA ASN I 261 24.19 65.74 47.20
C ASN I 261 25.70 65.75 47.35
N SER I 262 26.19 64.96 48.31
CA SER I 262 27.62 64.81 48.55
C SER I 262 28.35 64.24 47.30
N LEU I 263 27.78 63.21 46.68
CA LEU I 263 28.36 62.64 45.45
C LEU I 263 28.38 63.61 44.26
N HIS I 264 27.36 64.44 44.16
CA HIS I 264 27.34 65.50 43.17
C HIS I 264 28.45 66.51 43.42
N ARG I 265 28.60 66.92 44.69
CA ARG I 265 29.65 67.88 45.06
C ARG I 265 31.04 67.34 44.77
N ARG I 266 31.32 66.14 45.23
CA ARG I 266 32.67 65.58 45.10
C ARG I 266 33.01 65.11 43.69
N ALA I 267 32.04 64.48 43.02
CA ALA I 267 32.29 63.77 41.78
C ALA I 267 31.58 64.32 40.56
N TYR I 268 30.25 64.18 40.55
CA TYR I 268 29.48 64.38 39.30
C TYR I 268 29.60 65.81 38.74
N GLN I 269 29.59 66.78 39.67
CA GLN I 269 29.79 68.18 39.35
C GLN I 269 31.20 68.68 39.67
N HIS I 270 32.20 67.80 39.61
CA HIS I 270 33.57 68.19 39.84
C HIS I 270 34.02 69.24 38.82
N LYS I 271 34.65 70.30 39.33
CA LYS I 271 34.97 71.49 38.52
C LYS I 271 35.65 71.19 37.17
N VAL I 272 36.57 70.22 37.18
CA VAL I 272 37.29 69.79 35.99
C VAL I 272 36.46 68.79 35.17
N GLY I 273 35.72 67.92 35.86
CA GLY I 273 34.84 66.98 35.18
C GLY I 273 33.82 67.70 34.31
N ASN I 274 33.27 68.77 34.88
CA ASN I 274 32.35 69.65 34.18
C ASN I 274 32.99 70.45 33.05
N ILE I 275 34.24 70.89 33.22
CA ILE I 275 34.89 71.63 32.13
C ILE I 275 35.23 70.71 30.96
N ILE I 276 35.54 69.45 31.26
CA ILE I 276 35.77 68.47 30.21
C ILE I 276 34.47 68.13 29.47
N ASP I 277 33.38 67.96 30.22
CA ASP I 277 32.03 67.84 29.65
C ASP I 277 31.75 69.02 28.68
N THR I 278 31.95 70.27 29.12
CA THR I 278 31.69 71.46 28.27
C THR I 278 32.60 71.48 27.03
N MET I 279 33.84 71.02 27.20
CA MET I 279 34.79 70.95 26.08
C MET I 279 34.42 69.89 25.06
N ILE I 280 33.98 68.73 25.53
CA ILE I 280 33.49 67.69 24.62
C ILE I 280 32.22 68.14 23.92
N THR I 281 31.29 68.74 24.67
CA THR I 281 30.08 69.35 24.12
C THR I 281 30.43 70.38 23.02
N ASP I 282 31.39 71.24 23.32
CA ASP I 282 31.87 72.25 22.39
C ASP I 282 32.36 71.61 21.08
N ALA I 283 33.16 70.57 21.20
CA ALA I 283 33.67 69.82 20.04
C ALA I 283 32.57 69.16 19.23
N PHE I 284 31.55 68.64 19.91
CA PHE I 284 30.40 68.04 19.23
C PHE I 284 29.65 69.08 18.44
N LEU I 285 29.44 70.25 19.04
CA LEU I 285 28.75 71.35 18.36
C LEU I 285 29.46 71.74 17.06
N LYS I 286 30.79 71.81 17.09
CA LYS I 286 31.58 72.16 15.91
C LYS I 286 31.64 71.04 14.89
N ALA I 287 31.55 69.80 15.35
CA ALA I 287 31.53 68.64 14.45
C ALA I 287 30.15 68.29 13.89
N ASP I 288 29.08 68.85 14.47
CA ASP I 288 27.70 68.37 14.21
C ASP I 288 27.31 68.41 12.74
N ASP I 289 27.67 69.51 12.08
CA ASP I 289 27.32 69.75 10.68
C ASP I 289 27.92 68.74 9.71
N TYR I 290 29.11 68.24 10.03
CA TYR I 290 29.88 67.42 9.08
C TYR I 290 29.90 65.92 9.40
N ILE I 291 29.19 65.48 10.44
CA ILE I 291 29.08 64.05 10.73
C ILE I 291 27.70 63.56 10.36
N GLU I 292 27.70 62.51 9.52
CA GLU I 292 26.49 61.82 9.10
C GLU I 292 26.40 60.48 9.81
N ILE I 293 25.18 60.10 10.17
CA ILE I 293 24.89 58.78 10.74
C ILE I 293 23.70 58.17 10.00
N THR I 294 23.88 56.95 9.51
CA THR I 294 22.87 56.26 8.73
C THR I 294 21.73 55.86 9.63
N GLY I 295 20.52 56.22 9.23
CA GLY I 295 19.32 55.90 10.00
C GLY I 295 18.41 54.93 9.29
N ALA I 296 17.11 55.06 9.55
CA ALA I 296 16.10 54.18 8.99
C ALA I 296 15.89 54.49 7.53
N GLY I 297 15.90 53.42 6.72
CA GLY I 297 15.84 53.52 5.27
C GLY I 297 17.03 54.24 4.67
N GLY I 298 18.14 54.29 5.40
CA GLY I 298 19.33 55.03 4.97
C GLY I 298 19.34 56.55 5.08
N LYS I 299 18.31 57.18 5.63
CA LYS I 299 18.30 58.66 5.74
C LYS I 299 19.49 59.14 6.58
N LYS I 300 20.08 60.28 6.20
CA LYS I 300 21.27 60.81 6.89
C LYS I 300 20.88 61.68 8.07
N TYR I 301 21.39 61.36 9.26
CA TYR I 301 21.12 62.13 10.48
C TYR I 301 22.44 62.69 11.07
N ARG I 302 22.35 63.87 11.68
CA ARG I 302 23.47 64.50 12.37
C ARG I 302 23.46 64.07 13.83
N ILE I 303 24.49 64.47 14.58
CA ILE I 303 24.59 64.09 15.98
C ILE I 303 23.36 64.59 16.73
N SER I 304 23.04 65.85 16.52
CA SER I 304 21.89 66.49 17.18
C SER I 304 20.52 65.95 16.75
N THR I 305 20.41 65.43 15.54
CA THR I 305 19.12 64.93 15.00
C THR I 305 18.93 63.41 15.07
N ALA I 306 19.98 62.68 15.48
CA ALA I 306 19.89 61.23 15.63
C ALA I 306 18.84 60.84 16.66
N ILE I 307 18.60 61.69 17.67
CA ILE I 307 17.53 61.46 18.66
C ILE I 307 16.13 61.30 18.05
N ASP I 308 15.91 61.84 16.86
CA ASP I 308 14.62 61.71 16.20
C ASP I 308 14.37 60.31 15.62
N ASP I 309 15.43 59.65 15.18
CA ASP I 309 15.34 58.28 14.68
C ASP I 309 16.16 57.33 15.57
N MET I 310 15.56 56.22 15.99
CA MET I 310 16.21 55.28 16.89
C MET I 310 17.20 54.33 16.22
N GLU I 311 16.98 54.03 14.94
CA GLU I 311 17.92 53.17 14.23
C GLU I 311 19.27 53.88 14.08
N ALA I 312 19.23 55.19 13.89
CA ALA I 312 20.43 56.01 13.86
C ALA I 312 21.07 56.14 15.24
N TYR I 313 20.25 56.52 16.22
CA TYR I 313 20.67 56.71 17.61
C TYR I 313 21.32 55.48 18.23
N THR I 314 20.91 54.30 17.78
CA THR I 314 21.54 53.02 18.13
C THR I 314 23.06 53.04 17.88
N LYS I 315 23.48 53.67 16.80
CA LYS I 315 24.90 53.76 16.44
C LYS I 315 25.64 54.97 17.05
N LEU I 316 24.93 55.78 17.84
CA LEU I 316 25.50 57.00 18.44
C LEU I 316 25.92 56.76 19.88
N THR I 317 27.23 56.62 20.09
CA THR I 317 27.79 56.28 21.40
C THR I 317 29.01 57.17 21.65
N ASP I 318 29.72 56.90 22.75
CA ASP I 318 31.02 57.55 23.07
C ASP I 318 32.04 57.45 21.92
N ASN I 319 31.91 56.42 21.07
CA ASN I 319 32.68 56.32 19.81
C ASN I 319 32.87 57.62 19.07
N ILE I 320 31.82 58.42 19.07
CA ILE I 320 31.80 59.67 18.33
C ILE I 320 32.95 60.62 18.74
N PHE I 321 33.36 60.53 20.00
CA PHE I 321 34.59 61.19 20.51
C PHE I 321 35.83 60.79 19.72
N LEU I 322 36.11 59.49 19.68
CA LEU I 322 37.30 58.97 19.00
C LEU I 322 37.20 59.10 17.48
N GLU I 323 35.98 59.04 16.96
CA GLU I 323 35.75 59.27 15.54
C GLU I 323 36.26 60.67 15.20
N ILE I 324 35.86 61.67 15.98
CA ILE I 324 36.32 63.05 15.79
C ILE I 324 37.83 63.18 15.99
N LEU I 325 38.35 62.55 17.04
CA LEU I 325 39.77 62.65 17.36
C LEU I 325 40.64 62.10 16.25
N TYR I 326 40.32 60.89 15.81
CA TYR I 326 41.10 60.21 14.78
C TYR I 326 40.91 60.73 13.34
N SER I 327 39.88 61.53 13.08
CA SER I 327 39.56 61.95 11.71
C SER I 327 40.64 62.83 11.07
N THR I 328 40.64 62.84 9.75
CA THR I 328 41.50 63.72 8.94
C THR I 328 40.71 64.69 8.05
N ASP I 329 39.39 64.63 8.07
CA ASP I 329 38.55 65.59 7.33
C ASP I 329 38.87 66.99 7.86
N PRO I 330 39.31 67.91 6.99
CA PRO I 330 39.57 69.27 7.45
C PRO I 330 38.34 70.07 7.91
N LYS I 331 37.13 69.66 7.50
CA LYS I 331 35.90 70.25 8.02
C LYS I 331 35.77 70.07 9.54
N LEU I 332 36.34 68.97 10.04
CA LEU I 332 36.36 68.66 11.48
C LEU I 332 37.58 69.19 12.25
N LYS I 333 38.43 70.01 11.63
CA LYS I 333 39.67 70.44 12.29
C LYS I 333 39.42 71.24 13.56
N ASP I 334 38.44 72.12 13.55
CA ASP I 334 38.05 72.88 14.76
C ASP I 334 37.65 71.95 15.92
N ALA I 335 36.82 70.96 15.64
CA ALA I 335 36.36 70.02 16.66
C ALA I 335 37.50 69.13 17.16
N ARG I 336 38.27 68.57 16.23
CA ARG I 336 39.43 67.73 16.55
C ARG I 336 40.48 68.44 17.40
N GLU I 337 40.65 69.75 17.20
CA GLU I 337 41.61 70.52 17.99
C GLU I 337 41.20 70.66 19.44
N ILE I 338 39.91 70.82 19.70
CA ILE I 338 39.41 70.86 21.09
C ILE I 338 39.71 69.53 21.79
N LEU I 339 39.42 68.42 21.12
CA LEU I 339 39.64 67.09 21.70
C LEU I 339 41.11 66.78 21.89
N LYS I 340 41.97 67.23 20.97
CA LYS I 340 43.41 67.09 21.16
C LYS I 340 43.90 67.89 22.38
N GLN I 341 43.31 69.07 22.62
CA GLN I 341 43.61 69.86 23.82
C GLN I 341 43.25 69.15 25.13
N ILE I 342 42.31 68.21 25.10
CA ILE I 342 41.97 67.38 26.27
C ILE I 342 43.02 66.29 26.55
N GLU I 343 43.56 65.70 25.49
CA GLU I 343 44.63 64.73 25.62
C GLU I 343 45.83 65.38 26.28
N TYR I 344 46.29 66.47 25.66
CA TYR I 344 47.42 67.27 26.15
C TYR I 344 47.17 67.97 27.49
N ARG I 345 45.90 68.13 27.86
CA ARG I 345 45.50 68.67 29.16
C ARG I 345 45.61 70.20 29.22
N ASN I 346 45.40 70.88 28.08
CA ASN I 346 45.25 72.33 28.02
C ASN I 346 43.79 72.66 28.12
N LEU I 347 43.27 72.47 29.32
CA LEU I 347 41.87 72.66 29.58
C LEU I 347 41.67 74.11 29.92
N PHE I 348 40.42 74.54 29.77
CA PHE I 348 40.03 75.89 30.12
C PHE I 348 40.20 75.98 31.65
N LYS I 349 40.79 77.08 32.12
CA LYS I 349 41.19 77.17 33.53
C LYS I 349 40.09 77.65 34.46
N TYR I 350 39.97 76.95 35.59
CA TYR I 350 39.00 77.28 36.63
C TYR I 350 39.44 78.55 37.32
N VAL I 351 38.53 79.52 37.45
CA VAL I 351 38.82 80.79 38.11
C VAL I 351 38.34 80.79 39.56
N GLY I 352 37.12 80.31 39.77
CA GLY I 352 36.52 80.24 41.11
C GLY I 352 35.05 79.89 41.05
N GLU I 353 34.47 79.76 42.25
CA GLU I 353 33.06 79.36 42.42
C GLU I 353 32.38 80.40 43.30
N THR I 354 31.07 80.57 43.10
CA THR I 354 30.28 81.47 43.96
C THR I 354 28.81 81.07 43.96
N GLN I 355 28.06 81.63 44.92
CA GLN I 355 26.62 81.41 45.03
C GLN I 355 25.88 82.75 45.09
N PRO I 356 24.61 82.79 44.64
CA PRO I 356 23.79 83.97 44.93
C PRO I 356 23.41 84.07 46.40
N THR I 357 22.90 85.23 46.79
CA THR I 357 22.45 85.49 48.16
C THR I 357 20.99 85.91 48.19
N GLY I 358 20.42 85.93 49.39
CA GLY I 358 19.01 86.22 49.57
C GLY I 358 18.19 85.06 49.02
N GLN I 359 17.17 85.38 48.23
CA GLN I 359 16.47 84.38 47.44
C GLN I 359 16.51 84.81 45.97
N ILE I 360 17.72 85.07 45.45
CA ILE I 360 17.96 85.44 44.02
C ILE I 360 18.22 84.19 43.16
N LYS I 361 17.19 83.58 42.59
CA LYS I 361 17.39 82.41 41.70
C LYS I 361 17.77 82.88 40.30
N ILE I 362 18.83 82.32 39.71
CA ILE I 362 19.25 82.61 38.32
C ILE I 362 18.49 81.73 37.34
N LYS I 363 17.61 82.32 36.55
CA LYS I 363 16.80 81.57 35.58
C LYS I 363 17.66 81.02 34.43
N ARG I 364 17.21 79.92 33.84
CA ARG I 364 17.95 79.20 32.77
C ARG I 364 18.15 80.03 31.51
N GLU I 365 17.09 80.70 31.10
CA GLU I 365 17.12 81.81 30.12
C GLU I 365 18.40 82.69 30.15
N ASP I 366 18.80 83.12 31.34
CA ASP I 366 19.90 84.07 31.50
C ASP I 366 21.32 83.49 31.38
N TYR I 367 21.43 82.15 31.33
CA TYR I 367 22.72 81.45 31.26
C TYR I 367 23.58 81.96 30.10
N GLU I 368 22.95 82.08 28.91
CA GLU I 368 23.61 82.63 27.72
C GLU I 368 24.36 83.93 28.01
N SER I 369 23.74 84.83 28.77
CA SER I 369 24.24 86.20 28.96
C SER I 369 25.36 86.43 29.98
N LEU I 370 25.63 85.44 30.84
CA LEU I 370 26.51 85.64 32.00
C LEU I 370 27.99 85.90 31.68
N PRO I 371 28.53 85.26 30.61
CA PRO I 371 29.88 85.61 30.16
C PRO I 371 30.06 87.10 29.82
N LYS I 372 29.07 87.65 29.11
CA LYS I 372 28.99 89.10 28.83
C LYS I 372 29.14 89.92 30.10
N GLU I 373 28.39 89.55 31.14
CA GLU I 373 28.40 90.28 32.42
C GLU I 373 29.76 90.28 33.13
N VAL I 374 30.48 89.16 33.03
CA VAL I 374 31.79 89.02 33.70
C VAL I 374 32.83 89.92 33.04
N ALA I 375 32.91 89.87 31.72
CA ALA I 375 33.77 90.78 30.95
C ALA I 375 33.39 92.26 31.18
N SER I 376 32.09 92.51 31.33
CA SER I 376 31.57 93.87 31.54
C SER I 376 31.96 94.51 32.86
N ALA I 377 32.32 93.73 33.87
CA ALA I 377 32.76 94.27 35.15
C ALA I 377 34.01 95.14 34.96
N LYS I 378 34.05 96.25 35.68
CA LYS I 378 35.14 97.19 35.61
C LYS I 378 35.86 97.16 36.96
N PRO I 379 36.82 96.24 37.11
CA PRO I 379 37.56 96.16 38.37
C PRO I 379 38.57 97.31 38.49
N LYS I 380 38.59 97.98 39.63
CA LYS I 380 39.47 99.15 39.83
C LYS I 380 40.92 98.70 40.10
N VAL I 381 41.51 97.98 39.14
CA VAL I 381 42.82 97.35 39.26
C VAL I 381 43.50 97.36 37.90
N LEU I 382 44.81 97.61 37.88
CA LEU I 382 45.56 97.68 36.62
C LEU I 382 45.73 96.30 36.02
N LEU I 383 45.20 96.13 34.81
CA LEU I 383 45.25 94.88 34.06
C LEU I 383 46.26 94.99 32.93
N ASP I 384 46.96 93.91 32.64
CA ASP I 384 47.85 93.80 31.43
C ASP I 384 46.96 93.67 30.15
N VAL I 385 45.92 92.87 30.27
CA VAL I 385 45.10 92.42 29.15
C VAL I 385 43.62 92.70 29.44
N LYS I 386 42.87 93.14 28.43
CA LYS I 386 41.42 93.17 28.52
C LYS I 386 40.91 91.86 27.91
N LEU I 387 39.84 91.29 28.48
CA LEU I 387 39.27 90.02 28.03
C LEU I 387 37.83 90.20 27.52
N LYS I 388 37.53 89.59 26.37
CA LYS I 388 36.19 89.64 25.76
C LYS I 388 35.29 88.58 26.39
N ALA I 389 33.99 88.67 26.14
CA ALA I 389 33.00 87.78 26.78
C ALA I 389 33.08 86.33 26.32
N GLU I 390 33.46 86.14 25.05
CA GLU I 390 33.75 84.82 24.49
C GLU I 390 34.87 84.07 25.18
N ASP I 391 35.78 84.79 25.83
CA ASP I 391 36.89 84.19 26.62
C ASP I 391 36.41 83.49 27.89
N PHE I 392 35.24 83.87 28.41
CA PHE I 392 34.71 83.31 29.66
C PHE I 392 33.68 82.19 29.42
N ILE I 393 33.67 81.22 30.33
CA ILE I 393 32.59 80.24 30.46
C ILE I 393 32.03 80.34 31.87
N VAL I 394 30.72 80.44 31.96
CA VAL I 394 30.04 80.43 33.25
C VAL I 394 29.12 79.21 33.26
N ASP I 395 29.29 78.39 34.29
CA ASP I 395 28.61 77.12 34.41
C ASP I 395 27.74 77.21 35.65
N VAL I 396 26.42 77.21 35.46
CA VAL I 396 25.50 77.31 36.60
C VAL I 396 24.95 75.93 36.90
N ILE I 397 24.94 75.58 38.18
CA ILE I 397 24.62 74.24 38.64
C ILE I 397 23.60 74.30 39.77
N ASN I 398 22.50 73.56 39.60
CA ASN I 398 21.46 73.47 40.63
C ASN I 398 21.65 72.21 41.45
N MET I 399 22.00 72.41 42.71
CA MET I 399 22.11 71.29 43.69
C MET I 399 20.82 71.28 44.49
N ASP I 400 20.12 70.15 44.50
CA ASP I 400 18.87 70.02 45.25
C ASP I 400 18.71 68.63 45.84
N TYR I 401 17.58 68.41 46.51
CA TYR I 401 17.20 67.12 47.04
C TYR I 401 16.20 66.41 46.11
N GLY I 402 16.34 66.66 44.80
CA GLY I 402 15.57 65.95 43.81
C GLY I 402 14.18 66.45 43.52
N MET I 403 13.73 67.46 44.24
CA MET I 403 12.40 68.06 44.04
C MET I 403 12.53 69.56 44.17
N GLN I 404 13.49 70.10 43.42
CA GLN I 404 13.77 71.52 43.43
C GLN I 404 13.80 71.99 44.90
N GLU I 405 12.98 72.96 45.26
CA GLU I 405 13.05 73.58 46.57
C GLU I 405 12.40 72.78 47.69
N LYS I 406 11.72 71.69 47.34
CA LYS I 406 10.98 70.88 48.31
C LYS I 406 11.84 69.86 49.05
N ASN I 407 11.38 69.53 50.26
CA ASN I 407 11.94 68.48 51.11
C ASN I 407 11.22 67.20 50.68
N PRO I 408 11.96 66.24 50.09
CA PRO I 408 11.31 65.02 49.62
C PRO I 408 10.76 64.12 50.73
N ILE I 409 11.29 64.26 51.95
CA ILE I 409 10.82 63.49 53.10
C ILE I 409 9.40 63.87 53.50
N ASP I 410 9.03 65.13 53.26
CA ASP I 410 7.64 65.55 53.43
C ASP I 410 6.68 64.87 52.44
N HIS I 411 7.23 64.29 51.36
CA HIS I 411 6.47 63.42 50.46
C HIS I 411 6.81 61.91 50.61
N VAL I 412 7.13 61.45 51.81
CA VAL I 412 7.29 60.01 52.12
C VAL I 412 6.25 59.62 53.16
N SER I 413 5.68 58.44 53.00
CA SER I 413 4.75 57.88 53.98
C SER I 413 5.46 56.86 54.87
N PHE I 414 5.09 56.86 56.15
CA PHE I 414 5.71 56.02 57.16
C PHE I 414 4.74 55.10 57.91
N TYR I 415 5.24 54.06 58.56
CA TYR I 415 4.42 53.20 59.43
C TYR I 415 5.11 52.89 60.75
N CYS I 416 4.33 52.50 61.75
CA CYS I 416 4.87 52.18 63.09
C CYS I 416 4.80 50.71 63.38
N LYS I 417 5.67 50.23 64.28
CA LYS I 417 5.69 48.83 64.68
C LYS I 417 4.34 48.42 65.25
N THR I 418 3.79 49.30 66.08
CA THR I 418 2.51 49.09 66.73
C THR I 418 1.29 49.10 65.79
N ALA I 419 1.39 49.75 64.64
CA ALA I 419 0.28 49.81 63.65
C ALA I 419 0.80 49.82 62.21
N PRO I 420 1.20 48.65 61.73
CA PRO I 420 1.92 48.57 60.46
C PRO I 420 1.08 48.80 59.21
N ASN I 421 -0.25 48.84 59.33
CA ASN I 421 -1.07 49.21 58.19
C ASN I 421 -1.45 50.67 58.18
N ARG I 422 -1.20 51.37 59.27
CA ARG I 422 -1.54 52.78 59.36
C ARG I 422 -0.37 53.67 58.97
N ALA I 423 -0.57 54.34 57.83
CA ALA I 423 0.42 55.26 57.27
C ALA I 423 0.34 56.59 57.97
N ILE I 424 1.49 57.25 58.07
CA ILE I 424 1.61 58.54 58.74
C ILE I 424 2.64 59.44 58.04
N ARG I 425 2.74 60.67 58.49
CA ARG I 425 3.74 61.65 58.02
C ARG I 425 4.69 62.02 59.14
N ILE I 426 5.95 62.26 58.80
CA ILE I 426 6.94 62.75 59.76
C ILE I 426 7.51 64.06 59.20
N THR I 427 7.33 65.16 59.92
CA THR I 427 7.83 66.48 59.50
C THR I 427 9.32 66.57 59.75
N LYS I 428 9.92 67.68 59.35
CA LYS I 428 11.33 67.92 59.63
C LYS I 428 11.60 68.10 61.14
N ASN I 429 10.72 68.83 61.81
CA ASN I 429 10.89 69.15 63.24
C ASN I 429 10.86 67.93 64.15
N GLN I 430 10.09 66.92 63.74
CA GLN I 430 9.98 65.68 64.48
C GLN I 430 11.25 64.83 64.45
N VAL I 431 12.17 65.11 63.52
CA VAL I 431 13.39 64.33 63.36
C VAL I 431 14.62 64.96 64.03
N SER I 432 15.01 66.14 63.58
CA SER I 432 16.24 66.79 64.06
C SER I 432 16.34 68.27 63.71
N GLN I 433 17.00 69.02 64.61
CA GLN I 433 17.38 70.42 64.40
C GLN I 433 18.66 70.59 63.57
N LEU I 434 19.40 69.51 63.34
CA LEU I 434 20.65 69.57 62.57
C LEU I 434 20.47 69.27 61.08
N LEU I 435 19.23 69.16 60.62
CA LEU I 435 18.96 68.94 59.21
C LEU I 435 19.12 70.23 58.41
N PRO I 436 19.13 70.11 57.06
CA PRO I 436 19.28 71.31 56.23
C PRO I 436 18.16 72.32 56.41
N GLU I 437 18.50 73.60 56.30
CA GLU I 437 17.51 74.67 56.38
C GLU I 437 16.80 74.78 55.04
N LYS I 438 17.57 74.81 53.94
CA LYS I 438 17.04 74.78 52.59
C LYS I 438 17.28 73.42 51.95
N PHE I 439 16.62 73.16 50.82
CA PHE I 439 16.81 71.92 50.05
C PHE I 439 17.15 72.14 48.57
N ALA I 440 17.62 73.35 48.26
CA ALA I 440 18.11 73.68 46.92
C ALA I 440 18.97 74.93 46.95
N GLU I 441 19.96 74.98 46.05
CA GLU I 441 20.85 76.14 45.94
C GLU I 441 21.48 76.14 44.55
N GLN I 442 22.23 77.18 44.25
CA GLN I 442 22.90 77.32 42.97
C GLN I 442 24.39 77.52 43.15
N LEU I 443 25.18 76.87 42.29
CA LEU I 443 26.62 77.05 42.23
C LEU I 443 27.01 77.60 40.89
N ILE I 444 27.83 78.63 40.91
CA ILE I 444 28.27 79.31 39.70
C ILE I 444 29.78 79.17 39.62
N ARG I 445 30.25 78.38 38.67
CA ARG I 445 31.67 78.24 38.36
C ARG I 445 32.00 79.10 37.16
N VAL I 446 33.13 79.79 37.22
CA VAL I 446 33.62 80.60 36.13
C VAL I 446 34.96 80.04 35.68
N TYR I 447 35.12 79.85 34.39
CA TYR I 447 36.38 79.41 33.80
C TYR I 447 36.80 80.39 32.71
N CYS I 448 38.08 80.40 32.37
CA CYS I 448 38.64 81.26 31.32
C CYS I 448 39.31 80.44 30.23
N LYS I 449 38.99 80.74 28.97
CA LYS I 449 39.52 79.99 27.81
C LYS I 449 41.00 80.26 27.57
N LYS I 450 41.47 81.45 27.94
CA LYS I 450 42.89 81.79 27.84
C LYS I 450 43.65 81.30 29.07
N VAL I 451 44.64 80.44 28.80
CA VAL I 451 45.33 79.65 29.82
C VAL I 451 46.50 80.41 30.50
N ASP I 452 47.16 81.31 29.77
CA ASP I 452 48.43 81.98 30.20
C ASP I 452 48.39 82.75 31.52
N ARG I 453 49.59 82.97 32.07
CA ARG I 453 49.77 83.62 33.39
C ARG I 453 49.07 84.98 33.46
N LYS I 454 49.25 85.80 32.43
CA LYS I 454 48.69 87.16 32.36
C LYS I 454 47.15 87.17 32.32
N SER I 455 46.57 86.33 31.48
CA SER I 455 45.11 86.30 31.26
C SER I 455 44.33 85.70 32.43
N LEU I 456 44.96 84.74 33.12
CA LEU I 456 44.37 84.15 34.31
C LEU I 456 44.25 85.16 35.45
N TYR I 457 45.30 85.96 35.67
CA TYR I 457 45.24 87.05 36.68
C TYR I 457 44.10 87.99 36.38
N ALA I 458 43.98 88.38 35.11
CA ALA I 458 42.92 89.27 34.68
C ALA I 458 41.56 88.67 34.96
N ALA I 459 41.37 87.44 34.49
CA ALA I 459 40.11 86.71 34.67
C ALA I 459 39.66 86.70 36.13
N ARG I 460 40.61 86.46 37.03
CA ARG I 460 40.37 86.48 38.49
C ARG I 460 39.84 87.82 38.97
N GLN I 461 40.41 88.91 38.45
CA GLN I 461 39.96 90.25 38.82
C GLN I 461 38.53 90.52 38.30
N TYR I 462 38.26 90.18 37.05
CA TYR I 462 36.91 90.27 36.49
C TYR I 462 35.88 89.49 37.33
N PHE I 463 36.23 88.25 37.65
CA PHE I 463 35.33 87.35 38.40
C PHE I 463 35.00 87.89 39.79
N VAL I 464 36.02 88.21 40.58
CA VAL I 464 35.83 88.63 41.97
C VAL I 464 35.07 89.95 42.04
N GLN I 465 35.24 90.79 41.01
CA GLN I 465 34.47 92.03 40.87
C GLN I 465 33.02 91.70 40.57
N TRP I 466 32.81 90.91 39.52
CA TRP I 466 31.47 90.45 39.14
C TRP I 466 30.66 89.91 40.32
N CYS I 467 31.35 89.19 41.21
CA CYS I 467 30.75 88.68 42.46
C CYS I 467 30.27 89.82 43.38
N ALA I 468 31.14 90.80 43.62
CA ALA I 468 30.77 91.98 44.40
C ALA I 468 29.67 92.79 43.70
N ASP I 469 29.76 92.90 42.37
CA ASP I 469 28.77 93.61 41.54
C ASP I 469 27.35 93.07 41.68
N ARG I 470 27.20 91.76 41.80
CA ARG I 470 25.86 91.14 41.87
C ARG I 470 25.45 90.67 43.26
N ASN I 471 26.21 91.08 44.28
CA ASN I 471 25.97 90.71 45.68
C ASN I 471 25.93 89.17 45.85
N PHE I 472 26.93 88.52 45.26
CA PHE I 472 27.16 87.09 45.43
C PHE I 472 28.15 86.85 46.58
N THR I 473 28.28 85.59 46.98
CA THR I 473 29.18 85.24 48.07
C THR I 473 30.62 85.46 47.66
N LYS I 474 31.45 85.78 48.64
CA LYS I 474 32.87 85.97 48.41
C LYS I 474 33.48 84.61 48.06
N PRO I 475 34.22 84.54 46.94
CA PRO I 475 34.95 83.29 46.67
C PRO I 475 35.83 82.90 47.86
N GLN I 476 35.89 81.60 48.13
CA GLN I 476 36.65 81.08 49.30
C GLN I 476 38.10 81.52 49.26
N ASP I 477 38.69 81.44 48.07
CA ASP I 477 40.07 81.91 47.80
C ASP I 477 40.17 83.41 47.46
N GLY I 478 39.13 84.18 47.74
CA GLY I 478 38.96 85.52 47.16
C GLY I 478 40.01 86.53 47.56
N ASP I 479 40.39 86.51 48.85
CA ASP I 479 41.41 87.41 49.36
C ASP I 479 42.77 87.15 48.76
N VAL I 480 43.03 85.91 48.36
CA VAL I 480 44.30 85.54 47.74
C VAL I 480 44.34 85.98 46.27
N ILE I 481 43.38 85.49 45.48
CA ILE I 481 43.40 85.70 44.03
C ILE I 481 43.22 87.14 43.57
N ALA I 482 42.41 87.90 44.30
CA ALA I 482 42.10 89.29 43.96
C ALA I 482 42.14 90.14 45.22
N PRO I 483 43.35 90.37 45.75
CA PRO I 483 43.51 91.00 47.06
C PRO I 483 43.11 92.47 47.05
N LEU I 484 43.20 93.08 45.87
CA LEU I 484 42.89 94.49 45.70
C LEU I 484 41.37 94.74 45.63
N ILE I 485 40.58 93.70 45.31
CA ILE I 485 39.14 93.85 45.09
C ILE I 485 38.25 93.51 46.29
N THR I 486 38.66 92.54 47.10
CA THR I 486 37.82 92.08 48.24
C THR I 486 37.55 93.12 49.36
N PRO I 487 38.51 94.05 49.63
CA PRO I 487 38.16 95.11 50.58
C PRO I 487 37.06 96.07 50.10
N GLN I 488 36.95 96.26 48.80
CA GLN I 488 35.87 97.07 48.18
C GLN I 488 34.48 96.78 48.75
N LYS I 489 34.12 95.51 48.91
CA LYS I 489 32.78 95.14 49.40
C LYS I 489 32.66 95.25 50.92
N LYS I 490 31.76 96.12 51.38
CA LYS I 490 31.49 96.34 52.81
C LYS I 490 30.96 95.09 53.49
N GLU I 491 30.09 94.37 52.78
CA GLU I 491 29.49 93.13 53.27
C GLU I 491 30.46 91.95 53.51
N TRP I 492 31.66 91.99 52.94
CA TRP I 492 32.66 90.91 53.11
C TRP I 492 33.60 91.11 54.31
N ASN I 493 33.39 92.14 55.12
CA ASN I 493 34.23 92.41 56.28
C ASN I 493 33.40 92.28 57.56
N MET J 9 53.32 68.68 42.87
CA MET J 9 52.77 67.31 42.73
C MET J 9 51.30 67.36 42.40
N LYS J 10 50.82 66.31 41.79
CA LYS J 10 49.42 66.20 41.49
C LYS J 10 48.89 64.95 42.15
N VAL J 11 47.70 65.06 42.77
CA VAL J 11 47.08 63.94 43.44
C VAL J 11 45.93 63.43 42.60
N ILE J 12 45.81 62.10 42.53
CA ILE J 12 44.81 61.43 41.71
C ILE J 12 44.22 60.27 42.51
N ASN J 13 42.90 60.09 42.46
CA ASN J 13 42.19 59.07 43.26
C ASN J 13 41.82 57.80 42.47
N ASP J 14 42.69 56.82 42.58
CA ASP J 14 42.48 55.48 42.04
C ASP J 14 41.69 54.68 43.06
N PRO J 15 40.64 53.94 42.63
CA PRO J 15 39.85 53.16 43.58
C PRO J 15 40.61 52.00 44.20
N ILE J 16 41.68 51.54 43.56
CA ILE J 16 42.45 50.43 44.10
C ILE J 16 43.45 50.94 45.13
N HIS J 17 44.32 51.86 44.71
CA HIS J 17 45.44 52.28 45.53
C HIS J 17 45.19 53.53 46.38
N GLY J 18 44.04 54.18 46.17
CA GLY J 18 43.68 55.37 46.94
C GLY J 18 44.23 56.62 46.29
N HIS J 19 44.79 57.52 47.09
CA HIS J 19 45.31 58.79 46.57
C HIS J 19 46.79 58.71 46.26
N ILE J 20 47.07 58.61 44.98
CA ILE J 20 48.42 58.53 44.47
C ILE J 20 48.92 59.96 44.27
N GLU J 21 50.19 60.20 44.59
CA GLU J 21 50.87 61.43 44.17
C GLU J 21 51.62 61.17 42.85
N LEU J 22 51.59 62.15 41.96
CA LEU J 22 52.24 62.04 40.66
C LEU J 22 53.25 63.18 40.50
N HIS J 23 54.49 62.83 40.27
CA HIS J 23 55.56 63.78 40.04
C HIS J 23 55.35 64.53 38.72
N PRO J 24 55.63 65.86 38.69
CA PRO J 24 55.32 66.63 37.47
C PRO J 24 55.83 66.03 36.15
N LEU J 25 57.01 65.41 36.19
CA LEU J 25 57.55 64.66 35.06
C LEU J 25 56.61 63.55 34.59
N LEU J 26 56.02 62.83 35.53
CA LEU J 26 55.08 61.77 35.21
C LEU J 26 53.82 62.34 34.58
N VAL J 27 53.29 63.40 35.18
CA VAL J 27 52.10 64.09 34.66
C VAL J 27 52.32 64.52 33.21
N ARG J 28 53.52 65.02 32.95
CA ARG J 28 53.91 65.47 31.62
C ARG J 28 53.96 64.33 30.61
N ILE J 29 54.36 63.15 31.07
CA ILE J 29 54.32 61.92 30.26
C ILE J 29 52.89 61.41 30.07
N ILE J 30 52.11 61.44 31.14
CA ILE J 30 50.71 61.01 31.10
C ILE J 30 49.87 61.81 30.13
N ASP J 31 50.03 63.13 30.12
CA ASP J 31 49.23 64.00 29.26
C ASP J 31 49.81 64.11 27.85
N THR J 32 49.83 62.96 27.17
CA THR J 32 50.28 62.85 25.78
C THR J 32 49.32 61.92 25.04
N PRO J 33 49.14 62.09 23.71
CA PRO J 33 48.25 61.18 22.98
C PRO J 33 48.66 59.70 23.04
N GLN J 34 49.96 59.43 23.19
CA GLN J 34 50.49 58.07 23.21
C GLN J 34 50.06 57.30 24.48
N PHE J 35 50.00 58.03 25.60
CA PHE J 35 49.59 57.49 26.89
C PHE J 35 48.07 57.52 27.09
N GLN J 36 47.44 58.67 26.84
CA GLN J 36 45.97 58.79 26.97
C GLN J 36 45.24 57.81 26.06
N ARG J 37 45.89 57.41 24.97
CA ARG J 37 45.47 56.25 24.14
C ARG J 37 45.01 55.03 24.95
N LEU J 38 45.71 54.75 26.04
CA LEU J 38 45.37 53.60 26.89
C LEU J 38 44.00 53.68 27.56
N ARG J 39 43.39 54.87 27.63
CA ARG J 39 42.00 55.02 28.06
C ARG J 39 41.01 54.25 27.19
N TYR J 40 41.39 53.98 25.94
CA TYR J 40 40.48 53.40 24.98
C TYR J 40 40.86 51.95 24.62
N ILE J 41 41.49 51.24 25.55
CA ILE J 41 41.84 49.83 25.40
C ILE J 41 41.51 49.10 26.71
N LYS J 42 40.58 48.16 26.68
CA LYS J 42 40.14 47.44 27.89
C LYS J 42 41.18 46.46 28.38
N GLN J 43 41.27 46.31 29.69
CA GLN J 43 42.27 45.45 30.32
C GLN J 43 42.05 44.02 29.87
N LEU J 44 40.81 43.58 29.99
CA LEU J 44 40.46 42.18 29.82
C LEU J 44 39.83 41.87 28.48
N GLY J 45 40.04 42.76 27.51
CA GLY J 45 39.58 42.54 26.16
C GLY J 45 38.12 42.10 26.13
N GLY J 46 37.91 40.92 25.56
CA GLY J 46 36.60 40.31 25.43
C GLY J 46 35.96 39.84 26.72
N GLY J 47 36.74 39.80 27.80
CA GLY J 47 36.23 39.51 29.14
C GLY J 47 35.08 40.38 29.61
N TYR J 48 35.04 41.65 29.18
CA TYR J 48 33.92 42.54 29.49
C TYR J 48 32.57 41.97 29.03
N TYR J 49 32.58 41.22 27.93
CA TYR J 49 31.37 40.60 27.41
C TYR J 49 30.92 39.34 28.21
N VAL J 50 31.70 38.92 29.21
CA VAL J 50 31.31 37.88 30.17
C VAL J 50 31.21 38.41 31.61
N PHE J 51 32.16 39.22 32.05
CA PHE J 51 32.13 39.84 33.39
C PHE J 51 31.76 41.30 33.22
N PRO J 52 30.49 41.64 33.46
CA PRO J 52 30.05 43.01 33.14
C PRO J 52 30.66 44.09 34.01
N GLY J 53 31.36 43.74 35.08
CA GLY J 53 32.12 44.74 35.83
C GLY J 53 33.38 45.25 35.13
N ALA J 54 33.98 44.42 34.26
CA ALA J 54 35.36 44.57 33.69
C ALA J 54 35.54 45.61 32.54
N SER J 55 34.93 46.76 32.76
CA SER J 55 34.97 47.92 31.86
C SER J 55 36.34 48.60 31.89
N HIS J 56 37.08 48.39 32.99
CA HIS J 56 38.40 49.00 33.19
C HIS J 56 39.39 48.82 32.04
N ASN J 57 40.22 49.86 31.89
CA ASN J 57 41.12 50.07 30.78
C ASN J 57 42.56 50.09 31.25
N ARG J 58 43.49 49.97 30.30
CA ARG J 58 44.92 49.98 30.61
C ARG J 58 45.38 51.25 31.32
N PHE J 59 44.82 52.39 30.93
CA PHE J 59 45.18 53.67 31.51
C PHE J 59 45.38 53.59 33.02
N GLU J 60 44.31 53.19 33.72
CA GLU J 60 44.33 53.16 35.19
C GLU J 60 45.24 52.06 35.76
N HIS J 61 45.35 50.93 35.04
CA HIS J 61 46.34 49.88 35.36
C HIS J 61 47.75 50.47 35.27
N SER J 62 48.05 51.11 34.15
CA SER J 62 49.35 51.74 33.95
C SER J 62 49.67 52.72 35.09
N LEU J 63 48.71 53.54 35.51
CA LEU J 63 48.88 54.41 36.68
C LEU J 63 49.28 53.63 37.93
N GLY J 64 48.53 52.59 38.21
CA GLY J 64 48.74 51.76 39.40
C GLY J 64 50.08 51.06 39.42
N VAL J 65 50.53 50.58 38.26
CA VAL J 65 51.83 49.92 38.17
C VAL J 65 52.95 50.93 38.43
N GLY J 66 52.81 52.12 37.87
CA GLY J 66 53.72 53.23 38.16
C GLY J 66 53.77 53.52 39.65
N TYR J 67 52.60 53.57 40.28
CA TYR J 67 52.50 53.86 41.72
C TYR J 67 53.22 52.83 42.56
N LEU J 68 52.92 51.56 42.32
CA LEU J 68 53.49 50.46 43.10
C LEU J 68 54.98 50.31 42.87
N ALA J 69 55.41 50.55 41.64
CA ALA J 69 56.83 50.63 41.35
C ALA J 69 57.50 51.64 42.31
N GLY J 70 56.89 52.83 42.41
CA GLY J 70 57.32 53.88 43.33
C GLY J 70 57.34 53.42 44.78
N CYS J 71 56.29 52.73 45.19
CA CYS J 71 56.19 52.21 46.55
C CYS J 71 57.33 51.27 46.90
N LEU J 72 57.57 50.30 46.05
CA LEU J 72 58.55 49.27 46.34
C LEU J 72 59.96 49.83 46.37
N VAL J 73 60.33 50.57 45.34
CA VAL J 73 61.67 51.16 45.27
C VAL J 73 61.91 52.14 46.42
N HIS J 74 60.91 52.97 46.72
CA HIS J 74 60.99 53.96 47.80
C HIS J 74 61.09 53.24 49.16
N ALA J 75 60.40 52.12 49.30
CA ALA J 75 60.44 51.32 50.53
C ALA J 75 61.79 50.67 50.76
N LEU J 76 62.38 50.13 49.71
CA LEU J 76 63.72 49.53 49.81
C LEU J 76 64.73 50.57 50.24
N GLY J 77 64.61 51.77 49.67
CA GLY J 77 65.47 52.91 50.00
C GLY J 77 65.40 53.36 51.46
N GLU J 78 64.19 53.40 52.02
CA GLU J 78 64.00 53.71 53.44
C GLU J 78 64.61 52.62 54.30
N LYS J 79 64.26 51.37 53.99
CA LYS J 79 64.76 50.20 54.73
C LYS J 79 66.29 50.06 54.66
N GLN J 80 66.89 50.40 53.51
CA GLN J 80 68.33 50.18 53.28
C GLN J 80 69.00 51.37 52.57
N PRO J 81 69.42 52.39 53.34
CA PRO J 81 70.13 53.53 52.75
C PRO J 81 71.43 53.14 52.04
N GLU J 82 72.11 52.12 52.55
CA GLU J 82 73.32 51.57 51.94
C GLU J 82 73.24 51.31 50.43
N LEU J 83 72.04 51.09 49.91
CA LEU J 83 71.82 50.85 48.48
C LEU J 83 72.01 52.10 47.60
N GLN J 84 71.89 53.28 48.23
CA GLN J 84 72.04 54.57 47.56
C GLN J 84 71.14 54.63 46.32
N ILE J 85 69.85 54.53 46.60
CA ILE J 85 68.82 54.65 45.62
C ILE J 85 68.53 56.15 45.53
N SER J 86 68.81 56.76 44.38
CA SER J 86 68.58 58.20 44.17
C SER J 86 67.15 58.46 43.74
N GLU J 87 66.66 59.69 43.96
CA GLU J 87 65.33 60.08 43.46
C GLU J 87 65.31 60.06 41.94
N ARG J 88 66.48 60.06 41.31
CA ARG J 88 66.61 59.79 39.90
C ARG J 88 66.24 58.34 39.59
N ASP J 89 66.78 57.39 40.35
CA ASP J 89 66.41 55.98 40.19
C ASP J 89 64.92 55.77 40.39
N VAL J 90 64.37 56.36 41.45
CA VAL J 90 62.94 56.25 41.79
C VAL J 90 62.08 56.70 40.61
N LEU J 91 62.36 57.90 40.11
CA LEU J 91 61.60 58.42 38.99
C LEU J 91 61.66 57.52 37.78
N CYS J 92 62.85 57.01 37.48
CA CYS J 92 63.03 56.11 36.33
C CYS J 92 62.21 54.82 36.45
N VAL J 93 62.15 54.29 37.67
CA VAL J 93 61.37 53.08 37.94
C VAL J 93 59.87 53.38 37.80
N GLN J 94 59.43 54.49 38.38
CA GLN J 94 58.03 54.95 38.23
C GLN J 94 57.67 55.09 36.76
N ILE J 95 58.52 55.78 36.00
CA ILE J 95 58.27 56.00 34.56
C ILE J 95 58.14 54.68 33.82
N ALA J 96 59.01 53.71 34.16
CA ALA J 96 58.96 52.39 33.54
C ALA J 96 57.63 51.72 33.81
N GLY J 97 57.27 51.68 35.09
CA GLY J 97 55.99 51.12 35.52
C GLY J 97 54.81 51.78 34.83
N LEU J 98 54.85 53.10 34.77
CA LEU J 98 53.80 53.88 34.13
C LEU J 98 53.62 53.52 32.65
N CYS J 99 54.74 53.40 31.95
CA CYS J 99 54.73 53.16 30.51
C CYS J 99 54.86 51.70 30.11
N HIS J 100 54.79 50.77 31.05
CA HIS J 100 55.18 49.40 30.77
C HIS J 100 54.25 48.68 29.79
N ASP J 101 52.98 49.06 29.78
CA ASP J 101 51.99 48.49 28.86
C ASP J 101 51.48 49.55 27.89
N LEU J 102 52.36 50.46 27.48
CA LEU J 102 52.05 51.43 26.44
C LEU J 102 51.74 50.82 25.08
N GLY J 103 52.30 49.64 24.82
CA GLY J 103 52.22 48.99 23.52
C GLY J 103 51.19 47.90 23.34
N HIS J 104 50.20 47.79 24.22
CA HIS J 104 49.12 46.83 23.96
C HIS J 104 48.26 47.28 22.81
N GLY J 105 47.78 46.31 22.06
CA GLY J 105 46.86 46.58 20.97
C GLY J 105 45.40 46.65 21.42
N PRO J 106 44.48 46.83 20.45
CA PRO J 106 43.05 46.69 20.69
C PRO J 106 42.72 45.39 21.39
N PHE J 107 41.92 45.48 22.44
CA PHE J 107 41.57 44.33 23.29
C PHE J 107 42.79 43.60 23.89
N SER J 108 43.80 44.40 24.26
CA SER J 108 44.95 43.97 25.05
C SER J 108 45.64 42.73 24.49
N HIS J 109 45.39 41.58 25.12
CA HIS J 109 46.18 40.38 24.86
C HIS J 109 45.64 39.60 23.66
N MET J 110 44.37 39.84 23.32
CA MET J 110 43.82 39.39 22.05
C MET J 110 44.71 39.81 20.88
N PHE J 111 45.24 41.04 20.91
CA PHE J 111 46.01 41.58 19.79
C PHE J 111 47.35 40.89 19.59
N ASP J 112 48.21 40.93 20.62
CA ASP J 112 49.54 40.31 20.54
C ASP J 112 49.49 38.78 20.64
N GLY J 113 48.40 38.24 21.19
CA GLY J 113 48.25 36.81 21.47
C GLY J 113 47.50 35.98 20.43
N ARG J 114 46.53 36.58 19.74
CA ARG J 114 45.74 35.89 18.70
C ARG J 114 45.89 36.50 17.32
N PHE J 115 45.59 37.80 17.20
CA PHE J 115 45.49 38.48 15.91
C PHE J 115 46.80 38.58 15.12
N ILE J 116 47.81 39.22 15.70
CA ILE J 116 49.09 39.42 15.01
C ILE J 116 49.75 38.09 14.58
N PRO J 117 49.77 37.09 15.48
CA PRO J 117 50.22 35.75 15.06
C PRO J 117 49.51 35.15 13.84
N LEU J 118 48.22 35.41 13.68
CA LEU J 118 47.45 34.93 12.52
C LEU J 118 47.63 35.83 11.30
N ALA J 119 47.50 37.14 11.51
CA ALA J 119 47.61 38.10 10.41
C ALA J 119 49.00 38.16 9.77
N ARG J 120 50.04 38.07 10.60
CA ARG J 120 51.43 38.18 10.14
C ARG J 120 52.33 37.16 10.82
N PRO J 121 52.21 35.87 10.41
CA PRO J 121 52.98 34.77 11.01
C PRO J 121 54.50 34.90 10.95
N GLU J 122 54.99 35.66 9.97
CA GLU J 122 56.42 35.95 9.84
C GLU J 122 57.03 36.72 11.02
N VAL J 123 56.27 37.61 11.66
CA VAL J 123 56.82 38.52 12.68
C VAL J 123 56.79 37.87 14.07
N LYS J 124 57.81 38.14 14.88
CA LYS J 124 57.79 37.86 16.31
C LYS J 124 57.60 39.22 16.99
N TRP J 125 56.35 39.51 17.40
CA TRP J 125 55.99 40.80 18.01
C TRP J 125 55.23 40.59 19.32
N THR J 126 55.54 41.39 20.34
CA THR J 126 54.90 41.35 21.66
C THR J 126 54.47 42.75 22.11
N HIS J 127 53.55 42.80 23.06
CA HIS J 127 53.07 44.08 23.58
C HIS J 127 54.23 44.89 24.20
N GLU J 128 55.22 44.19 24.77
CA GLU J 128 56.39 44.82 25.38
C GLU J 128 57.24 45.56 24.34
N GLN J 129 57.57 44.88 23.25
CA GLN J 129 58.34 45.50 22.17
C GLN J 129 57.64 46.75 21.70
N GLY J 130 56.32 46.66 21.57
CA GLY J 130 55.48 47.82 21.25
C GLY J 130 55.65 48.95 22.25
N SER J 131 55.64 48.63 23.53
CA SER J 131 55.79 49.63 24.58
C SER J 131 57.10 50.41 24.46
N VAL J 132 58.20 49.71 24.16
CA VAL J 132 59.49 50.36 23.96
C VAL J 132 59.45 51.36 22.83
N MET J 133 58.93 50.91 21.68
CA MET J 133 58.81 51.78 20.51
C MET J 133 57.88 52.94 20.76
N MET J 134 56.73 52.65 21.38
CA MET J 134 55.75 53.69 21.71
C MET J 134 56.33 54.69 22.72
N PHE J 135 57.15 54.21 23.66
CA PHE J 135 57.82 55.08 24.62
C PHE J 135 58.75 56.06 23.91
N GLU J 136 59.59 55.53 23.02
CA GLU J 136 60.47 56.33 22.16
C GLU J 136 59.65 57.41 21.43
N HIS J 137 58.58 57.01 20.76
CA HIS J 137 57.69 57.94 20.03
C HIS J 137 57.09 58.99 20.96
N LEU J 138 56.70 58.59 22.16
CA LEU J 138 56.13 59.51 23.15
C LEU J 138 57.14 60.59 23.53
N ILE J 139 58.35 60.15 23.86
CA ILE J 139 59.41 61.07 24.29
C ILE J 139 59.74 62.09 23.20
N ASN J 140 59.91 61.60 21.98
CA ASN J 140 60.37 62.44 20.87
C ASN J 140 59.29 63.41 20.39
N SER J 141 58.08 62.89 20.19
CA SER J 141 56.99 63.73 19.70
C SER J 141 56.47 64.77 20.73
N ASN J 142 56.81 64.61 22.01
CA ASN J 142 56.34 65.55 23.05
C ASN J 142 57.43 66.33 23.78
N GLY J 143 58.68 66.23 23.32
CA GLY J 143 59.80 67.01 23.89
C GLY J 143 60.02 66.78 25.37
N ILE J 144 60.06 65.51 25.76
CA ILE J 144 60.17 65.12 27.15
C ILE J 144 61.62 65.15 27.63
N LYS J 145 62.54 64.83 26.74
CA LYS J 145 63.98 64.88 27.06
C LYS J 145 64.44 66.13 27.86
N PRO J 146 64.07 67.36 27.41
CA PRO J 146 64.33 68.57 28.20
C PRO J 146 63.77 68.55 29.63
N VAL J 147 62.58 67.99 29.77
CA VAL J 147 61.89 67.93 31.07
C VAL J 147 62.57 66.91 31.98
N MET J 148 63.03 65.81 31.40
CA MET J 148 63.76 64.81 32.16
C MET J 148 65.02 65.43 32.76
N GLU J 149 65.76 66.14 31.91
CA GLU J 149 66.95 66.89 32.34
C GLU J 149 66.63 67.88 33.46
N GLN J 150 65.55 68.64 33.29
CA GLN J 150 65.08 69.60 34.30
C GLN J 150 64.91 68.97 35.69
N TYR J 151 64.49 67.71 35.76
CA TYR J 151 64.33 66.99 37.03
C TYR J 151 65.47 66.00 37.34
N GLY J 152 66.67 66.30 36.85
CA GLY J 152 67.87 65.57 37.24
C GLY J 152 68.12 64.23 36.58
N LEU J 153 67.40 63.92 35.51
CA LEU J 153 67.67 62.69 34.76
C LEU J 153 68.72 62.92 33.68
N ILE J 154 69.27 61.82 33.18
CA ILE J 154 70.25 61.81 32.09
C ILE J 154 69.66 60.94 30.96
N PRO J 155 68.98 61.57 29.98
CA PRO J 155 68.29 60.83 28.92
C PRO J 155 69.08 59.70 28.24
N GLU J 156 70.37 59.93 27.95
CA GLU J 156 71.23 58.89 27.36
C GLU J 156 71.13 57.60 28.17
N GLU J 157 71.56 57.68 29.43
CA GLU J 157 71.57 56.53 30.33
C GLU J 157 70.16 56.07 30.70
N ASP J 158 69.30 57.00 31.07
CA ASP J 158 68.04 56.66 31.72
C ASP J 158 66.96 56.15 30.78
N ILE J 159 66.87 56.68 29.56
CA ILE J 159 65.90 56.17 28.59
C ILE J 159 66.20 54.72 28.22
N CYS J 160 67.50 54.36 28.23
CA CYS J 160 67.88 52.96 28.09
C CYS J 160 67.40 52.13 29.30
N PHE J 161 67.69 52.63 30.49
CA PHE J 161 67.28 51.98 31.75
C PHE J 161 65.79 51.72 31.80
N ILE J 162 64.99 52.70 31.37
CA ILE J 162 63.54 52.56 31.34
C ILE J 162 63.12 51.47 30.35
N LYS J 163 63.65 51.54 29.13
CA LYS J 163 63.36 50.53 28.10
C LYS J 163 63.76 49.14 28.57
N GLU J 164 64.94 49.05 29.18
CA GLU J 164 65.44 47.80 29.69
C GLU J 164 64.56 47.19 30.79
N GLN J 165 64.00 48.03 31.66
CA GLN J 165 63.05 47.55 32.68
C GLN J 165 61.86 46.83 32.02
N ILE J 166 61.40 47.37 30.90
CA ILE J 166 60.19 46.90 30.22
C ILE J 166 60.41 45.59 29.47
N VAL J 167 61.39 45.57 28.57
CA VAL J 167 61.64 44.41 27.68
C VAL J 167 62.82 43.51 28.07
N GLY J 168 63.60 43.92 29.07
CA GLY J 168 64.86 43.23 29.38
C GLY J 168 65.98 43.81 28.54
N PRO J 169 67.09 43.07 28.40
CA PRO J 169 68.29 43.68 27.79
C PRO J 169 68.15 43.89 26.26
N LEU J 170 68.62 45.03 25.80
CA LEU J 170 68.53 45.40 24.41
C LEU J 170 69.57 44.70 23.48
N GLU J 171 70.32 43.69 23.95
CA GLU J 171 71.23 42.94 23.08
C GLU J 171 71.17 41.43 23.28
N LEU J 178 78.49 37.66 31.54
CA LEU J 178 78.67 39.01 32.00
C LEU J 178 77.35 39.74 32.24
N TRP J 179 77.43 40.95 32.82
CA TRP J 179 76.27 41.80 33.11
C TRP J 179 75.63 42.38 31.82
N PRO J 180 74.40 41.96 31.47
CA PRO J 180 73.81 42.34 30.19
C PRO J 180 73.23 43.76 30.05
N TYR J 181 73.09 44.52 31.14
CA TYR J 181 72.42 45.82 31.09
C TYR J 181 73.41 46.97 30.91
N LYS J 182 73.07 47.91 30.02
CA LYS J 182 73.82 49.14 29.84
C LYS J 182 73.23 50.31 30.64
N GLY J 183 71.98 50.17 31.11
CA GLY J 183 71.28 51.26 31.77
C GLY J 183 71.74 51.54 33.20
N ARG J 184 71.97 50.47 33.96
CA ARG J 184 72.49 50.57 35.33
C ARG J 184 73.54 49.49 35.59
N PRO J 185 74.46 49.74 36.53
CA PRO J 185 75.47 48.74 36.94
C PRO J 185 74.90 47.59 37.77
N GLU J 186 75.74 46.59 38.06
CA GLU J 186 75.34 45.39 38.82
C GLU J 186 74.91 45.66 40.26
N ASN J 187 75.46 46.71 40.86
CA ASN J 187 75.10 47.13 42.22
C ASN J 187 73.70 47.73 42.34
N LYS J 188 72.99 47.88 41.24
CA LYS J 188 71.58 48.25 41.25
C LYS J 188 70.72 47.32 40.38
N SER J 189 71.05 46.02 40.36
CA SER J 189 70.28 45.04 39.58
C SER J 189 68.86 44.83 40.13
N PHE J 190 68.71 45.01 41.43
CA PHE J 190 67.40 44.92 42.09
C PHE J 190 66.34 45.81 41.45
N LEU J 191 66.74 46.96 40.91
CA LEU J 191 65.80 47.85 40.23
C LEU J 191 65.11 47.20 39.02
N TYR J 192 65.82 46.30 38.32
CA TYR J 192 65.25 45.60 37.18
C TYR J 192 64.18 44.56 37.55
N GLU J 193 64.17 44.14 38.81
CA GLU J 193 63.17 43.20 39.34
C GLU J 193 61.84 43.83 39.81
N ILE J 194 61.65 45.15 39.66
CA ILE J 194 60.43 45.80 40.18
C ILE J 194 59.26 45.77 39.19
N VAL J 195 59.49 46.29 38.00
CA VAL J 195 58.40 46.50 37.03
C VAL J 195 58.07 45.20 36.29
N SER J 196 59.10 44.51 35.82
CA SER J 196 58.94 43.28 35.05
C SER J 196 60.12 42.36 35.37
N ASN J 197 59.83 41.38 36.24
CA ASN J 197 60.83 40.52 36.88
C ASN J 197 61.09 39.33 35.99
N LYS J 198 62.23 39.36 35.30
CA LYS J 198 62.62 38.29 34.37
C LYS J 198 63.05 37.03 35.12
N ARG J 199 63.52 37.17 36.37
CA ARG J 199 64.08 36.06 37.15
C ARG J 199 63.03 35.05 37.58
N ASN J 200 61.98 35.55 38.24
CA ASN J 200 60.92 34.72 38.82
C ASN J 200 59.47 35.14 38.48
N GLY J 201 59.28 36.35 37.99
CA GLY J 201 57.95 36.83 37.63
C GLY J 201 57.22 37.61 38.71
N ILE J 202 57.78 37.69 39.91
CA ILE J 202 57.17 38.47 40.99
C ILE J 202 57.48 39.94 40.73
N ASP J 203 56.48 40.67 40.19
CA ASP J 203 56.60 42.10 39.86
C ASP J 203 55.35 42.88 40.27
N VAL J 204 55.43 44.20 40.27
CA VAL J 204 54.28 45.04 40.66
C VAL J 204 53.20 45.10 39.57
N ASP J 205 53.55 44.75 38.34
CA ASP J 205 52.58 44.56 37.25
C ASP J 205 51.50 43.59 37.73
N LYS J 206 51.93 42.42 38.21
CA LYS J 206 51.01 41.42 38.77
C LYS J 206 50.21 41.95 39.94
N TRP J 207 50.86 42.64 40.85
CA TRP J 207 50.22 43.08 42.08
C TRP J 207 49.06 44.03 41.82
N ASP J 208 49.23 44.93 40.86
CA ASP J 208 48.16 45.85 40.49
C ASP J 208 47.00 45.10 39.88
N TYR J 209 47.25 44.32 38.82
CA TYR J 209 46.15 43.70 38.07
C TYR J 209 45.40 42.64 38.86
N PHE J 210 46.06 41.99 39.83
CA PHE J 210 45.34 41.14 40.78
C PHE J 210 44.27 41.95 41.49
N ALA J 211 44.71 43.01 42.15
CA ALA J 211 43.82 43.88 42.90
C ALA J 211 42.76 44.52 42.00
N ARG J 212 43.22 45.02 40.85
CA ARG J 212 42.35 45.76 39.93
C ARG J 212 41.34 44.86 39.25
N ASP J 213 41.82 43.79 38.64
CA ASP J 213 40.92 42.88 37.92
C ASP J 213 39.88 42.33 38.89
N CYS J 214 40.31 41.86 40.05
CA CYS J 214 39.37 41.37 41.09
C CYS J 214 38.28 42.38 41.46
N HIS J 215 38.68 43.64 41.72
CA HIS J 215 37.75 44.71 42.09
C HIS J 215 36.62 44.84 41.07
N HIS J 216 37.02 44.90 39.80
CA HIS J 216 36.10 45.09 38.67
C HIS J 216 35.39 43.78 38.26
N LEU J 217 36.05 42.62 38.35
CA LEU J 217 35.45 41.33 37.94
C LEU J 217 34.26 40.90 38.80
N GLY J 218 34.47 41.00 40.11
CA GLY J 218 33.57 40.41 41.11
C GLY J 218 34.14 39.12 41.67
N ILE J 219 35.42 39.15 42.00
CA ILE J 219 36.15 38.06 42.62
C ILE J 219 37.01 38.71 43.70
N GLN J 220 37.21 38.03 44.84
CA GLN J 220 38.09 38.56 45.89
C GLN J 220 39.51 38.06 45.67
N ASN J 221 40.46 38.95 45.93
CA ASN J 221 41.87 38.71 45.68
C ASN J 221 42.49 38.15 46.97
N ASN J 222 43.30 37.09 46.82
CA ASN J 222 43.89 36.40 47.98
C ASN J 222 45.39 36.69 48.19
N PHE J 223 45.88 37.83 47.71
CA PHE J 223 47.32 38.17 47.82
C PHE J 223 47.54 39.59 48.32
N ASP J 224 48.39 39.71 49.35
CA ASP J 224 48.65 40.98 50.01
C ASP J 224 50.00 41.52 49.58
N TYR J 225 49.98 42.43 48.61
CA TYR J 225 51.21 43.02 48.07
C TYR J 225 51.89 43.91 49.11
N LYS J 226 51.09 44.63 49.89
CA LYS J 226 51.59 45.53 50.92
C LYS J 226 52.47 44.79 51.93
N ARG J 227 52.02 43.60 52.31
CA ARG J 227 52.74 42.77 53.25
C ARG J 227 54.07 42.30 52.69
N PHE J 228 54.06 41.86 51.44
CA PHE J 228 55.29 41.40 50.82
C PHE J 228 56.36 42.50 50.77
N ILE J 229 55.91 43.73 50.53
CA ILE J 229 56.76 44.94 50.57
C ILE J 229 57.37 45.13 51.96
N LYS J 230 56.60 44.97 53.01
CA LYS J 230 57.15 45.11 54.38
C LYS J 230 58.24 44.06 54.66
N PHE J 231 58.17 42.88 54.03
CA PHE J 231 59.17 41.83 54.19
C PHE J 231 60.04 41.61 52.94
N ALA J 232 60.28 42.67 52.20
CA ALA J 232 61.20 42.64 51.08
C ALA J 232 62.49 43.29 51.49
N ARG J 233 63.57 42.90 50.84
CA ARG J 233 64.91 43.30 51.24
C ARG J 233 65.93 42.91 50.17
N VAL J 234 66.94 43.76 49.97
CA VAL J 234 68.00 43.48 48.99
C VAL J 234 69.16 42.79 49.70
N CYS J 235 69.63 41.71 49.10
CA CYS J 235 70.82 40.97 49.58
C CYS J 235 71.71 40.64 48.40
N GLU J 236 72.96 40.29 48.70
CA GLU J 236 73.89 39.85 47.66
C GLU J 236 73.59 38.40 47.30
N VAL J 237 73.48 38.13 46.01
CA VAL J 237 73.32 36.77 45.48
C VAL J 237 74.18 36.65 44.22
N ASP J 238 75.24 35.84 44.29
CA ASP J 238 76.14 35.61 43.16
C ASP J 238 76.66 36.93 42.57
N ASN J 239 77.35 37.70 43.41
CA ASN J 239 78.04 38.94 42.99
C ASN J 239 77.11 40.01 42.39
N GLU J 240 75.92 40.10 42.93
CA GLU J 240 74.85 40.92 42.35
C GLU J 240 73.79 41.16 43.42
N LEU J 241 73.31 42.40 43.54
CA LEU J 241 72.33 42.76 44.58
C LEU J 241 70.86 42.60 44.12
N ARG J 242 70.16 41.61 44.66
CA ARG J 242 68.78 41.29 44.23
C ARG J 242 67.79 41.26 45.37
N ILE J 243 66.53 41.50 45.02
CA ILE J 243 65.45 41.53 46.00
C ILE J 243 65.23 40.11 46.53
N CYS J 244 65.06 40.03 47.85
CA CYS J 244 64.78 38.79 48.56
C CYS J 244 63.60 38.99 49.49
N ALA J 245 62.80 37.94 49.65
CA ALA J 245 61.67 37.94 50.60
C ALA J 245 62.06 37.16 51.84
N ARG J 246 61.33 37.38 52.92
CA ARG J 246 61.59 36.69 54.16
C ARG J 246 61.20 35.21 54.03
N ASP J 247 61.97 34.34 54.67
CA ASP J 247 61.70 32.90 54.70
C ASP J 247 60.24 32.50 54.94
N LYS J 248 59.56 33.16 55.89
CA LYS J 248 58.16 32.83 56.20
C LYS J 248 57.18 33.13 55.03
N GLU J 249 57.49 34.12 54.21
CA GLU J 249 56.65 34.48 53.06
C GLU J 249 56.59 33.44 51.94
N VAL J 250 57.48 32.45 51.95
CA VAL J 250 57.49 31.44 50.89
C VAL J 250 56.09 30.86 50.63
N GLY J 251 55.32 30.62 51.68
CA GLY J 251 53.94 30.13 51.54
C GLY J 251 53.07 31.06 50.72
N ASN J 252 53.13 32.34 51.06
CA ASN J 252 52.33 33.37 50.37
C ASN J 252 52.73 33.53 48.92
N LEU J 253 54.00 33.28 48.62
CA LEU J 253 54.51 33.36 47.26
C LEU J 253 54.00 32.23 46.38
N TYR J 254 53.92 31.00 46.89
CA TYR J 254 53.27 29.93 46.13
C TYR J 254 51.79 30.26 45.91
N ASP J 255 51.18 30.86 46.93
CA ASP J 255 49.77 31.29 46.87
C ASP J 255 49.55 32.46 45.90
N MET J 256 50.58 33.28 45.68
CA MET J 256 50.52 34.32 44.64
C MET J 256 50.33 33.69 43.27
N PHE J 257 51.17 32.72 42.91
CA PHE J 257 51.07 32.06 41.60
C PHE J 257 49.82 31.17 41.49
N HIS J 258 49.33 30.65 42.60
CA HIS J 258 48.03 29.95 42.63
C HIS J 258 46.90 30.92 42.29
N THR J 259 46.89 32.06 42.96
CA THR J 259 45.92 33.14 42.69
C THR J 259 45.98 33.54 41.21
N ARG J 260 47.18 33.65 40.65
CA ARG J 260 47.33 33.96 39.22
C ARG J 260 46.64 32.93 38.33
N ASN J 261 47.00 31.67 38.55
CA ASN J 261 46.46 30.54 37.78
C ASN J 261 44.93 30.47 37.95
N SER J 262 44.47 30.69 39.17
CA SER J 262 43.04 30.69 39.48
C SER J 262 42.29 31.78 38.68
N LEU J 263 42.84 32.99 38.62
CA LEU J 263 42.25 34.09 37.83
C LEU J 263 42.21 33.82 36.33
N HIS J 264 43.23 33.15 35.82
CA HIS J 264 43.23 32.70 34.43
C HIS J 264 42.11 31.69 34.20
N ARG J 265 41.98 30.72 35.09
CA ARG J 265 40.95 29.69 34.97
C ARG J 265 39.55 30.30 35.00
N ARG J 266 39.29 31.12 36.01
CA ARG J 266 37.94 31.67 36.18
C ARG J 266 37.57 32.77 35.20
N ALA J 267 38.54 33.64 34.89
CA ALA J 267 38.26 34.88 34.16
C ALA J 267 38.96 34.97 32.82
N TYR J 268 40.28 35.10 32.83
CA TYR J 268 41.03 35.54 31.64
C TYR J 268 40.90 34.55 30.47
N GLN J 269 40.92 33.27 30.80
CA GLN J 269 40.72 32.18 29.86
C GLN J 269 39.31 31.57 29.94
N HIS J 270 38.32 32.37 30.33
CA HIS J 270 36.95 31.89 30.39
C HIS J 270 36.48 31.47 29.00
N LYS J 271 35.85 30.29 28.95
CA LYS J 271 35.51 29.63 27.68
C LYS J 271 34.79 30.53 26.65
N VAL J 272 33.90 31.36 27.14
CA VAL J 272 33.14 32.31 26.32
C VAL J 272 33.95 33.59 26.06
N GLY J 273 34.71 34.03 27.07
CA GLY J 273 35.59 35.19 26.91
C GLY J 273 36.58 34.98 25.79
N ASN J 274 37.13 33.77 25.76
CA ASN J 274 38.04 33.35 24.69
C ASN J 274 37.36 33.18 23.33
N ILE J 275 36.12 32.70 23.30
CA ILE J 275 35.44 32.58 22.01
C ILE J 275 35.09 33.94 21.44
N ILE J 276 34.79 34.90 22.31
CA ILE J 276 34.54 36.27 21.87
C ILE J 276 35.83 36.92 21.36
N ASP J 277 36.94 36.71 22.07
CA ASP J 277 38.28 37.10 21.61
C ASP J 277 38.52 36.54 20.17
N THR J 278 38.33 35.23 19.96
CA THR J 278 38.56 34.59 18.63
C THR J 278 37.63 35.18 17.56
N MET J 279 36.40 35.49 17.96
CA MET J 279 35.41 36.08 17.05
C MET J 279 35.77 37.51 16.65
N ILE J 280 36.23 38.31 17.62
CA ILE J 280 36.70 39.65 17.31
C ILE J 280 37.96 39.60 16.45
N THR J 281 38.90 38.71 16.80
CA THR J 281 40.09 38.45 15.98
C THR J 281 39.71 38.07 14.54
N ASP J 282 38.75 37.17 14.41
CA ASP J 282 38.23 36.73 13.11
C ASP J 282 37.74 37.93 12.29
N ALA J 283 36.95 38.78 12.92
CA ALA J 283 36.41 39.99 12.28
C ALA J 283 37.51 40.97 11.86
N PHE J 284 38.54 41.10 12.68
CA PHE J 284 39.69 41.96 12.35
C PHE J 284 40.41 41.42 11.14
N LEU J 285 40.63 40.11 11.10
CA LEU J 285 41.28 39.48 9.95
C LEU J 285 40.54 39.77 8.64
N LYS J 286 39.21 39.69 8.68
CA LYS J 286 38.40 39.96 7.49
C LYS J 286 38.33 41.43 7.14
N ALA J 287 38.43 42.30 8.13
CA ALA J 287 38.45 43.74 7.91
C ALA J 287 39.82 44.32 7.56
N ASP J 288 40.90 43.56 7.77
CA ASP J 288 42.27 44.10 7.74
C ASP J 288 42.63 44.78 6.43
N ASP J 289 42.25 44.12 5.33
CA ASP J 289 42.57 44.59 3.98
C ASP J 289 41.95 45.94 3.63
N TYR J 290 40.77 46.23 4.18
CA TYR J 290 39.99 47.41 3.77
C TYR J 290 39.99 48.57 4.77
N ILE J 291 40.73 48.45 5.87
CA ILE J 291 40.86 49.56 6.81
C ILE J 291 42.23 50.18 6.70
N GLU J 292 42.24 51.49 6.46
CA GLU J 292 43.44 52.30 6.39
C GLU J 292 43.56 53.14 7.65
N ILE J 293 44.80 53.32 8.13
CA ILE J 293 45.10 54.20 9.26
C ILE J 293 46.28 55.08 8.87
N THR J 294 46.10 56.39 9.03
CA THR J 294 47.11 57.38 8.67
C THR J 294 48.27 57.29 9.64
N GLY J 295 49.46 57.18 9.09
CA GLY J 295 50.69 57.09 9.88
C GLY J 295 51.59 58.28 9.69
N ALA J 296 52.89 58.03 9.82
CA ALA J 296 53.92 59.06 9.76
C ALA J 296 54.10 59.51 8.31
N GLY J 297 54.08 60.83 8.13
CA GLY J 297 54.13 61.44 6.80
C GLY J 297 52.92 61.09 5.94
N GLY J 298 51.82 60.71 6.58
CA GLY J 298 50.62 60.29 5.88
C GLY J 298 50.57 58.89 5.26
N LYS J 299 51.61 58.07 5.41
CA LYS J 299 51.60 56.73 4.81
C LYS J 299 50.41 55.90 5.33
N LYS J 300 49.81 55.08 4.47
CA LYS J 300 48.64 54.27 4.84
C LYS J 300 49.07 52.94 5.46
N TYR J 301 48.57 52.66 6.66
CA TYR J 301 48.82 51.38 7.33
C TYR J 301 47.53 50.62 7.61
N ARG J 302 47.62 49.29 7.58
CA ARG J 302 46.49 48.40 7.91
C ARG J 302 46.54 48.07 9.39
N ILE J 303 45.53 47.37 9.89
CA ILE J 303 45.46 47.02 11.30
C ILE J 303 46.69 46.23 11.69
N SER J 304 47.00 45.22 10.87
CA SER J 304 48.15 44.34 11.12
C SER J 304 49.52 45.02 10.98
N THR J 305 49.62 46.07 10.16
CA THR J 305 50.90 46.77 9.91
C THR J 305 51.09 48.06 10.72
N ALA J 306 50.06 48.50 11.44
CA ALA J 306 50.17 49.69 12.28
C ALA J 306 51.25 49.56 13.34
N ILE J 307 51.50 48.33 13.80
CA ILE J 307 52.58 48.06 14.76
C ILE J 307 53.98 48.49 14.28
N ASP J 308 54.16 48.59 12.98
CA ASP J 308 55.44 49.03 12.44
C ASP J 308 55.69 50.53 12.60
N ASP J 309 54.63 51.32 12.54
CA ASP J 309 54.72 52.76 12.77
C ASP J 309 53.92 53.16 14.01
N MET J 310 54.53 53.94 14.90
CA MET J 310 53.90 54.33 16.16
C MET J 310 52.91 55.49 16.03
N GLU J 311 53.11 56.37 15.06
CA GLU J 311 52.17 57.46 14.85
C GLU J 311 50.81 56.90 14.42
N ALA J 312 50.84 55.82 13.62
CA ALA J 312 49.62 55.13 13.21
C ALA J 312 49.02 54.36 14.38
N TYR J 313 49.85 53.56 15.04
CA TYR J 313 49.44 52.71 16.18
C TYR J 313 48.82 53.50 17.33
N THR J 314 49.23 54.76 17.49
CA THR J 314 48.62 55.70 18.42
C THR J 314 47.09 55.80 18.24
N LYS J 315 46.64 55.76 16.98
CA LYS J 315 45.22 55.85 16.65
C LYS J 315 44.49 54.49 16.63
N LEU J 316 45.20 53.39 16.91
CA LEU J 316 44.64 52.03 16.86
C LEU J 316 44.26 51.54 18.25
N THR J 317 42.96 51.56 18.53
CA THR J 317 42.42 51.23 19.84
C THR J 317 41.20 50.33 19.68
N ASP J 318 40.52 50.02 20.78
CA ASP J 318 39.22 49.30 20.77
C ASP J 318 38.18 49.94 19.85
N ASN J 319 38.29 51.24 19.60
CA ASN J 319 37.51 51.95 18.55
C ASN J 319 37.29 51.16 17.29
N ILE J 320 38.33 50.46 16.87
CA ILE J 320 38.33 49.71 15.63
C ILE J 320 37.19 48.69 15.56
N PHE J 321 36.80 48.16 16.72
CA PHE J 321 35.58 47.33 16.88
C PHE J 321 34.33 48.06 16.41
N LEU J 322 34.05 49.22 17.01
CA LEU J 322 32.87 50.02 16.69
C LEU J 322 32.93 50.63 15.30
N GLU J 323 34.13 50.93 14.85
CA GLU J 323 34.33 51.41 13.49
C GLU J 323 33.79 50.36 12.52
N ILE J 324 34.20 49.11 12.72
CA ILE J 324 33.73 47.97 11.90
C ILE J 324 32.21 47.78 12.04
N LEU J 325 31.73 47.82 13.28
CA LEU J 325 30.32 47.58 13.55
C LEU J 325 29.42 48.60 12.87
N TYR J 326 29.75 49.87 13.05
CA TYR J 326 28.95 50.96 12.51
C TYR J 326 29.11 51.20 10.99
N SER J 327 30.12 50.62 10.35
CA SER J 327 30.41 50.92 8.94
C SER J 327 29.31 50.45 7.99
N THR J 328 29.28 51.09 6.81
CA THR J 328 28.41 50.71 5.71
C THR J 328 29.17 50.30 4.45
N ASP J 329 30.50 50.34 4.46
CA ASP J 329 31.31 49.85 3.34
C ASP J 329 30.99 48.36 3.14
N PRO J 330 30.51 47.98 1.94
CA PRO J 330 30.25 46.56 1.69
C PRO J 330 31.47 45.65 1.67
N LYS J 331 32.67 46.20 1.49
CA LYS J 331 33.92 45.43 1.63
C LYS J 331 34.08 44.86 3.04
N LEU J 332 33.53 45.58 4.02
CA LEU J 332 33.55 45.17 5.44
C LEU J 332 32.34 44.33 5.89
N LYS J 333 31.47 43.90 4.97
CA LYS J 333 30.24 43.20 5.36
C LYS J 333 30.51 41.89 6.08
N ASP J 334 31.48 41.12 5.62
CA ASP J 334 31.90 39.89 6.30
C ASP J 334 32.32 40.13 7.76
N ALA J 335 33.17 41.13 7.97
CA ALA J 335 33.64 41.48 9.31
C ALA J 335 32.52 41.99 10.20
N ARG J 336 31.74 42.94 9.67
CA ARG J 336 30.59 43.51 10.38
C ARG J 336 29.54 42.47 10.81
N GLU J 337 29.37 41.42 10.01
CA GLU J 337 28.41 40.38 10.34
C GLU J 337 28.86 39.56 11.54
N ILE J 338 30.16 39.28 11.66
CA ILE J 338 30.68 38.58 12.83
C ILE J 338 30.40 39.40 14.11
N LEU J 339 30.69 40.69 14.05
CA LEU J 339 30.51 41.57 15.21
C LEU J 339 29.03 41.75 15.56
N LYS J 340 28.17 41.79 14.57
CA LYS J 340 26.72 41.82 14.83
C LYS J 340 26.25 40.54 15.52
N GLN J 341 26.84 39.40 15.14
CA GLN J 341 26.55 38.11 15.81
C GLN J 341 26.95 38.11 17.29
N ILE J 342 27.90 38.94 17.69
CA ILE J 342 28.28 39.10 19.12
C ILE J 342 27.24 39.91 19.92
N GLU J 343 26.69 40.94 19.29
CA GLU J 343 25.63 41.72 19.91
C GLU J 343 24.44 40.83 20.20
N TYR J 344 23.95 40.18 19.14
CA TYR J 344 22.82 39.24 19.21
C TYR J 344 23.09 37.97 20.03
N ARG J 345 24.37 37.66 20.24
CA ARG J 345 24.80 36.56 21.11
C ARG J 345 24.69 35.19 20.42
N ASN J 346 24.86 35.16 19.09
CA ASN J 346 24.99 33.90 18.34
C ASN J 346 26.46 33.58 18.22
N LEU J 347 27.00 33.16 19.35
CA LEU J 347 28.42 32.87 19.45
C LEU J 347 28.61 31.45 19.04
N PHE J 348 29.84 31.14 18.66
CA PHE J 348 30.23 29.79 18.33
C PHE J 348 30.11 28.98 19.62
N LYS J 349 29.51 27.79 19.53
CA LYS J 349 29.15 27.04 20.73
C LYS J 349 30.29 26.18 21.29
N TYR J 350 30.44 26.24 22.62
CA TYR J 350 31.43 25.46 23.36
C TYR J 350 30.99 24.01 23.37
N VAL J 351 31.90 23.12 23.01
CA VAL J 351 31.61 21.68 22.99
C VAL J 351 32.13 21.01 24.26
N GLY J 352 33.37 21.31 24.63
CA GLY J 352 33.99 20.75 25.82
C GLY J 352 35.47 21.09 25.91
N GLU J 353 36.08 20.64 26.99
CA GLU J 353 37.48 20.91 27.31
C GLU J 353 38.18 19.58 27.57
N THR J 354 39.48 19.52 27.28
CA THR J 354 40.28 18.33 27.58
C THR J 354 41.75 18.68 27.74
N GLN J 355 42.52 17.75 28.29
CA GLN J 355 43.97 17.88 28.46
C GLN J 355 44.70 16.67 27.86
N PRO J 356 45.95 16.85 27.40
CA PRO J 356 46.77 15.67 27.08
C PRO J 356 47.18 14.89 28.32
N THR J 357 47.70 13.68 28.10
CA THR J 357 48.16 12.81 29.19
C THR J 357 49.62 12.43 29.01
N GLY J 358 50.18 11.86 30.06
CA GLY J 358 51.62 11.58 30.12
C GLY J 358 52.37 12.90 30.21
N GLN J 359 53.40 13.04 29.39
CA GLN J 359 54.07 14.32 29.18
C GLN J 359 54.05 14.62 27.67
N ILE J 360 52.84 14.58 27.07
CA ILE J 360 52.63 14.88 25.62
C ILE J 360 52.32 16.39 25.43
N LYS J 361 53.33 17.23 25.19
CA LYS J 361 53.12 18.65 24.91
C LYS J 361 52.70 18.85 23.44
N ILE J 362 51.62 19.61 23.20
CA ILE J 362 51.18 19.97 21.85
C ILE J 362 51.91 21.21 21.37
N LYS J 363 52.78 21.05 20.37
CA LYS J 363 53.57 22.17 19.83
C LYS J 363 52.70 23.17 19.07
N ARG J 364 53.14 24.43 19.05
CA ARG J 364 52.38 25.54 18.44
C ARG J 364 52.15 25.38 16.94
N GLU J 365 53.21 24.97 16.25
CA GLU J 365 53.12 24.45 14.86
C GLU J 365 51.85 23.65 14.52
N ASP J 366 51.46 22.72 15.39
CA ASP J 366 50.34 21.79 15.12
C ASP J 366 48.94 22.39 15.31
N TYR J 367 48.85 23.59 15.88
CA TYR J 367 47.57 24.24 16.17
C TYR J 367 46.70 24.34 14.92
N GLU J 368 47.29 24.78 13.81
CA GLU J 368 46.62 24.85 12.52
C GLU J 368 45.85 23.57 12.18
N SER J 369 46.46 22.41 12.43
CA SER J 369 45.93 21.12 11.97
C SER J 369 44.82 20.46 12.80
N LEU J 370 44.58 20.95 14.02
CA LEU J 370 43.72 20.24 14.98
C LEU J 370 42.23 20.19 14.61
N PRO J 371 41.68 21.25 13.98
CA PRO J 371 40.30 21.16 13.46
C PRO J 371 40.10 20.02 12.46
N LYS J 372 41.06 19.85 11.55
CA LYS J 372 41.09 18.71 10.63
C LYS J 372 40.95 17.38 11.38
N GLU J 373 41.74 17.22 12.43
CA GLU J 373 41.73 15.97 13.22
C GLU J 373 40.39 15.65 13.88
N VAL J 374 39.68 16.69 14.35
CA VAL J 374 38.41 16.50 15.05
C VAL J 374 37.33 16.02 14.07
N ALA J 375 37.23 16.69 12.93
CA ALA J 375 36.32 16.25 11.86
C ALA J 375 36.68 14.85 11.36
N SER J 376 37.97 14.54 11.31
CA SER J 376 38.47 13.24 10.86
C SER J 376 38.09 12.04 11.73
N ALA J 377 37.77 12.28 13.00
CA ALA J 377 37.36 11.18 13.88
C ALA J 377 36.09 10.52 13.34
N LYS J 378 36.04 9.20 13.47
CA LYS J 378 34.92 8.40 13.00
C LYS J 378 34.24 7.81 14.22
N PRO J 379 33.31 8.55 14.83
CA PRO J 379 32.60 8.01 16.02
C PRO J 379 31.56 6.97 15.58
N LYS J 380 31.55 5.82 16.25
CA LYS J 380 30.65 4.72 15.86
C LYS J 380 29.22 4.97 16.37
N VAL J 381 28.62 6.09 15.92
CA VAL J 381 27.36 6.64 16.46
C VAL J 381 26.63 7.31 15.30
N LEU J 382 25.29 7.17 15.28
CA LEU J 382 24.45 7.75 14.25
C LEU J 382 24.39 9.25 14.34
N LEU J 383 24.87 9.91 13.27
CA LEU J 383 24.89 11.37 13.18
C LEU J 383 23.82 11.81 12.21
N ASP J 384 23.17 12.95 12.50
CA ASP J 384 22.25 13.64 11.55
C ASP J 384 23.02 14.32 10.45
N VAL J 385 24.14 14.91 10.80
CA VAL J 385 24.94 15.82 9.96
C VAL J 385 26.40 15.38 9.98
N LYS J 386 27.09 15.46 8.85
CA LYS J 386 28.56 15.36 8.81
C LYS J 386 29.09 16.79 8.87
N LEU J 387 30.19 17.01 9.59
CA LEU J 387 30.78 18.34 9.79
C LEU J 387 32.18 18.42 9.19
N LYS J 388 32.48 19.50 8.45
CA LYS J 388 33.79 19.73 7.86
C LYS J 388 34.73 20.36 8.90
N ALA J 389 36.03 20.38 8.60
CA ALA J 389 37.05 20.86 9.56
C ALA J 389 36.99 22.37 9.83
N GLU J 390 36.57 23.13 8.82
CA GLU J 390 36.31 24.57 8.96
C GLU J 390 35.20 24.92 9.97
N ASP J 391 34.30 23.97 10.22
CA ASP J 391 33.23 24.14 11.22
C ASP J 391 33.75 24.15 12.67
N PHE J 392 34.91 23.55 12.91
CA PHE J 392 35.49 23.45 14.25
C PHE J 392 36.54 24.54 14.54
N ILE J 393 36.58 24.98 15.80
CA ILE J 393 37.67 25.79 16.34
C ILE J 393 38.26 25.04 17.52
N VAL J 394 39.58 24.90 17.52
CA VAL J 394 40.29 24.30 18.64
C VAL J 394 41.21 25.38 19.20
N ASP J 395 41.08 25.61 20.50
CA ASP J 395 41.76 26.70 21.19
C ASP J 395 42.67 26.03 22.21
N VAL J 396 43.98 26.14 22.02
CA VAL J 396 44.93 25.51 22.94
C VAL J 396 45.49 26.59 23.85
N ILE J 397 45.53 26.29 25.15
CA ILE J 397 45.86 27.25 26.19
C ILE J 397 46.91 26.66 27.13
N ASN J 398 48.02 27.38 27.30
CA ASN J 398 49.08 26.98 28.21
C ASN J 398 48.92 27.69 29.55
N MET J 399 48.57 26.92 30.58
CA MET J 399 48.48 27.42 31.96
C MET J 399 49.77 27.05 32.66
N ASP J 400 50.47 28.05 33.21
CA ASP J 400 51.73 27.80 33.91
C ASP J 400 51.90 28.73 35.10
N TYR J 401 53.04 28.60 35.76
CA TYR J 401 53.43 29.50 36.85
C TYR J 401 54.40 30.58 36.36
N GLY J 402 54.24 30.99 35.10
CA GLY J 402 54.99 32.11 34.56
C GLY J 402 56.37 31.79 34.02
N MET J 403 56.82 30.54 34.16
CA MET J 403 58.15 30.14 33.68
C MET J 403 58.04 28.76 33.06
N GLN J 404 57.07 28.64 32.15
CA GLN J 404 56.79 27.38 31.49
C GLN J 404 56.77 26.27 32.53
N GLU J 405 57.62 25.25 32.36
CA GLU J 405 57.56 24.08 33.22
C GLU J 405 58.23 24.24 34.57
N LYS J 406 58.91 25.37 34.77
CA LYS J 406 59.68 25.62 36.00
C LYS J 406 58.83 26.15 37.16
N ASN J 407 59.31 25.85 38.37
CA ASN J 407 58.79 26.36 39.63
C ASN J 407 59.48 27.69 39.85
N PRO J 408 58.72 28.82 39.82
CA PRO J 408 59.37 30.12 39.99
C PRO J 408 59.93 30.36 41.39
N ILE J 409 59.43 29.65 42.39
CA ILE J 409 59.94 29.78 43.77
C ILE J 409 61.36 29.25 43.91
N ASP J 410 61.73 28.27 43.07
CA ASP J 410 63.11 27.83 42.98
C ASP J 410 64.05 28.92 42.43
N HIS J 411 63.48 29.95 41.77
CA HIS J 411 64.21 31.15 41.40
C HIS J 411 63.89 32.39 42.26
N VAL J 412 63.59 32.21 43.55
CA VAL J 412 63.43 33.31 44.51
C VAL J 412 64.49 33.15 45.59
N SER J 413 65.05 34.29 46.00
CA SER J 413 66.01 34.32 47.10
C SER J 413 65.32 34.77 48.40
N PHE J 414 65.73 34.14 49.50
CA PHE J 414 65.11 34.39 50.81
C PHE J 414 66.11 34.83 51.89
N TYR J 415 65.61 35.42 52.97
CA TYR J 415 66.44 35.76 54.14
C TYR J 415 65.78 35.37 55.45
N CYS J 416 66.57 35.25 56.51
CA CYS J 416 66.09 34.87 57.83
C CYS J 416 66.13 36.00 58.82
N LYS J 417 65.27 35.95 59.84
CA LYS J 417 65.25 36.98 60.89
C LYS J 417 66.61 37.09 61.56
N THR J 418 67.20 35.93 61.84
CA THR J 418 68.49 35.84 62.49
C THR J 418 69.69 36.31 61.64
N ALA J 419 69.57 36.31 60.31
CA ALA J 419 70.64 36.75 59.39
C ALA J 419 70.07 37.41 58.15
N PRO J 420 69.65 38.68 58.29
CA PRO J 420 68.91 39.34 57.23
C PRO J 420 69.73 39.76 56.01
N ASN J 421 71.05 39.68 56.09
CA ASN J 421 71.89 39.93 54.92
C ASN J 421 72.28 38.67 54.18
N ARG J 422 72.05 37.51 54.81
CA ARG J 422 72.39 36.24 54.20
C ARG J 422 71.23 35.64 53.42
N ALA J 423 71.40 35.62 52.10
CA ALA J 423 70.41 35.07 51.18
C ALA J 423 70.51 33.55 51.14
N ILE J 424 69.36 32.92 50.92
CA ILE J 424 69.26 31.46 50.88
C ILE J 424 68.21 31.02 49.86
N ARG J 425 68.12 29.70 49.66
CA ARG J 425 67.11 29.08 48.79
C ARG J 425 66.19 28.20 49.62
N ILE J 426 64.92 28.13 49.24
CA ILE J 426 63.95 27.23 49.85
C ILE J 426 63.37 26.35 48.74
N THR J 427 63.58 25.03 48.84
CA THR J 427 63.06 24.08 47.84
C THR J 427 61.58 23.87 48.05
N LYS J 428 60.97 23.08 47.17
CA LYS J 428 59.57 22.72 47.33
C LYS J 428 59.35 21.82 48.56
N ASN J 429 60.24 20.87 48.79
CA ASN J 429 60.11 19.89 49.87
C ASN J 429 60.15 20.51 51.26
N GLN J 430 60.90 21.61 51.38
CA GLN J 430 61.03 22.34 52.62
C GLN J 430 59.75 23.07 53.04
N VAL J 431 58.82 23.27 52.10
CA VAL J 431 57.58 24.01 52.37
C VAL J 431 56.39 23.10 52.67
N SER J 432 55.98 22.28 51.70
CA SER J 432 54.76 21.48 51.81
C SER J 432 54.64 20.35 50.80
N GLN J 433 54.00 19.27 51.22
CA GLN J 433 53.59 18.15 50.36
C GLN J 433 52.29 18.39 49.59
N LEU J 434 51.56 19.44 49.94
CA LEU J 434 50.28 19.77 49.29
C LEU J 434 50.43 20.76 48.13
N LEU J 435 51.66 21.09 47.75
CA LEU J 435 51.90 21.97 46.61
C LEU J 435 51.69 21.24 45.30
N PRO J 436 51.65 21.98 44.18
CA PRO J 436 51.51 21.33 42.87
C PRO J 436 52.65 20.39 42.53
N GLU J 437 52.30 19.32 41.82
CA GLU J 437 53.30 18.35 41.36
C GLU J 437 54.01 18.91 40.15
N LYS J 438 53.23 19.39 39.17
CA LYS J 438 53.75 20.08 37.99
C LYS J 438 53.46 21.58 38.09
N PHE J 439 54.10 22.37 37.22
CA PHE J 439 53.87 23.83 37.16
C PHE J 439 53.50 24.35 35.77
N ALA J 440 53.00 23.46 34.93
CA ALA J 440 52.50 23.81 33.61
C ALA J 440 51.64 22.68 33.05
N GLU J 441 50.64 23.05 32.25
CA GLU J 441 49.75 22.09 31.60
C GLU J 441 49.12 22.76 30.40
N GLN J 442 48.36 21.98 29.64
CA GLN J 442 47.65 22.48 28.48
C GLN J 442 46.16 22.21 28.59
N LEU J 443 45.38 23.20 28.16
CA LEU J 443 43.93 23.06 28.05
C LEU J 443 43.52 23.20 26.62
N ILE J 444 42.68 22.27 26.15
CA ILE J 444 42.21 22.25 24.79
C ILE J 444 40.70 22.39 24.84
N ARG J 445 40.22 23.55 24.38
CA ARG J 445 38.80 23.80 24.21
C ARG J 445 38.43 23.62 22.75
N VAL J 446 37.30 22.99 22.52
CA VAL J 446 36.77 22.79 21.19
C VAL J 446 35.42 23.49 21.11
N TYR J 447 35.24 24.29 20.06
CA TYR J 447 33.96 24.93 19.78
C TYR J 447 33.51 24.59 18.37
N CYS J 448 32.22 24.75 18.10
CA CYS J 448 31.62 24.48 16.79
C CYS J 448 30.93 25.72 16.24
N LYS J 449 31.22 26.06 14.99
CA LYS J 449 30.67 27.26 14.33
C LYS J 449 29.18 27.14 14.03
N LYS J 450 28.71 25.92 13.81
CA LYS J 450 27.28 25.68 13.60
C LYS J 450 26.56 25.53 14.95
N VAL J 451 25.58 26.40 15.14
CA VAL J 451 24.92 26.64 16.43
C VAL J 451 23.77 25.64 16.71
N ASP J 452 23.07 25.20 15.66
CA ASP J 452 21.80 24.42 15.75
C ASP J 452 21.85 23.11 16.56
N ARG J 453 20.67 22.66 16.98
CA ARG J 453 20.51 21.47 17.84
C ARG J 453 21.18 20.23 17.25
N LYS J 454 20.97 20.00 15.94
CA LYS J 454 21.50 18.82 15.23
C LYS J 454 23.03 18.82 15.15
N SER J 455 23.62 19.96 14.79
CA SER J 455 25.07 20.08 14.58
C SER J 455 25.87 20.06 15.87
N LEU J 456 25.29 20.58 16.94
CA LEU J 456 25.93 20.55 18.25
C LEU J 456 26.04 19.12 18.79
N TYR J 457 24.99 18.32 18.63
CA TYR J 457 25.04 16.90 19.02
C TYR J 457 26.18 16.19 18.27
N ALA J 458 26.26 16.43 16.97
CA ALA J 458 27.29 15.85 16.13
C ALA J 458 28.66 16.24 16.62
N ALA J 459 28.87 17.55 16.78
CA ALA J 459 30.14 18.10 17.23
C ALA J 459 30.63 17.42 18.50
N ARG J 460 29.71 17.21 19.46
CA ARG J 460 30.00 16.52 20.71
C ARG J 460 30.51 15.10 20.50
N GLN J 461 29.91 14.38 19.55
CA GLN J 461 30.34 13.03 19.24
C GLN J 461 31.74 13.03 18.62
N TYR J 462 31.99 13.92 17.65
CA TYR J 462 33.33 14.09 17.07
C TYR J 462 34.40 14.38 18.15
N PHE J 463 34.08 15.33 19.02
CA PHE J 463 35.00 15.77 20.07
C PHE J 463 35.37 14.64 21.05
N VAL J 464 34.35 13.99 21.62
CA VAL J 464 34.58 12.97 22.65
C VAL J 464 35.32 11.76 22.07
N GLN J 465 35.10 11.51 20.77
CA GLN J 465 35.84 10.47 20.05
C GLN J 465 37.29 10.89 19.89
N TRP J 466 37.50 12.08 19.33
CA TRP J 466 38.83 12.66 19.16
C TRP J 466 39.67 12.60 20.44
N CYS J 467 39.03 12.81 21.58
CA CYS J 467 39.66 12.67 22.90
C CYS J 467 40.14 11.23 23.17
N ALA J 468 39.26 10.26 22.96
CA ALA J 468 39.63 8.85 23.08
C ALA J 468 40.70 8.45 22.05
N ASP J 469 40.58 8.98 20.82
CA ASP J 469 41.53 8.74 19.73
C ASP J 469 42.96 9.15 20.06
N ARG J 470 43.14 10.25 20.78
CA ARG J 470 44.48 10.76 21.08
C ARG J 470 44.95 10.52 22.53
N ASN J 471 44.20 9.68 23.26
CA ASN J 471 44.49 9.37 24.65
C ASN J 471 44.56 10.64 25.52
N PHE J 472 43.55 11.50 25.33
CA PHE J 472 43.35 12.69 26.17
C PHE J 472 42.40 12.35 27.32
N THR J 473 42.29 13.28 28.26
CA THR J 473 41.43 13.09 29.43
C THR J 473 39.97 13.09 29.00
N LYS J 474 39.16 12.35 29.75
CA LYS J 474 37.73 12.31 29.50
C LYS J 474 37.15 13.67 29.83
N PRO J 475 36.38 14.26 28.90
CA PRO J 475 35.64 15.46 29.26
C PRO J 475 34.82 15.29 30.52
N GLN J 476 34.79 16.31 31.38
CA GLN J 476 34.08 16.26 32.67
C GLN J 476 32.63 15.87 32.49
N ASP J 477 31.98 16.49 31.49
CA ASP J 477 30.60 16.21 31.08
C ASP J 477 30.45 15.03 30.08
N GLY J 478 31.49 14.20 29.94
CA GLY J 478 31.62 13.30 28.81
C GLY J 478 30.56 12.22 28.72
N ASP J 479 30.22 11.64 29.86
CA ASP J 479 29.19 10.60 29.93
C ASP J 479 27.82 11.13 29.58
N VAL J 480 27.58 12.41 29.81
CA VAL J 480 26.30 13.02 29.47
C VAL J 480 26.22 13.32 27.97
N ILE J 481 27.16 14.11 27.47
CA ILE J 481 27.09 14.62 26.09
C ILE J 481 27.25 13.55 25.00
N ALA J 482 28.07 12.54 25.27
CA ALA J 482 28.35 11.47 24.31
C ALA J 482 28.33 10.13 25.02
N PRO J 483 27.12 9.68 25.43
CA PRO J 483 27.00 8.50 26.29
C PRO J 483 27.37 7.21 25.58
N LEU J 484 27.25 7.22 24.25
CA LEU J 484 27.55 6.07 23.44
C LEU J 484 29.06 5.87 23.22
N ILE J 485 29.84 6.93 23.40
CA ILE J 485 31.28 6.91 23.09
C ILE J 485 32.20 6.64 24.29
N THR J 486 31.83 7.12 25.47
CA THR J 486 32.68 6.98 26.67
C THR J 486 32.97 5.54 27.17
N PRO J 487 32.01 4.60 27.01
CA PRO J 487 32.36 3.22 27.36
C PRO J 487 33.43 2.59 26.46
N GLN J 488 33.50 3.02 25.20
CA GLN J 488 34.56 2.59 24.26
C GLN J 488 35.98 2.57 24.86
N LYS J 489 36.35 3.63 25.58
CA LYS J 489 37.72 3.73 26.14
C LYS J 489 37.87 2.93 27.43
N LYS J 490 38.79 1.96 27.42
CA LYS J 490 39.10 1.11 28.56
C LYS J 490 39.66 1.91 29.73
N GLU J 491 40.52 2.89 29.41
CA GLU J 491 41.13 3.76 30.42
C GLU J 491 40.18 4.67 31.20
N TRP J 492 38.97 4.90 30.70
CA TRP J 492 37.96 5.78 31.38
C TRP J 492 37.03 4.91 32.25
N MET K 9 8.90 38.68 62.86
CA MET K 9 10.36 38.45 62.63
C MET K 9 11.16 39.51 63.32
N LYS K 10 12.40 39.19 63.62
CA LYS K 10 13.33 40.17 64.13
C LYS K 10 14.50 40.27 63.17
N VAL K 11 14.90 41.51 62.89
CA VAL K 11 16.00 41.78 61.97
C VAL K 11 17.24 42.18 62.76
N ILE K 12 18.38 41.64 62.34
CA ILE K 12 19.65 41.82 63.04
C ILE K 12 20.75 42.07 62.01
N ASN K 13 21.63 43.04 62.25
CA ASN K 13 22.68 43.45 61.30
C ASN K 13 24.07 42.88 61.60
N ASP K 14 24.36 41.76 60.94
CA ASP K 14 25.67 41.13 60.95
C ASP K 14 26.53 41.81 59.89
N PRO K 15 27.79 42.16 60.23
CA PRO K 15 28.65 42.80 59.22
C PRO K 15 29.05 41.91 58.06
N ILE K 16 28.96 40.60 58.23
CA ILE K 16 29.31 39.68 57.15
C ILE K 16 28.13 39.49 56.22
N HIS K 17 27.00 39.05 56.77
CA HIS K 17 25.86 38.65 55.95
C HIS K 17 24.81 39.73 55.73
N GLY K 18 24.96 40.88 56.40
CA GLY K 18 24.03 42.00 56.25
C GLY K 18 22.87 41.86 57.22
N HIS K 19 21.65 42.12 56.72
CA HIS K 19 20.46 42.07 57.56
C HIS K 19 19.78 40.71 57.50
N ILE K 20 19.99 39.95 58.56
CA ILE K 20 19.41 38.63 58.71
C ILE K 20 18.03 38.81 59.33
N GLU K 21 17.06 38.01 58.86
CA GLU K 21 15.79 37.86 59.58
C GLU K 21 15.87 36.65 60.50
N LEU K 22 15.29 36.76 61.70
CA LEU K 22 15.30 35.68 62.68
C LEU K 22 13.87 35.34 63.06
N HIS K 23 13.53 34.07 62.86
CA HIS K 23 12.20 33.56 63.20
C HIS K 23 12.00 33.55 64.73
N PRO K 24 10.79 33.90 65.21
CA PRO K 24 10.60 34.04 66.66
C PRO K 24 11.09 32.85 67.51
N LEU K 25 10.93 31.64 66.99
CA LEU K 25 11.49 30.43 67.60
C LEU K 25 13.00 30.52 67.80
N LEU K 26 13.70 31.02 66.80
CA LEU K 26 15.15 31.19 66.88
C LEU K 26 15.53 32.22 67.93
N VAL K 27 14.84 33.36 67.91
CA VAL K 27 15.04 34.43 68.88
C VAL K 27 14.89 33.89 70.31
N ARG K 28 13.89 33.05 70.49
CA ARG K 28 13.59 32.44 71.78
C ARG K 28 14.71 31.50 72.24
N ILE K 29 15.34 30.82 71.29
CA ILE K 29 16.53 29.99 71.54
C ILE K 29 17.77 30.85 71.81
N ILE K 30 17.93 31.90 71.02
CA ILE K 30 19.07 32.80 71.17
C ILE K 30 19.10 33.48 72.55
N ASP K 31 17.95 33.95 73.03
CA ASP K 31 17.87 34.66 74.30
C ASP K 31 17.77 33.69 75.49
N THR K 32 18.84 32.91 75.66
CA THR K 32 18.98 31.97 76.78
C THR K 32 20.42 32.04 77.27
N PRO K 33 20.67 31.77 78.58
CA PRO K 33 22.05 31.78 79.07
C PRO K 33 23.00 30.81 78.35
N GLN K 34 22.46 29.70 77.85
CA GLN K 34 23.26 28.67 77.19
C GLN K 34 23.85 29.15 75.84
N PHE K 35 23.05 29.96 75.13
CA PHE K 35 23.43 30.54 73.84
C PHE K 35 24.20 31.85 74.00
N GLN K 36 23.68 32.78 74.80
CA GLN K 36 24.36 34.08 75.04
C GLN K 36 25.76 33.87 75.64
N ARG K 37 25.96 32.74 76.33
CA ARG K 37 27.30 32.24 76.70
C ARG K 37 28.35 32.38 75.60
N LEU K 38 27.96 32.11 74.36
CA LEU K 38 28.89 32.18 73.23
C LEU K 38 29.43 33.58 72.95
N ARG K 39 28.79 34.62 73.48
CA ARG K 39 29.35 36.00 73.44
C ARG K 39 30.71 36.11 74.13
N TYR K 40 30.99 35.20 75.06
CA TYR K 40 32.16 35.31 75.90
C TYR K 40 33.20 34.22 75.59
N ILE K 41 33.22 33.74 74.34
CA ILE K 41 34.19 32.75 73.86
C ILE K 41 34.67 33.19 72.47
N LYS K 42 35.96 33.51 72.34
CA LYS K 42 36.50 34.01 71.05
C LYS K 42 36.62 32.92 70.01
N GLN K 43 36.39 33.28 68.76
CA GLN K 43 36.42 32.32 67.65
C GLN K 43 37.77 31.67 67.55
N LEU K 44 38.80 32.53 67.54
CA LEU K 44 40.15 32.11 67.23
C LEU K 44 41.04 31.97 68.44
N GLY K 45 40.42 31.83 69.61
CA GLY K 45 41.13 31.61 70.85
C GLY K 45 42.29 32.56 71.00
N GLY K 46 43.49 31.96 71.09
CA GLY K 46 44.72 32.71 71.26
C GLY K 46 45.17 33.50 70.04
N GLY K 47 44.53 33.28 68.90
CA GLY K 47 44.75 34.08 67.70
C GLY K 47 44.59 35.58 67.86
N TYR K 48 43.68 36.00 68.73
CA TYR K 48 43.50 37.43 69.04
C TYR K 48 44.81 38.10 69.51
N TYR K 49 45.64 37.32 70.21
CA TYR K 49 46.92 37.81 70.71
C TYR K 49 48.01 37.92 69.61
N VAL K 50 47.71 37.49 68.39
CA VAL K 50 48.55 37.71 67.20
C VAL K 50 47.89 38.59 66.14
N PHE K 51 46.61 38.35 65.85
CA PHE K 51 45.84 39.17 64.89
C PHE K 51 44.90 40.05 65.67
N PRO K 52 45.27 41.34 65.86
CA PRO K 52 44.47 42.17 66.77
C PRO K 52 43.08 42.50 66.27
N GLY K 53 42.75 42.19 65.01
CA GLY K 53 41.38 42.30 64.56
C GLY K 53 40.42 41.25 65.12
N ALA K 54 40.94 40.06 65.44
CA ALA K 54 40.18 38.80 65.73
C ALA K 54 39.50 38.68 67.12
N SER K 55 38.86 39.78 67.50
CA SER K 55 38.09 39.92 68.73
C SER K 55 36.79 39.13 68.69
N HIS K 56 36.31 38.85 67.48
CA HIS K 56 35.05 38.14 67.26
C HIS K 56 34.91 36.81 68.00
N ASN K 57 33.65 36.56 68.37
CA ASN K 57 33.22 35.51 69.27
C ASN K 57 32.30 34.52 68.54
N ARG K 58 32.10 33.37 69.16
CA ARG K 58 31.24 32.34 68.59
C ARG K 58 29.80 32.80 68.35
N PHE K 59 29.28 33.62 69.25
CA PHE K 59 27.92 34.13 69.14
C PHE K 59 27.55 34.50 67.71
N GLU K 60 28.30 35.46 67.15
CA GLU K 60 28.00 35.99 65.82
C GLU K 60 28.27 34.98 64.69
N HIS K 61 29.27 34.11 64.88
CA HIS K 61 29.50 32.95 63.98
C HIS K 61 28.27 32.04 63.99
N SER K 62 27.83 31.67 65.18
CA SER K 62 26.65 30.83 65.33
C SER K 62 25.43 31.45 64.61
N LEU K 63 25.23 32.76 64.75
CA LEU K 63 24.17 33.44 63.99
C LEU K 63 24.30 33.25 62.50
N GLY K 64 25.51 33.50 61.99
CA GLY K 64 25.79 33.40 60.57
C GLY K 64 25.61 32.01 59.99
N VAL K 65 26.00 30.99 60.75
CA VAL K 65 25.84 29.62 60.31
C VAL K 65 24.35 29.26 60.22
N GLY K 66 23.58 29.70 61.23
CA GLY K 66 22.13 29.57 61.20
C GLY K 66 21.54 30.22 59.95
N TYR K 67 22.01 31.43 59.65
CA TYR K 67 21.52 32.18 58.50
C TYR K 67 21.77 31.48 57.19
N LEU K 68 23.02 31.05 56.97
CA LEU K 68 23.42 30.39 55.74
C LEU K 68 22.78 29.03 55.57
N ALA K 69 22.60 28.33 56.69
CA ALA K 69 21.82 27.10 56.67
C ALA K 69 20.44 27.38 56.05
N GLY K 70 19.80 28.44 56.55
CA GLY K 70 18.50 28.91 56.04
C GLY K 70 18.55 29.26 54.56
N CYS K 71 19.59 29.94 54.14
CA CYS K 71 19.77 30.31 52.73
C CYS K 71 19.83 29.12 51.82
N LEU K 72 20.67 28.14 52.16
CA LEU K 72 20.90 27.01 51.28
C LEU K 72 19.65 26.13 51.18
N VAL K 73 19.08 25.77 52.32
CA VAL K 73 17.90 24.92 52.33
C VAL K 73 16.71 25.60 51.64
N HIS K 74 16.53 26.90 51.90
CA HIS K 74 15.44 27.68 51.31
C HIS K 74 15.66 27.80 49.78
N ALA K 75 16.91 27.92 49.36
CA ALA K 75 17.24 28.00 47.93
C ALA K 75 16.97 26.70 47.18
N LEU K 76 17.32 25.57 47.81
CA LEU K 76 17.05 24.28 47.20
C LEU K 76 15.56 24.08 47.00
N GLY K 77 14.79 24.49 48.01
CA GLY K 77 13.33 24.42 47.98
C GLY K 77 12.67 25.23 46.87
N GLU K 78 13.18 26.44 46.64
CA GLU K 78 12.69 27.29 45.54
C GLU K 78 13.05 26.63 44.21
N LYS K 79 14.32 26.25 44.06
CA LYS K 79 14.83 25.61 42.84
C LYS K 79 14.12 24.27 42.53
N GLN K 80 13.79 23.49 43.56
CA GLN K 80 13.22 22.15 43.38
C GLN K 80 12.05 21.86 44.34
N PRO K 81 10.82 22.26 43.95
CA PRO K 81 9.65 21.96 44.78
C PRO K 81 9.41 20.47 44.99
N GLU K 82 9.75 19.66 43.99
CA GLU K 82 9.67 18.20 44.07
C GLU K 82 10.26 17.58 45.34
N LEU K 83 11.21 18.26 45.97
CA LEU K 83 11.83 17.77 47.21
C LEU K 83 10.92 17.84 48.44
N GLN K 84 9.90 18.71 48.37
CA GLN K 84 8.94 18.93 49.45
C GLN K 84 9.67 19.18 50.77
N ILE K 85 10.39 20.30 50.74
CA ILE K 85 11.07 20.81 51.89
C ILE K 85 10.04 21.69 52.59
N SER K 86 9.64 21.30 53.80
CA SER K 86 8.65 22.06 54.59
C SER K 86 9.32 23.18 55.38
N GLU K 87 8.55 24.21 55.74
CA GLU K 87 9.07 25.26 56.62
C GLU K 87 9.43 24.70 58.00
N ARG K 88 8.92 23.52 58.30
CA ARG K 88 9.37 22.75 59.46
C ARG K 88 10.81 22.29 59.26
N ASP K 89 11.11 21.71 58.10
CA ASP K 89 12.49 21.31 57.77
C ASP K 89 13.43 22.50 57.83
N VAL K 90 13.02 23.61 57.22
CA VAL K 90 13.83 24.84 57.16
C VAL K 90 14.20 25.30 58.57
N LEU K 91 13.19 25.43 59.43
CA LEU K 91 13.41 25.85 60.80
C LEU K 91 14.38 24.94 61.53
N CYS K 92 14.21 23.63 61.35
CA CYS K 92 15.07 22.64 61.99
C CYS K 92 16.54 22.78 61.56
N VAL K 93 16.75 23.04 60.28
CA VAL K 93 18.08 23.24 59.73
C VAL K 93 18.70 24.53 60.28
N GLN K 94 17.91 25.61 60.28
CA GLN K 94 18.35 26.88 60.88
C GLN K 94 18.76 26.69 62.34
N ILE K 95 17.90 26.02 63.12
CA ILE K 95 18.17 25.76 64.54
C ILE K 95 19.47 24.99 64.71
N ALA K 96 19.69 23.99 63.87
CA ALA K 96 20.93 23.20 63.93
C ALA K 96 22.13 24.08 63.70
N GLY K 97 22.09 24.83 62.61
CA GLY K 97 23.15 25.79 62.28
C GLY K 97 23.42 26.77 63.40
N LEU K 98 22.35 27.31 63.96
CA LEU K 98 22.43 28.27 65.04
C LEU K 98 23.15 27.68 66.27
N CYS K 99 22.79 26.46 66.63
CA CYS K 99 23.28 25.80 67.83
C CYS K 99 24.48 24.89 67.61
N HIS K 100 25.06 24.90 66.41
CA HIS K 100 26.02 23.84 66.05
C HIS K 100 27.32 23.90 66.86
N ASP K 101 27.72 25.10 67.28
CA ASP K 101 28.91 25.30 68.10
C ASP K 101 28.55 25.81 69.47
N LEU K 102 27.42 25.35 70.01
CA LEU K 102 27.03 25.65 71.40
C LEU K 102 28.00 25.09 72.45
N GLY K 103 28.71 24.01 72.10
CA GLY K 103 29.55 23.29 73.03
C GLY K 103 31.05 23.56 72.99
N HIS K 104 31.48 24.65 72.36
CA HIS K 104 32.91 24.99 72.46
C HIS K 104 33.27 25.43 73.84
N GLY K 105 34.48 25.09 74.25
CA GLY K 105 35.00 25.55 75.53
C GLY K 105 35.66 26.91 75.45
N PRO K 106 36.23 27.37 76.59
CA PRO K 106 37.07 28.57 76.62
C PRO K 106 38.16 28.50 75.57
N PHE K 107 38.29 29.60 74.81
CA PHE K 107 39.24 29.68 73.70
C PHE K 107 39.01 28.61 72.61
N SER K 108 37.74 28.31 72.38
CA SER K 108 37.28 27.47 71.26
C SER K 108 38.01 26.15 71.13
N HIS K 109 38.94 26.08 70.17
CA HIS K 109 39.53 24.80 69.77
C HIS K 109 40.71 24.43 70.67
N MET K 110 41.30 25.43 71.33
CA MET K 110 42.25 25.18 72.41
C MET K 110 41.67 24.20 73.44
N PHE K 111 40.38 24.34 73.77
CA PHE K 111 39.75 23.52 74.82
C PHE K 111 39.61 22.06 74.44
N ASP K 112 38.89 21.78 73.37
CA ASP K 112 38.67 20.40 72.91
C ASP K 112 39.91 19.79 72.22
N GLY K 113 40.82 20.64 71.75
CA GLY K 113 42.00 20.22 71.00
C GLY K 113 43.31 20.06 71.76
N ARG K 114 43.50 20.84 72.82
CA ARG K 114 44.73 20.77 73.65
C ARG K 114 44.45 20.39 75.10
N PHE K 115 43.59 21.17 75.76
CA PHE K 115 43.37 21.06 77.22
C PHE K 115 42.74 19.75 77.68
N ILE K 116 41.54 19.44 77.19
CA ILE K 116 40.82 18.22 77.61
C ILE K 116 41.61 16.94 77.34
N PRO K 117 42.24 16.81 76.14
CA PRO K 117 43.15 15.68 75.91
C PRO K 117 44.29 15.51 76.93
N LEU K 118 44.82 16.62 77.45
CA LEU K 118 45.87 16.57 78.47
C LEU K 118 45.31 16.37 79.87
N ALA K 119 44.29 17.13 80.23
CA ALA K 119 43.69 17.06 81.56
C ALA K 119 43.01 15.72 81.84
N ARG K 120 42.32 15.16 80.84
CA ARG K 120 41.56 13.92 81.01
C ARG K 120 41.74 13.00 79.80
N PRO K 121 42.93 12.35 79.71
CA PRO K 121 43.28 11.46 78.58
C PRO K 121 42.34 10.28 78.37
N GLU K 122 41.67 9.84 79.44
CA GLU K 122 40.66 8.77 79.36
C GLU K 122 39.46 9.07 78.46
N VAL K 123 39.03 10.33 78.38
CA VAL K 123 37.77 10.70 77.70
C VAL K 123 38.03 10.96 76.20
N LYS K 124 37.08 10.57 75.36
CA LYS K 124 37.01 11.02 73.97
C LYS K 124 35.87 12.04 73.94
N TRP K 125 36.22 13.32 73.94
CA TRP K 125 35.25 14.44 73.98
C TRP K 125 35.56 15.47 72.90
N THR K 126 34.51 15.96 72.23
CA THR K 126 34.62 16.97 71.16
C THR K 126 33.64 18.12 71.40
N HIS K 127 33.89 19.26 70.76
CA HIS K 127 33.02 20.41 70.90
C HIS K 127 31.58 20.09 70.41
N GLU K 128 31.48 19.20 69.42
CA GLU K 128 30.19 18.77 68.88
C GLU K 128 29.35 18.02 69.91
N GLN K 129 29.97 17.02 70.56
CA GLN K 129 29.28 16.27 71.61
C GLN K 129 28.75 17.21 72.67
N GLY K 130 29.57 18.19 73.02
CA GLY K 130 29.18 19.25 73.93
C GLY K 130 27.96 20.02 73.44
N SER K 131 27.95 20.37 72.16
CA SER K 131 26.83 21.10 71.58
C SER K 131 25.50 20.35 71.71
N VAL K 132 25.52 19.04 71.48
CA VAL K 132 24.33 18.20 71.64
C VAL K 132 23.79 18.26 73.06
N MET K 133 24.69 18.03 74.02
CA MET K 133 24.32 18.08 75.43
C MET K 133 23.85 19.45 75.85
N MET K 134 24.57 20.47 75.43
CA MET K 134 24.20 21.86 75.74
C MET K 134 22.86 22.23 75.09
N PHE K 135 22.59 21.71 73.90
CA PHE K 135 21.31 21.94 73.22
C PHE K 135 20.17 21.36 74.05
N GLU K 136 20.31 20.10 74.46
CA GLU K 136 19.36 19.43 75.36
C GLU K 136 19.11 20.29 76.60
N HIS K 137 20.17 20.72 77.28
CA HIS K 137 20.06 21.57 78.48
C HIS K 137 19.36 22.89 78.18
N LEU K 138 19.64 23.48 77.02
CA LEU K 138 19.00 24.74 76.62
C LEU K 138 17.49 24.57 76.48
N ILE K 139 17.10 23.52 75.76
CA ILE K 139 15.69 23.25 75.50
C ILE K 139 14.92 23.02 76.79
N ASN K 140 15.47 22.20 77.67
CA ASN K 140 14.78 21.79 78.89
C ASN K 140 14.71 22.89 79.92
N SER K 141 15.83 23.57 80.17
CA SER K 141 15.87 24.64 81.16
C SER K 141 15.10 25.91 80.74
N ASN K 142 14.76 26.06 79.45
CA ASN K 142 14.05 27.26 78.99
C ASN K 142 12.66 27.02 78.40
N GLY K 143 12.14 25.80 78.51
CA GLY K 143 10.78 25.47 78.06
C GLY K 143 10.52 25.76 76.61
N ILE K 144 11.43 25.29 75.76
CA ILE K 144 11.38 25.55 74.33
C ILE K 144 10.45 24.58 73.62
N LYS K 145 10.39 23.34 74.10
CA LYS K 145 9.50 22.32 73.54
C LYS K 145 8.07 22.82 73.21
N PRO K 146 7.39 23.50 74.16
CA PRO K 146 6.08 24.13 73.85
C PRO K 146 6.09 25.10 72.69
N VAL K 147 7.17 25.88 72.58
CA VAL K 147 7.31 26.90 71.54
C VAL K 147 7.57 26.24 70.19
N MET K 148 8.33 25.15 70.20
CA MET K 148 8.57 24.39 68.96
C MET K 148 7.25 23.88 68.40
N GLU K 149 6.45 23.28 69.29
CA GLU K 149 5.10 22.82 68.93
C GLU K 149 4.24 23.94 68.38
N GLN K 150 4.26 25.09 69.05
CA GLN K 150 3.52 26.28 68.61
C GLN K 150 3.81 26.66 67.15
N TYR K 151 5.05 26.46 66.69
CA TYR K 151 5.43 26.76 65.30
C TYR K 151 5.53 25.51 64.40
N GLY K 152 4.74 24.49 64.71
CA GLY K 152 4.60 23.34 63.83
C GLY K 152 5.67 22.28 63.86
N LEU K 153 6.56 22.31 64.85
CA LEU K 153 7.57 21.25 64.99
C LEU K 153 7.04 20.10 65.84
N ILE K 154 7.72 18.97 65.74
CA ILE K 154 7.43 17.77 66.52
C ILE K 154 8.70 17.43 67.30
N PRO K 155 8.80 17.89 68.57
CA PRO K 155 10.00 17.70 69.39
C PRO K 155 10.62 16.30 69.38
N GLU K 156 9.79 15.25 69.47
CA GLU K 156 10.28 13.86 69.42
C GLU K 156 11.21 13.67 68.21
N GLU K 157 10.64 13.85 67.02
CA GLU K 157 11.35 13.66 65.77
C GLU K 157 12.42 14.72 65.54
N ASP K 158 12.05 15.98 65.76
CA ASP K 158 12.88 17.10 65.29
C ASP K 158 14.09 17.39 66.17
N ILE K 159 13.97 17.24 67.48
CA ILE K 159 15.14 17.43 68.37
C ILE K 159 16.21 16.38 68.07
N CYS K 160 15.80 15.18 67.66
CA CYS K 160 16.75 14.18 67.17
C CYS K 160 17.40 14.65 65.87
N PHE K 161 16.59 15.11 64.92
CA PHE K 161 17.06 15.61 63.63
C PHE K 161 18.09 16.73 63.79
N ILE K 162 17.83 17.65 64.72
CA ILE K 162 18.75 18.75 65.00
C ILE K 162 20.08 18.22 65.55
N LYS K 163 20.00 17.36 66.57
CA LYS K 163 21.20 16.74 67.17
C LYS K 163 21.98 15.98 66.11
N GLU K 164 21.27 15.22 65.30
CA GLU K 164 21.90 14.44 64.24
C GLU K 164 22.63 15.30 63.21
N GLN K 165 22.08 16.46 62.87
CA GLN K 165 22.78 17.40 61.97
C GLN K 165 24.15 17.79 62.53
N ILE K 166 24.21 17.97 63.85
CA ILE K 166 25.40 18.48 64.52
C ILE K 166 26.49 17.43 64.64
N VAL K 167 26.16 16.28 65.23
CA VAL K 167 27.15 15.22 65.54
C VAL K 167 27.14 14.01 64.60
N GLY K 168 26.18 13.95 63.69
CA GLY K 168 25.97 12.75 62.89
C GLY K 168 25.08 11.77 63.64
N PRO K 169 25.09 10.49 63.23
CA PRO K 169 24.07 9.55 63.75
C PRO K 169 24.21 9.19 65.21
N LEU K 170 23.09 9.15 65.91
CA LEU K 170 23.08 8.75 67.33
C LEU K 170 23.13 7.20 67.47
N LEU K 178 22.61 0.10 55.95
CA LEU K 178 21.27 0.69 56.09
C LEU K 178 21.34 2.20 56.35
N TRP K 179 20.19 2.87 56.27
CA TRP K 179 20.06 4.31 56.59
C TRP K 179 20.22 4.58 58.10
N PRO K 180 21.31 5.27 58.50
CA PRO K 180 21.61 5.44 59.93
C PRO K 180 20.80 6.48 60.73
N TYR K 181 20.03 7.34 60.07
CA TYR K 181 19.37 8.45 60.77
C TYR K 181 17.94 8.09 61.16
N LYS K 182 17.56 8.44 62.39
CA LYS K 182 16.18 8.31 62.87
C LYS K 182 15.40 9.62 62.72
N GLY K 183 16.08 10.74 62.52
CA GLY K 183 15.45 12.07 62.49
C GLY K 183 14.66 12.35 61.22
N ARG K 184 15.22 11.98 60.07
CA ARG K 184 14.56 12.12 58.78
C ARG K 184 14.80 10.90 57.90
N PRO K 185 13.89 10.63 56.95
CA PRO K 185 14.06 9.52 56.01
C PRO K 185 15.12 9.77 54.93
N GLU K 186 15.39 8.76 54.10
CA GLU K 186 16.42 8.83 53.04
C GLU K 186 16.13 9.85 51.94
N ASN K 187 14.84 10.09 51.70
CA ASN K 187 14.42 11.09 50.69
C ASN K 187 14.67 12.54 51.10
N LYS K 188 15.19 12.77 52.31
CA LYS K 188 15.65 14.08 52.73
C LYS K 188 17.07 14.01 53.35
N SER K 189 17.93 13.16 52.80
CA SER K 189 19.32 13.05 53.28
C SER K 189 20.14 14.31 53.00
N PHE K 190 19.80 15.01 51.93
CA PHE K 190 20.45 16.27 51.59
C PHE K 190 20.45 17.28 52.73
N LEU K 191 19.42 17.27 53.56
CA LEU K 191 19.38 18.17 54.72
C LEU K 191 20.55 17.98 55.69
N TYR K 192 21.03 16.74 55.83
CA TYR K 192 22.17 16.44 56.70
C TYR K 192 23.51 16.98 56.19
N GLU K 193 23.57 17.28 54.89
CA GLU K 193 24.75 17.87 54.26
C GLU K 193 24.89 19.41 54.36
N ILE K 194 23.96 20.10 55.06
CA ILE K 194 23.99 21.56 55.10
C ILE K 194 24.87 22.12 56.22
N VAL K 195 24.59 21.72 57.46
CA VAL K 195 25.22 22.32 58.63
C VAL K 195 26.61 21.73 58.87
N SER K 196 26.70 20.40 58.81
CA SER K 196 27.95 19.68 59.05
C SER K 196 27.97 18.44 58.15
N ASN K 197 28.72 18.57 57.05
CA ASN K 197 28.70 17.61 55.92
C ASN K 197 29.71 16.51 56.21
N LYS K 198 29.20 15.35 56.61
CA LYS K 198 30.04 14.20 56.93
C LYS K 198 30.66 13.57 55.69
N ARG K 199 30.03 13.74 54.53
CA ARG K 199 30.46 13.09 53.28
C ARG K 199 31.77 13.64 52.73
N ASN K 200 31.80 14.97 52.55
CA ASN K 200 32.93 15.68 51.95
C ASN K 200 33.47 16.89 52.71
N GLY K 201 32.69 17.41 53.67
CA GLY K 201 33.12 18.56 54.46
C GLY K 201 32.67 19.91 53.94
N ILE K 202 32.03 19.96 52.76
CA ILE K 202 31.51 21.23 52.23
C ILE K 202 30.21 21.54 52.97
N ASP K 203 30.29 22.45 53.94
CA ASP K 203 29.15 22.88 54.76
C ASP K 203 29.13 24.40 54.97
N VAL K 204 28.00 24.93 55.46
CA VAL K 204 27.87 26.38 55.68
C VAL K 204 28.66 26.87 56.90
N ASP K 205 29.02 25.95 57.80
CA ASP K 205 29.95 26.24 58.92
C ASP K 205 31.21 26.86 58.33
N LYS K 206 31.82 26.17 57.36
CA LYS K 206 33.01 26.67 56.66
C LYS K 206 32.77 28.02 55.99
N TRP K 207 31.65 28.15 55.30
CA TRP K 207 31.38 29.33 54.49
C TRP K 207 31.31 30.59 55.34
N ASP K 208 30.70 30.49 56.52
CA ASP K 208 30.64 31.62 57.43
C ASP K 208 32.02 31.99 57.93
N TYR K 209 32.74 31.03 58.53
CA TYR K 209 34.01 31.36 59.19
C TYR K 209 35.10 31.79 58.22
N PHE K 210 35.05 31.34 56.97
CA PHE K 210 35.92 31.90 55.93
C PHE K 210 35.70 33.39 55.84
N ALA K 211 34.46 33.77 55.57
CA ALA K 211 34.08 35.18 55.42
C ALA K 211 34.35 35.96 56.70
N ARG K 212 33.95 35.39 57.83
CA ARG K 212 34.04 36.06 59.12
C ARG K 212 35.46 36.22 59.59
N ASP K 213 36.21 35.11 59.62
CA ASP K 213 37.58 35.15 60.11
C ASP K 213 38.39 36.12 59.24
N CYS K 214 38.28 36.01 57.91
CA CYS K 214 38.96 36.93 56.99
C CYS K 214 38.66 38.42 57.29
N HIS K 215 37.39 38.75 57.46
CA HIS K 215 36.94 40.13 57.73
C HIS K 215 37.68 40.70 58.94
N HIS K 216 37.69 39.93 60.01
CA HIS K 216 38.29 40.33 61.29
C HIS K 216 39.83 40.16 61.31
N LEU K 217 40.38 39.13 60.64
CA LEU K 217 41.84 38.89 60.65
C LEU K 217 42.65 39.99 59.96
N GLY K 218 42.17 40.36 58.77
CA GLY K 218 42.93 41.19 57.83
C GLY K 218 43.54 40.35 56.72
N ILE K 219 42.72 39.46 56.16
CA ILE K 219 43.06 38.65 54.99
C ILE K 219 41.81 38.68 54.11
N GLN K 220 41.98 38.68 52.79
CA GLN K 220 40.83 38.61 51.88
C GLN K 220 40.50 37.14 51.56
N ASN K 221 39.20 36.88 51.48
CA ASN K 221 38.67 35.54 51.31
C ASN K 221 38.51 35.26 49.82
N ASN K 222 38.94 34.08 49.39
CA ASN K 222 38.94 33.72 47.96
C ASN K 222 37.84 32.71 47.57
N PHE K 223 36.75 32.63 48.34
CA PHE K 223 35.67 31.68 48.07
C PHE K 223 34.30 32.32 48.12
N ASP K 224 33.51 32.08 47.06
CA ASP K 224 32.19 32.68 46.90
C ASP K 224 31.11 31.65 47.21
N TYR K 225 30.60 31.71 48.43
CA TYR K 225 29.57 30.78 48.88
C TYR K 225 28.24 31.02 48.15
N LYS K 226 27.94 32.29 47.90
CA LYS K 226 26.71 32.67 47.21
C LYS K 226 26.60 32.04 45.85
N ARG K 227 27.72 32.01 45.14
CA ARG K 227 27.79 31.41 43.81
C ARG K 227 27.56 29.92 43.87
N PHE K 228 28.18 29.24 44.82
CA PHE K 228 28.01 27.81 44.93
C PHE K 228 26.55 27.42 45.17
N ILE K 229 25.86 28.24 45.97
CA ILE K 229 24.42 28.10 46.22
C ILE K 229 23.62 28.22 44.93
N LYS K 230 23.94 29.19 44.08
CA LYS K 230 23.22 29.32 42.80
C LYS K 230 23.39 28.09 41.90
N PHE K 231 24.53 27.39 42.02
CA PHE K 231 24.79 26.15 41.25
C PHE K 231 24.78 24.88 42.09
N ALA K 232 23.95 24.88 43.12
CA ALA K 232 23.72 23.69 43.92
C ALA K 232 22.38 23.10 43.53
N ARG K 233 22.25 21.79 43.73
CA ARG K 233 21.11 21.04 43.24
C ARG K 233 21.09 19.64 43.84
N VAL K 234 19.90 19.13 44.14
CA VAL K 234 19.75 17.78 44.69
C VAL K 234 19.52 16.81 43.55
N CYS K 235 20.28 15.70 43.56
CA CYS K 235 20.12 14.61 42.61
C CYS K 235 20.15 13.29 43.34
N GLU K 236 19.68 12.23 42.68
CA GLU K 236 19.77 10.89 43.25
C GLU K 236 21.17 10.35 43.07
N VAL K 237 21.75 9.84 44.15
CA VAL K 237 23.05 9.15 44.13
C VAL K 237 22.95 7.92 45.02
N ASP K 238 23.00 6.73 44.41
CA ASP K 238 22.95 5.46 45.16
C ASP K 238 21.74 5.40 46.08
N ASN K 239 20.55 5.53 45.50
CA ASN K 239 19.26 5.34 46.22
C ASN K 239 19.04 6.34 47.37
N GLU K 240 19.51 7.55 47.17
CA GLU K 240 19.57 8.55 48.24
C GLU K 240 19.70 9.93 47.59
N LEU K 241 18.94 10.91 48.06
CA LEU K 241 18.95 12.26 47.48
C LEU K 241 19.98 13.21 48.13
N ARG K 242 21.06 13.54 47.41
CA ARG K 242 22.16 14.35 47.96
C ARG K 242 22.47 15.58 47.14
N ILE K 243 23.05 16.57 47.80
CA ILE K 243 23.41 17.83 47.16
C ILE K 243 24.55 17.58 46.18
N CYS K 244 24.41 18.18 45.00
CA CYS K 244 25.40 18.12 43.93
C CYS K 244 25.68 19.52 43.41
N ALA K 245 26.92 19.76 43.01
CA ALA K 245 27.34 21.04 42.40
C ALA K 245 27.49 20.87 40.92
N ARG K 246 27.47 21.97 40.19
CA ARG K 246 27.63 21.93 38.74
C ARG K 246 29.06 21.53 38.38
N ASP K 247 29.20 20.76 37.31
CA ASP K 247 30.52 20.34 36.79
C ASP K 247 31.59 21.44 36.73
N LYS K 248 31.24 22.64 36.27
CA LYS K 248 32.20 23.75 36.18
C LYS K 248 32.76 24.22 37.55
N GLU K 249 31.95 24.10 38.62
CA GLU K 249 32.37 24.50 39.96
C GLU K 249 33.48 23.65 40.57
N VAL K 250 33.79 22.48 40.00
CA VAL K 250 34.83 21.61 40.53
C VAL K 250 36.12 22.38 40.85
N GLY K 251 36.52 23.30 39.98
CA GLY K 251 37.71 24.14 40.20
C GLY K 251 37.61 24.94 41.49
N ASN K 252 36.47 25.61 41.67
CA ASN K 252 36.22 26.44 42.85
C ASN K 252 36.19 25.64 44.13
N LEU K 253 35.75 24.39 44.04
CA LEU K 253 35.71 23.49 45.19
C LEU K 253 37.10 23.07 45.64
N TYR K 254 38.02 22.78 44.73
CA TYR K 254 39.40 22.52 45.13
C TYR K 254 39.99 23.79 45.79
N ASP K 255 39.63 24.95 45.23
CA ASP K 255 40.07 26.26 45.73
C ASP K 255 39.45 26.58 47.11
N MET K 256 38.27 26.03 47.40
CA MET K 256 37.69 26.14 48.75
C MET K 256 38.62 25.48 49.78
N PHE K 257 39.02 24.24 49.55
CA PHE K 257 39.89 23.53 50.50
C PHE K 257 41.32 24.10 50.51
N HIS K 258 41.77 24.70 49.40
CA HIS K 258 43.04 25.45 49.38
C HIS K 258 42.95 26.67 50.30
N THR K 259 41.88 27.44 50.14
CA THR K 259 41.60 28.59 51.01
C THR K 259 41.58 28.16 52.49
N ARG K 260 40.96 27.02 52.78
CA ARG K 260 40.94 26.49 54.16
C ARG K 260 42.35 26.25 54.69
N ASN K 261 43.12 25.48 53.93
CA ASN K 261 44.50 25.14 54.30
C ASN K 261 45.35 26.40 54.43
N SER K 262 45.15 27.35 53.53
CA SER K 262 45.86 28.62 53.55
C SER K 262 45.58 29.40 54.85
N LEU K 263 44.31 29.46 55.27
CA LEU K 263 43.93 30.13 56.52
C LEU K 263 44.51 29.48 57.77
N HIS K 264 44.61 28.15 57.75
CA HIS K 264 45.28 27.41 58.82
C HIS K 264 46.76 27.78 58.87
N ARG K 265 47.41 27.82 57.70
CA ARG K 265 48.83 28.15 57.64
C ARG K 265 49.10 29.55 58.14
N ARG K 266 48.35 30.52 57.63
CA ARG K 266 48.61 31.92 57.96
C ARG K 266 48.16 32.31 59.37
N ALA K 267 47.00 31.80 59.78
CA ALA K 267 46.32 32.30 60.97
C ALA K 267 46.15 31.25 62.07
N TYR K 268 45.32 30.24 61.82
CA TYR K 268 44.83 29.37 62.90
C TYR K 268 45.94 28.58 63.59
N GLN K 269 46.90 28.13 62.78
CA GLN K 269 48.11 27.45 63.26
C GLN K 269 49.34 28.35 63.27
N HIS K 270 49.15 29.66 63.43
CA HIS K 270 50.27 30.58 63.49
C HIS K 270 51.18 30.23 64.67
N LYS K 271 52.49 30.20 64.40
CA LYS K 271 53.49 29.70 65.34
C LYS K 271 53.38 30.28 66.77
N VAL K 272 53.09 31.57 66.85
CA VAL K 272 52.91 32.28 68.11
C VAL K 272 51.49 32.09 68.67
N GLY K 273 50.50 32.05 67.78
CA GLY K 273 49.12 31.79 68.19
C GLY K 273 49.01 30.47 68.90
N ASN K 274 49.68 29.47 68.33
CA ASN K 274 49.77 28.14 68.93
C ASN K 274 50.56 28.08 70.24
N ILE K 275 51.63 28.86 70.34
CA ILE K 275 52.39 28.85 71.59
C ILE K 275 51.60 29.54 72.72
N ILE K 276 50.81 30.54 72.37
CA ILE K 276 49.93 31.18 73.34
C ILE K 276 48.81 30.23 73.79
N ASP K 277 48.22 29.52 72.82
CA ASP K 277 47.26 28.44 73.11
C ASP K 277 47.89 27.42 74.12
N THR K 278 49.10 26.91 73.85
CA THR K 278 49.76 25.94 74.74
C THR K 278 50.04 26.53 76.13
N MET K 279 50.39 27.83 76.16
CA MET K 279 50.64 28.53 77.42
C MET K 279 49.38 28.73 78.25
N ILE K 280 48.28 29.09 77.59
CA ILE K 280 46.99 29.19 78.28
C ILE K 280 46.54 27.81 78.77
N THR K 281 46.65 26.80 77.91
CA THR K 281 46.38 25.40 78.29
C THR K 281 47.20 24.99 79.53
N ASP K 282 48.49 25.32 79.49
CA ASP K 282 49.41 25.03 80.60
C ASP K 282 48.89 25.65 81.91
N ALA K 283 48.51 26.92 81.85
CA ALA K 283 47.96 27.64 82.99
C ALA K 283 46.66 27.04 83.52
N PHE K 284 45.81 26.58 82.60
CA PHE K 284 44.56 25.92 82.99
C PHE K 284 44.84 24.63 83.71
N LEU K 285 45.80 23.85 83.20
CA LEU K 285 46.18 22.59 83.84
C LEU K 285 46.64 22.81 85.29
N LYS K 286 47.43 23.86 85.51
CA LYS K 286 47.92 24.17 86.86
C LYS K 286 46.85 24.75 87.77
N ALA K 287 45.89 25.45 87.18
CA ALA K 287 44.76 26.00 87.94
C ALA K 287 43.61 25.02 88.17
N ASP K 288 43.58 23.89 87.45
CA ASP K 288 42.39 23.03 87.40
C ASP K 288 41.94 22.53 88.77
N ASP K 289 42.91 22.11 89.58
CA ASP K 289 42.64 21.56 90.91
C ASP K 289 41.98 22.51 91.87
N TYR K 290 42.28 23.80 91.75
CA TYR K 290 41.85 24.80 92.74
C TYR K 290 40.71 25.71 92.30
N ILE K 291 40.15 25.50 91.11
CA ILE K 291 38.98 26.26 90.67
C ILE K 291 37.75 25.38 90.72
N GLU K 292 36.74 25.89 91.43
CA GLU K 292 35.44 25.25 91.56
C GLU K 292 34.43 26.03 90.71
N ILE K 293 33.51 25.30 90.09
CA ILE K 293 32.39 25.89 89.36
C ILE K 293 31.11 25.19 89.80
N THR K 294 30.12 26.00 90.20
CA THR K 294 28.86 25.50 90.70
C THR K 294 28.07 24.90 89.56
N GLY K 295 27.62 23.67 89.75
CA GLY K 295 26.84 22.95 88.75
C GLY K 295 25.41 22.69 89.20
N ALA K 296 24.86 21.59 88.71
CA ALA K 296 23.47 21.23 88.97
C ALA K 296 23.33 20.72 90.40
N GLY K 297 22.33 21.24 91.08
CA GLY K 297 22.11 20.99 92.50
C GLY K 297 23.24 21.48 93.38
N GLY K 298 24.03 22.43 92.89
CA GLY K 298 25.19 22.93 93.60
C GLY K 298 26.46 22.09 93.63
N LYS K 299 26.51 20.94 92.95
CA LYS K 299 27.72 20.10 92.97
C LYS K 299 28.94 20.88 92.42
N LYS K 300 30.11 20.65 93.00
CA LYS K 300 31.33 21.38 92.60
C LYS K 300 32.02 20.67 91.44
N TYR K 301 32.27 21.41 90.35
CA TYR K 301 33.01 20.88 89.20
C TYR K 301 34.26 21.68 88.93
N ARG K 302 35.29 21.00 88.42
CA ARG K 302 36.56 21.63 88.02
C ARG K 302 36.48 22.01 86.55
N ILE K 303 37.50 22.69 86.06
CA ILE K 303 37.50 23.15 84.66
C ILE K 303 37.38 21.95 83.75
N SER K 304 38.20 20.93 84.01
CA SER K 304 38.21 19.71 83.21
C SER K 304 36.93 18.87 83.30
N THR K 305 36.22 18.93 84.43
CA THR K 305 35.01 18.13 84.65
C THR K 305 33.68 18.86 84.40
N ALA K 306 33.74 20.16 84.14
CA ALA K 306 32.54 20.93 83.83
C ALA K 306 31.82 20.42 82.60
N ILE K 307 32.57 19.84 81.66
CA ILE K 307 31.99 19.22 80.45
C ILE K 307 30.97 18.11 80.75
N ASP K 308 31.06 17.49 81.93
CA ASP K 308 30.11 16.45 82.31
C ASP K 308 28.74 16.99 82.69
N ASP K 309 28.70 18.19 83.28
CA ASP K 309 27.44 18.85 83.62
C ASP K 309 27.29 20.16 82.84
N MET K 310 26.13 20.35 82.21
CA MET K 310 25.90 21.53 81.37
C MET K 310 25.55 22.80 82.12
N GLU K 311 24.94 22.67 83.30
CA GLU K 311 24.63 23.84 84.11
C GLU K 311 25.92 24.51 84.57
N ALA K 312 26.94 23.70 84.86
CA ALA K 312 28.27 24.21 85.22
C ALA K 312 28.98 24.79 83.99
N TYR K 313 29.01 24.01 82.92
CA TYR K 313 29.67 24.39 81.65
C TYR K 313 29.14 25.69 81.04
N THR K 314 27.86 26.00 81.31
CA THR K 314 27.24 27.27 80.96
C THR K 314 28.05 28.48 81.49
N LYS K 315 28.59 28.34 82.69
CA LYS K 315 29.39 29.40 83.33
C LYS K 315 30.89 29.36 82.97
N LEU K 316 31.32 28.41 82.14
CA LEU K 316 32.73 28.22 81.79
C LEU K 316 33.03 28.85 80.43
N THR K 317 33.68 30.00 80.46
CA THR K 317 33.96 30.79 79.27
C THR K 317 35.40 31.31 79.33
N ASP K 318 35.78 32.15 78.36
CA ASP K 318 37.08 32.86 78.37
C ASP K 318 37.36 33.63 79.68
N ASN K 319 36.29 34.03 80.39
CA ASN K 319 36.38 34.57 81.75
C ASN K 319 37.41 33.90 82.64
N ILE K 320 37.47 32.58 82.51
CA ILE K 320 38.35 31.78 83.35
C ILE K 320 39.83 32.21 83.26
N PHE K 321 40.22 32.73 82.09
CA PHE K 321 41.52 33.40 81.89
C PHE K 321 41.73 34.55 82.88
N LEU K 322 40.83 35.51 82.84
CA LEU K 322 40.92 36.70 83.69
C LEU K 322 40.69 36.40 85.16
N GLU K 323 39.88 35.39 85.43
CA GLU K 323 39.66 34.93 86.80
C GLU K 323 41.02 34.50 87.36
N ILE K 324 41.76 33.67 86.61
CA ILE K 324 43.10 33.23 87.01
C ILE K 324 44.07 34.41 87.13
N LEU K 325 44.05 35.29 86.14
CA LEU K 325 44.97 36.43 86.11
C LEU K 325 44.78 37.35 87.32
N TYR K 326 43.54 37.73 87.58
CA TYR K 326 43.23 38.65 88.66
C TYR K 326 43.26 38.05 90.08
N SER K 327 43.31 36.72 90.20
CA SER K 327 43.21 36.08 91.52
C SER K 327 44.39 36.38 92.44
N THR K 328 44.15 36.24 93.74
CA THR K 328 45.17 36.35 94.77
C THR K 328 45.36 35.06 95.59
N ASP K 329 44.58 34.02 95.30
CA ASP K 329 44.77 32.72 95.94
C ASP K 329 46.19 32.23 95.63
N PRO K 330 47.01 31.97 96.66
CA PRO K 330 48.36 31.46 96.40
C PRO K 330 48.42 30.05 95.79
N LYS K 331 47.35 29.25 95.91
CA LYS K 331 47.26 27.96 95.23
C LYS K 331 47.32 28.12 93.71
N LEU K 332 46.83 29.26 93.21
CA LEU K 332 46.86 29.61 91.78
C LEU K 332 48.11 30.37 91.31
N LYS K 333 49.13 30.52 92.16
CA LYS K 333 50.28 31.35 91.80
C LYS K 333 51.03 30.84 90.58
N ASP K 334 51.22 29.51 90.49
CA ASP K 334 51.83 28.90 89.31
C ASP K 334 51.10 29.23 88.00
N ALA K 335 49.77 29.08 88.03
CA ALA K 335 48.94 29.37 86.85
C ALA K 335 48.96 30.85 86.50
N ARG K 336 48.75 31.70 87.51
CA ARG K 336 48.75 33.16 87.33
C ARG K 336 50.08 33.69 86.77
N GLU K 337 51.19 33.05 87.12
CA GLU K 337 52.50 33.49 86.62
C GLU K 337 52.65 33.22 85.13
N ILE K 338 52.13 32.10 84.64
CA ILE K 338 52.16 31.83 83.20
C ILE K 338 51.36 32.90 82.45
N LEU K 339 50.17 33.21 82.93
CA LEU K 339 49.33 34.22 82.29
C LEU K 339 49.92 35.62 82.34
N LYS K 340 50.58 35.96 83.44
CA LYS K 340 51.29 37.24 83.53
C LYS K 340 52.43 37.31 82.51
N GLN K 341 53.11 36.18 82.28
CA GLN K 341 54.15 36.10 81.24
C GLN K 341 53.62 36.34 79.82
N ILE K 342 52.33 36.10 79.58
CA ILE K 342 51.68 36.42 78.30
C ILE K 342 51.41 37.92 78.10
N GLU K 343 51.03 38.59 79.19
CA GLU K 343 50.84 40.03 79.16
C GLU K 343 52.15 40.70 78.80
N TYR K 344 53.18 40.40 79.59
CA TYR K 344 54.55 40.92 79.41
C TYR K 344 55.23 40.44 78.14
N ARG K 345 54.73 39.36 77.55
CA ARG K 345 55.18 38.85 76.25
C ARG K 345 56.50 38.06 76.36
N ASN K 346 56.74 37.40 77.50
CA ASN K 346 57.83 36.43 77.66
C ASN K 346 57.31 35.06 77.31
N LEU K 347 57.11 34.88 76.02
CA LEU K 347 56.55 33.66 75.51
C LEU K 347 57.69 32.72 75.28
N PHE K 348 57.35 31.43 75.22
CA PHE K 348 58.31 30.40 74.91
C PHE K 348 58.76 30.65 73.47
N LYS K 349 60.06 30.57 73.21
CA LYS K 349 60.61 31.02 71.92
C LYS K 349 60.56 29.93 70.84
N TYR K 350 60.14 30.35 69.65
CA TYR K 350 60.07 29.49 68.47
C TYR K 350 61.48 29.22 67.98
N VAL K 351 61.79 27.94 67.77
CA VAL K 351 63.11 27.53 67.29
C VAL K 351 63.10 27.30 65.78
N GLY K 352 62.09 26.59 65.29
CA GLY K 352 61.96 26.30 63.87
C GLY K 352 60.85 25.29 63.59
N GLU K 353 60.64 25.03 62.31
CA GLU K 353 59.59 24.14 61.83
C GLU K 353 60.22 23.08 60.93
N THR K 354 59.60 21.90 60.88
CA THR K 354 60.08 20.85 59.97
C THR K 354 58.95 19.87 59.65
N GLN K 355 59.16 19.05 58.61
CA GLN K 355 58.22 17.99 58.21
C GLN K 355 58.93 16.64 58.12
N PRO K 356 58.20 15.53 58.32
CA PRO K 356 58.78 14.23 57.97
C PRO K 356 58.91 14.04 56.46
N THR K 357 59.65 13.00 56.07
CA THR K 357 59.87 12.66 54.66
C THR K 357 59.44 11.23 54.39
N GLY K 358 59.38 10.88 53.10
CA GLY K 358 58.87 9.59 52.67
C GLY K 358 57.37 9.55 52.93
N GLN K 359 56.90 8.46 53.52
CA GLN K 359 55.55 8.38 54.04
C GLN K 359 55.64 8.00 55.53
N ILE K 360 56.43 8.77 56.31
CA ILE K 360 56.60 8.58 57.77
C ILE K 360 55.57 9.40 58.57
N LYS K 361 54.40 8.83 58.88
CA LYS K 361 53.40 9.54 59.71
C LYS K 361 53.77 9.41 61.19
N ILE K 362 53.78 10.52 61.93
CA ILE K 362 54.03 10.52 63.40
C ILE K 362 52.73 10.29 64.15
N LYS K 363 52.61 9.13 64.79
CA LYS K 363 51.38 8.77 65.52
C LYS K 363 51.22 9.64 66.77
N ARG K 364 49.97 9.82 67.20
CA ARG K 364 49.61 10.69 68.34
C ARG K 364 50.20 10.21 69.66
N GLU K 365 50.11 8.91 69.90
CA GLU K 365 50.88 8.20 70.93
C GLU K 365 52.30 8.75 71.22
N ASP K 366 53.07 9.00 70.16
CA ASP K 366 54.48 9.40 70.29
C ASP K 366 54.73 10.86 70.67
N TYR K 367 53.68 11.69 70.64
CA TYR K 367 53.78 13.13 70.93
C TYR K 367 54.46 13.39 72.27
N GLU K 368 54.02 12.67 73.30
CA GLU K 368 54.62 12.75 74.64
C GLU K 368 56.14 12.67 74.61
N SER K 369 56.69 11.75 73.81
CA SER K 369 58.12 11.43 73.82
C SER K 369 59.08 12.37 73.05
N LEU K 370 58.55 13.24 72.21
CA LEU K 370 59.38 14.00 71.26
C LEU K 370 60.32 15.04 71.89
N PRO K 371 59.91 15.71 72.98
CA PRO K 371 60.85 16.58 73.71
C PRO K 371 62.10 15.85 74.21
N LYS K 372 61.91 14.64 74.74
CA LYS K 372 63.01 13.75 75.13
C LYS K 372 63.98 13.54 73.97
N GLU K 373 63.46 13.26 72.79
CA GLU K 373 64.29 13.01 71.60
C GLU K 373 65.15 14.21 71.18
N VAL K 374 64.60 15.41 71.32
CA VAL K 374 65.31 16.64 70.91
C VAL K 374 66.50 16.91 71.82
N ALA K 375 66.27 16.84 73.13
CA ALA K 375 67.35 16.95 74.12
C ALA K 375 68.40 15.84 73.94
N SER K 376 67.93 14.65 73.56
CA SER K 376 68.81 13.49 73.36
C SER K 376 69.78 13.60 72.20
N ALA K 377 69.50 14.46 71.23
CA ALA K 377 70.41 14.66 70.10
C ALA K 377 71.77 15.16 70.59
N LYS K 378 72.82 14.66 69.96
CA LYS K 378 74.19 15.01 70.34
C LYS K 378 74.78 15.77 69.16
N PRO K 379 74.57 17.10 69.11
CA PRO K 379 75.12 17.90 68.03
C PRO K 379 76.63 18.09 68.21
N LYS K 380 77.39 17.87 67.14
CA LYS K 380 78.87 17.99 67.20
C LYS K 380 79.30 19.46 67.18
N VAL K 381 78.86 20.22 68.19
CA VAL K 381 79.11 21.67 68.32
C VAL K 381 79.24 22.02 69.78
N LEU K 382 80.19 22.91 70.11
CA LEU K 382 80.41 23.31 71.51
C LEU K 382 79.29 24.20 72.00
N LEU K 383 78.60 23.74 73.03
CA LEU K 383 77.47 24.44 73.64
C LEU K 383 77.89 25.03 74.98
N ASP K 384 77.35 26.18 75.33
CA ASP K 384 77.53 26.80 76.67
C ASP K 384 76.69 26.07 77.72
N VAL K 385 75.47 25.68 77.31
CA VAL K 385 74.45 25.14 78.18
C VAL K 385 73.94 23.81 77.63
N LYS K 386 73.72 22.83 78.51
CA LYS K 386 72.99 21.61 78.16
C LYS K 386 71.54 21.85 78.55
N LEU K 387 70.60 21.35 77.74
CA LEU K 387 69.16 21.55 77.96
C LEU K 387 68.45 20.21 78.21
N LYS K 388 67.58 20.19 79.23
CA LYS K 388 66.78 18.99 79.57
C LYS K 388 65.53 18.92 78.69
N ALA K 389 64.87 17.77 78.68
CA ALA K 389 63.71 17.55 77.80
C ALA K 389 62.47 18.38 78.17
N GLU K 390 62.30 18.66 79.45
CA GLU K 390 61.27 19.56 79.96
C GLU K 390 61.37 21.00 79.42
N ASP K 391 62.58 21.41 79.02
CA ASP K 391 62.81 22.73 78.42
C ASP K 391 62.20 22.88 77.02
N PHE K 392 61.99 21.76 76.32
CA PHE K 392 61.47 21.77 74.94
C PHE K 392 59.95 21.53 74.88
N ILE K 393 59.30 22.18 73.91
CA ILE K 393 57.93 21.88 73.49
C ILE K 393 57.96 21.52 72.03
N VAL K 394 57.35 20.40 71.68
CA VAL K 394 57.20 19.99 70.30
C VAL K 394 55.71 19.94 70.02
N ASP K 395 55.29 20.66 68.98
CA ASP K 395 53.90 20.87 68.65
C ASP K 395 53.70 20.23 67.27
N VAL K 396 52.95 19.14 67.20
CA VAL K 396 52.74 18.44 65.94
C VAL K 396 51.37 18.81 65.41
N ILE K 397 51.31 19.15 64.12
CA ILE K 397 50.11 19.71 63.51
C ILE K 397 49.80 18.97 62.21
N ASN K 398 48.56 18.47 62.11
CA ASN K 398 48.11 17.78 60.91
C ASN K 398 47.32 18.76 60.03
N MET K 399 47.89 19.08 58.88
CA MET K 399 47.24 19.90 57.86
C MET K 399 46.65 18.95 56.82
N ASP K 400 45.34 19.05 56.58
CA ASP K 400 44.70 18.17 55.59
C ASP K 400 43.59 18.90 54.84
N TYR K 401 42.91 18.17 53.96
CA TYR K 401 41.74 18.66 53.25
C TYR K 401 40.44 18.16 53.91
N GLY K 402 40.48 17.99 55.24
CA GLY K 402 39.29 17.68 56.01
C GLY K 402 38.88 16.23 56.06
N MET K 403 39.59 15.35 55.36
CA MET K 403 39.30 13.92 55.36
C MET K 403 40.62 13.18 55.41
N GLN K 404 41.46 13.57 56.37
CA GLN K 404 42.76 12.98 56.55
C GLN K 404 43.44 12.90 55.17
N GLU K 405 43.85 11.70 54.75
CA GLU K 405 44.63 11.54 53.55
C GLU K 405 43.82 11.58 52.25
N LYS K 406 42.50 11.61 52.37
CA LYS K 406 41.61 11.56 51.20
C LYS K 406 41.39 12.93 50.54
N ASN K 407 41.10 12.87 49.24
CA ASN K 407 40.71 14.02 48.42
C ASN K 407 39.19 14.12 48.60
N PRO K 408 38.71 15.21 49.21
CA PRO K 408 37.26 15.32 49.44
C PRO K 408 36.45 15.52 48.15
N ILE K 409 37.07 16.00 47.09
CA ILE K 409 36.40 16.17 45.79
C ILE K 409 36.01 14.83 45.17
N ASP K 410 36.78 13.79 45.46
CA ASP K 410 36.39 12.43 45.07
C ASP K 410 35.12 11.95 45.80
N HIS K 411 34.75 12.61 46.89
CA HIS K 411 33.45 12.41 47.54
C HIS K 411 32.44 13.57 47.32
N VAL K 412 32.48 14.22 46.16
CA VAL K 412 31.45 15.21 45.75
C VAL K 412 30.77 14.71 44.49
N SER K 413 29.45 14.92 44.42
CA SER K 413 28.66 14.58 43.25
C SER K 413 28.40 15.84 42.41
N PHE K 414 28.43 15.66 41.09
CA PHE K 414 28.29 16.76 40.15
C PHE K 414 27.14 16.56 39.14
N TYR K 415 26.72 17.65 38.49
CA TYR K 415 25.73 17.56 37.40
C TYR K 415 26.12 18.42 36.21
N CYS K 416 25.55 18.10 35.04
CA CYS K 416 25.84 18.85 33.81
C CYS K 416 24.66 19.68 33.36
N LYS K 417 24.96 20.74 32.60
CA LYS K 417 23.90 21.62 32.07
C LYS K 417 22.92 20.83 31.22
N THR K 418 23.48 19.95 30.40
CA THR K 418 22.70 19.11 29.50
C THR K 418 21.84 18.03 30.19
N ALA K 419 22.20 17.63 31.41
CA ALA K 419 21.45 16.59 32.17
C ALA K 419 21.50 16.88 33.68
N PRO K 420 20.67 17.82 34.12
CA PRO K 420 20.77 18.33 35.48
C PRO K 420 20.25 17.38 36.56
N ASN K 421 19.58 16.30 36.19
CA ASN K 421 19.20 15.29 37.18
C ASN K 421 20.18 14.14 37.27
N ARG K 422 21.09 14.06 36.30
CA ARG K 422 22.07 12.97 36.28
C ARG K 422 23.36 13.37 36.99
N ALA K 423 23.58 12.73 38.12
CA ALA K 423 24.76 12.91 38.93
C ALA K 423 25.94 12.16 38.37
N ILE K 424 27.13 12.72 38.57
CA ILE K 424 28.37 12.15 38.06
C ILE K 424 29.53 12.40 39.03
N ARG K 425 30.68 11.80 38.72
CA ARG K 425 31.93 12.01 39.47
C ARG K 425 32.97 12.67 38.60
N ILE K 426 33.80 13.52 39.20
CA ILE K 426 34.92 14.13 38.48
C ILE K 426 36.20 13.78 39.28
N THR K 427 37.12 13.06 38.63
CA THR K 427 38.39 12.67 39.28
C THR K 427 39.33 13.86 39.31
N LYS K 428 40.49 13.66 39.92
CA LYS K 428 41.51 14.71 39.93
C LYS K 428 42.09 14.95 38.53
N ASN K 429 42.32 13.87 37.78
CA ASN K 429 42.94 13.98 36.44
C ASN K 429 42.12 14.72 35.43
N GLN K 430 40.80 14.65 35.60
CA GLN K 430 39.85 15.34 34.72
C GLN K 430 39.87 16.87 34.90
N VAL K 431 40.43 17.35 36.01
CA VAL K 431 40.45 18.79 36.30
C VAL K 431 41.76 19.48 35.94
N SER K 432 42.87 19.07 36.58
CA SER K 432 44.15 19.77 36.42
C SER K 432 45.35 18.98 36.90
N GLN K 433 46.49 19.21 36.24
CA GLN K 433 47.80 18.70 36.66
C GLN K 433 48.48 19.55 37.73
N LEU K 434 47.94 20.75 38.00
CA LEU K 434 48.53 21.65 38.99
C LEU K 434 47.91 21.51 40.39
N LEU K 435 47.06 20.51 40.59
CA LEU K 435 46.46 20.25 41.89
C LEU K 435 47.46 19.57 42.82
N PRO K 436 47.12 19.51 44.12
CA PRO K 436 48.03 18.85 45.07
C PRO K 436 48.25 17.36 44.78
N GLU K 437 49.44 16.89 45.06
CA GLU K 437 49.78 15.49 44.91
C GLU K 437 49.20 14.69 46.07
N LYS K 438 49.47 15.18 47.29
CA LYS K 438 48.89 14.64 48.52
C LYS K 438 47.81 15.58 49.07
N PHE K 439 47.03 15.08 50.02
CA PHE K 439 45.98 15.90 50.69
C PHE K 439 46.08 15.91 52.22
N ALA K 440 47.25 15.56 52.74
CA ALA K 440 47.56 15.64 54.16
C ALA K 440 49.07 15.64 54.38
N GLU K 441 49.48 16.32 55.44
CA GLU K 441 50.90 16.38 55.83
C GLU K 441 51.00 16.73 57.29
N GLN K 442 52.22 16.72 57.82
CA GLN K 442 52.46 17.05 59.20
C GLN K 442 53.47 18.18 59.33
N LEU K 443 53.20 19.09 60.26
CA LEU K 443 54.14 20.16 60.61
C LEU K 443 54.57 19.99 62.04
N ILE K 444 55.88 20.08 62.26
CA ILE K 444 56.45 19.92 63.58
C ILE K 444 57.14 21.22 63.93
N ARG K 445 56.57 21.95 64.89
CA ARG K 445 57.18 23.15 65.44
C ARG K 445 57.85 22.79 66.76
N VAL K 446 59.04 23.34 66.97
CA VAL K 446 59.79 23.16 68.20
C VAL K 446 59.97 24.53 68.83
N TYR K 447 59.66 24.62 70.12
CA TYR K 447 59.90 25.83 70.91
C TYR K 447 60.73 25.49 72.14
N CYS K 448 61.36 26.50 72.71
CA CYS K 448 62.20 26.36 73.92
C CYS K 448 61.69 27.24 75.04
N LYS K 449 61.53 26.67 76.23
CA LYS K 449 60.99 27.38 77.40
C LYS K 449 61.98 28.41 77.95
N LYS K 450 63.27 28.17 77.78
CA LYS K 450 64.31 29.12 78.20
C LYS K 450 64.54 30.16 77.11
N VAL K 451 64.33 31.42 77.49
CA VAL K 451 64.23 32.57 76.58
C VAL K 451 65.61 33.15 76.19
N ASP K 452 66.58 33.10 77.11
CA ASP K 452 67.89 33.79 76.99
C ASP K 452 68.73 33.49 75.74
N ARG K 453 69.66 34.41 75.45
CA ARG K 453 70.51 34.34 74.26
C ARG K 453 71.28 33.02 74.16
N LYS K 454 71.87 32.58 75.28
CA LYS K 454 72.67 31.35 75.33
C LYS K 454 71.84 30.08 75.07
N SER K 455 70.68 29.97 75.71
CA SER K 455 69.83 28.78 75.62
C SER K 455 69.13 28.63 74.28
N LEU K 456 68.80 29.75 73.66
CA LEU K 456 68.19 29.75 72.34
C LEU K 456 69.17 29.22 71.27
N TYR K 457 70.43 29.64 71.33
CA TYR K 457 71.46 29.11 70.42
C TYR K 457 71.57 27.60 70.56
N ALA K 458 71.61 27.14 71.81
CA ALA K 458 71.68 25.72 72.11
C ALA K 458 70.51 24.98 71.52
N ALA K 459 69.31 25.46 71.84
CA ALA K 459 68.06 24.86 71.36
C ALA K 459 68.08 24.65 69.84
N ARG K 460 68.54 25.67 69.14
CA ARG K 460 68.68 25.63 67.66
C ARG K 460 69.59 24.50 67.20
N GLN K 461 70.70 24.29 67.90
CA GLN K 461 71.64 23.22 67.56
C GLN K 461 71.00 21.84 67.82
N TYR K 462 70.35 21.67 68.97
CA TYR K 462 69.59 20.44 69.26
C TYR K 462 68.53 20.13 68.17
N PHE K 463 67.76 21.15 67.82
CA PHE K 463 66.68 21.02 66.85
C PHE K 463 67.18 20.59 65.47
N VAL K 464 68.13 21.34 64.92
CA VAL K 464 68.61 21.10 63.56
C VAL K 464 69.32 19.74 63.46
N GLN K 465 69.91 19.30 64.56
CA GLN K 465 70.49 17.96 64.65
C GLN K 465 69.38 16.91 64.64
N TRP K 466 68.43 17.07 65.55
CA TRP K 466 67.27 16.19 65.64
C TRP K 466 66.58 15.97 64.28
N CYS K 467 66.52 17.04 63.48
CA CYS K 467 66.00 16.98 62.11
C CYS K 467 66.83 16.06 61.21
N ALA K 468 68.16 16.25 61.22
CA ALA K 468 69.06 15.36 60.48
C ALA K 468 69.01 13.92 61.01
N ASP K 469 68.91 13.78 62.35
CA ASP K 469 68.81 12.49 63.02
C ASP K 469 67.62 11.63 62.57
N ARG K 470 66.48 12.26 62.32
CA ARG K 470 65.27 11.53 61.95
C ARG K 470 64.89 11.61 60.47
N ASN K 471 65.82 12.12 59.65
CA ASN K 471 65.62 12.30 58.21
C ASN K 471 64.37 13.14 57.92
N PHE K 472 64.27 14.26 58.63
CA PHE K 472 63.25 15.29 58.39
C PHE K 472 63.79 16.34 57.43
N THR K 473 62.90 17.22 56.97
CA THR K 473 63.29 18.27 56.03
C THR K 473 64.19 19.28 56.73
N LYS K 474 65.07 19.88 55.95
CA LYS K 474 65.95 20.92 56.46
C LYS K 474 65.11 22.13 56.82
N PRO K 475 65.25 22.66 58.05
CA PRO K 475 64.59 23.92 58.36
C PRO K 475 64.96 24.99 57.33
N GLN K 476 63.98 25.81 56.96
CA GLN K 476 64.16 26.85 55.92
C GLN K 476 65.31 27.79 56.28
N ASP K 477 65.36 28.18 57.55
CA ASP K 477 66.44 29.00 58.12
C ASP K 477 67.66 28.21 58.60
N GLY K 478 67.79 26.95 58.19
CA GLY K 478 68.68 25.98 58.83
C GLY K 478 70.16 26.34 58.73
N ASP K 479 70.57 26.78 57.55
CA ASP K 479 71.96 27.18 57.31
C ASP K 479 72.38 28.38 58.14
N VAL K 480 71.43 29.23 58.48
CA VAL K 480 71.70 30.42 59.29
C VAL K 480 71.82 30.03 60.77
N ILE K 481 70.77 29.43 61.32
CA ILE K 481 70.68 29.17 62.77
C ILE K 481 71.69 28.15 63.30
N ALA K 482 72.01 27.14 62.49
CA ALA K 482 72.92 26.08 62.88
C ALA K 482 73.87 25.77 61.73
N PRO K 483 74.80 26.69 61.46
CA PRO K 483 75.64 26.60 60.27
C PRO K 483 76.63 25.45 60.32
N LEU K 484 76.98 25.05 61.54
CA LEU K 484 77.93 23.98 61.76
C LEU K 484 77.30 22.59 61.56
N ILE K 485 75.97 22.50 61.63
CA ILE K 485 75.26 21.20 61.58
C ILE K 485 74.73 20.80 60.21
N THR K 486 74.29 21.77 59.42
CA THR K 486 73.67 21.48 58.10
C THR K 486 74.57 20.81 57.04
N PRO K 487 75.89 21.10 57.03
CA PRO K 487 76.74 20.35 56.11
C PRO K 487 76.85 18.85 56.44
N GLN K 488 76.73 18.49 57.72
CA GLN K 488 76.67 17.08 58.14
C GLN K 488 75.82 16.16 57.26
N LYS K 489 74.60 16.60 56.94
CA LYS K 489 73.64 15.78 56.18
C LYS K 489 73.93 15.81 54.68
N LYS K 490 74.21 14.62 54.11
CA LYS K 490 74.49 14.45 52.69
C LYS K 490 73.29 14.82 51.83
N GLU K 491 72.10 14.43 52.30
CA GLU K 491 70.85 14.71 51.59
C GLU K 491 70.46 16.20 51.47
N TRP K 492 71.04 17.09 52.28
CA TRP K 492 70.73 18.53 52.23
C TRP K 492 71.61 19.34 51.27
N ASN K 493 72.48 18.68 50.51
CA ASN K 493 73.36 19.35 49.55
C ASN K 493 72.97 18.84 48.15
N MET L 9 62.08 46.91 64.04
CA MET L 9 60.63 47.20 64.02
C MET L 9 59.85 45.91 64.11
N LYS L 10 58.62 46.02 64.58
CA LYS L 10 57.72 44.90 64.60
C LYS L 10 56.51 45.23 63.76
N VAL L 11 56.08 44.28 62.93
CA VAL L 11 54.96 44.47 62.04
C VAL L 11 53.74 43.74 62.56
N ILE L 12 52.58 44.38 62.49
CA ILE L 12 51.34 43.87 63.06
C ILE L 12 50.21 44.14 62.06
N ASN L 13 49.33 43.17 61.84
CA ASN L 13 48.25 43.26 60.83
C ASN L 13 46.87 43.59 61.42
N ASP L 14 46.57 44.88 61.38
CA ASP L 14 45.26 45.42 61.75
C ASP L 14 44.36 45.34 60.52
N PRO L 15 43.11 44.86 60.67
CA PRO L 15 42.21 44.79 59.51
C PRO L 15 41.79 46.13 58.95
N ILE L 16 41.89 47.19 59.74
CA ILE L 16 41.53 48.51 59.26
C ILE L 16 42.67 49.14 58.51
N HIS L 17 43.82 49.27 59.15
CA HIS L 17 44.95 50.03 58.60
C HIS L 17 45.97 49.20 57.84
N GLY L 18 45.83 47.86 57.88
CA GLY L 18 46.74 46.96 57.17
C GLY L 18 47.93 46.62 58.03
N HIS L 19 49.14 46.64 57.45
CA HIS L 19 50.35 46.29 58.17
C HIS L 19 51.05 47.52 58.75
N ILE L 20 50.87 47.68 60.05
CA ILE L 20 51.46 48.76 60.80
C ILE L 20 52.86 48.33 61.22
N GLU L 21 53.82 49.25 61.17
CA GLU L 21 55.11 49.05 61.85
C GLU L 21 55.05 49.67 63.24
N LEU L 22 55.67 49.01 64.21
CA LEU L 22 55.70 49.47 65.59
C LEU L 22 57.13 49.62 66.05
N HIS L 23 57.49 50.83 66.47
CA HIS L 23 58.82 51.13 66.96
C HIS L 23 59.08 50.40 68.30
N PRO L 24 60.31 49.87 68.51
CA PRO L 24 60.55 49.04 69.69
C PRO L 24 60.10 49.65 71.04
N LEU L 25 60.24 50.97 71.17
CA LEU L 25 59.71 51.74 72.31
C LEU L 25 58.22 51.54 72.50
N LEU L 26 57.48 51.57 71.40
CA LEU L 26 56.03 51.37 71.43
C LEU L 26 55.69 49.95 71.86
N VAL L 27 56.37 48.99 71.26
CA VAL L 27 56.19 47.56 71.59
C VAL L 27 56.40 47.35 73.10
N ARG L 28 57.42 48.01 73.63
CA ARG L 28 57.76 47.93 75.06
C ARG L 28 56.66 48.51 75.94
N ILE L 29 56.00 49.55 75.46
CA ILE L 29 54.83 50.14 76.13
C ILE L 29 53.60 49.25 75.98
N ILE L 30 53.39 48.70 74.79
CA ILE L 30 52.27 47.82 74.52
C ILE L 30 52.27 46.57 75.39
N ASP L 31 53.44 45.94 75.55
CA ASP L 31 53.55 44.70 76.31
C ASP L 31 53.70 44.96 77.81
N THR L 32 52.65 45.56 78.38
CA THR L 32 52.54 45.84 79.81
C THR L 32 51.12 45.53 80.25
N PRO L 33 50.92 45.13 81.53
CA PRO L 33 49.55 44.86 81.99
C PRO L 33 48.58 46.05 81.87
N GLN L 34 49.11 47.26 81.95
CA GLN L 34 48.30 48.48 81.91
C GLN L 34 47.66 48.70 80.51
N PHE L 35 48.44 48.36 79.48
CA PHE L 35 48.00 48.47 78.08
C PHE L 35 47.23 47.24 77.60
N GLN L 36 47.78 46.04 77.84
CA GLN L 36 47.09 44.80 77.42
C GLN L 36 45.72 44.66 78.08
N ARG L 37 45.54 45.31 79.25
CA ARG L 37 44.23 45.54 79.86
C ARG L 37 43.13 45.95 78.88
N LEU L 38 43.48 46.79 77.91
CA LEU L 38 42.51 47.27 76.92
C LEU L 38 41.96 46.18 76.00
N ARG L 39 42.61 45.02 75.93
CA ARG L 39 42.05 43.84 75.25
C ARG L 39 40.71 43.39 75.83
N TYR L 40 40.47 43.72 77.10
CA TYR L 40 39.32 43.20 77.82
C TYR L 40 38.28 44.30 78.11
N ILE L 41 38.22 45.32 77.26
CA ILE L 41 37.24 46.41 77.35
C ILE L 41 36.71 46.70 75.94
N LYS L 42 35.42 46.48 75.70
CA LYS L 42 34.81 46.67 74.37
C LYS L 42 34.68 48.13 74.00
N GLN L 43 34.85 48.43 72.72
CA GLN L 43 34.81 49.80 72.22
C GLN L 43 33.44 50.40 72.48
N LEU L 44 32.42 49.66 72.09
CA LEU L 44 31.05 50.15 72.07
C LEU L 44 30.21 49.68 73.22
N GLY L 45 30.87 49.23 74.28
CA GLY L 45 30.20 48.83 75.50
C GLY L 45 29.03 47.89 75.20
N GLY L 46 27.85 48.34 75.62
CA GLY L 46 26.61 47.61 75.44
C GLY L 46 26.10 47.51 74.00
N GLY L 47 26.72 48.27 73.09
CA GLY L 47 26.44 48.17 71.67
C GLY L 47 26.59 46.78 71.06
N TYR L 48 27.52 45.98 71.58
CA TYR L 48 27.70 44.59 71.15
C TYR L 48 26.40 43.78 71.28
N TYR L 49 25.59 44.10 72.29
CA TYR L 49 24.32 43.42 72.52
C TYR L 49 23.19 43.87 71.54
N VAL L 50 23.48 44.84 70.67
CA VAL L 50 22.59 45.24 69.56
C VAL L 50 23.21 44.99 68.18
N PHE L 51 24.49 45.35 68.01
CA PHE L 51 25.21 45.12 66.74
C PHE L 51 26.17 43.96 66.97
N PRO L 52 25.81 42.75 66.51
CA PRO L 52 26.60 41.58 66.87
C PRO L 52 27.98 41.54 66.24
N GLY L 53 28.29 42.42 65.31
CA GLY L 53 29.66 42.54 64.83
C GLY L 53 30.63 43.19 65.80
N ALA L 54 30.12 44.07 66.69
CA ALA L 54 30.92 45.04 67.52
C ALA L 54 31.64 44.48 68.77
N SER L 55 32.29 43.34 68.54
CA SER L 55 33.09 42.62 69.54
C SER L 55 34.40 43.34 69.83
N HIS L 56 34.84 44.18 68.89
CA HIS L 56 36.10 44.92 69.00
C HIS L 56 36.29 45.71 70.30
N ASN L 57 37.55 45.77 70.71
CA ASN L 57 38.02 46.26 71.97
C ASN L 57 38.92 47.48 71.80
N ARG L 58 39.15 48.20 72.89
CA ARG L 58 40.01 49.38 72.87
C ARG L 58 41.44 49.10 72.38
N PHE L 59 41.98 47.96 72.77
CA PHE L 59 43.34 47.58 72.39
C PHE L 59 43.65 47.95 70.94
N GLU L 60 42.87 47.38 70.01
CA GLU L 60 43.13 47.57 68.58
C GLU L 60 42.83 48.99 68.09
N HIS L 61 41.85 49.66 68.72
CA HIS L 61 41.59 51.10 68.50
C HIS L 61 42.83 51.90 68.90
N SER L 62 43.31 51.66 70.13
CA SER L 62 44.50 52.33 70.63
C SER L 62 45.70 52.15 69.66
N LEU L 63 45.89 50.94 69.14
CA LEU L 63 46.93 50.72 68.11
C LEU L 63 46.74 51.61 66.90
N GLY L 64 45.53 51.62 66.38
CA GLY L 64 45.20 52.39 65.18
C GLY L 64 45.37 53.89 65.36
N VAL L 65 45.01 54.40 66.51
CA VAL L 65 45.17 55.83 66.80
C VAL L 65 46.65 56.19 66.85
N GLY L 66 47.44 55.33 67.49
CA GLY L 66 48.89 55.47 67.49
C GLY L 66 49.45 55.51 66.06
N TYR L 67 48.96 54.60 65.23
CA TYR L 67 49.41 54.49 63.85
C TYR L 67 49.12 55.75 63.05
N LEU L 68 47.88 56.21 63.10
CA LEU L 68 47.44 57.39 62.35
C LEU L 68 48.09 58.66 62.86
N ALA L 69 48.30 58.75 64.15
CA ALA L 69 49.08 59.83 64.71
C ALA L 69 50.44 59.89 63.99
N GLY L 70 51.11 58.73 63.90
CA GLY L 70 52.37 58.58 63.19
C GLY L 70 52.29 59.00 61.73
N CYS L 71 51.21 58.58 61.06
CA CYS L 71 51.00 58.93 59.66
C CYS L 71 50.92 60.42 59.43
N LEU L 72 50.10 61.10 60.22
CA LEU L 72 49.86 62.51 60.01
C LEU L 72 51.11 63.34 60.30
N VAL L 73 51.71 63.11 61.46
CA VAL L 73 52.90 63.85 61.85
C VAL L 73 54.07 63.61 60.87
N HIS L 74 54.24 62.35 60.48
CA HIS L 74 55.30 61.96 59.54
C HIS L 74 55.05 62.58 58.16
N ALA L 75 53.78 62.67 57.76
CA ALA L 75 53.40 63.28 56.49
C ALA L 75 53.66 64.77 56.45
N LEU L 76 53.34 65.47 57.54
CA LEU L 76 53.60 66.91 57.62
C LEU L 76 55.08 67.17 57.50
N GLY L 77 55.88 66.34 58.17
CA GLY L 77 57.35 66.42 58.12
C GLY L 77 57.96 66.24 56.74
N GLU L 78 57.44 65.30 55.97
CA GLU L 78 57.87 65.08 54.58
C GLU L 78 57.48 66.29 53.74
N LYS L 79 56.22 66.69 53.83
CA LYS L 79 55.67 67.84 53.09
C LYS L 79 56.39 69.16 53.44
N GLN L 80 56.76 69.35 54.70
CA GLN L 80 57.34 70.62 55.17
C GLN L 80 58.54 70.41 56.12
N PRO L 81 59.75 70.25 55.54
CA PRO L 81 60.95 70.11 56.38
C PRO L 81 61.23 71.31 57.27
N GLU L 82 60.87 72.50 56.79
CA GLU L 82 60.98 73.74 57.57
C GLU L 82 60.43 73.67 59.00
N LEU L 83 59.49 72.78 59.26
CA LEU L 83 58.91 72.61 60.59
C LEU L 83 59.85 71.97 61.60
N GLN L 84 60.84 71.23 61.09
CA GLN L 84 61.80 70.49 61.92
C GLN L 84 61.15 69.68 62.98
N ILE L 85 60.40 68.72 62.46
CA ILE L 85 59.74 67.71 63.25
C ILE L 85 60.79 66.61 63.40
N SER L 86 61.23 66.38 64.64
CA SER L 86 62.23 65.34 64.94
C SER L 86 61.57 63.98 65.11
N GLU L 87 62.33 62.91 64.91
CA GLU L 87 61.83 61.56 65.19
C GLU L 87 61.52 61.38 66.67
N ARG L 88 62.04 62.28 67.50
CA ARG L 88 61.63 62.39 68.88
C ARG L 88 60.19 62.89 68.99
N ASP L 89 59.85 63.94 68.25
CA ASP L 89 58.48 64.45 68.19
C ASP L 89 57.53 63.37 67.70
N VAL L 90 57.91 62.69 66.61
CA VAL L 90 57.08 61.64 66.00
C VAL L 90 56.76 60.56 67.02
N LEU L 91 57.80 60.05 67.67
CA LEU L 91 57.60 59.01 68.68
C LEU L 91 56.67 59.45 69.78
N CYS L 92 56.85 60.68 70.25
CA CYS L 92 56.00 61.23 71.32
C CYS L 92 54.53 61.31 70.92
N VAL L 93 54.28 61.69 69.68
CA VAL L 93 52.93 61.77 69.16
C VAL L 93 52.32 60.36 69.03
N GLN L 94 53.09 59.43 68.48
CA GLN L 94 52.67 58.02 68.40
C GLN L 94 52.31 57.48 69.78
N ILE L 95 53.19 57.70 70.76
CA ILE L 95 52.97 57.23 72.14
C ILE L 95 51.69 57.81 72.71
N ALA L 96 51.44 59.09 72.45
CA ALA L 96 50.22 59.74 72.93
C ALA L 96 48.99 59.07 72.33
N GLY L 97 49.00 58.94 71.02
CA GLY L 97 47.92 58.25 70.29
C GLY L 97 47.69 56.84 70.80
N LEU L 98 48.78 56.11 70.99
CA LEU L 98 48.72 54.75 71.49
C LEU L 98 48.04 54.65 72.87
N CYS L 99 48.43 55.55 73.76
CA CYS L 99 47.98 55.55 75.15
C CYS L 99 46.77 56.43 75.43
N HIS L 100 46.16 57.01 74.41
CA HIS L 100 45.19 58.09 74.62
C HIS L 100 43.92 57.64 75.35
N ASP L 101 43.52 56.38 75.14
CA ASP L 101 42.35 55.80 75.80
C ASP L 101 42.76 54.68 76.73
N LEU L 102 43.90 54.84 77.38
CA LEU L 102 44.33 53.90 78.44
C LEU L 102 43.41 53.86 79.66
N GLY L 103 42.71 54.96 79.91
CA GLY L 103 41.90 55.13 81.10
C GLY L 103 40.40 54.90 80.99
N HIS L 104 39.94 54.25 79.93
CA HIS L 104 38.52 53.89 79.88
C HIS L 104 38.21 52.82 80.88
N GLY L 105 37.01 52.89 81.43
CA GLY L 105 36.53 51.86 82.35
C GLY L 105 35.87 50.69 81.64
N PRO L 106 35.34 49.74 82.43
CA PRO L 106 34.48 48.67 81.90
C PRO L 106 33.37 49.23 81.04
N PHE L 107 33.20 48.65 79.85
CA PHE L 107 32.22 49.10 78.86
C PHE L 107 32.41 50.58 78.45
N SER L 108 33.68 50.98 78.35
CA SER L 108 34.10 52.25 77.77
C SER L 108 33.36 53.47 78.33
N HIS L 109 32.41 53.99 77.58
CA HIS L 109 31.80 55.28 77.86
C HIS L 109 30.66 55.15 78.87
N MET L 110 30.10 53.95 78.98
CA MET L 110 29.20 53.62 80.08
C MET L 110 29.81 53.98 81.44
N PHE L 111 31.10 53.71 81.61
CA PHE L 111 31.78 53.91 82.90
C PHE L 111 31.92 55.37 83.29
N ASP L 112 32.60 56.16 82.46
CA ASP L 112 32.82 57.57 82.73
C ASP L 112 31.56 58.44 82.49
N GLY L 113 30.63 57.91 81.69
CA GLY L 113 29.42 58.65 81.28
C GLY L 113 28.15 58.39 82.07
N ARG L 114 27.98 57.18 82.61
CA ARG L 114 26.78 56.83 83.42
C ARG L 114 27.11 56.44 84.84
N PHE L 115 27.99 55.45 85.02
CA PHE L 115 28.26 54.82 86.32
C PHE L 115 28.91 55.75 87.35
N ILE L 116 30.10 56.27 87.04
CA ILE L 116 30.84 57.12 87.98
C ILE L 116 30.03 58.37 88.40
N PRO L 117 29.38 59.06 87.45
CA PRO L 117 28.47 60.15 87.84
C PRO L 117 27.36 59.78 88.84
N LEU L 118 26.84 58.55 88.77
CA LEU L 118 25.82 58.08 89.72
C LEU L 118 26.44 57.58 91.02
N ALA L 119 27.46 56.74 90.90
CA ALA L 119 28.11 56.17 92.08
C ALA L 119 28.81 57.20 92.96
N ARG L 120 29.46 58.18 92.35
CA ARG L 120 30.24 59.20 93.09
C ARG L 120 30.01 60.59 92.50
N PRO L 121 28.82 61.19 92.77
CA PRO L 121 28.44 62.50 92.23
C PRO L 121 29.38 63.65 92.61
N GLU L 122 30.09 63.52 93.72
CA GLU L 122 31.10 64.50 94.14
C GLU L 122 32.27 64.69 93.16
N VAL L 123 32.69 63.63 92.47
CA VAL L 123 33.92 63.68 91.64
C VAL L 123 33.61 64.17 90.23
N LYS L 124 34.53 64.94 89.66
CA LYS L 124 34.56 65.23 88.22
C LYS L 124 35.68 64.38 87.64
N TRP L 125 35.32 63.25 87.03
CA TRP L 125 36.28 62.28 86.48
C TRP L 125 35.93 61.92 85.03
N THR L 126 36.95 61.83 84.18
CA THR L 126 36.81 61.48 82.76
C THR L 126 37.78 60.38 82.36
N HIS L 127 37.50 59.70 81.26
CA HIS L 127 38.37 58.63 80.76
C HIS L 127 39.79 59.17 80.46
N GLU L 128 39.86 60.44 80.02
CA GLU L 128 41.13 61.11 79.72
C GLU L 128 42.01 61.26 80.95
N GLN L 129 41.43 61.81 82.02
CA GLN L 129 42.16 61.96 83.28
C GLN L 129 42.72 60.63 83.72
N GLY L 130 41.91 59.58 83.59
CA GLY L 130 42.32 58.22 83.84
C GLY L 130 43.52 57.81 83.01
N SER L 131 43.48 58.13 81.71
CA SER L 131 44.58 57.78 80.81
C SER L 131 45.92 58.39 81.26
N VAL L 132 45.89 59.65 81.69
CA VAL L 132 47.08 60.32 82.21
C VAL L 132 47.67 59.58 83.40
N MET L 133 46.82 59.30 84.36
CA MET L 133 47.23 58.57 85.57
C MET L 133 47.71 57.17 85.25
N MET L 134 46.96 56.48 84.40
CA MET L 134 47.33 55.12 83.99
C MET L 134 48.66 55.12 83.20
N PHE L 135 48.89 56.17 82.40
CA PHE L 135 50.14 56.32 81.67
C PHE L 135 51.32 56.42 82.63
N GLU L 136 51.19 57.33 83.61
CA GLU L 136 52.16 57.49 84.69
C GLU L 136 52.47 56.12 85.35
N HIS L 137 51.41 55.42 85.76
CA HIS L 137 51.56 54.09 86.39
C HIS L 137 52.26 53.09 85.47
N LEU L 138 51.92 53.13 84.17
CA LEU L 138 52.56 52.24 83.19
C LEU L 138 54.05 52.48 83.11
N ILE L 139 54.43 53.75 82.97
CA ILE L 139 55.82 54.14 82.83
C ILE L 139 56.65 53.71 84.05
N ASN L 140 56.12 53.99 85.23
CA ASN L 140 56.85 53.77 86.48
C ASN L 140 56.96 52.29 86.85
N SER L 141 55.84 51.58 86.77
CA SER L 141 55.83 50.17 87.11
C SER L 141 56.57 49.25 86.10
N ASN L 142 56.87 49.75 84.90
CA ASN L 142 57.56 48.94 83.88
C ASN L 142 58.95 49.46 83.45
N GLY L 143 59.47 50.48 84.13
CA GLY L 143 60.81 50.99 83.86
C GLY L 143 61.02 51.46 82.43
N ILE L 144 60.09 52.26 81.95
CA ILE L 144 60.09 52.73 80.57
C ILE L 144 60.99 53.93 80.39
N LYS L 145 61.08 54.78 81.41
CA LYS L 145 61.96 55.96 81.38
C LYS L 145 63.38 55.70 80.80
N PRO L 146 64.08 54.65 81.28
CA PRO L 146 65.37 54.26 80.68
C PRO L 146 65.32 53.97 79.17
N VAL L 147 64.24 53.33 78.74
CA VAL L 147 64.05 52.94 77.35
C VAL L 147 63.75 54.17 76.50
N MET L 148 63.00 55.12 77.05
CA MET L 148 62.72 56.38 76.34
C MET L 148 64.03 57.11 76.07
N GLU L 149 64.86 57.22 77.10
CA GLU L 149 66.21 57.81 76.99
C GLU L 149 67.04 57.10 75.93
N GLN L 150 67.03 55.77 75.96
CA GLN L 150 67.75 54.95 74.96
C GLN L 150 67.40 55.32 73.51
N TYR L 151 66.15 55.71 73.25
CA TYR L 151 65.72 56.12 71.90
C TYR L 151 65.59 57.64 71.74
N GLY L 152 66.40 58.40 72.47
CA GLY L 152 66.54 59.82 72.26
C GLY L 152 65.46 60.73 72.83
N LEU L 153 64.61 60.21 73.70
CA LEU L 153 63.61 61.06 74.38
C LEU L 153 64.18 61.66 75.67
N ILE L 154 63.49 62.69 76.15
CA ILE L 154 63.82 63.37 77.40
C ILE L 154 62.58 63.27 78.31
N PRO L 155 62.54 62.26 79.19
CA PRO L 155 61.35 62.00 80.01
C PRO L 155 60.74 63.23 80.73
N GLU L 156 61.58 64.11 81.28
CA GLU L 156 61.09 65.35 81.92
C GLU L 156 60.14 66.08 80.99
N GLU L 157 60.66 66.52 79.85
CA GLU L 157 59.91 67.29 78.87
C GLU L 157 58.83 66.45 78.19
N ASP L 158 59.19 65.25 77.75
CA ASP L 158 58.34 64.49 76.85
C ASP L 158 57.15 63.80 77.50
N ILE L 159 57.31 63.30 78.72
CA ILE L 159 56.18 62.70 79.44
C ILE L 159 55.10 63.74 79.72
N CYS L 160 55.51 65.00 79.93
CA CYS L 160 54.55 66.10 80.01
C CYS L 160 53.85 66.31 78.67
N PHE L 161 54.64 66.38 77.59
CA PHE L 161 54.13 66.55 76.23
C PHE L 161 53.09 65.50 75.86
N ILE L 162 53.37 64.25 76.22
CA ILE L 162 52.46 63.13 75.95
C ILE L 162 51.15 63.32 76.74
N LYS L 163 51.27 63.57 78.04
CA LYS L 163 50.09 63.81 78.90
C LYS L 163 49.28 64.98 78.38
N GLU L 164 49.96 66.05 78.01
CA GLU L 164 49.30 67.24 77.49
C GLU L 164 48.54 66.98 76.19
N GLN L 165 49.08 66.14 75.31
CA GLN L 165 48.35 65.75 74.09
C GLN L 165 46.99 65.12 74.43
N ILE L 166 46.97 64.31 75.50
CA ILE L 166 45.80 63.52 75.87
C ILE L 166 44.71 64.37 76.52
N VAL L 167 45.07 65.09 77.59
CA VAL L 167 44.09 65.86 78.39
C VAL L 167 44.08 67.36 78.15
N GLY L 168 45.01 67.88 77.37
CA GLY L 168 45.19 69.32 77.24
C GLY L 168 46.12 69.83 78.33
N PRO L 169 46.09 71.16 78.60
CA PRO L 169 47.12 71.71 79.49
C PRO L 169 46.93 71.33 80.97
N LEU L 178 48.24 83.83 76.60
CA LEU L 178 49.61 83.31 76.51
C LEU L 178 49.63 81.76 76.38
N TRP L 179 50.78 81.22 76.02
CA TRP L 179 50.94 79.82 75.61
C TRP L 179 50.82 78.84 76.79
N PRO L 180 49.74 78.03 76.85
CA PRO L 180 49.49 77.20 78.04
C PRO L 180 50.33 75.91 78.21
N TYR L 181 51.08 75.48 77.20
CA TYR L 181 51.76 74.19 77.25
C TYR L 181 53.20 74.33 77.72
N LYS L 182 53.62 73.43 78.61
CA LYS L 182 55.02 73.33 79.05
C LYS L 182 55.79 72.26 78.27
N GLY L 183 55.09 71.37 77.57
CA GLY L 183 55.71 70.23 76.89
C GLY L 183 56.46 70.60 75.62
N ARG L 184 55.85 71.47 74.80
CA ARG L 184 56.48 71.98 73.58
C ARG L 184 56.23 73.48 73.43
N PRO L 185 57.12 74.18 72.71
CA PRO L 185 56.93 75.61 72.42
C PRO L 185 55.83 75.89 71.38
N GLU L 186 55.54 77.17 71.17
CA GLU L 186 54.49 77.62 70.22
C GLU L 186 54.75 77.27 68.77
N ASN L 187 56.02 77.19 68.39
CA ASN L 187 56.41 76.81 67.03
C ASN L 187 56.16 75.34 66.67
N LYS L 188 55.69 74.55 67.65
CA LYS L 188 55.23 73.19 67.39
C LYS L 188 53.83 72.94 67.99
N SER L 189 52.96 73.94 67.95
CA SER L 189 51.58 73.78 68.46
C SER L 189 50.74 72.81 67.63
N PHE L 190 51.06 72.71 66.34
CA PHE L 190 50.41 71.77 65.44
C PHE L 190 50.42 70.33 65.96
N LEU L 191 51.47 69.94 66.66
CA LEU L 191 51.55 68.60 67.24
C LEU L 191 50.40 68.29 68.21
N TYR L 192 49.93 69.31 68.95
CA TYR L 192 48.82 69.13 69.88
C TYR L 192 47.46 68.90 69.21
N GLU L 193 47.36 69.25 67.93
CA GLU L 193 46.17 69.04 67.13
C GLU L 193 46.02 67.63 66.48
N ILE L 194 46.95 66.71 66.73
CA ILE L 194 46.92 65.39 66.07
C ILE L 194 46.06 64.37 66.82
N VAL L 195 46.38 64.14 68.08
CA VAL L 195 45.77 63.03 68.83
C VAL L 195 44.40 63.42 69.37
N SER L 196 44.31 64.60 69.96
CA SER L 196 43.08 65.10 70.56
C SER L 196 43.05 66.63 70.38
N ASN L 197 42.26 67.04 69.38
CA ASN L 197 42.24 68.40 68.86
C ASN L 197 41.25 69.22 69.66
N LYS L 198 41.78 70.06 70.55
CA LYS L 198 40.96 70.91 71.42
C LYS L 198 40.33 72.06 70.65
N ARG L 199 40.93 72.47 69.54
CA ARG L 199 40.50 73.65 68.75
C ARG L 199 39.16 73.42 68.05
N ASN L 200 39.11 72.35 67.26
CA ASN L 200 37.95 72.02 66.42
C ASN L 200 37.42 70.58 66.52
N GLY L 201 38.21 69.67 67.07
CA GLY L 201 37.80 68.28 67.22
C GLY L 201 38.22 67.35 66.09
N ILE L 202 38.83 67.88 65.03
CA ILE L 202 39.32 67.04 63.94
C ILE L 202 40.65 66.41 64.40
N ASP L 203 40.58 65.13 64.81
CA ASP L 203 41.74 64.37 65.28
C ASP L 203 41.76 62.94 64.74
N VAL L 204 42.89 62.26 64.89
CA VAL L 204 43.02 60.88 64.37
C VAL L 204 42.27 59.85 65.23
N ASP L 205 41.93 60.21 66.48
CA ASP L 205 41.04 59.42 67.33
C ASP L 205 39.76 59.14 66.56
N LYS L 206 39.14 60.22 66.05
CA LYS L 206 37.92 60.11 65.24
C LYS L 206 38.12 59.26 64.00
N TRP L 207 39.22 59.49 63.30
CA TRP L 207 39.46 58.84 62.02
C TRP L 207 39.53 57.33 62.14
N ASP L 208 40.18 56.85 63.20
CA ASP L 208 40.28 55.42 63.44
C ASP L 208 38.91 54.84 63.75
N TYR L 209 38.22 55.38 64.76
CA TYR L 209 36.97 54.76 65.22
C TYR L 209 35.84 54.85 64.20
N PHE L 210 35.85 55.85 63.32
CA PHE L 210 34.95 55.86 62.17
C PHE L 210 35.15 54.59 61.36
N ALA L 211 36.37 54.40 60.89
CA ALA L 211 36.73 53.25 60.07
C ALA L 211 36.51 51.94 60.82
N ARG L 212 36.95 51.90 62.07
CA ARG L 212 36.89 50.69 62.88
C ARG L 212 35.48 50.31 63.26
N ASP L 213 34.76 51.25 63.85
CA ASP L 213 33.40 50.97 64.30
C ASP L 213 32.55 50.55 63.09
N CYS L 214 32.63 51.29 61.99
CA CYS L 214 31.91 50.91 60.76
C CYS L 214 32.19 49.48 60.28
N HIS L 215 33.47 49.12 60.23
CA HIS L 215 33.90 47.78 59.79
C HIS L 215 33.20 46.68 60.58
N HIS L 216 33.23 46.84 61.91
CA HIS L 216 32.67 45.86 62.84
C HIS L 216 31.12 46.01 63.00
N LEU L 217 30.57 47.22 62.92
CA LEU L 217 29.11 47.42 63.08
C LEU L 217 28.27 46.79 61.97
N GLY L 218 28.70 47.05 60.74
CA GLY L 218 27.93 46.75 59.54
C GLY L 218 27.30 48.01 58.96
N ILE L 219 28.11 49.06 58.88
CA ILE L 219 27.74 50.33 58.25
C ILE L 219 28.96 50.76 57.45
N GLN L 220 28.76 51.40 56.30
CA GLN L 220 29.89 51.92 55.52
C GLN L 220 30.20 53.36 55.95
N ASN L 221 31.49 53.65 55.97
CA ASN L 221 32.03 54.92 56.46
C ASN L 221 32.15 55.87 55.28
N ASN L 222 31.71 57.12 55.47
CA ASN L 222 31.68 58.11 54.39
C ASN L 222 32.79 59.20 54.49
N PHE L 223 33.90 58.89 55.18
CA PHE L 223 34.97 59.88 55.37
C PHE L 223 36.35 59.30 55.06
N ASP L 224 37.12 60.02 54.24
CA ASP L 224 38.43 59.57 53.76
C ASP L 224 39.51 60.34 54.50
N TYR L 225 40.06 59.70 55.53
CA TYR L 225 41.12 60.31 56.35
C TYR L 225 42.42 60.46 55.55
N LYS L 226 42.71 59.47 54.70
CA LYS L 226 43.91 59.48 53.89
C LYS L 226 43.98 60.71 53.00
N ARG L 227 42.84 61.07 52.42
CA ARG L 227 42.74 62.22 51.55
C ARG L 227 42.99 63.52 52.31
N PHE L 228 42.39 63.64 53.49
CA PHE L 228 42.56 64.84 54.28
C PHE L 228 44.03 65.07 54.64
N ILE L 229 44.74 63.98 54.92
CA ILE L 229 46.20 63.99 55.17
C ILE L 229 46.96 64.52 53.96
N LYS L 230 46.61 64.08 52.75
CA LYS L 230 47.28 64.60 51.56
C LYS L 230 47.10 66.10 51.36
N PHE L 231 45.98 66.64 51.85
CA PHE L 231 45.69 68.10 51.77
C PHE L 231 45.74 68.80 53.12
N ALA L 232 46.60 68.30 54.01
CA ALA L 232 46.87 68.97 55.27
C ALA L 232 48.21 69.70 55.15
N ARG L 233 48.35 70.74 55.95
CA ARG L 233 49.48 71.64 55.86
C ARG L 233 49.53 72.58 57.06
N VAL L 234 50.74 72.89 57.53
CA VAL L 234 50.91 73.81 58.65
C VAL L 234 51.12 75.22 58.12
N CYS L 235 50.39 76.17 58.71
CA CYS L 235 50.54 77.60 58.40
C CYS L 235 50.53 78.39 59.69
N GLU L 236 50.99 79.64 59.62
CA GLU L 236 50.93 80.54 60.76
C GLU L 236 49.52 81.09 60.90
N VAL L 237 48.97 81.02 62.11
CA VAL L 237 47.68 81.61 62.46
C VAL L 237 47.81 82.25 63.84
N ASP L 238 47.74 83.57 63.92
CA ASP L 238 47.83 84.31 65.19
C ASP L 238 49.05 83.91 66.01
N ASN L 239 50.23 84.11 65.41
CA ASN L 239 51.53 83.92 66.10
C ASN L 239 51.76 82.49 66.61
N GLU L 240 51.30 81.54 65.82
CA GLU L 240 51.25 80.13 66.26
C GLU L 240 51.10 79.26 65.02
N LEU L 241 51.85 78.18 64.93
CA LEU L 241 51.84 77.28 63.77
C LEU L 241 50.82 76.13 63.89
N ARG L 242 49.73 76.18 63.13
CA ARG L 242 48.63 75.20 63.26
C ARG L 242 48.30 74.52 61.94
N ILE L 243 47.72 73.33 62.06
CA ILE L 243 47.34 72.53 60.90
C ILE L 243 46.18 73.23 60.20
N CYS L 244 46.27 73.29 58.87
CA CYS L 244 45.25 73.83 58.01
C CYS L 244 44.94 72.85 56.89
N ALA L 245 43.68 72.82 56.48
CA ALA L 245 43.22 72.01 55.34
C ALA L 245 43.05 72.89 54.13
N ARG L 246 43.03 72.26 52.96
CA ARG L 246 42.83 72.99 51.73
C ARG L 246 41.40 73.51 51.64
N ASP L 247 41.23 74.70 51.06
CA ASP L 247 39.91 75.30 50.85
C ASP L 247 38.83 74.35 50.29
N LYS L 248 39.16 73.52 49.31
CA LYS L 248 38.19 72.58 48.71
C LYS L 248 37.67 71.51 49.71
N GLU L 249 38.50 71.12 50.67
CA GLU L 249 38.13 70.11 51.66
C GLU L 249 37.02 70.54 52.65
N VAL L 250 36.71 71.84 52.70
CA VAL L 250 35.70 72.32 53.64
C VAL L 250 34.41 71.49 53.59
N GLY L 251 33.98 71.10 52.39
CA GLY L 251 32.80 70.25 52.21
C GLY L 251 32.92 68.92 52.95
N ASN L 252 34.07 68.27 52.75
CA ASN L 252 34.33 66.97 53.36
C ASN L 252 34.40 67.05 54.88
N LEU L 253 34.85 68.20 55.38
CA LEU L 253 34.93 68.42 56.82
C LEU L 253 33.57 68.56 57.48
N TYR L 254 32.62 69.26 56.84
CA TYR L 254 31.25 69.27 57.36
C TYR L 254 30.66 67.84 57.33
N ASP L 255 31.00 67.10 56.27
CA ASP L 255 30.56 65.71 56.10
C ASP L 255 31.21 64.76 57.13
N MET L 256 32.42 65.11 57.61
CA MET L 256 33.03 64.37 58.72
C MET L 256 32.15 64.43 59.97
N PHE L 257 31.75 65.64 60.38
CA PHE L 257 30.91 65.80 61.58
C PHE L 257 29.48 65.29 61.37
N HIS L 258 28.99 65.30 60.13
CA HIS L 258 27.71 64.64 59.79
C HIS L 258 27.81 63.14 60.00
N THR L 259 28.86 62.53 59.46
CA THR L 259 29.16 61.11 59.65
C THR L 259 29.23 60.78 61.14
N ARG L 260 29.87 61.64 61.94
CA ARG L 260 29.93 61.43 63.39
C ARG L 260 28.55 61.38 64.02
N ASN L 261 27.76 62.43 63.77
CA ASN L 261 26.41 62.54 64.30
C ASN L 261 25.54 61.37 63.84
N SER L 262 25.70 60.98 62.57
CA SER L 262 24.97 59.85 62.01
C SER L 262 25.30 58.53 62.76
N LEU L 263 26.57 58.29 63.05
CA LEU L 263 26.99 57.10 63.81
C LEU L 263 26.46 57.06 65.24
N HIS L 264 26.38 58.24 65.87
CA HIS L 264 25.75 58.34 67.18
C HIS L 264 24.26 57.99 67.10
N ARG L 265 23.58 58.53 66.09
CA ARG L 265 22.16 58.27 65.92
C ARG L 265 21.88 56.79 65.69
N ARG L 266 22.59 56.19 64.75
CA ARG L 266 22.34 54.80 64.36
C ARG L 266 22.83 53.78 65.37
N ALA L 267 24.02 54.03 65.94
CA ALA L 267 24.73 53.02 66.72
C ALA L 267 24.95 53.40 68.19
N TYR L 268 25.78 54.41 68.43
CA TYR L 268 26.32 54.64 69.78
C TYR L 268 25.23 54.98 70.81
N GLN L 269 24.26 55.77 70.35
CA GLN L 269 23.08 56.12 71.15
C GLN L 269 21.84 55.33 70.76
N HIS L 270 22.02 54.11 70.26
CA HIS L 270 20.88 53.26 69.89
C HIS L 270 20.03 52.99 71.13
N LYS L 271 18.71 53.15 70.94
CA LYS L 271 17.74 53.13 72.05
C LYS L 271 17.89 51.92 73.01
N VAL L 272 18.16 50.75 72.43
CA VAL L 272 18.36 49.51 73.18
C VAL L 272 19.81 49.41 73.71
N GLY L 273 20.76 49.88 72.91
CA GLY L 273 22.16 49.91 73.35
C GLY L 273 22.32 50.71 74.62
N ASN L 274 21.64 51.86 74.65
CA ASN L 274 21.60 52.73 75.82
C ASN L 274 20.85 52.12 77.01
N ILE L 275 19.76 51.39 76.76
CA ILE L 275 19.03 50.78 77.87
C ILE L 275 19.85 49.64 78.49
N ILE L 276 20.61 48.93 77.67
CA ILE L 276 21.51 47.91 78.17
C ILE L 276 22.66 48.51 78.98
N ASP L 277 23.23 49.60 78.48
CA ASP L 277 24.21 50.41 79.24
C ASP L 277 23.62 50.77 80.63
N THR L 278 22.41 51.35 80.68
CA THR L 278 21.78 51.77 81.97
C THR L 278 21.54 50.55 82.89
N MET L 279 21.19 49.42 82.28
CA MET L 279 20.96 48.17 83.04
C MET L 279 22.25 47.60 83.62
N ILE L 280 23.32 47.61 82.84
CA ILE L 280 24.62 47.19 83.34
C ILE L 280 25.11 48.15 84.43
N THR L 281 24.98 49.45 84.19
CA THR L 281 25.27 50.49 85.20
C THR L 281 24.49 50.22 86.50
N ASP L 282 23.20 49.94 86.36
CA ASP L 282 22.32 49.63 87.50
C ASP L 282 22.87 48.45 88.30
N ALA L 283 23.25 47.38 87.60
CA ALA L 283 23.83 46.20 88.23
C ALA L 283 25.15 46.46 88.93
N PHE L 284 25.98 47.33 88.34
CA PHE L 284 27.24 47.73 88.97
C PHE L 284 26.99 48.48 90.24
N LEU L 285 26.03 49.40 90.22
CA LEU L 285 25.68 50.17 91.42
C LEU L 285 25.27 49.24 92.57
N LYS L 286 24.48 48.22 92.28
CA LYS L 286 24.04 47.27 93.29
C LYS L 286 25.14 46.32 93.75
N ALA L 287 26.09 46.03 92.86
CA ALA L 287 27.24 45.19 93.20
C ALA L 287 28.40 45.94 93.86
N ASP L 288 28.40 47.27 93.80
CA ASP L 288 29.60 48.08 94.16
C ASP L 288 30.10 47.82 95.57
N ASP L 289 29.17 47.75 96.50
CA ASP L 289 29.46 47.59 97.92
C ASP L 289 30.16 46.28 98.25
N TYR L 290 29.87 45.21 97.51
CA TYR L 290 30.33 43.87 97.85
C TYR L 290 31.46 43.32 96.98
N ILE L 291 31.97 44.12 96.04
CA ILE L 291 33.12 43.71 95.23
C ILE L 291 34.35 44.45 95.70
N GLU L 292 35.38 43.69 96.02
CA GLU L 292 36.68 44.20 96.43
C GLU L 292 37.68 43.96 95.27
N ILE L 293 38.57 44.92 95.07
CA ILE L 293 39.66 44.79 94.11
C ILE L 293 40.96 45.20 94.79
N THR L 294 41.95 44.31 94.71
CA THR L 294 43.24 44.52 95.35
C THR L 294 43.98 45.61 94.63
N GLY L 295 44.45 46.60 95.39
CA GLY L 295 45.19 47.73 94.85
C GLY L 295 46.63 47.76 95.31
N ALA L 296 47.17 48.98 95.41
CA ALA L 296 48.56 49.20 95.76
C ALA L 296 48.77 48.92 97.24
N GLY L 297 49.80 48.13 97.53
CA GLY L 297 50.07 47.65 98.88
C GLY L 297 48.97 46.77 99.45
N GLY L 298 48.17 46.18 98.58
CA GLY L 298 47.03 45.38 99.00
C GLY L 298 45.76 46.07 99.48
N LYS L 299 45.69 47.40 99.47
CA LYS L 299 44.48 48.10 99.94
C LYS L 299 43.24 47.68 99.13
N LYS L 300 42.10 47.56 99.78
CA LYS L 300 40.86 47.11 99.13
C LYS L 300 40.12 48.29 98.49
N TYR L 301 39.84 48.19 97.19
CA TYR L 301 39.05 49.21 96.47
C TYR L 301 37.77 48.63 95.88
N ARG L 302 36.73 49.45 95.82
CA ARG L 302 35.45 49.08 95.21
C ARG L 302 35.47 49.48 93.73
N ILE L 303 34.43 49.11 93.00
CA ILE L 303 34.37 49.41 91.57
C ILE L 303 34.46 50.91 91.37
N SER L 304 33.67 51.65 92.13
CA SER L 304 33.63 53.11 92.03
C SER L 304 34.91 53.82 92.49
N THR L 305 35.66 53.21 93.40
CA THR L 305 36.89 53.82 93.96
C THR L 305 38.20 53.33 93.34
N ALA L 306 38.13 52.33 92.47
CA ALA L 306 39.31 51.83 91.77
C ALA L 306 39.97 52.90 90.93
N ILE L 307 39.20 53.85 90.42
CA ILE L 307 39.75 55.00 89.67
C ILE L 307 40.77 55.83 90.44
N ASP L 308 40.73 55.79 91.77
CA ASP L 308 41.69 56.51 92.59
C ASP L 308 43.08 55.88 92.59
N ASP L 309 43.14 54.55 92.52
CA ASP L 309 44.40 53.82 92.45
C ASP L 309 44.51 53.07 91.12
N MET L 310 45.64 53.24 90.43
CA MET L 310 45.84 52.63 89.11
C MET L 310 46.21 51.16 89.14
N GLU L 311 46.86 50.70 90.20
CA GLU L 311 47.19 49.28 90.32
C GLU L 311 45.92 48.46 90.43
N ALA L 312 44.93 49.00 91.12
CA ALA L 312 43.60 48.38 91.22
C ALA L 312 42.85 48.46 89.90
N TYR L 313 42.78 49.66 89.35
CA TYR L 313 42.07 49.94 88.08
C TYR L 313 42.58 49.11 86.89
N THR L 314 43.86 48.74 86.94
CA THR L 314 44.46 47.80 85.99
C THR L 314 43.67 46.48 85.89
N LYS L 315 43.16 46.01 87.03
CA LYS L 315 42.39 44.77 87.08
C LYS L 315 40.88 44.94 86.84
N LEU L 316 40.43 46.17 86.60
CA LEU L 316 39.00 46.48 86.42
C LEU L 316 38.65 46.61 84.95
N THR L 317 38.00 45.57 84.43
CA THR L 317 37.68 45.47 83.01
C THR L 317 36.24 44.97 82.86
N ASP L 318 35.82 44.71 81.61
CA ASP L 318 34.52 44.07 81.31
C ASP L 318 34.30 42.75 82.05
N ASN L 319 35.38 42.07 82.43
CA ASN L 319 35.34 40.91 83.34
C ASN L 319 34.35 41.03 84.47
N ILE L 320 34.27 42.24 85.02
CA ILE L 320 33.43 42.51 86.19
C ILE L 320 31.95 42.16 85.92
N PHE L 321 31.51 42.28 84.67
CA PHE L 321 30.21 41.80 84.20
C PHE L 321 30.02 40.30 84.48
N LEU L 322 30.92 39.49 83.93
CA LEU L 322 30.85 38.04 84.07
C LEU L 322 31.13 37.57 85.48
N GLU L 323 31.96 38.31 86.20
CA GLU L 323 32.22 38.02 87.60
C GLU L 323 30.88 38.09 88.35
N ILE L 324 30.12 39.17 88.14
CA ILE L 324 28.79 39.34 88.75
C ILE L 324 27.82 38.25 88.28
N LEU L 325 27.81 37.98 86.99
CA LEU L 325 26.88 37.02 86.40
C LEU L 325 27.09 35.61 86.97
N TYR L 326 28.34 35.17 86.97
CA TYR L 326 28.68 33.82 87.41
C TYR L 326 28.70 33.63 88.93
N SER L 327 28.66 34.71 89.73
CA SER L 327 28.81 34.59 91.19
C SER L 327 27.64 33.86 91.84
N THR L 328 27.95 33.33 93.04
CA THR L 328 26.95 32.72 93.91
C THR L 328 26.82 33.42 95.27
N ASP L 329 27.62 34.48 95.51
CA ASP L 329 27.48 35.30 96.71
C ASP L 329 26.06 35.87 96.74
N PRO L 330 25.28 35.58 97.80
CA PRO L 330 23.93 36.15 97.88
C PRO L 330 23.87 37.68 98.06
N LYS L 331 24.96 38.31 98.52
CA LYS L 331 25.04 39.77 98.57
C LYS L 331 24.91 40.39 97.18
N LEU L 332 25.37 39.64 96.16
CA LEU L 332 25.28 40.07 94.75
C LEU L 332 23.99 39.63 94.02
N LYS L 333 23.01 39.06 94.71
CA LYS L 333 21.83 38.52 94.04
C LYS L 333 21.03 39.57 93.27
N ASP L 334 20.86 40.75 93.87
CA ASP L 334 20.21 41.87 93.17
C ASP L 334 20.90 42.26 91.86
N ALA L 335 22.21 42.38 91.91
CA ALA L 335 23.00 42.74 90.72
C ALA L 335 22.96 41.63 89.67
N ARG L 336 23.20 40.40 90.10
CA ARG L 336 23.16 39.21 89.21
C ARG L 336 21.81 39.03 88.52
N GLU L 337 20.72 39.39 89.18
CA GLU L 337 19.39 39.26 88.57
C GLU L 337 19.18 40.25 87.43
N ILE L 338 19.71 41.46 87.56
CA ILE L 338 19.62 42.43 86.45
C ILE L 338 20.36 41.90 85.23
N LEU L 339 21.57 41.38 85.45
CA LEU L 339 22.39 40.86 84.35
C LEU L 339 21.77 39.60 83.72
N LYS L 340 21.15 38.75 84.52
CA LYS L 340 20.42 37.61 83.98
C LYS L 340 19.24 38.04 83.12
N GLN L 341 18.57 39.13 83.51
CA GLN L 341 17.48 39.72 82.70
C GLN L 341 17.95 40.22 81.33
N ILE L 342 19.24 40.56 81.18
CA ILE L 342 19.83 40.93 79.88
C ILE L 342 20.06 39.72 78.96
N GLU L 343 20.47 38.61 79.55
CA GLU L 343 20.64 37.37 78.79
C GLU L 343 19.30 36.96 78.20
N TYR L 344 18.31 36.82 79.10
CA TYR L 344 16.93 36.45 78.73
C TYR L 344 16.20 37.50 77.88
N ARG L 345 16.69 38.74 77.89
CA ARG L 345 16.18 39.82 77.06
C ARG L 345 14.88 40.43 77.60
N ASN L 346 14.71 40.43 78.93
CA ASN L 346 13.64 41.18 79.61
C ASN L 346 14.16 42.55 79.97
N LEU L 347 14.32 43.35 78.94
CA LEU L 347 14.88 44.67 79.08
C LEU L 347 13.76 45.61 79.41
N PHE L 348 14.13 46.74 79.96
CA PHE L 348 13.20 47.82 80.23
C PHE L 348 12.69 48.31 78.87
N LYS L 349 11.40 48.51 78.73
CA LYS L 349 10.80 48.76 77.41
C LYS L 349 10.84 50.23 76.99
N TYR L 350 11.22 50.46 75.73
CA TYR L 350 11.28 51.77 75.13
C TYR L 350 9.86 52.27 74.88
N VAL L 351 9.57 53.48 75.33
CA VAL L 351 8.25 54.08 75.15
C VAL L 351 8.22 55.01 73.93
N GLY L 352 9.24 55.87 73.83
CA GLY L 352 9.35 56.81 72.73
C GLY L 352 10.45 57.82 72.95
N GLU L 353 10.63 58.68 71.95
CA GLU L 353 11.68 59.70 71.94
C GLU L 353 11.04 61.06 71.69
N THR L 354 11.66 62.12 72.20
CA THR L 354 11.19 63.48 71.94
C THR L 354 12.33 64.50 72.11
N GLN L 355 12.10 65.71 71.61
CA GLN L 355 13.04 66.84 71.74
C GLN L 355 12.34 68.05 72.34
N PRO L 356 13.09 68.93 73.03
CA PRO L 356 12.53 70.24 73.37
C PRO L 356 12.37 71.14 72.15
N THR L 357 11.63 72.23 72.33
CA THR L 357 11.37 73.21 71.27
C THR L 357 11.82 74.60 71.70
N GLY L 358 11.87 75.51 70.73
CA GLY L 358 12.43 76.84 70.94
C GLY L 358 13.92 76.71 71.14
N GLN L 359 14.44 77.39 72.16
CA GLN L 359 15.81 77.17 72.62
C GLN L 359 15.75 76.82 74.12
N ILE L 360 14.94 75.79 74.46
CA ILE L 360 14.80 75.29 75.86
C ILE L 360 15.82 74.17 76.16
N LYS L 361 17.00 74.50 76.67
CA LYS L 361 18.00 73.48 77.02
C LYS L 361 17.68 72.87 78.39
N ILE L 362 17.67 71.54 78.49
CA ILE L 362 17.47 70.83 79.78
C ILE L 362 18.80 70.67 80.50
N LYS L 363 18.96 71.36 81.62
CA LYS L 363 20.22 71.32 82.40
C LYS L 363 20.41 69.96 83.06
N ARG L 364 21.67 69.59 83.29
CA ARG L 364 22.04 68.27 83.86
C ARG L 364 21.50 68.03 85.25
N GLU L 365 21.61 69.05 86.09
CA GLU L 365 20.89 69.16 87.38
C GLU L 365 19.48 68.54 87.40
N ASP L 366 18.67 68.84 86.39
CA ASP L 366 17.24 68.44 86.36
C ASP L 366 16.99 66.99 85.96
N TYR L 367 18.03 66.28 85.50
CA TYR L 367 17.90 64.88 85.04
C TYR L 367 17.26 63.99 86.12
N GLU L 368 17.73 64.13 87.36
CA GLU L 368 17.17 63.40 88.50
C GLU L 368 15.65 63.49 88.57
N SER L 369 15.10 64.68 88.32
CA SER L 369 13.66 64.95 88.53
C SER L 369 12.67 64.51 87.44
N LEU L 370 13.16 64.15 86.26
CA LEU L 370 12.29 63.95 85.10
C LEU L 370 11.36 62.73 85.17
N PRO L 371 11.80 61.62 85.79
CA PRO L 371 10.87 60.50 86.03
C PRO L 371 9.63 60.90 86.85
N LYS L 372 9.85 61.68 87.91
CA LYS L 372 8.78 62.28 88.70
C LYS L 372 7.78 63.02 87.82
N GLU L 373 8.27 63.85 86.91
CA GLU L 373 7.41 64.64 86.03
C GLU L 373 6.53 63.80 85.10
N VAL L 374 7.06 62.68 84.61
CA VAL L 374 6.32 61.81 83.68
C VAL L 374 5.16 61.12 84.38
N ALA L 375 5.43 60.54 85.55
CA ALA L 375 4.37 59.96 86.38
C ALA L 375 3.34 61.02 86.80
N SER L 376 3.80 62.24 87.05
CA SER L 376 2.94 63.35 87.46
C SER L 376 1.93 63.82 86.43
N ALA L 377 2.18 63.55 85.15
CA ALA L 377 1.23 63.93 84.10
C ALA L 377 -0.12 63.25 84.33
N LYS L 378 -1.19 63.99 84.06
CA LYS L 378 -2.54 63.50 84.24
C LYS L 378 -3.17 63.41 82.87
N PRO L 379 -2.98 62.28 82.17
CA PRO L 379 -3.58 62.12 80.83
C PRO L 379 -5.09 61.87 80.94
N LYS L 380 -5.87 62.60 80.16
CA LYS L 380 -7.34 62.49 80.23
C LYS L 380 -7.85 61.24 79.52
N VAL L 381 -7.39 60.05 79.97
CA VAL L 381 -7.59 58.76 79.30
C VAL L 381 -7.67 57.68 80.38
N LEU L 382 -8.57 56.70 80.19
CA LEU L 382 -8.76 55.64 81.17
C LEU L 382 -7.57 54.68 81.15
N LEU L 383 -6.94 54.57 82.32
CA LEU L 383 -5.78 53.71 82.54
C LEU L 383 -6.18 52.49 83.34
N ASP L 384 -5.59 51.33 83.04
CA ASP L 384 -5.72 50.11 83.88
C ASP L 384 -4.93 50.22 85.16
N VAL L 385 -3.75 50.81 85.05
CA VAL L 385 -2.71 50.84 86.11
C VAL L 385 -2.24 52.29 86.31
N LYS L 386 -1.98 52.69 87.53
CA LYS L 386 -1.24 53.93 87.82
C LYS L 386 0.22 53.52 88.00
N LEU L 387 1.14 54.35 87.52
CA LEU L 387 2.59 54.07 87.57
C LEU L 387 3.34 55.11 88.42
N LYS L 388 4.24 54.64 89.28
CA LYS L 388 5.06 55.52 90.14
C LYS L 388 6.28 56.00 89.36
N ALA L 389 6.96 57.02 89.90
CA ALA L 389 8.10 57.65 89.20
C ALA L 389 9.34 56.74 89.09
N GLU L 390 9.53 55.86 90.07
CA GLU L 390 10.56 54.84 90.03
C GLU L 390 10.43 53.84 88.86
N ASP L 391 9.21 53.68 88.35
CA ASP L 391 8.95 52.82 87.19
C ASP L 391 9.52 53.38 85.88
N PHE L 392 9.72 54.69 85.80
CA PHE L 392 10.21 55.36 84.58
C PHE L 392 11.72 55.60 84.60
N ILE L 393 12.33 55.51 83.41
CA ILE L 393 13.70 55.97 83.16
C ILE L 393 13.63 56.99 82.05
N VAL L 394 14.26 58.14 82.29
CA VAL L 394 14.38 59.18 81.27
C VAL L 394 15.86 59.35 81.00
N ASP L 395 16.23 59.25 79.73
CA ASP L 395 17.61 59.25 79.28
C ASP L 395 17.77 60.46 78.40
N VAL L 396 18.53 61.45 78.83
CA VAL L 396 18.72 62.68 78.05
C VAL L 396 20.08 62.62 77.37
N ILE L 397 20.08 62.96 76.09
CA ILE L 397 21.25 62.77 75.22
C ILE L 397 21.53 64.05 74.44
N ASN L 398 22.76 64.55 74.54
CA ASN L 398 23.19 65.75 73.81
C ASN L 398 23.92 65.35 72.54
N MET L 399 23.29 65.62 71.40
CA MET L 399 23.90 65.39 70.08
C MET L 399 24.45 66.72 69.60
N ASP L 400 25.74 66.78 69.29
CA ASP L 400 26.36 68.02 68.81
C ASP L 400 27.43 67.74 67.78
N TYR L 401 28.08 68.81 67.32
CA TYR L 401 29.23 68.73 66.41
C TYR L 401 30.55 68.87 67.19
N GLY L 402 30.56 68.37 68.43
CA GLY L 402 31.78 68.31 69.21
C GLY L 402 32.16 69.56 69.96
N MET L 403 31.43 70.66 69.77
CA MET L 403 31.73 71.92 70.45
C MET L 403 30.45 72.55 70.92
N GLN L 404 29.65 71.75 71.62
CA GLN L 404 28.34 72.15 72.08
C GLN L 404 27.63 72.89 70.93
N GLU L 405 27.23 74.13 71.15
CA GLU L 405 26.39 74.84 70.18
C GLU L 405 27.16 75.42 69.01
N LYS L 406 28.49 75.35 69.05
CA LYS L 406 29.34 75.97 68.02
C LYS L 406 29.53 75.08 66.79
N ASN L 407 29.79 75.77 65.67
CA ASN L 407 30.15 75.17 64.39
C ASN L 407 31.66 74.99 64.44
N PRO L 408 32.15 73.73 64.44
CA PRO L 408 33.59 73.53 64.52
C PRO L 408 34.37 73.98 63.29
N ILE L 409 33.71 74.08 62.14
CA ILE L 409 34.34 74.56 60.91
C ILE L 409 34.72 76.03 60.98
N ASP L 410 33.97 76.80 61.77
CA ASP L 410 34.36 78.18 62.07
C ASP L 410 35.66 78.26 62.90
N HIS L 411 36.06 77.15 63.52
CA HIS L 411 37.38 77.02 64.15
C HIS L 411 38.37 76.13 63.38
N VAL L 412 38.29 76.12 62.04
CA VAL L 412 39.29 75.45 61.19
C VAL L 412 39.94 76.50 60.31
N SER L 413 41.25 76.37 60.11
CA SER L 413 42.00 77.23 59.21
C SER L 413 42.22 76.55 57.86
N PHE L 414 42.16 77.35 56.81
CA PHE L 414 42.27 76.84 55.43
C PHE L 414 43.37 77.50 54.61
N TYR L 415 43.78 76.87 53.51
CA TYR L 415 44.74 77.49 52.56
C TYR L 415 44.31 77.29 51.12
N CYS L 416 44.84 78.12 50.22
CA CYS L 416 44.50 78.05 48.78
C CYS L 416 45.67 77.56 47.96
N LYS L 417 45.36 76.98 46.80
CA LYS L 417 46.39 76.47 45.89
C LYS L 417 47.36 77.58 45.49
N THR L 418 46.78 78.74 45.21
CA THR L 418 47.53 79.92 44.79
C THR L 418 48.41 80.55 45.89
N ALA L 419 48.07 80.32 47.18
CA ALA L 419 48.85 80.88 48.31
C ALA L 419 48.84 79.91 49.50
N PRO L 420 49.68 78.86 49.41
CA PRO L 420 49.61 77.77 50.37
C PRO L 420 50.15 78.09 51.76
N ASN L 421 50.83 79.21 51.93
CA ASN L 421 51.27 79.65 53.25
C ASN L 421 50.32 80.60 53.91
N ARG L 422 49.36 81.14 53.13
CA ARG L 422 48.39 82.08 53.68
C ARG L 422 47.13 81.38 54.15
N ALA L 423 46.95 81.41 55.47
CA ALA L 423 45.79 80.81 56.13
C ALA L 423 44.61 81.74 56.04
N ILE L 424 43.42 81.15 55.98
CA ILE L 424 42.16 81.89 55.86
C ILE L 424 41.03 81.18 56.61
N ARG L 425 39.88 81.84 56.68
CA ARG L 425 38.65 81.28 57.28
C ARG L 425 37.57 81.12 56.21
N ILE L 426 36.75 80.09 56.34
CA ILE L 426 35.62 79.87 55.46
C ILE L 426 34.35 79.79 56.35
N THR L 427 33.42 80.72 56.16
CA THR L 427 32.17 80.74 56.95
C THR L 427 31.23 79.68 56.44
N LYS L 428 30.08 79.54 57.10
CA LYS L 428 29.06 78.61 56.63
C LYS L 428 28.43 79.06 55.30
N ASN L 429 28.18 80.36 55.16
CA ASN L 429 27.52 80.91 53.96
C ASN L 429 28.31 80.75 52.69
N GLN L 430 29.64 80.74 52.84
CA GLN L 430 30.55 80.55 51.71
C GLN L 430 30.52 79.14 51.14
N VAL L 431 30.00 78.18 51.89
CA VAL L 431 29.98 76.77 51.47
C VAL L 431 28.66 76.32 50.86
N SER L 432 27.58 76.36 51.65
CA SER L 432 26.28 75.82 51.21
C SER L 432 25.09 76.28 52.05
N GLN L 433 23.95 76.39 51.40
CA GLN L 433 22.65 76.63 52.04
C GLN L 433 21.99 75.36 52.59
N LEU L 434 22.52 74.18 52.24
CA LEU L 434 21.96 72.91 52.69
C LEU L 434 22.61 72.37 53.97
N LEU L 435 23.48 73.16 54.60
CA LEU L 435 24.11 72.76 55.84
C LEU L 435 23.15 72.89 57.02
N PRO L 436 23.52 72.31 58.18
CA PRO L 436 22.66 72.43 59.36
C PRO L 436 22.46 73.88 59.82
N GLU L 437 21.27 74.16 60.35
CA GLU L 437 20.96 75.47 60.90
C GLU L 437 21.59 75.61 62.28
N LYS L 438 21.35 74.60 63.11
CA LYS L 438 21.96 74.49 64.44
C LYS L 438 23.04 73.38 64.43
N PHE L 439 23.86 73.36 65.48
CA PHE L 439 24.92 72.35 65.63
C PHE L 439 24.88 71.61 66.98
N ALA L 440 23.72 71.64 67.62
CA ALA L 440 23.47 70.91 68.87
C ALA L 440 21.99 70.79 69.15
N GLU L 441 21.60 69.68 69.78
CA GLU L 441 20.21 69.45 70.16
C GLU L 441 20.18 68.43 71.28
N GLN L 442 18.99 68.18 71.81
CA GLN L 442 18.80 67.20 72.86
C GLN L 442 17.78 66.14 72.45
N LEU L 443 18.06 64.89 72.81
CA LEU L 443 17.13 63.79 72.63
C LEU L 443 16.76 63.23 73.98
N ILE L 444 15.46 63.03 74.17
CA ILE L 444 14.92 62.52 75.43
C ILE L 444 14.22 61.22 75.11
N ARG L 445 14.80 60.12 75.58
CA ARG L 445 14.19 58.80 75.51
C ARG L 445 13.57 58.47 76.84
N VAL L 446 12.38 57.89 76.78
CA VAL L 446 11.66 57.44 77.97
C VAL L 446 11.48 55.94 77.87
N TYR L 447 11.82 55.22 78.94
CA TYR L 447 11.59 53.78 79.04
C TYR L 447 10.80 53.49 80.30
N CYS L 448 10.16 52.32 80.33
CA CYS L 448 9.35 51.87 81.47
C CYS L 448 9.88 50.54 82.00
N LYS L 449 10.08 50.45 83.32
CA LYS L 449 10.64 49.26 83.97
C LYS L 449 9.65 48.09 83.98
N LYS L 450 8.35 48.39 83.99
CA LYS L 450 7.32 47.35 83.93
C LYS L 450 7.05 46.98 82.47
N VAL L 451 7.24 45.70 82.18
CA VAL L 451 7.30 45.15 80.82
C VAL L 451 5.90 44.81 80.25
N ASP L 452 4.96 44.41 81.11
CA ASP L 452 3.63 43.85 80.72
C ASP L 452 2.74 44.73 79.81
N ARG L 453 1.80 44.08 79.14
CA ARG L 453 0.91 44.71 78.15
C ARG L 453 0.17 45.92 78.74
N LYS L 454 -0.37 45.75 79.95
CA LYS L 454 -1.16 46.81 80.62
C LYS L 454 -0.32 48.04 80.99
N SER L 455 0.87 47.82 81.55
CA SER L 455 1.74 48.92 82.03
C SER L 455 2.41 49.70 80.91
N LEU L 456 2.69 49.01 79.80
CA LEU L 456 3.25 49.67 78.63
C LEU L 456 2.26 50.64 78.00
N TYR L 457 0.99 50.24 77.87
CA TYR L 457 -0.05 51.15 77.37
C TYR L 457 -0.13 52.41 78.24
N ALA L 458 -0.13 52.20 79.55
CA ALA L 458 -0.16 53.30 80.50
C ALA L 458 1.00 54.23 80.30
N ALA L 459 2.20 53.65 80.32
CA ALA L 459 3.45 54.41 80.16
C ALA L 459 3.40 55.32 78.93
N ARG L 460 2.89 54.77 77.82
CA ARG L 460 2.72 55.54 76.58
C ARG L 460 1.82 56.75 76.75
N GLN L 461 0.73 56.59 77.49
CA GLN L 461 -0.20 57.70 77.75
C GLN L 461 0.48 58.78 78.62
N TYR L 462 1.16 58.36 79.68
CA TYR L 462 1.94 59.30 80.52
C TYR L 462 2.97 60.09 79.70
N PHE L 463 3.72 59.36 78.86
CA PHE L 463 4.78 59.96 78.05
C PHE L 463 4.25 61.00 77.06
N VAL L 464 3.28 60.61 76.24
CA VAL L 464 2.76 61.48 75.18
C VAL L 464 2.08 62.72 75.77
N GLN L 465 1.52 62.58 76.98
CA GLN L 465 0.96 63.71 77.72
C GLN L 465 2.08 64.62 78.19
N TRP L 466 3.05 64.04 78.88
CA TRP L 466 4.23 64.77 79.36
C TRP L 466 4.88 65.62 78.26
N CYS L 467 4.91 65.08 77.03
CA CYS L 467 5.39 65.80 75.85
C CYS L 467 4.55 67.04 75.54
N ALA L 468 3.23 66.87 75.48
CA ALA L 468 2.31 67.99 75.29
C ALA L 468 2.39 69.00 76.46
N ASP L 469 2.53 68.47 77.68
CA ASP L 469 2.65 69.28 78.91
C ASP L 469 3.84 70.24 78.89
N ARG L 470 4.97 69.82 78.34
CA ARG L 470 6.19 70.64 78.32
C ARG L 470 6.52 71.29 76.99
N ASN L 471 5.57 71.24 76.05
CA ASN L 471 5.72 71.78 74.70
C ASN L 471 6.95 71.20 74.00
N PHE L 472 7.06 69.87 74.07
CA PHE L 472 8.05 69.09 73.34
C PHE L 472 7.48 68.62 72.00
N THR L 473 8.34 68.10 71.14
CA THR L 473 7.94 67.60 69.82
C THR L 473 7.06 66.37 69.98
N LYS L 474 6.14 66.21 69.03
CA LYS L 474 5.27 65.05 69.00
C LYS L 474 6.12 63.82 68.70
N PRO L 475 5.99 62.77 69.53
CA PRO L 475 6.60 61.50 69.16
C PRO L 475 6.23 61.06 67.75
N GLN L 476 7.18 60.52 67.01
CA GLN L 476 6.96 60.11 65.61
C GLN L 476 5.81 59.13 65.48
N ASP L 477 5.78 58.17 66.41
CA ASP L 477 4.69 57.18 66.53
C ASP L 477 3.48 57.65 67.37
N GLY L 478 3.38 58.95 67.62
CA GLY L 478 2.51 59.48 68.66
C GLY L 478 1.02 59.25 68.44
N ASP L 479 0.58 59.42 67.20
CA ASP L 479 -0.82 59.21 66.84
C ASP L 479 -1.24 57.76 67.00
N VAL L 480 -0.30 56.84 66.85
CA VAL L 480 -0.59 55.41 67.00
C VAL L 480 -0.67 55.03 68.47
N ILE L 481 0.40 55.28 69.22
CA ILE L 481 0.52 54.81 70.61
C ILE L 481 -0.46 55.46 71.59
N ALA L 482 -0.78 56.73 71.39
CA ALA L 482 -1.66 57.49 72.28
C ALA L 482 -2.62 58.33 71.45
N PRO L 483 -3.57 57.66 70.78
CA PRO L 483 -4.43 58.33 69.80
C PRO L 483 -5.40 59.32 70.44
N LEU L 484 -5.71 59.08 71.71
CA LEU L 484 -6.62 59.94 72.44
C LEU L 484 -5.97 61.24 72.91
N ILE L 485 -4.65 61.27 72.99
CA ILE L 485 -3.90 62.40 73.57
C ILE L 485 -3.37 63.42 72.54
N THR L 486 -2.97 62.95 71.35
CA THR L 486 -2.37 63.82 70.34
C THR L 486 -3.26 64.95 69.75
N PRO L 487 -4.59 64.73 69.64
CA PRO L 487 -5.44 65.86 69.24
C PRO L 487 -5.48 67.01 70.24
N GLN L 488 -5.31 66.71 71.53
CA GLN L 488 -5.21 67.74 72.59
C GLN L 488 -4.32 68.94 72.24
N LYS L 489 -3.13 68.67 71.71
CA LYS L 489 -2.16 69.75 71.41
C LYS L 489 -2.46 70.46 70.08
N LYS L 490 -2.72 71.77 70.16
CA LYS L 490 -2.98 72.63 69.03
C LYS L 490 -1.82 72.68 68.05
N GLU L 491 -0.60 72.72 68.59
CA GLU L 491 0.61 72.79 67.75
C GLU L 491 0.89 71.55 66.87
N TRP L 492 0.27 70.40 67.19
CA TRP L 492 0.55 69.14 66.49
C TRP L 492 -0.42 68.89 65.31
N ASN L 493 -1.27 69.87 64.97
CA ASN L 493 -2.19 69.75 63.87
C ASN L 493 -1.81 70.56 62.63
N ASP L 494 -1.13 71.69 62.82
CA ASP L 494 -0.41 72.42 61.76
C ASP L 494 -1.33 73.46 61.18
N MET M 9 -1.18 -62.84 -1.03
CA MET M 9 -0.66 -61.64 -0.30
C MET M 9 0.76 -61.38 -0.70
N LYS M 10 1.16 -60.14 -0.54
CA LYS M 10 2.52 -59.75 -0.86
C LYS M 10 3.15 -59.16 0.38
N VAL M 11 4.39 -59.56 0.66
CA VAL M 11 5.12 -59.08 1.82
C VAL M 11 6.16 -58.07 1.40
N ILE M 12 6.28 -56.99 2.19
CA ILE M 12 7.17 -55.87 1.88
C ILE M 12 7.86 -55.44 3.17
N ASN M 13 9.16 -55.16 3.10
CA ASN M 13 9.99 -54.84 4.29
C ASN M 13 10.27 -53.34 4.47
N ASP M 14 9.42 -52.72 5.29
CA ASP M 14 9.57 -51.34 5.72
C ASP M 14 10.50 -51.33 6.93
N PRO M 15 11.49 -50.40 6.96
CA PRO M 15 12.40 -50.36 8.11
C PRO M 15 11.75 -49.93 9.41
N ILE M 16 10.61 -49.26 9.34
CA ILE M 16 9.92 -48.83 10.54
C ILE M 16 9.07 -49.94 11.10
N HIS M 17 8.14 -50.44 10.28
CA HIS M 17 7.14 -51.39 10.76
C HIS M 17 7.48 -52.85 10.55
N GLY M 18 8.58 -53.13 9.85
CA GLY M 18 9.04 -54.51 9.62
C GLY M 18 8.40 -55.08 8.37
N HIS M 19 7.95 -56.33 8.45
CA HIS M 19 7.35 -57.00 7.30
C HIS M 19 5.83 -56.86 7.28
N ILE M 20 5.38 -55.97 6.41
CA ILE M 20 3.98 -55.70 6.22
C ILE M 20 3.44 -56.70 5.20
N GLU M 21 2.23 -57.20 5.43
CA GLU M 21 1.49 -57.91 4.38
C GLU M 21 0.58 -56.93 3.64
N LEU M 22 0.47 -57.11 2.32
CA LEU M 22 -0.35 -56.26 1.49
C LEU M 22 -1.36 -57.09 0.73
N HIS M 23 -2.63 -56.76 0.93
CA HIS M 23 -3.72 -57.43 0.25
C HIS M 23 -3.70 -57.13 -1.26
N PRO M 24 -4.00 -58.14 -2.11
CA PRO M 24 -3.85 -57.94 -3.56
C PRO M 24 -4.52 -56.67 -4.13
N LEU M 25 -5.68 -56.30 -3.58
CA LEU M 25 -6.35 -55.03 -3.88
C LEU M 25 -5.45 -53.82 -3.64
N LEU M 26 -4.75 -53.84 -2.51
CA LEU M 26 -3.84 -52.74 -2.17
C LEU M 26 -2.67 -52.69 -3.14
N VAL M 27 -2.09 -53.85 -3.42
CA VAL M 27 -0.98 -53.95 -4.38
C VAL M 27 -1.39 -53.36 -5.73
N ARG M 28 -2.61 -53.67 -6.14
CA ARG M 28 -3.17 -53.19 -7.39
C ARG M 28 -3.33 -51.67 -7.42
N ILE M 29 -3.67 -51.09 -6.27
CA ILE M 29 -3.72 -49.63 -6.09
C ILE M 29 -2.31 -49.02 -6.06
N ILE M 30 -1.40 -49.67 -5.35
CA ILE M 30 -0.02 -49.21 -5.24
C ILE M 30 0.68 -49.14 -6.58
N ASP M 31 0.51 -50.15 -7.41
CA ASP M 31 1.19 -50.21 -8.72
C ASP M 31 0.43 -49.44 -9.79
N THR M 32 0.34 -48.12 -9.58
CA THR M 32 -0.29 -47.18 -10.51
C THR M 32 0.58 -45.92 -10.57
N PRO M 33 0.60 -45.20 -11.71
CA PRO M 33 1.38 -43.96 -11.77
C PRO M 33 1.00 -42.91 -10.72
N GLN M 34 -0.26 -42.90 -10.30
CA GLN M 34 -0.77 -41.91 -9.35
C GLN M 34 -0.18 -42.10 -7.94
N PHE M 35 0.01 -43.37 -7.57
CA PHE M 35 0.59 -43.74 -6.28
C PHE M 35 2.11 -43.78 -6.31
N GLN M 36 2.71 -44.45 -7.31
CA GLN M 36 4.18 -44.53 -7.42
C GLN M 36 4.79 -43.13 -7.57
N ARG M 37 4.01 -42.17 -8.07
CA ARG M 37 4.33 -40.73 -7.99
C ARG M 37 4.90 -40.28 -6.65
N LEU M 38 4.36 -40.81 -5.56
CA LEU M 38 4.81 -40.45 -4.21
C LEU M 38 6.25 -40.85 -3.90
N ARG M 39 6.84 -41.75 -4.69
CA ARG M 39 8.29 -42.04 -4.59
C ARG M 39 9.16 -40.82 -4.86
N TYR M 40 8.63 -39.85 -5.60
CA TYR M 40 9.42 -38.72 -6.06
C TYR M 40 9.02 -37.41 -5.36
N ILE M 41 8.52 -37.51 -4.13
CA ILE M 41 8.14 -36.37 -3.29
C ILE M 41 8.64 -36.63 -1.87
N LYS M 42 9.58 -35.80 -1.38
CA LYS M 42 10.17 -36.01 -0.05
C LYS M 42 9.21 -35.64 1.06
N GLN M 43 9.30 -36.38 2.17
CA GLN M 43 8.40 -36.19 3.31
C GLN M 43 8.57 -34.79 3.86
N LEU M 44 9.81 -34.43 4.11
CA LEU M 44 10.14 -33.21 4.84
C LEU M 44 10.62 -32.08 3.94
N GLY M 45 10.29 -32.16 2.67
CA GLY M 45 10.56 -31.12 1.72
C GLY M 45 12.01 -30.65 1.83
N GLY M 46 12.15 -29.36 2.13
CA GLY M 46 13.45 -28.71 2.28
C GLY M 46 14.24 -29.12 3.50
N GLY M 47 13.60 -29.85 4.42
CA GLY M 47 14.29 -30.44 5.57
C GLY M 47 15.49 -31.32 5.25
N TYR M 48 15.44 -32.01 4.11
CA TYR M 48 16.59 -32.82 3.65
C TYR M 48 17.89 -31.98 3.54
N TYR M 49 17.74 -30.71 3.18
CA TYR M 49 18.87 -29.81 3.06
C TYR M 49 19.42 -29.30 4.43
N VAL M 50 18.78 -29.70 5.53
CA VAL M 50 19.30 -29.48 6.90
C VAL M 50 19.59 -30.79 7.64
N PHE M 51 18.69 -31.77 7.54
CA PHE M 51 18.89 -33.10 8.16
C PHE M 51 19.22 -34.08 7.06
N PRO M 52 20.51 -34.41 6.89
CA PRO M 52 20.90 -35.21 5.73
C PRO M 52 20.40 -36.64 5.76
N GLY M 53 19.84 -37.12 6.87
CA GLY M 53 19.17 -38.40 6.87
C GLY M 53 17.83 -38.45 6.15
N ALA M 54 17.13 -37.30 6.09
CA ALA M 54 15.69 -37.16 5.69
C ALA M 54 15.35 -37.23 4.18
N SER M 55 15.98 -38.21 3.54
CA SER M 55 15.80 -38.52 2.12
C SER M 55 14.44 -39.16 1.85
N HIS M 56 13.85 -39.76 2.89
CA HIS M 56 12.57 -40.45 2.79
C HIS M 56 11.43 -39.65 2.14
N ASN M 57 10.58 -40.41 1.44
CA ASN M 57 9.55 -39.94 0.56
C ASN M 57 8.17 -40.35 1.06
N ARG M 58 7.14 -39.72 0.51
CA ARG M 58 5.76 -40.04 0.88
C ARG M 58 5.37 -41.50 0.65
N PHE M 59 5.87 -42.07 -0.44
CA PHE M 59 5.56 -43.45 -0.79
C PHE M 59 5.57 -44.37 0.43
N GLU M 60 6.71 -44.43 1.11
CA GLU M 60 6.88 -45.36 2.25
C GLU M 60 6.07 -44.94 3.48
N HIS M 61 5.88 -43.63 3.67
CA HIS M 61 4.95 -43.10 4.70
C HIS M 61 3.54 -43.60 4.40
N SER M 62 3.09 -43.39 3.17
CA SER M 62 1.77 -43.85 2.74
C SER M 62 1.58 -45.36 3.02
N LEU M 63 2.59 -46.17 2.71
CA LEU M 63 2.55 -47.60 3.05
C LEU M 63 2.33 -47.83 4.54
N GLY M 64 3.13 -47.15 5.35
CA GLY M 64 3.06 -47.31 6.80
C GLY M 64 1.74 -46.89 7.41
N VAL M 65 1.16 -45.82 6.89
CA VAL M 65 -0.14 -45.35 7.39
C VAL M 65 -1.22 -46.37 7.05
N GLY M 66 -1.17 -46.91 5.84
CA GLY M 66 -2.04 -48.01 5.45
C GLY M 66 -1.91 -49.19 6.39
N TYR M 67 -0.67 -49.54 6.72
CA TYR M 67 -0.39 -50.67 7.60
C TYR M 67 -0.98 -50.49 8.99
N LEU M 68 -0.70 -49.34 9.60
CA LEU M 68 -1.15 -49.04 10.94
C LEU M 68 -2.65 -48.88 11.03
N ALA M 69 -3.25 -48.32 9.99
CA ALA M 69 -4.69 -48.30 9.87
C ALA M 69 -5.23 -49.73 10.01
N GLY M 70 -4.64 -50.65 9.26
CA GLY M 70 -4.97 -52.08 9.32
C GLY M 70 -4.80 -52.67 10.70
N CYS M 71 -3.70 -52.32 11.37
CA CYS M 71 -3.42 -52.80 12.72
C CYS M 71 -4.49 -52.39 13.71
N LEU M 72 -4.83 -51.11 13.71
CA LEU M 72 -5.75 -50.59 14.71
C LEU M 72 -7.15 -51.15 14.51
N VAL M 73 -7.66 -51.06 13.29
CA VAL M 73 -9.00 -51.55 13.00
C VAL M 73 -9.12 -53.06 13.24
N HIS M 74 -8.10 -53.82 12.83
CA HIS M 74 -8.07 -55.27 13.01
C HIS M 74 -7.99 -55.62 14.51
N ALA M 75 -7.26 -54.81 15.27
CA ALA M 75 -7.15 -55.01 16.72
C ALA M 75 -8.46 -54.76 17.46
N LEU M 76 -9.16 -53.70 17.08
CA LEU M 76 -10.46 -53.40 17.69
C LEU M 76 -11.43 -54.53 17.44
N GLY M 77 -11.40 -55.07 16.22
CA GLY M 77 -12.24 -56.20 15.81
C GLY M 77 -12.01 -57.48 16.60
N GLU M 78 -10.75 -57.79 16.87
CA GLU M 78 -10.40 -58.95 17.70
C GLU M 78 -10.87 -58.73 19.13
N LYS M 79 -10.54 -57.56 19.68
CA LYS M 79 -10.92 -57.18 21.05
C LYS M 79 -12.45 -57.12 21.25
N GLN M 80 -13.18 -56.67 20.23
CA GLN M 80 -14.64 -56.44 20.35
C GLN M 80 -15.41 -56.93 19.11
N PRO M 81 -15.77 -58.23 19.08
CA PRO M 81 -16.57 -58.76 17.97
C PRO M 81 -17.94 -58.10 17.83
N GLU M 82 -18.52 -57.68 18.94
CA GLU M 82 -19.79 -56.94 18.97
C GLU M 82 -19.89 -55.77 17.98
N LEU M 83 -18.75 -55.19 17.61
CA LEU M 83 -18.70 -54.07 16.67
C LEU M 83 -19.03 -54.47 15.21
N GLN M 84 -18.84 -55.76 14.91
CA GLN M 84 -19.07 -56.32 13.58
C GLN M 84 -18.34 -55.51 12.52
N ILE M 85 -17.03 -55.53 12.68
CA ILE M 85 -16.12 -54.93 11.74
C ILE M 85 -15.86 -56.00 10.70
N SER M 86 -16.29 -55.77 9.46
CA SER M 86 -16.10 -56.71 8.34
C SER M 86 -14.73 -56.55 7.71
N GLU M 87 -14.23 -57.59 7.05
CA GLU M 87 -12.97 -57.48 6.28
C GLU M 87 -13.13 -56.50 5.13
N ARG M 88 -14.38 -56.18 4.77
CA ARG M 88 -14.68 -55.07 3.88
C ARG M 88 -14.33 -53.74 4.53
N ASP M 89 -14.76 -53.53 5.78
CA ASP M 89 -14.40 -52.33 6.53
C ASP M 89 -12.89 -52.20 6.66
N VAL M 90 -12.22 -53.29 7.02
CA VAL M 90 -10.76 -53.32 7.21
C VAL M 90 -10.06 -52.84 5.94
N LEU M 91 -10.41 -53.46 4.82
CA LEU M 91 -9.82 -53.10 3.54
C LEU M 91 -10.01 -51.64 3.22
N CYS M 92 -11.22 -51.14 3.45
CA CYS M 92 -11.53 -49.73 3.18
C CYS M 92 -10.69 -48.77 4.02
N VAL M 93 -10.47 -49.13 5.27
CA VAL M 93 -9.64 -48.33 6.18
C VAL M 93 -8.18 -48.36 5.72
N GLN M 94 -7.68 -49.55 5.40
CA GLN M 94 -6.33 -49.69 4.85
C GLN M 94 -6.15 -48.84 3.60
N ILE M 95 -7.09 -48.93 2.66
CA ILE M 95 -7.05 -48.16 1.41
C ILE M 95 -7.00 -46.67 1.70
N ALA M 96 -7.81 -46.21 2.65
CA ALA M 96 -7.82 -44.80 3.03
C ALA M 96 -6.46 -44.37 3.54
N GLY M 97 -5.94 -45.13 4.49
CA GLY M 97 -4.61 -44.88 5.04
C GLY M 97 -3.53 -44.85 3.97
N LEU M 98 -3.59 -45.83 3.07
CA LEU M 98 -2.64 -45.94 1.98
C LEU M 98 -2.64 -44.69 1.07
N CYS M 99 -3.85 -44.24 0.73
CA CYS M 99 -4.03 -43.14 -0.21
C CYS M 99 -4.18 -41.76 0.44
N HIS M 100 -3.98 -41.66 1.75
CA HIS M 100 -4.39 -40.46 2.47
C HIS M 100 -3.58 -39.21 2.08
N ASP M 101 -2.33 -39.41 1.69
CA ASP M 101 -1.46 -38.31 1.26
C ASP M 101 -1.09 -38.46 -0.21
N LEU M 102 -2.02 -38.96 -1.01
CA LEU M 102 -1.84 -39.01 -2.47
C LEU M 102 -1.71 -37.65 -3.15
N GLY M 103 -2.29 -36.63 -2.51
CA GLY M 103 -2.37 -35.30 -3.09
C GLY M 103 -1.36 -34.26 -2.63
N HIS M 104 -0.26 -34.66 -2.00
CA HIS M 104 0.78 -33.69 -1.69
C HIS M 104 1.46 -33.23 -2.94
N GLY M 105 1.86 -31.96 -2.94
CA GLY M 105 2.63 -31.42 -4.04
C GLY M 105 4.13 -31.64 -3.90
N PRO M 106 4.92 -31.09 -4.85
CA PRO M 106 6.37 -31.05 -4.73
C PRO M 106 6.80 -30.46 -3.40
N PHE M 107 7.72 -31.14 -2.73
CA PHE M 107 8.20 -30.77 -1.40
C PHE M 107 7.07 -30.70 -0.33
N SER M 108 6.12 -31.63 -0.47
CA SER M 108 5.08 -31.88 0.53
C SER M 108 4.33 -30.63 0.98
N HIS M 109 4.68 -30.13 2.18
CA HIS M 109 3.88 -29.11 2.84
C HIS M 109 4.26 -27.71 2.36
N MET M 110 5.48 -27.57 1.82
CA MET M 110 5.86 -26.37 1.09
C MET M 110 4.81 -26.01 0.02
N PHE M 111 4.28 -27.02 -0.69
CA PHE M 111 3.37 -26.78 -1.80
C PHE M 111 2.02 -26.22 -1.35
N ASP M 112 1.31 -26.98 -0.52
CA ASP M 112 -0.02 -26.56 -0.05
C ASP M 112 0.06 -25.44 1.02
N GLY M 113 1.22 -25.30 1.67
CA GLY M 113 1.41 -24.37 2.79
C GLY M 113 2.03 -23.01 2.46
N ARG M 114 2.90 -22.96 1.44
CA ARG M 114 3.55 -21.70 1.02
C ARG M 114 3.22 -21.30 -0.41
N PHE M 115 3.49 -22.19 -1.36
CA PHE M 115 3.40 -21.88 -2.80
C PHE M 115 2.01 -21.55 -3.32
N ILE M 116 1.08 -22.49 -3.18
CA ILE M 116 -0.30 -22.31 -3.69
C ILE M 116 -0.98 -21.07 -3.09
N PRO M 117 -0.88 -20.87 -1.77
CA PRO M 117 -1.37 -19.61 -1.17
C PRO M 117 -0.81 -18.31 -1.79
N LEU M 118 0.44 -18.31 -2.22
CA LEU M 118 1.05 -17.15 -2.87
C LEU M 118 0.70 -17.07 -4.35
N ALA M 119 0.85 -18.19 -5.06
CA ALA M 119 0.59 -18.24 -6.50
C ALA M 119 -0.88 -17.99 -6.86
N ARG M 120 -1.81 -18.53 -6.07
CA ARG M 120 -3.24 -18.42 -6.34
C ARG M 120 -4.03 -18.14 -5.06
N PRO M 121 -3.96 -16.90 -4.56
CA PRO M 121 -4.62 -16.49 -3.31
C PRO M 121 -6.14 -16.66 -3.29
N GLU M 122 -6.77 -16.65 -4.46
CA GLU M 122 -8.21 -16.90 -4.60
C GLU M 122 -8.67 -18.30 -4.12
N VAL M 123 -7.84 -19.32 -4.29
CA VAL M 123 -8.26 -20.72 -4.04
C VAL M 123 -8.04 -21.10 -2.58
N LYS M 124 -8.95 -21.90 -2.02
CA LYS M 124 -8.72 -22.60 -0.75
C LYS M 124 -8.47 -24.06 -1.15
N TRP M 125 -7.19 -24.46 -1.16
CA TRP M 125 -6.76 -25.79 -1.57
C TRP M 125 -5.82 -26.42 -0.53
N THR M 126 -6.03 -27.71 -0.25
CA THR M 126 -5.21 -28.48 0.71
C THR M 126 -4.73 -29.79 0.10
N HIS M 127 -3.69 -30.36 0.70
CA HIS M 127 -3.17 -31.64 0.21
C HIS M 127 -4.24 -32.75 0.27
N GLU M 128 -5.13 -32.66 1.27
CA GLU M 128 -6.23 -33.62 1.44
C GLU M 128 -7.21 -33.58 0.27
N GLN M 129 -7.67 -32.38 -0.09
CA GLN M 129 -8.57 -32.23 -1.22
C GLN M 129 -7.96 -32.83 -2.46
N GLY M 130 -6.67 -32.59 -2.64
CA GLY M 130 -5.90 -33.19 -3.71
C GLY M 130 -5.94 -34.71 -3.68
N SER M 131 -5.76 -35.28 -2.49
CA SER M 131 -5.78 -36.73 -2.33
C SER M 131 -7.12 -37.35 -2.78
N VAL M 132 -8.22 -36.71 -2.44
CA VAL M 132 -9.55 -37.16 -2.89
C VAL M 132 -9.65 -37.20 -4.40
N MET M 133 -9.29 -36.09 -5.02
CA MET M 133 -9.32 -35.98 -6.48
C MET M 133 -8.37 -36.96 -7.14
N MET M 134 -7.16 -37.06 -6.61
CA MET M 134 -6.16 -37.99 -7.12
C MET M 134 -6.61 -39.45 -6.95
N PHE M 135 -7.30 -39.74 -5.84
CA PHE M 135 -7.85 -41.07 -5.60
C PHE M 135 -8.86 -41.44 -6.68
N GLU M 136 -9.81 -40.53 -6.92
CA GLU M 136 -10.80 -40.67 -8.00
C GLU M 136 -10.10 -40.96 -9.33
N HIS M 137 -9.11 -40.13 -9.68
CA HIS M 137 -8.33 -40.31 -10.93
C HIS M 137 -7.62 -41.66 -10.97
N LEU M 138 -7.07 -42.10 -9.84
CA LEU M 138 -6.39 -43.39 -9.75
C LEU M 138 -7.35 -44.53 -10.04
N ILE M 139 -8.51 -44.51 -9.39
CA ILE M 139 -9.51 -45.56 -9.53
C ILE M 139 -9.99 -45.68 -10.98
N ASN M 140 -10.31 -44.53 -11.58
CA ASN M 140 -10.91 -44.50 -12.91
C ASN M 140 -9.92 -44.85 -14.02
N SER M 141 -8.74 -44.24 -13.97
CA SER M 141 -7.73 -44.49 -15.00
C SER M 141 -7.09 -45.89 -14.93
N ASN M 142 -7.26 -46.62 -13.82
CA ASN M 142 -6.67 -47.96 -13.68
C ASN M 142 -7.67 -49.11 -13.52
N GLY M 143 -8.96 -48.84 -13.67
CA GLY M 143 -10.00 -49.89 -13.62
C GLY M 143 -10.02 -50.68 -12.33
N ILE M 144 -10.01 -49.95 -11.22
CA ILE M 144 -9.94 -50.55 -9.90
C ILE M 144 -11.32 -50.98 -9.41
N LYS M 145 -12.35 -50.23 -9.78
CA LYS M 145 -13.73 -50.57 -9.41
C LYS M 145 -14.10 -52.07 -9.56
N PRO M 146 -13.81 -52.69 -10.74
CA PRO M 146 -13.99 -54.15 -10.89
C PRO M 146 -13.26 -55.00 -9.86
N VAL M 147 -12.03 -54.59 -9.51
CA VAL M 147 -11.18 -55.32 -8.57
C VAL M 147 -11.73 -55.16 -7.14
N MET M 148 -12.24 -53.98 -6.83
CA MET M 148 -12.87 -53.76 -5.52
C MET M 148 -14.04 -54.71 -5.34
N GLU M 149 -14.91 -54.78 -6.35
CA GLU M 149 -16.04 -55.70 -6.39
C GLU M 149 -15.59 -57.15 -6.21
N GLN M 150 -14.54 -57.54 -6.94
CA GLN M 150 -13.97 -58.88 -6.84
C GLN M 150 -13.62 -59.28 -5.41
N TYR M 151 -13.17 -58.33 -4.59
CA TYR M 151 -12.84 -58.59 -3.18
C TYR M 151 -13.91 -58.11 -2.19
N GLY M 152 -15.17 -58.11 -2.62
CA GLY M 152 -16.30 -57.88 -1.73
C GLY M 152 -16.62 -56.46 -1.34
N LEU M 153 -16.05 -55.48 -2.02
CA LEU M 153 -16.40 -54.08 -1.78
C LEU M 153 -17.58 -53.65 -2.64
N ILE M 154 -18.18 -52.53 -2.25
CA ILE M 154 -19.29 -51.90 -2.97
C ILE M 154 -18.85 -50.47 -3.33
N PRO M 155 -18.32 -50.27 -4.55
CA PRO M 155 -17.75 -48.97 -4.94
C PRO M 155 -18.60 -47.74 -4.64
N GLU M 156 -19.91 -47.82 -4.88
CA GLU M 156 -20.84 -46.70 -4.55
C GLU M 156 -20.61 -46.23 -3.12
N GLU M 157 -20.88 -47.12 -2.18
CA GLU M 157 -20.76 -46.82 -0.76
C GLU M 157 -19.33 -46.61 -0.32
N ASP M 158 -18.43 -47.50 -0.73
CA ASP M 158 -17.09 -47.55 -0.15
C ASP M 158 -16.13 -46.49 -0.64
N ILE M 159 -16.22 -46.12 -1.92
CA ILE M 159 -15.36 -45.03 -2.43
C ILE M 159 -15.70 -43.72 -1.74
N CYS M 160 -16.97 -43.53 -1.36
CA CYS M 160 -17.35 -42.39 -0.53
C CYS M 160 -16.72 -42.50 0.86
N PHE M 161 -16.85 -43.67 1.47
CA PHE M 161 -16.29 -43.95 2.80
C PHE M 161 -14.79 -43.68 2.86
N ILE M 162 -14.08 -44.09 1.83
CA ILE M 162 -12.62 -43.86 1.74
C ILE M 162 -12.32 -42.36 1.64
N LYS M 163 -13.00 -41.67 0.73
CA LYS M 163 -12.83 -40.22 0.57
C LYS M 163 -13.15 -39.50 1.87
N GLU M 164 -14.25 -39.89 2.50
CA GLU M 164 -14.66 -39.30 3.75
C GLU M 164 -13.64 -39.47 4.88
N GLN M 165 -12.98 -40.63 4.94
CA GLN M 165 -11.91 -40.85 5.92
C GLN M 165 -10.81 -39.79 5.77
N ILE M 166 -10.50 -39.46 4.52
CA ILE M 166 -9.38 -38.58 4.19
C ILE M 166 -9.66 -37.11 4.49
N VAL M 167 -10.76 -36.59 3.92
CA VAL M 167 -11.09 -35.15 4.02
C VAL M 167 -12.21 -34.80 5.02
N GLY M 168 -12.86 -35.80 5.59
CA GLY M 168 -14.06 -35.56 6.39
C GLY M 168 -15.28 -35.54 5.48
N PRO M 169 -16.40 -34.97 5.97
CA PRO M 169 -17.67 -35.13 5.25
C PRO M 169 -17.76 -34.37 3.93
N TRP M 179 -25.98 -36.82 11.83
CA TRP M 179 -24.83 -37.60 11.36
C TRP M 179 -24.38 -37.18 9.95
N PRO M 180 -23.18 -36.56 9.83
CA PRO M 180 -22.76 -36.00 8.54
C PRO M 180 -22.25 -36.96 7.45
N TYR M 181 -21.99 -38.23 7.77
CA TYR M 181 -21.36 -39.14 6.82
C TYR M 181 -22.38 -39.97 6.06
N LYS M 182 -22.18 -40.11 4.75
CA LYS M 182 -22.97 -40.99 3.89
C LYS M 182 -22.30 -42.35 3.70
N GLY M 183 -21.01 -42.46 4.00
CA GLY M 183 -20.23 -43.69 3.72
C GLY M 183 -20.52 -44.83 4.67
N ARG M 184 -20.64 -44.52 5.96
CA ARG M 184 -20.98 -45.51 6.99
C ARG M 184 -21.98 -44.92 7.98
N PRO M 185 -22.78 -45.78 8.64
CA PRO M 185 -23.71 -45.33 9.68
C PRO M 185 -23.03 -44.94 11.01
N GLU M 186 -23.81 -44.42 11.96
CA GLU M 186 -23.30 -43.97 13.26
C GLU M 186 -22.69 -45.06 14.14
N ASN M 187 -23.19 -46.29 13.97
CA ASN M 187 -22.68 -47.45 14.71
C ASN M 187 -21.28 -47.90 14.27
N LYS M 188 -20.71 -47.25 13.26
CA LYS M 188 -19.32 -47.46 12.88
C LYS M 188 -18.57 -46.12 12.72
N SER M 189 -18.88 -45.14 13.58
CA SER M 189 -18.19 -43.84 13.54
C SER M 189 -16.71 -43.93 13.94
N PHE M 190 -16.40 -44.90 14.80
CA PHE M 190 -15.02 -45.16 15.21
C PHE M 190 -14.07 -45.36 14.04
N LEU M 191 -14.54 -45.91 12.94
CA LEU M 191 -13.70 -46.09 11.75
C LEU M 191 -13.16 -44.76 11.19
N TYR M 192 -13.94 -43.69 11.31
CA TYR M 192 -13.50 -42.37 10.84
C TYR M 192 -12.38 -41.74 11.69
N GLU M 193 -12.21 -42.24 12.91
CA GLU M 193 -11.16 -41.80 13.82
C GLU M 193 -9.78 -42.48 13.62
N ILE M 194 -9.62 -43.37 12.63
CA ILE M 194 -8.36 -44.11 12.48
C ILE M 194 -7.33 -43.37 11.62
N VAL M 195 -7.71 -43.02 10.40
CA VAL M 195 -6.77 -42.49 9.43
C VAL M 195 -6.51 -41.00 9.66
N SER M 196 -7.59 -40.24 9.86
CA SER M 196 -7.51 -38.79 10.06
C SER M 196 -8.62 -38.38 11.02
N ASN M 197 -8.22 -38.18 12.28
CA ASN M 197 -9.12 -38.03 13.44
C ASN M 197 -9.50 -36.55 13.56
N LYS M 198 -10.72 -36.23 13.14
CA LYS M 198 -11.22 -34.86 13.17
C LYS M 198 -11.54 -34.40 14.60
N ARG M 199 -11.82 -35.35 15.51
CA ARG M 199 -12.27 -35.04 16.87
C ARG M 199 -11.15 -34.45 17.72
N ASN M 200 -10.03 -35.18 17.80
CA ASN M 200 -8.89 -34.83 18.66
C ASN M 200 -7.51 -34.81 17.98
N GLY M 201 -7.39 -35.42 16.80
CA GLY M 201 -6.13 -35.45 16.08
C GLY M 201 -5.27 -36.68 16.32
N ILE M 202 -5.67 -37.57 17.24
CA ILE M 202 -4.93 -38.81 17.48
C ILE M 202 -5.29 -39.79 16.36
N ASP M 203 -4.38 -39.92 15.38
CA ASP M 203 -4.56 -40.81 14.22
C ASP M 203 -3.26 -41.57 13.88
N VAL M 204 -3.38 -42.59 13.03
CA VAL M 204 -2.19 -43.40 12.67
C VAL M 204 -1.26 -42.66 11.69
N ASP M 205 -1.76 -41.62 11.03
CA ASP M 205 -0.93 -40.70 10.22
C ASP M 205 0.21 -40.20 11.10
N LYS M 206 -0.15 -39.65 12.26
CA LYS M 206 0.85 -39.17 13.23
C LYS M 206 1.80 -40.26 13.70
N TRP M 207 1.24 -41.43 14.00
CA TRP M 207 2.04 -42.50 14.58
C TRP M 207 3.15 -42.97 13.66
N ASP M 208 2.84 -43.06 12.36
CA ASP M 208 3.85 -43.44 11.37
C ASP M 208 4.94 -42.38 11.27
N TYR M 209 4.55 -41.13 11.01
CA TYR M 209 5.56 -40.09 10.72
C TYR M 209 6.41 -39.74 11.93
N PHE M 210 5.90 -39.91 13.14
CA PHE M 210 6.74 -39.82 14.33
C PHE M 210 7.88 -40.80 14.24
N ALA M 211 7.52 -42.07 14.10
CA ALA M 211 8.49 -43.16 14.01
C ALA M 211 9.41 -42.98 12.80
N ARG M 212 8.82 -42.66 11.66
CA ARG M 212 9.54 -42.57 10.40
C ARG M 212 10.47 -41.38 10.36
N ASP M 213 9.92 -40.20 10.64
CA ASP M 213 10.73 -38.98 10.58
C ASP M 213 11.89 -39.10 11.56
N CYS M 214 11.62 -39.52 12.80
CA CYS M 214 12.69 -39.74 13.79
C CYS M 214 13.81 -40.66 13.31
N HIS M 215 13.44 -41.81 12.75
CA HIS M 215 14.40 -42.81 12.23
C HIS M 215 15.38 -42.17 11.25
N HIS M 216 14.82 -41.43 10.29
CA HIS M 216 15.59 -40.79 9.22
C HIS M 216 16.25 -39.46 9.67
N LEU M 217 15.62 -38.69 10.56
CA LEU M 217 16.18 -37.38 11.01
C LEU M 217 17.47 -37.51 11.81
N GLY M 218 17.43 -38.43 12.78
CA GLY M 218 18.44 -38.54 13.83
C GLY M 218 17.95 -37.94 15.13
N ILE M 219 16.72 -38.31 15.49
CA ILE M 219 16.08 -37.93 16.76
C ILE M 219 15.40 -39.21 17.24
N GLN M 220 15.35 -39.44 18.55
CA GLN M 220 14.62 -40.60 19.09
C GLN M 220 13.17 -40.18 19.41
N ASN M 221 12.26 -41.10 19.13
CA ASN M 221 10.84 -40.86 19.25
C ASN M 221 10.39 -41.30 20.64
N ASN M 222 9.57 -40.45 21.29
CA ASN M 222 9.14 -40.70 22.67
C ASN M 222 7.66 -41.16 22.80
N PHE M 223 7.11 -41.77 21.75
CA PHE M 223 5.71 -42.21 21.76
C PHE M 223 5.53 -43.63 21.26
N ASP M 224 4.82 -44.45 22.05
CA ASP M 224 4.63 -45.87 21.76
C ASP M 224 3.22 -46.09 21.23
N TYR M 225 3.10 -46.17 19.91
CA TYR M 225 1.81 -46.37 19.25
C TYR M 225 1.25 -47.76 19.54
N LYS M 226 2.14 -48.75 19.58
CA LYS M 226 1.75 -50.14 19.84
C LYS M 226 1.04 -50.28 21.16
N ARG M 227 1.54 -49.59 22.17
CA ARG M 227 0.96 -49.61 23.50
C ARG M 227 -0.43 -48.98 23.51
N PHE M 228 -0.58 -47.85 22.84
CA PHE M 228 -1.87 -47.19 22.81
C PHE M 228 -2.95 -48.09 22.18
N ILE M 229 -2.55 -48.83 21.15
CA ILE M 229 -3.41 -49.82 20.49
C ILE M 229 -3.84 -50.91 21.48
N LYS M 230 -2.93 -51.42 22.30
CA LYS M 230 -3.30 -52.44 23.29
C LYS M 230 -4.34 -51.91 24.30
N PHE M 231 -4.32 -50.60 24.58
CA PHE M 231 -5.30 -49.96 25.50
C PHE M 231 -6.30 -49.06 24.79
N ALA M 232 -6.65 -49.42 23.56
CA ALA M 232 -7.71 -48.73 22.83
C ALA M 232 -8.96 -49.61 22.88
N ARG M 233 -10.11 -48.97 22.75
CA ARG M 233 -11.38 -49.62 22.94
C ARG M 233 -12.54 -48.72 22.48
N VAL M 234 -13.56 -49.31 21.89
CA VAL M 234 -14.73 -48.56 21.43
C VAL M 234 -15.79 -48.56 22.53
N CYS M 235 -16.32 -47.38 22.84
CA CYS M 235 -17.42 -47.22 23.80
C CYS M 235 -18.45 -46.27 23.22
N GLU M 236 -19.64 -46.29 23.79
CA GLU M 236 -20.69 -45.35 23.40
C GLU M 236 -20.43 -43.99 24.04
N VAL M 237 -20.48 -42.95 23.22
CA VAL M 237 -20.37 -41.56 23.70
C VAL M 237 -21.39 -40.73 22.91
N ASP M 238 -22.42 -40.24 23.60
CA ASP M 238 -23.48 -39.41 22.99
C ASP M 238 -24.06 -40.07 21.74
N ASN M 239 -24.64 -41.25 21.93
CA ASN M 239 -25.40 -41.98 20.88
C ASN M 239 -24.56 -42.32 19.62
N GLU M 240 -23.30 -42.65 19.86
CA GLU M 240 -22.32 -42.79 18.79
C GLU M 240 -21.14 -43.60 19.34
N LEU M 241 -20.66 -44.58 18.57
CA LEU M 241 -19.57 -45.46 19.01
C LEU M 241 -18.18 -44.94 18.62
N ARG M 242 -17.40 -44.47 19.61
CA ARG M 242 -16.09 -43.85 19.33
C ARG M 242 -14.95 -44.51 20.12
N ILE M 243 -13.75 -44.37 19.57
CA ILE M 243 -12.56 -44.94 20.17
C ILE M 243 -12.25 -44.19 21.47
N CYS M 244 -11.93 -44.97 22.50
CA CYS M 244 -11.54 -44.46 23.81
C CYS M 244 -10.25 -45.13 24.26
N ALA M 245 -9.42 -44.38 24.98
CA ALA M 245 -8.19 -44.89 25.58
C ALA M 245 -8.41 -45.12 27.05
N ARG M 246 -7.53 -45.94 27.64
CA ARG M 246 -7.63 -46.24 29.06
C ARG M 246 -7.23 -44.99 29.87
N ASP M 247 -7.91 -44.80 31.01
CA ASP M 247 -7.62 -43.69 31.92
C ASP M 247 -6.13 -43.44 32.21
N LYS M 248 -5.34 -44.49 32.44
CA LYS M 248 -3.90 -44.35 32.72
C LYS M 248 -3.09 -43.74 31.55
N GLU M 249 -3.52 -44.00 30.31
CA GLU M 249 -2.83 -43.46 29.12
C GLU M 249 -2.89 -41.95 28.95
N VAL M 250 -3.77 -41.27 29.69
CA VAL M 250 -3.91 -39.81 29.56
C VAL M 250 -2.55 -39.09 29.57
N GLY M 251 -1.64 -39.53 30.45
CA GLY M 251 -0.29 -38.95 30.51
C GLY M 251 0.47 -39.07 29.20
N ASN M 252 0.43 -40.27 28.64
CA ASN M 252 1.12 -40.57 27.37
C ASN M 252 0.54 -39.78 26.21
N LEU M 253 -0.76 -39.51 26.27
CA LEU M 253 -1.44 -38.72 25.25
C LEU M 253 -1.03 -37.26 25.26
N TYR M 254 -0.87 -36.65 26.43
CA TYR M 254 -0.32 -35.28 26.48
C TYR M 254 1.11 -35.30 25.92
N ASP M 255 1.86 -36.36 26.24
CA ASP M 255 3.24 -36.54 25.77
C ASP M 255 3.31 -36.80 24.26
N MET M 256 2.25 -37.37 23.67
CA MET M 256 2.15 -37.48 22.22
C MET M 256 2.17 -36.10 21.55
N PHE M 257 1.31 -35.20 22.01
CA PHE M 257 1.26 -33.84 21.43
C PHE M 257 2.49 -32.99 21.79
N HIS M 258 3.13 -33.28 22.93
CA HIS M 258 4.43 -32.67 23.25
C HIS M 258 5.50 -33.11 22.24
N THR M 259 5.58 -34.42 22.02
CA THR M 259 6.48 -34.98 21.01
C THR M 259 6.23 -34.35 19.64
N ARG M 260 4.97 -34.15 19.27
CA ARG M 260 4.63 -33.49 18.00
C ARG M 260 5.20 -32.08 17.93
N ASN M 261 4.89 -31.28 18.94
CA ASN M 261 5.36 -29.90 19.02
C ASN M 261 6.88 -29.83 19.03
N SER M 262 7.49 -30.76 19.77
CA SER M 262 8.96 -30.84 19.85
C SER M 262 9.58 -31.10 18.46
N LEU M 263 9.00 -32.03 17.69
CA LEU M 263 9.48 -32.32 16.32
C LEU M 263 9.34 -31.14 15.37
N HIS M 264 8.27 -30.38 15.53
CA HIS M 264 8.10 -29.14 14.76
C HIS M 264 9.18 -28.14 15.12
N ARG M 265 9.44 -27.98 16.41
CA ARG M 265 10.45 -27.03 16.88
C ARG M 265 11.84 -27.41 16.36
N ARG M 266 12.23 -28.66 16.55
CA ARG M 266 13.58 -29.09 16.20
C ARG M 266 13.80 -29.25 14.70
N ALA M 267 12.80 -29.80 14.00
CA ALA M 267 12.96 -30.25 12.63
C ALA M 267 12.09 -29.52 11.61
N TYR M 268 10.79 -29.73 11.68
CA TYR M 268 9.87 -29.35 10.58
C TYR M 268 9.86 -27.84 10.31
N GLN M 269 9.90 -27.08 11.41
CA GLN M 269 9.99 -25.61 11.37
C GLN M 269 11.41 -25.10 11.66
N HIS M 270 12.43 -25.89 11.34
CA HIS M 270 13.82 -25.47 11.53
C HIS M 270 14.10 -24.21 10.71
N LYS M 271 14.74 -23.23 11.35
CA LYS M 271 14.90 -21.89 10.79
C LYS M 271 15.47 -21.87 9.35
N VAL M 272 16.42 -22.75 9.09
CA VAL M 272 17.05 -22.90 7.76
C VAL M 272 16.19 -23.77 6.84
N GLY M 273 15.57 -24.80 7.40
CA GLY M 273 14.67 -25.66 6.63
C GLY M 273 13.54 -24.85 6.02
N ASN M 274 12.99 -23.94 6.83
CA ASN M 274 11.96 -23.01 6.40
C ASN M 274 12.46 -21.97 5.39
N ILE M 275 13.69 -21.48 5.55
CA ILE M 275 14.20 -20.51 4.58
C ILE M 275 14.46 -21.16 3.23
N ILE M 276 14.87 -22.42 3.24
CA ILE M 276 15.04 -23.17 2.00
C ILE M 276 13.70 -23.44 1.32
N ASP M 277 12.70 -23.82 2.12
CA ASP M 277 11.31 -23.92 1.65
C ASP M 277 10.88 -22.60 0.95
N THR M 278 11.05 -21.45 1.62
CA THR M 278 10.64 -20.13 1.04
C THR M 278 11.43 -19.82 -0.25
N MET M 279 12.72 -20.21 -0.27
CA MET M 279 13.56 -20.00 -1.45
C MET M 279 13.14 -20.88 -2.63
N ILE M 280 12.81 -22.13 -2.36
CA ILE M 280 12.30 -23.01 -3.42
C ILE M 280 10.92 -22.51 -3.91
N THR M 281 10.05 -22.13 -2.97
CA THR M 281 8.76 -21.50 -3.29
C THR M 281 8.95 -20.26 -4.19
N ASP M 282 9.90 -19.42 -3.80
CA ASP M 282 10.24 -18.21 -4.56
C ASP M 282 10.62 -18.55 -6.00
N ALA M 283 11.49 -19.55 -6.15
CA ALA M 283 11.92 -20.03 -7.47
C ALA M 283 10.78 -20.59 -8.31
N PHE M 284 9.85 -21.30 -7.66
CA PHE M 284 8.67 -21.84 -8.34
C PHE M 284 7.80 -20.70 -8.85
N LEU M 285 7.59 -19.68 -8.01
CA LEU M 285 6.80 -18.53 -8.41
C LEU M 285 7.37 -17.85 -9.66
N LYS M 286 8.69 -17.71 -9.73
CA LYS M 286 9.35 -17.10 -10.87
C LYS M 286 9.36 -17.99 -12.11
N ALA M 287 9.37 -19.30 -11.89
CA ALA M 287 9.31 -20.27 -12.99
C ALA M 287 7.89 -20.59 -13.48
N ASP M 288 6.86 -20.22 -12.73
CA ASP M 288 5.49 -20.71 -12.96
C ASP M 288 4.96 -20.43 -14.35
N ASP M 289 5.21 -19.19 -14.81
CA ASP M 289 4.72 -18.72 -16.11
C ASP M 289 5.27 -19.48 -17.29
N TYR M 290 6.50 -19.96 -17.19
CA TYR M 290 7.21 -20.55 -18.34
C TYR M 290 7.33 -22.08 -18.33
N ILE M 291 6.74 -22.75 -17.33
CA ILE M 291 6.72 -24.20 -17.32
C ILE M 291 5.33 -24.71 -17.66
N GLU M 292 5.28 -25.56 -18.68
CA GLU M 292 4.08 -26.22 -19.14
C GLU M 292 4.12 -27.68 -18.70
N ILE M 293 2.95 -28.21 -18.33
CA ILE M 293 2.79 -29.63 -18.00
C ILE M 293 1.56 -30.14 -18.75
N THR M 294 1.74 -31.23 -19.49
CA THR M 294 0.69 -31.81 -20.32
C THR M 294 -0.33 -32.46 -19.41
N GLY M 295 -1.60 -32.11 -19.61
CA GLY M 295 -2.69 -32.64 -18.82
C GLY M 295 -3.64 -33.51 -19.65
N ALA M 296 -4.89 -33.52 -19.24
CA ALA M 296 -5.93 -34.35 -19.86
C ALA M 296 -6.31 -33.76 -21.20
N GLY M 297 -6.34 -34.63 -22.21
CA GLY M 297 -6.56 -34.23 -23.59
C GLY M 297 -5.49 -33.33 -24.15
N GLY M 298 -4.29 -33.37 -23.54
CA GLY M 298 -3.19 -32.50 -23.93
C GLY M 298 -3.21 -31.04 -23.49
N LYS M 299 -4.21 -30.59 -22.72
CA LYS M 299 -4.27 -29.18 -22.31
C LYS M 299 -3.02 -28.79 -21.51
N LYS M 300 -2.52 -27.56 -21.71
CA LYS M 300 -1.30 -27.11 -21.04
C LYS M 300 -1.62 -26.51 -19.66
N TYR M 301 -0.96 -27.03 -18.62
CA TYR M 301 -1.14 -26.52 -17.26
C TYR M 301 0.20 -26.02 -16.69
N ARG M 302 0.12 -24.97 -15.86
CA ARG M 302 1.28 -24.43 -15.16
C ARG M 302 1.42 -25.13 -13.80
N ILE M 303 2.50 -24.82 -13.09
CA ILE M 303 2.76 -25.46 -11.80
C ILE M 303 1.60 -25.19 -10.87
N SER M 304 1.19 -23.93 -10.80
CA SER M 304 0.09 -23.51 -9.92
C SER M 304 -1.30 -24.05 -10.32
N THR M 305 -1.50 -24.32 -11.61
CA THR M 305 -2.80 -24.80 -12.12
C THR M 305 -2.91 -26.31 -12.33
N ALA M 306 -1.80 -27.03 -12.17
CA ALA M 306 -1.81 -28.49 -12.30
C ALA M 306 -2.74 -29.14 -11.28
N ILE M 307 -2.91 -28.53 -10.11
CA ILE M 307 -3.86 -29.02 -9.10
C ILE M 307 -5.31 -29.14 -9.60
N ASP M 308 -5.67 -28.41 -10.63
CA ASP M 308 -7.02 -28.49 -11.20
C ASP M 308 -7.25 -29.75 -12.01
N ASP M 309 -6.20 -30.25 -12.67
CA ASP M 309 -6.27 -31.51 -13.42
C ASP M 309 -5.32 -32.54 -12.83
N MET M 310 -5.82 -33.75 -12.58
CA MET M 310 -5.03 -34.81 -11.95
C MET M 310 -4.07 -35.53 -12.89
N GLU M 311 -4.41 -35.60 -14.17
CA GLU M 311 -3.51 -36.23 -15.13
C GLU M 311 -2.21 -35.42 -15.24
N ALA M 312 -2.34 -34.10 -15.16
CA ALA M 312 -1.18 -33.21 -15.15
C ALA M 312 -0.41 -33.32 -13.82
N TYR M 313 -1.16 -33.18 -12.72
CA TYR M 313 -0.60 -33.24 -11.35
C TYR M 313 0.17 -34.53 -11.04
N THR M 314 -0.23 -35.63 -11.70
CA THR M 314 0.49 -36.90 -11.66
C THR M 314 1.98 -36.74 -12.02
N LYS M 315 2.26 -35.87 -13.00
CA LYS M 315 3.62 -35.62 -13.45
C LYS M 315 4.37 -34.52 -12.67
N LEU M 316 3.70 -33.91 -11.68
CA LEU M 316 4.27 -32.79 -10.90
C LEU M 316 4.83 -33.28 -9.58
N THR M 317 6.16 -33.38 -9.51
CA THR M 317 6.86 -33.92 -8.35
C THR M 317 8.06 -33.04 -8.03
N ASP M 318 8.88 -33.46 -7.07
CA ASP M 318 10.17 -32.79 -6.75
C ASP M 318 11.09 -32.62 -7.97
N ASN M 319 10.94 -33.46 -8.98
CA ASN M 319 11.58 -33.29 -10.30
C ASN M 319 11.63 -31.86 -10.78
N ILE M 320 10.55 -31.14 -10.54
CA ILE M 320 10.41 -29.76 -11.02
C ILE M 320 11.54 -28.85 -10.53
N PHE M 321 12.08 -29.15 -9.34
CA PHE M 321 13.30 -28.53 -8.82
C PHE M 321 14.49 -28.68 -9.77
N LEU M 322 14.82 -29.92 -10.08
CA LEU M 322 15.97 -30.23 -10.95
C LEU M 322 15.74 -29.82 -12.40
N GLU M 323 14.48 -29.86 -12.83
CA GLU M 323 14.10 -29.38 -14.15
C GLU M 323 14.51 -27.91 -14.25
N ILE M 324 14.13 -27.11 -13.25
CA ILE M 324 14.50 -25.68 -13.19
C ILE M 324 16.01 -25.50 -13.10
N LEU M 325 16.66 -26.28 -12.24
CA LEU M 325 18.09 -26.14 -12.01
C LEU M 325 18.90 -26.42 -13.27
N TYR M 326 18.59 -27.54 -13.92
CA TYR M 326 19.32 -27.96 -15.11
C TYR M 326 18.98 -27.21 -16.40
N SER M 327 17.89 -26.42 -16.42
CA SER M 327 17.43 -25.77 -17.66
C SER M 327 18.39 -24.72 -18.19
N THR M 328 18.27 -24.46 -19.49
CA THR M 328 18.99 -23.40 -20.18
C THR M 328 18.07 -22.34 -20.79
N ASP M 329 16.74 -22.51 -20.67
CA ASP M 329 15.78 -21.49 -21.11
C ASP M 329 16.08 -20.19 -20.37
N PRO M 330 16.38 -19.10 -21.10
CA PRO M 330 16.62 -17.83 -20.41
C PRO M 330 15.40 -17.21 -19.70
N LYS M 331 14.19 -17.62 -20.07
CA LYS M 331 12.97 -17.21 -19.34
C LYS M 331 13.01 -17.69 -17.89
N LEU M 332 13.67 -18.83 -17.65
CA LEU M 332 13.85 -19.40 -16.32
C LEU M 332 15.10 -18.95 -15.55
N LYS M 333 15.85 -17.96 -16.07
CA LYS M 333 17.11 -17.57 -15.44
C LYS M 333 16.95 -17.05 -14.01
N ASP M 334 15.92 -16.25 -13.78
CA ASP M 334 15.60 -15.77 -12.41
C ASP M 334 15.37 -16.92 -11.43
N ALA M 335 14.56 -17.90 -11.82
CA ALA M 335 14.26 -19.05 -10.98
C ALA M 335 15.50 -19.92 -10.76
N ARG M 336 16.20 -20.24 -11.85
CA ARG M 336 17.42 -21.04 -11.79
C ARG M 336 18.51 -20.44 -10.91
N GLU M 337 18.59 -19.11 -10.86
CA GLU M 337 19.59 -18.45 -10.03
C GLU M 337 19.30 -18.62 -8.54
N ILE M 338 18.03 -18.60 -8.14
CA ILE M 338 17.68 -18.85 -6.74
C ILE M 338 18.10 -20.27 -6.33
N LEU M 339 17.80 -21.24 -7.18
CA LEU M 339 18.13 -22.64 -6.90
C LEU M 339 19.64 -22.89 -6.88
N LYS M 340 20.37 -22.21 -7.77
CA LYS M 340 21.84 -22.30 -7.73
C LYS M 340 22.40 -21.71 -6.44
N GLN M 341 21.78 -20.65 -5.93
CA GLN M 341 22.17 -20.08 -4.62
C GLN M 341 21.96 -21.04 -3.44
N ILE M 342 21.06 -22.01 -3.58
CA ILE M 342 20.88 -23.07 -2.56
C ILE M 342 21.99 -24.13 -2.59
N GLU M 343 22.45 -24.47 -3.78
CA GLU M 343 23.57 -25.39 -3.93
C GLU M 343 24.80 -24.80 -3.27
N TYR M 344 25.15 -23.59 -3.69
CA TYR M 344 26.30 -22.82 -3.16
C TYR M 344 26.14 -22.39 -1.71
N ARG M 345 24.91 -22.39 -1.20
CA ARG M 345 24.60 -22.13 0.21
C ARG M 345 24.63 -20.64 0.55
N ASN M 346 24.30 -19.78 -0.41
CA ASN M 346 24.07 -18.34 -0.18
C ASN M 346 22.61 -18.13 0.11
N LEU M 347 22.22 -18.58 1.29
CA LEU M 347 20.85 -18.54 1.70
C LEU M 347 20.60 -17.20 2.33
N PHE M 348 19.32 -16.83 2.36
CA PHE M 348 18.90 -15.62 3.03
C PHE M 348 19.21 -15.80 4.51
N LYS M 349 19.79 -14.79 5.15
CA LYS M 349 20.32 -14.96 6.51
C LYS M 349 19.27 -14.76 7.60
N TYR M 350 19.30 -15.67 8.58
CA TYR M 350 18.42 -15.62 9.76
C TYR M 350 18.88 -14.48 10.65
N VAL M 351 17.93 -13.63 11.04
CA VAL M 351 18.23 -12.50 11.92
C VAL M 351 17.90 -12.84 13.39
N GLY M 352 16.72 -13.40 13.60
CA GLY M 352 16.27 -13.79 14.93
C GLY M 352 14.82 -14.22 14.94
N GLU M 353 14.37 -14.61 16.12
CA GLU M 353 13.00 -15.12 16.34
C GLU M 353 12.36 -14.32 17.47
N THR M 354 11.04 -14.20 17.44
CA THR M 354 10.31 -13.54 18.52
C THR M 354 8.85 -14.01 18.57
N GLN M 355 8.19 -13.72 19.69
CA GLN M 355 6.77 -14.03 19.88
C GLN M 355 5.99 -12.77 20.30
N PRO M 356 4.69 -12.72 19.97
CA PRO M 356 3.86 -11.68 20.58
C PRO M 356 3.62 -11.90 22.07
N THR M 357 3.10 -10.88 22.74
CA THR M 357 2.78 -10.94 24.17
C THR M 357 1.33 -10.61 24.42
N GLY M 358 0.88 -10.85 25.65
CA GLY M 358 -0.51 -10.67 26.04
C GLY M 358 -1.34 -11.75 25.36
N GLN M 359 -2.45 -11.34 24.75
CA GLN M 359 -3.21 -12.20 23.87
C GLN M 359 -3.32 -11.52 22.49
N ILE M 360 -2.18 -11.11 21.92
CA ILE M 360 -2.10 -10.46 20.58
C ILE M 360 -1.87 -11.50 19.47
N LYS M 361 -2.94 -12.05 18.88
CA LYS M 361 -2.79 -13.00 17.73
C LYS M 361 -2.58 -12.21 16.45
N ILE M 362 -1.56 -12.56 15.66
CA ILE M 362 -1.30 -11.94 14.35
C ILE M 362 -2.11 -12.64 13.26
N LYS M 363 -3.10 -11.93 12.70
CA LYS M 363 -3.98 -12.50 11.69
C LYS M 363 -3.23 -12.72 10.37
N ARG M 364 -3.70 -13.71 9.59
CA ARG M 364 -3.05 -14.12 8.32
C ARG M 364 -3.02 -13.02 7.27
N GLU M 365 -4.15 -12.34 7.13
CA GLU M 365 -4.26 -11.06 6.40
C GLU M 365 -3.02 -10.13 6.50
N ASP M 366 -2.50 -9.94 7.71
CA ASP M 366 -1.42 -8.98 7.97
C ASP M 366 -0.01 -9.46 7.57
N TYR M 367 0.14 -10.74 7.22
CA TYR M 367 1.43 -11.33 6.87
C TYR M 367 2.14 -10.54 5.76
N GLU M 368 1.38 -10.20 4.71
CA GLU M 368 1.88 -9.39 3.60
C GLU M 368 2.62 -8.14 4.09
N SER M 369 2.06 -7.46 5.10
CA SER M 369 2.56 -6.13 5.52
C SER M 369 3.77 -6.09 6.46
N LEU M 370 4.16 -7.22 7.03
CA LEU M 370 5.16 -7.23 8.11
C LEU M 370 6.59 -6.85 7.70
N PRO M 371 7.03 -7.21 6.47
CA PRO M 371 8.32 -6.70 5.98
C PRO M 371 8.41 -5.17 5.94
N LYS M 372 7.35 -4.53 5.47
CA LYS M 372 7.20 -3.08 5.50
C LYS M 372 7.44 -2.53 6.90
N GLU M 373 6.82 -3.14 7.90
CA GLU M 373 6.93 -2.69 9.30
C GLU M 373 8.36 -2.76 9.86
N VAL M 374 9.11 -3.79 9.47
CA VAL M 374 10.48 -3.99 9.97
C VAL M 374 11.42 -2.92 9.41
N ALA M 375 11.36 -2.70 8.11
CA ALA M 375 12.10 -1.60 7.47
C ALA M 375 11.70 -0.23 8.04
N SER M 376 10.41 -0.08 8.35
CA SER M 376 9.87 1.17 8.88
C SER M 376 10.37 1.56 10.27
N ALA M 377 10.86 0.61 11.05
CA ALA M 377 11.40 0.90 12.38
C ALA M 377 12.58 1.86 12.25
N LYS M 378 12.66 2.81 13.20
CA LYS M 378 13.70 3.80 13.21
C LYS M 378 14.55 3.52 14.44
N PRO M 379 15.55 2.63 14.32
CA PRO M 379 16.44 2.35 15.43
C PRO M 379 17.44 3.52 15.60
N LYS M 380 17.62 3.99 16.83
CA LYS M 380 18.55 5.06 17.11
C LYS M 380 20.03 4.58 17.07
N VAL M 381 20.45 4.10 15.90
CA VAL M 381 21.80 3.57 15.67
C VAL M 381 22.25 3.89 14.27
N LEU M 382 23.49 4.32 14.09
CA LEU M 382 24.02 4.65 12.74
C LEU M 382 24.23 3.39 11.95
N LEU M 383 23.51 3.29 10.82
CA LEU M 383 23.58 2.12 9.93
C LEU M 383 24.38 2.53 8.67
N ASP M 384 25.22 1.60 8.18
CA ASP M 384 25.99 1.81 6.95
C ASP M 384 25.18 1.74 5.71
N VAL M 385 24.19 0.83 5.71
CA VAL M 385 23.19 0.71 4.63
C VAL M 385 21.79 0.83 5.23
N LYS M 386 20.90 1.53 4.54
CA LYS M 386 19.46 1.56 4.87
C LYS M 386 18.84 0.45 4.00
N LEU M 387 17.86 -0.26 4.58
CA LEU M 387 17.27 -1.46 3.97
C LEU M 387 15.79 -1.26 3.64
N LYS M 388 15.40 -1.62 2.39
CA LYS M 388 14.00 -1.52 1.94
C LYS M 388 13.22 -2.75 2.41
N ALA M 389 11.89 -2.68 2.33
CA ALA M 389 11.01 -3.75 2.85
C ALA M 389 11.11 -5.07 2.08
N GLU M 390 11.38 -4.98 0.78
CA GLU M 390 11.64 -6.15 -0.07
C GLU M 390 12.87 -6.96 0.36
N ASP M 391 13.81 -6.33 1.07
CA ASP M 391 15.01 -7.01 1.59
C ASP M 391 14.69 -7.97 2.74
N PHE M 392 13.57 -7.77 3.44
CA PHE M 392 13.18 -8.58 4.58
C PHE M 392 12.19 -9.69 4.22
N ILE M 393 12.31 -10.83 4.91
CA ILE M 393 11.29 -11.87 4.92
C ILE M 393 10.88 -12.10 6.36
N VAL M 394 9.57 -12.10 6.58
CA VAL M 394 9.02 -12.40 7.90
C VAL M 394 8.17 -13.66 7.73
N ASP M 395 8.46 -14.65 8.56
CA ASP M 395 7.88 -15.98 8.46
C ASP M 395 7.11 -16.19 9.76
N VAL M 396 5.80 -16.25 9.69
CA VAL M 396 4.97 -16.43 10.89
C VAL M 396 4.53 -17.88 10.95
N ILE M 397 4.67 -18.46 12.15
CA ILE M 397 4.47 -19.90 12.35
C ILE M 397 3.55 -20.13 13.56
N ASN M 398 2.47 -20.87 13.35
CA ASN M 398 1.54 -21.22 14.41
C ASN M 398 1.87 -22.60 14.95
N MET M 399 2.36 -22.65 16.19
CA MET M 399 2.63 -23.90 16.90
C MET M 399 1.43 -24.16 17.81
N ASP M 400 0.80 -25.33 17.67
CA ASP M 400 -0.36 -25.68 18.48
C ASP M 400 -0.38 -27.17 18.79
N TYR M 401 -1.43 -27.59 19.49
CA TYR M 401 -1.67 -29.00 19.78
C TYR M 401 -2.72 -29.57 18.81
N GLY M 402 -2.72 -29.07 17.58
CA GLY M 402 -3.56 -29.62 16.53
C GLY M 402 -4.98 -29.13 16.48
N MET M 403 -5.40 -28.31 17.44
CA MET M 403 -6.78 -27.80 17.47
C MET M 403 -6.73 -26.34 17.88
N GLN M 404 -5.89 -25.59 17.17
CA GLN M 404 -5.68 -24.18 17.45
C GLN M 404 -5.51 -24.01 18.98
N GLU M 405 -6.35 -23.19 19.60
CA GLU M 405 -6.18 -22.84 21.00
C GLU M 405 -6.68 -23.90 21.97
N LYS M 406 -7.34 -24.94 21.47
CA LYS M 406 -7.94 -25.98 22.32
C LYS M 406 -6.96 -27.06 22.76
N ASN M 407 -7.28 -27.65 23.91
CA ASN M 407 -6.58 -28.80 24.48
C ASN M 407 -7.27 -30.03 23.85
N PRO M 408 -6.53 -30.79 23.03
CA PRO M 408 -7.17 -31.94 22.37
C PRO M 408 -7.55 -33.07 23.33
N ILE M 409 -6.91 -33.15 24.49
CA ILE M 409 -7.23 -34.16 25.50
C ILE M 409 -8.62 -33.95 26.10
N ASP M 410 -9.08 -32.71 26.14
CA ASP M 410 -10.47 -32.42 26.51
C ASP M 410 -11.47 -32.97 25.47
N HIS M 411 -11.00 -33.28 24.26
CA HIS M 411 -11.80 -34.02 23.27
C HIS M 411 -11.37 -35.50 23.08
N VAL M 412 -10.90 -36.15 24.15
CA VAL M 412 -10.64 -37.60 24.14
C VAL M 412 -11.55 -38.25 25.18
N SER M 413 -12.08 -39.42 24.82
CA SER M 413 -12.88 -40.21 25.74
C SER M 413 -12.03 -41.34 26.36
N PHE M 414 -12.29 -41.60 27.64
CA PHE M 414 -11.52 -42.58 28.41
C PHE M 414 -12.37 -43.69 29.03
N TYR M 415 -11.75 -44.80 29.42
CA TYR M 415 -12.43 -45.87 30.17
C TYR M 415 -11.60 -46.37 31.34
N CYS M 416 -12.26 -47.00 32.31
CA CYS M 416 -11.58 -47.53 33.49
C CYS M 416 -11.56 -49.04 33.49
N LYS M 417 -10.58 -49.61 34.21
CA LYS M 417 -10.46 -51.08 34.31
C LYS M 417 -11.72 -51.67 34.91
N THR M 418 -12.23 -51.00 35.93
CA THR M 418 -13.44 -51.43 36.64
C THR M 418 -14.73 -51.32 35.83
N ALA M 419 -14.79 -50.45 34.81
CA ALA M 419 -15.98 -50.27 33.97
C ALA M 419 -15.59 -49.96 32.51
N PRO M 420 -15.20 -50.99 31.77
CA PRO M 420 -14.59 -50.76 30.46
C PRO M 420 -15.56 -50.35 29.35
N ASN M 421 -16.87 -50.43 29.59
CA ASN M 421 -17.83 -49.90 28.62
C ASN M 421 -18.27 -48.50 28.93
N ARG M 422 -17.95 -48.01 30.13
CA ARG M 422 -18.36 -46.67 30.53
C ARG M 422 -17.29 -45.64 30.22
N ALA M 423 -17.61 -44.78 29.25
CA ALA M 423 -16.73 -43.71 28.80
C ALA M 423 -16.81 -42.55 29.76
N ILE M 424 -15.70 -41.84 29.88
CA ILE M 424 -15.57 -40.68 30.78
C ILE M 424 -14.66 -39.62 30.18
N ARG M 425 -14.58 -38.48 30.87
CA ARG M 425 -13.67 -37.38 30.52
C ARG M 425 -12.64 -37.17 31.63
N ILE M 426 -11.43 -36.79 31.24
CA ILE M 426 -10.39 -36.43 32.19
C ILE M 426 -9.94 -35.00 31.85
N THR M 427 -10.12 -34.08 32.80
CA THR M 427 -9.73 -32.68 32.60
C THR M 427 -8.22 -32.52 32.74
N LYS M 428 -7.72 -31.32 32.52
CA LYS M 428 -6.30 -31.06 32.74
C LYS M 428 -5.92 -31.14 34.21
N ASN M 429 -6.77 -30.62 35.09
CA ASN M 429 -6.47 -30.57 36.54
C ASN M 429 -6.36 -31.93 37.19
N GLN M 430 -7.10 -32.89 36.64
CA GLN M 430 -7.08 -34.26 37.12
C GLN M 430 -5.77 -35.00 36.83
N VAL M 431 -4.96 -34.48 35.90
CA VAL M 431 -3.72 -35.14 35.48
C VAL M 431 -2.47 -34.55 36.17
N SER M 432 -2.19 -33.27 35.92
CA SER M 432 -0.94 -32.66 36.41
C SER M 432 -0.95 -31.13 36.37
N GLN M 433 -0.23 -30.54 37.33
CA GLN M 433 0.06 -29.10 37.36
C GLN M 433 1.24 -28.69 36.48
N LEU M 434 2.01 -29.65 35.98
CA LEU M 434 3.17 -29.36 35.14
C LEU M 434 2.86 -29.38 33.63
N LEU M 435 1.58 -29.48 33.27
CA LEU M 435 1.19 -29.43 31.88
C LEU M 435 1.23 -28.01 31.33
N PRO M 436 1.11 -27.86 30.01
CA PRO M 436 1.09 -26.52 29.42
C PRO M 436 -0.06 -25.66 29.89
N GLU M 437 0.18 -24.36 30.01
CA GLU M 437 -0.85 -23.40 30.39
C GLU M 437 -1.72 -23.11 29.17
N LYS M 438 -1.07 -22.80 28.05
CA LYS M 438 -1.73 -22.59 26.76
C LYS M 438 -1.45 -23.77 25.84
N PHE M 439 -2.20 -23.86 24.73
CA PHE M 439 -2.02 -24.91 23.72
C PHE M 439 -1.82 -24.39 22.30
N ALA M 440 -1.43 -23.13 22.19
CA ALA M 440 -1.11 -22.49 20.91
C ALA M 440 -0.31 -21.22 21.12
N GLU M 441 0.57 -20.92 20.17
CA GLU M 441 1.37 -19.70 20.20
C GLU M 441 1.83 -19.38 18.79
N GLN M 442 2.51 -18.25 18.63
CA GLN M 442 3.05 -17.84 17.35
C GLN M 442 4.54 -17.60 17.43
N LEU M 443 5.25 -18.01 16.40
CA LEU M 443 6.67 -17.73 16.24
C LEU M 443 6.89 -16.89 15.01
N ILE M 444 7.67 -15.82 15.17
CA ILE M 444 7.96 -14.90 14.09
C ILE M 444 9.46 -14.93 13.87
N ARG M 445 9.86 -15.49 12.73
CA ARG M 445 11.25 -15.46 12.27
C ARG M 445 11.41 -14.36 11.25
N VAL M 446 12.52 -13.64 11.36
CA VAL M 446 12.87 -12.60 10.41
C VAL M 446 14.19 -12.98 9.76
N TYR M 447 14.22 -12.90 8.42
CA TYR M 447 15.45 -13.12 7.66
C TYR M 447 15.69 -11.92 6.76
N CYS M 448 16.95 -11.77 6.31
CA CYS M 448 17.36 -10.68 5.43
C CYS M 448 17.96 -11.23 4.14
N LYS M 449 17.49 -10.70 3.00
CA LYS M 449 17.94 -11.17 1.68
C LYS M 449 19.38 -10.77 1.36
N LYS M 450 19.83 -9.66 1.92
CA LYS M 450 21.21 -9.21 1.75
C LYS M 450 22.12 -9.89 2.78
N VAL M 451 23.11 -10.60 2.25
CA VAL M 451 23.94 -11.55 3.00
C VAL M 451 25.13 -10.87 3.72
N ASP M 452 25.67 -9.81 3.13
CA ASP M 452 26.95 -9.16 3.57
C ASP M 452 27.03 -8.67 5.02
N ARG M 453 28.26 -8.50 5.50
CA ARG M 453 28.55 -8.13 6.89
C ARG M 453 27.81 -6.85 7.32
N LYS M 454 27.85 -5.83 6.46
CA LYS M 454 27.22 -4.53 6.74
C LYS M 454 25.70 -4.60 6.85
N SER M 455 25.06 -5.29 5.91
CA SER M 455 23.59 -5.37 5.84
C SER M 455 22.97 -6.25 6.92
N LEU M 456 23.70 -7.27 7.33
CA LEU M 456 23.26 -8.14 8.41
C LEU M 456 23.23 -7.40 9.75
N TYR M 457 24.25 -6.60 10.04
CA TYR M 457 24.26 -5.76 11.24
C TYR M 457 23.04 -4.83 11.27
N ALA M 458 22.78 -4.20 10.12
CA ALA M 458 21.65 -3.31 9.97
C ALA M 458 20.35 -4.02 10.25
N ALA M 459 20.16 -5.15 9.55
CA ALA M 459 18.95 -5.96 9.69
C ALA M 459 18.65 -6.29 11.15
N ARG M 460 19.70 -6.67 11.88
CA ARG M 460 19.60 -6.94 13.32
C ARG M 460 19.06 -5.77 14.12
N GLN M 461 19.54 -4.56 13.80
CA GLN M 461 19.09 -3.36 14.49
C GLN M 461 17.61 -3.07 14.16
N TYR M 462 17.23 -3.17 12.89
CA TYR M 462 15.81 -3.04 12.49
C TYR M 462 14.90 -4.04 13.23
N PHE M 463 15.32 -5.29 13.26
CA PHE M 463 14.54 -6.37 13.87
C PHE M 463 14.32 -6.15 15.37
N VAL M 464 15.41 -5.95 16.11
CA VAL M 464 15.33 -5.83 17.58
C VAL M 464 14.55 -4.59 17.98
N GLN M 465 14.58 -3.56 17.14
CA GLN M 465 13.75 -2.36 17.33
C GLN M 465 12.30 -2.69 17.11
N TRP M 466 12.00 -3.27 15.94
CA TRP M 466 10.66 -3.70 15.60
C TRP M 466 9.99 -4.53 16.71
N CYS M 467 10.80 -5.38 17.36
CA CYS M 467 10.35 -6.16 18.52
C CYS M 467 9.92 -5.27 19.71
N ALA M 468 10.79 -4.32 20.07
CA ALA M 468 10.45 -3.34 21.11
C ALA M 468 9.26 -2.46 20.71
N ASP M 469 9.21 -2.09 19.43
CA ASP M 469 8.10 -1.28 18.87
C ASP M 469 6.72 -1.91 19.02
N ARG M 470 6.64 -3.23 18.87
CA ARG M 470 5.35 -3.93 18.93
C ARG M 470 5.08 -4.70 20.23
N ASN M 471 5.94 -4.46 21.24
CA ASN M 471 5.86 -5.14 22.53
C ASN M 471 5.89 -6.66 22.38
N PHE M 472 6.84 -7.13 21.56
CA PHE M 472 7.16 -8.55 21.42
C PHE M 472 8.25 -8.95 22.38
N THR M 473 8.48 -10.26 22.51
CA THR M 473 9.49 -10.79 23.41
C THR M 473 10.88 -10.41 22.92
N LYS M 474 11.80 -10.25 23.86
CA LYS M 474 13.18 -9.94 23.55
C LYS M 474 13.79 -11.15 22.86
N PRO M 475 14.43 -10.94 21.69
CA PRO M 475 15.18 -12.03 21.10
C PRO M 475 16.17 -12.64 22.09
N GLN M 476 16.31 -13.96 22.07
CA GLN M 476 17.19 -14.68 23.01
C GLN M 476 18.61 -14.16 22.96
N ASP M 477 19.10 -13.93 21.74
CA ASP M 477 20.42 -13.35 21.46
C ASP M 477 20.45 -11.81 21.44
N GLY M 478 19.40 -11.17 21.97
CA GLY M 478 19.12 -9.76 21.71
C GLY M 478 20.17 -8.79 22.19
N ASP M 479 20.66 -9.03 23.40
CA ASP M 479 21.70 -8.17 24.01
C ASP M 479 23.01 -8.23 23.24
N VAL M 480 23.27 -9.36 22.58
CA VAL M 480 24.49 -9.50 21.79
C VAL M 480 24.35 -8.79 20.45
N ILE M 481 23.35 -9.17 19.66
CA ILE M 481 23.22 -8.69 18.28
C ILE M 481 22.91 -7.19 18.14
N ALA M 482 22.14 -6.65 19.09
CA ALA M 482 21.74 -5.25 19.07
C ALA M 482 21.87 -4.64 20.45
N PRO M 483 23.12 -4.46 20.90
CA PRO M 483 23.37 -4.06 22.29
C PRO M 483 22.91 -2.62 22.56
N LEU M 484 22.84 -1.80 21.52
CA LEU M 484 22.42 -0.43 21.66
C LEU M 484 20.89 -0.27 21.83
N ILE M 485 20.14 -1.28 21.37
CA ILE M 485 18.67 -1.19 21.29
C ILE M 485 17.93 -1.80 22.51
N THR M 486 18.46 -2.89 23.06
CA THR M 486 17.79 -3.61 24.14
C THR M 486 17.57 -2.85 25.48
N PRO M 487 18.50 -1.94 25.86
CA PRO M 487 18.22 -1.16 27.06
C PRO M 487 17.02 -0.20 26.92
N GLN M 488 16.76 0.28 25.68
CA GLN M 488 15.60 1.11 25.39
C GLN M 488 14.28 0.63 26.01
N LYS M 489 14.00 -0.67 25.91
CA LYS M 489 12.72 -1.23 26.43
C LYS M 489 12.77 -1.45 27.94
N LYS M 490 11.86 -0.76 28.65
CA LYS M 490 11.74 -0.85 30.11
C LYS M 490 11.35 -2.24 30.56
N GLU M 491 10.45 -2.88 29.80
CA GLU M 491 9.98 -4.23 30.08
C GLU M 491 11.03 -5.34 29.99
N TRP M 492 12.16 -5.11 29.34
CA TRP M 492 13.24 -6.14 29.19
C TRP M 492 14.29 -5.98 30.31
N MET N 9 33.90 -24.48 13.23
CA MET N 9 33.39 -25.81 12.78
C MET N 9 31.90 -25.76 12.58
N LYS N 10 31.40 -26.66 11.77
CA LYS N 10 29.99 -26.78 11.55
C LYS N 10 29.54 -28.16 11.94
N VAL N 11 28.43 -28.25 12.66
CA VAL N 11 27.91 -29.52 13.15
C VAL N 11 26.72 -29.95 12.32
N ILE N 12 26.66 -31.24 12.00
CA ILE N 12 25.63 -31.79 11.11
C ILE N 12 25.17 -33.12 11.69
N ASN N 13 23.85 -33.38 11.69
CA ASN N 13 23.26 -34.57 12.34
C ASN N 13 22.88 -35.68 11.35
N ASP N 14 23.81 -36.61 11.20
CA ASP N 14 23.62 -37.83 10.43
C ASP N 14 22.95 -38.87 11.34
N PRO N 15 21.90 -39.57 10.85
CA PRO N 15 21.25 -40.58 11.69
C PRO N 15 22.11 -41.78 12.02
N ILE N 16 23.14 -42.04 11.23
CA ILE N 16 24.01 -43.17 11.48
C ILE N 16 25.07 -42.81 12.50
N HIS N 17 25.85 -41.77 12.21
CA HIS N 17 27.03 -41.44 13.02
C HIS N 17 26.79 -40.39 14.08
N GLY N 18 25.60 -39.78 14.10
CA GLY N 18 25.24 -38.79 15.12
C GLY N 18 25.65 -37.40 14.68
N HIS N 19 26.23 -36.63 15.60
CA HIS N 19 26.65 -35.27 15.31
C HIS N 19 28.11 -35.20 14.89
N ILE N 20 28.28 -35.05 13.59
CA ILE N 20 29.59 -34.93 12.98
C ILE N 20 30.00 -33.46 13.03
N GLU N 21 31.28 -33.20 13.29
CA GLU N 21 31.85 -31.87 13.05
C GLU N 21 32.49 -31.83 11.67
N LEU N 22 32.34 -30.70 10.99
CA LEU N 22 32.89 -30.51 9.64
C LEU N 22 33.82 -29.31 9.65
N HIS N 23 35.07 -29.54 9.25
CA HIS N 23 36.06 -28.49 9.14
C HIS N 23 35.70 -27.51 8.00
N PRO N 24 35.92 -26.19 8.21
CA PRO N 24 35.46 -25.22 7.22
C PRO N 24 35.86 -25.51 5.76
N LEU N 25 37.05 -26.05 5.56
CA LEU N 25 37.51 -26.54 4.26
C LEU N 25 36.58 -27.58 3.65
N LEU N 26 36.12 -28.50 4.49
CA LEU N 26 35.20 -29.55 4.04
C LEU N 26 33.86 -28.95 3.66
N VAL N 27 33.35 -28.07 4.51
CA VAL N 27 32.08 -27.37 4.24
C VAL N 27 32.14 -26.65 2.89
N ARG N 28 33.28 -26.03 2.62
CA ARG N 28 33.51 -25.30 1.38
C ARG N 28 33.51 -26.20 0.17
N ILE N 29 34.01 -27.43 0.34
CA ILE N 29 33.95 -28.48 -0.69
C ILE N 29 32.53 -29.03 -0.85
N ILE N 30 31.86 -29.26 0.27
CA ILE N 30 30.49 -29.78 0.27
C ILE N 30 29.51 -28.85 -0.45
N ASP N 31 29.61 -27.55 -0.19
CA ASP N 31 28.69 -26.58 -0.79
C ASP N 31 29.13 -26.15 -2.20
N THR N 32 29.12 -27.13 -3.09
CA THR N 32 29.44 -26.95 -4.50
C THR N 32 28.45 -27.78 -5.32
N PRO N 33 28.13 -27.35 -6.57
CA PRO N 33 27.23 -28.16 -7.40
C PRO N 33 27.70 -29.59 -7.66
N GLN N 34 29.02 -29.79 -7.69
CA GLN N 34 29.61 -31.10 -8.00
C GLN N 34 29.34 -32.13 -6.87
N PHE N 35 29.37 -31.64 -5.63
CA PHE N 35 29.10 -32.46 -4.45
C PHE N 35 27.62 -32.56 -4.12
N GLN N 36 26.91 -31.43 -4.07
CA GLN N 36 25.46 -31.43 -3.78
C GLN N 36 24.68 -32.26 -4.80
N ARG N 37 25.25 -32.40 -6.02
CA ARG N 37 24.79 -33.38 -7.02
C ARG N 37 24.48 -34.77 -6.44
N LEU N 38 25.29 -35.23 -5.48
CA LEU N 38 25.09 -36.54 -4.88
C LEU N 38 23.79 -36.68 -4.08
N ARG N 39 23.15 -35.56 -3.73
CA ARG N 39 21.78 -35.59 -3.14
C ARG N 39 20.76 -36.25 -4.07
N TYR N 40 21.02 -36.23 -5.37
CA TYR N 40 20.04 -36.66 -6.35
C TYR N 40 20.45 -37.99 -7.02
N ILE N 41 21.21 -38.82 -6.31
CA ILE N 41 21.61 -40.16 -6.79
C ILE N 41 21.45 -41.14 -5.64
N LYS N 42 20.56 -42.13 -5.77
CA LYS N 42 20.28 -43.09 -4.69
C LYS N 42 21.41 -44.09 -4.52
N GLN N 43 21.63 -44.49 -3.27
CA GLN N 43 22.73 -45.39 -2.92
C GLN N 43 22.53 -46.72 -3.63
N LEU N 44 21.32 -47.25 -3.50
CA LEU N 44 21.02 -48.60 -3.94
C LEU N 44 20.27 -48.68 -5.25
N GLY N 45 20.36 -47.61 -6.02
CA GLY N 45 19.76 -47.57 -7.34
C GLY N 45 18.35 -48.09 -7.34
N GLY N 46 18.15 -49.16 -8.14
CA GLY N 46 16.84 -49.79 -8.28
C GLY N 46 16.37 -50.56 -7.07
N GLY N 47 17.26 -50.76 -6.08
CA GLY N 47 16.88 -51.35 -4.80
C GLY N 47 15.74 -50.67 -4.06
N TYR N 48 15.61 -49.35 -4.22
CA TYR N 48 14.48 -48.60 -3.64
C TYR N 48 13.12 -49.16 -4.09
N TYR N 49 13.06 -49.67 -5.31
CA TYR N 49 11.84 -50.28 -5.84
C TYR N 49 11.53 -51.69 -5.28
N VAL N 50 12.43 -52.23 -4.46
CA VAL N 50 12.19 -53.48 -3.69
C VAL N 50 12.19 -53.24 -2.17
N PHE N 51 13.15 -52.47 -1.67
CA PHE N 51 13.22 -52.12 -0.23
C PHE N 51 12.76 -50.69 -0.07
N PRO N 52 11.51 -50.48 0.35
CA PRO N 52 10.98 -49.12 0.34
C PRO N 52 11.61 -48.19 1.37
N GLY N 53 12.43 -48.70 2.28
CA GLY N 53 13.22 -47.83 3.14
C GLY N 53 14.37 -47.11 2.47
N ALA N 54 14.93 -47.72 1.41
CA ALA N 54 16.22 -47.35 0.75
C ALA N 54 16.25 -46.11 -0.17
N SER N 55 15.60 -45.06 0.33
CA SER N 55 15.51 -43.75 -0.30
C SER N 55 16.84 -43.00 -0.23
N HIS N 56 17.69 -43.37 0.73
CA HIS N 56 18.99 -42.74 0.94
C HIS N 56 19.88 -42.61 -0.30
N ASN N 57 20.64 -41.52 -0.31
CA ASN N 57 21.42 -41.03 -1.42
C ASN N 57 22.90 -41.02 -1.09
N ARG N 58 23.72 -40.88 -2.12
CA ARG N 58 25.18 -40.84 -1.94
C ARG N 58 25.66 -39.70 -1.04
N PHE N 59 25.01 -38.55 -1.15
CA PHE N 59 25.37 -37.38 -0.35
C PHE N 59 25.71 -37.75 1.09
N GLU N 60 24.75 -38.35 1.79
CA GLU N 60 24.91 -38.67 3.21
C GLU N 60 25.91 -39.80 3.46
N HIS N 61 26.01 -40.75 2.52
CA HIS N 61 27.07 -41.78 2.53
C HIS N 61 28.44 -41.10 2.46
N SER N 62 28.60 -40.23 1.46
CA SER N 62 29.84 -39.48 1.28
C SER N 62 30.22 -38.73 2.57
N LEU N 63 29.27 -38.09 3.22
CA LEU N 63 29.53 -37.44 4.52
C LEU N 63 30.08 -38.43 5.55
N GLY N 64 29.39 -39.56 5.68
CA GLY N 64 29.77 -40.58 6.65
C GLY N 64 31.14 -41.18 6.42
N VAL N 65 31.49 -41.39 5.16
CA VAL N 65 32.80 -41.95 4.83
C VAL N 65 33.89 -40.93 5.19
N GLY N 66 33.65 -39.66 4.89
CA GLY N 66 34.54 -38.59 5.32
C GLY N 66 34.72 -38.58 6.82
N TYR N 67 33.61 -38.73 7.55
CA TYR N 67 33.64 -38.74 9.01
C TYR N 67 34.49 -39.87 9.57
N LEU N 68 34.22 -41.08 9.11
CA LEU N 68 34.91 -42.27 9.60
C LEU N 68 36.38 -42.29 9.21
N ALA N 69 36.68 -41.77 8.02
CA ALA N 69 38.05 -41.56 7.65
C ALA N 69 38.76 -40.71 8.72
N GLY N 70 38.12 -39.61 9.11
CA GLY N 70 38.60 -38.74 10.18
C GLY N 70 38.78 -39.46 11.50
N CYS N 71 37.80 -40.29 11.84
CA CYS N 71 37.86 -41.06 13.08
C CYS N 71 39.06 -41.98 13.16
N LEU N 72 39.27 -42.76 12.09
CA LEU N 72 40.32 -43.76 12.09
C LEU N 72 41.70 -43.12 12.12
N VAL N 73 41.92 -42.17 11.22
CA VAL N 73 43.23 -41.51 11.14
C VAL N 73 43.55 -40.74 12.44
N HIS N 74 42.54 -40.05 12.98
CA HIS N 74 42.69 -39.28 14.22
C HIS N 74 42.97 -40.23 15.40
N ALA N 75 42.34 -41.40 15.39
CA ALA N 75 42.53 -42.40 16.43
C ALA N 75 43.94 -42.99 16.42
N LEU N 76 44.45 -43.29 15.22
CA LEU N 76 45.79 -43.83 15.09
C LEU N 76 46.80 -42.83 15.63
N GLY N 77 46.58 -41.55 15.31
CA GLY N 77 47.42 -40.45 15.77
C GLY N 77 47.48 -40.27 17.27
N GLU N 78 46.34 -40.41 17.94
CA GLU N 78 46.28 -40.36 19.41
C GLU N 78 47.01 -41.56 19.98
N LYS N 79 46.69 -42.75 19.48
CA LYS N 79 47.30 -44.01 19.94
C LYS N 79 48.82 -44.05 19.70
N GLN N 80 49.29 -43.47 18.59
CA GLN N 80 50.71 -43.56 18.20
C GLN N 80 51.26 -42.22 17.67
N PRO N 81 51.72 -41.34 18.58
CA PRO N 81 52.32 -40.06 18.16
C PRO N 81 53.56 -40.23 17.29
N GLU N 82 54.33 -41.30 17.53
CA GLU N 82 55.49 -41.66 16.70
C GLU N 82 55.26 -41.62 15.19
N LEU N 83 54.03 -41.81 14.75
CA LEU N 83 53.68 -41.78 13.32
C LEU N 83 53.72 -40.38 12.69
N GLN N 84 53.61 -39.36 13.54
CA GLN N 84 53.60 -37.95 13.14
C GLN N 84 52.61 -37.72 12.02
N ILE N 85 51.36 -37.95 12.39
CA ILE N 85 50.23 -37.69 11.54
C ILE N 85 49.86 -36.24 11.80
N SER N 86 50.01 -35.40 10.78
CA SER N 86 49.68 -33.96 10.89
C SER N 86 48.19 -33.71 10.65
N GLU N 87 47.68 -32.59 11.17
CA GLU N 87 46.30 -32.20 10.85
C GLU N 87 46.11 -31.91 9.38
N ARG N 88 47.22 -31.72 8.68
CA ARG N 88 47.23 -31.69 7.22
C ARG N 88 46.89 -33.06 6.65
N ASP N 89 47.54 -34.11 7.16
CA ASP N 89 47.23 -35.47 6.75
C ASP N 89 45.77 -35.81 7.03
N VAL N 90 45.30 -35.48 8.24
CA VAL N 90 43.92 -35.75 8.67
C VAL N 90 42.93 -35.13 7.69
N LEU N 91 43.10 -33.84 7.42
CA LEU N 91 42.22 -33.15 6.49
C LEU N 91 42.19 -33.80 5.13
N CYS N 92 43.37 -34.17 4.63
CA CYS N 92 43.48 -34.81 3.31
C CYS N 92 42.74 -36.14 3.25
N VAL N 93 42.82 -36.91 4.33
CA VAL N 93 42.12 -38.19 4.42
C VAL N 93 40.61 -37.97 4.47
N GLN N 94 40.17 -37.03 5.30
CA GLN N 94 38.75 -36.64 5.36
C GLN N 94 38.23 -36.23 3.98
N ILE N 95 38.98 -35.36 3.31
CA ILE N 95 38.58 -34.87 1.97
C ILE N 95 38.45 -36.03 0.99
N ALA N 96 39.38 -36.98 1.06
CA ALA N 96 39.33 -38.15 0.18
C ALA N 96 38.07 -38.95 0.44
N GLY N 97 37.83 -39.27 1.70
CA GLY N 97 36.63 -39.98 2.13
C GLY N 97 35.36 -39.28 1.69
N LEU N 98 35.33 -37.97 1.89
CA LEU N 98 34.19 -37.14 1.51
C LEU N 98 33.88 -37.23 0.01
N CYS N 99 34.93 -37.13 -0.80
CA CYS N 99 34.81 -37.07 -2.24
C CYS N 99 34.94 -38.42 -2.95
N HIS N 100 35.01 -39.52 -2.20
CA HIS N 100 35.44 -40.79 -2.80
C HIS N 100 34.44 -41.36 -3.82
N ASP N 101 33.16 -41.06 -3.64
CA ASP N 101 32.12 -41.50 -4.57
C ASP N 101 31.46 -40.31 -5.24
N LEU N 102 32.25 -39.28 -5.54
CA LEU N 102 31.79 -38.14 -6.33
C LEU N 102 31.37 -38.48 -7.76
N GLY N 103 31.97 -39.56 -8.30
CA GLY N 103 31.79 -39.94 -9.69
C GLY N 103 30.79 -41.04 -10.01
N HIS N 104 29.89 -41.38 -9.08
CA HIS N 104 28.84 -42.34 -9.43
C HIS N 104 27.86 -41.73 -10.39
N GLY N 105 27.35 -42.56 -11.28
CA GLY N 105 26.31 -42.13 -12.20
C GLY N 105 24.91 -42.26 -11.64
N PRO N 106 23.89 -41.94 -12.46
CA PRO N 106 22.49 -42.20 -12.12
C PRO N 106 22.30 -43.65 -11.68
N PHE N 107 21.61 -43.83 -10.58
CA PHE N 107 21.38 -45.15 -9.96
C PHE N 107 22.69 -45.90 -9.62
N SER N 108 23.69 -45.12 -9.18
CA SER N 108 24.93 -45.62 -8.60
C SER N 108 25.63 -46.69 -9.45
N HIS N 109 25.49 -47.96 -9.05
CA HIS N 109 26.30 -49.02 -9.62
C HIS N 109 25.69 -49.57 -10.92
N MET N 110 24.38 -49.36 -11.09
CA MET N 110 23.74 -49.58 -12.37
C MET N 110 24.49 -48.88 -13.51
N PHE N 111 24.96 -47.65 -13.26
CA PHE N 111 25.59 -46.84 -14.31
C PHE N 111 26.94 -47.39 -14.77
N ASP N 112 27.88 -47.50 -13.83
CA ASP N 112 29.22 -47.99 -14.15
C ASP N 112 29.27 -49.52 -14.36
N GLY N 113 28.26 -50.23 -13.83
CA GLY N 113 28.21 -51.70 -13.86
C GLY N 113 27.40 -52.35 -14.97
N ARG N 114 26.34 -51.68 -15.44
CA ARG N 114 25.48 -52.21 -16.53
C ARG N 114 25.47 -51.32 -17.76
N PHE N 115 25.10 -50.05 -17.58
CA PHE N 115 24.84 -49.13 -18.69
C PHE N 115 26.06 -48.78 -19.55
N ILE N 116 27.08 -48.21 -18.94
CA ILE N 116 28.28 -47.78 -19.69
C ILE N 116 28.96 -48.95 -20.43
N PRO N 117 29.11 -50.12 -19.78
CA PRO N 117 29.60 -51.30 -20.50
C PRO N 117 28.79 -51.70 -21.75
N LEU N 118 27.48 -51.50 -21.73
CA LEU N 118 26.63 -51.79 -22.90
C LEU N 118 26.64 -50.65 -23.91
N ALA N 119 26.46 -49.42 -23.45
CA ALA N 119 26.40 -48.26 -24.32
C ALA N 119 27.72 -47.98 -25.04
N ARG N 120 28.84 -48.15 -24.35
CA ARG N 120 30.17 -47.83 -24.91
C ARG N 120 31.18 -48.91 -24.53
N PRO N 121 31.10 -50.09 -25.19
CA PRO N 121 31.98 -51.24 -24.89
C PRO N 121 33.48 -50.96 -25.07
N GLU N 122 33.82 -49.99 -25.92
CA GLU N 122 35.21 -49.57 -26.12
C GLU N 122 35.91 -49.00 -24.87
N VAL N 123 35.16 -48.32 -23.99
CA VAL N 123 35.75 -47.59 -22.85
C VAL N 123 35.90 -48.51 -21.64
N LYS N 124 36.99 -48.34 -20.89
CA LYS N 124 37.14 -48.91 -19.55
C LYS N 124 36.95 -47.74 -18.58
N TRP N 125 35.76 -47.66 -17.99
CA TRP N 125 35.37 -46.56 -17.08
C TRP N 125 34.75 -47.08 -15.79
N THR N 126 35.13 -46.48 -14.66
CA THR N 126 34.62 -46.85 -13.32
C THR N 126 34.17 -45.60 -12.55
N HIS N 127 33.34 -45.81 -11.53
CA HIS N 127 32.86 -44.69 -10.72
C HIS N 127 34.04 -43.95 -10.05
N GLU N 128 35.11 -44.68 -9.72
CA GLU N 128 36.30 -44.11 -9.10
C GLU N 128 37.02 -43.12 -10.03
N GLN N 129 37.26 -43.56 -11.26
CA GLN N 129 37.90 -42.68 -12.25
C GLN N 129 37.10 -41.40 -12.40
N GLY N 130 35.77 -41.55 -12.42
CA GLY N 130 34.87 -40.41 -12.42
C GLY N 130 35.07 -39.49 -11.23
N SER N 131 35.21 -40.07 -10.05
CA SER N 131 35.41 -39.28 -8.83
C SER N 131 36.67 -38.42 -8.91
N VAL N 132 37.76 -38.97 -9.44
CA VAL N 132 39.00 -38.21 -9.62
C VAL N 132 38.79 -37.01 -10.53
N MET N 133 38.19 -37.25 -11.69
CA MET N 133 37.91 -36.19 -12.64
C MET N 133 36.94 -35.16 -12.08
N MET N 134 35.89 -35.63 -11.43
CA MET N 134 34.90 -34.75 -10.81
C MET N 134 35.53 -33.93 -9.66
N PHE N 135 36.46 -34.54 -8.93
CA PHE N 135 37.18 -33.84 -7.87
C PHE N 135 37.99 -32.67 -8.44
N GLU N 136 38.76 -32.96 -9.49
CA GLU N 136 39.51 -31.94 -10.25
C GLU N 136 38.58 -30.80 -10.66
N HIS N 137 37.47 -31.13 -11.31
CA HIS N 137 36.47 -30.13 -11.74
C HIS N 137 35.92 -29.33 -10.58
N LEU N 138 35.66 -29.99 -9.45
CA LEU N 138 35.16 -29.31 -8.25
C LEU N 138 36.15 -28.27 -7.75
N ILE N 139 37.40 -28.68 -7.61
CA ILE N 139 38.46 -27.82 -7.10
C ILE N 139 38.63 -26.57 -7.99
N ASN N 140 38.70 -26.79 -9.29
CA ASN N 140 39.01 -25.73 -10.24
C ASN N 140 37.86 -24.76 -10.43
N SER N 141 36.65 -25.29 -10.62
CA SER N 141 35.47 -24.45 -10.84
C SER N 141 35.02 -23.67 -9.58
N ASN N 142 35.48 -24.06 -8.38
CA ASN N 142 35.08 -23.38 -7.14
C ASN N 142 36.21 -22.68 -6.37
N GLY N 143 37.40 -22.61 -6.94
CA GLY N 143 38.52 -21.89 -6.33
C GLY N 143 38.91 -22.39 -4.95
N ILE N 144 39.05 -23.70 -4.84
CA ILE N 144 39.32 -24.35 -3.56
C ILE N 144 40.80 -24.32 -3.22
N LYS N 145 41.66 -24.40 -4.24
CA LYS N 145 43.11 -24.33 -4.04
C LYS N 145 43.58 -23.23 -3.05
N PRO N 146 43.12 -21.97 -3.22
CA PRO N 146 43.42 -20.91 -2.23
C PRO N 146 43.01 -21.24 -0.79
N VAL N 147 41.86 -21.89 -0.65
CA VAL N 147 41.30 -22.24 0.66
C VAL N 147 42.11 -23.37 1.28
N MET N 148 42.56 -24.32 0.46
CA MET N 148 43.41 -25.41 0.94
C MET N 148 44.69 -24.84 1.54
N GLU N 149 45.32 -23.94 0.79
CA GLU N 149 46.50 -23.21 1.25
C GLU N 149 46.25 -22.49 2.57
N GLN N 150 45.13 -21.77 2.65
CA GLN N 150 44.73 -21.06 3.87
C GLN N 150 44.72 -21.96 5.12
N TYR N 151 44.36 -23.23 4.96
CA TYR N 151 44.36 -24.19 6.09
C TYR N 151 45.56 -25.15 6.08
N GLY N 152 46.69 -24.69 5.56
CA GLY N 152 47.95 -25.41 5.69
C GLY N 152 48.20 -26.58 4.75
N LEU N 153 47.39 -26.72 3.71
CA LEU N 153 47.64 -27.76 2.70
C LEU N 153 48.57 -27.26 1.61
N ILE N 154 49.12 -28.20 0.85
CA ILE N 154 49.97 -27.94 -0.30
C ILE N 154 49.32 -28.60 -1.51
N PRO N 155 48.52 -27.84 -2.29
CA PRO N 155 47.76 -28.41 -3.41
C PRO N 155 48.53 -29.32 -4.36
N GLU N 156 49.76 -28.96 -4.73
CA GLU N 156 50.61 -29.81 -5.58
C GLU N 156 50.65 -31.24 -5.04
N GLU N 157 51.20 -31.39 -3.84
CA GLU N 157 51.35 -32.68 -3.19
C GLU N 157 50.02 -33.30 -2.80
N ASP N 158 49.16 -32.51 -2.17
CA ASP N 158 47.98 -33.05 -1.50
C ASP N 158 46.84 -33.44 -2.42
N ILE N 159 46.61 -32.68 -3.49
CA ILE N 159 45.57 -33.05 -4.45
C ILE N 159 45.91 -34.38 -5.14
N CYS N 160 47.19 -34.66 -5.32
CA CYS N 160 47.63 -35.98 -5.77
C CYS N 160 47.31 -37.05 -4.73
N PHE N 161 47.69 -36.77 -3.47
CA PHE N 161 47.45 -37.68 -2.34
C PHE N 161 45.97 -38.04 -2.21
N ILE N 162 45.09 -37.06 -2.37
CA ILE N 162 43.65 -37.28 -2.30
C ILE N 162 43.19 -38.18 -3.45
N LYS N 163 43.59 -37.84 -4.67
CA LYS N 163 43.25 -38.64 -5.86
C LYS N 163 43.76 -40.06 -5.71
N GLU N 164 44.99 -40.19 -5.24
CA GLU N 164 45.60 -41.50 -5.03
C GLU N 164 44.85 -42.36 -4.01
N GLN N 165 44.34 -41.74 -2.94
CA GLN N 165 43.51 -42.48 -1.97
C GLN N 165 42.30 -43.13 -2.66
N ILE N 166 41.71 -42.40 -3.60
CA ILE N 166 40.46 -42.80 -4.26
C ILE N 166 40.66 -43.92 -5.27
N VAL N 167 41.56 -43.71 -6.23
CA VAL N 167 41.77 -44.66 -7.36
C VAL N 167 43.02 -45.52 -7.26
N GLY N 168 43.88 -45.27 -6.28
CA GLY N 168 45.18 -45.92 -6.23
C GLY N 168 46.19 -45.12 -7.04
N PRO N 169 47.33 -45.73 -7.40
CA PRO N 169 48.43 -44.94 -7.97
C PRO N 169 48.18 -44.37 -9.35
N LEU N 170 48.62 -43.12 -9.55
CA LEU N 170 48.61 -42.39 -10.82
C LEU N 170 50.00 -42.52 -11.44
N TRP N 179 58.07 -48.12 -4.42
CA TRP N 179 56.93 -47.39 -3.86
C TRP N 179 56.15 -46.60 -4.94
N PRO N 180 54.91 -47.01 -5.25
CA PRO N 180 54.18 -46.41 -6.37
C PRO N 180 53.55 -45.03 -6.17
N TYR N 181 53.48 -44.51 -4.95
CA TYR N 181 52.75 -43.27 -4.68
C TYR N 181 53.67 -42.05 -4.70
N LYS N 182 53.21 -40.98 -5.35
CA LYS N 182 53.90 -39.69 -5.35
C LYS N 182 53.33 -38.74 -4.28
N GLY N 183 52.15 -39.04 -3.74
CA GLY N 183 51.45 -38.15 -2.80
C GLY N 183 52.05 -38.14 -1.40
N ARG N 184 52.40 -39.32 -0.90
CA ARG N 184 53.05 -39.46 0.41
C ARG N 184 54.16 -40.50 0.36
N PRO N 185 55.15 -40.39 1.26
CA PRO N 185 56.24 -41.38 1.35
C PRO N 185 55.81 -42.72 1.98
N GLU N 186 56.72 -43.70 1.98
CA GLU N 186 56.45 -45.05 2.52
C GLU N 186 56.15 -45.10 4.01
N ASN N 187 56.72 -44.15 4.76
CA ASN N 187 56.48 -44.06 6.21
C ASN N 187 55.08 -43.57 6.59
N LYS N 188 54.24 -43.25 5.60
CA LYS N 188 52.84 -42.96 5.80
C LYS N 188 51.94 -43.75 4.83
N SER N 189 52.32 -44.99 4.52
CA SER N 189 51.51 -45.85 3.64
C SER N 189 50.17 -46.25 4.25
N PHE N 190 50.14 -46.34 5.58
CA PHE N 190 48.91 -46.62 6.31
C PHE N 190 47.75 -45.69 5.96
N LEU N 191 48.04 -44.44 5.62
CA LEU N 191 47.01 -43.50 5.22
C LEU N 191 46.23 -43.95 3.97
N TYR N 192 46.90 -44.64 3.05
CA TYR N 192 46.25 -45.15 1.84
C TYR N 192 45.27 -46.31 2.09
N GLU N 193 45.41 -46.96 3.25
CA GLU N 193 44.52 -48.04 3.67
C GLU N 193 43.20 -47.60 4.35
N ILE N 194 42.94 -46.29 4.48
CA ILE N 194 41.75 -45.82 5.21
C ILE N 194 40.50 -45.74 4.34
N VAL N 195 40.58 -44.98 3.26
CA VAL N 195 39.39 -44.65 2.46
C VAL N 195 39.04 -45.80 1.50
N SER N 196 40.06 -46.31 0.82
CA SER N 196 39.89 -47.37 -0.16
C SER N 196 41.13 -48.27 -0.13
N ASN N 197 40.98 -49.41 0.56
CA ASN N 197 42.09 -50.30 0.93
C ASN N 197 42.32 -51.28 -0.20
N LYS N 198 43.39 -51.04 -0.97
CA LYS N 198 43.74 -51.88 -2.11
C LYS N 198 44.31 -53.24 -1.67
N ARG N 199 44.87 -53.31 -0.46
CA ARG N 199 45.55 -54.52 0.03
C ARG N 199 44.58 -55.66 0.33
N ASN N 200 43.58 -55.37 1.16
CA ASN N 200 42.61 -56.37 1.64
C ASN N 200 41.13 -55.98 1.51
N GLY N 201 40.83 -54.71 1.29
CA GLY N 201 39.45 -54.25 1.15
C GLY N 201 38.79 -53.76 2.42
N ILE N 202 39.45 -53.87 3.57
CA ILE N 202 38.91 -53.36 4.82
C ILE N 202 39.12 -51.85 4.83
N ASP N 203 38.05 -51.10 4.54
CA ASP N 203 38.07 -49.63 4.50
C ASP N 203 36.82 -49.02 5.15
N VAL N 204 36.85 -47.71 5.41
CA VAL N 204 35.71 -47.04 6.05
C VAL N 204 34.53 -46.84 5.10
N ASP N 205 34.77 -46.92 3.79
CA ASP N 205 33.70 -46.96 2.78
C ASP N 205 32.72 -48.07 3.15
N LYS N 206 33.25 -49.28 3.35
CA LYS N 206 32.44 -50.43 3.76
C LYS N 206 31.72 -50.19 5.08
N TRP N 207 32.44 -49.64 6.05
CA TRP N 207 31.89 -49.49 7.40
C TRP N 207 30.67 -48.60 7.43
N ASP N 208 30.70 -47.51 6.66
CA ASP N 208 29.56 -46.62 6.58
C ASP N 208 28.37 -47.31 5.93
N TYR N 209 28.57 -47.84 4.72
CA TYR N 209 27.43 -48.37 3.95
C TYR N 209 26.81 -49.62 4.58
N PHE N 210 27.58 -50.39 5.33
CA PHE N 210 27.00 -51.46 6.15
C PHE N 210 25.97 -50.87 7.09
N ALA N 211 26.42 -49.93 7.91
CA ALA N 211 25.56 -49.28 8.91
C ALA N 211 24.40 -48.55 8.24
N ARG N 212 24.71 -47.81 7.17
CA ARG N 212 23.73 -46.97 6.50
C ARG N 212 22.70 -47.79 5.75
N ASP N 213 23.17 -48.68 4.89
CA ASP N 213 22.25 -49.49 4.08
C ASP N 213 21.33 -50.28 5.01
N CYS N 214 21.90 -50.95 6.02
CA CYS N 214 21.09 -51.69 7.01
C CYS N 214 19.99 -50.84 7.66
N HIS N 215 20.35 -49.65 8.13
CA HIS N 215 19.41 -48.72 8.79
C HIS N 215 18.19 -48.47 7.91
N HIS N 216 18.45 -48.14 6.66
CA HIS N 216 17.43 -47.78 5.68
C HIS N 216 16.73 -49.04 5.06
N LEU N 217 17.45 -50.14 4.87
CA LEU N 217 16.87 -51.36 4.24
C LEU N 217 15.80 -52.03 5.10
N GLY N 218 16.13 -52.19 6.38
CA GLY N 218 15.38 -53.03 7.31
C GLY N 218 16.07 -54.36 7.54
N ILE N 219 17.37 -54.29 7.78
CA ILE N 219 18.21 -55.43 8.15
C ILE N 219 19.11 -54.92 9.27
N GLN N 220 19.45 -55.76 10.24
CA GLN N 220 20.40 -55.37 11.29
C GLN N 220 21.82 -55.75 10.87
N ASN N 221 22.74 -54.87 11.21
CA ASN N 221 24.14 -54.98 10.80
C ASN N 221 24.90 -55.73 11.87
N ASN N 222 25.73 -56.68 11.45
CA ASN N 222 26.49 -57.56 12.37
C ASN N 222 27.98 -57.22 12.50
N PHE N 223 28.37 -55.99 12.21
CA PHE N 223 29.79 -55.57 12.26
C PHE N 223 29.99 -54.26 13.02
N ASP N 224 30.93 -54.29 13.97
CA ASP N 224 31.20 -53.15 14.86
C ASP N 224 32.49 -52.47 14.42
N TYR N 225 32.33 -51.39 13.66
CA TYR N 225 33.48 -50.63 13.16
C TYR N 225 34.22 -49.92 14.29
N LYS N 226 33.46 -49.42 15.26
CA LYS N 226 34.04 -48.71 16.40
C LYS N 226 35.02 -49.57 17.16
N ARG N 227 34.67 -50.84 17.33
CA ARG N 227 35.52 -51.78 18.03
C ARG N 227 36.81 -52.05 17.27
N PHE N 228 36.70 -52.24 15.96
CA PHE N 228 37.88 -52.50 15.16
C PHE N 228 38.89 -51.35 15.24
N ILE N 229 38.37 -50.12 15.28
CA ILE N 229 39.17 -48.91 15.48
C ILE N 229 39.90 -48.93 16.82
N LYS N 230 39.24 -49.35 17.89
CA LYS N 230 39.91 -49.44 19.19
C LYS N 230 41.07 -50.44 19.19
N PHE N 231 40.99 -51.49 18.35
CA PHE N 231 42.05 -52.51 18.21
C PHE N 231 42.80 -52.43 16.88
N ALA N 232 42.91 -51.22 16.34
CA ALA N 232 43.73 -50.98 15.17
C ALA N 232 45.03 -50.34 15.61
N ARG N 233 46.07 -50.53 14.80
CA ARG N 233 47.42 -50.14 15.15
C ARG N 233 48.35 -50.26 13.95
N VAL N 234 49.29 -49.32 13.83
CA VAL N 234 50.25 -49.33 12.73
C VAL N 234 51.50 -50.07 13.19
N CYS N 235 51.96 -51.00 12.35
CA CYS N 235 53.21 -51.73 12.56
C CYS N 235 54.00 -51.78 11.27
N GLU N 236 55.30 -52.10 11.38
CA GLU N 236 56.12 -52.28 10.20
C GLU N 236 55.86 -53.65 9.58
N VAL N 237 55.62 -53.67 8.28
CA VAL N 237 55.47 -54.91 7.51
C VAL N 237 56.21 -54.72 6.19
N ASP N 238 57.30 -55.48 5.99
CA ASP N 238 58.10 -55.42 4.76
C ASP N 238 58.51 -53.99 4.41
N ASN N 239 59.23 -53.34 5.34
CA ASN N 239 59.83 -52.00 5.10
C ASN N 239 58.81 -50.89 4.81
N GLU N 240 57.67 -50.98 5.45
CA GLU N 240 56.51 -50.14 5.13
C GLU N 240 55.55 -50.18 6.32
N LEU N 241 55.03 -49.02 6.72
CA LEU N 241 54.14 -48.92 7.90
C LEU N 241 52.66 -49.08 7.55
N ARG N 242 52.05 -50.21 7.94
CA ARG N 242 50.66 -50.51 7.57
C ARG N 242 49.78 -50.82 8.77
N ILE N 243 48.48 -50.60 8.60
CA ILE N 243 47.50 -50.83 9.64
C ILE N 243 47.40 -52.33 9.90
N CYS N 244 47.37 -52.67 11.19
CA CYS N 244 47.22 -54.03 11.66
C CYS N 244 46.13 -54.10 12.71
N ALA N 245 45.39 -55.21 12.73
CA ALA N 245 44.36 -55.47 13.74
C ALA N 245 44.89 -56.44 14.76
N ARG N 246 44.26 -56.47 15.92
CA ARG N 246 44.67 -57.38 16.98
C ARG N 246 44.32 -58.83 16.59
N ASP N 247 45.19 -59.76 16.99
CA ASP N 247 44.98 -61.19 16.75
C ASP N 247 43.56 -61.72 17.03
N LYS N 248 42.96 -61.29 18.14
CA LYS N 248 41.58 -61.75 18.49
C LYS N 248 40.51 -61.29 17.49
N GLU N 249 40.70 -60.14 16.85
CA GLU N 249 39.74 -59.62 15.87
C GLU N 249 39.61 -60.43 14.58
N VAL N 250 40.54 -61.34 14.32
CA VAL N 250 40.50 -62.14 13.09
C VAL N 250 39.11 -62.73 12.81
N GLY N 251 38.44 -63.22 13.87
CA GLY N 251 37.09 -63.76 13.74
C GLY N 251 36.09 -62.74 13.21
N ASN N 252 36.13 -61.54 13.78
CA ASN N 252 35.24 -60.46 13.38
C ASN N 252 35.48 -60.00 11.96
N LEU N 253 36.73 -60.09 11.52
CA LEU N 253 37.10 -59.72 10.16
C LEU N 253 36.55 -60.68 9.12
N TYR N 254 36.58 -62.00 9.39
CA TYR N 254 35.91 -62.93 8.47
C TYR N 254 34.41 -62.65 8.45
N ASP N 255 33.86 -62.30 9.62
CA ASP N 255 32.44 -61.97 9.76
C ASP N 255 32.08 -60.65 9.06
N MET N 256 33.05 -59.72 8.93
CA MET N 256 32.84 -58.52 8.12
C MET N 256 32.55 -58.89 6.67
N PHE N 257 33.40 -59.71 6.05
CA PHE N 257 33.19 -60.10 4.66
C PHE N 257 31.99 -61.04 4.47
N HIS N 258 31.63 -61.79 5.50
CA HIS N 258 30.37 -62.57 5.50
C HIS N 258 29.17 -61.62 5.45
N THR N 259 29.17 -60.63 6.34
CA THR N 259 28.14 -59.59 6.36
C THR N 259 28.04 -58.91 4.99
N ARG N 260 29.17 -58.62 4.36
CA ARG N 260 29.17 -58.02 3.01
C ARG N 260 28.46 -58.91 2.00
N ASN N 261 28.90 -60.17 1.92
CA ASN N 261 28.32 -61.15 1.00
C ASN N 261 26.84 -61.35 1.27
N SER N 262 26.48 -61.40 2.55
CA SER N 262 25.09 -61.55 2.97
C SER N 262 24.22 -60.38 2.47
N LEU N 263 24.71 -59.15 2.60
CA LEU N 263 23.99 -57.96 2.10
C LEU N 263 23.81 -57.94 0.58
N HIS N 264 24.82 -58.43 -0.14
CA HIS N 264 24.70 -58.60 -1.58
C HIS N 264 23.62 -59.62 -1.92
N ARG N 265 23.62 -60.75 -1.21
CA ARG N 265 22.63 -61.80 -1.46
C ARG N 265 21.22 -61.30 -1.19
N ARG N 266 21.00 -60.70 -0.02
CA ARG N 266 19.66 -60.27 0.38
C ARG N 266 19.15 -59.04 -0.36
N ALA N 267 20.03 -58.07 -0.56
CA ALA N 267 19.63 -56.73 -1.01
C ALA N 267 20.20 -56.33 -2.35
N TYR N 268 21.51 -56.13 -2.42
CA TYR N 268 22.12 -55.42 -3.56
C TYR N 268 21.93 -56.17 -4.89
N GLN N 269 22.04 -57.49 -4.82
CA GLN N 269 21.79 -58.39 -5.94
C GLN N 269 20.42 -59.09 -5.88
N HIS N 270 19.44 -58.44 -5.25
CA HIS N 270 18.10 -58.99 -5.17
C HIS N 270 17.52 -59.18 -6.56
N LYS N 271 16.95 -60.37 -6.80
CA LYS N 271 16.52 -60.81 -8.13
C LYS N 271 15.67 -59.78 -8.90
N VAL N 272 14.77 -59.11 -8.18
CA VAL N 272 13.89 -58.07 -8.73
C VAL N 272 14.62 -56.72 -8.80
N GLY N 273 15.44 -56.43 -7.80
CA GLY N 273 16.24 -55.21 -7.80
C GLY N 273 17.13 -55.14 -9.02
N ASN N 274 17.75 -56.27 -9.34
CA ASN N 274 18.56 -56.44 -10.53
C ASN N 274 17.76 -56.37 -11.84
N ILE N 275 16.55 -56.91 -11.87
CA ILE N 275 15.75 -56.84 -13.09
C ILE N 275 15.28 -55.41 -13.35
N ILE N 276 15.01 -54.67 -12.29
CA ILE N 276 14.66 -53.26 -12.41
C ILE N 276 15.85 -52.43 -12.89
N ASP N 277 17.03 -52.70 -12.33
CA ASP N 277 18.30 -52.12 -12.81
C ASP N 277 18.43 -52.37 -14.34
N THR N 278 18.29 -53.64 -14.80
CA THR N 278 18.43 -53.96 -16.24
C THR N 278 17.37 -53.24 -17.09
N MET N 279 16.17 -53.11 -16.53
CA MET N 279 15.06 -52.41 -17.22
C MET N 279 15.32 -50.91 -17.34
N ILE N 280 15.82 -50.30 -16.28
CA ILE N 280 16.18 -48.88 -16.33
C ILE N 280 17.36 -48.67 -17.28
N THR N 281 18.37 -49.54 -17.21
CA THR N 281 19.49 -49.55 -18.17
C THR N 281 18.99 -49.64 -19.61
N ASP N 282 18.06 -50.57 -19.84
CA ASP N 282 17.45 -50.78 -21.15
C ASP N 282 16.82 -49.48 -21.66
N ALA N 283 16.03 -48.83 -20.80
CA ALA N 283 15.39 -47.56 -21.13
C ALA N 283 16.38 -46.43 -21.42
N PHE N 284 17.49 -46.40 -20.69
CA PHE N 284 18.54 -45.42 -20.92
C PHE N 284 19.17 -45.63 -22.27
N LEU N 285 19.45 -46.90 -22.61
CA LEU N 285 20.03 -47.22 -23.91
C LEU N 285 19.14 -46.72 -25.07
N LYS N 286 17.83 -46.91 -24.94
CA LYS N 286 16.89 -46.47 -25.97
C LYS N 286 16.71 -44.96 -26.00
N ALA N 287 16.86 -44.31 -24.86
CA ALA N 287 16.77 -42.85 -24.77
C ALA N 287 18.08 -42.12 -25.10
N ASP N 288 19.21 -42.82 -25.14
CA ASP N 288 20.54 -42.18 -25.18
C ASP N 288 20.72 -41.23 -26.34
N ASP N 289 20.28 -41.65 -27.52
CA ASP N 289 20.44 -40.90 -28.76
C ASP N 289 19.72 -39.56 -28.76
N TYR N 290 18.58 -39.48 -28.07
CA TYR N 290 17.71 -38.30 -28.16
C TYR N 290 17.74 -37.37 -26.93
N ILE N 291 18.59 -37.66 -25.94
CA ILE N 291 18.76 -36.76 -24.80
C ILE N 291 20.07 -36.02 -24.91
N GLU N 292 19.97 -34.70 -24.84
CA GLU N 292 21.12 -33.80 -24.85
C GLU N 292 21.33 -33.25 -23.43
N ILE N 293 22.60 -33.09 -23.04
CA ILE N 293 22.97 -32.45 -21.80
C ILE N 293 24.05 -31.41 -22.08
N THR N 294 23.81 -30.19 -21.63
CA THR N 294 24.73 -29.08 -21.85
C THR N 294 25.98 -29.27 -21.05
N GLY N 295 27.12 -29.18 -21.72
CA GLY N 295 28.43 -29.33 -21.11
C GLY N 295 29.24 -28.07 -21.10
N ALA N 296 30.56 -28.25 -21.16
CA ALA N 296 31.50 -27.14 -21.10
C ALA N 296 31.50 -26.38 -22.41
N GLY N 297 31.39 -25.06 -22.29
CA GLY N 297 31.23 -24.17 -23.44
C GLY N 297 29.95 -24.42 -24.22
N GLY N 298 28.95 -25.02 -23.58
CA GLY N 298 27.72 -25.38 -24.25
C GLY N 298 27.68 -26.62 -25.15
N LYS N 299 28.77 -27.37 -25.28
CA LYS N 299 28.77 -28.56 -26.17
C LYS N 299 27.70 -29.56 -25.74
N LYS N 300 27.06 -30.23 -26.70
CA LYS N 300 25.98 -31.18 -26.40
C LYS N 300 26.53 -32.58 -26.13
N TYR N 301 26.20 -33.14 -24.98
CA TYR N 301 26.62 -34.51 -24.62
C TYR N 301 25.40 -35.41 -24.39
N ARG N 302 25.56 -36.70 -24.72
CA ARG N 302 24.53 -37.71 -24.49
C ARG N 302 24.74 -38.35 -23.11
N ILE N 303 23.82 -39.21 -22.71
CA ILE N 303 23.92 -39.83 -21.39
C ILE N 303 25.23 -40.60 -21.30
N SER N 304 25.51 -41.40 -22.32
CA SER N 304 26.71 -42.23 -22.36
C SER N 304 28.02 -41.44 -22.49
N THR N 305 27.98 -40.24 -23.08
CA THR N 305 29.18 -39.43 -23.30
C THR N 305 29.40 -38.31 -22.27
N ALA N 306 28.44 -38.09 -21.38
CA ALA N 306 28.58 -37.09 -20.32
C ALA N 306 29.77 -37.38 -19.41
N ILE N 307 30.12 -38.66 -19.24
CA ILE N 307 31.31 -39.04 -18.47
C ILE N 307 32.63 -38.43 -18.98
N ASP N 308 32.68 -38.05 -20.25
CA ASP N 308 33.86 -37.41 -20.81
C ASP N 308 34.05 -35.96 -20.34
N ASP N 309 32.95 -35.25 -20.13
CA ASP N 309 32.98 -33.88 -19.63
C ASP N 309 32.31 -33.80 -18.25
N MET N 310 32.98 -33.19 -17.28
CA MET N 310 32.45 -33.11 -15.91
C MET N 310 31.41 -32.03 -15.69
N GLU N 311 31.46 -30.95 -16.47
CA GLU N 311 30.44 -29.91 -16.36
C GLU N 311 29.08 -30.45 -16.78
N ALA N 312 29.08 -31.33 -17.77
CA ALA N 312 27.87 -32.04 -18.20
C ALA N 312 27.43 -33.05 -17.20
N TYR N 313 28.35 -33.92 -16.80
CA TYR N 313 28.11 -35.00 -15.82
C TYR N 313 27.57 -34.51 -14.48
N THR N 314 27.93 -33.29 -14.10
CA THR N 314 27.36 -32.59 -12.94
C THR N 314 25.83 -32.56 -12.97
N LYS N 315 25.25 -32.37 -14.16
CA LYS N 315 23.81 -32.33 -14.34
C LYS N 315 23.14 -33.69 -14.58
N LEU N 316 23.93 -34.78 -14.59
CA LEU N 316 23.43 -36.12 -14.89
C LEU N 316 23.21 -36.91 -13.61
N THR N 317 21.93 -37.03 -13.22
CA THR N 317 21.55 -37.65 -11.96
C THR N 317 20.36 -38.58 -12.20
N ASP N 318 19.81 -39.14 -11.13
CA ASP N 318 18.55 -39.94 -11.18
C ASP N 318 17.39 -39.21 -11.85
N ASN N 319 17.41 -37.87 -11.85
CA ASN N 319 16.49 -37.04 -12.64
C ASN N 319 16.17 -37.56 -14.01
N ILE N 320 17.20 -38.08 -14.65
CA ILE N 320 17.11 -38.56 -16.04
C ILE N 320 16.02 -39.63 -16.21
N PHE N 321 15.77 -40.41 -15.15
CA PHE N 321 14.63 -41.34 -15.06
C PHE N 321 13.30 -40.63 -15.27
N LEU N 322 13.03 -39.64 -14.41
CA LEU N 322 11.77 -38.89 -14.46
C LEU N 322 11.65 -38.01 -15.69
N GLU N 323 12.79 -37.53 -16.18
CA GLU N 323 12.82 -36.76 -17.42
C GLU N 323 12.25 -37.65 -18.54
N ILE N 324 12.75 -38.88 -18.64
CA ILE N 324 12.25 -39.85 -19.63
C ILE N 324 10.78 -40.19 -19.40
N LEU N 325 10.42 -40.43 -18.14
CA LEU N 325 9.06 -40.85 -17.80
C LEU N 325 8.04 -39.78 -18.17
N TYR N 326 8.32 -38.54 -17.77
CA TYR N 326 7.40 -37.43 -17.99
C TYR N 326 7.38 -36.87 -19.42
N SER N 327 8.36 -37.23 -20.26
CA SER N 327 8.48 -36.63 -21.61
C SER N 327 7.32 -36.99 -22.53
N THR N 328 7.13 -36.14 -23.54
CA THR N 328 6.17 -36.36 -24.61
C THR N 328 6.83 -36.44 -25.99
N ASP N 329 8.16 -36.28 -26.07
CA ASP N 329 8.88 -36.48 -27.33
C ASP N 329 8.63 -37.90 -27.82
N PRO N 330 8.07 -38.06 -29.04
CA PRO N 330 7.87 -39.41 -29.57
C PRO N 330 9.14 -40.21 -29.87
N LYS N 331 10.28 -39.54 -30.04
CA LYS N 331 11.58 -40.22 -30.17
C LYS N 331 11.90 -41.06 -28.93
N LEU N 332 11.41 -40.61 -27.77
CA LEU N 332 11.59 -41.30 -26.49
C LEU N 332 10.49 -42.31 -26.13
N LYS N 333 9.56 -42.60 -27.04
CA LYS N 333 8.41 -43.46 -26.69
C LYS N 333 8.82 -44.86 -26.28
N ASP N 334 9.79 -45.45 -26.99
CA ASP N 334 10.32 -46.77 -26.60
C ASP N 334 10.88 -46.79 -25.17
N ALA N 335 11.68 -45.79 -24.83
CA ALA N 335 12.28 -45.70 -23.49
C ALA N 335 11.21 -45.45 -22.42
N ARG N 336 10.33 -44.48 -22.67
CA ARG N 336 9.23 -44.15 -21.76
C ARG N 336 8.30 -45.33 -21.47
N GLU N 337 8.10 -46.20 -22.46
CA GLU N 337 7.23 -47.37 -22.27
C GLU N 337 7.85 -48.38 -21.31
N ILE N 338 9.17 -48.57 -21.36
CA ILE N 338 9.84 -49.46 -20.41
C ILE N 338 9.64 -48.94 -18.98
N LEU N 339 9.87 -47.64 -18.79
CA LEU N 339 9.73 -47.03 -17.47
C LEU N 339 8.30 -47.04 -16.96
N LYS N 340 7.33 -46.86 -17.85
CA LYS N 340 5.92 -46.99 -17.45
C LYS N 340 5.59 -48.42 -17.01
N GLN N 341 6.20 -49.41 -17.67
CA GLN N 341 6.05 -50.82 -17.26
C GLN N 341 6.60 -51.11 -15.85
N ILE N 342 7.55 -50.31 -15.37
CA ILE N 342 8.04 -50.40 -13.98
C ILE N 342 7.06 -49.85 -12.95
N GLU N 343 6.39 -48.76 -13.29
CA GLU N 343 5.36 -48.19 -12.43
C GLU N 343 4.25 -49.20 -12.22
N TYR N 344 3.70 -49.66 -13.35
CA TYR N 344 2.62 -50.68 -13.37
C TYR N 344 3.04 -52.06 -12.88
N ARG N 345 4.35 -52.32 -12.85
CA ARG N 345 4.92 -53.53 -12.28
C ARG N 345 4.80 -54.75 -13.23
N ASN N 346 4.85 -54.49 -14.53
CA ASN N 346 4.98 -55.56 -15.55
C ASN N 346 6.44 -55.75 -15.84
N LEU N 347 7.11 -56.35 -14.87
CA LEU N 347 8.53 -56.56 -14.94
C LEU N 347 8.74 -57.87 -15.64
N PHE N 348 9.96 -58.02 -16.17
CA PHE N 348 10.37 -59.26 -16.79
C PHE N 348 10.41 -60.31 -15.67
N LYS N 349 9.87 -61.49 -15.93
CA LYS N 349 9.66 -62.49 -14.87
C LYS N 349 10.88 -63.36 -14.58
N TYR N 350 11.16 -63.53 -13.29
CA TYR N 350 12.25 -64.36 -12.80
C TYR N 350 11.89 -65.83 -13.03
N VAL N 351 12.81 -66.57 -13.64
CA VAL N 351 12.60 -67.99 -13.91
C VAL N 351 13.27 -68.86 -12.83
N GLY N 352 14.52 -68.55 -12.53
CA GLY N 352 15.28 -69.27 -11.52
C GLY N 352 16.75 -68.85 -11.50
N GLU N 353 17.48 -69.46 -10.57
CA GLU N 353 18.89 -69.16 -10.34
C GLU N 353 19.68 -70.46 -10.40
N THR N 354 20.94 -70.38 -10.80
CA THR N 354 21.82 -71.55 -10.80
C THR N 354 23.29 -71.14 -10.72
N GLN N 355 24.15 -72.11 -10.42
CA GLN N 355 25.60 -71.92 -10.38
C GLN N 355 26.32 -72.94 -11.25
N PRO N 356 27.51 -72.59 -11.77
CA PRO N 356 28.35 -73.64 -12.37
C PRO N 356 28.92 -74.61 -11.33
N THR N 357 29.47 -75.71 -11.82
CA THR N 357 30.08 -76.73 -10.96
C THR N 357 31.53 -76.99 -11.37
N GLY N 358 32.24 -77.71 -10.52
CA GLY N 358 33.67 -77.93 -10.69
C GLY N 358 34.41 -76.62 -10.47
N GLN N 359 35.32 -76.30 -11.38
CA GLN N 359 35.93 -74.98 -11.46
C GLN N 359 35.70 -74.45 -12.88
N ILE N 360 34.43 -74.42 -13.32
CA ILE N 360 33.99 -73.82 -14.62
C ILE N 360 33.62 -72.33 -14.44
N LYS N 361 34.58 -71.42 -14.62
CA LYS N 361 34.28 -69.97 -14.56
C LYS N 361 33.68 -69.52 -15.91
N ILE N 362 32.56 -68.79 -15.88
CA ILE N 362 31.97 -68.20 -17.10
C ILE N 362 32.61 -66.86 -17.40
N LYS N 363 33.37 -66.78 -18.49
CA LYS N 363 34.09 -65.56 -18.86
C LYS N 363 33.10 -64.48 -19.33
N ARG N 364 33.50 -63.21 -19.15
CA ARG N 364 32.65 -62.04 -19.46
C ARG N 364 32.29 -61.94 -20.95
N GLU N 365 33.28 -62.17 -21.81
CA GLU N 365 33.08 -62.42 -23.24
C GLU N 365 31.80 -63.19 -23.62
N ASP N 366 31.53 -64.29 -22.91
CA ASP N 366 30.42 -65.21 -23.25
C ASP N 366 29.03 -64.74 -22.83
N TYR N 367 28.96 -63.67 -22.02
CA TYR N 367 27.68 -63.14 -21.49
C TYR N 367 26.68 -62.87 -22.62
N GLU N 368 27.15 -62.20 -23.68
CA GLU N 368 26.33 -61.92 -24.86
C GLU N 368 25.58 -63.17 -25.36
N SER N 369 26.27 -64.31 -25.41
CA SER N 369 25.75 -65.53 -26.04
C SER N 369 24.75 -66.40 -25.25
N LEU N 370 24.63 -66.16 -23.94
CA LEU N 370 23.90 -67.09 -23.06
C LEU N 370 22.38 -67.16 -23.29
N PRO N 371 21.72 -66.04 -23.65
CA PRO N 371 20.31 -66.11 -24.04
C PRO N 371 20.04 -67.07 -25.22
N LYS N 372 20.91 -67.01 -26.24
CA LYS N 372 20.90 -67.95 -27.35
C LYS N 372 20.92 -69.39 -26.87
N GLU N 373 21.82 -69.69 -25.94
CA GLU N 373 21.97 -71.06 -25.42
C GLU N 373 20.73 -71.60 -24.71
N VAL N 374 20.01 -70.72 -23.99
CA VAL N 374 18.83 -71.13 -23.24
C VAL N 374 17.68 -71.51 -24.17
N ALA N 375 17.43 -70.64 -25.16
CA ALA N 375 16.44 -70.93 -26.20
C ALA N 375 16.81 -72.17 -27.00
N SER N 376 18.11 -72.37 -27.22
CA SER N 376 18.61 -73.51 -27.98
C SER N 376 18.39 -74.88 -27.35
N ALA N 377 18.24 -74.92 -26.03
CA ALA N 377 18.02 -76.19 -25.33
C ALA N 377 16.68 -76.81 -25.80
N LYS N 378 16.68 -78.11 -25.95
CA LYS N 378 15.54 -78.86 -26.44
C LYS N 378 15.06 -79.74 -25.32
N PRO N 379 14.13 -79.21 -24.47
CA PRO N 379 13.58 -80.02 -23.38
C PRO N 379 12.58 -81.04 -23.92
N LYS N 380 12.71 -82.31 -23.51
CA LYS N 380 11.84 -83.37 -23.99
C LYS N 380 10.47 -83.33 -23.31
N VAL N 381 9.75 -82.20 -23.49
CA VAL N 381 8.51 -81.86 -22.76
C VAL N 381 7.63 -81.06 -23.72
N LEU N 382 6.31 -81.31 -23.64
CA LEU N 382 5.34 -80.64 -24.51
C LEU N 382 5.17 -79.18 -24.12
N LEU N 383 5.49 -78.30 -25.05
CA LEU N 383 5.43 -76.85 -24.86
C LEU N 383 4.24 -76.29 -25.62
N ASP N 384 3.59 -75.27 -25.08
CA ASP N 384 2.54 -74.49 -25.82
C ASP N 384 3.20 -73.57 -26.87
N VAL N 385 4.30 -72.98 -26.49
CA VAL N 385 4.97 -71.89 -27.20
C VAL N 385 6.45 -72.21 -27.39
N LYS N 386 7.03 -71.88 -28.53
CA LYS N 386 8.50 -71.84 -28.70
C LYS N 386 8.95 -70.42 -28.42
N LEU N 387 10.09 -70.26 -27.76
CA LEU N 387 10.62 -68.93 -27.37
C LEU N 387 11.97 -68.64 -28.06
N LYS N 388 12.11 -67.42 -28.58
CA LYS N 388 13.35 -66.98 -29.24
C LYS N 388 14.35 -66.48 -28.19
N ALA N 389 15.61 -66.31 -28.58
CA ALA N 389 16.69 -65.93 -27.65
C ALA N 389 16.57 -64.51 -27.11
N GLU N 390 16.01 -63.61 -27.92
CA GLU N 390 15.69 -62.25 -27.49
C GLU N 390 14.68 -62.18 -26.33
N ASP N 391 13.85 -63.22 -26.18
CA ASP N 391 12.90 -63.31 -25.07
C ASP N 391 13.55 -63.52 -23.70
N PHE N 392 14.77 -64.06 -23.69
CA PHE N 392 15.49 -64.37 -22.44
C PHE N 392 16.49 -63.28 -22.05
N ILE N 393 16.65 -63.09 -20.74
CA ILE N 393 17.75 -62.31 -20.15
C ILE N 393 18.48 -63.22 -19.19
N VAL N 394 19.81 -63.26 -19.32
CA VAL N 394 20.65 -64.00 -18.40
C VAL N 394 21.57 -62.99 -17.73
N ASP N 395 21.56 -63.01 -16.40
CA ASP N 395 22.24 -62.04 -15.58
C ASP N 395 23.29 -62.82 -14.79
N VAL N 396 24.57 -62.59 -15.08
CA VAL N 396 25.64 -63.32 -14.39
C VAL N 396 26.23 -62.41 -13.33
N ILE N 397 26.41 -62.95 -12.13
CA ILE N 397 26.80 -62.18 -10.95
C ILE N 397 27.96 -62.86 -10.24
N ASN N 398 29.05 -62.12 -10.03
CA ASN N 398 30.22 -62.62 -9.31
C ASN N 398 30.15 -62.19 -7.85
N MET N 399 29.94 -63.16 -6.97
CA MET N 399 29.95 -62.95 -5.53
C MET N 399 31.33 -63.36 -5.01
N ASP N 400 32.03 -62.44 -4.33
CA ASP N 400 33.36 -62.74 -3.80
C ASP N 400 33.58 -62.06 -2.46
N TYR N 401 34.78 -62.24 -1.92
CA TYR N 401 35.22 -61.56 -0.71
C TYR N 401 36.11 -60.34 -1.05
N GLY N 402 35.81 -59.70 -2.18
CA GLY N 402 36.48 -58.46 -2.57
C GLY N 402 37.79 -58.61 -3.28
N MET N 403 38.31 -59.83 -3.40
CA MET N 403 39.61 -60.03 -4.08
C MET N 403 39.51 -61.26 -4.95
N GLN N 404 38.47 -61.28 -5.77
CA GLN N 404 38.19 -62.38 -6.67
C GLN N 404 38.32 -63.68 -5.84
N GLU N 405 39.19 -64.60 -6.27
CA GLU N 405 39.26 -65.91 -5.67
C GLU N 405 40.05 -65.97 -4.37
N LYS N 406 40.69 -64.86 -3.99
CA LYS N 406 41.54 -64.82 -2.81
C LYS N 406 40.78 -64.56 -1.51
N ASN N 407 41.38 -65.07 -0.42
CA ASN N 407 40.93 -64.84 0.96
C ASN N 407 41.59 -63.53 1.39
N PRO N 408 40.79 -62.48 1.63
CA PRO N 408 41.39 -61.20 2.00
C PRO N 408 42.07 -61.20 3.37
N ILE N 409 41.69 -62.11 4.25
CA ILE N 409 42.31 -62.23 5.58
C ILE N 409 43.77 -62.69 5.49
N ASP N 410 44.10 -63.45 4.46
CA ASP N 410 45.49 -63.79 4.17
C ASP N 410 46.32 -62.55 3.75
N HIS N 411 45.65 -61.46 3.38
CA HIS N 411 46.29 -60.16 3.19
C HIS N 411 46.00 -59.13 4.31
N VAL N 412 45.82 -59.59 5.56
CA VAL N 412 45.71 -58.70 6.73
C VAL N 412 46.87 -58.99 7.67
N SER N 413 47.43 -57.94 8.25
CA SER N 413 48.48 -58.07 9.25
C SER N 413 47.90 -57.92 10.66
N PHE N 414 48.44 -58.72 11.59
CA PHE N 414 47.94 -58.78 12.96
C PHE N 414 49.02 -58.49 14.01
N TYR N 415 48.61 -58.16 15.24
CA TYR N 415 49.53 -58.01 16.37
C TYR N 415 49.01 -58.68 17.64
N CYS N 416 49.90 -58.96 18.57
CA CYS N 416 49.55 -59.61 19.84
C CYS N 416 49.65 -58.68 21.02
N LYS N 417 48.91 -58.97 22.09
CA LYS N 417 48.95 -58.14 23.30
C LYS N 417 50.36 -58.10 23.87
N THR N 418 51.00 -59.25 23.86
CA THR N 418 52.36 -59.41 24.38
C THR N 418 53.45 -58.71 23.53
N ALA N 419 53.20 -58.47 22.23
CA ALA N 419 54.17 -57.82 21.34
C ALA N 419 53.47 -56.94 20.31
N PRO N 420 53.02 -55.75 20.73
CA PRO N 420 52.16 -54.95 19.89
C PRO N 420 52.83 -54.26 18.70
N ASN N 421 54.15 -54.27 18.65
CA ASN N 421 54.86 -53.76 17.47
C ASN N 421 55.22 -54.83 16.48
N ARG N 422 55.10 -56.10 16.88
CA ARG N 422 55.44 -57.20 16.00
C ARG N 422 54.23 -57.71 15.24
N ALA N 423 54.27 -57.47 13.93
CA ALA N 423 53.22 -57.87 13.01
C ALA N 423 53.37 -59.33 12.66
N ILE N 424 52.23 -59.99 12.42
CA ILE N 424 52.18 -61.42 12.09
C ILE N 424 51.06 -61.72 11.10
N ARG N 425 51.01 -62.97 10.63
CA ARG N 425 49.95 -63.45 9.75
C ARG N 425 49.15 -64.55 10.45
N ILE N 426 47.85 -64.61 10.17
CA ILE N 426 46.99 -65.67 10.69
C ILE N 426 46.34 -66.35 9.47
N THR N 427 46.61 -67.65 9.29
CA THR N 427 46.04 -68.41 8.16
C THR N 427 44.60 -68.75 8.45
N LYS N 428 43.94 -69.38 7.49
CA LYS N 428 42.58 -69.85 7.70
C LYS N 428 42.50 -70.97 8.74
N ASN N 429 43.45 -71.91 8.69
CA ASN N 429 43.45 -73.08 9.58
C ASN N 429 43.62 -72.74 11.04
N GLN N 430 44.33 -71.66 11.30
CA GLN N 430 44.55 -71.17 12.66
C GLN N 430 43.29 -70.61 13.32
N VAL N 431 42.26 -70.29 12.53
CA VAL N 431 41.03 -69.68 13.04
C VAL N 431 39.90 -70.69 13.26
N SER N 432 39.44 -71.33 12.19
CA SER N 432 38.26 -72.20 12.24
C SER N 432 38.09 -73.11 11.04
N GLN N 433 37.53 -74.30 11.30
CA GLN N 433 37.10 -75.26 10.27
C GLN N 433 35.72 -74.94 9.68
N LEU N 434 34.98 -74.03 10.29
CA LEU N 434 33.65 -73.65 9.80
C LEU N 434 33.64 -72.45 8.85
N LEU N 435 34.82 -72.00 8.44
CA LEU N 435 34.92 -70.90 7.48
C LEU N 435 34.63 -71.37 6.08
N PRO N 436 34.46 -70.43 5.13
CA PRO N 436 34.21 -70.82 3.74
C PRO N 436 35.35 -71.61 3.12
N GLU N 437 34.98 -72.55 2.24
CA GLU N 437 35.96 -73.36 1.52
C GLU N 437 36.52 -72.52 0.37
N LYS N 438 35.63 -71.90 -0.41
CA LYS N 438 36.01 -70.98 -1.47
C LYS N 438 35.70 -69.53 -1.04
N PHE N 439 36.22 -68.55 -1.81
CA PHE N 439 35.95 -67.13 -1.56
C PHE N 439 35.45 -66.38 -2.79
N ALA N 440 34.92 -67.13 -3.76
CA ALA N 440 34.27 -66.55 -4.95
C ALA N 440 33.41 -67.60 -5.64
N GLU N 441 32.33 -67.14 -6.25
CA GLU N 441 31.42 -68.00 -7.00
C GLU N 441 30.67 -67.16 -8.01
N GLN N 442 29.88 -67.83 -8.83
CA GLN N 442 29.04 -67.16 -9.81
C GLN N 442 27.58 -67.54 -9.61
N LEU N 443 26.71 -66.55 -9.76
CA LEU N 443 25.26 -66.76 -9.77
C LEU N 443 24.72 -66.38 -11.12
N ILE N 444 23.88 -67.27 -11.66
CA ILE N 444 23.28 -67.06 -12.96
C ILE N 444 21.77 -67.02 -12.76
N ARG N 445 21.19 -65.82 -12.94
CA ARG N 445 19.75 -65.64 -12.93
C ARG N 445 19.25 -65.58 -14.35
N VAL N 446 18.12 -66.23 -14.60
CA VAL N 446 17.48 -66.21 -15.90
C VAL N 446 16.10 -65.60 -15.71
N TYR N 447 15.77 -64.64 -16.58
CA TYR N 447 14.44 -64.03 -16.62
C TYR N 447 13.88 -64.15 -18.02
N CYS N 448 12.55 -64.03 -18.14
CA CYS N 448 11.84 -64.10 -19.42
C CYS N 448 11.04 -62.82 -19.65
N LYS N 449 11.19 -62.24 -20.85
CA LYS N 449 10.52 -60.98 -21.21
C LYS N 449 9.01 -61.15 -21.39
N LYS N 450 8.58 -62.34 -21.80
CA LYS N 450 7.16 -62.65 -21.94
C LYS N 450 6.58 -63.09 -20.59
N VAL N 451 5.58 -62.34 -20.16
CA VAL N 451 5.03 -62.39 -18.79
C VAL N 451 3.97 -63.50 -18.61
N ASP N 452 3.20 -63.79 -19.67
CA ASP N 452 2.00 -64.66 -19.62
C ASP N 452 2.20 -66.10 -19.08
N ARG N 453 1.09 -66.71 -18.66
CA ARG N 453 1.07 -68.03 -18.04
C ARG N 453 1.75 -69.10 -18.92
N LYS N 454 1.42 -69.09 -20.21
CA LYS N 454 1.93 -70.08 -21.17
C LYS N 454 3.46 -69.96 -21.38
N SER N 455 3.95 -68.73 -21.56
CA SER N 455 5.36 -68.49 -21.86
C SER N 455 6.29 -68.69 -20.67
N LEU N 456 5.78 -68.41 -19.48
CA LEU N 456 6.53 -68.65 -18.25
C LEU N 456 6.78 -70.14 -18.02
N TYR N 457 5.76 -70.97 -18.23
CA TYR N 457 5.93 -72.43 -18.13
C TYR N 457 7.02 -72.91 -19.09
N ALA N 458 6.96 -72.43 -20.32
CA ALA N 458 7.93 -72.75 -21.34
C ALA N 458 9.33 -72.38 -20.90
N ALA N 459 9.48 -71.11 -20.52
CA ALA N 459 10.76 -70.56 -20.07
C ALA N 459 11.40 -71.44 -19.01
N ARG N 460 10.60 -71.87 -18.04
CA ARG N 460 11.04 -72.77 -16.97
C ARG N 460 11.60 -74.09 -17.50
N GLN N 461 10.95 -74.66 -18.50
CA GLN N 461 11.42 -75.91 -19.10
C GLN N 461 12.75 -75.69 -19.84
N TYR N 462 12.85 -74.61 -20.63
CA TYR N 462 14.12 -74.25 -21.28
C TYR N 462 15.26 -74.09 -20.27
N PHE N 463 14.99 -73.34 -19.21
CA PHE N 463 15.99 -73.05 -18.17
C PHE N 463 16.51 -74.31 -17.48
N VAL N 464 15.59 -75.11 -16.94
CA VAL N 464 15.97 -76.29 -16.15
C VAL N 464 16.70 -77.32 -17.02
N GLN N 465 16.38 -77.34 -18.32
CA GLN N 465 17.10 -78.17 -19.29
C GLN N 465 18.50 -77.63 -19.49
N TRP N 466 18.59 -76.34 -19.82
CA TRP N 466 19.86 -75.64 -20.00
C TRP N 466 20.83 -75.89 -18.84
N CYS N 467 20.29 -75.94 -17.62
CA CYS N 467 21.06 -76.27 -16.42
C CYS N 467 21.64 -77.70 -16.47
N ALA N 468 20.79 -78.68 -16.79
CA ALA N 468 21.24 -80.06 -16.98
C ALA N 468 22.22 -80.19 -18.15
N ASP N 469 21.96 -79.45 -19.23
CA ASP N 469 22.80 -79.41 -20.43
C ASP N 469 24.24 -78.98 -20.15
N ARG N 470 24.43 -78.01 -19.26
CA ARG N 470 25.77 -77.47 -18.97
C ARG N 470 26.39 -77.94 -17.65
N ASN N 471 25.77 -78.95 -17.03
CA ASN N 471 26.19 -79.51 -15.76
C ASN N 471 26.27 -78.41 -14.66
N PHE N 472 25.21 -77.61 -14.60
CA PHE N 472 25.03 -76.61 -13.54
C PHE N 472 24.22 -77.22 -12.39
N THR N 473 24.16 -76.50 -11.27
CA THR N 473 23.42 -76.96 -10.10
C THR N 473 21.93 -76.98 -10.40
N LYS N 474 21.23 -77.90 -9.75
CA LYS N 474 19.79 -78.00 -9.87
C LYS N 474 19.17 -76.76 -9.23
N PRO N 475 18.28 -76.07 -9.96
CA PRO N 475 17.53 -75.00 -9.31
C PRO N 475 16.84 -75.48 -8.05
N GLN N 476 16.83 -74.64 -7.02
CA GLN N 476 16.26 -74.99 -5.70
C GLN N 476 14.81 -75.43 -5.83
N ASP N 477 14.05 -74.70 -6.63
CA ASP N 477 12.64 -75.00 -6.97
C ASP N 477 12.47 -75.97 -8.15
N GLY N 478 13.54 -76.67 -8.54
CA GLY N 478 13.61 -77.35 -9.83
C GLY N 478 12.62 -78.46 -10.03
N ASP N 479 12.43 -79.27 -8.99
CA ASP N 479 11.48 -80.38 -9.04
C ASP N 479 10.04 -79.91 -9.18
N VAL N 480 9.75 -78.72 -8.68
CA VAL N 480 8.40 -78.14 -8.78
C VAL N 480 8.16 -77.57 -10.18
N ILE N 481 9.00 -76.62 -10.60
CA ILE N 481 8.77 -75.88 -11.85
C ILE N 481 8.88 -76.71 -13.13
N ALA N 482 9.78 -77.69 -13.13
CA ALA N 482 10.02 -78.53 -14.30
C ALA N 482 10.15 -79.98 -13.87
N PRO N 483 9.03 -80.59 -13.45
CA PRO N 483 9.06 -81.91 -12.82
C PRO N 483 9.44 -83.02 -13.79
N LEU N 484 9.18 -82.79 -15.07
CA LEU N 484 9.45 -83.75 -16.12
C LEU N 484 10.94 -83.78 -16.50
N ILE N 485 11.68 -82.72 -16.18
CA ILE N 485 13.08 -82.57 -16.62
C ILE N 485 14.13 -83.00 -15.57
N THR N 486 13.84 -82.77 -14.29
CA THR N 486 14.82 -83.06 -13.23
C THR N 486 15.23 -84.55 -13.03
N PRO N 487 14.32 -85.51 -13.29
CA PRO N 487 14.77 -86.91 -13.23
C PRO N 487 15.78 -87.28 -14.33
N GLN N 488 15.70 -86.61 -15.49
CA GLN N 488 16.68 -86.80 -16.58
C GLN N 488 18.15 -86.82 -16.11
N LYS N 489 18.54 -85.89 -15.25
CA LYS N 489 19.94 -85.78 -14.81
C LYS N 489 20.28 -86.79 -13.71
N LYS N 490 21.25 -87.67 -14.00
CA LYS N 490 21.72 -88.70 -13.07
C LYS N 490 22.36 -88.08 -11.82
N GLU N 491 23.12 -87.01 -12.04
CA GLU N 491 23.79 -86.28 -10.97
C GLU N 491 22.88 -85.60 -9.93
N TRP N 492 21.59 -85.38 -10.25
CA TRP N 492 20.66 -84.72 -9.31
C TRP N 492 19.91 -85.69 -8.37
N ASN N 493 20.23 -86.98 -8.43
CA ASN N 493 19.57 -87.98 -7.59
C ASN N 493 20.59 -88.59 -6.63
N THR O 8 -9.66 -61.08 32.41
CA THR O 8 -9.04 -60.13 31.42
C THR O 8 -7.54 -60.39 31.28
N MET O 9 -7.01 -60.14 30.07
CA MET O 9 -5.57 -60.33 29.76
C MET O 9 -4.75 -59.35 30.57
N LYS O 10 -3.48 -59.69 30.72
CA LYS O 10 -2.56 -58.79 31.38
C LYS O 10 -1.45 -58.43 30.39
N VAL O 11 -1.13 -57.14 30.33
CA VAL O 11 -0.14 -56.64 29.39
C VAL O 11 1.15 -56.32 30.13
N ILE O 12 2.27 -56.69 29.52
CA ILE O 12 3.59 -56.59 30.15
C ILE O 12 4.57 -56.09 29.08
N ASN O 13 5.44 -55.13 29.46
CA ASN O 13 6.37 -54.48 28.51
C ASN O 13 7.81 -55.01 28.58
N ASP O 14 8.08 -55.95 27.69
CA ASP O 14 9.42 -56.49 27.46
C ASP O 14 10.15 -55.57 26.48
N PRO O 15 11.41 -55.22 26.78
CA PRO O 15 12.14 -54.34 25.86
C PRO O 15 12.47 -54.96 24.52
N ILE O 16 12.47 -56.29 24.42
CA ILE O 16 12.74 -56.95 23.16
C ILE O 16 11.50 -57.02 22.31
N HIS O 17 10.44 -57.63 22.85
CA HIS O 17 9.24 -57.92 22.06
C HIS O 17 8.14 -56.90 22.15
N GLY O 18 8.29 -55.90 23.03
CA GLY O 18 7.31 -54.83 23.19
C GLY O 18 6.25 -55.23 24.19
N HIS O 19 4.98 -54.95 23.86
CA HIS O 19 3.87 -55.23 24.76
C HIS O 19 3.24 -56.60 24.49
N ILE O 20 3.58 -57.53 25.35
CA ILE O 20 3.08 -58.88 25.30
C ILE O 20 1.75 -58.92 26.05
N GLU O 21 0.77 -59.65 25.53
CA GLU O 21 -0.41 -60.04 26.32
C GLU O 21 -0.19 -61.39 26.97
N LEU O 22 -0.66 -61.54 28.19
CA LEU O 22 -0.51 -62.79 28.95
C LEU O 22 -1.90 -63.28 29.36
N HIS O 23 -2.22 -64.49 28.92
CA HIS O 23 -3.48 -65.13 29.26
C HIS O 23 -3.53 -65.46 30.78
N PRO O 24 -4.70 -65.28 31.42
CA PRO O 24 -4.76 -65.44 32.88
C PRO O 24 -4.14 -66.74 33.44
N LEU O 25 -4.30 -67.83 32.70
CA LEU O 25 -3.63 -69.11 33.00
C LEU O 25 -2.11 -68.96 33.10
N LEU O 26 -1.54 -68.23 32.15
CA LEU O 26 -0.09 -68.00 32.14
C LEU O 26 0.33 -67.16 33.34
N VAL O 27 -0.41 -66.09 33.60
CA VAL O 27 -0.16 -65.22 34.76
C VAL O 27 -0.15 -66.03 36.04
N ARG O 28 -1.09 -66.96 36.15
CA ARG O 28 -1.24 -67.83 37.30
C ARG O 28 -0.04 -68.76 37.47
N ILE O 29 0.53 -69.21 36.35
CA ILE O 29 1.77 -70.00 36.34
C ILE O 29 2.98 -69.14 36.68
N ILE O 30 3.04 -67.94 36.10
CA ILE O 30 4.13 -67.02 36.34
C ILE O 30 4.27 -66.61 37.80
N ASP O 31 3.15 -66.33 38.46
CA ASP O 31 3.16 -65.87 39.86
C ASP O 31 3.22 -67.06 40.83
N THR O 32 4.32 -67.80 40.76
CA THR O 32 4.60 -68.92 41.64
C THR O 32 6.08 -68.87 42.02
N PRO O 33 6.46 -69.37 43.22
CA PRO O 33 7.88 -69.37 43.59
C PRO O 33 8.80 -70.12 42.62
N GLN O 34 8.26 -71.14 41.95
CA GLN O 34 9.05 -71.98 41.05
C GLN O 34 9.48 -71.21 39.78
N PHE O 35 8.58 -70.33 39.30
CA PHE O 35 8.82 -69.49 38.13
C PHE O 35 9.55 -68.20 38.47
N GLN O 36 9.06 -67.47 39.48
CA GLN O 36 9.71 -66.20 39.91
C GLN O 36 11.17 -66.44 40.33
N ARG O 37 11.47 -67.66 40.77
CA ARG O 37 12.86 -68.15 40.93
C ARG O 37 13.81 -67.74 39.79
N LEU O 38 13.32 -67.79 38.56
CA LEU O 38 14.14 -67.43 37.40
C LEU O 38 14.58 -65.98 37.35
N ARG O 39 13.96 -65.10 38.13
CA ARG O 39 14.44 -63.72 38.31
C ARG O 39 15.85 -63.66 38.91
N TYR O 40 16.26 -64.71 39.62
CA TYR O 40 17.50 -64.70 40.35
C TYR O 40 18.55 -65.65 39.75
N ILE O 41 18.47 -65.87 38.44
CA ILE O 41 19.45 -66.69 37.69
C ILE O 41 19.77 -65.95 36.38
N LYS O 42 21.03 -65.54 36.21
CA LYS O 42 21.43 -64.77 35.00
C LYS O 42 21.49 -65.64 33.76
N GLN O 43 21.14 -65.05 32.63
CA GLN O 43 21.10 -65.78 31.35
C GLN O 43 22.47 -66.31 31.01
N LEU O 44 23.45 -65.40 31.09
CA LEU O 44 24.79 -65.68 30.60
C LEU O 44 25.79 -66.01 31.69
N GLY O 45 25.28 -66.40 32.84
CA GLY O 45 26.11 -66.82 33.96
C GLY O 45 27.25 -65.87 34.20
N GLY O 46 28.47 -66.41 34.08
CA GLY O 46 29.70 -65.64 34.29
C GLY O 46 30.00 -64.61 33.22
N GLY O 47 29.27 -64.65 32.11
CA GLY O 47 29.35 -63.64 31.06
C GLY O 47 29.14 -62.20 31.51
N TYR O 48 28.30 -62.00 32.53
CA TYR O 48 28.10 -60.66 33.12
C TYR O 48 29.43 -60.04 33.60
N TYR O 49 30.35 -60.87 34.06
CA TYR O 49 31.66 -60.42 34.52
C TYR O 49 32.64 -60.07 33.37
N VAL O 50 32.23 -60.26 32.12
CA VAL O 50 32.95 -59.79 30.93
C VAL O 50 32.15 -58.76 30.12
N PHE O 51 30.85 -59.01 29.90
CA PHE O 51 29.97 -58.05 29.20
C PHE O 51 29.09 -57.38 30.23
N PRO O 52 29.42 -56.15 30.62
CA PRO O 52 28.69 -55.54 31.73
C PRO O 52 27.25 -55.19 31.44
N GLY O 53 26.81 -55.28 30.19
CA GLY O 53 25.39 -55.15 29.89
C GLY O 53 24.53 -56.33 30.30
N ALA O 54 25.13 -57.54 30.35
CA ALA O 54 24.43 -58.86 30.44
C ALA O 54 23.88 -59.29 31.83
N SER O 55 23.24 -58.31 32.47
CA SER O 55 22.59 -58.46 33.76
C SER O 55 21.31 -59.29 33.68
N HIS O 56 20.74 -59.35 32.48
CA HIS O 56 19.48 -60.08 32.23
C HIS O 56 19.44 -61.53 32.73
N ASN O 57 18.25 -61.93 33.11
CA ASN O 57 17.94 -63.15 33.82
C ASN O 57 17.01 -64.04 32.99
N ARG O 58 16.90 -65.29 33.39
CA ARG O 58 16.04 -66.25 32.70
C ARG O 58 14.57 -65.82 32.67
N PHE O 59 14.09 -65.24 33.76
CA PHE O 59 12.71 -64.80 33.87
C PHE O 59 12.20 -64.16 32.58
N GLU O 60 12.86 -63.09 32.15
CA GLU O 60 12.41 -62.32 30.98
C GLU O 60 12.62 -63.08 29.66
N HIS O 61 13.66 -63.91 29.59
CA HIS O 61 13.86 -64.85 28.46
C HIS O 61 12.67 -65.81 28.39
N SER O 62 12.36 -66.44 29.52
CA SER O 62 11.23 -67.37 29.61
C SER O 62 9.93 -66.69 29.12
N LEU O 63 9.68 -65.45 29.53
CA LEU O 63 8.53 -64.69 29.02
C LEU O 63 8.54 -64.58 27.50
N GLY O 64 9.67 -64.17 26.97
CA GLY O 64 9.83 -63.97 25.53
C GLY O 64 9.65 -65.23 24.71
N VAL O 65 10.15 -66.34 25.21
CA VAL O 65 10.01 -67.61 24.52
C VAL O 65 8.53 -68.04 24.50
N GLY O 66 7.85 -67.85 25.62
CA GLY O 66 6.40 -68.06 25.69
C GLY O 66 5.67 -67.20 24.66
N TYR O 67 6.07 -65.93 24.56
CA TYR O 67 5.44 -64.99 23.63
C TYR O 67 5.59 -65.43 22.19
N LEU O 68 6.83 -65.72 21.79
CA LEU O 68 7.14 -66.11 20.42
C LEU O 68 6.53 -67.45 20.04
N ALA O 69 6.50 -68.36 20.99
CA ALA O 69 5.77 -69.60 20.79
C ALA O 69 4.32 -69.29 20.37
N GLY O 70 3.68 -68.38 21.12
CA GLY O 70 2.33 -67.90 20.82
C GLY O 70 2.22 -67.27 19.44
N CYS O 71 3.20 -66.46 19.08
CA CYS O 71 3.23 -65.80 17.77
C CYS O 71 3.24 -66.80 16.63
N LEU O 72 4.15 -67.76 16.70
CA LEU O 72 4.35 -68.69 15.61
C LEU O 72 3.14 -69.60 15.44
N VAL O 73 2.69 -70.21 16.53
CA VAL O 73 1.53 -71.11 16.46
C VAL O 73 0.26 -70.38 16.02
N HIS O 74 0.05 -69.17 16.55
CA HIS O 74 -1.11 -68.35 16.20
C HIS O 74 -1.05 -67.92 14.73
N ALA O 75 0.16 -67.66 14.23
CA ALA O 75 0.36 -67.28 12.84
C ALA O 75 0.07 -68.42 11.87
N LEU O 76 0.52 -69.63 12.21
CA LEU O 76 0.25 -70.79 11.39
C LEU O 76 -1.24 -71.03 11.29
N GLY O 77 -1.94 -70.87 12.42
CA GLY O 77 -3.39 -71.01 12.49
C GLY O 77 -4.17 -70.04 11.63
N GLU O 78 -3.74 -68.79 11.60
CA GLU O 78 -4.36 -67.77 10.72
C GLU O 78 -4.11 -68.13 9.26
N LYS O 79 -2.84 -68.40 8.94
CA LYS O 79 -2.42 -68.77 7.58
C LYS O 79 -3.10 -70.06 7.07
N GLN O 80 -3.31 -71.03 7.95
CA GLN O 80 -3.84 -72.36 7.55
C GLN O 80 -4.90 -72.89 8.53
N PRO O 81 -6.17 -72.48 8.35
CA PRO O 81 -7.25 -73.00 9.20
C PRO O 81 -7.42 -74.51 9.12
N GLU O 82 -7.14 -75.10 7.95
CA GLU O 82 -7.17 -76.55 7.75
C GLU O 82 -6.43 -77.37 8.82
N LEU O 83 -5.45 -76.78 9.48
CA LEU O 83 -4.69 -77.46 10.55
C LEU O 83 -5.50 -77.69 11.84
N GLN O 84 -6.54 -76.88 12.03
CA GLN O 84 -7.41 -76.94 13.21
C GLN O 84 -6.57 -76.90 14.49
N ILE O 85 -5.90 -75.77 14.62
CA ILE O 85 -5.13 -75.46 15.79
C ILE O 85 -6.12 -74.79 16.74
N SER O 86 -6.38 -75.45 17.89
CA SER O 86 -7.32 -74.93 18.89
C SER O 86 -6.63 -73.94 19.83
N GLU O 87 -7.40 -73.06 20.46
CA GLU O 87 -6.84 -72.16 21.48
C GLU O 87 -6.32 -72.96 22.68
N ARG O 88 -6.75 -74.22 22.79
CA ARG O 88 -6.16 -75.17 23.71
C ARG O 88 -4.73 -75.49 23.31
N ASP O 89 -4.50 -75.80 22.02
CA ASP O 89 -3.15 -76.05 21.51
C ASP O 89 -2.26 -74.83 21.73
N VAL O 90 -2.78 -73.64 21.38
CA VAL O 90 -2.03 -72.38 21.51
C VAL O 90 -1.56 -72.19 22.94
N LEU O 91 -2.48 -72.30 23.89
CA LEU O 91 -2.14 -72.14 25.30
C LEU O 91 -1.08 -73.12 25.74
N CYS O 92 -1.21 -74.37 25.32
CA CYS O 92 -0.24 -75.40 25.68
C CYS O 92 1.17 -75.10 25.16
N VAL O 93 1.24 -74.57 23.94
CA VAL O 93 2.51 -74.19 23.33
C VAL O 93 3.12 -73.00 24.09
N GLN O 94 2.30 -71.99 24.37
CA GLN O 94 2.73 -70.84 25.17
C GLN O 94 3.28 -71.29 26.52
N ILE O 95 2.53 -72.15 27.22
CA ILE O 95 2.94 -72.66 28.53
C ILE O 95 4.28 -73.38 28.44
N ALA O 96 4.47 -74.17 27.39
CA ALA O 96 5.73 -74.88 27.19
C ALA O 96 6.87 -73.91 27.04
N GLY O 97 6.70 -72.96 26.13
CA GLY O 97 7.68 -71.91 25.91
C GLY O 97 8.01 -71.14 27.18
N LEU O 98 6.97 -70.79 27.92
CA LEU O 98 7.12 -70.06 29.17
C LEU O 98 7.97 -70.83 30.20
N CYS O 99 7.68 -72.11 30.32
CA CYS O 99 8.33 -72.96 31.33
C CYS O 99 9.54 -73.74 30.83
N HIS O 100 10.00 -73.47 29.61
CA HIS O 100 10.97 -74.37 28.98
C HIS O 100 12.34 -74.40 29.66
N ASP O 101 12.72 -73.28 30.28
CA ASP O 101 13.98 -73.18 31.02
C ASP O 101 13.73 -72.96 32.50
N LEU O 102 12.67 -73.58 33.02
CA LEU O 102 12.40 -73.58 34.47
C LEU O 102 13.47 -74.26 35.31
N GLY O 103 14.18 -75.22 34.70
CA GLY O 103 15.15 -76.06 35.40
C GLY O 103 16.61 -75.70 35.29
N HIS O 104 16.95 -74.50 34.86
CA HIS O 104 18.36 -74.09 34.90
C HIS O 104 18.82 -73.91 36.31
N GLY O 105 20.08 -74.24 36.54
CA GLY O 105 20.70 -74.01 37.84
C GLY O 105 21.29 -72.62 37.99
N PRO O 106 21.95 -72.36 39.14
CA PRO O 106 22.73 -71.15 39.34
C PRO O 106 23.72 -70.95 38.20
N PHE O 107 23.74 -69.73 37.67
CA PHE O 107 24.57 -69.38 36.52
C PHE O 107 24.29 -70.23 35.26
N SER O 108 23.02 -70.55 35.08
CA SER O 108 22.49 -71.17 33.86
C SER O 108 23.26 -72.40 33.41
N HIS O 109 24.10 -72.24 32.39
CA HIS O 109 24.71 -73.37 31.71
C HIS O 109 25.97 -73.85 32.41
N MET O 110 26.59 -72.97 33.20
CA MET O 110 27.63 -73.37 34.15
C MET O 110 27.19 -74.57 34.99
N PHE O 111 25.93 -74.56 35.45
CA PHE O 111 25.44 -75.59 36.37
C PHE O 111 25.32 -76.97 35.72
N ASP O 112 24.50 -77.07 34.67
CA ASP O 112 24.30 -78.34 33.97
C ASP O 112 25.50 -78.75 33.09
N GLY O 113 26.33 -77.77 32.73
CA GLY O 113 27.45 -77.97 31.79
C GLY O 113 28.82 -78.20 32.41
N ARG O 114 29.09 -77.64 33.59
CA ARG O 114 30.38 -77.80 34.28
C ARG O 114 30.25 -78.45 35.65
N PHE O 115 29.44 -77.87 36.52
CA PHE O 115 29.35 -78.27 37.93
C PHE O 115 28.82 -79.68 38.18
N ILE O 116 27.60 -79.95 37.74
CA ILE O 116 26.96 -81.27 37.97
C ILE O 116 27.78 -82.42 37.39
N PRO O 117 28.29 -82.29 36.15
CA PRO O 117 29.23 -83.30 35.62
C PRO O 117 30.46 -83.59 36.48
N LEU O 118 30.99 -82.58 37.17
CA LEU O 118 32.15 -82.77 38.07
C LEU O 118 31.72 -83.27 39.44
N ALA O 119 30.70 -82.64 40.02
CA ALA O 119 30.23 -83.00 41.36
C ALA O 119 29.63 -84.41 41.43
N ARG O 120 28.88 -84.81 40.40
CA ARG O 120 28.18 -86.10 40.38
C ARG O 120 28.30 -86.76 39.00
N PRO O 121 29.49 -87.31 38.68
CA PRO O 121 29.76 -87.94 37.38
C PRO O 121 28.85 -89.12 37.01
N GLU O 122 28.29 -89.78 38.03
CA GLU O 122 27.34 -90.87 37.83
C GLU O 122 26.04 -90.47 37.12
N VAL O 123 25.55 -89.24 37.33
CA VAL O 123 24.23 -88.83 36.84
C VAL O 123 24.32 -88.28 35.42
N LYS O 124 23.31 -88.58 34.59
CA LYS O 124 23.09 -87.87 33.33
C LYS O 124 21.91 -86.92 33.58
N TRP O 125 22.22 -85.64 33.79
CA TRP O 125 21.23 -84.61 34.13
C TRP O 125 21.41 -83.37 33.25
N THR O 126 20.28 -82.81 32.78
CA THR O 126 20.26 -81.61 31.92
C THR O 126 19.27 -80.58 32.46
N HIS O 127 19.42 -79.33 32.03
CA HIS O 127 18.52 -78.27 32.46
C HIS O 127 17.07 -78.57 32.04
N GLU O 128 16.91 -79.26 30.90
CA GLU O 128 15.58 -79.65 30.38
C GLU O 128 14.88 -80.63 31.32
N GLN O 129 15.59 -81.70 31.70
CA GLN O 129 15.02 -82.68 32.64
C GLN O 129 14.56 -81.99 33.90
N GLY O 130 15.37 -81.05 34.37
CA GLY O 130 15.02 -80.20 35.51
C GLY O 130 13.74 -79.44 35.28
N SER O 131 13.59 -78.85 34.10
CA SER O 131 12.39 -78.08 33.77
C SER O 131 11.12 -78.92 33.86
N VAL O 132 11.18 -80.16 33.37
CA VAL O 132 10.04 -81.09 33.46
C VAL O 132 9.65 -81.34 34.91
N MET O 133 10.62 -81.70 35.73
CA MET O 133 10.39 -81.95 37.14
C MET O 133 9.90 -80.71 37.86
N MET O 134 10.53 -79.58 37.60
CA MET O 134 10.14 -78.30 38.20
C MET O 134 8.73 -77.89 37.76
N PHE O 135 8.37 -78.19 36.50
CA PHE O 135 7.02 -77.92 36.00
C PHE O 135 5.98 -78.71 36.78
N GLU O 136 6.24 -80.01 36.92
CA GLU O 136 5.40 -80.91 37.74
C GLU O 136 5.22 -80.32 39.15
N HIS O 137 6.33 -79.97 39.81
CA HIS O 137 6.29 -79.37 41.16
C HIS O 137 5.50 -78.07 41.19
N LEU O 138 5.66 -77.24 40.16
CA LEU O 138 4.92 -75.98 40.06
C LEU O 138 3.42 -76.21 40.01
N ILE O 139 3.01 -77.12 39.13
CA ILE O 139 1.59 -77.43 38.94
C ILE O 139 0.95 -77.94 40.22
N ASN O 140 1.63 -78.89 40.87
CA ASN O 140 1.08 -79.58 42.04
C ASN O 140 1.04 -78.69 43.27
N SER O 141 2.15 -78.02 43.55
CA SER O 141 2.24 -77.16 44.73
C SER O 141 1.38 -75.87 44.64
N ASN O 142 0.92 -75.50 43.44
CA ASN O 142 0.11 -74.28 43.27
C ASN O 142 -1.33 -74.49 42.78
N GLY O 143 -1.77 -75.75 42.68
CA GLY O 143 -3.15 -76.05 42.29
C GLY O 143 -3.56 -75.51 40.94
N ILE O 144 -2.71 -75.74 39.95
CA ILE O 144 -2.90 -75.20 38.61
C ILE O 144 -3.84 -76.09 37.80
N LYS O 145 -3.80 -77.39 38.02
CA LYS O 145 -4.70 -78.34 37.35
C LYS O 145 -6.17 -77.87 37.23
N PRO O 146 -6.79 -77.45 38.36
CA PRO O 146 -8.14 -76.85 38.30
C PRO O 146 -8.29 -75.66 37.34
N VAL O 147 -7.27 -74.81 37.32
CA VAL O 147 -7.26 -73.60 36.49
C VAL O 147 -7.10 -73.97 35.02
N MET O 148 -6.30 -74.99 34.74
CA MET O 148 -6.13 -75.48 33.36
C MET O 148 -7.48 -75.95 32.83
N GLU O 149 -8.17 -76.76 33.63
CA GLU O 149 -9.52 -77.23 33.31
C GLU O 149 -10.48 -76.08 33.07
N GLN O 150 -10.45 -75.08 33.95
CA GLN O 150 -11.28 -73.88 33.82
C GLN O 150 -11.14 -73.20 32.45
N TYR O 151 -9.94 -73.23 31.85
CA TYR O 151 -9.70 -72.64 30.53
C TYR O 151 -9.62 -73.68 29.39
N GLY O 152 -10.34 -74.79 29.55
CA GLY O 152 -10.52 -75.74 28.47
C GLY O 152 -9.39 -76.72 28.20
N LEU O 153 -8.42 -76.83 29.10
CA LEU O 153 -7.35 -77.83 28.94
C LEU O 153 -7.76 -79.15 29.58
N ILE O 154 -7.03 -80.20 29.20
CA ILE O 154 -7.19 -81.54 29.73
C ILE O 154 -5.85 -81.96 30.33
N PRO O 155 -5.67 -81.76 31.66
CA PRO O 155 -4.37 -82.00 32.31
C PRO O 155 -3.68 -83.33 31.99
N GLU O 156 -4.44 -84.42 31.95
CA GLU O 156 -3.90 -85.76 31.57
C GLU O 156 -3.10 -85.64 30.28
N GLU O 157 -3.78 -85.29 29.20
CA GLU O 157 -3.17 -85.19 27.87
C GLU O 157 -2.19 -84.03 27.77
N ASP O 158 -2.59 -82.86 28.26
CA ASP O 158 -1.85 -81.63 27.97
C ASP O 158 -0.57 -81.44 28.77
N ILE O 159 -0.56 -81.85 30.04
CA ILE O 159 0.67 -81.77 30.84
C ILE O 159 1.75 -82.67 30.26
N CYS O 160 1.36 -83.79 29.66
CA CYS O 160 2.29 -84.61 28.89
C CYS O 160 2.82 -83.85 27.67
N PHE O 161 1.89 -83.28 26.90
CA PHE O 161 2.21 -82.50 25.71
C PHE O 161 3.20 -81.37 26.00
N ILE O 162 2.98 -80.68 27.11
CA ILE O 162 3.87 -79.59 27.53
C ILE O 162 5.27 -80.13 27.85
N LYS O 163 5.33 -81.17 28.68
CA LYS O 163 6.60 -81.81 29.04
C LYS O 163 7.33 -82.30 27.80
N GLU O 164 6.58 -82.94 26.90
CA GLU O 164 7.15 -83.45 25.67
C GLU O 164 7.74 -82.36 24.77
N GLN O 165 7.09 -81.19 24.72
CA GLN O 165 7.65 -80.05 23.96
C GLN O 165 9.05 -79.70 24.48
N ILE O 166 9.22 -79.77 25.79
CA ILE O 166 10.45 -79.32 26.46
C ILE O 166 11.61 -80.30 26.27
N VAL O 167 11.39 -81.56 26.64
CA VAL O 167 12.45 -82.59 26.66
C VAL O 167 12.42 -83.59 25.49
N GLY O 168 11.36 -83.55 24.68
CA GLY O 168 11.15 -84.57 23.68
C GLY O 168 10.37 -85.72 24.30
N PRO O 169 10.41 -86.91 23.64
CA PRO O 169 9.50 -87.98 24.05
C PRO O 169 9.83 -88.62 25.40
N LEU O 170 8.79 -88.87 26.18
CA LEU O 170 8.97 -89.51 27.49
C LEU O 170 9.18 -91.05 27.39
N GLU O 171 9.39 -91.63 26.19
CA GLU O 171 9.87 -93.01 26.04
C GLU O 171 10.79 -93.06 24.81
N SER O 172 12.12 -93.23 25.00
CA SER O 172 13.14 -93.35 23.89
C SER O 172 12.82 -94.39 22.78
N PRO O 173 12.70 -93.96 21.49
CA PRO O 173 12.39 -94.91 20.39
C PRO O 173 13.53 -95.89 20.06
N VAL O 174 13.23 -97.19 19.86
CA VAL O 174 14.28 -98.25 19.66
C VAL O 174 14.68 -98.44 18.16
N GLU O 175 14.19 -99.49 17.48
CA GLU O 175 14.49 -99.71 16.05
C GLU O 175 13.27 -99.37 15.16
N ASP O 176 12.44 -98.40 15.60
CA ASP O 176 11.06 -98.16 15.05
C ASP O 176 10.84 -96.96 14.09
N SER O 177 11.08 -95.71 14.54
CA SER O 177 10.72 -94.45 13.84
C SER O 177 9.21 -94.17 13.51
N LEU O 178 8.29 -95.04 13.96
CA LEU O 178 6.91 -94.69 14.22
C LEU O 178 6.72 -93.64 15.37
N TRP O 179 5.51 -93.17 15.58
CA TRP O 179 5.25 -91.89 16.27
C TRP O 179 5.51 -91.94 17.76
N PRO O 180 6.59 -91.24 18.24
CA PRO O 180 6.99 -91.37 19.66
C PRO O 180 6.16 -90.60 20.70
N TYR O 181 5.29 -89.69 20.32
CA TYR O 181 4.62 -88.79 21.28
C TYR O 181 3.26 -89.32 21.69
N LYS O 182 2.97 -89.24 22.98
CA LYS O 182 1.64 -89.55 23.53
C LYS O 182 0.78 -88.30 23.71
N GLY O 183 1.39 -87.12 23.69
CA GLY O 183 0.67 -85.84 24.00
C GLY O 183 -0.23 -85.37 22.89
N ARG O 184 0.25 -85.48 21.64
CA ARG O 184 -0.54 -85.12 20.46
C ARG O 184 -0.32 -86.16 19.35
N PRO O 185 -1.31 -86.30 18.45
CA PRO O 185 -1.17 -87.18 17.29
C PRO O 185 -0.23 -86.65 16.19
N GLU O 186 0.02 -87.47 15.17
CA GLU O 186 0.92 -87.09 14.05
C GLU O 186 0.43 -85.92 13.21
N ASN O 187 -0.88 -85.72 13.15
CA ASN O 187 -1.45 -84.58 12.41
C ASN O 187 -1.24 -83.21 13.07
N LYS O 188 -0.61 -83.21 14.25
CA LYS O 188 -0.17 -81.97 14.89
C LYS O 188 1.29 -82.05 15.34
N SER O 189 2.14 -82.72 14.56
CA SER O 189 3.58 -82.83 14.88
C SER O 189 4.30 -81.49 14.79
N PHE O 190 3.82 -80.62 13.92
CA PHE O 190 4.38 -79.27 13.77
C PHE O 190 4.44 -78.51 15.10
N LEU O 191 3.51 -78.75 16.00
CA LEU O 191 3.54 -78.09 17.31
C LEU O 191 4.80 -78.41 18.12
N TYR O 192 5.34 -79.61 17.96
CA TYR O 192 6.58 -79.99 18.66
C TYR O 192 7.84 -79.29 18.15
N GLU O 193 7.76 -78.73 16.95
CA GLU O 193 8.85 -77.96 16.34
C GLU O 193 8.93 -76.48 16.75
N ILE O 194 8.04 -75.99 17.64
CA ILE O 194 8.01 -74.56 17.97
C ILE O 194 8.97 -74.20 19.11
N VAL O 195 8.81 -74.86 20.25
CA VAL O 195 9.53 -74.44 21.47
C VAL O 195 10.96 -75.00 21.47
N SER O 196 11.09 -76.28 21.13
CA SER O 196 12.38 -76.96 21.12
C SER O 196 12.39 -78.00 20.00
N ASN O 197 13.02 -77.61 18.88
CA ASN O 197 12.93 -78.32 17.60
C ASN O 197 14.02 -79.40 17.57
N LYS O 198 13.60 -80.65 17.76
CA LYS O 198 14.50 -81.79 17.79
C LYS O 198 15.03 -82.13 16.39
N ARG O 199 14.28 -81.76 15.34
CA ARG O 199 14.61 -82.13 13.96
C ARG O 199 15.84 -81.40 13.43
N ASN O 200 15.80 -80.08 13.52
CA ASN O 200 16.86 -79.20 12.97
C ASN O 200 17.40 -78.13 13.92
N GLY O 201 16.71 -77.85 15.02
CA GLY O 201 17.16 -76.86 15.98
C GLY O 201 16.60 -75.45 15.78
N ILE O 202 15.87 -75.21 14.70
CA ILE O 202 15.25 -73.91 14.47
C ILE O 202 14.00 -73.81 15.37
N ASP O 203 14.14 -73.11 16.49
CA ASP O 203 13.04 -72.91 17.47
C ASP O 203 12.98 -71.47 17.99
N VAL O 204 11.89 -71.12 18.66
CA VAL O 204 11.72 -69.75 19.18
C VAL O 204 12.60 -69.47 20.41
N ASP O 205 13.09 -70.52 21.07
CA ASP O 205 14.10 -70.41 22.13
C ASP O 205 15.28 -69.61 21.59
N LYS O 206 15.81 -70.06 20.45
CA LYS O 206 16.92 -69.36 19.77
C LYS O 206 16.57 -67.94 19.39
N TRP O 207 15.38 -67.74 18.84
CA TRP O 207 14.99 -66.43 18.32
C TRP O 207 14.95 -65.37 19.40
N ASP O 208 14.46 -65.73 20.58
CA ASP O 208 14.42 -64.80 21.70
C ASP O 208 15.84 -64.45 22.15
N TYR O 209 16.64 -65.47 22.48
CA TYR O 209 17.96 -65.22 23.09
C TYR O 209 18.94 -64.55 22.14
N PHE O 210 18.79 -64.75 20.84
CA PHE O 210 19.55 -63.95 19.87
C PHE O 210 19.26 -62.47 20.09
N ALA O 211 17.98 -62.12 20.00
CA ALA O 211 17.54 -60.74 20.15
C ALA O 211 17.89 -60.20 21.55
N ARG O 212 17.63 -61.01 22.57
CA ARG O 212 17.80 -60.59 23.96
C ARG O 212 19.25 -60.46 24.33
N ASP O 213 20.03 -61.50 24.08
CA ASP O 213 21.44 -61.49 24.46
C ASP O 213 22.13 -60.33 23.72
N CYS O 214 21.91 -60.19 22.42
CA CYS O 214 22.46 -59.06 21.64
C CYS O 214 22.15 -57.68 22.25
N HIS O 215 20.88 -57.45 22.58
CA HIS O 215 20.41 -56.19 23.17
C HIS O 215 21.23 -55.82 24.39
N HIS O 216 21.37 -56.78 25.30
CA HIS O 216 22.07 -56.60 26.57
C HIS O 216 23.62 -56.69 26.42
N LEU O 217 24.14 -57.53 25.52
CA LEU O 217 25.60 -57.69 25.35
C LEU O 217 26.31 -56.45 24.82
N GLY O 218 25.70 -55.88 23.78
CA GLY O 218 26.34 -54.84 22.97
C GLY O 218 26.86 -55.39 21.66
N ILE O 219 26.03 -56.20 21.01
CA ILE O 219 26.31 -56.74 19.67
C ILE O 219 24.97 -56.63 18.93
N GLN O 220 25.00 -56.37 17.62
CA GLN O 220 23.78 -56.34 16.81
C GLN O 220 23.49 -57.73 16.25
N ASN O 221 22.21 -58.05 16.22
CA ASN O 221 21.71 -59.37 15.83
C ASN O 221 21.41 -59.34 14.33
N ASN O 222 21.85 -60.37 13.62
CA ASN O 222 21.72 -60.43 12.16
C ASN O 222 20.63 -61.41 11.65
N PHE O 223 19.61 -61.69 12.49
CA PHE O 223 18.56 -62.65 12.13
C PHE O 223 17.16 -62.10 12.41
N ASP O 224 16.29 -62.18 11.40
CA ASP O 224 14.93 -61.63 11.48
C ASP O 224 13.93 -62.76 11.67
N TYR O 225 13.54 -62.97 12.92
CA TYR O 225 12.59 -64.03 13.27
C TYR O 225 11.19 -63.73 12.72
N LYS O 226 10.82 -62.46 12.75
CA LYS O 226 9.52 -62.02 12.25
C LYS O 226 9.31 -62.38 10.80
N ARG O 227 10.36 -62.22 10.01
CA ARG O 227 10.31 -62.53 8.59
C ARG O 227 10.16 -64.02 8.36
N PHE O 228 10.90 -64.83 9.11
CA PHE O 228 10.81 -66.26 8.95
C PHE O 228 9.39 -66.78 9.22
N ILE O 229 8.74 -66.18 10.22
CA ILE O 229 7.34 -66.45 10.57
C ILE O 229 6.41 -66.12 9.40
N LYS O 230 6.61 -64.99 8.74
CA LYS O 230 5.79 -64.66 7.56
C LYS O 230 5.92 -65.67 6.43
N PHE O 231 7.09 -66.32 6.32
CA PHE O 231 7.34 -67.36 5.29
C PHE O 231 7.45 -68.77 5.87
N ALA O 232 6.71 -69.02 6.95
CA ALA O 232 6.60 -70.34 7.51
C ALA O 232 5.25 -70.92 7.11
N ARG O 233 5.19 -72.24 7.05
CA ARG O 233 4.04 -72.95 6.53
C ARG O 233 4.13 -74.44 6.84
N VAL O 234 3.00 -75.06 7.13
CA VAL O 234 2.96 -76.50 7.41
C VAL O 234 2.66 -77.25 6.13
N CYS O 235 3.45 -78.28 5.86
CA CYS O 235 3.25 -79.18 4.71
C CYS O 235 3.40 -80.62 5.16
N GLU O 236 2.91 -81.54 4.34
CA GLU O 236 3.10 -82.96 4.62
C GLU O 236 4.51 -83.38 4.22
N VAL O 237 5.20 -84.07 5.13
CA VAL O 237 6.52 -84.65 4.87
C VAL O 237 6.55 -86.04 5.51
N ASP O 238 6.61 -87.08 4.68
CA ASP O 238 6.65 -88.47 5.16
C ASP O 238 5.54 -88.78 6.15
N ASN O 239 4.30 -88.60 5.69
CA ASN O 239 3.09 -89.00 6.46
C ASN O 239 2.93 -88.27 7.81
N GLU O 240 3.32 -87.00 7.81
CA GLU O 240 3.45 -86.23 9.05
C GLU O 240 3.48 -84.75 8.68
N LEU O 241 2.74 -83.93 9.40
CA LEU O 241 2.64 -82.47 9.10
C LEU O 241 3.69 -81.63 9.83
N ARG O 242 4.67 -81.10 9.10
CA ARG O 242 5.78 -80.36 9.72
C ARG O 242 5.97 -78.97 9.12
N ILE O 243 6.57 -78.09 9.92
CA ILE O 243 6.82 -76.72 9.52
C ILE O 243 7.87 -76.71 8.42
N CYS O 244 7.60 -75.91 7.39
CA CYS O 244 8.50 -75.70 6.26
C CYS O 244 8.67 -74.20 6.02
N ALA O 245 9.87 -73.82 5.59
CA ALA O 245 10.18 -72.45 5.21
C ALA O 245 10.19 -72.33 3.71
N ARG O 246 10.06 -71.10 3.22
CA ARG O 246 10.08 -70.86 1.78
C ARG O 246 11.49 -71.09 1.23
N ASP O 247 11.56 -71.62 0.01
CA ASP O 247 12.84 -71.84 -0.68
C ASP O 247 13.85 -70.69 -0.61
N LYS O 248 13.40 -69.45 -0.78
CA LYS O 248 14.30 -68.28 -0.73
C LYS O 248 14.96 -68.06 0.65
N GLU O 249 14.28 -68.45 1.73
CA GLU O 249 14.80 -68.30 3.09
C GLU O 249 16.01 -69.17 3.42
N VAL O 250 16.31 -70.17 2.59
CA VAL O 250 17.43 -71.08 2.87
C VAL O 250 18.72 -70.31 3.23
N GLY O 251 18.99 -69.22 2.52
CA GLY O 251 20.17 -68.37 2.81
C GLY O 251 20.16 -67.84 4.23
N ASN O 252 19.02 -67.30 4.63
CA ASN O 252 18.85 -66.71 5.96
C ASN O 252 18.98 -67.75 7.07
N LEU O 253 18.58 -68.99 6.76
CA LEU O 253 18.67 -70.09 7.71
C LEU O 253 20.11 -70.51 7.96
N TYR O 254 20.95 -70.57 6.92
CA TYR O 254 22.38 -70.83 7.16
C TYR O 254 22.98 -69.68 8.00
N ASP O 255 22.52 -68.46 7.70
CA ASP O 255 22.97 -67.26 8.42
C ASP O 255 22.48 -67.24 9.89
N MET O 256 21.35 -67.89 10.17
CA MET O 256 20.88 -68.07 11.55
C MET O 256 21.91 -68.87 12.35
N PHE O 257 22.33 -70.03 11.85
CA PHE O 257 23.31 -70.85 12.56
C PHE O 257 24.72 -70.24 12.57
N HIS O 258 25.04 -69.41 11.57
CA HIS O 258 26.28 -68.61 11.60
C HIS O 258 26.24 -67.59 12.75
N THR O 259 25.14 -66.86 12.84
CA THR O 259 24.90 -65.91 13.93
C THR O 259 25.02 -66.64 15.29
N ARG O 260 24.47 -67.85 15.40
CA ARG O 260 24.59 -68.62 16.64
C ARG O 260 26.05 -68.90 17.00
N ASN O 261 26.77 -69.47 16.04
CA ASN O 261 28.18 -69.80 16.22
C ASN O 261 29.00 -68.57 16.54
N SER O 262 28.69 -67.47 15.85
CA SER O 262 29.36 -66.19 16.08
C SER O 262 29.17 -65.69 17.53
N LEU O 263 27.94 -65.78 18.05
CA LEU O 263 27.64 -65.38 19.44
C LEU O 263 28.36 -66.25 20.48
N HIS O 264 28.50 -67.53 20.18
CA HIS O 264 29.29 -68.43 21.03
C HIS O 264 30.75 -68.00 21.04
N ARG O 265 31.29 -67.71 19.86
CA ARG O 265 32.69 -67.31 19.74
C ARG O 265 32.96 -66.01 20.48
N ARG O 266 32.14 -65.00 20.24
CA ARG O 266 32.38 -63.67 20.83
C ARG O 266 32.02 -63.59 22.31
N ALA O 267 30.93 -64.23 22.70
CA ALA O 267 30.33 -64.00 24.02
C ALA O 267 30.31 -65.26 24.90
N TYR O 268 29.49 -66.24 24.53
CA TYR O 268 29.13 -67.32 25.44
C TYR O 268 30.33 -68.18 25.88
N GLN O 269 31.23 -68.42 24.91
CA GLN O 269 32.49 -69.12 25.14
C GLN O 269 33.70 -68.18 25.21
N HIS O 270 33.47 -66.94 25.65
CA HIS O 270 34.58 -65.99 25.79
C HIS O 270 35.61 -66.51 26.79
N LYS O 271 36.88 -66.42 26.42
CA LYS O 271 37.98 -67.06 27.16
C LYS O 271 37.99 -66.77 28.68
N VAL O 272 37.66 -65.52 29.02
CA VAL O 272 37.58 -65.07 30.42
C VAL O 272 36.22 -65.43 31.04
N GLY O 273 35.16 -65.34 30.24
CA GLY O 273 33.83 -65.74 30.70
C GLY O 273 33.82 -67.19 31.16
N ASN O 274 34.47 -68.03 30.36
CA ASN O 274 34.65 -69.44 30.68
C ASN O 274 35.57 -69.69 31.88
N ILE O 275 36.62 -68.90 32.05
CA ILE O 275 37.50 -69.11 33.20
C ILE O 275 36.79 -68.69 34.50
N ILE O 276 35.94 -67.68 34.42
CA ILE O 276 35.14 -67.28 35.57
C ILE O 276 34.09 -68.34 35.92
N ASP O 277 33.44 -68.89 34.89
CA ASP O 277 32.54 -70.05 35.05
C ASP O 277 33.30 -71.20 35.79
N THR O 278 34.50 -71.59 35.31
CA THR O 278 35.28 -72.68 35.95
C THR O 278 35.65 -72.35 37.40
N MET O 279 35.96 -71.07 37.65
CA MET O 279 36.31 -70.60 38.99
C MET O 279 35.12 -70.63 39.95
N ILE O 280 33.95 -70.20 39.46
CA ILE O 280 32.73 -70.30 40.27
C ILE O 280 32.36 -71.76 40.52
N THR O 281 32.44 -72.59 39.48
CA THR O 281 32.27 -74.05 39.60
C THR O 281 33.21 -74.65 40.65
N ASP O 282 34.47 -74.26 40.58
CA ASP O 282 35.50 -74.69 41.53
C ASP O 282 35.08 -74.36 42.97
N ALA O 283 34.65 -73.12 43.18
CA ALA O 283 34.18 -72.67 44.49
C ALA O 283 32.95 -73.43 45.00
N PHE O 284 32.04 -73.75 44.08
CA PHE O 284 30.86 -74.53 44.43
C PHE O 284 31.26 -75.93 44.86
N LEU O 285 32.18 -76.55 44.13
CA LEU O 285 32.67 -77.88 44.50
C LEU O 285 33.25 -77.91 45.91
N LYS O 286 34.02 -76.88 46.26
CA LYS O 286 34.62 -76.79 47.61
C LYS O 286 33.60 -76.45 48.69
N ALA O 287 32.56 -75.71 48.33
CA ALA O 287 31.50 -75.38 49.26
C ALA O 287 30.40 -76.44 49.40
N ASP O 288 30.36 -77.42 48.48
CA ASP O 288 29.21 -78.34 48.37
C ASP O 288 28.90 -79.09 49.65
N ASP O 289 29.96 -79.60 50.28
CA ASP O 289 29.85 -80.40 51.50
C ASP O 289 29.23 -79.68 52.68
N TYR O 290 29.46 -78.37 52.77
CA TYR O 290 29.08 -77.59 53.98
C TYR O 290 27.85 -76.70 53.81
N ILE O 291 27.21 -76.73 52.64
CA ILE O 291 25.98 -75.96 52.45
C ILE O 291 24.79 -76.90 52.42
N GLU O 292 23.83 -76.60 53.30
CA GLU O 292 22.58 -77.33 53.41
C GLU O 292 21.47 -76.46 52.82
N ILE O 293 20.52 -77.12 52.15
CA ILE O 293 19.32 -76.47 51.62
C ILE O 293 18.11 -77.31 52.03
N THR O 294 17.13 -76.65 52.66
CA THR O 294 15.94 -77.31 53.15
C THR O 294 15.08 -77.73 51.98
N GLY O 295 14.70 -79.00 51.97
CA GLY O 295 13.86 -79.56 50.91
C GLY O 295 12.50 -79.99 51.41
N ALA O 296 11.95 -81.00 50.75
CA ALA O 296 10.61 -81.49 51.04
C ALA O 296 10.61 -82.26 52.35
N GLY O 297 9.65 -81.93 53.20
CA GLY O 297 9.56 -82.45 54.56
C GLY O 297 10.75 -82.08 55.42
N GLY O 298 11.45 -81.01 55.06
CA GLY O 298 12.65 -80.60 55.78
C GLY O 298 13.96 -81.35 55.54
N LYS O 299 13.99 -82.34 54.65
CA LYS O 299 15.24 -83.09 54.40
C LYS O 299 16.37 -82.16 53.94
N LYS O 300 17.59 -82.42 54.37
CA LYS O 300 18.74 -81.57 54.03
C LYS O 300 19.36 -82.00 52.69
N TYR O 301 19.48 -81.05 51.75
CA TYR O 301 20.13 -81.31 50.46
C TYR O 301 21.33 -80.40 50.25
N ARG O 302 22.34 -80.91 49.55
CA ARG O 302 23.53 -80.15 49.17
C ARG O 302 23.30 -79.49 47.81
N ILE O 303 24.25 -78.68 47.38
CA ILE O 303 24.11 -77.97 46.11
C ILE O 303 23.96 -78.98 44.99
N SER O 304 24.83 -79.98 44.98
CA SER O 304 24.82 -81.03 43.96
C SER O 304 23.60 -81.96 43.99
N THR O 305 22.99 -82.14 45.16
CA THR O 305 21.84 -83.04 45.32
C THR O 305 20.46 -82.35 45.33
N ALA O 306 20.44 -81.02 45.32
CA ALA O 306 19.19 -80.27 45.25
C ALA O 306 18.39 -80.59 44.00
N ILE O 307 19.08 -80.94 42.91
CA ILE O 307 18.40 -81.36 41.67
C ILE O 307 17.47 -82.56 41.83
N ASP O 308 17.70 -83.38 42.85
CA ASP O 308 16.82 -84.53 43.11
C ASP O 308 15.47 -84.15 43.69
N ASP O 309 15.44 -83.09 44.50
CA ASP O 309 14.19 -82.57 45.06
C ASP O 309 13.92 -81.15 44.56
N MET O 310 12.71 -80.91 44.07
CA MET O 310 12.35 -79.61 43.49
C MET O 310 12.02 -78.53 44.51
N GLU O 311 11.53 -78.92 45.68
CA GLU O 311 11.24 -77.94 46.73
C GLU O 311 12.54 -77.29 47.21
N ALA O 312 13.61 -78.10 47.26
CA ALA O 312 14.94 -77.59 47.59
C ALA O 312 15.50 -76.74 46.46
N TYR O 313 15.49 -77.30 45.25
CA TYR O 313 16.01 -76.64 44.03
C TYR O 313 15.37 -75.28 43.73
N THR O 314 14.11 -75.11 44.16
CA THR O 314 13.41 -73.83 44.12
C THR O 314 14.21 -72.70 44.82
N LYS O 315 14.87 -73.04 45.92
CA LYS O 315 15.67 -72.08 46.67
C LYS O 315 17.13 -71.95 46.20
N LEU O 316 17.52 -72.71 45.17
CA LEU O 316 18.91 -72.73 44.66
C LEU O 316 19.05 -71.85 43.45
N THR O 317 19.65 -70.68 43.65
CA THR O 317 19.79 -69.66 42.61
C THR O 317 21.20 -69.07 42.66
N ASP O 318 21.46 -68.04 41.84
CA ASP O 318 22.73 -67.27 41.89
C ASP O 318 23.08 -66.75 43.28
N ASN O 319 22.07 -66.55 44.13
CA ASN O 319 22.26 -66.26 45.56
C ASN O 319 23.39 -67.03 46.22
N ILE O 320 23.51 -68.30 45.84
CA ILE O 320 24.48 -69.19 46.44
C ILE O 320 25.92 -68.68 46.31
N PHE O 321 26.19 -67.92 45.24
CA PHE O 321 27.44 -67.15 45.06
C PHE O 321 27.70 -66.20 46.22
N LEU O 322 26.76 -65.29 46.44
CA LEU O 322 26.88 -64.28 47.49
C LEU O 322 26.81 -64.85 48.89
N GLU O 323 26.05 -65.94 49.04
CA GLU O 323 25.98 -66.65 50.30
C GLU O 323 27.40 -67.10 50.66
N ILE O 324 28.09 -67.74 49.71
CA ILE O 324 29.48 -68.18 49.91
C ILE O 324 30.42 -66.99 50.16
N LEU O 325 30.27 -65.94 49.37
CA LEU O 325 31.15 -64.77 49.47
C LEU O 325 31.04 -64.10 50.82
N TYR O 326 29.82 -63.84 51.25
CA TYR O 326 29.57 -63.14 52.51
C TYR O 326 29.76 -63.98 53.78
N SER O 327 29.87 -65.32 53.66
CA SER O 327 29.91 -66.18 54.85
C SER O 327 31.18 -65.99 55.69
N THR O 328 31.06 -66.38 56.96
CA THR O 328 32.18 -66.41 57.89
C THR O 328 32.48 -67.82 58.43
N ASP O 329 31.71 -68.82 58.02
CA ASP O 329 31.99 -70.21 58.39
C ASP O 329 33.39 -70.57 57.87
N PRO O 330 34.31 -70.97 58.77
CA PRO O 330 35.64 -71.37 58.29
C PRO O 330 35.69 -72.64 57.43
N LYS O 331 34.65 -73.49 57.49
CA LYS O 331 34.54 -74.64 56.58
C LYS O 331 34.47 -74.20 55.12
N LEU O 332 33.90 -73.00 54.89
CA LEU O 332 33.78 -72.41 53.56
C LEU O 332 34.96 -71.50 53.14
N LYS O 333 36.04 -71.45 53.92
CA LYS O 333 37.13 -70.52 53.62
C LYS O 333 37.79 -70.77 52.26
N ASP O 334 38.00 -72.03 51.92
CA ASP O 334 38.54 -72.40 50.60
C ASP O 334 37.67 -71.87 49.45
N ALA O 335 36.36 -72.08 49.55
CA ALA O 335 35.42 -71.64 48.52
C ALA O 335 35.35 -70.12 48.45
N ARG O 336 35.19 -69.48 49.61
CA ARG O 336 35.14 -68.01 49.72
C ARG O 336 36.39 -67.32 49.15
N GLU O 337 37.55 -67.95 49.28
CA GLU O 337 38.79 -67.36 48.77
C GLU O 337 38.82 -67.35 47.25
N ILE O 338 38.29 -68.38 46.60
CA ILE O 338 38.20 -68.40 45.14
C ILE O 338 37.32 -67.25 44.66
N LEU O 339 36.16 -67.09 45.29
CA LEU O 339 35.22 -66.03 44.91
C LEU O 339 35.76 -64.63 45.18
N LYS O 340 36.50 -64.47 46.27
CA LYS O 340 37.18 -63.18 46.53
C LYS O 340 38.22 -62.87 45.45
N GLN O 341 38.92 -63.90 44.96
CA GLN O 341 39.87 -63.75 43.84
C GLN O 341 39.20 -63.27 42.54
N ILE O 342 37.91 -63.54 42.36
CA ILE O 342 37.15 -63.02 41.21
C ILE O 342 36.81 -61.53 41.33
N GLU O 343 36.49 -61.09 42.55
CA GLU O 343 36.24 -59.68 42.81
C GLU O 343 37.49 -58.88 42.48
N TYR O 344 38.60 -59.27 43.13
CA TYR O 344 39.92 -58.64 42.95
C TYR O 344 40.53 -58.85 41.56
N ARG O 345 40.02 -59.82 40.82
CA ARG O 345 40.38 -60.06 39.41
C ARG O 345 41.74 -60.78 39.27
N ASN O 346 42.08 -61.63 40.24
CA ASN O 346 43.23 -62.55 40.13
C ASN O 346 42.74 -63.86 39.57
N LEU O 347 42.42 -63.82 38.28
CA LEU O 347 41.87 -64.94 37.60
C LEU O 347 43.01 -65.77 37.10
N PHE O 348 42.70 -67.03 36.83
CA PHE O 348 43.67 -67.94 36.25
C PHE O 348 43.97 -67.41 34.85
N LYS O 349 45.24 -67.39 34.46
CA LYS O 349 45.65 -66.69 33.23
C LYS O 349 45.53 -67.56 31.97
N TYR O 350 44.98 -66.94 30.93
CA TYR O 350 44.83 -67.57 29.63
C TYR O 350 46.19 -67.69 28.97
N VAL O 351 46.53 -68.89 28.49
CA VAL O 351 47.80 -69.15 27.84
C VAL O 351 47.66 -69.07 26.30
N GLY O 352 46.63 -69.75 25.79
CA GLY O 352 46.36 -69.76 24.36
C GLY O 352 45.28 -70.75 23.99
N GLU O 353 44.95 -70.79 22.70
CA GLU O 353 43.89 -71.63 22.17
C GLU O 353 44.47 -72.46 21.02
N THR O 354 43.90 -73.65 20.81
CA THR O 354 44.31 -74.50 19.68
C THR O 354 43.18 -75.46 19.27
N GLN O 355 43.32 -76.05 18.10
CA GLN O 355 42.39 -77.05 17.57
C GLN O 355 43.11 -78.32 17.16
N PRO O 356 42.44 -79.48 17.22
CA PRO O 356 43.02 -80.68 16.58
C PRO O 356 43.02 -80.58 15.05
N THR O 357 43.75 -81.49 14.41
CA THR O 357 43.85 -81.54 12.95
C THR O 357 43.43 -82.91 12.44
N GLY O 358 43.24 -82.99 11.12
CA GLY O 358 42.67 -84.18 10.49
C GLY O 358 41.21 -84.30 10.89
N GLN O 359 40.81 -85.49 11.29
CA GLN O 359 39.51 -85.71 11.94
C GLN O 359 39.77 -86.38 13.29
N ILE O 360 40.64 -85.77 14.11
CA ILE O 360 40.97 -86.27 15.48
C ILE O 360 40.02 -85.67 16.55
N LYS O 361 38.90 -86.33 16.86
CA LYS O 361 37.98 -85.84 17.89
C LYS O 361 38.48 -86.23 19.28
N ILE O 362 38.54 -85.27 20.21
CA ILE O 362 38.91 -85.53 21.61
C ILE O 362 37.68 -85.96 22.41
N LYS O 363 37.66 -87.22 22.84
CA LYS O 363 36.52 -87.76 23.59
C LYS O 363 36.44 -87.16 25.00
N ARG O 364 35.23 -87.11 25.55
CA ARG O 364 34.94 -86.48 26.86
C ARG O 364 35.66 -87.15 28.02
N GLU O 365 35.64 -88.47 28.02
CA GLU O 365 36.51 -89.33 28.86
C GLU O 365 37.92 -88.77 29.11
N ASP O 366 38.59 -88.30 28.06
CA ASP O 366 40.00 -87.88 28.13
C ASP O 366 40.24 -86.49 28.73
N TYR O 367 39.17 -85.72 28.95
CA TYR O 367 39.26 -84.35 29.48
C TYR O 367 40.06 -84.31 30.79
N GLU O 368 39.74 -85.22 31.70
CA GLU O 368 40.44 -85.36 32.98
C GLU O 368 41.97 -85.37 32.80
N SER O 369 42.45 -86.09 31.80
CA SER O 369 43.90 -86.35 31.63
C SER O 369 44.76 -85.26 30.97
N LEU O 370 44.12 -84.27 30.34
CA LEU O 370 44.84 -83.32 29.49
C LEU O 370 45.82 -82.38 30.22
N PRO O 371 45.48 -81.93 31.46
CA PRO O 371 46.46 -81.17 32.25
C PRO O 371 47.78 -81.92 32.49
N LYS O 372 47.68 -83.22 32.81
CA LYS O 372 48.83 -84.11 32.91
C LYS O 372 49.70 -84.05 31.65
N GLU O 373 49.07 -84.14 30.49
CA GLU O 373 49.79 -84.13 29.21
C GLU O 373 50.57 -82.83 28.95
N VAL O 374 50.01 -81.70 29.35
CA VAL O 374 50.64 -80.38 29.12
C VAL O 374 51.90 -80.24 29.97
N ALA O 375 51.80 -80.55 31.25
CA ALA O 375 52.96 -80.58 32.14
C ALA O 375 54.01 -81.59 31.67
N SER O 376 53.55 -82.71 31.13
CA SER O 376 54.44 -83.77 30.64
C SER O 376 55.29 -83.42 29.43
N ALA O 377 54.90 -82.40 28.66
CA ALA O 377 55.70 -81.95 27.52
C ALA O 377 57.08 -81.50 27.98
N LYS O 378 58.09 -81.83 27.19
CA LYS O 378 59.47 -81.49 27.49
C LYS O 378 59.92 -80.50 26.43
N PRO O 379 59.68 -79.19 26.65
CA PRO O 379 60.10 -78.19 25.69
C PRO O 379 61.60 -77.96 25.73
N LYS O 380 62.26 -77.95 24.58
CA LYS O 380 63.71 -77.77 24.50
C LYS O 380 64.11 -76.30 24.73
N VAL O 381 63.75 -75.76 25.91
CA VAL O 381 63.95 -74.35 26.28
C VAL O 381 64.24 -74.28 27.77
N LEU O 382 65.18 -73.43 28.18
CA LEU O 382 65.54 -73.30 29.60
C LEU O 382 64.43 -72.56 30.36
N LEU O 383 63.86 -73.24 31.34
CA LEU O 383 62.78 -72.71 32.16
C LEU O 383 63.31 -72.35 33.55
N ASP O 384 62.77 -71.28 34.15
CA ASP O 384 63.04 -70.93 35.55
C ASP O 384 62.35 -71.86 36.51
N VAL O 385 61.12 -72.25 36.17
CA VAL O 385 60.21 -72.99 37.04
C VAL O 385 59.69 -74.23 36.30
N LYS O 386 59.57 -75.36 36.99
CA LYS O 386 58.82 -76.51 36.50
C LYS O 386 57.42 -76.40 37.05
N LEU O 387 56.42 -76.78 36.25
CA LEU O 387 55.00 -76.71 36.64
C LEU O 387 54.35 -78.08 36.69
N LYS O 388 53.58 -78.34 37.76
CA LYS O 388 52.86 -79.62 37.93
C LYS O 388 51.53 -79.58 37.16
N ALA O 389 50.91 -80.74 36.99
CA ALA O 389 49.68 -80.86 36.18
C ALA O 389 48.46 -80.17 36.80
N GLU O 390 48.40 -80.14 38.12
CA GLU O 390 47.39 -79.40 38.88
C GLU O 390 47.40 -77.89 38.61
N ASP O 391 48.54 -77.35 38.20
CA ASP O 391 48.68 -75.93 37.84
C ASP O 391 47.94 -75.55 36.55
N PHE O 392 47.69 -76.52 35.68
CA PHE O 392 47.03 -76.28 34.38
C PHE O 392 45.53 -76.58 34.41
N ILE O 393 44.78 -75.80 33.64
CA ILE O 393 43.38 -76.09 33.30
C ILE O 393 43.28 -76.15 31.79
N VAL O 394 42.66 -77.22 31.29
CA VAL O 394 42.39 -77.36 29.87
C VAL O 394 40.89 -77.42 29.71
N ASP O 395 40.37 -76.55 28.86
CA ASP O 395 38.94 -76.35 28.68
C ASP O 395 38.66 -76.73 27.23
N VAL O 396 37.93 -77.83 27.02
CA VAL O 396 37.60 -78.27 25.65
C VAL O 396 36.17 -77.86 25.34
N ILE O 397 36.00 -77.29 24.14
CA ILE O 397 34.74 -76.69 23.74
C ILE O 397 34.34 -77.17 22.36
N ASN O 398 33.12 -77.70 22.25
CA ASN O 398 32.58 -78.19 20.98
C ASN O 398 31.70 -77.09 20.35
N MET O 399 32.17 -76.53 19.25
CA MET O 399 31.41 -75.56 18.46
C MET O 399 30.78 -76.30 17.30
N ASP O 400 29.46 -76.21 17.17
CA ASP O 400 28.75 -76.89 16.09
C ASP O 400 27.57 -76.09 15.59
N TYR O 401 26.83 -76.65 14.64
CA TYR O 401 25.59 -76.08 14.14
C TYR O 401 24.38 -76.77 14.79
N GLY O 402 24.53 -77.18 16.04
CA GLY O 402 23.42 -77.71 16.82
C GLY O 402 23.10 -79.17 16.63
N MET O 403 23.78 -79.84 15.70
CA MET O 403 23.54 -81.27 15.43
C MET O 403 24.87 -81.95 15.21
N GLN O 404 25.77 -81.72 16.16
CA GLN O 404 27.11 -82.27 16.11
C GLN O 404 27.67 -82.05 14.69
N GLU O 405 28.06 -83.12 14.01
CA GLU O 405 28.74 -82.98 12.73
C GLU O 405 27.82 -82.73 11.55
N LYS O 406 26.51 -82.79 11.77
CA LYS O 406 25.53 -82.63 10.70
C LYS O 406 25.21 -81.18 10.36
N ASN O 407 24.80 -81.00 9.10
CA ASN O 407 24.30 -79.73 8.55
C ASN O 407 22.80 -79.74 8.87
N PRO O 408 22.33 -78.82 9.74
CA PRO O 408 20.93 -78.82 10.09
C PRO O 408 19.98 -78.43 8.94
N ILE O 409 20.49 -77.71 7.95
CA ILE O 409 19.70 -77.33 6.77
C ILE O 409 19.30 -78.53 5.92
N ASP O 410 20.13 -79.58 5.93
CA ASP O 410 19.75 -80.84 5.31
C ASP O 410 18.58 -81.53 6.04
N HIS O 411 18.29 -81.12 7.27
CA HIS O 411 17.07 -81.51 7.98
C HIS O 411 15.99 -80.40 8.08
N VAL O 412 15.90 -79.53 7.06
CA VAL O 412 14.81 -78.54 6.95
C VAL O 412 14.02 -78.83 5.69
N SER O 413 12.70 -78.69 5.77
CA SER O 413 11.82 -78.85 4.62
C SER O 413 11.43 -77.46 4.07
N PHE O 414 11.34 -77.39 2.75
CA PHE O 414 11.07 -76.13 2.05
C PHE O 414 9.84 -76.19 1.12
N TYR O 415 9.31 -75.04 0.75
CA TYR O 415 8.23 -74.95 -0.25
C TYR O 415 8.48 -73.86 -1.28
N CYS O 416 7.83 -73.97 -2.44
CA CYS O 416 7.96 -72.98 -3.51
C CYS O 416 6.73 -72.15 -3.70
N LYS O 417 6.90 -70.95 -4.26
CA LYS O 417 5.78 -70.04 -4.53
C LYS O 417 4.77 -70.72 -5.44
N THR O 418 5.28 -71.40 -6.46
CA THR O 418 4.46 -72.11 -7.43
C THR O 418 3.70 -73.33 -6.89
N ALA O 419 4.19 -73.95 -5.81
CA ALA O 419 3.56 -75.14 -5.20
C ALA O 419 3.73 -75.14 -3.68
N PRO O 420 2.91 -74.33 -2.99
CA PRO O 420 3.12 -74.10 -1.58
C PRO O 420 2.74 -75.27 -0.66
N ASN O 421 2.08 -76.29 -1.18
CA ASN O 421 1.81 -77.48 -0.39
C ASN O 421 2.84 -78.58 -0.61
N ARG O 422 3.66 -78.43 -1.62
CA ARG O 422 4.67 -79.43 -1.95
C ARG O 422 6.01 -79.11 -1.28
N ALA O 423 6.36 -79.95 -0.32
CA ALA O 423 7.60 -79.86 0.41
C ALA O 423 8.75 -80.43 -0.39
N ILE O 424 9.93 -79.85 -0.19
CA ILE O 424 11.15 -80.24 -0.91
C ILE O 424 12.38 -80.10 -0.01
N ARG O 425 13.52 -80.56 -0.52
CA ARG O 425 14.82 -80.43 0.14
C ARG O 425 15.75 -79.54 -0.68
N ILE O 426 16.60 -78.79 0.00
CA ILE O 426 17.63 -77.98 -0.66
C ILE O 426 18.98 -78.41 -0.07
N THR O 427 19.87 -78.93 -0.91
CA THR O 427 21.21 -79.37 -0.46
C THR O 427 22.11 -78.17 -0.26
N LYS O 428 23.32 -78.41 0.20
CA LYS O 428 24.30 -77.33 0.33
C LYS O 428 24.73 -76.78 -1.03
N ASN O 429 24.94 -77.66 -2.01
CA ASN O 429 25.44 -77.27 -3.33
C ASN O 429 24.50 -76.38 -4.10
N GLN O 430 23.20 -76.56 -3.85
CA GLN O 430 22.15 -75.77 -4.49
C GLN O 430 22.12 -74.31 -4.00
N VAL O 431 22.76 -74.02 -2.87
CA VAL O 431 22.74 -72.67 -2.28
C VAL O 431 23.99 -71.85 -2.61
N SER O 432 25.16 -72.31 -2.16
CA SER O 432 26.39 -71.50 -2.27
C SER O 432 27.67 -72.30 -2.07
N GLN O 433 28.72 -71.86 -2.76
CA GLN O 433 30.08 -72.38 -2.59
C GLN O 433 30.83 -71.72 -1.41
N LEU O 434 30.28 -70.64 -0.85
CA LEU O 434 30.92 -69.93 0.25
C LEU O 434 30.46 -70.40 1.64
N LEU O 435 29.67 -71.46 1.70
CA LEU O 435 29.20 -71.99 2.97
C LEU O 435 30.30 -72.78 3.67
N PRO O 436 30.09 -73.13 4.95
CA PRO O 436 31.09 -73.92 5.67
C PRO O 436 31.34 -75.29 5.08
N GLU O 437 32.58 -75.75 5.16
CA GLU O 437 32.96 -77.07 4.70
C GLU O 437 32.53 -78.10 5.74
N LYS O 438 32.88 -77.84 7.00
CA LYS O 438 32.46 -78.65 8.13
C LYS O 438 31.38 -77.91 8.95
N PHE O 439 30.71 -78.64 9.84
CA PHE O 439 29.70 -78.05 10.73
C PHE O 439 29.91 -78.35 12.22
N ALA O 440 31.15 -78.72 12.56
CA ALA O 440 31.55 -78.94 13.94
C ALA O 440 33.08 -78.92 14.06
N GLU O 441 33.57 -78.47 15.21
CA GLU O 441 34.99 -78.46 15.51
C GLU O 441 35.18 -78.43 17.00
N GLN O 442 36.44 -78.51 17.43
CA GLN O 442 36.78 -78.42 18.83
C GLN O 442 37.76 -77.27 19.08
N LEU O 443 37.56 -76.56 20.19
CA LEU O 443 38.49 -75.55 20.66
C LEU O 443 39.04 -75.96 21.99
N ILE O 444 40.37 -75.85 22.12
CA ILE O 444 41.06 -76.22 23.34
C ILE O 444 41.74 -74.97 23.87
N ARG O 445 41.24 -74.47 24.99
CA ARG O 445 41.86 -73.37 25.71
C ARG O 445 42.66 -73.93 26.87
N VAL O 446 43.84 -73.37 27.08
CA VAL O 446 44.70 -73.75 28.19
C VAL O 446 44.90 -72.51 29.05
N TYR O 447 44.71 -72.68 30.36
CA TYR O 447 44.98 -71.62 31.33
C TYR O 447 45.93 -72.16 32.40
N CYS O 448 46.59 -71.24 33.10
CA CYS O 448 47.54 -71.58 34.17
C CYS O 448 47.12 -70.92 35.49
N LYS O 449 47.08 -71.72 36.56
CA LYS O 449 46.65 -71.25 37.87
C LYS O 449 47.66 -70.31 38.53
N LYS O 450 48.93 -70.45 38.20
CA LYS O 450 49.97 -69.55 38.69
C LYS O 450 50.08 -68.31 37.80
N VAL O 451 49.87 -67.16 38.42
CA VAL O 451 49.66 -65.88 37.74
C VAL O 451 50.98 -65.16 37.37
N ASP O 452 52.02 -65.35 38.18
CA ASP O 452 53.30 -64.58 38.09
C ASP O 452 54.05 -64.60 36.76
N ARG O 453 54.93 -63.61 36.57
CA ARG O 453 55.69 -63.41 35.33
C ARG O 453 56.46 -64.66 34.91
N LYS O 454 57.16 -65.28 35.87
CA LYS O 454 57.99 -66.46 35.62
C LYS O 454 57.17 -67.69 35.19
N SER O 455 56.08 -67.96 35.89
CA SER O 455 55.25 -69.16 35.65
C SER O 455 54.43 -69.09 34.36
N LEU O 456 54.02 -67.88 34.00
CA LEU O 456 53.30 -67.65 32.77
C LEU O 456 54.18 -67.94 31.53
N TYR O 457 55.43 -67.47 31.56
CA TYR O 457 56.38 -67.78 30.48
C TYR O 457 56.55 -69.29 30.33
N ALA O 458 56.71 -69.97 31.45
CA ALA O 458 56.86 -71.42 31.47
C ALA O 458 55.65 -72.08 30.85
N ALA O 459 54.47 -71.73 31.36
CA ALA O 459 53.20 -72.29 30.89
C ALA O 459 53.08 -72.20 29.36
N ARG O 460 53.45 -71.04 28.82
CA ARG O 460 53.45 -70.81 27.37
C ARG O 460 54.34 -71.80 26.62
N GLN O 461 55.52 -72.08 27.17
CA GLN O 461 56.44 -73.03 26.55
C GLN O 461 55.87 -74.45 26.59
N TYR O 462 55.33 -74.86 27.74
CA TYR O 462 54.65 -76.16 27.86
C TYR O 462 53.51 -76.31 26.83
N PHE O 463 52.67 -75.28 26.74
CA PHE O 463 51.51 -75.29 25.86
C PHE O 463 51.88 -75.42 24.39
N VAL O 464 52.76 -74.54 23.91
CA VAL O 464 53.12 -74.49 22.49
C VAL O 464 53.85 -75.78 22.07
N GLN O 465 54.55 -76.40 23.02
CA GLN O 465 55.18 -77.71 22.80
C GLN O 465 54.11 -78.77 22.69
N TRP O 466 53.24 -78.83 23.69
CA TRP O 466 52.11 -79.78 23.72
C TRP O 466 51.31 -79.76 22.41
N CYS O 467 51.15 -78.57 21.83
CA CYS O 467 50.50 -78.40 20.52
C CYS O 467 51.28 -79.10 19.40
N ALA O 468 52.58 -78.86 19.33
CA ALA O 468 53.45 -79.54 18.35
C ALA O 468 53.49 -81.06 18.62
N ASP O 469 53.52 -81.45 19.90
CA ASP O 469 53.52 -82.85 20.33
C ASP O 469 52.32 -83.66 19.83
N ARG O 470 51.15 -83.05 19.80
CA ARG O 470 49.92 -83.76 19.40
C ARG O 470 49.41 -83.42 18.00
N ASN O 471 50.24 -82.72 17.22
CA ASN O 471 49.91 -82.30 15.86
C ASN O 471 48.61 -81.47 15.83
N PHE O 472 48.55 -80.50 16.75
CA PHE O 472 47.47 -79.50 16.79
C PHE O 472 47.90 -78.26 16.02
N THR O 473 46.95 -77.36 15.80
CA THR O 473 47.21 -76.13 15.06
C THR O 473 48.13 -75.23 15.86
N LYS O 474 48.93 -74.45 15.14
CA LYS O 474 49.83 -73.48 15.76
C LYS O 474 48.98 -72.40 16.41
N PRO O 475 49.22 -72.10 17.70
CA PRO O 475 48.56 -70.95 18.30
C PRO O 475 48.78 -69.69 17.47
N GLN O 476 47.73 -68.87 17.36
CA GLN O 476 47.77 -67.65 16.54
C GLN O 476 48.93 -66.73 16.94
N ASP O 477 49.09 -66.58 18.26
CA ASP O 477 50.19 -65.82 18.88
C ASP O 477 51.49 -66.63 19.08
N GLY O 478 51.61 -67.78 18.42
CA GLY O 478 52.60 -68.80 18.79
C GLY O 478 54.05 -68.37 18.61
N ASP O 479 54.34 -67.68 17.52
CA ASP O 479 55.69 -67.19 17.25
C ASP O 479 56.14 -66.14 18.25
N VAL O 480 55.20 -65.41 18.82
CA VAL O 480 55.51 -64.40 19.82
C VAL O 480 55.78 -65.04 21.18
N ILE O 481 54.80 -65.79 21.70
CA ILE O 481 54.86 -66.32 23.07
C ILE O 481 55.95 -67.37 23.31
N ALA O 482 56.22 -68.19 22.29
CA ALA O 482 57.20 -69.28 22.39
C ALA O 482 58.05 -69.32 21.13
N PRO O 483 58.91 -68.31 20.95
CA PRO O 483 59.64 -68.13 19.69
C PRO O 483 60.66 -69.24 19.45
N LEU O 484 61.14 -69.85 20.53
CA LEU O 484 62.14 -70.89 20.45
C LEU O 484 61.53 -72.24 20.05
N ILE O 485 60.22 -72.41 20.23
CA ILE O 485 59.55 -73.70 20.00
C ILE O 485 58.89 -73.86 18.63
N THR O 486 58.35 -72.79 18.07
CA THR O 486 57.62 -72.85 16.79
C THR O 486 58.44 -73.28 15.54
N PRO O 487 59.75 -72.95 15.47
CA PRO O 487 60.53 -73.50 14.35
C PRO O 487 60.71 -75.01 14.40
N GLN O 488 60.71 -75.59 15.59
CA GLN O 488 60.76 -77.07 15.77
C GLN O 488 59.76 -77.81 14.89
N THR P 8 48.78 -50.57 30.13
CA THR P 8 47.94 -50.43 28.90
C THR P 8 46.45 -50.28 29.29
N MET P 9 45.70 -49.55 28.46
CA MET P 9 44.25 -49.32 28.65
C MET P 9 43.50 -50.62 28.54
N LYS P 10 42.31 -50.64 29.11
CA LYS P 10 41.45 -51.78 28.99
C LYS P 10 40.15 -51.34 28.35
N VAL P 11 39.69 -52.14 27.39
CA VAL P 11 38.46 -51.82 26.65
C VAL P 11 37.34 -52.72 27.14
N ILE P 12 36.15 -52.11 27.30
CA ILE P 12 34.98 -52.79 27.87
C ILE P 12 33.75 -52.39 27.05
N ASN P 13 32.89 -53.36 26.73
CA ASN P 13 31.73 -53.13 25.84
C ASN P 13 30.39 -52.99 26.59
N ASP P 14 30.04 -51.74 26.83
CA ASP P 14 28.76 -51.34 27.41
C ASP P 14 27.75 -51.24 26.26
N PRO P 15 26.54 -51.81 26.42
CA PRO P 15 25.55 -51.72 25.35
C PRO P 15 25.02 -50.32 25.10
N ILE P 16 25.14 -49.42 26.05
CA ILE P 16 24.68 -48.05 25.86
C ILE P 16 25.74 -47.23 25.15
N HIS P 17 26.94 -47.17 25.72
CA HIS P 17 27.98 -46.26 25.23
C HIS P 17 28.96 -46.87 24.25
N GLY P 18 28.88 -48.19 24.05
CA GLY P 18 29.75 -48.89 23.10
C GLY P 18 31.03 -49.33 23.78
N HIS P 19 32.17 -49.13 23.11
CA HIS P 19 33.47 -49.55 23.64
C HIS P 19 34.16 -48.41 24.38
N ILE P 20 34.11 -48.51 25.70
CA ILE P 20 34.72 -47.56 26.58
C ILE P 20 36.17 -47.99 26.79
N GLU P 21 37.09 -47.02 26.85
CA GLU P 21 38.45 -47.28 27.36
C GLU P 21 38.51 -46.95 28.85
N LEU P 22 39.24 -47.77 29.59
CA LEU P 22 39.39 -47.58 31.03
C LEU P 22 40.87 -47.45 31.37
N HIS P 23 41.22 -46.34 32.00
CA HIS P 23 42.57 -46.08 32.44
C HIS P 23 42.97 -47.05 33.58
N PRO P 24 44.23 -47.54 33.57
CA PRO P 24 44.61 -48.56 34.55
C PRO P 24 44.25 -48.24 36.02
N LEU P 25 44.36 -46.98 36.40
CA LEU P 25 43.91 -46.49 37.71
C LEU P 25 42.44 -46.79 37.97
N LEU P 26 41.61 -46.58 36.96
CA LEU P 26 40.17 -46.86 37.07
C LEU P 26 39.91 -48.35 37.23
N VAL P 27 40.58 -49.14 36.41
CA VAL P 27 40.48 -50.60 36.47
C VAL P 27 40.83 -51.09 37.88
N ARG P 28 41.87 -50.50 38.45
CA ARG P 28 42.33 -50.84 39.78
C ARG P 28 41.30 -50.51 40.86
N ILE P 29 40.57 -49.42 40.65
CA ILE P 29 39.44 -49.04 41.52
C ILE P 29 38.23 -49.95 41.30
N ILE P 30 37.94 -50.27 40.05
CA ILE P 30 36.83 -51.13 39.70
C ILE P 30 36.96 -52.53 40.30
N ASP P 31 38.15 -53.10 40.22
CA ASP P 31 38.37 -54.47 40.72
C ASP P 31 38.65 -54.50 42.22
N THR P 32 37.63 -54.09 42.98
CA THR P 32 37.66 -54.10 44.44
C THR P 32 36.28 -54.57 44.93
N PRO P 33 36.23 -55.22 46.11
CA PRO P 33 34.92 -55.65 46.63
C PRO P 33 33.90 -54.52 46.83
N GLN P 34 34.39 -53.32 47.11
CA GLN P 34 33.53 -52.16 47.37
C GLN P 34 32.77 -51.69 46.12
N PHE P 35 33.45 -51.79 44.97
CA PHE P 35 32.89 -51.42 43.67
C PHE P 35 32.12 -52.58 43.02
N GLN P 36 32.72 -53.76 42.96
CA GLN P 36 32.05 -54.94 42.35
C GLN P 36 30.75 -55.27 43.10
N ARG P 37 30.66 -54.88 44.38
CA ARG P 37 29.40 -54.84 45.14
C ARG P 37 28.20 -54.30 44.35
N LEU P 38 28.42 -53.27 43.55
CA LEU P 38 27.35 -52.66 42.76
C LEU P 38 26.75 -53.58 41.70
N ARG P 39 27.44 -54.67 41.34
CA ARG P 39 26.85 -55.72 40.48
C ARG P 39 25.59 -56.36 41.08
N TYR P 40 25.46 -56.29 42.41
CA TYR P 40 24.40 -56.99 43.10
C TYR P 40 23.36 -56.03 43.70
N ILE P 41 23.18 -54.87 43.07
CA ILE P 41 22.17 -53.88 43.46
C ILE P 41 21.50 -53.34 42.19
N LYS P 42 20.20 -53.58 42.02
CA LYS P 42 19.48 -53.16 40.80
C LYS P 42 19.25 -51.67 40.75
N GLN P 43 19.30 -51.12 39.54
CA GLN P 43 19.15 -49.68 39.33
C GLN P 43 17.81 -49.21 39.83
N LEU P 44 16.77 -49.92 39.38
CA LEU P 44 15.40 -49.49 39.58
C LEU P 44 14.68 -50.23 40.69
N GLY P 45 15.45 -50.85 41.57
CA GLY P 45 14.91 -51.53 42.73
C GLY P 45 13.75 -52.42 42.37
N GLY P 46 12.59 -52.10 42.96
CA GLY P 46 11.36 -52.87 42.75
C GLY P 46 10.75 -52.71 41.38
N GLY P 47 11.24 -51.76 40.59
CA GLY P 47 10.84 -51.60 39.19
C GLY P 47 10.99 -52.84 38.32
N TYR P 48 11.99 -53.67 38.60
CA TYR P 48 12.17 -54.94 37.89
C TYR P 48 10.93 -55.83 37.97
N TYR P 49 10.21 -55.75 39.08
CA TYR P 49 8.98 -56.53 39.28
C TYR P 49 7.76 -55.96 38.51
N VAL P 50 7.93 -54.83 37.83
CA VAL P 50 6.92 -54.28 36.90
C VAL P 50 7.43 -54.23 35.45
N PHE P 51 8.66 -53.77 35.24
CA PHE P 51 9.28 -53.74 33.90
C PHE P 51 10.29 -54.86 33.82
N PRO P 52 9.92 -55.98 33.17
CA PRO P 52 10.79 -57.15 33.21
C PRO P 52 12.11 -56.99 32.47
N GLY P 53 12.28 -55.92 31.69
CA GLY P 53 13.59 -55.63 31.12
C GLY P 53 14.64 -55.13 32.11
N ALA P 54 14.19 -54.45 33.20
CA ALA P 54 15.01 -53.63 34.13
C ALA P 54 15.88 -54.38 35.17
N SER P 55 16.54 -55.42 34.67
CA SER P 55 17.46 -56.27 35.42
C SER P 55 18.77 -55.56 35.75
N HIS P 56 19.08 -54.53 34.95
CA HIS P 56 20.32 -53.77 35.10
C HIS P 56 20.60 -53.23 36.51
N ASN P 57 21.90 -53.18 36.81
CA ASN P 57 22.47 -52.92 38.10
C ASN P 57 23.29 -51.64 38.10
N ARG P 58 23.61 -51.15 39.29
CA ARG P 58 24.42 -49.94 39.43
C ARG P 58 25.80 -50.04 38.79
N PHE P 59 26.41 -51.21 38.89
CA PHE P 59 27.74 -51.44 38.33
C PHE P 59 27.91 -50.77 36.96
N GLU P 60 27.07 -51.18 36.01
CA GLU P 60 27.19 -50.70 34.61
C GLU P 60 26.78 -49.23 34.46
N HIS P 61 25.84 -48.76 35.28
CA HIS P 61 25.51 -47.31 35.38
C HIS P 61 26.76 -46.55 35.83
N SER P 62 27.35 -47.00 36.93
CA SER P 62 28.56 -46.37 37.45
C SER P 62 29.67 -46.29 36.37
N LEU P 63 29.87 -47.37 35.61
CA LEU P 63 30.80 -47.33 34.48
C LEU P 63 30.46 -46.22 33.49
N GLY P 64 29.21 -46.17 33.08
CA GLY P 64 28.75 -45.20 32.10
C GLY P 64 28.87 -43.76 32.55
N VAL P 65 28.61 -43.50 33.82
CA VAL P 65 28.74 -42.15 34.35
C VAL P 65 30.21 -41.74 34.36
N GLY P 66 31.08 -42.66 34.75
CA GLY P 66 32.53 -42.43 34.64
C GLY P 66 32.93 -42.10 33.22
N TYR P 67 32.40 -42.86 32.26
CA TYR P 67 32.73 -42.65 30.84
C TYR P 67 32.32 -41.28 30.34
N LEU P 68 31.07 -40.91 30.60
CA LEU P 68 30.53 -39.63 30.14
C LEU P 68 31.17 -38.45 30.82
N ALA P 69 31.49 -38.62 32.09
CA ALA P 69 32.29 -37.62 32.79
C ALA P 69 33.58 -37.35 31.98
N GLY P 70 34.27 -38.43 31.60
CA GLY P 70 35.47 -38.36 30.76
C GLY P 70 35.23 -37.67 29.43
N CYS P 71 34.13 -38.01 28.80
CA CYS P 71 33.76 -37.40 27.51
C CYS P 71 33.61 -35.90 27.60
N LEU P 72 32.84 -35.44 28.58
CA LEU P 72 32.52 -34.02 28.67
C LEU P 72 33.75 -33.21 29.02
N VAL P 73 34.47 -33.63 30.05
CA VAL P 73 35.66 -32.89 30.49
C VAL P 73 36.74 -32.88 29.39
N HIS P 74 36.93 -34.03 28.73
CA HIS P 74 37.92 -34.16 27.66
C HIS P 74 37.52 -33.30 26.45
N ALA P 75 36.22 -33.21 26.19
CA ALA P 75 35.70 -32.38 25.09
C ALA P 75 35.89 -30.88 25.34
N LEU P 76 35.64 -30.45 26.57
CA LEU P 76 35.84 -29.04 26.92
C LEU P 76 37.30 -28.66 26.74
N GLY P 77 38.19 -29.57 27.15
CA GLY P 77 39.64 -29.40 27.01
C GLY P 77 40.13 -29.25 25.59
N GLU P 78 39.58 -30.06 24.68
CA GLU P 78 39.90 -29.96 23.25
C GLU P 78 39.40 -28.64 22.70
N LYS P 79 38.12 -28.34 22.99
CA LYS P 79 37.47 -27.11 22.52
C LYS P 79 38.15 -25.84 23.08
N GLN P 80 38.64 -25.88 24.32
CA GLN P 80 39.19 -24.70 25.00
C GLN P 80 40.48 -25.01 25.79
N PRO P 81 41.64 -24.99 25.09
CA PRO P 81 42.92 -25.21 25.78
C PRO P 81 43.22 -24.18 26.88
N GLU P 82 42.75 -22.95 26.69
CA GLU P 82 42.87 -21.88 27.69
C GLU P 82 42.47 -22.27 29.12
N LEU P 83 41.59 -23.26 29.26
CA LEU P 83 41.14 -23.74 30.57
C LEU P 83 42.21 -24.51 31.36
N GLN P 84 43.19 -25.05 30.63
CA GLN P 84 44.28 -25.86 31.20
C GLN P 84 43.73 -26.95 32.09
N ILE P 85 42.99 -27.83 31.43
CA ILE P 85 42.47 -29.02 32.04
C ILE P 85 43.56 -30.06 31.88
N SER P 86 44.12 -30.52 33.00
CA SER P 86 45.18 -31.54 32.99
C SER P 86 44.60 -32.94 32.93
N GLU P 87 45.38 -33.91 32.46
CA GLU P 87 44.94 -35.32 32.49
C GLU P 87 44.79 -35.81 33.93
N ARG P 88 45.37 -35.06 34.86
CA ARG P 88 45.08 -35.26 36.29
C ARG P 88 43.64 -34.87 36.60
N ASP P 89 43.20 -33.71 36.14
CA ASP P 89 41.80 -33.29 36.31
C ASP P 89 40.85 -34.30 35.68
N VAL P 90 41.15 -34.72 34.45
CA VAL P 90 40.32 -35.69 33.70
C VAL P 90 40.13 -36.95 34.52
N LEU P 91 41.24 -37.53 34.97
CA LEU P 91 41.18 -38.75 35.75
C LEU P 91 40.34 -38.59 37.00
N CYS P 92 40.52 -37.47 37.69
CA CYS P 92 39.77 -37.19 38.92
C CYS P 92 38.26 -37.11 38.68
N VAL P 93 37.87 -36.50 37.55
CA VAL P 93 36.48 -36.40 37.17
C VAL P 93 35.91 -37.78 36.82
N GLN P 94 36.66 -38.55 36.04
CA GLN P 94 36.29 -39.94 35.72
C GLN P 94 36.08 -40.75 36.99
N ILE P 95 37.04 -40.68 37.91
CA ILE P 95 36.97 -41.42 39.18
C ILE P 95 35.71 -41.03 39.96
N ALA P 96 35.41 -39.74 39.99
CA ALA P 96 34.22 -39.26 40.69
C ALA P 96 32.96 -39.87 40.08
N GLY P 97 32.85 -39.74 38.76
CA GLY P 97 31.74 -40.33 38.02
C GLY P 97 31.59 -41.81 38.26
N LEU P 98 32.72 -42.51 38.21
CA LEU P 98 32.77 -43.95 38.42
C LEU P 98 32.21 -44.35 39.81
N CYS P 99 32.66 -43.62 40.82
CA CYS P 99 32.34 -43.92 42.21
C CYS P 99 31.14 -43.18 42.78
N HIS P 100 30.40 -42.44 41.94
CA HIS P 100 29.43 -41.48 42.45
C HIS P 100 28.24 -42.12 43.18
N ASP P 101 27.88 -43.34 42.75
CA ASP P 101 26.79 -44.10 43.39
C ASP P 101 27.32 -45.36 44.04
N LEU P 102 28.52 -45.28 44.61
CA LEU P 102 29.08 -46.38 45.41
C LEU P 102 28.27 -46.71 46.67
N GLY P 103 27.56 -45.70 47.20
CA GLY P 103 26.86 -45.83 48.46
C GLY P 103 25.37 -46.11 48.44
N HIS P 104 24.82 -46.56 47.30
CA HIS P 104 23.42 -46.98 47.31
C HIS P 104 23.24 -48.23 48.10
N GLY P 105 22.10 -48.33 48.77
CA GLY P 105 21.74 -49.54 49.49
C GLY P 105 21.04 -50.58 48.61
N PRO P 106 20.62 -51.70 49.23
CA PRO P 106 19.77 -52.69 48.58
C PRO P 106 18.55 -52.03 47.95
N PHE P 107 18.29 -52.37 46.70
CA PHE P 107 17.21 -51.79 45.90
C PHE P 107 17.31 -50.25 45.76
N SER P 108 18.56 -49.78 45.65
CA SER P 108 18.88 -48.40 45.29
C SER P 108 18.17 -47.35 46.14
N HIS P 109 17.12 -46.74 45.58
CA HIS P 109 16.52 -45.56 46.17
C HIS P 109 15.47 -45.94 47.23
N MET P 110 14.95 -47.16 47.14
CA MET P 110 14.16 -47.74 48.22
C MET P 110 14.89 -47.62 49.56
N PHE P 111 16.20 -47.86 49.57
CA PHE P 111 16.98 -47.88 50.82
C PHE P 111 17.11 -46.51 51.48
N ASP P 112 17.69 -45.55 50.77
CA ASP P 112 17.88 -44.20 51.31
C ASP P 112 16.58 -43.38 51.34
N GLY P 113 15.59 -43.79 50.53
CA GLY P 113 14.33 -43.05 50.37
C GLY P 113 13.14 -43.51 51.19
N ARG P 114 13.07 -44.81 51.50
CA ARG P 114 11.95 -45.37 52.31
C ARG P 114 12.43 -46.01 53.61
N PHE P 115 13.35 -46.97 53.50
CA PHE P 115 13.76 -47.82 54.63
C PHE P 115 14.47 -47.09 55.76
N ILE P 116 15.60 -46.46 55.47
CA ILE P 116 16.40 -45.77 56.49
C ILE P 116 15.61 -44.67 57.22
N PRO P 117 14.84 -43.84 56.49
CA PRO P 117 13.93 -42.89 57.15
C PRO P 117 12.93 -43.50 58.15
N LEU P 118 12.46 -44.72 57.87
CA LEU P 118 11.54 -45.42 58.78
C LEU P 118 12.29 -46.13 59.91
N ALA P 119 13.32 -46.88 59.55
CA ALA P 119 14.10 -47.65 60.53
C ALA P 119 14.84 -46.78 61.54
N ARG P 120 15.41 -45.66 61.08
CA ARG P 120 16.21 -44.78 61.95
C ARG P 120 15.88 -43.30 61.67
N PRO P 121 14.71 -42.84 62.15
CA PRO P 121 14.24 -41.46 61.93
C PRO P 121 15.17 -40.36 62.44
N GLU P 122 15.98 -40.68 63.44
CA GLU P 122 16.98 -39.76 63.98
C GLU P 122 18.06 -39.31 62.97
N VAL P 123 18.46 -40.19 62.04
CA VAL P 123 19.60 -39.93 61.15
C VAL P 123 19.16 -39.17 59.89
N LYS P 124 20.00 -38.26 59.41
CA LYS P 124 19.88 -37.70 58.06
C LYS P 124 20.99 -38.38 57.24
N TRP P 125 20.60 -39.37 56.44
CA TRP P 125 21.54 -40.17 55.63
C TRP P 125 21.06 -40.26 54.17
N THR P 126 22.00 -40.12 53.23
CA THR P 126 21.73 -40.20 51.79
C THR P 126 22.71 -41.15 51.10
N HIS P 127 22.34 -41.61 49.90
CA HIS P 127 23.20 -42.51 49.14
C HIS P 127 24.56 -41.85 48.83
N GLU P 128 24.56 -40.52 48.65
CA GLU P 128 25.76 -39.75 48.38
C GLU P 128 26.75 -39.79 49.54
N GLN P 129 26.25 -39.50 50.74
CA GLN P 129 27.09 -39.55 51.94
C GLN P 129 27.74 -40.92 52.06
N GLY P 130 26.94 -41.96 51.78
CA GLY P 130 27.43 -43.32 51.73
C GLY P 130 28.56 -43.50 50.73
N SER P 131 28.39 -42.93 49.54
CA SER P 131 29.41 -43.04 48.49
C SER P 131 30.75 -42.46 48.94
N VAL P 132 30.73 -41.32 49.61
CA VAL P 132 31.96 -40.70 50.15
C VAL P 132 32.66 -41.63 51.11
N MET P 133 31.91 -42.13 52.08
CA MET P 133 32.45 -43.06 53.08
C MET P 133 32.95 -44.36 52.45
N MET P 134 32.16 -44.91 51.54
CA MET P 134 32.54 -46.13 50.83
C MET P 134 33.78 -45.90 49.95
N PHE P 135 33.89 -44.71 49.36
CA PHE P 135 35.07 -44.35 48.56
C PHE P 135 36.32 -44.37 49.43
N GLU P 136 36.26 -43.69 50.57
CA GLU P 136 37.33 -43.70 51.58
C GLU P 136 37.73 -45.13 51.93
N HIS P 137 36.75 -45.97 52.27
CA HIS P 137 37.00 -47.39 52.60
C HIS P 137 37.63 -48.14 51.44
N LEU P 138 37.19 -47.87 50.22
CA LEU P 138 37.75 -48.50 49.02
C LEU P 138 39.23 -48.18 48.86
N ILE P 139 39.55 -46.89 48.95
CA ILE P 139 40.91 -46.40 48.78
C ILE P 139 41.85 -47.02 49.81
N ASN P 140 41.43 -47.00 51.07
CA ASN P 140 42.28 -47.43 52.18
C ASN P 140 42.47 -48.93 52.22
N SER P 141 41.39 -49.68 52.10
CA SER P 141 41.46 -51.14 52.15
C SER P 141 42.14 -51.79 50.93
N ASN P 142 42.29 -51.05 49.82
CA ASN P 142 42.92 -51.59 48.62
C ASN P 142 44.24 -50.94 48.18
N GLY P 143 44.78 -50.03 48.99
CA GLY P 143 46.08 -49.40 48.72
C GLY P 143 46.13 -48.65 47.40
N ILE P 144 45.13 -47.82 47.18
CA ILE P 144 44.99 -47.10 45.92
C ILE P 144 45.83 -45.83 45.92
N LYS P 145 45.96 -45.19 47.08
CA LYS P 145 46.79 -43.99 47.20
C LYS P 145 48.17 -44.06 46.48
N PRO P 146 48.95 -45.13 46.69
CA PRO P 146 50.20 -45.32 45.91
C PRO P 146 50.02 -45.32 44.40
N VAL P 147 48.94 -45.92 43.93
CA VAL P 147 48.64 -46.04 42.50
C VAL P 147 48.22 -44.69 41.94
N MET P 148 47.48 -43.91 42.73
CA MET P 148 47.09 -42.56 42.31
C MET P 148 48.34 -41.71 42.07
N GLU P 149 49.26 -41.76 43.05
CA GLU P 149 50.56 -41.09 42.94
C GLU P 149 51.32 -41.52 41.70
N GLN P 150 51.38 -42.84 41.47
CA GLN P 150 52.03 -43.41 40.28
C GLN P 150 51.55 -42.78 38.96
N TYR P 151 50.27 -42.43 38.88
CA TYR P 151 49.70 -41.78 37.68
C TYR P 151 49.49 -40.27 37.83
N GLY P 152 50.33 -39.62 38.63
CA GLY P 152 50.39 -38.17 38.68
C GLY P 152 49.34 -37.46 39.50
N LEU P 153 48.58 -38.18 40.33
CA LEU P 153 47.62 -37.54 41.23
C LEU P 153 48.28 -37.16 42.55
N ILE P 154 47.61 -36.27 43.28
CA ILE P 154 48.01 -35.86 44.62
C ILE P 154 46.87 -36.19 45.57
N PRO P 155 46.93 -37.36 46.24
CA PRO P 155 45.84 -37.82 47.12
C PRO P 155 45.27 -36.79 48.09
N GLU P 156 46.12 -36.00 48.74
CA GLU P 156 45.65 -34.93 49.65
C GLU P 156 44.59 -34.08 48.96
N GLU P 157 45.00 -33.40 47.90
CA GLU P 157 44.12 -32.50 47.14
C GLU P 157 43.01 -33.24 46.41
N ASP P 158 43.38 -34.31 45.72
CA ASP P 158 42.48 -34.92 44.74
C ASP P 158 41.39 -35.79 45.34
N ILE P 159 41.68 -36.51 46.42
CA ILE P 159 40.64 -37.31 47.10
C ILE P 159 39.57 -36.39 47.68
N CYS P 160 39.94 -35.19 48.09
CA CYS P 160 38.95 -34.17 48.47
C CYS P 160 38.11 -33.75 47.28
N PHE P 161 38.79 -33.43 46.17
CA PHE P 161 38.14 -33.02 44.92
C PHE P 161 37.12 -34.05 44.43
N ILE P 162 37.48 -35.33 44.52
CA ILE P 162 36.59 -36.41 44.12
C ILE P 162 35.36 -36.46 45.04
N LYS P 163 35.58 -36.44 46.35
CA LYS P 163 34.50 -36.44 47.34
C LYS P 163 33.59 -35.24 47.13
N GLU P 164 34.20 -34.08 46.92
CA GLU P 164 33.45 -32.86 46.70
C GLU P 164 32.57 -32.91 45.45
N GLN P 165 33.05 -33.54 44.38
CA GLN P 165 32.22 -33.72 43.17
C GLN P 165 30.93 -34.47 43.51
N ILE P 166 31.05 -35.47 44.39
CA ILE P 166 29.94 -36.38 44.70
C ILE P 166 28.89 -35.73 45.59
N VAL P 167 29.32 -35.22 46.74
CA VAL P 167 28.40 -34.67 47.77
C VAL P 167 28.32 -33.16 47.84
N GLY P 168 29.16 -32.45 47.10
CA GLY P 168 29.28 -31.00 47.25
C GLY P 168 30.27 -30.66 48.32
N PRO P 169 30.24 -29.42 48.85
CA PRO P 169 31.33 -28.96 49.73
C PRO P 169 31.35 -29.64 51.10
N LEU P 170 32.55 -29.98 51.54
CA LEU P 170 32.74 -30.60 52.87
C LEU P 170 32.74 -29.52 53.97
N LEU P 178 31.80 -16.52 49.43
CA LEU P 178 33.19 -16.98 49.13
C LEU P 178 33.19 -18.41 48.56
N TRP P 179 34.32 -18.79 47.96
CA TRP P 179 34.46 -20.09 47.26
C TRP P 179 34.50 -21.28 48.23
N PRO P 180 33.45 -22.13 48.22
CA PRO P 180 33.34 -23.20 49.23
C PRO P 180 34.22 -24.45 49.06
N TYR P 181 34.89 -24.63 47.93
CA TYR P 181 35.62 -25.88 47.66
C TYR P 181 37.09 -25.75 48.02
N LYS P 182 37.63 -26.79 48.67
CA LYS P 182 39.06 -26.90 48.97
C LYS P 182 39.79 -27.75 47.92
N GLY P 183 39.06 -28.53 47.11
CA GLY P 183 39.65 -29.46 46.17
C GLY P 183 40.26 -28.82 44.93
N ARG P 184 39.56 -27.84 44.36
CA ARG P 184 40.04 -27.07 43.21
C ARG P 184 39.71 -25.59 43.38
N PRO P 185 40.51 -24.71 42.74
CA PRO P 185 40.23 -23.26 42.76
C PRO P 185 39.03 -22.83 41.91
N GLU P 186 38.67 -21.55 41.98
CA GLU P 186 37.52 -20.99 41.23
C GLU P 186 37.65 -21.04 39.72
N ASN P 187 38.88 -20.98 39.23
CA ASN P 187 39.16 -21.06 37.78
C ASN P 187 38.95 -22.45 37.18
N LYS P 188 38.58 -23.43 38.01
CA LYS P 188 38.15 -24.75 37.53
C LYS P 188 36.83 -25.19 38.19
N SER P 189 35.92 -24.24 38.42
CA SER P 189 34.60 -24.56 39.01
C SER P 189 33.72 -25.40 38.08
N PHE P 190 33.92 -25.22 36.78
CA PHE P 190 33.21 -26.02 35.78
C PHE P 190 33.34 -27.51 35.99
N LEU P 191 34.46 -27.97 36.51
CA LEU P 191 34.64 -29.40 36.80
C LEU P 191 33.61 -29.95 37.79
N TYR P 192 33.17 -29.13 38.75
CA TYR P 192 32.16 -29.55 39.73
C TYR P 192 30.75 -29.72 39.14
N GLU P 193 30.53 -29.13 37.97
CA GLU P 193 29.25 -29.24 37.24
C GLU P 193 29.11 -30.50 36.35
N ILE P 194 30.10 -31.40 36.32
CA ILE P 194 30.04 -32.56 35.42
C ILE P 194 29.31 -33.76 36.01
N VAL P 195 29.77 -34.22 37.16
CA VAL P 195 29.28 -35.48 37.73
C VAL P 195 27.94 -35.28 38.46
N SER P 196 27.87 -34.24 39.28
CA SER P 196 26.68 -33.92 40.06
C SER P 196 26.56 -32.41 40.19
N ASN P 197 25.68 -31.84 39.37
CA ASN P 197 25.59 -30.39 39.12
C ASN P 197 24.63 -29.80 40.16
N LYS P 198 25.22 -29.12 41.15
CA LYS P 198 24.47 -28.51 42.23
C LYS P 198 23.70 -27.26 41.77
N ARG P 199 24.17 -26.62 40.70
CA ARG P 199 23.59 -25.34 40.21
C ARG P 199 22.20 -25.52 39.61
N ASN P 200 22.12 -26.42 38.63
CA ASN P 200 20.91 -26.64 37.83
C ASN P 200 20.44 -28.10 37.69
N GLY P 201 21.32 -29.05 38.00
CA GLY P 201 20.98 -30.47 37.89
C GLY P 201 21.33 -31.13 36.57
N ILE P 202 21.81 -30.37 35.59
CA ILE P 202 22.23 -30.96 34.31
C ILE P 202 23.61 -31.59 34.52
N ASP P 203 23.64 -32.91 34.67
CA ASP P 203 24.88 -33.69 34.88
C ASP P 203 24.89 -34.98 34.06
N VAL P 204 26.05 -35.61 33.97
CA VAL P 204 26.19 -36.86 33.17
C VAL P 204 25.55 -38.07 33.88
N ASP P 205 25.33 -37.97 35.19
CA ASP P 205 24.55 -38.97 35.95
C ASP P 205 23.21 -39.16 35.25
N LYS P 206 22.51 -38.05 35.02
CA LYS P 206 21.22 -38.07 34.31
C LYS P 206 21.34 -38.64 32.90
N TRP P 207 22.35 -38.21 32.18
CA TRP P 207 22.49 -38.59 30.77
C TRP P 207 22.64 -40.09 30.59
N ASP P 208 23.40 -40.73 31.48
CA ASP P 208 23.56 -42.18 31.42
C ASP P 208 22.25 -42.87 31.72
N TYR P 209 21.64 -42.57 32.87
CA TYR P 209 20.46 -43.34 33.31
C TYR P 209 19.24 -43.11 32.43
N PHE P 210 19.14 -41.97 31.76
CA PHE P 210 18.12 -41.78 30.72
C PHE P 210 18.29 -42.85 29.66
N ALA P 211 19.48 -42.88 29.06
CA ALA P 211 19.79 -43.83 28.00
C ALA P 211 19.69 -45.27 28.49
N ARG P 212 20.24 -45.53 29.67
CA ARG P 212 20.31 -46.87 30.22
C ARG P 212 18.95 -47.39 30.63
N ASP P 213 18.25 -46.63 31.46
CA ASP P 213 16.95 -47.06 31.95
C ASP P 213 16.01 -47.29 30.77
N CYS P 214 15.96 -46.34 29.83
CA CYS P 214 15.15 -46.51 28.62
C CYS P 214 15.43 -47.81 27.84
N HIS P 215 16.71 -48.08 27.60
CA HIS P 215 17.15 -49.28 26.88
C HIS P 215 16.57 -50.55 27.49
N HIS P 216 16.72 -50.65 28.80
CA HIS P 216 16.29 -51.82 29.58
C HIS P 216 14.75 -51.81 29.89
N LEU P 217 14.15 -50.63 30.10
CA LEU P 217 12.71 -50.54 30.42
C LEU P 217 11.79 -50.98 29.29
N GLY P 218 12.10 -50.47 28.10
CA GLY P 218 11.23 -50.58 26.93
C GLY P 218 10.50 -49.27 26.66
N ILE P 219 11.25 -48.17 26.73
CA ILE P 219 10.77 -46.83 26.43
C ILE P 219 11.89 -46.18 25.63
N GLN P 220 11.54 -45.32 24.66
CA GLN P 220 12.55 -44.59 23.89
C GLN P 220 12.87 -43.27 24.58
N ASN P 221 14.15 -42.91 24.53
CA ASN P 221 14.69 -41.75 25.20
C ASN P 221 14.67 -40.57 24.24
N ASN P 222 14.20 -39.42 24.71
CA ASN P 222 14.05 -38.23 23.86
C ASN P 222 15.12 -37.13 24.10
N PHE P 223 16.29 -37.51 24.60
CA PHE P 223 17.35 -36.53 24.90
C PHE P 223 18.71 -36.96 24.36
N ASP P 224 19.36 -36.05 23.63
CA ASP P 224 20.64 -36.33 22.96
C ASP P 224 21.77 -35.67 23.74
N TYR P 225 22.44 -36.46 24.57
CA TYR P 225 23.53 -35.97 25.39
C TYR P 225 24.75 -35.59 24.53
N LYS P 226 24.99 -36.38 23.49
CA LYS P 226 26.10 -36.14 22.57
C LYS P 226 26.05 -34.76 21.94
N ARG P 227 24.84 -34.36 21.56
CA ARG P 227 24.62 -33.06 20.95
C ARG P 227 24.88 -31.94 21.93
N PHE P 228 24.39 -32.09 23.15
CA PHE P 228 24.61 -31.04 24.15
C PHE P 228 26.09 -30.80 24.41
N ILE P 229 26.87 -31.89 24.41
CA ILE P 229 28.33 -31.85 24.52
C ILE P 229 28.97 -31.05 23.38
N LYS P 230 28.51 -31.27 22.16
CA LYS P 230 29.04 -30.51 21.01
C LYS P 230 28.78 -28.99 21.16
N PHE P 231 27.69 -28.62 21.83
CA PHE P 231 27.34 -27.21 22.07
C PHE P 231 27.49 -26.77 23.54
N ALA P 232 28.46 -27.37 24.21
CA ALA P 232 28.82 -26.96 25.55
C ALA P 232 30.10 -26.15 25.48
N ARG P 233 30.28 -25.28 26.46
CA ARG P 233 31.37 -24.32 26.45
C ARG P 233 31.49 -23.64 27.82
N VAL P 234 32.72 -23.36 28.24
CA VAL P 234 32.96 -22.68 29.52
C VAL P 234 33.06 -21.18 29.26
N CYS P 235 32.34 -20.40 30.06
CA CYS P 235 32.39 -18.93 30.02
C CYS P 235 32.49 -18.40 31.44
N GLU P 236 32.90 -17.14 31.56
CA GLU P 236 32.91 -16.49 32.86
C GLU P 236 31.52 -16.06 33.25
N VAL P 237 31.10 -16.38 34.47
CA VAL P 237 29.83 -15.94 35.04
C VAL P 237 30.07 -15.56 36.50
N ASP P 238 29.97 -14.28 36.81
CA ASP P 238 30.17 -13.77 38.19
C ASP P 238 31.50 -14.24 38.78
N ASN P 239 32.60 -13.88 38.11
CA ASN P 239 33.97 -14.11 38.58
C ASN P 239 34.32 -15.60 38.81
N GLU P 240 33.79 -16.45 37.94
CA GLU P 240 33.85 -17.88 38.11
C GLU P 240 33.57 -18.54 36.75
N LEU P 241 34.37 -19.55 36.39
CA LEU P 241 34.24 -20.21 35.08
C LEU P 241 33.29 -21.41 35.09
N ARG P 242 32.12 -21.27 34.45
CA ARG P 242 31.09 -22.33 34.48
C ARG P 242 30.64 -22.75 33.09
N ILE P 243 30.13 -23.98 33.01
CA ILE P 243 29.67 -24.55 31.75
C ILE P 243 28.42 -23.80 31.31
N CYS P 244 28.39 -23.50 30.01
CA CYS P 244 27.27 -22.83 29.36
C CYS P 244 26.89 -23.60 28.09
N ALA P 245 25.60 -23.62 27.79
CA ALA P 245 25.07 -24.21 26.56
C ALA P 245 24.73 -23.14 25.57
N ARG P 246 24.64 -23.51 24.31
CA ARG P 246 24.30 -22.56 23.26
C ARG P 246 22.84 -22.12 23.40
N ASP P 247 22.57 -20.86 23.09
CA ASP P 247 21.21 -20.30 23.12
C ASP P 247 20.12 -21.18 22.47
N LYS P 248 20.40 -21.78 21.32
CA LYS P 248 19.41 -22.64 20.63
C LYS P 248 19.03 -23.91 21.43
N GLU P 249 19.96 -24.43 22.22
CA GLU P 249 19.71 -25.64 23.03
C GLU P 249 18.69 -25.46 24.16
N VAL P 250 18.34 -24.22 24.51
CA VAL P 250 17.38 -23.97 25.59
C VAL P 250 16.14 -24.85 25.48
N GLY P 251 15.60 -25.03 24.28
CA GLY P 251 14.45 -25.89 24.04
C GLY P 251 14.70 -27.32 24.48
N ASN P 252 15.83 -27.86 24.06
CA ASN P 252 16.21 -29.24 24.38
C ASN P 252 16.43 -29.45 25.87
N LEU P 253 16.87 -28.40 26.55
CA LEU P 253 17.09 -28.45 28.00
C LEU P 253 15.78 -28.51 28.77
N TYR P 254 14.76 -27.76 28.36
CA TYR P 254 13.43 -27.93 29.00
C TYR P 254 12.91 -29.35 28.74
N ASP P 255 13.18 -29.85 27.53
CA ASP P 255 12.79 -31.22 27.13
C ASP P 255 13.57 -32.29 27.89
N MET P 256 14.79 -31.98 28.33
CA MET P 256 15.55 -32.89 29.21
C MET P 256 14.79 -33.12 30.53
N PHE P 257 14.38 -32.03 31.19
CA PHE P 257 13.65 -32.16 32.46
C PHE P 257 12.23 -32.69 32.29
N HIS P 258 11.63 -32.48 31.11
CA HIS P 258 10.35 -33.13 30.76
C HIS P 258 10.53 -34.64 30.66
N THR P 259 11.55 -35.06 29.92
CA THR P 259 11.92 -36.47 29.80
C THR P 259 12.14 -37.08 31.20
N ARG P 260 12.82 -36.36 32.08
CA ARG P 260 13.04 -36.84 33.46
C ARG P 260 11.72 -37.09 34.19
N ASN P 261 10.88 -36.06 34.20
CA ASN P 261 9.57 -36.14 34.86
C ASN P 261 8.70 -37.23 34.25
N SER P 262 8.76 -37.36 32.93
CA SER P 262 8.03 -38.40 32.21
C SER P 262 8.46 -39.81 32.64
N LEU P 263 9.77 -40.04 32.78
CA LEU P 263 10.31 -41.33 33.24
C LEU P 263 9.90 -41.67 34.69
N HIS P 264 9.84 -40.65 35.54
CA HIS P 264 9.33 -40.83 36.88
C HIS P 264 7.87 -41.23 36.86
N ARG P 265 7.06 -40.56 36.04
CA ARG P 265 5.64 -40.86 35.94
C ARG P 265 5.41 -42.28 35.44
N ARG P 266 6.05 -42.63 34.33
CA ARG P 266 5.81 -43.93 33.71
C ARG P 266 6.44 -45.10 34.46
N ALA P 267 7.65 -44.90 34.97
CA ALA P 267 8.48 -46.00 35.47
C ALA P 267 8.81 -45.90 36.96
N TYR P 268 9.62 -44.92 37.32
CA TYR P 268 10.28 -44.92 38.64
C TYR P 268 9.27 -44.84 39.80
N GLN P 269 8.23 -44.03 39.60
CA GLN P 269 7.11 -43.90 40.53
C GLN P 269 5.86 -44.67 40.10
N HIS P 270 6.04 -45.75 39.36
CA HIS P 270 4.91 -46.57 38.92
C HIS P 270 4.16 -47.13 40.13
N LYS P 271 2.85 -47.01 40.10
CA LYS P 271 1.98 -47.30 41.27
C LYS P 271 2.26 -48.66 41.95
N VAL P 272 2.53 -49.67 41.13
CA VAL P 272 2.85 -51.02 41.59
C VAL P 272 4.33 -51.14 41.97
N GLY P 273 5.19 -50.48 41.21
CA GLY P 273 6.62 -50.45 41.52
C GLY P 273 6.87 -49.90 42.90
N ASN P 274 6.15 -48.82 43.22
CA ASN P 274 6.18 -48.21 44.53
C ASN P 274 5.58 -49.06 45.64
N ILE P 275 4.50 -49.78 45.35
CA ILE P 275 3.90 -50.64 46.37
C ILE P 275 4.81 -51.83 46.67
N ILE P 276 5.53 -52.32 45.67
CA ILE P 276 6.51 -53.38 45.88
C ILE P 276 7.71 -52.88 46.69
N ASP P 277 8.19 -51.68 46.36
CA ASP P 277 9.19 -50.99 47.19
C ASP P 277 8.74 -50.93 48.67
N THR P 278 7.51 -50.43 48.94
CA THR P 278 7.00 -50.32 50.33
C THR P 278 6.89 -51.69 51.00
N MET P 279 6.52 -52.71 50.22
CA MET P 279 6.41 -54.08 50.73
C MET P 279 7.76 -54.69 51.07
N ILE P 280 8.75 -54.46 50.22
CA ILE P 280 10.11 -54.92 50.52
C ILE P 280 10.67 -54.16 51.73
N THR P 281 10.46 -52.85 51.77
CA THR P 281 10.82 -52.01 52.94
C THR P 281 10.17 -52.56 54.21
N ASP P 282 8.88 -52.86 54.13
CA ASP P 282 8.12 -53.42 55.25
C ASP P 282 8.78 -54.72 55.76
N ALA P 283 9.12 -55.60 54.84
CA ALA P 283 9.79 -56.87 55.18
C ALA P 283 11.16 -56.67 55.80
N PHE P 284 11.90 -55.67 55.32
CA PHE P 284 13.21 -55.34 55.90
C PHE P 284 13.05 -54.85 57.32
N LEU P 285 12.06 -54.00 57.55
CA LEU P 285 11.80 -53.48 58.90
C LEU P 285 11.52 -54.62 59.88
N LYS P 286 10.73 -55.60 59.47
CA LYS P 286 10.41 -56.76 60.32
C LYS P 286 11.58 -57.72 60.49
N ALA P 287 12.44 -57.80 59.49
CA ALA P 287 13.63 -58.64 59.56
C ALA P 287 14.84 -57.98 60.25
N ASP P 288 14.80 -56.65 60.45
CA ASP P 288 15.99 -55.88 60.84
C ASP P 288 16.64 -56.38 62.12
N ASP P 289 15.80 -56.66 63.12
CA ASP P 289 16.24 -57.08 64.45
C ASP P 289 16.98 -58.40 64.46
N TYR P 290 16.64 -59.31 63.55
CA TYR P 290 17.16 -60.68 63.60
C TYR P 290 18.22 -61.00 62.53
N ILE P 291 18.62 -60.03 61.72
CA ILE P 291 19.69 -60.22 60.76
C ILE P 291 20.95 -59.53 61.23
N GLU P 292 22.03 -60.31 61.32
CA GLU P 292 23.35 -59.84 61.67
C GLU P 292 24.22 -59.82 60.42
N ILE P 293 25.07 -58.80 60.31
CA ILE P 293 26.06 -58.68 59.23
C ILE P 293 27.41 -58.36 59.86
N THR P 294 28.41 -59.17 59.49
CA THR P 294 29.75 -59.04 60.03
C THR P 294 30.39 -57.78 59.51
N GLY P 295 30.91 -56.97 60.43
CA GLY P 295 31.58 -55.72 60.07
C GLY P 295 33.04 -55.72 60.38
N ALA P 296 33.56 -54.53 60.72
CA ALA P 296 34.98 -54.35 60.99
C ALA P 296 35.32 -54.94 62.35
N GLY P 297 36.38 -55.74 62.37
CA GLY P 297 36.79 -56.52 63.53
C GLY P 297 35.77 -57.52 63.98
N GLY P 298 34.88 -57.93 63.08
CA GLY P 298 33.79 -58.83 63.43
C GLY P 298 32.58 -58.32 64.19
N LYS P 299 32.49 -57.01 64.47
CA LYS P 299 31.32 -56.46 65.19
C LYS P 299 30.04 -56.74 64.40
N LYS P 300 28.94 -57.02 65.13
CA LYS P 300 27.67 -57.38 64.49
C LYS P 300 26.85 -56.11 64.18
N TYR P 301 26.46 -55.96 62.91
CA TYR P 301 25.58 -54.85 62.49
C TYR P 301 24.27 -55.36 61.91
N ARG P 302 23.21 -54.57 62.11
CA ARG P 302 21.89 -54.86 61.54
C ARG P 302 21.76 -54.18 60.19
N ILE P 303 20.67 -54.44 59.49
CA ILE P 303 20.47 -53.88 58.16
C ILE P 303 20.52 -52.37 58.25
N SER P 304 19.77 -51.82 59.21
CA SER P 304 19.68 -50.37 59.41
C SER P 304 20.98 -49.71 59.89
N THR P 305 21.83 -50.46 60.61
CA THR P 305 23.08 -49.92 61.17
C THR P 305 24.35 -50.21 60.35
N ALA P 306 24.22 -51.03 59.30
CA ALA P 306 25.35 -51.33 58.44
C ALA P 306 25.92 -50.06 57.77
N ILE P 307 25.07 -49.06 57.53
CA ILE P 307 25.51 -47.78 57.00
C ILE P 307 26.59 -47.07 57.84
N ASP P 308 26.66 -47.39 59.12
CA ASP P 308 27.67 -46.80 59.99
C ASP P 308 29.07 -47.35 59.76
N ASP P 309 29.16 -48.63 59.41
CA ASP P 309 30.43 -49.28 59.08
C ASP P 309 30.45 -49.72 57.62
N MET P 310 31.51 -49.36 56.90
CA MET P 310 31.61 -49.67 55.47
C MET P 310 32.03 -51.10 55.15
N GLU P 311 32.79 -51.73 56.04
CA GLU P 311 33.18 -53.12 55.83
C GLU P 311 31.94 -54.02 55.88
N ALA P 312 30.99 -53.68 56.74
CA ALA P 312 29.69 -54.37 56.81
C ALA P 312 28.84 -54.07 55.62
N TYR P 313 28.68 -52.78 55.33
CA TYR P 313 27.85 -52.28 54.21
C TYR P 313 28.28 -52.83 52.85
N THR P 314 29.56 -53.13 52.71
CA THR P 314 30.11 -53.85 51.54
C THR P 314 29.35 -55.16 51.24
N LYS P 315 28.97 -55.87 52.29
CA LYS P 315 28.24 -57.14 52.15
C LYS P 315 26.70 -56.99 52.08
N LEU P 316 26.20 -55.74 52.14
CA LEU P 316 24.75 -55.47 52.18
C LEU P 316 24.26 -55.08 50.79
N THR P 317 23.60 -56.02 50.12
CA THR P 317 23.15 -55.88 48.75
C THR P 317 21.71 -56.41 48.64
N ASP P 318 21.19 -56.45 47.41
CA ASP P 318 19.88 -57.08 47.10
C ASP P 318 19.76 -58.53 47.61
N ASN P 319 20.90 -59.22 47.75
CA ASN P 319 20.97 -60.53 48.43
C ASN P 319 20.08 -60.67 49.64
N ILE P 320 20.02 -59.59 50.41
CA ILE P 320 19.28 -59.58 51.68
C ILE P 320 17.79 -59.95 51.49
N PHE P 321 17.25 -59.61 50.31
CA PHE P 321 15.92 -60.07 49.88
C PHE P 321 15.80 -61.59 49.87
N LEU P 322 16.67 -62.24 49.12
CA LEU P 322 16.67 -63.70 48.98
C LEU P 322 17.09 -64.42 50.25
N GLU P 323 17.96 -63.78 51.03
CA GLU P 323 18.34 -64.30 52.32
C GLU P 323 17.08 -64.45 53.18
N ILE P 324 16.27 -63.38 53.24
CA ILE P 324 15.00 -63.40 53.97
C ILE P 324 14.02 -64.44 53.38
N LEU P 325 13.91 -64.46 52.07
CA LEU P 325 12.96 -65.35 51.38
C LEU P 325 13.27 -66.81 51.66
N TYR P 326 14.53 -67.18 51.47
CA TYR P 326 14.95 -68.56 51.64
C TYR P 326 15.10 -69.05 53.10
N SER P 327 15.10 -68.13 54.07
CA SER P 327 15.38 -68.51 55.47
C SER P 327 14.30 -69.41 56.07
N THR P 328 14.70 -70.13 57.11
CA THR P 328 13.81 -70.95 57.93
C THR P 328 13.77 -70.51 59.40
N ASP P 329 14.54 -69.49 59.78
CA ASP P 329 14.46 -68.93 61.13
C ASP P 329 13.03 -68.45 61.38
N PRO P 330 12.36 -68.99 62.41
CA PRO P 330 11.01 -68.51 62.71
C PRO P 330 10.90 -67.06 63.18
N LYS P 331 11.99 -66.47 63.68
CA LYS P 331 12.03 -65.04 63.99
C LYS P 331 11.77 -64.18 62.76
N LEU P 332 12.16 -64.68 61.59
CA LEU P 332 11.94 -64.02 60.30
C LEU P 332 10.63 -64.37 59.59
N LYS P 333 9.72 -65.11 60.24
CA LYS P 333 8.50 -65.57 59.56
C LYS P 333 7.63 -64.43 59.07
N ASP P 334 7.46 -63.39 59.89
CA ASP P 334 6.71 -62.19 59.46
C ASP P 334 7.28 -61.54 58.21
N ALA P 335 8.59 -61.35 58.17
CA ALA P 335 9.27 -60.75 57.01
C ALA P 335 9.18 -61.64 55.78
N ARG P 336 9.49 -62.93 55.95
CA ARG P 336 9.42 -63.92 54.87
C ARG P 336 8.03 -64.04 54.25
N GLU P 337 6.98 -63.87 55.05
CA GLU P 337 5.62 -63.95 54.52
C GLU P 337 5.28 -62.78 53.62
N ILE P 338 5.76 -61.58 53.93
CA ILE P 338 5.56 -60.43 53.05
C ILE P 338 6.22 -60.69 51.68
N LEU P 339 7.46 -61.17 51.70
CA LEU P 339 8.19 -61.44 50.47
C LEU P 339 7.58 -62.57 49.66
N LYS P 340 7.06 -63.59 50.33
CA LYS P 340 6.33 -64.65 49.62
C LYS P 340 5.06 -64.13 48.95
N GLN P 341 4.38 -63.17 49.60
CA GLN P 341 3.22 -62.50 49.01
C GLN P 341 3.55 -61.71 47.74
N ILE P 342 4.80 -61.28 47.57
CA ILE P 342 5.25 -60.63 46.32
C ILE P 342 5.46 -61.62 45.16
N GLU P 343 5.97 -62.80 45.48
CA GLU P 343 6.11 -63.85 44.48
C GLU P 343 4.75 -64.22 43.93
N TYR P 344 3.85 -64.59 44.84
CA TYR P 344 2.45 -64.96 44.53
C TYR P 344 1.60 -63.83 43.98
N ARG P 345 2.04 -62.58 44.20
CA ARG P 345 1.42 -61.39 43.64
C ARG P 345 0.15 -60.97 44.39
N ASN P 346 0.09 -61.23 45.70
CA ASN P 346 -0.94 -60.69 46.59
C ASN P 346 -0.44 -59.40 47.17
N LEU P 347 -0.40 -58.40 46.31
CA LEU P 347 0.12 -57.10 46.66
C LEU P 347 -1.01 -56.32 47.28
N PHE P 348 -0.62 -55.30 48.03
CA PHE P 348 -1.58 -54.36 48.58
C PHE P 348 -2.21 -53.63 47.41
N LYS P 349 -3.54 -53.48 47.42
CA LYS P 349 -4.25 -53.01 46.23
C LYS P 349 -4.31 -51.49 46.13
N TYR P 350 -4.06 -51.01 44.90
CA TYR P 350 -4.11 -49.59 44.57
C TYR P 350 -5.56 -49.15 44.56
N VAL P 351 -5.86 -48.07 45.26
CA VAL P 351 -7.21 -47.53 45.32
C VAL P 351 -7.39 -46.37 44.32
N GLY P 352 -6.44 -45.46 44.31
CA GLY P 352 -6.47 -44.31 43.40
C GLY P 352 -5.38 -43.30 43.72
N GLU P 353 -5.34 -42.26 42.91
CA GLU P 353 -4.33 -41.20 43.00
C GLU P 353 -5.05 -39.86 43.08
N THR P 354 -4.43 -38.89 43.74
CA THR P 354 -4.98 -37.53 43.79
C THR P 354 -3.88 -36.50 44.06
N GLN P 355 -4.21 -35.23 43.82
CA GLN P 355 -3.30 -34.10 44.07
C GLN P 355 -3.98 -33.06 44.95
N PRO P 356 -3.20 -32.29 45.74
CA PRO P 356 -3.79 -31.12 46.39
C PRO P 356 -4.10 -30.00 45.40
N THR P 357 -4.87 -29.02 45.86
CA THR P 357 -5.26 -27.87 45.03
C THR P 357 -4.83 -26.57 45.70
N GLY P 358 -4.93 -25.47 44.93
CA GLY P 358 -4.46 -24.17 45.38
C GLY P 358 -2.94 -24.20 45.44
N GLN P 359 -2.38 -23.71 46.55
CA GLN P 359 -0.98 -23.88 46.85
C GLN P 359 -0.85 -24.57 48.21
N ILE P 360 -1.54 -25.72 48.38
CA ILE P 360 -1.51 -26.53 49.62
C ILE P 360 -0.39 -27.60 49.57
N LYS P 361 0.82 -27.29 50.03
CA LYS P 361 1.91 -28.30 50.09
C LYS P 361 1.74 -29.17 51.33
N ILE P 362 1.79 -30.50 51.17
CA ILE P 362 1.74 -31.45 52.30
C ILE P 362 3.14 -31.67 52.87
N LYS P 363 3.38 -31.19 54.09
CA LYS P 363 4.69 -31.30 54.73
C LYS P 363 5.00 -32.76 55.10
N ARG P 364 6.29 -33.09 55.15
CA ARG P 364 6.78 -34.45 55.42
C ARG P 364 6.37 -34.98 56.80
N GLU P 365 6.52 -34.11 57.81
CA GLU P 365 5.92 -34.30 59.13
C GLU P 365 4.54 -35.00 59.17
N ASP P 366 3.62 -34.58 58.30
CA ASP P 366 2.23 -35.05 58.31
C ASP P 366 2.00 -36.42 57.67
N TYR P 367 3.02 -36.97 56.99
CA TYR P 367 2.92 -38.25 56.28
C TYR P 367 2.42 -39.36 57.22
N GLU P 368 3.01 -39.45 58.42
CA GLU P 368 2.59 -40.40 59.44
C GLU P 368 1.07 -40.44 59.64
N SER P 369 0.46 -39.25 59.69
CA SER P 369 -0.97 -39.12 60.07
C SER P 369 -2.04 -39.41 58.99
N LEU P 370 -1.64 -39.49 57.73
CA LEU P 370 -2.61 -39.54 56.63
C LEU P 370 -3.48 -40.81 56.54
N PRO P 371 -2.93 -41.99 56.89
CA PRO P 371 -3.79 -43.19 56.98
C PRO P 371 -4.96 -43.03 57.98
N LYS P 372 -4.67 -42.44 59.14
CA LYS P 372 -5.68 -42.08 60.13
C LYS P 372 -6.80 -41.24 59.49
N GLU P 373 -6.42 -40.23 58.73
CA GLU P 373 -7.41 -39.33 58.09
C GLU P 373 -8.34 -40.03 57.10
N VAL P 374 -7.82 -41.00 56.35
CA VAL P 374 -8.60 -41.71 55.33
C VAL P 374 -9.66 -42.59 55.99
N ALA P 375 -9.26 -43.37 56.99
CA ALA P 375 -10.20 -44.15 57.78
C ALA P 375 -11.24 -43.27 58.50
N SER P 376 -10.80 -42.09 58.94
CA SER P 376 -11.65 -41.13 59.64
C SER P 376 -12.78 -40.54 58.81
N ALA P 377 -12.65 -40.53 57.48
CA ALA P 377 -13.71 -40.02 56.62
C ALA P 377 -15.01 -40.80 56.82
N LYS P 378 -16.13 -40.08 56.81
CA LYS P 378 -17.43 -40.69 57.03
C LYS P 378 -18.20 -40.56 55.73
N PRO P 379 -18.03 -41.51 54.80
CA PRO P 379 -18.77 -41.45 53.53
C PRO P 379 -20.23 -41.82 53.72
N LYS P 380 -21.13 -41.01 53.16
CA LYS P 380 -22.57 -41.23 53.28
C LYS P 380 -23.04 -42.38 52.37
N VAL P 381 -22.50 -43.57 52.60
CA VAL P 381 -22.82 -44.79 51.83
C VAL P 381 -22.76 -45.99 52.75
N LEU P 382 -23.70 -46.92 52.64
CA LEU P 382 -23.71 -48.13 53.48
C LEU P 382 -22.59 -49.08 53.08
N LEU P 383 -21.69 -49.35 54.02
CA LEU P 383 -20.53 -50.20 53.82
C LEU P 383 -20.77 -51.56 54.52
N ASP P 384 -20.24 -52.63 53.94
CA ASP P 384 -20.21 -53.95 54.57
C ASP P 384 -19.21 -54.04 55.70
N VAL P 385 -18.06 -53.40 55.50
CA VAL P 385 -16.90 -53.49 56.41
C VAL P 385 -16.46 -52.08 56.80
N LYS P 386 -16.10 -51.89 58.08
CA LYS P 386 -15.39 -50.68 58.51
C LYS P 386 -13.91 -51.02 58.48
N LEU P 387 -13.08 -50.06 58.08
CA LEU P 387 -11.62 -50.26 57.95
C LEU P 387 -10.84 -49.36 58.91
N LYS P 388 -9.85 -49.93 59.59
CA LYS P 388 -8.99 -49.20 60.53
C LYS P 388 -7.85 -48.49 59.76
N ALA P 389 -7.17 -47.56 60.42
CA ALA P 389 -6.12 -46.74 59.76
C ALA P 389 -4.87 -47.54 59.36
N GLU P 390 -4.55 -48.57 60.13
CA GLU P 390 -3.48 -49.51 59.80
C GLU P 390 -3.70 -50.27 58.48
N ASP P 391 -4.95 -50.40 58.05
CA ASP P 391 -5.30 -51.05 56.77
C ASP P 391 -4.88 -50.21 55.54
N PHE P 392 -4.74 -48.90 55.72
CA PHE P 392 -4.40 -48.00 54.61
C PHE P 392 -2.90 -47.67 54.54
N ILE P 393 -2.41 -47.49 53.32
CA ILE P 393 -1.09 -46.91 53.04
C ILE P 393 -1.30 -45.69 52.16
N VAL P 394 -0.71 -44.57 52.56
CA VAL P 394 -0.73 -43.36 51.77
C VAL P 394 0.72 -43.05 51.41
N ASP P 395 0.96 -42.89 50.10
CA ASP P 395 2.30 -42.73 49.56
C ASP P 395 2.31 -41.35 48.91
N VAL P 396 3.09 -40.43 49.48
CA VAL P 396 3.15 -39.06 48.95
C VAL P 396 4.42 -38.92 48.14
N ILE P 397 4.30 -38.34 46.96
CA ILE P 397 5.38 -38.28 45.98
C ILE P 397 5.53 -36.86 45.44
N ASN P 398 6.75 -36.33 45.54
CA ASN P 398 7.06 -35.00 45.03
C ASN P 398 7.69 -35.11 43.64
N MET P 399 6.96 -34.67 42.63
CA MET P 399 7.45 -34.61 41.25
C MET P 399 7.90 -33.17 40.99
N ASP P 400 9.16 -32.99 40.60
CA ASP P 400 9.70 -31.65 40.34
C ASP P 400 10.68 -31.67 39.18
N TYR P 401 11.24 -30.49 38.90
CA TYR P 401 12.31 -30.34 37.91
C TYR P 401 13.69 -30.29 38.58
N GLY P 402 13.83 -31.01 39.70
CA GLY P 402 15.12 -31.18 40.34
C GLY P 402 15.55 -30.06 41.27
N MET P 403 14.77 -28.99 41.37
CA MET P 403 15.08 -27.89 42.28
C MET P 403 13.81 -27.44 42.96
N GLN P 404 13.10 -28.41 43.52
CA GLN P 404 11.83 -28.16 44.18
C GLN P 404 10.98 -27.27 43.28
N GLU P 405 10.56 -26.10 43.79
CA GLU P 405 9.62 -25.27 43.06
C GLU P 405 10.25 -24.42 41.96
N LYS P 406 11.58 -24.42 41.88
CA LYS P 406 12.31 -23.58 40.93
C LYS P 406 12.42 -24.18 39.52
N ASN P 407 12.55 -23.28 38.55
CA ASN P 407 12.81 -23.60 37.15
C ASN P 407 14.31 -23.70 37.03
N PRO P 408 14.84 -24.91 36.74
CA PRO P 408 16.30 -25.03 36.65
C PRO P 408 16.93 -24.31 35.46
N ILE P 409 16.16 -24.04 34.42
CA ILE P 409 16.66 -23.29 33.26
C ILE P 409 16.99 -21.84 33.59
N ASP P 410 16.30 -21.28 34.58
CA ASP P 410 16.66 -19.97 35.11
C ASP P 410 18.02 -19.98 35.83
N HIS P 411 18.52 -21.17 36.19
CA HIS P 411 19.89 -21.35 36.66
C HIS P 411 20.84 -22.02 35.64
N VAL P 412 20.63 -21.77 34.34
CA VAL P 412 21.57 -22.21 33.28
C VAL P 412 22.10 -20.96 32.59
N SER P 413 23.39 -20.98 32.26
CA SER P 413 24.02 -19.91 31.49
C SER P 413 24.15 -20.32 30.02
N PHE P 414 23.94 -19.34 29.14
CA PHE P 414 23.93 -19.56 27.70
C PHE P 414 24.94 -18.68 26.94
N TYR P 415 25.27 -19.06 25.70
CA TYR P 415 26.10 -18.24 24.82
C TYR P 415 25.54 -18.15 23.40
N CYS P 416 25.95 -17.13 22.66
CA CYS P 416 25.48 -16.92 21.28
C CYS P 416 26.57 -17.18 20.27
N LYS P 417 26.15 -17.51 19.04
CA LYS P 417 27.10 -17.75 17.95
C LYS P 417 27.97 -16.54 17.71
N THR P 418 27.34 -15.37 17.74
CA THR P 418 28.01 -14.10 17.52
C THR P 418 28.98 -13.68 18.64
N ALA P 419 28.80 -14.17 19.87
CA ALA P 419 29.65 -13.83 21.02
C ALA P 419 29.81 -15.02 21.97
N PRO P 420 30.66 -15.97 21.59
CA PRO P 420 30.72 -17.24 22.30
C PRO P 420 31.39 -17.18 23.68
N ASN P 421 32.05 -16.07 24.02
CA ASN P 421 32.58 -15.91 25.36
C ASN P 421 31.66 -15.17 26.30
N ARG P 422 30.62 -14.54 25.73
CA ARG P 422 29.68 -13.77 26.53
C ARG P 422 28.49 -14.60 26.95
N ALA P 423 28.43 -14.85 28.26
CA ALA P 423 27.36 -15.61 28.88
C ALA P 423 26.13 -14.75 29.07
N ILE P 424 24.96 -15.38 28.99
CA ILE P 424 23.67 -14.70 29.13
C ILE P 424 22.64 -15.59 29.81
N ARG P 425 21.48 -15.02 30.10
CA ARG P 425 20.34 -15.75 30.67
C ARG P 425 19.17 -15.76 29.69
N ILE P 426 18.41 -16.85 29.67
CA ILE P 426 17.20 -16.94 28.87
C ILE P 426 16.04 -17.27 29.83
N THR P 427 15.06 -16.37 29.91
CA THR P 427 13.89 -16.57 30.80
C THR P 427 12.94 -17.56 30.17
N LYS P 428 11.87 -17.89 30.90
CA LYS P 428 10.84 -18.76 30.35
C LYS P 428 10.07 -18.09 29.20
N ASN P 429 9.76 -16.81 29.34
CA ASN P 429 8.96 -16.08 28.34
C ASN P 429 9.64 -15.95 26.99
N GLN P 430 10.96 -15.91 27.01
CA GLN P 430 11.76 -15.83 25.80
C GLN P 430 11.74 -17.11 24.96
N VAL P 431 11.32 -18.23 25.55
CA VAL P 431 11.32 -19.52 24.86
C VAL P 431 9.95 -19.91 24.30
N SER P 432 8.96 -20.08 25.17
CA SER P 432 7.64 -20.59 24.76
C SER P 432 6.54 -20.38 25.78
N GLN P 433 5.32 -20.19 25.26
CA GLN P 433 4.09 -20.14 26.07
C GLN P 433 3.53 -21.52 26.40
N LEU P 434 4.05 -22.58 25.76
CA LEU P 434 3.57 -23.94 26.00
C LEU P 434 4.38 -24.69 27.06
N LEU P 435 5.28 -24.01 27.77
CA LEU P 435 6.04 -24.61 28.83
C LEU P 435 5.19 -24.77 30.09
N PRO P 436 5.69 -25.54 31.08
CA PRO P 436 4.95 -25.70 32.33
C PRO P 436 4.75 -24.38 33.08
N GLU P 437 3.61 -24.28 33.75
CA GLU P 437 3.30 -23.12 34.57
C GLU P 437 4.06 -23.21 35.90
N LYS P 438 3.95 -24.37 36.53
CA LYS P 438 4.69 -24.70 37.76
C LYS P 438 5.80 -25.71 37.44
N PHE P 439 6.72 -25.90 38.38
CA PHE P 439 7.82 -26.87 38.24
C PHE P 439 7.93 -27.86 39.41
N ALA P 440 6.84 -28.02 40.12
CA ALA P 440 6.72 -29.00 41.21
C ALA P 440 5.26 -29.25 41.55
N GLU P 441 4.97 -30.47 41.97
CA GLU P 441 3.63 -30.86 42.41
C GLU P 441 3.73 -32.07 43.32
N GLN P 442 2.60 -32.47 43.87
CA GLN P 442 2.55 -33.64 44.74
C GLN P 442 1.54 -34.65 44.23
N LEU P 443 1.90 -35.93 44.32
CA LEU P 443 0.99 -37.02 44.01
C LEU P 443 0.76 -37.85 45.24
N ILE P 444 -0.50 -38.15 45.51
CA ILE P 444 -0.90 -38.92 46.67
C ILE P 444 -1.56 -40.18 46.17
N ARG P 445 -0.90 -41.31 46.35
CA ARG P 445 -1.46 -42.63 46.07
C ARG P 445 -1.93 -43.25 47.37
N VAL P 446 -3.10 -43.87 47.31
CA VAL P 446 -3.67 -44.58 48.44
C VAL P 446 -3.81 -46.05 48.06
N TYR P 447 -3.34 -46.92 48.93
CA TYR P 447 -3.50 -48.37 48.76
C TYR P 447 -4.15 -48.95 50.00
N CYS P 448 -4.74 -50.14 49.86
CA CYS P 448 -5.40 -50.85 50.96
C CYS P 448 -4.78 -52.23 51.16
N LYS P 449 -4.45 -52.55 52.41
CA LYS P 449 -3.79 -53.82 52.76
C LYS P 449 -4.73 -55.02 52.61
N LYS P 450 -6.03 -54.80 52.80
CA LYS P 450 -7.02 -55.85 52.63
C LYS P 450 -7.44 -55.95 51.15
N VAL P 451 -7.22 -57.14 50.60
CA VAL P 451 -7.29 -57.41 49.15
C VAL P 451 -8.72 -57.71 48.67
N ASP P 452 -9.55 -58.32 49.52
CA ASP P 452 -10.88 -58.88 49.15
C ASP P 452 -11.89 -57.92 48.52
N ARG P 453 -12.89 -58.49 47.83
CA ARG P 453 -13.90 -57.74 47.08
C ARG P 453 -14.62 -56.70 47.95
N LYS P 454 -15.02 -57.12 49.16
CA LYS P 454 -15.77 -56.26 50.10
C LYS P 454 -14.94 -55.07 50.61
N SER P 455 -13.70 -55.33 51.01
CA SER P 455 -12.83 -54.30 51.61
C SER P 455 -12.31 -53.28 50.60
N LEU P 456 -12.11 -53.73 49.36
CA LEU P 456 -11.69 -52.84 48.30
C LEU P 456 -12.78 -51.81 47.96
N TYR P 457 -14.03 -52.25 47.88
CA TYR P 457 -15.16 -51.33 47.66
C TYR P 457 -15.19 -50.26 48.75
N ALA P 458 -15.04 -50.71 50.00
CA ALA P 458 -15.04 -49.82 51.15
C ALA P 458 -13.93 -48.80 51.03
N ALA P 459 -12.71 -49.31 50.81
CA ALA P 459 -11.52 -48.46 50.69
C ALA P 459 -11.73 -47.33 49.68
N ARG P 460 -12.31 -47.69 48.53
CA ARG P 460 -12.65 -46.72 47.49
C ARG P 460 -13.58 -45.60 47.98
N GLN P 461 -14.57 -45.97 48.77
CA GLN P 461 -15.51 -44.99 49.32
C GLN P 461 -14.80 -44.06 50.32
N TYR P 462 -14.00 -44.63 51.22
CA TYR P 462 -13.18 -43.83 52.15
C TYR P 462 -12.27 -42.83 51.41
N PHE P 463 -11.58 -43.34 50.38
CA PHE P 463 -10.62 -42.53 49.62
C PHE P 463 -11.29 -41.35 48.91
N VAL P 464 -12.33 -41.64 48.12
CA VAL P 464 -12.98 -40.61 47.30
C VAL P 464 -13.65 -39.55 48.18
N GLN P 465 -14.08 -39.96 49.38
CA GLN P 465 -14.61 -39.03 50.38
C GLN P 465 -13.49 -38.15 50.91
N TRP P 466 -12.43 -38.80 51.39
CA TRP P 466 -11.24 -38.11 51.89
C TRP P 466 -10.73 -37.02 50.93
N CYS P 467 -10.81 -37.32 49.63
CA CYS P 467 -10.47 -36.36 48.57
C CYS P 467 -11.40 -35.13 48.59
N ALA P 468 -12.71 -35.36 48.63
CA ALA P 468 -13.68 -34.27 48.74
C ALA P 468 -13.52 -33.52 50.07
N ASP P 469 -13.24 -34.26 51.15
CA ASP P 469 -13.03 -33.70 52.50
C ASP P 469 -11.88 -32.68 52.56
N ARG P 470 -10.81 -32.93 51.83
CA ARG P 470 -9.63 -32.04 51.88
C ARG P 470 -9.45 -31.13 50.67
N ASN P 471 -10.49 -31.05 49.83
CA ASN P 471 -10.50 -30.24 48.61
C ASN P 471 -9.32 -30.62 47.70
N PHE P 472 -9.15 -31.93 47.49
CA PHE P 472 -8.19 -32.48 46.54
C PHE P 472 -8.88 -32.72 45.19
N THR P 473 -8.08 -33.03 44.17
CA THR P 473 -8.61 -33.26 42.84
C THR P 473 -9.43 -34.55 42.81
N LYS P 474 -10.42 -34.58 41.94
CA LYS P 474 -11.25 -35.75 41.75
C LYS P 474 -10.39 -36.85 41.15
N PRO P 475 -10.40 -38.05 41.75
CA PRO P 475 -9.74 -39.17 41.10
C PRO P 475 -10.25 -39.36 39.67
N GLN P 476 -9.33 -39.69 38.75
CA GLN P 476 -9.65 -39.84 37.32
C GLN P 476 -10.79 -40.85 37.11
N ASP P 477 -10.69 -41.97 37.83
CA ASP P 477 -11.70 -43.03 37.84
C ASP P 477 -12.85 -42.81 38.87
N GLY P 478 -12.99 -41.59 39.37
CA GLY P 478 -13.77 -41.33 40.57
C GLY P 478 -15.26 -41.62 40.45
N ASP P 479 -15.83 -41.24 39.30
CA ASP P 479 -17.25 -41.48 39.04
C ASP P 479 -17.59 -42.94 38.94
N VAL P 480 -16.62 -43.76 38.53
CA VAL P 480 -16.82 -45.21 38.42
C VAL P 480 -16.75 -45.87 39.80
N ILE P 481 -15.61 -45.69 40.48
CA ILE P 481 -15.33 -46.42 41.73
C ILE P 481 -16.24 -46.03 42.91
N ALA P 482 -16.63 -44.77 42.98
CA ALA P 482 -17.47 -44.26 44.06
C ALA P 482 -18.55 -43.35 43.50
N PRO P 483 -19.52 -43.95 42.81
CA PRO P 483 -20.51 -43.17 42.05
C PRO P 483 -21.46 -42.39 42.96
N LEU P 484 -21.64 -42.89 44.18
CA LEU P 484 -22.54 -42.28 45.14
C LEU P 484 -21.91 -41.04 45.80
N ILE P 485 -20.57 -40.93 45.78
CA ILE P 485 -19.86 -39.88 46.50
C ILE P 485 -19.48 -38.65 45.66
N THR P 486 -19.17 -38.85 44.37
CA THR P 486 -18.72 -37.75 43.51
C THR P 486 -19.73 -36.61 43.24
N PRO P 487 -21.05 -36.91 43.20
CA PRO P 487 -21.99 -35.78 43.09
C PRO P 487 -22.02 -34.87 44.33
N GLN P 488 -21.68 -35.40 45.51
CA GLN P 488 -21.14 -34.55 46.61
C GLN P 488 -19.83 -33.90 46.16
FE FE Q . -31.30 35.37 -8.50
MG MG R . -31.85 28.74 -6.90
MG MG S . -36.28 51.21 -28.40
O2 1FZ T . -26.73 34.62 -1.63
O4 1FZ T . -25.05 36.76 1.99
C4 1FZ T . -25.23 36.79 0.77
C5 1FZ T . -24.80 37.87 -0.12
C6 1FZ T . -25.08 37.74 -1.43
C5M 1FZ T . -24.09 39.06 0.46
N3 1FZ T . -25.88 35.74 0.15
C2 1FZ T . -26.16 35.60 -1.19
N1 1FZ T . -25.75 36.66 -1.97
C1' 1FZ T . -26.01 36.61 -3.42
C2' 1FZ T . -25.27 35.54 -4.19
C3' 1FZ T . -26.14 35.48 -5.43
O3' 1FZ T . -25.87 36.63 -6.23
O4' 1FZ T . -27.38 36.31 -3.61
C4' 1FZ T . -27.55 35.59 -4.85
C5' 1FZ T . -28.27 34.30 -4.61
O5' 1FZ T . -29.69 34.56 -4.40
PA 1FZ T . -30.76 34.38 -5.59
O1A 1FZ T . -30.20 35.21 -6.71
O2A 1FZ T . -32.16 34.72 -5.11
N3A 1FZ T . -30.61 32.74 -5.83
PB 1FZ T . -30.75 31.47 -4.78
O1B 1FZ T . -30.94 31.99 -3.39
O2B 1FZ T . -31.61 30.30 -5.27
O3B 1FZ T . -29.27 30.90 -4.66
PG 1FZ T . -28.76 29.37 -4.67
O1G 1FZ T . -27.36 29.55 -5.18
O3G 1FZ T . -28.77 28.89 -3.24
O2G 1FZ T . -29.69 28.58 -5.59
PG GTP U . -39.29 53.31 -27.84
O1G GTP U . -39.30 52.15 -26.91
O2G GTP U . -40.68 53.80 -28.13
O3G GTP U . -38.46 53.03 -29.05
O3B GTP U . -38.60 54.52 -27.02
PB GTP U . -37.01 54.65 -26.78
O1B GTP U . -36.35 53.47 -27.41
O2B GTP U . -36.51 56.01 -27.19
O3A GTP U . -36.88 54.49 -25.20
PA GTP U . -36.56 53.10 -24.46
O1A GTP U . -37.27 52.97 -23.15
O2A GTP U . -36.71 51.96 -25.43
O5' GTP U . -35.02 53.28 -24.02
C5' GTP U . -34.00 52.87 -24.92
C4' GTP U . -33.14 51.74 -24.36
O4' GTP U . -33.01 51.90 -22.95
C3' GTP U . -33.73 50.36 -24.61
O3' GTP U . -33.34 49.78 -25.87
C2' GTP U . -33.26 49.55 -23.44
O2' GTP U . -32.20 48.67 -23.83
C1' GTP U . -32.74 50.59 -22.45
N9 GTP U . -33.38 50.38 -21.14
C8 GTP U . -32.65 50.29 -20.03
N7 GTP U . -33.44 50.08 -18.97
C5 GTP U . -34.70 50.03 -19.40
C6 GTP U . -36.01 49.85 -18.77
O6 GTP U . -36.12 49.68 -17.55
N1 GTP U . -37.08 49.86 -19.54
C2 GTP U . -37.01 50.05 -20.85
N2 GTP U . -38.16 50.04 -21.55
N3 GTP U . -35.84 50.23 -21.51
C4 GTP U . -34.66 50.23 -20.84
PG DTP V . -17.42 13.13 -27.69
O1G DTP V . -17.30 12.57 -29.08
O2G DTP V . -17.49 12.15 -26.52
O3G DTP V . -18.38 14.30 -27.72
PB DTP V . -15.43 15.12 -27.68
O1B DTP V . -15.98 15.31 -29.09
O2B DTP V . -13.95 14.87 -27.44
O3B DTP V . -16.02 13.72 -27.20
PA DTP V . -15.43 17.08 -25.54
O1A DTP V . -16.45 17.67 -24.65
O2A DTP V . -14.42 16.26 -24.79
O3A DTP V . -16.15 16.15 -26.66
O5' DTP V . -14.83 18.35 -26.36
C5' DTP V . -15.50 19.08 -27.41
C4' DTP V . -14.97 20.52 -27.51
O4' DTP V . -14.92 21.13 -26.22
C3' DTP V . -13.55 20.78 -27.98
O3' DTP V . -13.45 22.13 -28.51
C2' DTP V . -12.68 20.67 -26.73
C1' DTP V . -13.60 21.34 -25.72
N9 DTP V . -13.66 20.80 -24.34
C8 DTP V . -13.48 19.54 -23.89
N7 DTP V . -13.68 19.50 -22.55
C5 DTP V . -14.00 20.74 -22.12
C6 DTP V . -14.33 21.39 -20.83
N6 DTP V . -14.36 20.69 -19.67
N1 DTP V . -14.61 22.73 -20.88
C2 DTP V . -14.58 23.47 -22.03
N3 DTP V . -14.28 22.93 -23.22
C4 DTP V . -13.99 21.59 -23.32
FE FE W . -13.39 61.74 -12.21
MG MG X . -10.20 66.23 -17.07
MG MG Y . -7.56 44.94 6.77
O2 1FZ Z . -19.40 63.36 -18.51
O4 1FZ Z . -23.87 63.47 -19.26
C4 1FZ Z . -22.92 62.85 -18.79
C5 1FZ Z . -23.01 61.56 -18.14
C6 1FZ Z . -21.89 61.00 -17.66
C5M 1FZ Z . -24.37 60.92 -18.01
N3 1FZ Z . -21.63 63.36 -18.87
C2 1FZ Z . -20.48 62.80 -18.39
N1 1FZ Z . -20.63 61.58 -17.77
C1' 1FZ Z . -19.45 60.87 -17.21
C2' 1FZ Z . -18.50 60.26 -18.23
C3' 1FZ Z . -17.19 60.14 -17.45
O3' 1FZ Z . -17.06 58.92 -16.73
O4' 1FZ Z . -18.64 61.78 -16.48
C4' 1FZ Z . -17.28 61.28 -16.44
C5' 1FZ Z . -16.31 62.40 -16.69
O5' 1FZ Z . -16.45 63.41 -15.66
PA 1FZ Z . -15.31 63.60 -14.56
O1A 1FZ Z . -15.05 62.24 -13.98
O2A 1FZ Z . -15.80 64.71 -13.66
N3A 1FZ Z . -13.99 63.99 -15.47
PB 1FZ Z . -13.73 65.39 -16.24
O1B 1FZ Z . -14.96 66.25 -16.04
O2B 1FZ Z . -12.36 66.04 -16.08
O3B 1FZ Z . -13.89 64.88 -17.74
PG 1FZ Z . -12.99 65.30 -18.99
O1G 1FZ Z . -13.22 64.20 -20.00
O3G 1FZ Z . -13.47 66.65 -19.46
O2G 1FZ Z . -11.57 65.32 -18.41
PG GTP AA . -8.10 46.22 9.69
O1G GTP AA . -7.39 46.06 8.36
O2G GTP AA . -7.92 47.58 10.26
O3G GTP AA . -7.75 45.17 10.70
O3B GTP AA . -9.71 46.03 9.60
PB GTP AA . -10.43 44.79 8.87
O1B GTP AA . -9.48 44.37 7.79
O2B GTP AA . -10.95 43.77 9.84
O3A GTP AA . -11.77 45.41 8.24
PA GTP AA . -11.69 46.60 7.16
O1A GTP AA . -12.35 47.81 7.73
O2A GTP AA . -10.28 46.72 6.67
O5' GTP AA . -12.54 46.19 5.87
C5' GTP AA . -12.14 44.98 5.19
C4' GTP AA . -11.60 45.20 3.79
O4' GTP AA . -12.58 45.85 3.04
C3' GTP AA . -10.41 46.13 3.68
O3' GTP AA . -9.18 45.50 3.96
C2' GTP AA . -10.47 46.59 2.26
O2' GTP AA . -9.69 45.77 1.41
C1' GTP AA . -11.94 46.39 1.92
N9 GTP AA . -12.60 47.67 1.64
C8 GTP AA . -13.32 47.90 0.54
N7 GTP AA . -13.81 49.15 0.50
C5 GTP AA . -13.40 49.73 1.63
C6 GTP AA . -13.55 51.07 2.26
O6 GTP AA . -14.20 51.95 1.69
N1 GTP AA . -12.97 51.31 3.44
C2 GTP AA . -12.26 50.36 4.06
N2 GTP AA . -11.73 50.68 5.22
N3 GTP AA . -12.08 49.10 3.58
C4 GTP AA . -12.61 48.75 2.40
S SO4 BA . 1.21 74.67 -24.64
O1 SO4 BA . 2.51 75.14 -25.18
O2 SO4 BA . 1.24 74.62 -23.15
O3 SO4 BA . 0.97 73.31 -25.17
O4 SO4 BA . 0.15 75.61 -25.13
PG DTP CA . 11.27 51.02 -30.55
O1G DTP CA . 12.68 50.46 -30.58
O2G DTP CA . 11.01 52.31 -31.28
O3G DTP CA . 10.68 51.05 -29.14
PB DTP CA . 9.55 48.76 -31.08
O1B DTP CA . 10.48 47.89 -30.30
O2B DTP CA . 8.94 48.28 -32.34
O3B DTP CA . 10.43 50.03 -31.52
PA DTP CA . 6.87 49.26 -30.17
O1A DTP CA . 6.23 50.04 -29.05
O2A DTP CA . 6.55 49.71 -31.57
O3A DTP CA . 8.47 49.35 -30.04
O5' DTP CA . 6.52 47.72 -29.90
C5' DTP CA . 6.72 47.11 -28.63
C4' DTP CA . 5.66 46.05 -28.31
O4' DTP CA . 4.41 46.66 -27.98
C3' DTP CA . 5.43 45.06 -29.45
O3' DTP CA . 5.50 43.71 -29.00
C2' DTP CA . 4.05 45.36 -29.97
C1' DTP CA . 3.41 46.32 -28.95
N9 DTP CA . 2.87 47.58 -29.56
C8 DTP CA . 3.48 48.35 -30.49
N7 DTP CA . 2.74 49.42 -30.85
C5 DTP CA . 1.59 49.33 -30.16
C6 DTP CA . 0.38 50.15 -30.07
N6 DTP CA . 0.31 51.25 -30.84
N1 DTP CA . -0.60 49.77 -29.22
C2 DTP CA . -0.48 48.65 -28.47
N3 DTP CA . 0.62 47.84 -28.51
C4 DTP CA . 1.68 48.13 -29.31
PG DTP DA . -34.53 52.92 -30.57
O1G DTP DA . -35.88 52.81 -29.94
O2G DTP DA . -34.32 53.85 -31.73
O3G DTP DA . -33.96 51.57 -30.82
PB DTP DA . -33.02 52.84 -28.26
O1B DTP DA . -34.10 51.87 -27.85
O2B DTP DA . -32.47 53.90 -27.34
O3B DTP DA . -33.62 53.65 -29.49
PA DTP DA . -30.19 52.17 -28.62
O1A DTP DA . -29.54 51.43 -29.74
O2A DTP DA . -29.78 53.61 -28.44
O3A DTP DA . -31.78 52.00 -28.90
O5' DTP DA . -29.93 51.36 -27.25
C5' DTP DA . -30.11 49.95 -27.16
C4' DTP DA . -29.22 49.32 -26.06
O4' DTP DA . -27.84 49.23 -26.45
C3' DTP DA . -29.24 50.09 -24.75
O3' DTP DA . -29.31 49.17 -23.65
C2' DTP DA . -27.94 50.85 -24.68
C1' DTP DA . -27.04 50.12 -25.65
N9 DTP DA . -26.43 50.94 -26.68
C8 DTP DA . -26.96 52.02 -27.25
N7 DTP DA . -26.13 52.51 -28.19
C5 DTP DA . -25.05 51.71 -28.23
C6 DTP DA . -23.80 51.68 -29.01
N6 DTP DA . -23.57 52.64 -29.95
N1 DTP DA . -22.93 50.66 -28.74
C2 DTP DA . -23.19 49.72 -27.79
N3 DTP DA . -24.31 49.71 -27.04
C4 DTP DA . -25.26 50.65 -27.22
FE FE EA . -10.05 35.85 -43.49
MG MG FA . -12.53 41.42 -47.28
MG MG GA . -16.88 14.15 -30.71
O2 1FZ HA . -4.14 42.04 -43.35
O4 1FZ HA . 0.30 42.85 -43.68
C4 1FZ HA . -0.59 42.19 -43.15
C5 1FZ HA . -0.38 41.15 -42.16
C6 1FZ HA . -1.45 40.49 -41.67
C5M 1FZ HA . 1.03 40.84 -41.76
N3 1FZ HA . -1.92 42.40 -43.48
C2 1FZ HA . -3.01 41.75 -42.99
N1 1FZ HA . -2.76 40.77 -42.05
C1' 1FZ HA . -3.90 40.02 -41.45
C2' 1FZ HA . -4.96 40.89 -40.77
C3' 1FZ HA . -6.21 40.03 -40.87
O3' 1FZ HA . -6.25 39.08 -39.82
O4' 1FZ HA . -4.59 39.31 -42.47
C4' 1FZ HA . -6.01 39.30 -42.20
C5' 1FZ HA . -6.76 39.86 -43.38
O5' 1FZ HA . -6.95 38.81 -44.36
PA 1FZ HA . -8.36 38.07 -44.53
O1A 1FZ HA . -8.69 37.39 -43.22
O2A 1FZ HA . -8.17 37.23 -45.76
N3A 1FZ HA . -9.36 39.36 -44.80
PB 1FZ HA . -9.46 40.43 -46.06
O1B 1FZ HA . -8.24 40.35 -46.96
O2B 1FZ HA . -10.84 40.55 -46.68
O3B 1FZ HA . -9.20 41.80 -45.29
PG 1FZ HA . -9.95 43.18 -45.53
O1G 1FZ HA . -9.53 44.00 -44.33
O3G 1FZ HA . -9.44 43.69 -46.87
O2G 1FZ HA . -11.42 42.82 -45.62
S SO4 IA . -23.24 50.96 -54.44
O1 SO4 IA . -22.17 50.31 -53.64
O2 SO4 IA . -23.41 52.37 -54.00
O3 SO4 IA . -24.53 50.27 -54.26
O4 SO4 IA . -22.79 50.93 -55.87
PG DTP JA . -7.57 41.71 7.02
O1G DTP JA . -8.69 42.35 7.81
O2G DTP JA . -7.32 40.32 7.51
O3G DTP JA . -6.37 42.59 6.67
PB DTP JA . -9.35 42.21 4.99
O1B DTP JA . -8.87 43.61 5.31
O2B DTP JA . -10.74 41.85 5.46
O3B DTP JA . -8.27 41.24 5.65
PA DTP JA . -9.38 40.63 2.61
O1A DTP JA . -8.14 39.87 2.32
O2A DTP JA . -10.46 39.88 3.33
O3A DTP JA . -9.04 41.95 3.43
O5' DTP JA . -9.84 41.30 1.22
C5' DTP JA . -9.15 42.39 0.61
C4' DTP JA . -9.90 42.78 -0.64
O4' DTP JA . -9.91 41.71 -1.58
C3' DTP JA . -11.37 43.09 -0.34
O3' DTP JA . -11.85 44.22 -1.08
C2' DTP JA . -12.17 41.89 -0.81
C1' DTP JA . -11.21 41.12 -1.70
N9 DTP JA . -11.05 39.70 -1.33
C8 DTP JA . -11.16 39.09 -0.13
N7 DTP JA . -10.90 37.77 -0.21
C5 DTP JA . -10.60 37.56 -1.49
C6 DTP JA . -10.20 36.39 -2.25
N6 DTP JA . -10.10 35.20 -1.59
N1 DTP JA . -9.98 36.56 -3.60
C2 DTP JA . -10.09 37.79 -4.21
N3 DTP JA . -10.44 38.92 -3.55
C4 DTP JA . -10.69 38.83 -2.23
PG GTP KA . -16.11 11.09 -32.53
O1G GTP KA . -16.73 12.30 -31.88
O2G GTP KA . -15.66 11.31 -33.94
O3G GTP KA . -16.81 9.77 -32.30
O3B GTP KA . -14.68 10.78 -31.85
PB GTP KA . -13.89 11.65 -30.74
O1B GTP KA . -14.79 12.58 -30.03
O2B GTP KA . -13.10 10.74 -29.84
O3A GTP KA . -12.94 12.47 -31.71
PA GTP KA . -13.34 13.92 -32.30
O1A GTP KA . -12.89 14.06 -33.71
O2A GTP KA . -14.78 14.26 -32.00
O5' GTP KA . -12.35 14.91 -31.53
C5' GTP KA . -12.71 15.45 -30.27
C4' GTP KA . -12.93 16.94 -30.40
O4' GTP KA . -11.80 17.56 -31.00
C3' GTP KA . -14.06 17.26 -31.36
O3' GTP KA . -15.36 17.00 -30.81
C2' GTP KA . -13.77 18.72 -31.64
O2' GTP KA . -14.39 19.56 -30.68
C1' GTP KA . -12.27 18.82 -31.46
N9 GTP KA . -11.55 19.16 -32.69
C8 GTP KA . -10.59 20.08 -32.70
N7 GTP KA . -10.06 20.24 -33.92
C5 GTP KA . -10.70 19.39 -34.72
C6 GTP KA . -10.61 19.05 -36.16
O6 GTP KA . -9.77 19.62 -36.91
N1 GTP KA . -11.45 18.11 -36.61
C2 GTP KA . -12.34 17.48 -35.81
N2 GTP KA . -13.16 16.54 -36.35
N3 GTP KA . -12.46 17.75 -34.49
C4 GTP KA . -11.68 18.68 -33.90
FE FE LA . 6.74 26.07 -17.73
MG MG MA . 6.78 23.26 -11.33
MG MG NA . 12.89 48.65 -29.89
O2 1FZ OA . 1.37 19.34 -18.85
O4 1FZ OA . -0.58 16.49 -21.85
C4 1FZ OA . -0.21 17.65 -21.58
C5 1FZ OA . -0.34 18.77 -22.49
C6 1FZ OA . 0.12 19.97 -22.10
C5M 1FZ OA . -0.98 18.51 -23.83
N3 1FZ OA . 0.40 17.96 -20.36
C2 1FZ OA . 0.87 19.19 -19.95
N1 1FZ OA . 0.72 20.21 -20.88
C1' 1FZ OA . 1.13 21.60 -20.54
C2' 1FZ OA . 0.25 22.31 -19.52
C3' 1FZ OA . 1.16 23.47 -19.14
O3' 1FZ OA . 0.99 24.51 -20.09
O4' 1FZ OA . 2.42 21.62 -19.94
C4' 1FZ OA . 2.57 22.87 -19.23
C5' 1FZ OA . 3.29 22.65 -17.92
O5' 1FZ OA . 4.71 22.39 -18.14
PA 1FZ OA . 5.84 23.14 -17.26
O1A 1FZ OA . 5.70 24.62 -17.56
O2A 1FZ OA . 7.14 22.49 -17.61
N3A 1FZ OA . 5.33 22.84 -15.70
PB 1FZ OA . 5.74 21.69 -14.56
O1B 1FZ OA . 6.21 20.43 -15.27
O2B 1FZ OA . 6.55 22.23 -13.40
O3B 1FZ OA . 4.34 21.20 -13.92
PG 1FZ OA . 3.71 21.32 -12.42
O1G 1FZ OA . 2.43 22.10 -12.61
O3G 1FZ OA . 3.40 19.96 -11.86
O2G 1FZ OA . 4.82 22.03 -11.63
PG GTP PA . 15.82 48.21 -31.32
O1G GTP PA . 14.71 48.67 -30.39
O2G GTP PA . 16.54 46.96 -30.89
O3G GTP PA . 16.85 49.23 -31.72
O3B GTP PA . 15.13 47.81 -32.74
PB GTP PA . 13.56 47.55 -33.09
O1B GTP PA . 12.60 47.97 -32.01
O2B GTP PA . 13.32 48.11 -34.46
O3A GTP PA . 13.60 45.97 -33.26
PA GTP PA . 13.30 44.91 -32.09
O1A GTP PA . 14.10 43.65 -32.24
O2A GTP PA . 13.48 45.61 -30.80
O5' GTP PA . 11.75 44.56 -32.29
C5' GTP PA . 10.81 45.49 -31.81
C4' GTP PA . 9.88 44.81 -30.83
O4' GTP PA . 9.49 43.49 -31.21
C3' GTP PA . 10.56 44.69 -29.46
O3' GTP PA . 10.63 45.92 -28.73
C2' GTP PA . 9.69 43.63 -28.81
O2' GTP PA . 8.68 44.22 -28.00
C1' GTP PA . 9.08 42.86 -29.99
N9 GTP PA . 9.52 41.45 -29.91
C8 GTP PA . 8.73 40.37 -29.96
N7 GTP PA . 9.44 39.23 -29.82
C5 GTP PA . 10.72 39.58 -29.66
C6 GTP PA . 12.03 38.89 -29.46
O6 GTP PA . 12.14 37.67 -29.40
N1 GTP PA . 13.13 39.62 -29.34
C2 GTP PA . 13.08 40.95 -29.41
N2 GTP PA . 14.23 41.63 -29.30
N3 GTP PA . 11.96 41.65 -29.58
C4 GTP PA . 10.76 41.04 -29.72
S SO4 QA . 8.84 21.09 4.75
O1 SO4 QA . 9.36 22.15 5.67
O2 SO4 QA . 9.59 19.82 4.89
O3 SO4 QA . 9.08 21.65 3.40
O4 SO4 QA . 7.39 20.81 4.96
FE FE RA . -47.23 -35.09 -25.31
MG MG SA . -49.38 -28.61 -23.46
MG MG TA . -25.34 -48.97 -28.13
O2 1FZ UA . -55.86 -34.54 -28.02
O4 1FZ UA . -59.47 -37.28 -28.40
C4 1FZ UA . -58.26 -37.14 -28.57
C5 1FZ UA . -57.39 -38.15 -29.12
C6 1FZ UA . -56.08 -37.86 -29.26
C5M 1FZ UA . -58.00 -39.47 -29.51
N3 1FZ UA . -57.63 -35.95 -28.23
C2 1FZ UA . -56.29 -35.64 -28.36
N1 1FZ UA . -55.51 -36.65 -28.90
C1' 1FZ UA . -54.05 -36.44 -29.11
C2' 1FZ UA . -53.68 -35.37 -30.12
C3' 1FZ UA . -52.26 -34.98 -29.71
O3' 1FZ UA . -51.27 -35.76 -30.38
O4' 1FZ UA . -53.43 -36.03 -27.91
C4' 1FZ UA . -52.22 -35.31 -28.22
C5' 1FZ UA . -52.09 -34.13 -27.30
O5' 1FZ UA . -51.79 -34.60 -25.97
PA 1FZ UA . -50.40 -34.26 -25.26
O1A 1FZ UA . -49.34 -34.92 -26.07
O2A 1FZ UA . -50.54 -34.70 -23.83
N3A 1FZ UA . -50.34 -32.61 -25.36
PB 1FZ UA . -51.26 -31.44 -24.65
O1B 1FZ UA . -52.34 -32.02 -23.76
O2B 1FZ UA . -50.41 -30.30 -24.12
O3B 1FZ UA . -52.13 -30.87 -25.89
PG 1FZ UA . -52.42 -29.37 -26.43
O1G 1FZ UA . -52.78 -29.51 -27.89
O3G 1FZ UA . -53.58 -28.89 -25.60
O2G 1FZ UA . -51.14 -28.59 -26.20
PG GTP VA . -25.45 -51.29 -24.94
O1G GTP VA . -25.41 -49.97 -25.66
O2G GTP VA . -25.74 -51.17 -23.48
O3G GTP VA . -24.29 -52.17 -25.27
O3B GTP VA . -26.69 -52.11 -25.52
PB GTP VA . -26.61 -52.64 -27.03
O1B GTP VA . -25.85 -51.57 -27.76
O2B GTP VA . -26.23 -54.09 -27.12
O3A GTP VA . -28.10 -52.53 -27.53
PA GTP VA . -28.86 -51.23 -27.07
O1A GTP VA . -29.50 -51.37 -25.71
O2A GTP VA . -27.95 -50.06 -27.32
O5' GTP VA . -30.02 -51.25 -28.15
C5' GTP VA . -29.62 -50.86 -29.45
C4' GTP VA . -30.46 -49.66 -29.83
O4' GTP VA . -31.86 -49.91 -29.69
C3' GTP VA . -30.16 -48.46 -28.96
O3' GTP VA . -28.86 -47.89 -29.20
C2' GTP VA . -31.36 -47.61 -29.35
O2' GTP VA . -31.02 -46.82 -30.48
C1' GTP VA . -32.45 -48.62 -29.72
N9 GTP VA . -33.57 -48.59 -28.76
C8 GTP VA . -34.87 -48.50 -29.05
N7 GTP VA . -35.60 -48.48 -27.92
C5 GTP VA . -34.77 -48.54 -26.89
C6 GTP VA . -34.85 -48.56 -25.42
O6 GTP VA . -35.92 -48.50 -24.79
N1 GTP VA . -33.72 -48.64 -24.71
C2 GTP VA . -32.53 -48.71 -25.30
N2 GTP VA . -31.42 -48.80 -24.52
N3 GTP VA . -32.38 -48.70 -26.64
C4 GTP VA . -33.43 -48.62 -27.46
S SO4 WA . -48.77 -12.98 -19.85
O1 SO4 WA . -49.37 -13.18 -18.48
O2 SO4 WA . -47.62 -12.04 -19.82
O3 SO4 WA . -48.28 -14.25 -20.46
O4 SO4 WA . -49.82 -12.42 -20.73
PG DTP XA . -34.43 -9.91 -42.00
O1G DTP XA . -33.22 -9.30 -42.65
O2G DTP XA . -35.50 -8.87 -41.67
O3G DTP XA . -33.99 -11.00 -41.03
PB DTP XA . -34.93 -11.94 -43.94
O1B DTP XA . -33.43 -11.86 -44.02
O2B DTP XA . -35.77 -11.79 -45.19
O3B DTP XA . -35.37 -10.70 -43.03
PA DTP XA . -36.42 -14.23 -43.71
O1A DTP XA . -36.80 -15.17 -42.60
O2A DTP XA . -37.52 -13.34 -44.25
O3A DTP XA . -35.28 -13.28 -43.13
O5' DTP XA . -35.72 -15.19 -44.82
C5' DTP XA . -34.84 -16.24 -44.41
C4' DTP XA . -34.80 -17.47 -45.34
O4' DTP XA . -35.90 -18.31 -45.06
C3' DTP XA . -34.84 -17.23 -46.84
O3' DTP XA . -34.17 -18.28 -47.54
C2' DTP XA . -36.30 -17.29 -47.19
C1' DTP XA . -36.85 -18.23 -46.11
N9 DTP XA . -38.10 -17.78 -45.43
C8 DTP XA . -38.48 -16.52 -45.12
N7 DTP XA . -39.68 -16.49 -44.50
C5 DTP XA . -40.08 -17.76 -44.41
C6 DTP XA . -41.26 -18.42 -43.87
N6 DTP XA . -42.21 -17.65 -43.31
N1 DTP XA . -41.34 -19.78 -43.96
C2 DTP XA . -40.36 -20.53 -44.53
N3 DTP XA . -39.24 -19.98 -45.05
C4 DTP XA . -39.05 -18.62 -45.02
FE FE YA . -46.65 -59.29 -46.03
MG MG ZA . -42.75 -63.36 -50.75
MG MG AB . -68.00 -43.88 -44.95
O2 1FZ BB . -39.16 -60.62 -42.93
O4 1FZ BB . -36.92 -61.81 -39.17
C4 1FZ BB . -37.71 -61.01 -39.69
C5 1FZ BB . -38.30 -59.87 -39.03
C6 1FZ BB . -39.14 -59.09 -39.73
C5M 1FZ BB . -37.95 -59.63 -37.59
N3 1FZ BB . -38.08 -61.18 -41.03
C2 1FZ BB . -38.93 -60.37 -41.76
N1 1FZ BB . -39.46 -59.29 -41.06
C1' 1FZ BB . -40.41 -58.35 -41.73
C2' 1FZ BB . -39.88 -57.61 -42.95
C3' 1FZ BB . -41.14 -57.36 -43.76
O3' 1FZ BB . -41.90 -56.26 -43.25
O4' 1FZ BB . -41.55 -59.08 -42.20
C4' 1FZ BB . -41.93 -58.63 -43.53
C5' 1FZ BB . -41.68 -59.74 -44.54
O5' 1FZ BB . -42.67 -60.79 -44.40
PA 1FZ BB . -43.95 -60.86 -45.35
O1A 1FZ BB . -44.58 -59.49 -45.32
O2A 1FZ BB . -44.77 -62.03 -44.88
N3A 1FZ BB . -43.32 -61.15 -46.81
PB 1FZ BB . -42.69 -62.58 -47.26
O1B 1FZ BB . -42.61 -63.52 -46.09
O2B 1FZ BB . -43.28 -63.08 -48.57
O3B 1FZ BB . -41.15 -62.25 -47.46
PG 1FZ BB . -40.41 -62.08 -48.87
O1G 1FZ BB . -38.95 -61.83 -48.59
O3G 1FZ BB . -40.69 -63.34 -49.68
O2G 1FZ BB . -41.09 -60.87 -49.43
PG GTP CB . -70.62 -46.07 -43.42
O1G GTP CB . -70.00 -45.26 -44.53
O2G GTP CB . -70.36 -47.54 -43.61
O3G GTP CB . -72.04 -45.68 -43.13
O3B GTP CB . -69.83 -45.73 -42.07
PB GTP CB . -68.99 -44.38 -41.79
O1B GTP CB . -68.30 -43.90 -43.03
O2B GTP CB . -69.71 -43.40 -40.90
O3A GTP CB . -67.87 -44.94 -40.83
PA GTP CB . -67.04 -46.18 -41.39
O1A GTP CB . -67.38 -47.45 -40.70
O2A GTP CB . -67.07 -46.21 -42.87
O5' GTP CB . -65.61 -45.70 -40.88
C5' GTP CB . -65.12 -44.46 -41.36
C4' GTP CB . -63.77 -44.70 -41.97
O4' GTP CB . -62.86 -45.30 -41.06
C3' GTP CB . -63.81 -45.68 -43.13
O3' GTP CB . -64.39 -45.13 -44.30
C2' GTP CB . -62.34 -45.98 -43.28
O2' GTP CB . -61.70 -44.94 -44.00
C1' GTP CB . -61.84 -45.88 -41.86
N9 GTP CB . -61.47 -47.22 -41.40
C8 GTP CB . -60.29 -47.49 -40.86
N7 GTP CB . -60.19 -48.81 -40.57
C5 GTP CB . -61.32 -49.41 -40.94
C6 GTP CB . -61.85 -50.78 -40.91
O6 GTP CB . -61.22 -51.75 -40.45
N1 GTP CB . -63.06 -50.96 -41.41
C2 GTP CB . -63.79 -49.95 -41.93
N2 GTP CB . -65.03 -50.18 -42.42
N3 GTP CB . -63.36 -48.66 -41.97
C4 GTP CB . -62.15 -48.34 -41.51
S SO4 DB . -38.57 -69.57 -64.91
O1 SO4 DB . -39.15 -68.19 -64.88
O2 SO4 DB . -37.12 -69.53 -65.22
O3 SO4 DB . -39.32 -70.33 -65.93
O4 SO4 DB . -38.76 -70.21 -63.58
PG DTP EB . -37.31 -45.02 -74.01
O1G DTP EB . -37.77 -44.04 -75.04
O2G DTP EB . -36.41 -46.09 -74.55
O3G DTP EB . -38.49 -45.42 -73.17
PB DTP EB . -36.42 -43.09 -72.10
O1B DTP EB . -37.52 -42.28 -72.75
O2B DTP EB . -35.04 -42.51 -71.83
O3B DTP EB . -36.20 -44.39 -73.03
PA DTP EB . -36.39 -43.56 -69.32
O1A DTP EB . -37.11 -44.66 -68.58
O2A DTP EB . -34.90 -43.57 -69.50
O3A DTP EB . -37.12 -43.60 -70.74
O5' DTP EB . -36.75 -42.12 -68.68
C5' DTP EB . -38.03 -41.51 -68.75
C4' DTP EB . -38.24 -40.56 -67.56
O4' DTP EB . -37.91 -41.24 -66.35
C3' DTP EB . -37.35 -39.32 -67.65
O3' DTP EB . -37.98 -38.11 -67.19
C2' DTP EB . -36.17 -39.64 -66.75
C1' DTP EB . -36.70 -40.70 -65.81
N9 DTP EB . -35.81 -41.84 -65.60
C8 DTP EB . -34.88 -42.43 -66.38
N7 DTP EB . -34.34 -43.48 -65.73
C5 DTP EB . -34.94 -43.57 -64.52
C6 DTP EB . -34.88 -44.42 -63.32
N6 DTP EB . -34.02 -45.46 -63.27
N1 DTP EB . -35.69 -44.15 -62.26
C2 DTP EB . -36.56 -43.12 -62.29
N3 DTP EB . -36.68 -42.32 -63.35
C4 DTP EB . -35.91 -42.49 -64.46
PG DTP FB . -24.05 -50.80 -30.33
O1G DTP FB . -25.02 -51.92 -30.04
O2G DTP FB . -22.81 -51.38 -30.95
O3G DTP FB . -23.85 -49.80 -29.19
PB DTP FB . -26.36 -49.83 -31.52
O1B DTP FB . -26.68 -49.14 -30.22
O2B DTP FB . -27.03 -51.13 -31.88
O3B DTP FB . -24.77 -50.06 -31.55
PA DTP FB . -27.35 -48.96 -34.02
O1A DTP FB . -27.00 -47.88 -35.02
O2A DTP FB . -27.24 -50.41 -34.44
O3A DTP FB . -26.48 -48.74 -32.69
O5' DTP FB . -28.81 -48.54 -33.49
C5' DTP FB . -29.11 -47.19 -33.14
C4' DTP FB . -30.41 -46.68 -33.78
O4' DTP FB . -30.29 -46.48 -35.19
C3' DTP FB . -31.58 -47.63 -33.56
O3' DTP FB . -32.80 -46.93 -33.36
C2' DTP FB . -31.67 -48.39 -34.86
C1' DTP FB . -31.09 -47.43 -35.88
N9 DTP FB . -30.23 -48.06 -36.92
C8 DTP FB . -29.47 -49.18 -36.92
N7 DTP FB . -28.85 -49.36 -38.12
C5 DTP FB . -29.23 -48.33 -38.89
C6 DTP FB . -28.97 -47.84 -40.26
N6 DTP FB . -28.16 -48.52 -41.09
N1 DTP FB . -29.57 -46.70 -40.70
C2 DTP FB . -30.39 -45.97 -39.91
N3 DTP FB . -30.66 -46.34 -38.63
C4 DTP FB . -30.13 -47.47 -38.10
FE FE GB . -19.86 -30.16 -55.64
MG MG HB . -15.14 -35.46 -54.86
MG MG IB . -31.55 -10.95 -43.85
O2 1FZ JB . -21.15 -36.18 -62.43
O4 1FZ JB . -22.43 -35.96 -66.80
C4 1FZ JB . -22.62 -35.55 -65.64
C5 1FZ JB . -23.62 -34.59 -65.26
C6 1FZ JB . -23.72 -34.24 -63.95
C5M 1FZ JB . -24.52 -34.03 -66.34
N3 1FZ JB . -21.83 -36.02 -64.59
C2 1FZ JB . -21.91 -35.68 -63.26
N1 1FZ JB . -22.91 -34.76 -62.95
C1' 1FZ JB . -23.12 -34.29 -61.53
C2' 1FZ JB . -23.30 -35.36 -60.48
C3' 1FZ JB . -22.95 -34.62 -59.20
O3' 1FZ JB . -24.02 -33.85 -58.64
O4' 1FZ JB . -21.99 -33.55 -61.10
C4' 1FZ JB . -21.93 -33.59 -59.65
C5' 1FZ JB . -20.51 -33.87 -59.22
O5' 1FZ JB . -19.73 -32.66 -59.25
PA 1FZ JB . -19.05 -32.12 -57.93
O1A 1FZ JB . -20.22 -31.72 -57.10
O2A 1FZ JB . -18.03 -31.09 -58.33
N3A 1FZ JB . -18.38 -33.52 -57.35
PB 1FZ JB . -17.04 -34.35 -57.78
O1B 1FZ JB . -16.64 -34.16 -59.22
O2B 1FZ JB . -15.97 -34.18 -56.70
O3B 1FZ JB . -17.54 -35.89 -57.78
PG 1FZ JB . -17.27 -37.21 -56.88
O1G 1FZ JB . -18.62 -37.87 -56.70
O3G 1FZ JB . -16.33 -38.11 -57.65
O2G 1FZ JB . -16.68 -36.68 -55.57
PG GTP KB . -30.18 -7.77 -44.29
O1G GTP KB . -30.51 -9.13 -43.73
O2G GTP KB . -28.78 -7.67 -44.84
O3G GTP KB . -30.57 -6.64 -43.39
O3B GTP KB . -31.13 -7.45 -45.56
PB GTP KB . -32.67 -7.90 -45.74
O1B GTP KB . -33.12 -8.93 -44.77
O2B GTP KB . -33.55 -6.70 -45.93
O3A GTP KB . -32.46 -8.65 -47.12
PA GTP KB . -31.24 -9.67 -47.33
O1A GTP KB . -30.08 -9.15 -48.13
O2A GTP KB . -31.02 -10.31 -45.98
O5' GTP KB . -31.93 -10.79 -48.26
C5' GTP KB . -33.14 -11.37 -47.75
C4' GTP KB . -32.94 -12.84 -47.44
O4' GTP KB . -32.66 -13.52 -48.63
C3' GTP KB . -31.74 -13.08 -46.56
O3' GTP KB . -32.06 -12.79 -45.19
C2' GTP KB . -31.36 -14.51 -46.91
O2' GTP KB . -31.99 -15.46 -46.09
C1' GTP KB . -31.98 -14.71 -48.28
N9 GTP KB . -31.02 -15.03 -49.34
C8 GTP KB . -31.23 -15.98 -50.24
N7 GTP KB . -30.21 -16.08 -51.12
C5 GTP KB . -29.32 -15.14 -50.77
C6 GTP KB . -28.02 -14.70 -51.27
O6 GTP KB . -27.48 -15.22 -52.23
N1 GTP KB . -27.42 -13.69 -50.64
C2 GTP KB . -27.97 -13.09 -49.58
N2 GTP KB . -27.34 -12.06 -48.97
N3 GTP KB . -29.17 -13.45 -49.07
C4 GTP KB . -29.87 -14.45 -49.60
PG DTP LB . -68.31 -41.06 -44.66
O1G DTP LB . -69.19 -42.29 -44.65
O2G DTP LB . -68.99 -39.74 -44.40
O3G DTP LB . -67.35 -41.01 -45.81
PB DTP LB . -65.83 -41.46 -43.46
O1B DTP LB . -65.84 -42.74 -44.26
O2B DTP LB . -65.27 -41.42 -42.06
O3B DTP LB . -67.38 -41.08 -43.36
PA DTP LB . -63.71 -39.59 -43.96
O1A DTP LB . -63.22 -38.75 -45.12
O2A DTP LB . -63.93 -38.98 -42.60
O3A DTP LB . -65.09 -40.35 -44.38
O5' DTP LB . -62.61 -40.75 -43.73
C5' DTP LB . -62.07 -41.47 -44.83
C4' DTP LB . -60.56 -41.67 -44.67
O4' DTP LB . -59.84 -40.45 -44.90
C3' DTP LB . -60.22 -42.17 -43.27
O3' DTP LB . -59.25 -43.23 -43.32
C2' DTP LB . -59.65 -40.94 -42.58
C1' DTP LB . -59.22 -39.99 -43.70
N9 DTP LB . -59.61 -38.57 -43.52
C8 DTP LB . -60.71 -38.06 -42.92
N7 DTP LB . -60.72 -36.71 -42.96
C5 DTP LB . -59.61 -36.34 -43.61
C6 DTP LB . -59.02 -35.06 -44.00
N6 DTP LB . -59.67 -33.94 -43.67
N1 DTP LB . -57.85 -35.07 -44.67
C2 DTP LB . -57.23 -36.24 -44.99
N3 DTP LB . -57.72 -37.47 -44.67
C4 DTP LB . -58.88 -37.56 -43.99
FE FE MB . -49.97 -21.80 -63.75
MG MG NB . -55.99 -19.12 -61.95
MG MG OB . -38.55 -41.74 -74.83
O2 1FZ PB . -48.05 -15.33 -58.19
O4 1FZ PB . -45.01 -12.18 -56.94
C4 1FZ PB . -45.21 -13.35 -57.32
C5 1FZ PB . -44.18 -14.35 -57.49
C6 1FZ PB . -44.53 -15.58 -57.90
C5M 1FZ PB . -42.74 -13.95 -57.22
N3 1FZ PB . -46.50 -13.80 -57.58
C2 1FZ PB . -46.88 -15.06 -57.99
N1 1FZ PB . -45.84 -15.95 -58.16
C1' 1FZ PB . -46.12 -17.37 -58.56
C2' 1FZ PB . -46.77 -18.23 -57.49
C3' 1FZ PB . -47.33 -19.38 -58.30
O3' 1FZ PB . -46.40 -20.43 -58.48
O4' 1FZ PB . -47.03 -17.44 -59.64
C4' 1FZ PB . -47.55 -18.79 -59.69
C5' 1FZ PB . -48.98 -18.77 -60.13
O5' 1FZ PB . -49.00 -18.54 -61.54
PA 1FZ PB . -50.15 -19.17 -62.43
O1A 1FZ PB . -49.77 -20.62 -62.48
O2A 1FZ PB . -50.07 -18.37 -63.69
N3A 1FZ PB . -51.48 -18.93 -61.49
PB 1FZ PB . -52.73 -17.86 -61.60
O1B 1FZ PB . -52.28 -16.49 -62.04
O2B 1FZ PB . -53.97 -18.47 -62.25
O3B 1FZ PB . -53.02 -17.68 -60.04
PG 1FZ PB . -54.27 -18.07 -59.11
O1G 1FZ PB . -53.57 -18.66 -57.91
O3G 1FZ PB . -55.02 -16.81 -58.80
O2G 1FZ PB . -55.16 -19.05 -59.88
PG GTP QB . -37.89 -41.74 -78.31
O1G GTP QB . -38.68 -42.15 -77.10
O2G GTP QB . -38.69 -40.81 -79.18
O3G GTP QB . -37.25 -42.84 -79.13
O3B GTP QB . -36.64 -40.86 -77.77
PB GTP QB . -35.58 -41.27 -76.60
O1B GTP QB . -36.21 -42.22 -75.64
O2B GTP QB . -34.19 -41.55 -77.11
O3A GTP QB . -35.52 -39.91 -75.79
PA GTP QB . -36.90 -39.19 -75.53
O1A GTP QB . -37.05 -38.08 -76.52
O2A GTP QB . -37.99 -40.17 -75.25
O5' GTP QB . -36.55 -38.46 -74.18
C5' GTP QB . -36.17 -39.27 -73.08
C4' GTP QB . -36.97 -38.84 -71.88
O4' GTP QB . -36.72 -37.47 -71.57
C3' GTP QB . -38.45 -38.94 -72.15
O3' GTP QB . -38.89 -40.29 -72.01
C2' GTP QB . -39.02 -37.96 -71.17
O2' GTP QB . -39.45 -38.62 -69.99
C1' GTP QB . -37.87 -37.00 -70.89
N9 GTP QB . -38.15 -35.61 -71.30
C8 GTP QB . -38.01 -34.56 -70.51
N7 GTP QB . -38.37 -33.41 -71.13
C5 GTP QB . -38.73 -33.72 -72.37
C6 GTP QB . -39.22 -32.97 -73.54
O6 GTP QB . -39.38 -31.73 -73.54
N1 GTP QB . -39.50 -33.69 -74.65
C2 GTP QB . -39.36 -35.03 -74.71
N2 GTP QB . -39.65 -35.71 -75.84
N3 GTP QB . -38.91 -35.76 -73.65
C4 GTP QB . -38.59 -35.18 -72.48
S SO4 RB . -72.08 -19.10 -58.83
O1 SO4 RB . -72.41 -18.86 -57.40
O2 SO4 RB . -71.30 -17.97 -59.38
O3 SO4 RB . -73.31 -19.29 -59.65
O4 SO4 RB . -71.29 -20.36 -58.87
FE FE SB . 20.00 55.43 35.48
MG MG TB . 15.10 59.32 38.97
MG MG UB . 25.16 29.92 30.29
O2 1FZ VB . 24.28 62.95 37.33
O4 1FZ VB . 27.03 65.69 34.96
C4 1FZ VB . 26.74 64.52 35.24
C5 1FZ VB . 27.43 63.34 34.74
C6 1FZ VB . 26.99 62.13 35.16
C5M 1FZ VB . 28.57 63.50 33.78
N3 1FZ VB . 25.69 64.27 36.11
C2 1FZ VB . 25.23 63.04 36.55
N1 1FZ VB . 25.93 61.94 36.04
C1' 1FZ VB . 25.54 60.56 36.42
C2' 1FZ VB . 25.59 60.19 37.89
C3' 1FZ VB . 24.56 59.07 38.00
O3' 1FZ VB . 25.17 57.79 37.81
O4' 1FZ VB . 24.17 60.38 36.05
C4' 1FZ VB . 23.61 59.29 36.83
C5' 1FZ VB . 22.18 59.63 37.16
O5' 1FZ VB . 21.34 59.40 36.00
PA 1FZ VB . 20.18 58.31 36.00
O1A 1FZ VB . 20.78 56.98 36.33
O2A 1FZ VB . 19.52 58.45 34.65
N3A 1FZ VB . 19.24 58.79 37.25
PB 1FZ VB . 18.13 60.00 37.36
O1B 1FZ VB . 18.25 60.97 36.21
O2B 1FZ VB . 16.75 59.54 37.80
O3B 1FZ VB . 18.82 60.87 38.51
PG 1FZ VB . 18.35 61.08 40.03
O1G 1FZ VB . 19.18 60.12 40.81
O3G 1FZ VB . 18.70 62.49 40.40
O2G 1FZ VB . 16.84 60.79 40.07
PG GTP WB . 24.44 29.42 26.83
O1G GTP WB . 23.45 30.51 26.57
O2G GTP WB . 24.42 28.14 25.99
O3G GTP WB . 24.53 29.20 28.33
O3B GTP WB . 25.75 30.15 26.24
PB GTP WB . 27.10 30.33 27.07
O1B GTP WB . 26.80 30.33 28.53
O2B GTP WB . 28.20 29.46 26.51
O3A GTP WB . 27.44 31.83 26.80
PA GTP WB . 26.41 32.90 27.35
O1A GTP WB . 26.21 33.94 26.29
O2A GTP WB . 25.19 32.27 27.96
O5' GTP WB . 27.18 33.71 28.46
C5' GTP WB . 28.02 33.16 29.43
C4' GTP WB . 27.94 34.13 30.59
O4' GTP WB . 28.41 35.39 30.12
C3' GTP WB . 26.51 34.35 31.09
O3' GTP WB . 26.09 33.50 32.18
C2' GTP WB . 26.49 35.81 31.50
O2' GTP WB . 26.56 35.92 32.91
C1' GTP WB . 27.72 36.42 30.82
N9 GTP WB . 27.26 37.59 30.03
C8 GTP WB . 27.72 38.84 30.20
N7 GTP WB . 27.10 39.72 29.40
C5 GTP WB . 26.20 39.03 28.69
C6 GTP WB . 25.20 39.34 27.65
O6 GTP WB . 25.03 40.50 27.21
N1 GTP WB . 24.47 38.33 27.16
C2 GTP WB . 24.59 37.06 27.59
N2 GTP WB . 23.80 36.11 27.05
N3 GTP WB . 25.48 36.71 28.55
C4 GTP WB . 26.29 37.64 29.12
S SO4 XB . 2.08 64.21 48.45
O1 SO4 XB . 2.92 63.02 48.19
O2 SO4 XB . 2.68 65.06 49.52
O3 SO4 XB . 1.92 65.00 47.20
O4 SO4 XB . 0.75 63.79 48.94
PG GTP YB . 45.98 72.10 37.61
O1G GTP YB . 45.96 71.00 38.64
O2G GTP YB . 47.18 72.07 36.71
O3G GTP YB . 45.66 73.47 38.14
O3B GTP YB . 44.78 71.86 36.58
PB GTP YB . 43.36 71.22 36.94
O1B GTP YB . 43.36 70.52 38.26
O2B GTP YB . 42.33 72.27 36.64
O3A GTP YB . 43.35 70.11 35.78
PA GTP YB . 44.09 68.70 36.01
O1A GTP YB . 44.16 67.85 34.77
O2A GTP YB . 45.32 68.95 36.82
O5' GTP YB . 42.93 67.93 36.78
C5' GTP YB . 43.11 67.62 38.13
C4' GTP YB . 42.69 66.19 38.39
O4' GTP YB . 42.30 65.46 37.22
C3' GTP YB . 43.91 65.52 39.03
O3' GTP YB . 43.86 65.62 40.45
C2' GTP YB . 43.81 64.13 38.47
O2' GTP YB . 43.60 63.26 39.56
C1' GTP YB . 42.62 64.13 37.52
N9 GTP YB . 42.97 63.39 36.31
C8 GTP YB . 42.32 62.32 35.87
N7 GTP YB . 42.86 61.82 34.75
C5 GTP YB . 43.90 62.58 34.48
C6 GTP YB . 44.91 62.59 33.44
O6 GTP YB . 44.91 61.76 32.52
N1 GTP YB . 45.83 63.53 33.49
C2 GTP YB . 45.84 64.42 34.47
N2 GTP YB . 46.80 65.35 34.48
N3 GTP YB . 44.93 64.48 35.45
C4 GTP YB . 43.97 63.59 35.50
PG DTP ZB . 12.44 47.81 66.71
O1G DTP ZB . 11.73 46.58 67.22
O2G DTP ZB . 11.99 49.09 67.38
O3G DTP ZB . 12.48 47.79 65.21
PB DTP ZB . 15.32 47.35 66.52
O1B DTP ZB . 15.18 45.88 66.25
O2B DTP ZB . 16.46 47.88 67.36
O3B DTP ZB . 13.95 47.81 67.27
PA DTP ZB . 16.77 48.71 64.43
O1A DTP ZB . 16.55 48.86 62.96
O2A DTP ZB . 17.16 49.91 65.26
O3A DTP ZB . 15.41 48.07 65.06
O5' DTP ZB . 17.88 47.54 64.57
C5' DTP ZB . 17.95 46.34 63.78
C4' DTP ZB . 19.40 45.87 63.56
O4' DTP ZB . 20.05 46.69 62.58
C3' DTP ZB . 20.27 45.87 64.83
O3' DTP ZB . 20.93 44.60 65.06
C2' DTP ZB . 21.27 46.99 64.63
C1' DTP ZB . 21.17 47.39 63.16
N9 DTP ZB . 20.91 48.80 62.85
C8 DTP ZB . 20.20 49.70 63.55
N7 DTP ZB . 20.20 50.90 62.92
C5 DTP ZB . 20.90 50.77 61.79
C6 DTP ZB . 21.30 51.63 60.65
N6 DTP ZB . 20.90 52.93 60.60
N1 DTP ZB . 22.06 51.08 59.68
C2 DTP ZB . 22.46 49.78 59.71
N3 DTP ZB . 22.12 48.94 60.71
C4 DTP ZB . 21.36 49.37 61.75
FE FE AC . 50.17 45.72 32.69
MG MG BC . 54.84 40.42 33.69
MG MG CC . 45.05 69.68 39.82
O2 1FZ DC . 46.80 38.29 30.29
O4 1FZ DC . 43.71 36.31 27.61
C4 1FZ DC . 43.95 37.21 28.43
C5 1FZ DC . 42.99 38.20 28.89
C6 1FZ DC . 43.40 39.12 29.79
C5M 1FZ DC . 41.59 38.14 28.34
N3 1FZ DC . 45.22 37.34 28.97
C2 1FZ DC . 45.65 38.28 29.88
N1 1FZ DC . 44.69 39.19 30.29
C1' 1FZ DC . 45.01 40.26 31.31
C2' 1FZ DC . 45.42 39.76 32.69
C3' 1FZ DC . 46.28 40.88 33.24
O3' 1FZ DC . 45.51 41.87 33.91
O4' 1FZ DC . 46.12 41.04 30.87
C4' 1FZ DC . 46.90 41.52 31.99
C5' 1FZ DC . 48.36 41.22 31.79
O5' 1FZ DC . 48.96 42.27 30.97
PA 1FZ DC . 50.38 42.92 31.34
O1A 1FZ DC . 49.94 44.07 32.18
O2A 1FZ DC . 51.09 43.23 30.05
N3A 1FZ DC . 51.27 41.80 32.18
PB 1FZ DC . 52.20 40.52 31.69
O1B 1FZ DC . 51.81 40.11 30.29
O2B 1FZ DC . 53.68 40.61 32.05
O3B 1FZ DC . 51.55 39.32 32.55
PG 1FZ DC . 52.14 38.14 33.48
O1G 1FZ DC . 51.10 37.98 34.57
O3G 1FZ DC . 52.23 36.94 32.58
O2G 1FZ DC . 53.50 38.61 33.96
S SO4 EC . 68.34 32.47 39.40
O1 SO4 EC . 69.69 32.31 39.99
O2 SO4 EC . 67.80 33.72 39.91
O3 SO4 EC . 68.40 32.54 37.91
O4 SO4 EC . 67.45 31.37 39.85
PG DTP FC . 58.44 36.78 63.31
O1G DTP FC . 59.09 37.52 64.46
O2G DTP FC . 58.99 35.40 63.03
O3G DTP FC . 58.29 37.61 62.07
PB DTP FC . 55.78 37.53 63.56
O1B DTP FC . 56.34 38.85 64.09
O2B DTP FC . 54.48 36.96 64.12
O3B DTP FC . 56.93 36.41 63.71
PA DTP FC . 54.27 37.22 61.21
O1A DTP FC . 54.42 37.78 59.83
O2A DTP FC . 54.18 35.73 61.43
O3A DTP FC . 55.61 37.69 61.96
O5' DTP FC . 53.12 38.07 61.96
C5' DTP FC . 53.17 39.47 61.93
C4' DTP FC . 51.79 40.00 61.56
O4' DTP FC . 51.32 39.49 60.31
C3' DTP FC . 50.69 39.62 62.54
O3' DTP FC . 49.72 40.68 62.63
C2' DTP FC . 50.01 38.41 61.93
C1' DTP FC . 50.08 38.78 60.48
N9 DTP FC . 50.23 37.72 59.50
C8 DTP FC . 50.91 36.55 59.55
N7 DTP FC . 50.81 35.87 58.38
C5 DTP FC . 50.07 36.65 57.60
C6 DTP FC . 49.59 36.56 56.24
N6 DTP FC . 49.90 35.47 55.51
N1 DTP FC . 48.83 37.60 55.78
C2 DTP FC . 48.50 38.70 56.51
N3 DTP FC . 48.93 38.86 57.77
C4 DTP FC . 49.69 37.87 58.32
PG DTP GC . 27.14 28.03 31.08
O1G DTP GC . 27.61 28.01 29.64
O2G DTP GC . 27.49 26.75 31.75
O3G DTP GC . 25.75 28.56 31.38
PB DTP GC . 28.38 30.49 31.65
O1B DTP GC . 27.03 30.95 31.14
O2B DTP GC . 29.67 30.80 30.93
O3B DTP GC . 28.26 28.90 31.84
PA DTP GC . 29.77 31.04 34.10
O1A DTP GC . 29.39 30.31 35.37
O2A DTP GC . 31.03 30.69 33.36
O3A DTP GC . 28.48 31.01 33.17
O5' DTP GC . 29.79 32.60 34.50
C5' DTP GC . 28.65 33.26 35.08
C4' DTP GC . 29.06 34.63 35.61
O4' DTP GC . 29.90 34.52 36.77
C3' DTP GC . 29.87 35.37 34.57
O3' DTP GC . 29.45 36.73 34.54
C2' DTP GC . 31.31 35.26 34.99
C1' DTP GC . 31.26 34.83 36.46
N9 DTP GC . 32.14 33.68 36.83
C8 DTP GC . 32.50 32.58 36.11
N7 DTP GC . 33.31 31.76 36.85
C5 DTP GC . 33.47 32.35 38.07
C6 DTP GC . 34.19 32.08 39.35
N6 DTP GC . 34.92 30.95 39.45
N1 DTP GC . 34.08 32.96 40.40
C2 DTP GC . 33.34 34.08 40.31
N3 DTP GC . 32.67 34.40 39.17
C4 DTP GC . 32.68 33.60 38.04
FE FE HC . 31.28 26.69 63.39
MG MG IC . 32.59 21.03 59.99
MG MG JC . 13.39 44.72 68.31
O2 1FZ KC . 39.99 25.55 63.84
O4 1FZ KC . 43.79 26.14 66.24
C4 1FZ KC . 42.72 26.63 65.87
C5 1FZ KC . 42.25 27.96 66.22
C6 1FZ KC . 41.06 28.35 65.74
C5M 1FZ KC . 43.11 28.81 67.10
N3 1FZ KC . 41.87 25.90 65.06
C2 1FZ KC . 40.65 26.29 64.56
N1 1FZ KC . 40.25 27.56 64.94
C1' 1FZ KC . 38.96 28.12 64.44
C2' 1FZ KC . 38.99 28.56 62.98
C3' 1FZ KC . 37.53 28.47 62.56
O3' 1FZ KC . 36.91 29.74 62.69
O4' 1FZ KC . 37.95 27.13 64.49
C4' 1FZ KC . 36.91 27.49 63.55
C5' 1FZ KC . 36.35 26.22 62.95
O5' 1FZ KC . 35.58 25.55 63.95
PA 1FZ KC . 34.10 25.03 63.61
O1A 1FZ KC . 33.22 26.24 63.54
O2A 1FZ KC . 33.76 23.98 64.63
N3A 1FZ KC . 34.32 24.40 62.12
PB 1FZ KC . 34.73 22.88 61.77
O1B 1FZ KC . 35.49 22.27 62.93
O2B 1FZ KC . 33.58 22.13 61.14
O3B 1FZ KC . 35.96 22.90 60.78
PG 1FZ KC . 36.25 21.98 59.49
O1G 1FZ KC . 36.72 23.03 58.52
O3G 1FZ KC . 37.33 20.98 59.87
O2G 1FZ KC . 34.94 21.30 59.11
PG GTP LC . 11.12 44.09 70.37
O1G GTP LC . 11.80 43.77 69.06
O2G GTP LC . 10.63 42.86 71.11
O3G GTP LC . 10.07 45.18 70.33
O3B GTP LC . 12.27 44.75 71.33
PB GTP LC . 13.14 46.06 71.00
O1B GTP LC . 13.12 46.36 69.54
O2B GTP LC . 12.81 47.21 71.91
O3A GTP LC . 14.58 45.45 71.31
PA GTP LC . 15.04 44.01 70.73
O1A GTP LC . 14.82 42.90 71.71
O2A GTP LC . 14.47 43.94 69.35
O5' GTP LC . 16.62 44.13 70.63
C5' GTP LC . 17.11 45.19 69.80
C4' GTP LC . 17.78 44.60 68.60
O4' GTP LC . 18.90 43.90 69.09
C3' GTP LC . 16.99 43.55 67.83
O3' GTP LC . 16.19 44.09 66.78
C2' GTP LC . 18.05 42.65 67.27
O2' GTP LC . 18.30 43.00 65.91
C1' GTP LC . 19.29 43.01 68.07
N9 GTP LC . 19.92 41.90 68.76
C8 GTP LC . 21.25 41.72 68.80
N7 GTP LC . 21.56 40.65 69.53
C5 GTP LC . 20.39 40.14 69.98
C6 GTP LC . 19.99 38.98 70.82
O6 GTP LC . 20.88 38.22 71.28
N1 GTP LC . 18.67 38.80 71.05
C2 GTP LC . 17.70 39.61 70.58
N2 GTP LC . 16.42 39.34 70.89
N3 GTP LC . 18.00 40.70 69.81
C4 GTP LC . 19.30 40.99 69.49
S SO4 MC . 30.31 9.05 49.14
O1 SO4 MC . 30.66 8.52 50.47
O2 SO4 MC . 30.71 10.47 49.07
O3 SO4 MC . 28.84 8.91 48.97
O4 SO4 MC . 31.06 8.33 48.07
PG DTP NC . 43.24 71.56 42.03
O1G DTP NC . 44.06 71.90 40.83
O2G DTP NC . 42.39 72.70 42.51
O3G DTP NC . 43.95 70.74 43.06
PB DTP NC . 42.12 69.09 41.09
O1B DTP NC . 43.50 68.91 40.52
O2B DTP NC . 40.87 68.86 40.28
O3B DTP NC . 42.01 70.64 41.53
PA DTP NC . 40.92 67.34 43.13
O1A DTP NC . 41.28 67.17 44.59
O2A DTP NC . 39.67 68.11 42.81
O3A DTP NC . 42.14 68.16 42.43
O5' DTP NC . 40.90 65.87 42.49
C5' DTP NC . 41.89 64.92 42.86
C4' DTP NC . 41.44 63.48 42.75
O4' DTP NC . 40.49 63.20 43.76
C3' DTP NC . 40.74 63.11 41.45
O3' DTP NC . 40.98 61.72 41.21
C2' DTP NC . 39.26 63.27 41.72
C1' DTP NC . 39.20 62.97 43.20
N9 DTP NC . 38.39 63.87 44.04
C8 DTP NC . 38.09 65.16 43.91
N7 DTP NC . 37.34 65.58 44.96
C5 DTP NC . 37.21 64.52 45.77
C6 DTP NC . 36.56 64.22 47.08
N6 DTP NC . 35.88 65.18 47.74
N1 DTP NC . 36.65 62.93 47.57
C2 DTP NC . 37.32 61.96 46.92
N3 DTP NC . 37.93 62.20 45.75
C4 DTP NC . 37.91 63.41 45.16
FE FE OC . 39.48 56.63 71.16
MG MG PC . 38.35 63.90 71.10
MG MG QC . 57.71 39.22 65.84
O2 1FZ RC . 30.30 57.39 72.09
O4 1FZ RC . 27.13 55.05 74.37
C4 1FZ RC . 28.20 55.02 73.75
C5 1FZ RC . 28.97 53.81 73.50
C6 1FZ RC . 30.12 53.93 72.81
C5M 1FZ RC . 28.44 52.52 74.05
N3 1FZ RC . 28.75 56.18 73.22
C2 1FZ RC . 29.93 56.30 72.50
N1 1FZ RC . 30.62 55.12 72.30
C1' 1FZ RC . 31.90 55.10 71.52
C2' 1FZ RC . 31.94 55.83 70.18
C3' 1FZ RC . 33.42 56.10 69.97
O3' 1FZ RC . 34.06 55.12 69.17
O4' 1FZ RC . 32.92 55.73 72.27
C4' 1FZ RC . 34.02 55.99 71.38
C5' 1FZ RC . 34.75 57.20 71.86
O5' 1FZ RC . 36.15 57.00 71.74
PA 1FZ RC . 37.11 58.08 72.40
O1A 1FZ RC . 38.51 57.64 72.10
O2A 1FZ RC . 36.64 58.09 73.82
N3A 1FZ RC . 36.75 59.43 71.54
PB 1FZ RC . 36.50 60.98 72.03
O1B 1FZ RC . 35.99 61.11 73.43
O2B 1FZ RC . 37.58 61.93 71.55
O3B 1FZ RC . 35.17 61.25 71.19
PG 1FZ RC . 34.91 62.45 70.17
O1G 1FZ RC . 34.76 61.79 68.84
O3G 1FZ RC . 33.63 63.09 70.62
O2G 1FZ RC . 36.11 63.39 70.26
PG GTP SC . 59.89 38.17 68.35
O1G GTP SC . 59.52 39.06 67.18
O2G GTP SC . 59.84 38.91 69.68
O3G GTP SC . 61.17 37.38 68.16
O3B GTP SC . 58.81 36.99 68.58
PB GTP SC . 57.47 36.67 67.75
O1B GTP SC . 57.45 37.53 66.53
O2B GTP SC . 57.43 35.19 67.56
O3A GTP SC . 56.31 37.08 68.78
PA GTP SC . 55.60 38.55 68.86
O1A GTP SC . 55.58 39.14 70.24
O2A GTP SC . 56.17 39.46 67.79
O5' GTP SC . 54.09 38.17 68.50
C5' GTP SC . 53.84 37.77 67.16
C4' GTP SC . 53.05 38.85 66.47
O4' GTP SC . 51.84 39.02 67.17
C3' GTP SC . 53.68 40.21 66.54
O3' GTP SC . 54.75 40.32 65.60
C2' GTP SC . 52.49 41.07 66.25
O2' GTP SC . 52.37 41.17 64.83
C1' GTP SC . 51.32 40.30 66.85
N9 GTP SC . 50.69 40.88 68.06
C8 GTP SC . 49.36 41.00 68.32
N7 GTP SC . 49.14 41.58 69.53
C5 GTP SC . 50.34 41.84 70.06
C6 GTP SC . 50.88 42.43 71.32
O6 GTP SC . 50.14 42.86 72.21
N1 GTP SC . 52.19 42.49 71.47
C2 GTP SC . 53.04 42.03 70.54
N2 GTP SC . 54.35 42.13 70.76
N3 GTP SC . 52.64 41.47 69.38
C4 GTP SC . 51.34 41.36 69.09
FE FE TC . 0.57 -38.20 6.08
MG MG UC . -4.06 -34.81 10.93
MG MG VC . 5.80 -61.21 -4.82
O2 1FZ WC . 4.53 -30.60 8.63
O4 1FZ WC . 7.15 -27.49 6.60
C4 1FZ WC . 6.91 -28.69 6.78
C5 1FZ WC . 7.67 -29.78 6.20
C6 1FZ WC . 7.31 -31.04 6.49
C5M 1FZ WC . 8.81 -29.43 5.29
N3 1FZ WC . 5.87 -29.09 7.59
C2 1FZ WC . 5.47 -30.37 7.90
N1 1FZ WC . 6.25 -31.36 7.31
C1' 1FZ WC . 5.94 -32.79 7.57
C2' 1FZ WC . 5.93 -33.21 9.03
C3' 1FZ WC . 5.02 -34.43 9.01
O3' 1FZ WC . 5.79 -35.61 8.78
O4' 1FZ WC . 4.62 -33.04 7.12
C4' 1FZ WC . 4.07 -34.17 7.84
C5' 1FZ WC . 2.63 -33.90 8.22
O5' 1FZ WC . 1.76 -33.97 7.04
PA 1FZ WC . 0.66 -35.12 6.87
O1A 1FZ WC . 1.40 -36.42 6.89
O2A 1FZ WC . -0.12 -34.77 5.63
N3A 1FZ WC . -0.31 -35.07 8.18
PB 1FZ WC . -1.23 -33.86 8.76
O1B 1FZ WC . -1.10 -32.51 8.10
O2B 1FZ WC . -2.60 -34.36 9.15
O3B 1FZ WC . -0.42 -33.65 10.13
PG 1FZ WC . -0.96 -33.07 11.51
O1G 1FZ WC . 0.10 -33.31 12.55
O3G 1FZ WC . -1.19 -31.60 11.20
O2G 1FZ WC . -2.25 -33.85 11.78
PG GTP XC . 5.22 -61.38 -7.91
O1G GTP XC . 5.64 -61.60 -6.47
O2G GTP XC . 3.77 -61.07 -8.02
O3G GTP XC . 5.70 -62.36 -8.95
O3B GTP XC . 5.97 -60.03 -8.33
PB GTP XC . 7.58 -59.95 -8.43
O1B GTP XC . 8.22 -60.74 -7.33
O2B GTP XC . 7.95 -60.19 -9.86
O3A GTP XC . 7.90 -58.44 -8.06
PA GTP XC . 6.98 -57.69 -6.97
O1A GTP XC . 6.07 -56.66 -7.58
O2A GTP XC . 6.43 -58.70 -5.99
O5' GTP XC . 8.10 -56.82 -6.26
C5' GTP XC . 9.03 -57.54 -5.47
C4' GTP XC . 8.88 -57.07 -4.05
O4' GTP XC . 9.22 -55.69 -4.05
C3' GTP XC . 7.46 -57.14 -3.49
O3' GTP XC . 7.13 -58.44 -2.94
C2' GTP XC . 7.42 -56.01 -2.51
O2' GTP XC . 7.67 -56.45 -1.18
C1' GTP XC . 8.54 -55.08 -2.98
N9 GTP XC . 8.08 -53.76 -3.44
C8 GTP XC . 8.73 -52.62 -3.19
N7 GTP XC . 8.09 -51.55 -3.70
C5 GTP XC . 6.99 -52.01 -4.29
C6 GTP XC . 5.88 -51.42 -5.02
O6 GTP XC . 5.83 -50.20 -5.19
N1 GTP XC . 4.93 -52.24 -5.49
C2 GTP XC . 4.96 -53.58 -5.31
N2 GTP XC . 3.97 -54.35 -5.80
N3 GTP XC . 5.96 -54.19 -4.65
C4 GTP XC . 6.98 -53.47 -4.13
PG DTP YC . 23.45 -21.64 13.27
O1G DTP YC . 22.54 -20.93 12.30
O2G DTP YC . 23.36 -21.03 14.63
O3G DTP YC . 24.87 -21.92 12.83
PB DTP YC . 22.36 -24.11 12.30
O1B DTP YC . 23.52 -24.06 11.33
O2B DTP YC . 20.97 -23.87 11.78
O3B DTP YC . 22.72 -23.06 13.48
PA DTP YC . 21.40 -26.38 13.92
O1A DTP YC . 21.99 -26.77 15.25
O2A DTP YC . 20.08 -25.63 13.97
O3A DTP YC . 22.51 -25.50 13.13
O5' DTP YC . 21.35 -27.73 12.99
C5' DTP YC . 22.51 -28.55 12.75
C4' DTP YC . 22.27 -30.05 12.46
O4' DTP YC . 21.63 -30.71 13.55
C3' DTP YC . 21.38 -30.35 11.27
O3' DTP YC . 21.67 -31.64 10.72
C2' DTP YC . 19.99 -30.44 11.83
C1' DTP YC . 20.26 -30.98 13.22
N9 DTP YC . 19.48 -30.33 14.28
C8 DTP YC . 19.13 -29.02 14.40
N7 DTP YC . 18.44 -28.80 15.53
C5 DTP YC . 18.34 -29.95 16.17
C6 DTP YC . 17.73 -30.40 17.44
N6 DTP YC . 17.08 -29.52 18.26
N1 DTP YC . 17.86 -31.72 17.72
C2 DTP YC . 18.53 -32.61 16.91
N3 DTP YC . 19.11 -32.26 15.74
C4 DTP YC . 19.04 -30.97 15.35
PG DTP ZC . -3.76 -51.59 35.93
O1G DTP ZC . -3.67 -52.26 37.27
O2G DTP ZC . -4.32 -50.19 36.08
O3G DTP ZC . -4.31 -52.43 34.78
PB DTP ZC . -1.12 -52.24 35.13
O1B DTP ZC . -1.76 -53.60 34.88
O2B DTP ZC . -0.10 -52.04 36.23
O3B DTP ZC . -2.27 -51.19 35.50
PA DTP ZC . 0.45 -50.41 33.46
O1A DTP ZC . -0.02 -49.55 32.33
O2A DTP ZC . 0.65 -49.70 34.77
O3A DTP ZC . -0.58 -51.65 33.71
O5' DTP ZC . 1.82 -51.12 32.93
C5' DTP ZC . 1.89 -52.36 32.19
C4' DTP ZC . 3.30 -52.71 31.65
O4' DTP ZC . 3.78 -51.71 30.75
C3' DTP ZC . 4.39 -52.88 32.69
O3' DTP ZC . 5.27 -53.97 32.39
C2' DTP ZC . 5.22 -51.62 32.67
C1' DTP ZC . 4.88 -51.00 31.32
N9 DTP ZC . 4.43 -49.60 31.34
C8 DTP ZC . 3.73 -48.92 32.28
N7 DTP ZC . 3.51 -47.64 31.87
C5 DTP ZC . 4.07 -47.50 30.66
C6 DTP ZC . 4.22 -46.42 29.64
N6 DTP ZC . 3.71 -45.19 29.87
N1 DTP ZC . 4.89 -46.69 28.49
C2 DTP ZC . 5.41 -47.92 28.25
N3 DTP ZC . 5.30 -48.94 29.12
C4 DTP ZC . 4.66 -48.80 30.32
PG DTP AD . 8.65 -63.32 -5.06
O1G DTP AD . 9.46 -62.78 -6.22
O2G DTP AD . 8.76 -64.82 -4.90
O3G DTP AD . 7.24 -62.81 -4.91
PB DTP AD . 9.57 -61.16 -3.60
O1B DTP AD . 8.21 -60.54 -3.89
O2B DTP AD . 10.81 -60.69 -4.32
O3B DTP AD . 9.47 -62.74 -3.80
PA DTP AD . 11.12 -60.91 -1.20
O1A DTP AD . 11.03 -61.70 0.09
O2A DTP AD . 12.25 -61.14 -2.18
O3A DTP AD . 9.72 -61.09 -2.00
O5' DTP AD . 11.07 -59.37 -0.75
C5' DTP AD . 9.91 -58.87 -0.09
C4' DTP AD . 10.30 -57.71 0.78
O4' DTP AD . 11.31 -58.13 1.68
C3' DTP AD . 10.88 -56.56 -0.02
O3' DTP AD . 10.61 -55.31 0.63
C2' DTP AD . 12.38 -56.77 0.02
C1' DTP AD . 12.54 -57.50 1.33
N9 DTP AD . 13.54 -58.59 1.35
C8 DTP AD . 13.96 -59.46 0.39
N7 DTP AD . 14.91 -60.28 0.90
C5 DTP AD . 15.08 -59.93 2.20
C6 DTP AD . 15.90 -60.37 3.36
N6 DTP AD . 16.77 -61.39 3.20
N1 DTP AD . 15.78 -59.72 4.57
C2 DTP AD . 14.92 -58.69 4.77
N3 DTP AD . 14.13 -58.24 3.76
C4 DTP AD . 14.17 -58.82 2.50
FE FE BD . 30.84 -45.03 -1.15
MG MG CD . 35.75 -50.22 -1.76
MG MG DD . 25.55 -23.62 11.28
O2 1FZ ED . 27.08 -52.44 -4.73
O4 1FZ ED . 23.81 -53.65 -7.66
C4 1FZ ED . 24.15 -52.89 -6.74
C5 1FZ ED . 23.33 -51.84 -6.19
C6 1FZ ED . 23.84 -51.09 -5.19
C5M 1FZ ED . 21.95 -51.67 -6.75
N3 1FZ ED . 25.42 -53.00 -6.18
C2 1FZ ED . 25.95 -52.23 -5.15
N1 1FZ ED . 25.11 -51.24 -4.67
C1' 1FZ ED . 25.56 -50.38 -3.54
C2' 1FZ ED . 25.66 -51.08 -2.18
C3' 1FZ ED . 26.78 -50.33 -1.46
O3' 1FZ ED . 26.32 -49.46 -0.42
O4' 1FZ ED . 26.87 -49.88 -3.78
C4' 1FZ ED . 27.39 -49.42 -2.51
C5' 1FZ ED . 28.89 -49.41 -2.51
O5' 1FZ ED . 29.35 -48.23 -3.19
PA 1FZ ED . 30.88 -47.79 -3.11
O1A 1FZ ED . 30.80 -46.77 -2.03
O2A 1FZ ED . 31.18 -47.34 -4.51
N3A 1FZ ED . 31.73 -49.10 -2.58
PB 1FZ ED . 32.99 -49.84 -3.28
O1B 1FZ ED . 32.98 -49.66 -4.77
O2B 1FZ ED . 34.31 -49.73 -2.55
O3B 1FZ ED . 32.54 -51.36 -3.28
PG 1FZ ED . 32.90 -52.52 -2.25
O1G 1FZ ED . 32.11 -52.19 -1.00
O3G 1FZ ED . 32.39 -53.76 -2.93
O2G 1FZ ED . 34.39 -52.47 -2.04
PG GTP FD . 25.98 -20.55 9.13
O1G GTP FD . 25.83 -21.52 10.26
O2G GTP FD . 27.05 -20.95 8.15
O3G GTP FD . 26.04 -19.10 9.55
O3B GTP FD . 24.64 -20.55 8.25
PB GTP FD . 23.17 -21.05 8.66
O1B GTP FD . 23.13 -21.79 9.96
O2B GTP FD . 22.18 -19.96 8.34
O3A GTP FD . 22.94 -22.17 7.54
PA GTP FD . 24.03 -23.34 7.27
O1A GTP FD . 24.65 -23.20 5.89
O2A GTP FD . 24.98 -23.40 8.44
O5' GTP FD . 23.09 -24.66 7.31
C5' GTP FD . 22.34 -25.00 8.49
C4' GTP FD . 22.73 -26.36 9.05
O4' GTP FD . 22.24 -27.39 8.21
C3' GTP FD . 24.23 -26.57 9.15
O3' GTP FD . 24.74 -26.15 10.43
C2' GTP FD . 24.42 -28.05 8.85
O2' GTP FD . 24.44 -28.84 10.02
C1' GTP FD . 23.16 -28.48 8.14
N9 GTP FD . 23.36 -28.87 6.73
C8 GTP FD . 22.69 -29.88 6.17
N7 GTP FD . 23.01 -30.05 4.88
C5 GTP FD . 23.91 -29.12 4.56
C6 GTP FD . 24.68 -28.74 3.34
O6 GTP FD . 24.56 -29.33 2.25
N1 GTP FD . 25.52 -27.72 3.42
C2 GTP FD . 25.70 -27.05 4.57
N2 GTP FD . 26.57 -26.02 4.58
N3 GTP FD . 25.03 -27.34 5.72
C4 GTP FD . 24.14 -28.34 5.78
S SO4 GD . 49.61 -57.77 1.90
O1 SO4 GD . 51.06 -57.63 2.04
O2 SO4 GD . 48.98 -57.24 3.12
O3 SO4 GD . 49.32 -59.22 1.71
O4 SO4 GD . 49.13 -56.98 0.76
PG DTP HD . 42.39 -58.97 26.00
O1G DTP HD . 43.26 -59.38 27.17
O2G DTP HD . 42.76 -59.67 24.73
O3G DTP HD . 42.20 -57.47 25.84
PB DTP HD . 39.63 -58.89 26.75
O1B DTP HD . 40.12 -57.84 27.72
O2B DTP HD . 38.59 -59.93 27.16
O3B DTP HD . 40.95 -59.67 26.25
PA DTP HD . 37.87 -58.58 24.54
O1A DTP HD . 38.09 -57.90 23.21
O2A DTP HD . 37.73 -60.09 24.63
O3A DTP HD . 39.09 -58.08 25.46
O5' DTP HD . 36.58 -57.86 25.18
C5' DTP HD . 36.51 -56.45 25.39
C4' DTP HD . 35.06 -56.01 25.59
O4' DTP HD . 34.33 -56.19 24.40
C3' DTP HD . 34.28 -56.83 26.62
O3' DTP HD . 33.16 -56.06 27.03
C2' DTP HD . 33.73 -58.02 25.89
C1' DTP HD . 33.47 -57.32 24.56
N9 DTP HD . 33.69 -58.13 23.37
C8 DTP HD . 34.54 -59.15 23.14
N7 DTP HD . 34.42 -59.59 21.86
C5 DTP HD . 33.47 -58.84 21.29
C6 DTP HD . 32.83 -58.76 19.97
N6 DTP HD . 33.24 -59.63 19.00
N1 DTP HD . 31.87 -57.81 19.78
C2 DTP HD . 31.47 -56.93 20.74
N3 DTP HD . 32.01 -56.96 21.96
C4 DTP HD . 33.00 -57.87 22.28
FE FE ID . 15.91 -70.61 26.59
MG MG JD . 17.08 -75.51 21.63
MG MG KD . -2.58 -55.33 35.89
O2 1FZ LD . 24.98 -71.13 25.70
O4 1FZ LD . 28.41 -71.04 28.68
C4 1FZ LD . 27.30 -70.61 28.37
C5 1FZ LD . 26.57 -69.62 29.14
C6 1FZ LD . 25.38 -69.22 28.69
C5M 1FZ LD . 27.20 -69.10 30.41
N3 1FZ LD . 26.66 -71.04 27.22
C2 1FZ LD . 25.43 -70.64 26.74
N1 1FZ LD . 24.80 -69.68 27.51
C1' 1FZ LD . 23.44 -69.16 27.13
C2' 1FZ LD . 23.31 -68.31 25.87
C3' 1FZ LD . 21.81 -68.42 25.55
O3' 1FZ LD . 21.03 -67.39 26.16
O4' 1FZ LD . 22.58 -70.26 26.86
C4' 1FZ LD . 21.40 -69.76 26.18
C5' 1FZ LD . 20.88 -70.82 25.23
O5' 1FZ LD . 20.41 -71.96 26.00
PA 1FZ LD . 18.85 -72.15 26.32
O1A 1FZ LD . 18.23 -70.79 26.54
O2A 1FZ LD . 18.68 -73.17 27.41
N3A 1FZ LD . 18.47 -72.74 24.87
PB 1FZ LD . 18.92 -74.18 24.24
O1B 1FZ LD . 19.52 -75.14 25.22
O2B 1FZ LD . 17.91 -74.68 23.22
O3B 1FZ LD . 20.18 -73.61 23.45
PG 1FZ LD . 20.58 -73.87 21.93
O1G 1FZ LD . 20.27 -72.63 21.13
O3G 1FZ LD . 22.06 -74.13 22.07
O2G 1FZ LD . 19.77 -75.07 21.44
PG GTP MD . -4.39 -56.26 38.68
O1G GTP MD . -3.82 -56.39 37.30
O2G GTP MD . -4.72 -57.56 39.39
O3G GTP MD . -5.47 -55.23 38.82
O3B GTP MD . -3.17 -55.68 39.58
PB GTP MD . -2.16 -54.48 39.21
O1B GTP MD . -2.17 -54.18 37.74
O2B GTP MD . -2.42 -53.35 40.19
O3A GTP MD . -0.73 -55.19 39.51
PA GTP MD . 0.03 -56.20 38.48
O1A GTP MD . 0.87 -57.23 39.21
O2A GTP MD . -0.92 -56.66 37.39
O5' GTP MD . 1.16 -55.20 37.94
C5' GTP MD . 1.13 -54.64 36.65
C4' GTP MD . 2.34 -55.08 35.89
O4' GTP MD . 3.35 -55.71 36.67
C3' GTP MD . 1.98 -56.15 34.90
O3' GTP MD . 1.21 -55.63 33.82
C2' GTP MD . 3.35 -56.59 34.47
O2' GTP MD . 3.83 -55.72 33.46
C1' GTP MD . 4.20 -56.30 35.68
N9 GTP MD . 4.87 -57.56 36.08
C8 GTP MD . 6.21 -57.75 36.01
N7 GTP MD . 6.54 -59.00 36.45
C5 GTP MD . 5.39 -59.62 36.78
C6 GTP MD . 5.02 -60.95 37.30
O6 GTP MD . 5.89 -61.81 37.55
N1 GTP MD . 3.72 -61.18 37.49
C2 GTP MD . 2.77 -60.26 37.24
N2 GTP MD . 1.48 -60.57 37.46
N3 GTP MD . 3.01 -59.02 36.77
C4 GTP MD . 4.28 -58.66 36.52
S SO4 ND . 14.04 -85.86 10.10
O1 SO4 ND . 15.30 -86.31 10.77
O2 SO4 ND . 14.21 -84.51 9.51
O3 SO4 ND . 13.69 -86.81 9.03
O4 SO4 ND . 12.96 -85.92 11.11
FE FE OD . 23.90 -42.29 39.31
MG MG PD . 22.16 -35.32 40.88
MG MG QD . 42.27 -57.17 28.78
O2 1FZ RD . 15.17 -41.95 40.93
O4 1FZ RD . 12.18 -44.27 43.42
C4 1FZ RD . 13.09 -44.33 42.60
C5 1FZ RD . 13.62 -45.55 42.02
C6 1FZ RD . 14.62 -45.46 41.13
C5M 1FZ RD . 13.04 -46.88 42.46
N3 1FZ RD . 13.69 -43.17 42.15
C2 1FZ RD . 14.71 -43.06 41.24
N1 1FZ RD . 15.17 -44.26 40.72
C1' 1FZ RD . 16.29 -44.28 39.74
C2' 1FZ RD . 16.14 -43.41 38.50
C3' 1FZ RD . 17.60 -43.25 38.09
O3' 1FZ RD . 18.07 -44.42 37.43
O4' 1FZ RD . 17.47 -43.79 40.38
C4' 1FZ RD . 18.31 -43.10 39.43
C5' 1FZ RD . 18.56 -41.68 39.89
O5' 1FZ RD . 19.59 -41.68 40.92
PA 1FZ RD . 21.11 -41.31 40.57
O1A 1FZ RD . 21.46 -42.06 39.31
O2A 1FZ RD . 21.94 -41.56 41.80
N3A 1FZ RD . 20.99 -39.72 40.36
PB 1FZ RD . 20.63 -38.71 41.55
O1B 1FZ RD . 20.09 -39.43 42.77
O2B 1FZ RD . 21.68 -37.65 41.76
O3B 1FZ RD . 19.30 -38.08 40.94
PG 1FZ RD . 19.05 -36.76 40.05
O1G 1FZ RD . 17.94 -37.12 39.09
O3G 1FZ RD . 18.67 -35.66 41.02
O2G 1FZ RD . 20.38 -36.49 39.38
PG GTP SD . 44.46 -58.32 30.94
O1G GTP SD . 44.59 -57.58 32.24
O2G GTP SD . 45.77 -58.96 30.56
O3G GTP SD . 43.80 -57.52 29.85
O3B GTP SD . 43.46 -59.55 31.28
PB GTP SD . 42.19 -60.13 30.44
O1B GTP SD . 41.86 -59.26 29.26
O2B GTP SD . 42.38 -61.59 30.14
O3A GTP SD . 40.99 -60.09 31.51
PA GTP SD . 40.21 -58.74 31.91
O1A GTP SD . 40.32 -58.41 33.38
O2A GTP SD . 40.62 -57.70 30.91
O5' GTP SD . 38.68 -59.13 31.69
C5' GTP SD . 38.23 -59.36 30.37
C4' GTP SD . 37.40 -58.19 29.87
O4' GTP SD . 36.14 -58.14 30.52
C3' GTP SD . 38.02 -56.84 30.17
O3' GTP SD . 39.00 -56.50 29.18
C2' GTP SD . 36.85 -55.90 30.21
O2' GTP SD . 36.62 -55.30 28.95
C1' GTP SD . 35.67 -56.80 30.53
N9 GTP SD . 35.06 -56.49 31.83
C8 GTP SD . 33.75 -56.51 32.08
N7 GTP SD . 33.46 -56.19 33.35
C5 GTP SD . 34.64 -55.97 33.94
C6 GTP SD . 35.08 -55.59 35.30
O6 GTP SD . 34.28 -55.40 36.21
N1 GTP SD . 36.38 -55.46 35.53
C2 GTP SD . 37.30 -55.67 34.58
N2 GTP SD . 38.60 -55.52 34.91
N3 GTP SD . 36.98 -56.03 33.32
C4 GTP SD . 35.68 -56.19 32.95
#